data_8RYT
#
_entry.id   8RYT
#
_cell.length_a   1.00
_cell.length_b   1.00
_cell.length_c   1.00
_cell.angle_alpha   90.00
_cell.angle_beta   90.00
_cell.angle_gamma   90.00
#
_symmetry.space_group_name_H-M   'P 1'
#
_entity_poly.entity_id   1
_entity_poly.type   'polypeptide(L)'
_entity_poly.pdbx_seq_one_letter_code
;MATDQMDISGPPPKKQHVDTESQIPKMYEMIRDQMRTLASTHKIPLNIDHNCEVIGSIIMAACTNNRDLRPVDKYWFLMG
PAGAEVMTEVEIDIQPQLQWAKGAVHDPKYKGQWYPFLALLQISNKTKDTILWQKYPVTQELEISNSLEIYANGHGIKDR
LKNSRPRSVGPLVHLLHLKRLQENPPKSPAVNGIRKSIVGHLKRQCIGETQKAMINQFEMGRWESLSTFAASLLAIKPRI
ENHFVLTYPLIANCEDFAGATLSDEWVFKAMEKISNKKTLRVCGPDEKWISFMNQIYIHSVFQTTGEDLGVLEWVFGGRF
CQRKEFGRYCKKSQTKVIGLFTFQYEYWSKPLKSAPRSIEGSKRGQISCRPSFKGKRPSYNNFTSIDALQSASGSQTVSF
YDQVREECQKYMDLKVEGTTCFYRKGGHVEVEFPGSAHCNTYLFG
;
_entity_poly.pdbx_strand_id   C,A,B,D,E,F,G,I,K,L,M,N,O,P,Q,R
#
# COMPACT_ATOMS: atom_id res chain seq x y z
N THR A 20 -50.18 20.57 -65.56
CA THR A 20 -50.15 21.72 -66.46
C THR A 20 -49.19 21.49 -67.62
N GLU A 21 -48.28 20.53 -67.43
CA GLU A 21 -47.28 20.24 -68.46
C GLU A 21 -47.93 19.73 -69.74
N SER A 22 -49.02 18.97 -69.61
CA SER A 22 -49.67 18.42 -70.80
C SER A 22 -50.25 19.51 -71.69
N GLN A 23 -50.69 20.62 -71.10
CA GLN A 23 -51.25 21.73 -71.84
C GLN A 23 -50.21 22.77 -72.25
N ILE A 24 -48.97 22.63 -71.79
CA ILE A 24 -47.94 23.61 -72.13
C ILE A 24 -47.69 23.69 -73.63
N PRO A 25 -47.62 22.59 -74.39
CA PRO A 25 -47.28 22.72 -75.83
C PRO A 25 -48.19 23.65 -76.62
N LYS A 26 -49.51 23.63 -76.39
CA LYS A 26 -50.38 24.54 -77.13
C LYS A 26 -50.18 25.99 -76.70
N MET A 27 -49.67 26.18 -75.49
CA MET A 27 -49.68 27.52 -74.89
C MET A 27 -48.53 28.38 -75.42
N TYR A 28 -47.38 27.74 -75.73
CA TYR A 28 -46.28 28.48 -76.34
C TYR A 28 -46.62 28.92 -77.76
N GLU A 29 -47.28 28.04 -78.53
CA GLU A 29 -47.52 28.32 -79.95
C GLU A 29 -48.38 29.57 -80.13
N MET A 30 -49.44 29.70 -79.32
CA MET A 30 -50.33 30.85 -79.47
C MET A 30 -49.70 32.12 -78.92
N ILE A 31 -48.80 31.98 -77.95
CA ILE A 31 -47.97 33.12 -77.55
C ILE A 31 -47.09 33.55 -78.73
N ARG A 32 -46.45 32.59 -79.39
CA ARG A 32 -45.54 32.88 -80.49
C ARG A 32 -46.27 33.43 -81.72
N ASP A 33 -47.54 33.07 -81.90
CA ASP A 33 -48.27 33.51 -83.10
C ASP A 33 -48.39 35.03 -83.13
N GLN A 34 -48.69 35.66 -81.99
CA GLN A 34 -48.84 37.11 -81.96
C GLN A 34 -47.49 37.81 -81.84
N MET A 35 -46.43 37.07 -81.49
CA MET A 35 -45.09 37.64 -81.48
C MET A 35 -44.66 38.06 -82.88
N ARG A 36 -44.83 37.15 -83.85
CA ARG A 36 -44.35 37.42 -85.21
C ARG A 36 -45.29 38.37 -85.94
N THR A 37 -46.60 38.27 -85.69
CA THR A 37 -47.56 39.09 -86.43
C THR A 37 -47.38 40.56 -86.12
N LEU A 38 -47.12 40.90 -84.86
CA LEU A 38 -46.94 42.31 -84.49
C LEU A 38 -45.74 42.92 -85.19
N ALA A 39 -44.63 42.18 -85.27
CA ALA A 39 -43.45 42.69 -85.94
C ALA A 39 -43.61 42.66 -87.46
N SER A 40 -44.27 41.63 -87.99
CA SER A 40 -44.43 41.51 -89.44
C SER A 40 -45.40 42.56 -89.97
N THR A 41 -46.24 43.12 -89.10
CA THR A 41 -47.20 44.12 -89.53
C THR A 41 -46.49 45.38 -90.05
N HIS A 42 -45.43 45.80 -89.37
CA HIS A 42 -44.69 47.00 -89.73
C HIS A 42 -43.25 46.68 -90.13
N LYS A 43 -43.02 45.46 -90.62
CA LYS A 43 -41.72 45.05 -91.15
C LYS A 43 -40.61 45.22 -90.11
N ILE A 44 -40.89 44.82 -88.88
CA ILE A 44 -39.90 44.85 -87.81
C ILE A 44 -39.12 43.53 -87.86
N PRO A 45 -37.81 43.55 -88.14
CA PRO A 45 -37.04 42.31 -88.12
C PRO A 45 -37.03 41.68 -86.73
N LEU A 46 -37.10 40.36 -86.69
CA LEU A 46 -37.14 39.61 -85.44
C LEU A 46 -35.79 39.01 -85.08
N ASN A 47 -34.73 39.35 -85.80
CA ASN A 47 -33.39 38.87 -85.48
C ASN A 47 -32.63 39.84 -84.58
N ILE A 48 -33.26 40.92 -84.13
CA ILE A 48 -32.70 41.82 -83.12
C ILE A 48 -33.42 41.55 -81.81
N ASP A 49 -32.64 41.32 -80.74
CA ASP A 49 -33.24 41.09 -79.44
C ASP A 49 -34.01 42.31 -78.94
N HIS A 50 -33.46 43.51 -79.16
CA HIS A 50 -34.11 44.71 -78.67
C HIS A 50 -35.47 44.91 -79.33
N ASN A 51 -35.58 44.57 -80.62
CA ASN A 51 -36.89 44.56 -81.26
C ASN A 51 -37.81 43.53 -80.60
N CYS A 52 -37.29 42.33 -80.34
CA CYS A 52 -38.11 41.30 -79.71
C CYS A 52 -38.37 41.61 -78.23
N GLU A 53 -37.41 42.23 -77.55
CA GLU A 53 -37.58 42.54 -76.13
C GLU A 53 -38.75 43.48 -75.90
N VAL A 54 -38.88 44.52 -76.73
CA VAL A 54 -39.96 45.48 -76.54
C VAL A 54 -41.26 44.93 -77.10
N ILE A 55 -41.23 44.33 -78.30
CA ILE A 55 -42.43 43.76 -78.89
C ILE A 55 -43.03 42.73 -77.96
N GLY A 56 -42.18 41.85 -77.40
CA GLY A 56 -42.66 40.88 -76.44
C GLY A 56 -43.22 41.53 -75.18
N SER A 57 -42.56 42.59 -74.71
CA SER A 57 -43.09 43.32 -73.56
C SER A 57 -44.47 43.88 -73.85
N ILE A 58 -44.69 44.37 -75.07
CA ILE A 58 -46.02 44.75 -75.50
C ILE A 58 -46.97 43.56 -75.56
N ILE A 59 -46.52 42.44 -76.13
CA ILE A 59 -47.38 41.25 -76.24
C ILE A 59 -47.75 40.73 -74.86
N MET A 60 -46.78 40.63 -73.95
CA MET A 60 -47.06 40.17 -72.60
C MET A 60 -47.89 41.18 -71.83
N ALA A 61 -47.77 42.47 -72.17
CA ALA A 61 -48.58 43.48 -71.51
C ALA A 61 -50.07 43.26 -71.75
N ALA A 62 -50.43 42.94 -73.00
CA ALA A 62 -51.83 42.70 -73.33
C ALA A 62 -52.37 41.44 -72.66
N CYS A 63 -51.50 40.56 -72.18
CA CYS A 63 -51.95 39.30 -71.59
C CYS A 63 -52.72 39.54 -70.30
N THR A 64 -52.15 40.31 -69.37
CA THR A 64 -52.80 40.58 -68.09
C THR A 64 -53.08 42.06 -67.89
N ASN A 65 -52.06 42.92 -68.01
CA ASN A 65 -52.25 44.36 -67.82
C ASN A 65 -52.75 44.96 -69.14
N ASN A 66 -54.01 44.65 -69.43
CA ASN A 66 -54.59 44.99 -70.73
C ASN A 66 -54.69 46.50 -70.94
N ARG A 67 -54.83 47.26 -69.86
CA ARG A 67 -55.02 48.71 -69.94
C ARG A 67 -53.72 49.50 -69.85
N ASP A 68 -52.58 48.83 -69.65
CA ASP A 68 -51.32 49.56 -69.54
C ASP A 68 -50.77 49.93 -70.92
N LEU A 69 -50.76 48.98 -71.84
CA LEU A 69 -50.26 49.24 -73.18
C LEU A 69 -51.30 49.98 -74.01
N ARG A 70 -50.86 50.50 -75.16
CA ARG A 70 -51.72 51.25 -76.06
CA ARG A 70 -51.71 51.26 -76.06
C ARG A 70 -52.06 50.44 -77.29
N PRO A 71 -53.24 50.66 -77.88
CA PRO A 71 -53.59 49.94 -79.11
C PRO A 71 -52.62 50.24 -80.25
N VAL A 72 -52.11 51.47 -80.33
CA VAL A 72 -51.05 51.83 -81.26
C VAL A 72 -50.06 52.72 -80.52
N ASP A 73 -48.77 52.43 -80.68
CA ASP A 73 -47.74 53.18 -79.98
C ASP A 73 -46.41 52.98 -80.68
N LYS A 74 -45.47 53.88 -80.38
CA LYS A 74 -44.12 53.82 -80.94
C LYS A 74 -43.13 53.38 -79.87
N TYR A 75 -42.24 52.47 -80.24
CA TYR A 75 -41.25 51.93 -79.33
C TYR A 75 -39.91 51.84 -80.05
N TRP A 76 -38.84 51.80 -79.25
CA TRP A 76 -37.49 51.72 -79.81
C TRP A 76 -37.25 50.35 -80.42
N PHE A 77 -36.94 50.32 -81.71
CA PHE A 77 -36.59 49.09 -82.41
C PHE A 77 -35.42 49.34 -83.35
N LEU A 78 -34.92 48.26 -83.95
CA LEU A 78 -33.81 48.31 -84.88
C LEU A 78 -34.37 48.07 -86.29
N MET A 79 -34.43 49.13 -87.09
CA MET A 79 -34.95 49.06 -88.45
C MET A 79 -33.80 49.07 -89.44
N GLY A 80 -33.75 48.05 -90.30
CA GLY A 80 -32.72 47.95 -91.30
C GLY A 80 -32.63 46.55 -91.88
N PRO A 81 -32.44 46.45 -93.19
CA PRO A 81 -32.35 45.13 -93.82
C PRO A 81 -30.94 44.59 -93.86
N ALA A 82 -30.77 43.34 -93.39
CA ALA A 82 -29.50 42.61 -93.47
C ALA A 82 -28.37 43.37 -92.77
N GLY A 83 -28.54 43.55 -91.46
CA GLY A 83 -27.50 44.12 -90.63
C GLY A 83 -27.39 45.64 -90.68
N ALA A 84 -28.25 46.32 -91.42
CA ALA A 84 -28.23 47.77 -91.52
C ALA A 84 -29.22 48.44 -90.58
N GLU A 85 -29.45 47.87 -89.40
CA GLU A 85 -30.48 48.36 -88.49
C GLU A 85 -29.98 49.56 -87.72
N VAL A 86 -30.67 50.69 -87.89
CA VAL A 86 -30.44 51.90 -87.11
C VAL A 86 -31.65 52.12 -86.21
N MET A 87 -31.41 52.50 -84.97
CA MET A 87 -32.49 52.58 -83.99
C MET A 87 -33.44 53.72 -84.32
N THR A 88 -34.75 53.44 -84.20
CA THR A 88 -35.77 54.44 -84.37
C THR A 88 -37.04 53.94 -83.69
N GLU A 89 -37.93 54.87 -83.37
CA GLU A 89 -39.22 54.52 -82.79
C GLU A 89 -40.20 54.18 -83.90
N VAL A 90 -40.82 53.00 -83.79
CA VAL A 90 -41.66 52.45 -84.86
C VAL A 90 -43.07 52.28 -84.31
N GLU A 91 -44.04 52.85 -85.01
CA GLU A 91 -45.44 52.61 -84.68
C GLU A 91 -45.84 51.20 -85.11
N ILE A 92 -46.67 50.56 -84.29
CA ILE A 92 -47.09 49.18 -84.54
C ILE A 92 -48.59 49.06 -84.24
N ASP A 93 -49.26 48.25 -85.06
CA ASP A 93 -50.68 47.99 -84.93
C ASP A 93 -50.85 46.84 -83.94
N ILE A 94 -51.09 47.18 -82.68
CA ILE A 94 -51.21 46.19 -81.61
C ILE A 94 -52.64 45.67 -81.47
N GLN A 95 -53.63 46.37 -82.01
CA GLN A 95 -55.02 45.94 -81.89
C GLN A 95 -55.27 44.52 -82.38
N PRO A 96 -54.70 44.04 -83.50
CA PRO A 96 -54.86 42.62 -83.83
C PRO A 96 -54.31 41.68 -82.78
N GLN A 97 -53.26 42.09 -82.06
CA GLN A 97 -52.67 41.27 -81.02
C GLN A 97 -53.35 41.44 -79.67
N LEU A 98 -54.19 42.46 -79.51
CA LEU A 98 -54.84 42.69 -78.22
C LEU A 98 -55.96 41.70 -77.96
N GLN A 99 -56.73 41.35 -79.00
CA GLN A 99 -57.93 40.54 -78.81
C GLN A 99 -57.61 39.14 -78.32
N TRP A 100 -56.56 38.52 -78.86
CA TRP A 100 -56.24 37.14 -78.49
C TRP A 100 -55.84 37.04 -77.03
N ALA A 101 -55.07 38.01 -76.54
CA ALA A 101 -54.55 37.93 -75.17
C ALA A 101 -55.67 37.91 -74.14
N LYS A 102 -56.69 38.77 -74.32
CA LYS A 102 -57.80 38.78 -73.39
C LYS A 102 -58.72 37.58 -73.60
N GLY A 103 -58.83 37.10 -74.84
CA GLY A 103 -59.61 35.90 -75.08
C GLY A 103 -59.01 34.67 -74.43
N ALA A 104 -57.68 34.59 -74.39
CA ALA A 104 -56.96 33.48 -73.79
C ALA A 104 -57.01 33.51 -72.27
N VAL A 105 -57.47 34.61 -71.67
CA VAL A 105 -57.49 34.76 -70.22
C VAL A 105 -58.30 33.65 -69.58
N HIS A 106 -59.53 33.41 -70.08
CA HIS A 106 -60.40 32.38 -69.54
C HIS A 106 -60.79 31.35 -70.61
N ASP A 107 -59.92 31.12 -71.58
CA ASP A 107 -60.17 30.13 -72.61
C ASP A 107 -60.14 28.73 -72.00
N PRO A 108 -61.18 27.93 -72.16
CA PRO A 108 -61.19 26.59 -71.52
C PRO A 108 -60.12 25.65 -72.06
N LYS A 109 -59.44 25.99 -73.15
CA LYS A 109 -58.38 25.14 -73.68
C LYS A 109 -57.25 25.00 -72.66
N TYR A 110 -56.88 26.10 -72.00
CA TYR A 110 -55.87 26.02 -70.96
C TYR A 110 -56.44 25.41 -69.68
N LYS A 111 -57.77 25.35 -69.58
CA LYS A 111 -58.45 24.88 -68.37
C LYS A 111 -58.06 25.72 -67.17
N GLY A 112 -57.92 27.04 -67.37
CA GLY A 112 -57.61 27.96 -66.31
C GLY A 112 -56.15 28.11 -65.96
N GLN A 113 -55.24 27.58 -66.79
CA GLN A 113 -53.81 27.68 -66.54
C GLN A 113 -53.18 28.91 -67.19
N TRP A 114 -53.99 29.82 -67.75
CA TRP A 114 -53.42 30.98 -68.42
C TRP A 114 -52.77 31.94 -67.42
N TYR A 115 -53.47 32.28 -66.34
CA TYR A 115 -52.83 33.06 -65.27
C TYR A 115 -51.61 32.38 -64.67
N PRO A 116 -51.65 31.09 -64.30
CA PRO A 116 -50.41 30.46 -63.80
C PRO A 116 -49.27 30.53 -64.80
N PHE A 117 -49.56 30.36 -66.09
CA PHE A 117 -48.52 30.48 -67.10
C PHE A 117 -48.07 31.91 -67.30
N LEU A 118 -49.02 32.85 -67.34
CA LEU A 118 -48.65 34.25 -67.55
C LEU A 118 -47.84 34.79 -66.37
N ALA A 119 -48.09 34.30 -65.16
CA ALA A 119 -47.21 34.64 -64.04
C ALA A 119 -45.81 34.12 -64.27
N LEU A 120 -45.70 32.89 -64.78
CA LEU A 120 -44.39 32.35 -65.17
C LEU A 120 -43.79 33.16 -66.31
N LEU A 121 -44.62 33.55 -67.29
CA LEU A 121 -44.13 34.28 -68.44
C LEU A 121 -43.68 35.69 -68.06
N GLN A 122 -44.46 36.37 -67.22
CA GLN A 122 -44.15 37.76 -66.90
C GLN A 122 -42.88 37.88 -66.07
N ILE A 123 -42.65 36.93 -65.15
CA ILE A 123 -41.49 37.00 -64.28
C ILE A 123 -40.19 36.86 -65.07
N SER A 124 -40.14 35.90 -66.00
CA SER A 124 -38.89 35.59 -66.67
C SER A 124 -38.47 36.68 -67.66
N ASN A 125 -39.44 37.38 -68.25
CA ASN A 125 -39.14 38.28 -69.35
C ASN A 125 -38.62 39.64 -68.90
N LYS A 126 -38.65 39.94 -67.60
CA LYS A 126 -38.17 41.21 -67.08
C LYS A 126 -36.78 41.10 -66.46
N THR A 127 -36.09 39.98 -66.67
CA THR A 127 -34.81 39.77 -66.01
C THR A 127 -33.69 40.62 -66.61
N LYS A 128 -33.70 40.79 -67.94
CA LYS A 128 -32.57 41.44 -68.61
C LYS A 128 -32.42 42.88 -68.16
N ASP A 129 -33.52 43.61 -68.04
CA ASP A 129 -33.43 45.03 -67.64
C ASP A 129 -32.84 45.17 -66.25
N THR A 130 -33.21 44.27 -65.32
CA THR A 130 -32.66 44.33 -63.98
C THR A 130 -31.15 44.08 -63.96
N ILE A 131 -30.69 43.15 -64.80
CA ILE A 131 -29.26 42.86 -64.86
C ILE A 131 -28.50 44.05 -65.44
N LEU A 132 -29.00 44.60 -66.55
CA LEU A 132 -28.31 45.71 -67.20
C LEU A 132 -28.29 46.95 -66.33
N TRP A 133 -29.41 47.28 -65.71
CA TRP A 133 -29.50 48.37 -64.75
C TRP A 133 -29.65 47.73 -63.36
N GLN A 134 -28.51 47.52 -62.70
CA GLN A 134 -28.48 46.79 -61.44
C GLN A 134 -29.17 47.60 -60.37
N LYS A 135 -30.40 47.19 -60.02
CA LYS A 135 -31.18 47.83 -58.96
C LYS A 135 -31.71 46.76 -58.02
N TYR A 136 -32.00 47.19 -56.78
CA TYR A 136 -32.52 46.30 -55.75
C TYR A 136 -33.77 46.95 -55.16
N PRO A 137 -34.92 46.80 -55.81
CA PRO A 137 -36.13 47.49 -55.36
C PRO A 137 -36.76 46.88 -54.12
N VAL A 138 -36.72 45.55 -54.02
CA VAL A 138 -37.41 44.86 -52.92
C VAL A 138 -36.62 44.97 -51.63
N THR A 139 -35.32 44.67 -51.69
CA THR A 139 -34.50 44.70 -50.48
C THR A 139 -34.39 46.11 -49.90
N GLN A 140 -34.26 47.12 -50.77
CA GLN A 140 -34.18 48.50 -50.29
C GLN A 140 -35.47 48.92 -49.59
N GLU A 141 -36.62 48.57 -50.17
CA GLU A 141 -37.88 48.87 -49.50
C GLU A 141 -38.07 48.03 -48.24
N LEU A 142 -37.47 46.85 -48.21
CA LEU A 142 -37.48 46.01 -47.02
C LEU A 142 -36.35 46.35 -46.05
N GLU A 143 -35.50 47.32 -46.40
CA GLU A 143 -34.43 47.80 -45.51
C GLU A 143 -33.54 46.65 -45.03
N ILE A 144 -33.16 45.79 -45.98
CA ILE A 144 -32.34 44.63 -45.71
C ILE A 144 -31.13 44.65 -46.65
N SER A 145 -30.30 43.62 -46.54
CA SER A 145 -29.11 43.53 -47.36
C SER A 145 -29.48 43.37 -48.83
N ASN A 146 -28.78 44.11 -49.69
CA ASN A 146 -29.06 44.10 -51.12
C ASN A 146 -28.49 42.88 -51.83
N SER A 147 -27.61 42.11 -51.18
CA SER A 147 -27.07 40.90 -51.78
C SER A 147 -28.09 39.77 -51.85
N LEU A 148 -29.26 39.95 -51.24
CA LEU A 148 -30.26 38.89 -51.13
C LEU A 148 -31.42 39.07 -52.11
N GLU A 149 -31.18 39.76 -53.23
CA GLU A 149 -32.21 39.86 -54.27
C GLU A 149 -32.46 38.52 -54.95
N ILE A 150 -31.61 37.52 -54.72
CA ILE A 150 -31.88 36.15 -55.15
C ILE A 150 -33.22 35.65 -54.63
N TYR A 151 -33.62 36.05 -53.43
CA TYR A 151 -34.88 35.63 -52.85
C TYR A 151 -35.97 36.68 -53.01
N ALA A 152 -35.72 37.73 -53.80
CA ALA A 152 -36.69 38.79 -54.06
C ALA A 152 -37.26 38.66 -55.47
N ASN A 153 -37.47 37.43 -55.92
CA ASN A 153 -37.99 37.18 -57.25
C ASN A 153 -39.48 37.47 -57.34
N GLY A 154 -39.93 37.83 -58.53
CA GLY A 154 -41.33 38.07 -58.77
C GLY A 154 -41.82 39.48 -58.51
N HIS A 155 -40.93 40.47 -58.45
CA HIS A 155 -41.33 41.84 -58.23
C HIS A 155 -41.82 42.47 -59.53
N GLY A 156 -42.78 43.39 -59.41
CA GLY A 156 -43.31 44.10 -60.55
C GLY A 156 -44.36 43.35 -61.33
N ILE A 157 -44.74 42.15 -60.89
CA ILE A 157 -45.72 41.35 -61.61
C ILE A 157 -47.12 41.75 -61.17
N LYS A 158 -48.10 41.54 -62.05
CA LYS A 158 -49.48 41.87 -61.73
C LYS A 158 -49.97 41.04 -60.56
N ASP A 159 -50.82 41.64 -59.73
CA ASP A 159 -51.32 40.94 -58.54
C ASP A 159 -52.13 39.72 -58.93
N ARG A 160 -52.85 39.78 -60.05
CA ARG A 160 -53.56 38.60 -60.54
C ARG A 160 -52.58 37.47 -60.82
N LEU A 161 -51.45 37.80 -61.46
CA LEU A 161 -50.40 36.82 -61.65
C LEU A 161 -49.73 36.45 -60.34
N LYS A 162 -49.58 37.42 -59.44
CA LYS A 162 -48.98 37.15 -58.14
C LYS A 162 -49.88 36.23 -57.31
N ASN A 163 -51.19 36.29 -57.52
CA ASN A 163 -52.09 35.30 -56.94
C ASN A 163 -52.20 34.04 -57.79
N SER A 164 -51.63 34.05 -58.99
CA SER A 164 -51.66 32.89 -59.88
C SER A 164 -50.49 31.95 -59.62
N ARG A 165 -49.28 32.48 -59.56
CA ARG A 165 -48.09 31.73 -59.17
C ARG A 165 -47.36 32.51 -58.07
N PRO A 166 -47.94 32.59 -56.88
CA PRO A 166 -47.19 33.18 -55.75
C PRO A 166 -45.95 32.39 -55.38
N ARG A 167 -45.91 31.10 -55.70
CA ARG A 167 -44.73 30.29 -55.40
C ARG A 167 -43.52 30.78 -56.19
N SER A 168 -43.72 31.12 -57.47
CA SER A 168 -42.63 31.64 -58.27
C SER A 168 -42.18 33.01 -57.78
N VAL A 169 -43.11 33.82 -57.29
CA VAL A 169 -42.76 35.12 -56.71
C VAL A 169 -42.03 34.87 -55.40
N GLY A 170 -40.81 35.37 -55.29
CA GLY A 170 -39.98 35.14 -54.13
C GLY A 170 -40.60 35.67 -52.86
N PRO A 171 -40.19 35.10 -51.72
CA PRO A 171 -40.79 35.53 -50.45
C PRO A 171 -40.60 37.01 -50.16
N LEU A 172 -39.45 37.59 -50.53
CA LEU A 172 -39.20 38.99 -50.22
C LEU A 172 -40.22 39.89 -50.87
N VAL A 173 -40.59 39.62 -52.13
CA VAL A 173 -41.65 40.37 -52.77
C VAL A 173 -42.96 40.19 -52.02
N HIS A 174 -43.28 38.94 -51.67
CA HIS A 174 -44.43 38.69 -50.80
C HIS A 174 -44.21 39.34 -49.43
N LEU A 175 -43.00 39.22 -48.89
CA LEU A 175 -42.68 39.92 -47.64
C LEU A 175 -42.80 41.43 -47.84
N LEU A 176 -42.37 41.95 -48.98
CA LEU A 176 -42.61 43.35 -49.30
C LEU A 176 -44.10 43.62 -49.41
N HIS A 177 -44.83 42.75 -50.10
CA HIS A 177 -46.29 42.89 -50.16
C HIS A 177 -46.90 42.74 -48.77
N LEU A 178 -46.33 41.84 -47.95
CA LEU A 178 -46.74 41.79 -46.55
C LEU A 178 -46.40 43.11 -45.85
N LYS A 179 -45.22 43.65 -46.12
CA LYS A 179 -44.86 44.96 -45.56
C LYS A 179 -45.71 46.07 -46.20
N ARG A 180 -45.98 45.96 -47.51
CA ARG A 180 -46.86 46.93 -48.16
C ARG A 180 -48.26 46.87 -47.57
N LEU A 181 -48.76 45.66 -47.31
CA LEU A 181 -50.11 45.52 -46.76
C LEU A 181 -50.21 46.12 -45.37
N GLN A 182 -49.12 46.11 -44.60
CA GLN A 182 -49.09 46.76 -43.30
C GLN A 182 -48.80 48.24 -43.36
N GLU A 183 -48.36 48.74 -44.51
CA GLU A 183 -48.02 50.16 -44.68
C GLU A 183 -48.78 50.79 -45.85
N ASN A 184 -49.97 50.26 -46.15
CA ASN A 184 -50.78 50.78 -47.24
C ASN A 184 -51.79 51.80 -46.74
N SER A 188 -61.08 46.27 -43.94
CA SER A 188 -61.40 45.69 -45.23
C SER A 188 -61.20 44.17 -45.21
N PRO A 189 -62.27 43.42 -45.49
CA PRO A 189 -62.15 41.95 -45.51
C PRO A 189 -61.23 41.42 -46.60
N ALA A 190 -60.99 42.19 -47.67
CA ALA A 190 -60.12 41.73 -48.73
C ALA A 190 -58.65 41.75 -48.32
N VAL A 191 -58.30 42.50 -47.28
CA VAL A 191 -56.92 42.52 -46.81
C VAL A 191 -56.49 41.16 -46.31
N ASN A 192 -57.36 40.49 -45.54
CA ASN A 192 -57.02 39.16 -45.02
CA ASN A 192 -57.03 39.17 -45.01
C ASN A 192 -56.83 38.16 -46.15
N GLY A 193 -57.70 38.19 -47.15
CA GLY A 193 -57.59 37.24 -48.24
C GLY A 193 -56.30 37.40 -49.03
N ILE A 194 -55.87 38.64 -49.27
CA ILE A 194 -54.61 38.86 -49.96
C ILE A 194 -53.44 38.47 -49.06
N ARG A 195 -53.50 38.85 -47.78
CA ARG A 195 -52.37 38.60 -46.88
C ARG A 195 -52.19 37.12 -46.58
N LYS A 196 -53.29 36.37 -46.45
CA LYS A 196 -53.18 34.94 -46.16
C LYS A 196 -52.47 34.22 -47.29
N SER A 197 -52.75 34.60 -48.54
CA SER A 197 -51.94 34.11 -49.65
C SER A 197 -50.51 34.63 -49.54
N ILE A 198 -50.34 35.90 -49.17
CA ILE A 198 -49.00 36.46 -49.01
C ILE A 198 -48.26 35.75 -47.90
N VAL A 199 -48.89 35.61 -46.73
CA VAL A 199 -48.23 34.99 -45.59
C VAL A 199 -48.06 33.49 -45.82
N GLY A 200 -49.09 32.82 -46.36
CA GLY A 200 -49.01 31.40 -46.57
C GLY A 200 -47.90 31.00 -47.52
N HIS A 201 -47.76 31.75 -48.62
CA HIS A 201 -46.68 31.49 -49.57
C HIS A 201 -45.34 32.00 -49.06
N LEU A 202 -45.34 32.92 -48.08
CA LEU A 202 -44.11 33.21 -47.35
C LEU A 202 -43.68 32.00 -46.53
N LYS A 203 -44.63 31.39 -45.80
CA LYS A 203 -44.33 30.17 -45.06
C LYS A 203 -43.98 29.03 -46.00
N ARG A 204 -44.71 28.91 -47.11
CA ARG A 204 -44.43 27.84 -48.07
C ARG A 204 -43.04 27.99 -48.67
N GLN A 205 -42.65 29.21 -49.04
CA GLN A 205 -41.36 29.39 -49.69
C GLN A 205 -40.22 29.28 -48.70
N CYS A 206 -40.36 29.88 -47.52
CA CYS A 206 -39.33 29.80 -46.48
C CYS A 206 -39.63 28.59 -45.62
N ILE A 207 -38.89 27.51 -45.85
CA ILE A 207 -39.14 26.24 -45.17
C ILE A 207 -38.57 26.27 -43.76
N GLY A 208 -37.97 27.40 -43.38
CA GLY A 208 -37.41 27.54 -42.05
C GLY A 208 -38.47 27.52 -40.97
N GLU A 209 -38.41 26.52 -40.08
CA GLU A 209 -39.39 26.41 -39.01
C GLU A 209 -39.33 27.63 -38.09
N THR A 210 -38.12 28.04 -37.71
CA THR A 210 -37.98 29.29 -36.96
C THR A 210 -38.28 30.49 -37.84
N GLN A 211 -37.96 30.40 -39.15
CA GLN A 211 -38.31 31.48 -40.06
C GLN A 211 -39.81 31.68 -40.13
N LYS A 212 -40.57 30.59 -40.18
CA LYS A 212 -42.02 30.71 -40.28
C LYS A 212 -42.59 31.44 -39.07
N ALA A 213 -42.11 31.10 -37.86
CA ALA A 213 -42.58 31.79 -36.66
C ALA A 213 -42.20 33.26 -36.70
N MET A 214 -40.99 33.57 -37.16
CA MET A 214 -40.55 34.96 -37.31
C MET A 214 -41.04 35.59 -38.61
N ILE A 215 -41.51 34.81 -39.58
CA ILE A 215 -42.34 35.36 -40.63
C ILE A 215 -43.72 35.70 -40.07
N ASN A 216 -44.25 34.84 -39.20
CA ASN A 216 -45.50 35.17 -38.50
C ASN A 216 -45.34 36.42 -37.67
N GLN A 217 -44.13 36.69 -37.17
CA GLN A 217 -43.85 37.97 -36.53
C GLN A 217 -44.00 39.11 -37.52
N PHE A 218 -43.60 38.90 -38.77
CA PHE A 218 -43.78 39.91 -39.81
C PHE A 218 -45.23 40.10 -40.21
N GLU A 219 -46.13 39.20 -39.78
CA GLU A 219 -47.51 39.26 -40.24
C GLU A 219 -48.22 40.52 -39.74
N MET A 220 -48.07 40.84 -38.46
CA MET A 220 -48.64 42.07 -37.91
C MET A 220 -47.62 43.21 -37.81
N GLY A 221 -46.40 43.01 -38.30
CA GLY A 221 -45.46 44.09 -38.41
C GLY A 221 -44.26 44.07 -37.47
N ARG A 222 -43.98 42.96 -36.79
CA ARG A 222 -42.79 42.85 -35.96
C ARG A 222 -41.58 42.63 -36.85
N TRP A 223 -41.17 43.70 -37.53
CA TRP A 223 -40.03 43.68 -38.44
C TRP A 223 -38.70 43.85 -37.75
N GLU A 224 -38.63 43.64 -36.43
CA GLU A 224 -37.34 43.64 -35.76
C GLU A 224 -36.47 42.48 -36.23
N SER A 225 -37.10 41.40 -36.69
CA SER A 225 -36.39 40.27 -37.28
C SER A 225 -36.26 40.39 -38.79
N LEU A 226 -36.66 41.52 -39.37
CA LEU A 226 -36.54 41.69 -40.82
C LEU A 226 -35.07 41.68 -41.25
N SER A 227 -34.21 42.34 -40.48
CA SER A 227 -32.77 42.21 -40.70
C SER A 227 -32.31 40.79 -40.38
N THR A 228 -32.87 40.18 -39.34
CA THR A 228 -32.63 38.77 -39.06
C THR A 228 -33.07 37.91 -40.23
N PHE A 229 -34.20 38.26 -40.85
CA PHE A 229 -34.65 37.53 -42.04
C PHE A 229 -33.62 37.62 -43.15
N ALA A 230 -33.05 38.81 -43.36
CA ALA A 230 -31.95 38.95 -44.31
C ALA A 230 -30.76 38.12 -43.88
N ALA A 231 -30.43 38.16 -42.59
CA ALA A 231 -29.37 37.28 -42.08
C ALA A 231 -29.77 35.82 -42.24
N SER A 232 -31.03 35.48 -41.98
CA SER A 232 -31.50 34.12 -42.22
C SER A 232 -31.44 33.78 -43.71
N LEU A 233 -31.88 34.71 -44.57
CA LEU A 233 -31.87 34.44 -46.01
C LEU A 233 -30.48 34.07 -46.49
N LEU A 234 -29.46 34.75 -45.99
CA LEU A 234 -28.08 34.33 -46.27
C LEU A 234 -27.88 32.87 -45.87
N ALA A 235 -28.44 32.46 -44.74
CA ALA A 235 -28.30 31.07 -44.30
C ALA A 235 -29.34 30.17 -44.97
N ILE A 236 -30.61 30.35 -44.62
CA ILE A 236 -31.66 29.50 -45.18
CA ILE A 236 -31.69 29.52 -45.16
C ILE A 236 -32.09 30.07 -46.52
N LYS A 237 -32.03 29.23 -47.55
CA LYS A 237 -32.45 29.63 -48.88
C LYS A 237 -33.91 29.24 -49.07
N PRO A 238 -34.82 30.20 -49.19
CA PRO A 238 -36.23 29.85 -49.31
C PRO A 238 -36.53 29.10 -50.60
N ARG A 239 -37.55 28.26 -50.54
CA ARG A 239 -37.98 27.49 -51.71
C ARG A 239 -38.45 28.44 -52.80
N ILE A 240 -37.78 28.40 -53.95
CA ILE A 240 -38.13 29.20 -55.11
C ILE A 240 -38.48 28.22 -56.22
N GLU A 241 -39.77 28.06 -56.51
CA GLU A 241 -40.17 27.20 -57.61
C GLU A 241 -39.71 27.80 -58.93
N ASN A 242 -39.21 26.93 -59.81
CA ASN A 242 -38.66 27.35 -61.09
C ASN A 242 -39.40 26.66 -62.22
N HIS A 243 -39.54 27.37 -63.34
CA HIS A 243 -40.11 26.81 -64.54
C HIS A 243 -39.31 27.31 -65.74
N PHE A 244 -38.92 26.38 -66.61
CA PHE A 244 -38.05 26.70 -67.74
C PHE A 244 -38.86 27.45 -68.80
N VAL A 245 -39.06 28.74 -68.54
CA VAL A 245 -39.82 29.61 -69.44
C VAL A 245 -38.86 30.35 -70.36
N LEU A 246 -39.21 30.38 -71.64
CA LEU A 246 -38.40 31.03 -72.66
C LEU A 246 -38.72 32.51 -72.74
N THR A 247 -37.79 33.26 -73.33
CA THR A 247 -37.91 34.71 -73.46
C THR A 247 -38.46 35.07 -74.83
N TYR A 248 -38.65 36.37 -75.05
CA TYR A 248 -39.21 36.84 -76.32
C TYR A 248 -38.35 36.48 -77.53
N PRO A 249 -37.04 36.78 -77.57
CA PRO A 249 -36.27 36.43 -78.78
C PRO A 249 -36.22 34.94 -79.05
N LEU A 250 -36.18 34.10 -78.02
CA LEU A 250 -36.10 32.66 -78.22
C LEU A 250 -37.43 32.07 -78.64
N ILE A 251 -38.55 32.59 -78.11
CA ILE A 251 -39.86 32.08 -78.48
C ILE A 251 -40.12 32.32 -79.96
N ALA A 252 -39.80 33.52 -80.45
CA ALA A 252 -39.97 33.81 -81.87
C ALA A 252 -39.03 33.00 -82.74
N ASN A 253 -37.88 32.59 -82.18
CA ASN A 253 -36.90 31.81 -82.91
C ASN A 253 -37.02 30.31 -82.65
N CYS A 254 -38.01 29.88 -81.87
CA CYS A 254 -38.24 28.46 -81.59
C CYS A 254 -39.33 27.95 -82.51
N GLU A 255 -39.01 26.94 -83.33
CA GLU A 255 -39.94 26.39 -84.30
CA GLU A 255 -39.94 26.39 -84.30
C GLU A 255 -40.50 25.03 -83.87
N ASP A 256 -40.20 24.58 -82.66
CA ASP A 256 -40.67 23.29 -82.18
C ASP A 256 -41.29 23.46 -80.81
N PHE A 257 -42.52 22.96 -80.64
CA PHE A 257 -43.20 22.99 -79.35
C PHE A 257 -43.99 21.73 -79.07
N ALA A 258 -43.72 20.62 -79.79
CA ALA A 258 -44.52 19.41 -79.62
C ALA A 258 -44.37 18.82 -78.22
N GLY A 259 -43.15 18.77 -77.70
CA GLY A 259 -42.92 18.17 -76.40
C GLY A 259 -42.61 19.18 -75.32
N ALA A 260 -43.27 20.34 -75.37
CA ALA A 260 -43.01 21.41 -74.42
C ALA A 260 -43.44 20.99 -73.02
N THR A 261 -42.46 20.73 -72.15
CA THR A 261 -42.72 20.33 -70.78
C THR A 261 -41.78 21.10 -69.86
N LEU A 262 -42.29 21.46 -68.68
CA LEU A 262 -41.57 22.30 -67.73
C LEU A 262 -40.79 21.48 -66.71
N SER A 263 -40.70 20.16 -66.91
CA SER A 263 -40.01 19.31 -65.95
C SER A 263 -39.16 18.26 -66.67
N ASP A 264 -38.48 18.66 -67.74
CA ASP A 264 -37.58 17.75 -68.45
C ASP A 264 -36.53 18.57 -69.19
N GLU A 265 -35.79 17.90 -70.06
CA GLU A 265 -34.71 18.52 -70.83
C GLU A 265 -35.17 19.09 -72.16
N TRP A 266 -36.48 19.07 -72.43
CA TRP A 266 -36.97 19.60 -73.71
C TRP A 266 -36.59 21.06 -73.89
N VAL A 267 -36.69 21.86 -72.83
CA VAL A 267 -36.33 23.27 -72.92
C VAL A 267 -34.84 23.43 -73.20
N PHE A 268 -34.01 22.65 -72.50
CA PHE A 268 -32.56 22.74 -72.72
C PHE A 268 -32.20 22.39 -74.16
N LYS A 269 -32.80 21.34 -74.71
CA LYS A 269 -32.48 20.92 -76.06
C LYS A 269 -33.07 21.87 -77.10
N ALA A 270 -34.22 22.48 -76.80
CA ALA A 270 -34.90 23.31 -77.79
C ALA A 270 -34.11 24.58 -78.09
N MET A 271 -33.69 25.30 -77.05
CA MET A 271 -33.03 26.59 -77.27
C MET A 271 -31.55 26.45 -77.59
N GLU A 272 -30.96 25.26 -77.47
CA GLU A 272 -29.63 25.03 -78.01
C GLU A 272 -29.66 25.07 -79.53
N LYS A 273 -30.73 24.55 -80.13
CA LYS A 273 -30.86 24.58 -81.59
C LYS A 273 -30.94 26.02 -82.09
N ILE A 274 -31.58 26.91 -81.31
CA ILE A 274 -31.59 28.32 -81.66
C ILE A 274 -30.17 28.88 -81.67
N SER A 275 -29.37 28.51 -80.66
CA SER A 275 -27.97 28.91 -80.64
C SER A 275 -27.21 28.32 -81.83
N ASN A 276 -27.53 27.08 -82.21
CA ASN A 276 -26.91 26.48 -83.37
C ASN A 276 -27.28 27.20 -84.66
N LYS A 277 -28.48 27.78 -84.71
CA LYS A 277 -28.90 28.51 -85.91
C LYS A 277 -28.10 29.78 -86.09
N LYS A 278 -27.74 30.45 -84.99
CA LYS A 278 -26.97 31.69 -85.02
C LYS A 278 -27.65 32.77 -85.87
N THR A 279 -28.96 32.92 -85.65
CA THR A 279 -29.74 33.91 -86.37
C THR A 279 -30.20 35.08 -85.51
N LEU A 280 -30.03 35.00 -84.19
CA LEU A 280 -30.47 36.05 -83.29
C LEU A 280 -29.30 36.94 -82.89
N ARG A 281 -29.54 38.25 -82.89
CA ARG A 281 -28.54 39.24 -82.52
C ARG A 281 -28.93 39.93 -81.22
N VAL A 282 -27.91 40.29 -80.44
CA VAL A 282 -28.12 40.92 -79.14
C VAL A 282 -27.67 42.37 -79.22
N CYS A 283 -28.24 43.19 -78.33
CA CYS A 283 -27.96 44.61 -78.28
C CYS A 283 -27.33 44.99 -76.95
N GLY A 284 -26.47 46.01 -76.98
CA GLY A 284 -25.80 46.49 -75.80
C GLY A 284 -25.03 47.77 -76.07
N PRO A 285 -24.45 48.35 -75.02
CA PRO A 285 -23.67 49.59 -75.22
C PRO A 285 -22.48 49.41 -76.14
N ASP A 286 -21.84 48.23 -76.11
CA ASP A 286 -20.67 47.96 -76.91
C ASP A 286 -20.50 46.46 -77.01
N GLU A 287 -19.61 46.03 -77.92
CA GLU A 287 -19.49 44.62 -78.26
C GLU A 287 -18.85 43.78 -77.15
N LYS A 288 -18.30 44.41 -76.10
CA LYS A 288 -17.75 43.63 -74.99
C LYS A 288 -18.82 42.83 -74.25
N TRP A 289 -20.09 43.22 -74.40
CA TRP A 289 -21.19 42.55 -73.70
C TRP A 289 -21.63 41.26 -74.38
N ILE A 290 -21.01 40.88 -75.50
CA ILE A 290 -21.48 39.73 -76.26
C ILE A 290 -21.42 38.47 -75.41
N SER A 291 -20.34 38.29 -74.65
CA SER A 291 -20.31 37.20 -73.68
C SER A 291 -21.32 37.43 -72.57
N PHE A 292 -21.44 38.67 -72.10
CA PHE A 292 -22.40 38.98 -71.04
C PHE A 292 -23.83 38.77 -71.52
N MET A 293 -24.15 39.26 -72.73
CA MET A 293 -25.50 39.11 -73.25
C MET A 293 -25.84 37.65 -73.49
N ASN A 294 -24.87 36.87 -73.96
CA ASN A 294 -25.09 35.42 -74.13
C ASN A 294 -25.39 34.76 -72.80
N GLN A 295 -24.67 35.16 -71.75
CA GLN A 295 -24.93 34.61 -70.42
C GLN A 295 -26.22 35.13 -69.81
N ILE A 296 -26.67 36.32 -70.22
CA ILE A 296 -27.97 36.82 -69.78
C ILE A 296 -29.07 35.89 -70.26
N TYR A 297 -28.97 35.42 -71.51
CA TYR A 297 -29.92 34.43 -72.00
C TYR A 297 -29.85 33.15 -71.16
N ILE A 298 -28.65 32.72 -70.79
CA ILE A 298 -28.50 31.56 -69.94
C ILE A 298 -29.07 31.82 -68.55
N HIS A 299 -28.81 33.02 -68.02
CA HIS A 299 -29.30 33.36 -66.68
C HIS A 299 -30.82 33.40 -66.65
N SER A 300 -31.45 34.03 -67.65
CA SER A 300 -32.87 34.30 -67.58
C SER A 300 -33.72 33.05 -67.80
N VAL A 301 -33.32 32.21 -68.76
CA VAL A 301 -34.16 31.08 -69.15
C VAL A 301 -34.33 30.09 -68.01
N PHE A 302 -33.25 29.76 -67.32
CA PHE A 302 -33.28 28.72 -66.29
C PHE A 302 -33.35 29.29 -64.88
N GLN A 303 -33.61 30.60 -64.74
CA GLN A 303 -33.75 31.25 -63.44
C GLN A 303 -32.51 31.00 -62.57
N THR A 304 -31.34 31.25 -63.16
CA THR A 304 -30.06 31.00 -62.50
C THR A 304 -29.26 32.28 -62.29
N THR A 305 -29.93 33.43 -62.19
CA THR A 305 -29.23 34.69 -61.96
C THR A 305 -28.48 34.65 -60.63
N GLY A 306 -29.14 34.20 -59.57
CA GLY A 306 -28.49 34.04 -58.29
C GLY A 306 -27.82 32.70 -58.06
N GLU A 307 -27.94 31.77 -59.01
CA GLU A 307 -27.31 30.48 -58.87
C GLU A 307 -25.79 30.63 -58.86
N ASP A 308 -25.13 29.72 -58.14
CA ASP A 308 -23.68 29.76 -58.04
C ASP A 308 -23.04 29.70 -59.42
N LEU A 309 -22.08 30.61 -59.67
CA LEU A 309 -21.39 30.60 -60.95
C LEU A 309 -20.58 29.32 -61.15
N GLY A 310 -20.14 28.70 -60.06
CA GLY A 310 -19.53 27.39 -60.17
C GLY A 310 -20.51 26.35 -60.69
N VAL A 311 -21.77 26.43 -60.24
CA VAL A 311 -22.81 25.56 -60.78
C VAL A 311 -23.03 25.86 -62.26
N LEU A 312 -23.12 27.14 -62.61
CA LEU A 312 -23.46 27.52 -63.97
C LEU A 312 -22.34 27.21 -64.96
N GLU A 313 -21.09 27.50 -64.57
CA GLU A 313 -19.97 27.21 -65.46
C GLU A 313 -19.83 25.73 -65.73
N TRP A 314 -20.12 24.89 -64.72
CA TRP A 314 -20.11 23.45 -64.94
C TRP A 314 -21.30 23.00 -65.79
N VAL A 315 -22.49 23.54 -65.50
CA VAL A 315 -23.70 23.11 -66.21
C VAL A 315 -23.60 23.45 -67.70
N PHE A 316 -23.19 24.67 -68.02
CA PHE A 316 -23.20 25.16 -69.38
C PHE A 316 -21.83 25.18 -70.03
N GLY A 317 -20.79 24.71 -69.35
CA GLY A 317 -19.47 24.62 -69.95
C GLY A 317 -18.89 25.94 -70.41
N GLY A 318 -19.11 27.00 -69.65
CA GLY A 318 -18.57 28.31 -70.01
C GLY A 318 -18.58 29.29 -68.87
N ARG A 319 -17.55 30.12 -68.79
CA ARG A 319 -17.47 31.12 -67.73
CA ARG A 319 -17.47 31.12 -67.73
C ARG A 319 -18.56 32.18 -67.89
N PHE A 320 -19.07 32.65 -66.75
CA PHE A 320 -20.12 33.65 -66.72
C PHE A 320 -19.54 34.98 -66.25
N CYS A 321 -19.68 36.01 -67.07
CA CYS A 321 -19.18 37.33 -66.71
C CYS A 321 -20.10 37.97 -65.69
N GLN A 322 -19.52 38.46 -64.60
CA GLN A 322 -20.29 39.13 -63.57
C GLN A 322 -20.62 40.56 -64.00
N ARG A 323 -21.65 41.13 -63.36
CA ARG A 323 -22.05 42.49 -63.66
C ARG A 323 -20.97 43.50 -63.31
N LYS A 324 -20.08 43.17 -62.37
CA LYS A 324 -19.00 44.07 -62.01
C LYS A 324 -18.03 44.25 -63.17
N GLU A 325 -17.96 43.30 -64.09
CA GLU A 325 -17.06 43.39 -65.23
C GLU A 325 -17.50 44.43 -66.25
N PHE A 326 -18.71 44.98 -66.12
CA PHE A 326 -19.24 45.94 -67.07
C PHE A 326 -19.80 47.14 -66.32
N GLY A 327 -19.74 48.30 -66.97
CA GLY A 327 -20.23 49.54 -66.40
C GLY A 327 -21.73 49.67 -66.54
N ARG A 328 -22.21 50.90 -66.40
CA ARG A 328 -23.63 51.16 -66.52
C ARG A 328 -24.12 50.86 -67.92
N TYR A 329 -25.32 50.29 -68.01
CA TYR A 329 -25.90 49.98 -69.30
C TYR A 329 -26.29 51.27 -70.02
N CYS A 330 -26.12 51.27 -71.34
CA CYS A 330 -26.49 52.43 -72.14
C CYS A 330 -28.00 52.62 -72.15
N LYS A 331 -28.43 53.83 -72.53
CA LYS A 331 -29.85 54.12 -72.56
C LYS A 331 -30.56 53.25 -73.57
N LYS A 332 -31.86 53.01 -73.33
CA LYS A 332 -32.66 52.21 -74.25
C LYS A 332 -32.79 52.87 -75.61
N SER A 333 -32.47 54.16 -75.72
CA SER A 333 -32.46 54.86 -77.00
C SER A 333 -31.15 54.68 -77.76
N GLN A 334 -30.19 53.95 -77.21
CA GLN A 334 -28.89 53.76 -77.85
C GLN A 334 -28.38 52.32 -77.69
N THR A 335 -29.30 51.36 -77.62
CA THR A 335 -28.93 49.95 -77.52
C THR A 335 -28.67 49.39 -78.91
N LYS A 336 -27.40 49.30 -79.29
CA LYS A 336 -27.01 48.90 -80.64
C LYS A 336 -26.66 47.42 -80.69
N VAL A 337 -26.88 46.81 -81.85
CA VAL A 337 -26.58 45.40 -82.05
C VAL A 337 -25.09 45.18 -81.88
N ILE A 338 -24.72 44.18 -81.09
CA ILE A 338 -23.32 43.93 -80.75
C ILE A 338 -22.82 42.57 -81.19
N GLY A 339 -23.70 41.65 -81.59
CA GLY A 339 -23.24 40.36 -82.07
C GLY A 339 -24.35 39.33 -82.04
N LEU A 340 -23.99 38.14 -82.51
CA LEU A 340 -24.92 37.02 -82.60
C LEU A 340 -25.03 36.29 -81.27
N PHE A 341 -26.20 35.70 -81.02
CA PHE A 341 -26.42 34.94 -79.80
C PHE A 341 -25.85 33.53 -79.95
N THR A 342 -25.04 33.12 -78.98
CA THR A 342 -24.47 31.78 -78.95
C THR A 342 -24.70 31.16 -77.58
N PHE A 343 -24.76 29.84 -77.54
CA PHE A 343 -25.02 29.12 -76.30
C PHE A 343 -24.52 27.69 -76.43
N GLN A 344 -24.12 27.12 -75.30
CA GLN A 344 -23.75 25.71 -75.23
C GLN A 344 -23.96 25.25 -73.80
N TYR A 345 -24.26 23.95 -73.65
CA TYR A 345 -24.44 23.37 -72.32
C TYR A 345 -24.13 21.89 -72.39
N GLU A 346 -23.77 21.33 -71.23
CA GLU A 346 -23.49 19.91 -71.09
C GLU A 346 -24.33 19.22 -70.03
N TYR A 347 -25.02 19.96 -69.18
CA TYR A 347 -25.81 19.39 -68.11
C TYR A 347 -27.08 20.21 -67.90
N TRP A 348 -28.04 19.59 -67.22
CA TRP A 348 -29.30 20.25 -66.88
C TRP A 348 -29.79 19.67 -65.57
N SER A 349 -31.01 20.04 -65.17
CA SER A 349 -31.60 19.49 -63.96
C SER A 349 -33.10 19.74 -64.00
N LYS A 350 -33.83 18.90 -63.27
CA LYS A 350 -35.23 19.18 -63.03
C LYS A 350 -35.34 20.50 -62.27
N PRO A 351 -36.35 21.32 -62.55
CA PRO A 351 -36.42 22.64 -61.91
C PRO A 351 -36.47 22.52 -60.39
N LEU A 352 -35.83 23.48 -59.73
CA LEU A 352 -35.71 23.45 -58.28
C LEU A 352 -37.08 23.70 -57.67
N LYS A 353 -37.77 22.61 -57.30
CA LYS A 353 -39.11 22.72 -56.78
C LYS A 353 -39.10 23.14 -55.31
N SER A 354 -38.27 22.49 -54.51
CA SER A 354 -38.12 22.82 -53.10
C SER A 354 -36.93 23.76 -52.91
N ALA A 355 -36.56 24.00 -51.67
CA ALA A 355 -35.43 24.86 -51.38
C ALA A 355 -34.13 24.21 -51.84
N PRO A 356 -33.18 24.97 -52.38
CA PRO A 356 -31.88 24.37 -52.73
C PRO A 356 -31.15 23.79 -51.53
N ARG A 357 -31.33 24.38 -50.35
CA ARG A 357 -30.78 23.87 -49.10
C ARG A 357 -31.91 23.22 -48.32
N SER A 358 -31.73 21.94 -47.97
CA SER A 358 -32.75 21.18 -47.26
C SER A 358 -32.14 20.48 -46.06
N ILE A 359 -32.92 20.40 -44.98
CA ILE A 359 -32.47 19.80 -43.73
C ILE A 359 -33.27 18.55 -43.39
N GLU A 360 -33.91 17.93 -44.38
CA GLU A 360 -34.67 16.72 -44.16
C GLU A 360 -33.76 15.50 -44.08
N ILE A 367 -31.97 5.18 -35.55
CA ILE A 367 -30.86 5.11 -34.62
C ILE A 367 -31.30 4.40 -33.35
N SER A 368 -32.60 4.40 -33.09
CA SER A 368 -33.18 3.74 -31.93
C SER A 368 -34.12 2.63 -32.40
N CYS A 369 -34.71 1.94 -31.42
CA CYS A 369 -35.66 0.86 -31.69
C CYS A 369 -36.87 1.02 -30.80
N ARG A 370 -38.06 0.80 -31.37
CA ARG A 370 -39.31 0.73 -30.62
C ARG A 370 -39.76 -0.73 -30.63
N PRO A 371 -39.34 -1.53 -29.66
CA PRO A 371 -39.81 -2.92 -29.62
C PRO A 371 -41.27 -2.98 -29.20
N SER A 372 -42.14 -3.24 -30.16
CA SER A 372 -43.56 -3.44 -29.90
C SER A 372 -43.90 -4.92 -29.72
N PHE A 373 -42.89 -5.77 -29.62
CA PHE A 373 -43.05 -7.21 -29.79
C PHE A 373 -42.31 -7.88 -28.64
N LYS A 374 -43.06 -8.55 -27.75
CA LYS A 374 -42.59 -8.92 -26.43
C LYS A 374 -41.41 -9.90 -26.42
N GLY A 375 -40.94 -10.32 -27.59
CA GLY A 375 -39.88 -11.31 -27.61
C GLY A 375 -38.60 -10.80 -26.98
N LYS A 376 -37.90 -11.70 -26.29
CA LYS A 376 -36.61 -11.37 -25.69
C LYS A 376 -35.52 -11.40 -26.76
N ARG A 377 -35.12 -10.22 -27.22
CA ARG A 377 -34.11 -10.06 -28.25
C ARG A 377 -32.98 -9.20 -27.72
N PRO A 378 -31.77 -9.36 -28.24
CA PRO A 378 -30.65 -8.52 -27.78
C PRO A 378 -30.93 -7.05 -28.04
N SER A 379 -30.60 -6.21 -27.06
CA SER A 379 -30.73 -4.77 -27.22
C SER A 379 -29.59 -4.24 -28.07
N TYR A 380 -29.93 -3.35 -29.00
CA TYR A 380 -28.96 -2.79 -29.93
C TYR A 380 -29.07 -1.28 -29.94
N ASN A 381 -27.92 -0.62 -30.05
CA ASN A 381 -27.82 0.83 -30.03
C ASN A 381 -26.97 1.29 -31.20
N ASN A 382 -27.48 2.25 -31.97
CA ASN A 382 -26.74 2.87 -33.06
C ASN A 382 -25.98 4.11 -32.61
N PHE A 383 -25.58 4.15 -31.35
CA PHE A 383 -25.05 5.37 -30.74
C PHE A 383 -24.33 4.99 -29.46
N THR A 384 -23.93 6.02 -28.70
CA THR A 384 -23.29 5.82 -27.40
C THR A 384 -24.11 6.41 -26.26
N SER A 385 -24.50 7.68 -26.37
CA SER A 385 -25.28 8.33 -25.32
C SER A 385 -26.22 9.37 -25.90
N SER A 399 -32.80 32.30 -26.81
CA SER A 399 -33.61 33.37 -27.37
C SER A 399 -34.27 32.94 -28.67
N PHE A 400 -35.32 33.66 -29.07
CA PHE A 400 -35.99 33.34 -30.33
C PHE A 400 -35.08 33.62 -31.52
N TYR A 401 -34.29 34.69 -31.45
CA TYR A 401 -33.28 34.94 -32.47
C TYR A 401 -32.24 33.82 -32.50
N ASP A 402 -31.91 33.27 -31.32
CA ASP A 402 -30.99 32.13 -31.28
C ASP A 402 -31.56 30.94 -32.02
N GLN A 403 -32.86 30.68 -31.86
CA GLN A 403 -33.51 29.60 -32.61
C GLN A 403 -33.41 29.84 -34.12
N VAL A 404 -33.63 31.08 -34.55
CA VAL A 404 -33.44 31.42 -35.96
C VAL A 404 -31.98 31.23 -36.34
N ARG A 405 -31.06 31.70 -35.49
CA ARG A 405 -29.65 31.49 -35.75
C ARG A 405 -29.28 30.01 -35.66
N GLU A 406 -29.95 29.27 -34.76
CA GLU A 406 -29.77 27.82 -34.72
C GLU A 406 -30.20 27.20 -36.04
N GLU A 407 -31.33 27.65 -36.58
CA GLU A 407 -31.75 27.21 -37.90
C GLU A 407 -30.85 27.82 -38.98
N CYS A 408 -30.28 29.00 -38.72
CA CYS A 408 -29.34 29.58 -39.67
C CYS A 408 -28.12 28.70 -39.84
N GLN A 409 -27.58 28.17 -38.74
CA GLN A 409 -26.44 27.28 -38.82
C GLN A 409 -26.80 25.95 -39.48
N LYS A 410 -28.08 25.57 -39.48
CA LYS A 410 -28.50 24.36 -40.18
C LYS A 410 -28.35 24.50 -41.69
N TYR A 411 -28.19 25.73 -42.19
CA TYR A 411 -28.12 25.97 -43.63
C TYR A 411 -26.80 26.56 -44.11
N MET A 412 -25.99 27.16 -43.23
CA MET A 412 -24.57 27.34 -43.54
C MET A 412 -23.88 26.00 -43.73
N ASP A 413 -24.17 25.04 -42.86
CA ASP A 413 -23.55 23.72 -42.93
C ASP A 413 -23.89 22.98 -44.20
N LEU A 414 -25.03 23.28 -44.82
CA LEU A 414 -25.40 22.63 -46.06
C LEU A 414 -24.53 23.13 -47.20
N LYS A 415 -24.00 22.20 -47.99
CA LYS A 415 -23.13 22.53 -49.12
C LYS A 415 -23.73 22.17 -50.46
N VAL A 416 -24.38 21.01 -50.58
CA VAL A 416 -24.99 20.59 -51.84
C VAL A 416 -26.25 21.42 -52.07
N GLU A 417 -26.45 21.82 -53.33
CA GLU A 417 -27.59 22.63 -53.73
C GLU A 417 -28.39 21.91 -54.80
N GLY A 418 -29.71 21.90 -54.64
CA GLY A 418 -30.63 21.26 -55.56
C GLY A 418 -31.64 20.42 -54.80
N THR A 419 -32.48 19.72 -55.57
CA THR A 419 -33.48 18.83 -55.00
C THR A 419 -33.01 17.39 -54.92
N THR A 420 -32.68 16.79 -56.06
CA THR A 420 -32.06 15.46 -56.09
C THR A 420 -30.67 15.51 -56.68
N CYS A 421 -30.52 16.06 -57.88
CA CYS A 421 -29.26 16.10 -58.61
C CYS A 421 -29.47 16.86 -59.91
N PHE A 422 -28.39 17.09 -60.63
CA PHE A 422 -28.42 17.59 -61.99
C PHE A 422 -28.45 16.42 -62.97
N TYR A 423 -28.68 16.74 -64.24
CA TYR A 423 -28.75 15.73 -65.28
C TYR A 423 -27.93 16.17 -66.48
N ARG A 424 -27.34 15.20 -67.18
CA ARG A 424 -26.49 15.49 -68.32
C ARG A 424 -27.34 15.74 -69.58
N LYS A 425 -26.74 16.47 -70.52
CA LYS A 425 -27.43 16.77 -71.77
C LYS A 425 -27.73 15.49 -72.53
N GLY A 426 -28.96 15.40 -73.07
CA GLY A 426 -29.40 14.24 -73.80
C GLY A 426 -30.27 13.26 -73.05
N GLY A 427 -30.60 13.57 -71.79
CA GLY A 427 -31.44 12.68 -71.02
C GLY A 427 -31.52 13.15 -69.58
N HIS A 428 -32.16 12.32 -68.75
CA HIS A 428 -32.34 12.58 -67.33
C HIS A 428 -31.42 11.72 -66.48
N VAL A 429 -30.19 11.47 -66.96
CA VAL A 429 -29.23 10.68 -66.20
C VAL A 429 -28.72 11.51 -65.03
N GLU A 430 -28.76 10.93 -63.82
CA GLU A 430 -28.43 11.65 -62.61
C GLU A 430 -26.93 11.97 -62.58
N VAL A 431 -26.60 13.26 -62.63
CA VAL A 431 -25.21 13.73 -62.54
C VAL A 431 -25.14 14.77 -61.43
N GLU A 432 -24.39 14.46 -60.38
CA GLU A 432 -24.27 15.37 -59.25
CA GLU A 432 -24.26 15.36 -59.24
C GLU A 432 -23.26 16.47 -59.56
N PHE A 433 -23.57 17.68 -59.11
CA PHE A 433 -22.69 18.82 -59.32
C PHE A 433 -21.41 18.65 -58.51
N PRO A 434 -20.23 18.59 -59.14
CA PRO A 434 -19.00 18.31 -58.39
C PRO A 434 -18.32 19.55 -57.81
N GLY A 435 -18.50 20.70 -58.45
CA GLY A 435 -17.83 21.92 -58.05
C GLY A 435 -17.09 22.57 -59.21
N SER A 436 -16.63 23.79 -58.95
CA SER A 436 -15.90 24.56 -59.94
C SER A 436 -15.10 25.64 -59.23
N ALA A 437 -14.34 26.39 -60.03
CA ALA A 437 -13.55 27.49 -59.46
C ALA A 437 -14.44 28.66 -59.04
N HIS A 438 -15.58 28.83 -59.69
CA HIS A 438 -16.48 29.94 -59.41
C HIS A 438 -17.53 29.60 -58.36
N CYS A 439 -17.28 28.63 -57.49
CA CYS A 439 -18.20 28.32 -56.42
C CYS A 439 -18.28 29.47 -55.42
N ASN A 440 -19.45 29.61 -54.79
CA ASN A 440 -19.75 30.69 -53.86
C ASN A 440 -19.66 32.06 -54.51
N THR A 441 -19.71 32.12 -55.84
CA THR A 441 -19.70 33.36 -56.60
C THR A 441 -20.95 33.42 -57.47
N TYR A 442 -21.54 34.61 -57.57
CA TYR A 442 -22.78 34.80 -58.31
C TYR A 442 -22.57 35.90 -59.34
N LEU A 443 -23.64 36.17 -60.11
CA LEU A 443 -23.57 37.24 -61.11
C LEU A 443 -23.33 38.59 -60.45
N PHE A 444 -24.03 38.87 -59.35
CA PHE A 444 -23.86 40.09 -58.60
C PHE A 444 -23.03 39.90 -57.34
N GLY A 445 -22.48 38.70 -57.13
CA GLY A 445 -21.68 38.42 -55.95
C GLY A 445 -20.27 38.95 -56.04
N THR B 20 -44.90 2.89 30.92
CA THR B 20 -44.90 2.43 29.53
C THR B 20 -45.92 1.30 29.34
N GLU B 21 -45.78 0.26 30.14
CA GLU B 21 -46.67 -0.90 30.07
C GLU B 21 -47.83 -0.81 31.04
N SER B 22 -47.91 0.25 31.84
CA SER B 22 -49.00 0.36 32.81
C SER B 22 -50.34 0.58 32.12
N GLN B 23 -50.38 1.47 31.12
CA GLN B 23 -51.62 1.79 30.43
C GLN B 23 -51.90 0.87 29.25
N ILE B 24 -50.98 -0.04 28.92
CA ILE B 24 -51.17 -0.92 27.76
C ILE B 24 -52.43 -1.78 27.87
N PRO B 25 -52.77 -2.37 29.03
CA PRO B 25 -54.00 -3.19 29.07
C PRO B 25 -55.25 -2.42 28.65
N LYS B 26 -55.45 -1.21 29.19
CA LYS B 26 -56.65 -0.46 28.86
C LYS B 26 -56.62 0.04 27.41
N MET B 27 -55.44 0.38 26.90
CA MET B 27 -55.34 0.72 25.48
C MET B 27 -55.76 -0.44 24.60
N TYR B 28 -55.26 -1.63 24.90
CA TYR B 28 -55.63 -2.80 24.10
C TYR B 28 -57.12 -3.08 24.20
N GLU B 29 -57.68 -2.96 25.40
CA GLU B 29 -59.10 -3.20 25.60
C GLU B 29 -59.96 -2.24 24.78
N MET B 30 -59.63 -0.94 24.82
CA MET B 30 -60.43 0.03 24.08
C MET B 30 -60.20 -0.06 22.58
N ILE B 31 -58.98 -0.42 22.15
CA ILE B 31 -58.73 -0.63 20.73
C ILE B 31 -59.58 -1.78 20.21
N ARG B 32 -59.61 -2.89 20.96
CA ARG B 32 -60.43 -4.03 20.56
C ARG B 32 -61.91 -3.68 20.59
N ASP B 33 -62.34 -2.89 21.59
CA ASP B 33 -63.73 -2.47 21.65
C ASP B 33 -64.12 -1.64 20.42
N GLN B 34 -63.25 -0.71 20.02
CA GLN B 34 -63.53 0.08 18.82
C GLN B 34 -63.54 -0.79 17.57
N MET B 35 -62.61 -1.74 17.47
CA MET B 35 -62.61 -2.68 16.35
C MET B 35 -63.94 -3.41 16.25
N ARG B 36 -64.39 -4.01 17.36
CA ARG B 36 -65.63 -4.76 17.34
C ARG B 36 -66.84 -3.86 17.05
N THR B 37 -66.84 -2.66 17.62
CA THR B 37 -67.96 -1.74 17.38
C THR B 37 -68.06 -1.37 15.90
N LEU B 38 -66.92 -1.00 15.29
CA LEU B 38 -66.94 -0.62 13.88
C LEU B 38 -67.24 -1.80 12.98
N ALA B 39 -66.81 -3.00 13.36
CA ALA B 39 -67.10 -4.18 12.54
C ALA B 39 -68.58 -4.55 12.61
N SER B 40 -69.15 -4.58 13.81
CA SER B 40 -70.52 -5.03 14.00
C SER B 40 -71.55 -3.93 13.72
N THR B 41 -71.12 -2.68 13.58
CA THR B 41 -72.05 -1.62 13.24
C THR B 41 -72.70 -1.84 11.88
N HIS B 42 -71.93 -2.32 10.90
CA HIS B 42 -72.42 -2.55 9.56
C HIS B 42 -72.29 -4.02 9.13
N LYS B 43 -72.30 -4.94 10.11
CA LYS B 43 -72.28 -6.38 9.84
C LYS B 43 -71.04 -6.79 9.04
N ILE B 44 -69.88 -6.43 9.55
CA ILE B 44 -68.60 -6.84 8.97
C ILE B 44 -68.03 -7.95 9.84
N PRO B 45 -67.95 -9.18 9.34
CA PRO B 45 -67.39 -10.27 10.15
C PRO B 45 -65.92 -10.04 10.46
N LEU B 46 -65.52 -10.49 11.65
CA LEU B 46 -64.15 -10.30 12.15
C LEU B 46 -63.27 -11.53 11.96
N ASN B 47 -63.75 -12.55 11.23
CA ASN B 47 -62.99 -13.76 10.99
C ASN B 47 -62.25 -13.74 9.66
N ILE B 48 -62.19 -12.59 8.99
CA ILE B 48 -61.41 -12.41 7.77
C ILE B 48 -60.29 -11.43 8.08
N ASP B 49 -59.07 -11.78 7.68
CA ASP B 49 -57.94 -10.89 7.92
C ASP B 49 -58.07 -9.58 7.16
N HIS B 50 -58.63 -9.62 5.94
CA HIS B 50 -58.76 -8.39 5.17
C HIS B 50 -59.72 -7.41 5.84
N ASN B 51 -60.85 -7.90 6.35
CA ASN B 51 -61.81 -7.03 7.03
C ASN B 51 -61.16 -6.39 8.25
N CYS B 52 -60.46 -7.19 9.05
CA CYS B 52 -59.81 -6.67 10.25
C CYS B 52 -58.73 -5.66 9.88
N GLU B 53 -57.94 -5.94 8.85
CA GLU B 53 -56.87 -5.04 8.45
C GLU B 53 -57.44 -3.71 7.99
N VAL B 54 -58.48 -3.74 7.16
CA VAL B 54 -59.07 -2.49 6.66
C VAL B 54 -59.69 -1.70 7.80
N ILE B 55 -60.46 -2.37 8.67
CA ILE B 55 -61.12 -1.69 9.77
C ILE B 55 -60.09 -1.07 10.71
N GLY B 56 -59.03 -1.81 11.01
CA GLY B 56 -57.99 -1.28 11.87
C GLY B 56 -57.22 -0.14 11.23
N SER B 57 -57.01 -0.21 9.91
CA SER B 57 -56.38 0.91 9.22
C SER B 57 -57.24 2.16 9.34
N ILE B 58 -58.56 2.01 9.19
CA ILE B 58 -59.47 3.14 9.37
C ILE B 58 -59.38 3.68 10.79
N ILE B 59 -59.36 2.78 11.78
CA ILE B 59 -59.26 3.20 13.17
C ILE B 59 -57.96 3.95 13.43
N MET B 60 -56.84 3.44 12.91
CA MET B 60 -55.56 4.08 13.12
C MET B 60 -55.50 5.43 12.40
N ALA B 61 -56.09 5.53 11.22
CA ALA B 61 -56.21 6.82 10.57
C ALA B 61 -57.00 7.79 11.43
N ALA B 62 -58.06 7.29 12.07
CA ALA B 62 -58.80 8.12 13.02
C ALA B 62 -57.93 8.50 14.22
N CYS B 63 -56.95 7.67 14.56
CA CYS B 63 -56.18 7.87 15.79
C CYS B 63 -55.31 9.12 15.74
N THR B 64 -54.46 9.25 14.71
CA THR B 64 -53.49 10.33 14.68
C THR B 64 -53.73 11.30 13.53
N ASN B 65 -53.77 10.83 12.28
CA ASN B 65 -54.04 11.71 11.14
C ASN B 65 -55.55 11.75 10.87
N ASN B 66 -56.24 12.45 11.77
CA ASN B 66 -57.70 12.39 11.82
C ASN B 66 -58.35 12.94 10.56
N ARG B 67 -57.63 13.76 9.79
CA ARG B 67 -58.19 14.39 8.61
C ARG B 67 -57.98 13.59 7.33
N ASP B 68 -57.31 12.44 7.40
CA ASP B 68 -57.05 11.67 6.19
C ASP B 68 -58.24 10.79 5.82
N LEU B 69 -58.82 10.11 6.80
CA LEU B 69 -59.96 9.24 6.55
C LEU B 69 -61.24 10.05 6.43
N ARG B 70 -62.37 9.34 6.34
CA ARG B 70 -63.67 9.98 6.19
CA ARG B 70 -63.67 9.98 6.19
C ARG B 70 -64.63 9.49 7.27
N PRO B 71 -65.57 10.33 7.70
CA PRO B 71 -66.58 9.86 8.68
C PRO B 71 -67.41 8.71 8.16
N VAL B 72 -67.73 8.72 6.87
CA VAL B 72 -68.37 7.59 6.19
C VAL B 72 -67.64 7.36 4.87
N ASP B 73 -67.29 6.11 4.61
CA ASP B 73 -66.54 5.79 3.40
C ASP B 73 -66.70 4.31 3.10
N LYS B 74 -66.48 3.95 1.84
CA LYS B 74 -66.57 2.57 1.39
C LYS B 74 -65.18 1.99 1.20
N TYR B 75 -64.96 0.79 1.74
CA TYR B 75 -63.69 0.11 1.65
C TYR B 75 -63.93 -1.34 1.23
N TRP B 76 -62.87 -2.00 0.77
CA TRP B 76 -62.99 -3.39 0.35
C TRP B 76 -63.19 -4.28 1.56
N PHE B 77 -64.24 -5.08 1.54
CA PHE B 77 -64.58 -5.96 2.65
C PHE B 77 -65.04 -7.32 2.15
N LEU B 78 -65.01 -8.30 3.05
CA LEU B 78 -65.48 -9.66 2.76
C LEU B 78 -66.84 -9.84 3.43
N MET B 79 -67.90 -9.74 2.63
CA MET B 79 -69.27 -9.90 3.11
C MET B 79 -69.80 -11.27 2.72
N GLY B 80 -70.24 -12.03 3.72
CA GLY B 80 -70.81 -13.34 3.49
C GLY B 80 -70.86 -14.15 4.77
N PRO B 81 -71.96 -14.88 4.97
CA PRO B 81 -72.10 -15.68 6.19
C PRO B 81 -71.52 -17.08 6.07
N ALA B 82 -70.67 -17.45 7.01
CA ALA B 82 -70.11 -18.81 7.11
C ALA B 82 -69.36 -19.21 5.84
N GLY B 83 -68.30 -18.47 5.55
CA GLY B 83 -67.42 -18.80 4.45
C GLY B 83 -67.88 -18.35 3.07
N ALA B 84 -69.02 -17.66 2.98
CA ALA B 84 -69.53 -17.17 1.72
C ALA B 84 -69.16 -15.72 1.45
N GLU B 85 -68.00 -15.28 1.95
CA GLU B 85 -67.60 -13.88 1.88
C GLU B 85 -67.11 -13.55 0.48
N VAL B 86 -67.93 -12.80 -0.26
CA VAL B 86 -67.53 -12.30 -1.57
C VAL B 86 -67.04 -10.87 -1.42
N MET B 87 -65.99 -10.50 -2.15
CA MET B 87 -65.45 -9.16 -2.08
C MET B 87 -66.45 -8.13 -2.59
N THR B 88 -66.55 -7.02 -1.87
CA THR B 88 -67.36 -5.87 -2.24
C THR B 88 -66.88 -4.70 -1.41
N GLU B 89 -67.40 -3.51 -1.72
CA GLU B 89 -67.10 -2.30 -0.97
C GLU B 89 -68.30 -1.94 -0.11
N VAL B 90 -68.07 -1.75 1.19
CA VAL B 90 -69.13 -1.53 2.16
C VAL B 90 -68.86 -0.22 2.89
N GLU B 91 -69.88 0.63 2.96
CA GLU B 91 -69.78 1.87 3.73
C GLU B 91 -69.87 1.57 5.22
N ILE B 92 -69.12 2.33 6.01
CA ILE B 92 -69.15 2.21 7.46
C ILE B 92 -69.21 3.60 8.07
N ASP B 93 -69.67 3.65 9.33
CA ASP B 93 -69.81 4.90 10.06
C ASP B 93 -68.68 4.97 11.09
N ILE B 94 -67.75 5.90 10.88
CA ILE B 94 -66.56 6.00 11.72
C ILE B 94 -66.63 7.18 12.70
N GLN B 95 -67.72 7.95 12.65
CA GLN B 95 -67.83 9.15 13.49
C GLN B 95 -67.68 8.87 14.99
N PRO B 96 -68.36 7.88 15.59
CA PRO B 96 -68.05 7.57 16.99
C PRO B 96 -66.62 7.12 17.20
N GLN B 97 -66.09 6.32 16.28
CA GLN B 97 -64.69 5.91 16.37
C GLN B 97 -63.76 7.10 16.21
N LEU B 98 -64.10 8.03 15.30
CA LEU B 98 -63.31 9.25 15.16
C LEU B 98 -63.31 10.06 16.46
N GLN B 99 -64.48 10.19 17.09
CA GLN B 99 -64.57 10.95 18.34
C GLN B 99 -63.75 10.29 19.44
N TRP B 100 -63.86 8.97 19.57
CA TRP B 100 -63.06 8.26 20.57
C TRP B 100 -61.57 8.43 20.31
N ALA B 101 -61.15 8.31 19.05
CA ALA B 101 -59.73 8.41 18.72
C ALA B 101 -59.19 9.81 18.99
N LYS B 102 -59.96 10.85 18.65
CA LYS B 102 -59.49 12.21 18.88
C LYS B 102 -59.50 12.56 20.37
N GLY B 103 -60.49 12.06 21.11
CA GLY B 103 -60.52 12.29 22.55
C GLY B 103 -59.49 11.50 23.31
N ALA B 104 -58.99 10.41 22.73
CA ALA B 104 -57.92 9.64 23.34
C ALA B 104 -56.54 10.22 23.08
N VAL B 105 -56.44 11.25 22.23
CA VAL B 105 -55.14 11.81 21.86
C VAL B 105 -54.42 12.36 23.07
N HIS B 106 -55.12 13.15 23.89
CA HIS B 106 -54.52 13.79 25.06
C HIS B 106 -55.31 13.49 26.33
N ASP B 107 -55.96 12.32 26.37
CA ASP B 107 -56.65 11.91 27.58
C ASP B 107 -55.62 11.59 28.66
N PRO B 108 -55.72 12.21 29.85
CA PRO B 108 -54.72 11.96 30.90
C PRO B 108 -54.68 10.52 31.38
N LYS B 109 -55.70 9.71 31.09
CA LYS B 109 -55.68 8.31 31.49
C LYS B 109 -54.53 7.53 30.87
N TYR B 110 -54.01 7.99 29.73
CA TYR B 110 -52.89 7.33 29.07
C TYR B 110 -51.54 7.81 29.57
N LYS B 111 -51.51 8.88 30.37
CA LYS B 111 -50.28 9.46 30.90
C LYS B 111 -49.33 9.85 29.76
N GLY B 112 -49.89 10.36 28.67
CA GLY B 112 -49.10 10.77 27.54
C GLY B 112 -48.55 9.64 26.69
N GLN B 113 -49.00 8.40 26.93
CA GLN B 113 -48.52 7.23 26.20
C GLN B 113 -49.38 6.89 24.99
N TRP B 114 -50.38 7.71 24.67
CA TRP B 114 -51.23 7.40 23.52
C TRP B 114 -50.43 7.42 22.21
N TYR B 115 -49.71 8.52 21.95
CA TYR B 115 -48.85 8.56 20.78
C TYR B 115 -47.71 7.54 20.81
N PRO B 116 -47.00 7.32 21.93
CA PRO B 116 -46.00 6.25 21.93
C PRO B 116 -46.55 4.88 21.55
N PHE B 117 -47.74 4.53 22.02
CA PHE B 117 -48.32 3.24 21.63
C PHE B 117 -48.81 3.26 20.19
N LEU B 118 -49.36 4.41 19.75
CA LEU B 118 -49.91 4.49 18.41
C LEU B 118 -48.83 4.41 17.34
N ALA B 119 -47.65 4.97 17.61
CA ALA B 119 -46.55 4.84 16.65
C ALA B 119 -46.19 3.37 16.43
N LEU B 120 -46.08 2.61 17.52
CA LEU B 120 -45.81 1.19 17.41
C LEU B 120 -46.93 0.47 16.68
N LEU B 121 -48.19 0.83 16.99
CA LEU B 121 -49.32 0.20 16.32
C LEU B 121 -49.29 0.44 14.83
N GLN B 122 -49.03 1.69 14.42
CA GLN B 122 -48.99 2.02 13.00
C GLN B 122 -47.85 1.29 12.31
N ILE B 123 -46.67 1.24 12.94
CA ILE B 123 -45.54 0.54 12.34
C ILE B 123 -45.87 -0.94 12.15
N SER B 124 -46.40 -1.58 13.21
CA SER B 124 -46.69 -3.01 13.13
C SER B 124 -47.76 -3.31 12.09
N ASN B 125 -48.77 -2.44 11.99
CA ASN B 125 -49.86 -2.71 11.05
C ASN B 125 -49.48 -2.40 9.61
N LYS B 126 -48.60 -1.42 9.38
CA LYS B 126 -48.10 -1.19 8.03
C LYS B 126 -46.99 -2.15 7.65
N THR B 127 -46.45 -2.90 8.61
CA THR B 127 -45.43 -3.90 8.28
C THR B 127 -45.95 -4.93 7.30
N LYS B 128 -47.17 -5.43 7.51
CA LYS B 128 -47.72 -6.43 6.60
C LYS B 128 -47.95 -5.85 5.22
N ASP B 129 -48.44 -4.61 5.14
CA ASP B 129 -48.65 -3.97 3.84
C ASP B 129 -47.33 -3.81 3.10
N THR B 130 -46.27 -3.45 3.82
CA THR B 130 -44.94 -3.38 3.20
C THR B 130 -44.47 -4.75 2.75
N ILE B 131 -44.77 -5.79 3.54
CA ILE B 131 -44.33 -7.13 3.20
C ILE B 131 -45.01 -7.63 1.93
N LEU B 132 -46.31 -7.39 1.80
CA LEU B 132 -47.06 -7.97 0.69
C LEU B 132 -46.55 -7.46 -0.66
N TRP B 133 -46.30 -6.16 -0.76
CA TRP B 133 -45.71 -5.56 -1.96
C TRP B 133 -44.27 -5.20 -1.65
N GLN B 134 -43.33 -5.97 -2.19
CA GLN B 134 -41.91 -5.81 -1.88
C GLN B 134 -41.41 -4.51 -2.49
N LYS B 135 -41.27 -3.48 -1.65
CA LYS B 135 -40.77 -2.18 -2.06
C LYS B 135 -39.69 -1.72 -1.09
N TYR B 136 -38.78 -0.89 -1.61
CA TYR B 136 -37.67 -0.35 -0.82
C TYR B 136 -37.60 1.16 -1.03
N PRO B 137 -38.56 1.92 -0.49
CA PRO B 137 -38.61 3.36 -0.76
C PRO B 137 -37.50 4.14 -0.07
N VAL B 138 -37.27 3.85 1.20
CA VAL B 138 -36.30 4.63 1.98
C VAL B 138 -34.89 4.46 1.42
N THR B 139 -34.50 3.21 1.14
CA THR B 139 -33.16 2.96 0.63
C THR B 139 -32.96 3.58 -0.75
N GLN B 140 -33.98 3.47 -1.62
CA GLN B 140 -33.87 4.06 -2.95
C GLN B 140 -33.77 5.58 -2.88
N GLU B 141 -34.57 6.20 -2.02
CA GLU B 141 -34.46 7.65 -1.83
C GLU B 141 -33.16 8.04 -1.15
N LEU B 142 -32.51 7.12 -0.46
CA LEU B 142 -31.23 7.37 0.19
C LEU B 142 -30.05 6.82 -0.62
N GLU B 143 -30.28 6.47 -1.88
CA GLU B 143 -29.24 6.01 -2.82
C GLU B 143 -28.26 5.02 -2.16
N ILE B 144 -28.83 4.02 -1.50
CA ILE B 144 -28.08 2.98 -0.82
C ILE B 144 -28.61 1.62 -1.25
N SER B 145 -28.05 0.56 -0.66
CA SER B 145 -28.43 -0.79 -1.00
C SER B 145 -29.87 -1.06 -0.59
N ASN B 146 -30.60 -1.77 -1.46
CA ASN B 146 -32.00 -2.08 -1.20
C ASN B 146 -32.17 -3.10 -0.07
N SER B 147 -31.12 -3.86 0.25
CA SER B 147 -31.19 -4.80 1.36
C SER B 147 -31.27 -4.09 2.72
N LEU B 148 -31.06 -2.78 2.75
CA LEU B 148 -31.03 -2.02 3.99
C LEU B 148 -32.40 -1.61 4.49
N GLU B 149 -33.46 -1.84 3.71
CA GLU B 149 -34.80 -1.57 4.21
C GLU B 149 -35.11 -2.43 5.44
N ILE B 150 -34.31 -3.47 5.65
CA ILE B 150 -34.29 -4.20 6.92
C ILE B 150 -34.03 -3.25 8.09
N TYR B 151 -33.36 -2.12 7.83
CA TYR B 151 -33.09 -1.12 8.84
C TYR B 151 -33.93 0.14 8.67
N ALA B 152 -34.92 0.11 7.79
CA ALA B 152 -35.76 1.28 7.50
C ALA B 152 -37.13 1.18 8.14
N ASN B 153 -37.20 0.65 9.36
CA ASN B 153 -38.47 0.52 10.06
C ASN B 153 -39.02 1.90 10.45
N GLY B 154 -40.33 2.04 10.38
CA GLY B 154 -40.98 3.25 10.81
C GLY B 154 -41.19 4.31 9.75
N HIS B 155 -41.23 3.94 8.47
CA HIS B 155 -41.47 4.90 7.41
C HIS B 155 -42.97 5.09 7.17
N GLY B 156 -43.34 6.32 6.80
CA GLY B 156 -44.72 6.64 6.53
C GLY B 156 -45.55 6.94 7.74
N ILE B 157 -44.97 6.92 8.94
CA ILE B 157 -45.72 7.18 10.17
C ILE B 157 -45.90 8.68 10.32
N LYS B 158 -46.93 9.08 11.08
CA LYS B 158 -47.18 10.49 11.31
C LYS B 158 -46.02 11.12 12.07
N ASP B 159 -45.74 12.39 11.78
CA ASP B 159 -44.62 13.07 12.41
C ASP B 159 -44.82 13.19 13.92
N ARG B 160 -46.05 13.34 14.38
CA ARG B 160 -46.32 13.30 15.81
C ARG B 160 -45.91 11.96 16.41
N LEU B 161 -46.29 10.87 15.75
CA LEU B 161 -45.88 9.55 16.21
C LEU B 161 -44.37 9.37 16.08
N LYS B 162 -43.78 9.88 15.00
CA LYS B 162 -42.34 9.73 14.79
C LYS B 162 -41.55 10.43 15.89
N ASN B 163 -42.01 11.62 16.30
CA ASN B 163 -41.40 12.26 17.47
C ASN B 163 -41.73 11.52 18.75
N SER B 164 -42.89 10.85 18.79
CA SER B 164 -43.27 10.12 19.99
C SER B 164 -42.47 8.83 20.16
N ARG B 165 -42.25 8.10 19.07
CA ARG B 165 -41.42 6.88 19.08
C ARG B 165 -40.39 6.98 17.97
N PRO B 166 -39.37 7.80 18.14
CA PRO B 166 -38.30 7.89 17.13
C PRO B 166 -37.29 6.77 17.28
N ARG B 167 -37.16 6.23 18.50
CA ARG B 167 -36.27 5.09 18.72
C ARG B 167 -36.75 3.87 17.94
N SER B 168 -38.06 3.63 17.93
CA SER B 168 -38.61 2.54 17.13
C SER B 168 -38.49 2.84 15.64
N VAL B 169 -38.63 4.09 15.25
CA VAL B 169 -38.42 4.49 13.86
C VAL B 169 -36.97 4.23 13.51
N GLY B 170 -36.74 3.39 12.49
CA GLY B 170 -35.42 2.90 12.18
C GLY B 170 -34.46 4.00 11.77
N PRO B 171 -33.16 3.70 11.81
CA PRO B 171 -32.16 4.71 11.45
C PRO B 171 -32.31 5.20 10.02
N LEU B 172 -32.73 4.35 9.09
CA LEU B 172 -32.84 4.80 7.71
C LEU B 172 -34.02 5.75 7.50
N VAL B 173 -35.12 5.56 8.22
CA VAL B 173 -36.23 6.51 8.11
C VAL B 173 -35.81 7.88 8.64
N HIS B 174 -35.13 7.90 9.79
CA HIS B 174 -34.63 9.17 10.32
C HIS B 174 -33.62 9.80 9.37
N LEU B 175 -32.75 8.99 8.77
CA LEU B 175 -31.79 9.52 7.81
C LEU B 175 -32.50 10.08 6.58
N LEU B 176 -33.58 9.43 6.15
CA LEU B 176 -34.35 9.93 5.02
C LEU B 176 -35.02 11.26 5.35
N HIS B 177 -35.58 11.37 6.56
CA HIS B 177 -36.14 12.66 6.98
C HIS B 177 -35.05 13.73 7.06
N LEU B 178 -33.85 13.35 7.51
CA LEU B 178 -32.74 14.29 7.53
C LEU B 178 -32.36 14.76 6.13
N LYS B 179 -32.31 13.82 5.18
CA LYS B 179 -31.99 14.19 3.80
C LYS B 179 -33.07 15.08 3.20
N ARG B 180 -34.35 14.77 3.48
CA ARG B 180 -35.44 15.61 3.02
C ARG B 180 -35.33 17.01 3.62
N LEU B 181 -34.99 17.08 4.91
CA LEU B 181 -34.82 18.37 5.58
C LEU B 181 -33.69 19.18 4.96
N GLN B 182 -32.59 18.52 4.64
CA GLN B 182 -31.48 19.21 3.99
C GLN B 182 -31.82 19.63 2.57
N GLU B 183 -32.71 18.88 1.91
CA GLU B 183 -33.12 19.16 0.54
C GLU B 183 -34.54 19.69 0.47
N ASN B 184 -35.02 20.33 1.53
CA ASN B 184 -36.38 20.84 1.57
C ASN B 184 -36.49 22.17 0.82
N SER B 188 -35.84 28.80 9.87
CA SER B 188 -36.99 28.15 10.49
C SER B 188 -36.54 27.21 11.60
N PRO B 189 -36.62 27.68 12.84
CA PRO B 189 -36.15 26.85 14.01
C PRO B 189 -36.92 25.58 14.25
N ALA B 190 -38.15 25.45 13.74
CA ALA B 190 -38.83 24.16 13.79
C ALA B 190 -38.09 23.12 12.95
N VAL B 191 -37.60 23.55 11.78
CA VAL B 191 -36.75 22.70 10.96
C VAL B 191 -35.50 22.29 11.73
N ASN B 192 -34.89 23.24 12.43
CA ASN B 192 -33.68 22.93 13.20
CA ASN B 192 -33.68 22.92 13.19
C ASN B 192 -33.98 21.94 14.32
N GLY B 193 -35.11 22.11 15.00
CA GLY B 193 -35.46 21.18 16.07
C GLY B 193 -35.74 19.78 15.56
N ILE B 194 -36.48 19.68 14.46
CA ILE B 194 -36.73 18.38 13.85
C ILE B 194 -35.41 17.73 13.44
N ARG B 195 -34.50 18.52 12.86
CA ARG B 195 -33.21 18.00 12.44
C ARG B 195 -32.38 17.51 13.63
N LYS B 196 -32.33 18.29 14.70
CA LYS B 196 -31.52 17.90 15.85
C LYS B 196 -32.09 16.65 16.51
N SER B 197 -33.42 16.55 16.61
CA SER B 197 -34.03 15.33 17.13
C SER B 197 -33.69 14.15 16.24
N ILE B 198 -33.81 14.32 14.93
CA ILE B 198 -33.52 13.23 14.00
C ILE B 198 -32.07 12.77 14.14
N VAL B 199 -31.13 13.71 14.23
CA VAL B 199 -29.72 13.35 14.33
C VAL B 199 -29.45 12.65 15.67
N GLY B 200 -30.06 13.14 16.75
CA GLY B 200 -29.87 12.50 18.03
C GLY B 200 -30.38 11.07 18.05
N HIS B 201 -31.53 10.82 17.44
CA HIS B 201 -32.07 9.47 17.43
C HIS B 201 -31.32 8.59 16.42
N LEU B 202 -30.75 9.18 15.38
CA LEU B 202 -29.84 8.44 14.52
C LEU B 202 -28.61 7.97 15.29
N LYS B 203 -28.02 8.87 16.09
CA LYS B 203 -26.86 8.49 16.89
C LYS B 203 -27.22 7.45 17.93
N ARG B 204 -28.40 7.59 18.55
CA ARG B 204 -28.86 6.60 19.52
C ARG B 204 -29.04 5.24 18.86
N GLN B 205 -29.60 5.22 17.65
CA GLN B 205 -29.84 3.95 16.97
C GLN B 205 -28.53 3.36 16.43
N CYS B 206 -27.78 4.13 15.66
CA CYS B 206 -26.48 3.68 15.18
C CYS B 206 -25.46 3.94 16.29
N ILE B 207 -25.27 2.94 17.14
CA ILE B 207 -24.41 3.09 18.32
C ILE B 207 -22.94 3.21 17.96
N GLY B 208 -22.57 2.94 16.72
CA GLY B 208 -21.18 3.05 16.30
C GLY B 208 -20.63 4.45 16.47
N GLU B 209 -19.45 4.56 17.08
CA GLU B 209 -18.82 5.86 17.24
C GLU B 209 -18.52 6.49 15.88
N THR B 210 -17.93 5.70 14.98
CA THR B 210 -17.76 6.16 13.60
C THR B 210 -19.11 6.33 12.91
N GLN B 211 -20.07 5.45 13.23
CA GLN B 211 -21.42 5.61 12.72
C GLN B 211 -22.02 6.93 13.19
N LYS B 212 -21.87 7.24 14.48
CA LYS B 212 -22.38 8.51 15.01
C LYS B 212 -21.71 9.69 14.33
N ALA B 213 -20.39 9.62 14.17
CA ALA B 213 -19.66 10.72 13.55
C ALA B 213 -20.10 10.96 12.12
N MET B 214 -20.17 9.88 11.32
CA MET B 214 -20.58 10.06 9.93
C MET B 214 -22.04 10.45 9.81
N ILE B 215 -22.88 10.08 10.78
CA ILE B 215 -24.22 10.67 10.83
C ILE B 215 -24.15 12.16 11.09
N ASN B 216 -23.20 12.58 11.93
CA ASN B 216 -23.02 14.02 12.18
C ASN B 216 -22.62 14.75 10.90
N GLN B 217 -21.71 14.16 10.11
CA GLN B 217 -21.43 14.78 8.81
C GLN B 217 -22.62 14.68 7.85
N PHE B 218 -23.48 13.66 8.02
CA PHE B 218 -24.72 13.64 7.26
C PHE B 218 -25.62 14.80 7.63
N GLU B 219 -25.53 15.26 8.88
CA GLU B 219 -26.37 16.37 9.33
C GLU B 219 -26.10 17.64 8.53
N MET B 220 -24.83 17.95 8.28
CA MET B 220 -24.48 19.17 7.56
C MET B 220 -24.81 19.11 6.08
N GLY B 221 -25.13 17.94 5.55
CA GLY B 221 -25.59 17.81 4.17
C GLY B 221 -24.77 16.90 3.27
N ARG B 222 -23.57 16.51 3.67
CA ARG B 222 -22.75 15.65 2.83
C ARG B 222 -23.27 14.20 2.89
N TRP B 223 -23.14 13.50 1.77
CA TRP B 223 -23.55 12.11 1.69
C TRP B 223 -22.54 11.25 0.93
N GLU B 224 -21.26 11.61 0.99
CA GLU B 224 -20.24 10.77 0.41
C GLU B 224 -20.05 9.49 1.21
N SER B 225 -20.30 9.55 2.52
CA SER B 225 -20.30 8.38 3.38
C SER B 225 -21.66 7.70 3.45
N LEU B 226 -22.61 8.15 2.64
CA LEU B 226 -23.93 7.52 2.64
C LEU B 226 -23.85 6.08 2.16
N SER B 227 -23.04 5.80 1.13
CA SER B 227 -22.74 4.42 0.78
C SER B 227 -21.88 3.76 1.84
N THR B 228 -20.97 4.52 2.47
CA THR B 228 -20.25 4.02 3.63
C THR B 228 -21.23 3.73 4.77
N PHE B 229 -22.23 4.59 4.95
CA PHE B 229 -23.27 4.33 5.94
C PHE B 229 -24.05 3.06 5.59
N ALA B 230 -24.24 2.80 4.30
CA ALA B 230 -24.89 1.55 3.87
C ALA B 230 -24.06 0.34 4.25
N ALA B 231 -22.78 0.35 3.87
CA ALA B 231 -21.89 -0.75 4.21
C ALA B 231 -21.76 -0.93 5.72
N SER B 232 -21.84 0.16 6.47
CA SER B 232 -21.79 0.07 7.93
C SER B 232 -23.07 -0.48 8.52
N LEU B 233 -24.25 -0.06 8.03
CA LEU B 233 -25.49 -0.65 8.53
C LEU B 233 -25.53 -2.14 8.27
N LEU B 234 -25.06 -2.57 7.09
CA LEU B 234 -24.83 -3.99 6.90
C LEU B 234 -23.85 -4.53 7.93
N ALA B 235 -22.76 -3.80 8.15
CA ALA B 235 -21.71 -4.27 9.05
C ALA B 235 -22.11 -4.12 10.51
N ILE B 236 -22.54 -2.93 10.89
CA ILE B 236 -22.86 -2.59 12.27
C ILE B 236 -24.38 -2.56 12.39
N LYS B 237 -24.94 -3.55 13.06
CA LYS B 237 -26.39 -3.56 13.27
C LYS B 237 -26.76 -2.47 14.26
N PRO B 238 -27.56 -1.48 13.89
CA PRO B 238 -27.87 -0.38 14.79
C PRO B 238 -28.91 -0.79 15.82
N ARG B 239 -29.06 0.06 16.84
CA ARG B 239 -30.03 -0.16 17.90
C ARG B 239 -31.44 0.10 17.39
N ILE B 240 -32.35 -0.83 17.67
CA ILE B 240 -33.76 -0.69 17.31
C ILE B 240 -34.59 -1.07 18.53
N GLU B 241 -35.30 -0.10 19.08
CA GLU B 241 -36.25 -0.41 20.14
C GLU B 241 -37.51 -1.02 19.53
N ASN B 242 -38.09 -1.99 20.24
CA ASN B 242 -39.25 -2.70 19.77
C ASN B 242 -40.20 -2.94 20.93
N HIS B 243 -41.46 -3.23 20.59
CA HIS B 243 -42.46 -3.54 21.58
C HIS B 243 -43.42 -4.56 21.00
N PHE B 244 -43.80 -5.56 21.80
CA PHE B 244 -44.70 -6.62 21.34
C PHE B 244 -46.11 -6.03 21.28
N VAL B 245 -46.49 -5.57 20.10
CA VAL B 245 -47.81 -4.98 19.87
C VAL B 245 -48.53 -5.84 18.84
N LEU B 246 -49.74 -6.30 19.19
CA LEU B 246 -50.52 -7.14 18.30
C LEU B 246 -51.13 -6.32 17.18
N THR B 247 -51.51 -7.00 16.11
CA THR B 247 -52.13 -6.38 14.96
C THR B 247 -53.65 -6.36 15.12
N TYR B 248 -54.34 -5.86 14.10
CA TYR B 248 -55.81 -5.77 14.18
C TYR B 248 -56.49 -7.13 14.32
N PRO B 249 -56.20 -8.14 13.49
CA PRO B 249 -56.90 -9.42 13.67
C PRO B 249 -56.62 -10.08 15.01
N LEU B 250 -55.41 -9.93 15.53
CA LEU B 250 -55.09 -10.54 16.83
C LEU B 250 -55.71 -9.76 17.97
N ILE B 251 -55.70 -8.43 17.90
CA ILE B 251 -56.32 -7.62 18.95
C ILE B 251 -57.82 -7.89 18.99
N ALA B 252 -58.46 -7.96 17.82
CA ALA B 252 -59.89 -8.27 17.77
C ALA B 252 -60.19 -9.67 18.27
N ASN B 253 -59.22 -10.58 18.20
CA ASN B 253 -59.40 -11.97 18.64
C ASN B 253 -58.77 -12.25 20.00
N CYS B 254 -58.27 -11.22 20.68
CA CYS B 254 -57.65 -11.37 22.00
C CYS B 254 -58.67 -11.00 23.06
N GLU B 255 -59.05 -11.97 23.89
CA GLU B 255 -60.06 -11.78 24.93
CA GLU B 255 -60.05 -11.77 24.93
C GLU B 255 -59.46 -11.57 26.32
N ASP B 256 -58.13 -11.53 26.44
CA ASP B 256 -57.48 -11.36 27.72
C ASP B 256 -56.49 -10.22 27.64
N PHE B 257 -56.55 -9.29 28.60
CA PHE B 257 -55.60 -8.19 28.67
C PHE B 257 -55.19 -7.87 30.10
N ALA B 258 -55.32 -8.83 31.03
CA ALA B 258 -55.00 -8.56 32.43
C ALA B 258 -53.52 -8.27 32.61
N GLY B 259 -52.65 -9.07 31.98
CA GLY B 259 -51.23 -8.86 32.09
C GLY B 259 -50.64 -8.30 30.80
N ALA B 260 -51.39 -7.41 30.15
CA ALA B 260 -50.97 -6.87 28.86
C ALA B 260 -49.86 -5.85 29.02
N THR B 261 -48.62 -6.33 29.13
CA THR B 261 -47.46 -5.46 29.13
C THR B 261 -46.70 -5.64 27.82
N LEU B 262 -45.56 -4.97 27.70
CA LEU B 262 -44.79 -4.97 26.47
C LEU B 262 -43.42 -5.64 26.61
N SER B 263 -43.10 -6.24 27.75
CA SER B 263 -41.78 -6.82 27.95
C SER B 263 -41.87 -8.16 28.67
N ASP B 264 -42.80 -9.02 28.26
CA ASP B 264 -42.89 -10.35 28.85
C ASP B 264 -43.46 -11.31 27.81
N GLU B 265 -43.83 -12.51 28.27
CA GLU B 265 -44.36 -13.57 27.42
C GLU B 265 -45.89 -13.51 27.30
N TRP B 266 -46.51 -12.46 27.82
CA TRP B 266 -47.96 -12.36 27.72
C TRP B 266 -48.43 -12.32 26.27
N VAL B 267 -47.70 -11.58 25.42
CA VAL B 267 -48.05 -11.50 24.01
C VAL B 267 -47.92 -12.86 23.34
N PHE B 268 -46.83 -13.59 23.64
CA PHE B 268 -46.65 -14.92 23.06
C PHE B 268 -47.75 -15.88 23.50
N LYS B 269 -48.10 -15.86 24.80
CA LYS B 269 -49.16 -16.72 25.28
C LYS B 269 -50.50 -16.37 24.64
N ALA B 270 -50.79 -15.08 24.49
CA ALA B 270 -52.03 -14.67 23.83
C ALA B 270 -52.07 -15.12 22.38
N MET B 271 -50.93 -15.00 21.68
CA MET B 271 -50.89 -15.43 20.28
C MET B 271 -51.05 -16.94 20.16
N GLU B 272 -50.44 -17.70 21.09
CA GLU B 272 -50.62 -19.14 21.08
C GLU B 272 -52.08 -19.52 21.34
N LYS B 273 -52.73 -18.82 22.26
CA LYS B 273 -54.15 -19.07 22.52
C LYS B 273 -55.00 -18.75 21.29
N ILE B 274 -54.70 -17.64 20.62
CA ILE B 274 -55.44 -17.28 19.40
C ILE B 274 -55.24 -18.33 18.32
N SER B 275 -54.00 -18.80 18.17
CA SER B 275 -53.72 -19.85 17.17
C SER B 275 -54.47 -21.13 17.50
N ASN B 276 -54.52 -21.50 18.78
CA ASN B 276 -55.28 -22.68 19.19
C ASN B 276 -56.78 -22.48 18.97
N LYS B 277 -57.25 -21.24 19.02
CA LYS B 277 -58.66 -20.97 18.75
C LYS B 277 -59.02 -21.30 17.31
N LYS B 278 -58.14 -20.97 16.36
CA LYS B 278 -58.35 -21.23 14.94
C LYS B 278 -59.65 -20.58 14.44
N THR B 279 -59.81 -19.29 14.76
CA THR B 279 -60.99 -18.54 14.38
C THR B 279 -60.69 -17.42 13.39
N LEU B 280 -59.48 -17.35 12.85
CA LEU B 280 -59.08 -16.28 11.95
C LEU B 280 -58.67 -16.86 10.59
N ARG B 281 -59.15 -16.22 9.52
CA ARG B 281 -58.83 -16.62 8.16
C ARG B 281 -58.04 -15.52 7.47
N VAL B 282 -57.14 -15.93 6.58
CA VAL B 282 -56.27 -15.01 5.87
C VAL B 282 -56.68 -14.93 4.41
N CYS B 283 -56.28 -13.83 3.76
CA CYS B 283 -56.58 -13.58 2.36
C CYS B 283 -55.29 -13.39 1.58
N GLY B 284 -55.26 -13.93 0.36
CA GLY B 284 -54.11 -13.81 -0.50
C GLY B 284 -54.45 -14.13 -1.95
N PRO B 285 -53.45 -14.05 -2.83
CA PRO B 285 -53.70 -14.38 -4.24
C PRO B 285 -54.15 -15.81 -4.46
N ASP B 286 -53.67 -16.75 -3.66
CA ASP B 286 -54.02 -18.16 -3.81
C ASP B 286 -53.71 -18.87 -2.50
N GLU B 287 -54.12 -20.14 -2.43
CA GLU B 287 -54.03 -20.88 -1.18
C GLU B 287 -52.61 -21.28 -0.81
N LYS B 288 -51.64 -21.16 -1.73
CA LYS B 288 -50.26 -21.45 -1.38
C LYS B 288 -49.69 -20.44 -0.38
N TRP B 289 -50.34 -19.29 -0.23
CA TRP B 289 -49.87 -18.22 0.64
C TRP B 289 -50.33 -18.38 2.08
N ILE B 290 -50.96 -19.51 2.43
CA ILE B 290 -51.44 -19.69 3.80
C ILE B 290 -50.27 -19.67 4.78
N SER B 291 -49.22 -20.45 4.49
CA SER B 291 -48.02 -20.41 5.32
C SER B 291 -47.33 -19.06 5.21
N PHE B 292 -47.44 -18.41 4.05
CA PHE B 292 -46.80 -17.10 3.87
C PHE B 292 -47.36 -16.08 4.85
N MET B 293 -48.69 -15.94 4.91
CA MET B 293 -49.25 -15.03 5.90
C MET B 293 -49.12 -15.56 7.33
N ASN B 294 -49.10 -16.89 7.51
CA ASN B 294 -48.85 -17.42 8.85
C ASN B 294 -47.51 -16.96 9.38
N GLN B 295 -46.50 -16.87 8.51
CA GLN B 295 -45.20 -16.35 8.90
C GLN B 295 -45.19 -14.82 8.90
N ILE B 296 -46.01 -14.18 8.07
CA ILE B 296 -46.07 -12.72 8.05
C ILE B 296 -46.60 -12.19 9.38
N TYR B 297 -47.55 -12.90 9.99
CA TYR B 297 -48.05 -12.49 11.29
C TYR B 297 -46.92 -12.44 12.31
N ILE B 298 -46.07 -13.48 12.33
CA ILE B 298 -44.91 -13.50 13.22
C ILE B 298 -43.95 -12.38 12.88
N HIS B 299 -43.71 -12.18 11.58
CA HIS B 299 -42.77 -11.13 11.15
C HIS B 299 -43.24 -9.76 11.62
N SER B 300 -44.55 -9.50 11.57
CA SER B 300 -45.10 -8.18 11.85
C SER B 300 -45.29 -7.91 13.33
N VAL B 301 -45.84 -8.87 14.08
CA VAL B 301 -46.16 -8.59 15.48
C VAL B 301 -44.89 -8.39 16.30
N PHE B 302 -43.90 -9.26 16.12
CA PHE B 302 -42.63 -9.15 16.83
C PHE B 302 -41.60 -8.33 16.09
N GLN B 303 -41.99 -7.67 15.00
CA GLN B 303 -41.09 -6.87 14.18
C GLN B 303 -39.90 -7.69 13.68
N THR B 304 -40.14 -8.95 13.38
CA THR B 304 -39.10 -9.88 12.93
C THR B 304 -39.15 -10.12 11.42
N THR B 305 -39.53 -9.09 10.66
CA THR B 305 -39.54 -9.22 9.20
C THR B 305 -38.13 -9.46 8.68
N GLY B 306 -37.16 -8.72 9.19
CA GLY B 306 -35.77 -8.89 8.82
C GLY B 306 -34.99 -9.87 9.68
N GLU B 307 -35.66 -10.55 10.60
CA GLU B 307 -34.98 -11.52 11.45
C GLU B 307 -34.47 -12.69 10.62
N ASP B 308 -33.40 -13.31 11.11
CA ASP B 308 -32.87 -14.52 10.47
C ASP B 308 -33.93 -15.61 10.48
N LEU B 309 -34.11 -16.25 9.31
CA LEU B 309 -35.17 -17.24 9.19
C LEU B 309 -34.93 -18.46 10.05
N GLY B 310 -33.67 -18.83 10.27
CA GLY B 310 -33.37 -19.96 11.13
C GLY B 310 -33.74 -19.71 12.59
N VAL B 311 -33.47 -18.49 13.06
CA VAL B 311 -33.83 -18.14 14.44
C VAL B 311 -35.34 -18.22 14.62
N LEU B 312 -36.09 -17.68 13.66
CA LEU B 312 -37.55 -17.72 13.76
C LEU B 312 -38.07 -19.14 13.63
N GLU B 313 -37.44 -19.96 12.78
CA GLU B 313 -37.86 -21.36 12.68
C GLU B 313 -37.63 -22.09 13.98
N TRP B 314 -36.50 -21.83 14.65
CA TRP B 314 -36.23 -22.46 15.93
C TRP B 314 -37.20 -21.97 17.01
N VAL B 315 -37.48 -20.67 17.04
CA VAL B 315 -38.39 -20.12 18.04
C VAL B 315 -39.80 -20.66 17.85
N PHE B 316 -40.28 -20.68 16.61
CA PHE B 316 -41.68 -20.96 16.32
C PHE B 316 -41.90 -22.34 15.72
N GLY B 317 -40.87 -23.18 15.64
CA GLY B 317 -41.05 -24.56 15.21
C GLY B 317 -41.57 -24.74 13.81
N GLY B 318 -41.39 -23.76 12.93
CA GLY B 318 -41.87 -23.87 11.57
C GLY B 318 -41.03 -23.10 10.58
N ARG B 319 -40.92 -23.62 9.36
CA ARG B 319 -40.13 -22.96 8.33
CA ARG B 319 -40.13 -22.96 8.33
C ARG B 319 -40.80 -21.66 7.91
N PHE B 320 -39.98 -20.66 7.59
CA PHE B 320 -40.44 -19.34 7.17
C PHE B 320 -40.15 -19.18 5.68
N CYS B 321 -41.21 -19.03 4.89
CA CYS B 321 -41.06 -18.87 3.45
C CYS B 321 -40.54 -17.47 3.12
N GLN B 322 -39.63 -17.41 2.15
CA GLN B 322 -39.11 -16.13 1.70
C GLN B 322 -40.06 -15.50 0.70
N ARG B 323 -39.87 -14.19 0.46
CA ARG B 323 -40.68 -13.48 -0.52
C ARG B 323 -40.42 -14.00 -1.92
N LYS B 324 -39.22 -14.53 -2.18
CA LYS B 324 -38.89 -15.06 -3.50
C LYS B 324 -39.74 -16.28 -3.83
N GLU B 325 -40.21 -17.01 -2.82
CA GLU B 325 -41.01 -18.21 -3.04
C GLU B 325 -42.39 -17.90 -3.60
N PHE B 326 -42.80 -16.63 -3.60
CA PHE B 326 -44.12 -16.24 -4.09
C PHE B 326 -43.97 -15.07 -5.06
N GLY B 327 -44.91 -14.98 -5.99
CA GLY B 327 -44.92 -13.91 -6.97
C GLY B 327 -45.47 -12.62 -6.39
N ARG B 328 -45.86 -11.72 -7.28
CA ARG B 328 -46.44 -10.45 -6.85
C ARG B 328 -47.76 -10.70 -6.12
N TYR B 329 -47.97 -9.93 -5.06
CA TYR B 329 -49.22 -10.03 -4.31
C TYR B 329 -50.37 -9.54 -5.16
N CYS B 330 -51.52 -10.23 -5.05
CA CYS B 330 -52.70 -9.83 -5.80
C CYS B 330 -53.21 -8.47 -5.32
N LYS B 331 -54.04 -7.85 -6.14
CA LYS B 331 -54.53 -6.51 -5.84
C LYS B 331 -55.36 -6.53 -4.57
N LYS B 332 -55.39 -5.39 -3.88
CA LYS B 332 -56.18 -5.26 -2.66
C LYS B 332 -57.67 -5.43 -2.92
N SER B 333 -58.11 -5.35 -4.17
CA SER B 333 -59.50 -5.57 -4.55
C SER B 333 -59.81 -7.02 -4.82
N GLN B 334 -58.83 -7.92 -4.70
CA GLN B 334 -59.06 -9.33 -5.03
C GLN B 334 -58.43 -10.29 -4.02
N THR B 335 -58.18 -9.85 -2.79
CA THR B 335 -57.67 -10.76 -1.77
C THR B 335 -58.81 -11.62 -1.24
N LYS B 336 -58.67 -12.94 -1.40
CA LYS B 336 -59.74 -13.87 -1.08
C LYS B 336 -59.30 -14.83 0.02
N VAL B 337 -60.27 -15.24 0.84
CA VAL B 337 -59.98 -16.14 1.96
C VAL B 337 -59.45 -17.45 1.43
N ILE B 338 -58.34 -17.92 2.01
CA ILE B 338 -57.70 -19.13 1.55
C ILE B 338 -57.53 -20.18 2.64
N GLY B 339 -57.48 -19.81 3.92
CA GLY B 339 -57.31 -20.79 4.96
C GLY B 339 -57.26 -20.14 6.33
N LEU B 340 -57.18 -20.99 7.34
CA LEU B 340 -57.16 -20.55 8.74
C LEU B 340 -55.75 -20.17 9.16
N PHE B 341 -55.65 -19.12 9.96
CA PHE B 341 -54.37 -18.69 10.50
C PHE B 341 -53.90 -19.66 11.58
N THR B 342 -52.66 -20.10 11.48
CA THR B 342 -52.06 -21.02 12.44
C THR B 342 -50.74 -20.45 12.95
N PHE B 343 -50.40 -20.82 14.18
CA PHE B 343 -49.20 -20.31 14.82
C PHE B 343 -48.78 -21.25 15.94
N GLN B 344 -47.48 -21.30 16.19
CA GLN B 344 -46.92 -22.04 17.31
C GLN B 344 -45.56 -21.45 17.62
N TYR B 345 -45.21 -21.40 18.90
CA TYR B 345 -43.90 -20.92 19.32
C TYR B 345 -43.37 -21.79 20.46
N GLU B 346 -42.05 -21.86 20.56
CA GLU B 346 -41.39 -22.64 21.60
C GLU B 346 -40.49 -21.82 22.51
N TYR B 347 -40.13 -20.59 22.11
CA TYR B 347 -39.22 -19.76 22.87
C TYR B 347 -39.66 -18.30 22.75
N TRP B 348 -39.09 -17.45 23.59
CA TRP B 348 -39.42 -16.02 23.59
C TRP B 348 -38.29 -15.25 24.27
N SER B 349 -38.48 -13.94 24.37
CA SER B 349 -37.59 -13.03 25.09
C SER B 349 -38.22 -11.65 25.06
N LYS B 350 -37.59 -10.73 25.77
CA LYS B 350 -38.05 -9.35 25.81
C LYS B 350 -37.84 -8.70 24.45
N PRO B 351 -38.58 -7.64 24.13
CA PRO B 351 -38.27 -6.88 22.91
C PRO B 351 -36.96 -6.13 23.07
N LEU B 352 -36.23 -6.01 21.96
CA LEU B 352 -34.89 -5.43 22.00
C LEU B 352 -34.97 -3.92 22.23
N LYS B 353 -34.16 -3.42 23.16
CA LYS B 353 -34.09 -2.00 23.43
C LYS B 353 -32.76 -1.40 22.96
N SER B 354 -31.65 -2.08 23.24
CA SER B 354 -30.33 -1.64 22.86
C SER B 354 -29.95 -2.21 21.50
N ALA B 355 -28.69 -2.04 21.11
CA ALA B 355 -28.21 -2.60 19.86
C ALA B 355 -27.89 -4.08 20.04
N PRO B 356 -28.39 -4.96 19.17
CA PRO B 356 -28.10 -6.38 19.33
C PRO B 356 -26.62 -6.71 19.22
N ARG B 357 -25.92 -6.03 18.34
CA ARG B 357 -24.49 -6.26 18.11
C ARG B 357 -23.72 -5.14 18.79
N SER B 358 -22.93 -5.50 19.81
CA SER B 358 -22.23 -4.52 20.63
C SER B 358 -20.78 -4.93 20.84
N ILE B 359 -19.90 -3.94 20.91
CA ILE B 359 -18.48 -4.16 21.10
C ILE B 359 -18.08 -4.03 22.57
N GLU B 360 -19.06 -3.98 23.47
CA GLU B 360 -18.77 -3.82 24.89
C GLU B 360 -18.20 -5.11 25.48
N ILE B 367 -4.70 -11.97 33.84
CA ILE B 367 -3.33 -12.44 33.67
C ILE B 367 -2.36 -11.59 34.50
N SER B 368 -2.86 -10.48 35.02
CA SER B 368 -2.03 -9.58 35.80
C SER B 368 -2.78 -9.13 37.04
N CYS B 369 -2.03 -8.72 38.04
CA CYS B 369 -2.58 -8.23 39.31
C CYS B 369 -2.21 -6.76 39.48
N ARG B 370 -3.07 -6.05 40.21
CA ARG B 370 -2.80 -4.67 40.61
C ARG B 370 -2.99 -4.58 42.12
N PRO B 371 -1.95 -4.76 42.91
CA PRO B 371 -2.09 -4.52 44.35
C PRO B 371 -2.14 -3.03 44.66
N SER B 372 -3.29 -2.54 45.09
CA SER B 372 -3.43 -1.14 45.48
C SER B 372 -3.09 -0.92 46.96
N PHE B 373 -2.31 -1.82 47.55
CA PHE B 373 -2.00 -1.77 48.98
C PHE B 373 -0.57 -2.26 49.17
N LYS B 374 -0.04 -2.02 50.37
CA LYS B 374 1.37 -2.23 50.69
C LYS B 374 1.62 -3.58 51.35
N GLY B 375 0.90 -4.62 50.96
CA GLY B 375 1.03 -5.93 51.58
C GLY B 375 2.09 -6.78 50.92
N LYS B 376 2.92 -7.43 51.74
CA LYS B 376 3.89 -8.40 51.25
C LYS B 376 3.16 -9.72 51.00
N ARG B 377 2.83 -9.98 49.74
CA ARG B 377 2.01 -11.10 49.33
C ARG B 377 2.65 -11.81 48.15
N PRO B 378 2.30 -13.06 47.86
CA PRO B 378 2.95 -13.75 46.74
C PRO B 378 2.66 -13.07 45.42
N SER B 379 3.69 -12.98 44.58
CA SER B 379 3.58 -12.41 43.25
C SER B 379 3.64 -13.53 42.21
N TYR B 380 2.96 -13.31 41.08
CA TYR B 380 2.81 -14.36 40.08
C TYR B 380 2.75 -13.73 38.71
N ASN B 381 3.33 -14.44 37.73
CA ASN B 381 3.26 -14.07 36.33
C ASN B 381 2.43 -15.10 35.58
N ASN B 382 1.22 -14.73 35.20
CA ASN B 382 0.32 -15.63 34.49
C ASN B 382 0.64 -15.76 33.02
N PHE B 383 1.49 -14.88 32.48
CA PHE B 383 1.96 -14.99 31.10
C PHE B 383 3.47 -14.85 31.09
N THR B 384 4.15 -15.77 30.43
CA THR B 384 5.61 -15.74 30.39
C THR B 384 6.13 -14.50 29.68
N SER B 385 5.50 -14.13 28.56
CA SER B 385 5.92 -12.96 27.80
C SER B 385 4.75 -12.04 27.50
N SER B 399 -7.68 7.26 8.57
CA SER B 399 -8.65 8.20 8.01
C SER B 399 -10.03 7.98 8.62
N PHE B 400 -10.97 8.87 8.30
CA PHE B 400 -12.32 8.72 8.80
C PHE B 400 -12.99 7.47 8.22
N TYR B 401 -12.90 7.30 6.90
CA TYR B 401 -13.40 6.06 6.30
C TYR B 401 -12.66 4.85 6.83
N ASP B 402 -11.37 4.99 7.11
CA ASP B 402 -10.61 3.90 7.72
C ASP B 402 -11.17 3.55 9.10
N GLN B 403 -11.51 4.56 9.89
CA GLN B 403 -12.09 4.30 11.21
C GLN B 403 -13.46 3.62 11.08
N VAL B 404 -14.28 4.07 10.12
CA VAL B 404 -15.58 3.47 9.92
C VAL B 404 -15.42 2.00 9.53
N ARG B 405 -14.52 1.72 8.59
CA ARG B 405 -14.30 0.34 8.17
C ARG B 405 -13.72 -0.50 9.29
N GLU B 406 -12.86 0.08 10.13
CA GLU B 406 -12.29 -0.67 11.25
C GLU B 406 -13.37 -1.06 12.24
N GLU B 407 -14.24 -0.12 12.61
CA GLU B 407 -15.34 -0.47 13.51
C GLU B 407 -16.33 -1.42 12.85
N CYS B 408 -16.52 -1.31 11.54
CA CYS B 408 -17.33 -2.28 10.80
C CYS B 408 -16.75 -3.67 10.92
N GLN B 409 -15.42 -3.81 10.79
CA GLN B 409 -14.80 -5.12 10.94
C GLN B 409 -14.92 -5.62 12.37
N LYS B 410 -14.81 -4.72 13.35
CA LYS B 410 -15.03 -5.11 14.74
C LYS B 410 -16.43 -5.69 14.94
N TYR B 411 -17.44 -5.04 14.35
CA TYR B 411 -18.80 -5.58 14.40
C TYR B 411 -18.93 -6.85 13.57
N MET B 412 -18.11 -7.03 12.54
CA MET B 412 -18.07 -8.30 11.82
C MET B 412 -17.66 -9.43 12.75
N ASP B 413 -16.57 -9.23 13.50
CA ASP B 413 -16.01 -10.28 14.35
C ASP B 413 -16.93 -10.64 15.51
N LEU B 414 -17.90 -9.79 15.83
CA LEU B 414 -18.87 -10.12 16.86
C LEU B 414 -19.80 -11.22 16.38
N LYS B 415 -19.87 -12.32 17.13
CA LYS B 415 -20.72 -13.44 16.76
C LYS B 415 -21.95 -13.58 17.67
N VAL B 416 -22.29 -12.54 18.42
CA VAL B 416 -23.41 -12.59 19.35
C VAL B 416 -24.31 -11.38 19.13
N GLU B 417 -25.62 -11.63 19.09
CA GLU B 417 -26.63 -10.58 19.01
C GLU B 417 -27.34 -10.44 20.35
N GLY B 418 -28.38 -9.60 20.38
CA GLY B 418 -29.25 -9.52 21.54
C GLY B 418 -28.64 -8.79 22.73
N THR B 419 -29.42 -8.73 23.80
CA THR B 419 -29.05 -8.01 25.01
C THR B 419 -28.95 -8.90 26.24
N THR B 420 -29.98 -9.68 26.57
CA THR B 420 -29.93 -10.47 27.79
C THR B 420 -29.89 -11.98 27.56
N CYS B 421 -30.96 -12.58 27.01
CA CYS B 421 -31.01 -14.01 26.72
C CYS B 421 -32.39 -14.37 26.18
N PHE B 422 -32.46 -15.50 25.47
CA PHE B 422 -33.75 -16.08 25.11
C PHE B 422 -34.44 -16.64 26.36
N TYR B 423 -35.75 -16.81 26.26
CA TYR B 423 -36.52 -17.47 27.29
C TYR B 423 -37.42 -18.53 26.67
N ARG B 424 -37.49 -19.69 27.30
CA ARG B 424 -38.33 -20.77 26.83
C ARG B 424 -39.80 -20.46 27.09
N LYS B 425 -40.67 -21.05 26.28
CA LYS B 425 -42.10 -20.82 26.40
C LYS B 425 -42.58 -21.23 27.80
N GLY B 426 -43.35 -20.35 28.43
CA GLY B 426 -43.89 -20.59 29.75
C GLY B 426 -43.15 -19.92 30.89
N GLY B 427 -42.13 -19.13 30.61
CA GLY B 427 -41.40 -18.45 31.67
C GLY B 427 -40.19 -17.73 31.11
N HIS B 428 -39.48 -17.08 32.02
CA HIS B 428 -38.28 -16.30 31.68
C HIS B 428 -37.00 -17.06 32.00
N VAL B 429 -37.00 -18.39 31.82
CA VAL B 429 -35.79 -19.18 32.00
C VAL B 429 -34.83 -18.90 30.85
N GLU B 430 -33.58 -18.59 31.19
CA GLU B 430 -32.60 -18.17 30.18
C GLU B 430 -32.27 -19.32 29.24
N VAL B 431 -32.37 -19.05 27.93
CA VAL B 431 -32.07 -20.03 26.89
C VAL B 431 -31.17 -19.36 25.86
N GLU B 432 -30.38 -20.17 25.15
CA GLU B 432 -29.54 -19.69 24.06
CA GLU B 432 -29.54 -19.69 24.06
C GLU B 432 -29.84 -20.47 22.79
N PHE B 433 -29.96 -19.76 21.67
CA PHE B 433 -30.29 -20.39 20.40
C PHE B 433 -29.01 -20.87 19.71
N PRO B 434 -28.85 -22.18 19.48
CA PRO B 434 -27.57 -22.67 18.94
C PRO B 434 -27.38 -22.45 17.45
N GLY B 435 -28.42 -22.64 16.67
CA GLY B 435 -28.32 -22.54 15.22
C GLY B 435 -29.43 -23.31 14.53
N SER B 436 -29.52 -23.12 13.23
CA SER B 436 -30.53 -23.78 12.42
C SER B 436 -30.06 -23.86 10.98
N ALA B 437 -30.74 -24.71 10.21
CA ALA B 437 -30.37 -24.88 8.80
C ALA B 437 -30.77 -23.67 7.97
N HIS B 438 -31.98 -23.14 8.18
CA HIS B 438 -32.44 -21.95 7.48
C HIS B 438 -31.88 -20.67 8.09
N CYS B 439 -30.87 -20.78 8.95
CA CYS B 439 -30.19 -19.61 9.46
C CYS B 439 -29.46 -18.88 8.34
N ASN B 440 -29.09 -17.63 8.62
CA ASN B 440 -28.32 -16.78 7.73
C ASN B 440 -29.07 -16.47 6.44
N THR B 441 -30.35 -16.83 6.36
CA THR B 441 -31.22 -16.49 5.25
C THR B 441 -32.41 -15.70 5.78
N TYR B 442 -32.98 -14.85 4.95
CA TYR B 442 -33.99 -13.90 5.39
C TYR B 442 -35.18 -13.90 4.43
N LEU B 443 -36.23 -13.18 4.84
CA LEU B 443 -37.45 -13.11 4.02
C LEU B 443 -37.15 -12.47 2.67
N PHE B 444 -36.40 -11.38 2.65
CA PHE B 444 -35.99 -10.72 1.42
C PHE B 444 -34.53 -11.01 1.07
N GLY B 445 -33.87 -11.87 1.81
CA GLY B 445 -32.48 -12.21 1.56
C GLY B 445 -32.32 -13.30 0.52
N THR C 20 -61.21 -7.02 -21.39
CA THR C 20 -60.52 -6.27 -22.44
C THR C 20 -60.61 -7.00 -23.78
N GLU C 21 -60.33 -8.29 -23.76
CA GLU C 21 -60.36 -9.12 -24.96
C GLU C 21 -61.69 -9.84 -25.16
N SER C 22 -62.65 -9.61 -24.28
CA SER C 22 -63.94 -10.31 -24.40
C SER C 22 -64.71 -9.84 -25.63
N GLN C 23 -64.74 -8.53 -25.87
CA GLN C 23 -65.51 -7.96 -26.98
C GLN C 23 -64.73 -7.92 -28.29
N ILE C 24 -63.44 -8.32 -28.27
CA ILE C 24 -62.63 -8.25 -29.49
C ILE C 24 -63.19 -9.10 -30.62
N PRO C 25 -63.64 -10.35 -30.41
CA PRO C 25 -64.12 -11.13 -31.57
C PRO C 25 -65.31 -10.52 -32.29
N LYS C 26 -66.37 -10.17 -31.56
CA LYS C 26 -67.52 -9.53 -32.20
C LYS C 26 -67.14 -8.19 -32.81
N MET C 27 -66.20 -7.49 -32.18
CA MET C 27 -65.72 -6.21 -32.72
C MET C 27 -65.11 -6.41 -34.10
N TYR C 28 -64.17 -7.36 -34.20
CA TYR C 28 -63.57 -7.66 -35.50
C TYR C 28 -64.60 -8.14 -36.50
N GLU C 29 -65.57 -8.95 -36.04
CA GLU C 29 -66.58 -9.49 -36.94
C GLU C 29 -67.40 -8.37 -37.58
N MET C 30 -67.87 -7.41 -36.77
CA MET C 30 -68.70 -6.36 -37.34
C MET C 30 -67.85 -5.36 -38.12
N ILE C 31 -66.58 -5.18 -37.73
CA ILE C 31 -65.68 -4.36 -38.54
C ILE C 31 -65.54 -4.96 -39.93
N ARG C 32 -65.33 -6.27 -40.01
CA ARG C 32 -65.24 -6.93 -41.31
C ARG C 32 -66.56 -6.85 -42.06
N ASP C 33 -67.68 -6.97 -41.36
CA ASP C 33 -68.98 -6.89 -42.01
C ASP C 33 -69.18 -5.54 -42.68
N GLN C 34 -68.88 -4.44 -41.97
CA GLN C 34 -68.99 -3.12 -42.58
C GLN C 34 -67.95 -2.92 -43.69
N MET C 35 -66.74 -3.42 -43.46
CA MET C 35 -65.67 -3.40 -44.47
C MET C 35 -66.14 -3.97 -45.79
N ARG C 36 -66.77 -5.15 -45.75
CA ARG C 36 -67.26 -5.77 -46.98
C ARG C 36 -68.53 -5.13 -47.50
N THR C 37 -69.42 -4.67 -46.61
CA THR C 37 -70.69 -4.12 -47.05
C THR C 37 -70.49 -2.83 -47.84
N LEU C 38 -69.67 -1.91 -47.32
CA LEU C 38 -69.51 -0.63 -48.01
C LEU C 38 -68.84 -0.81 -49.37
N ALA C 39 -67.91 -1.77 -49.48
CA ALA C 39 -67.25 -2.02 -50.76
C ALA C 39 -68.19 -2.72 -51.74
N SER C 40 -68.94 -3.72 -51.28
CA SER C 40 -69.80 -4.50 -52.16
C SER C 40 -71.06 -3.75 -52.57
N THR C 41 -71.42 -2.70 -51.82
CA THR C 41 -72.59 -1.90 -52.21
C THR C 41 -72.37 -1.24 -53.57
N HIS C 42 -71.14 -0.79 -53.83
CA HIS C 42 -70.81 -0.10 -55.07
C HIS C 42 -69.80 -0.88 -55.91
N LYS C 43 -69.73 -2.20 -55.73
CA LYS C 43 -68.89 -3.08 -56.53
C LYS C 43 -67.42 -2.67 -56.46
N ILE C 44 -66.94 -2.33 -55.27
CA ILE C 44 -65.55 -2.02 -55.04
C ILE C 44 -64.83 -3.33 -54.68
N PRO C 45 -63.93 -3.83 -55.52
CA PRO C 45 -63.23 -5.08 -55.17
C PRO C 45 -62.37 -4.92 -53.94
N LEU C 46 -62.31 -5.98 -53.14
CA LEU C 46 -61.55 -5.98 -51.89
C LEU C 46 -60.22 -6.72 -52.01
N ASN C 47 -59.79 -7.07 -53.23
CA ASN C 47 -58.53 -7.75 -53.45
C ASN C 47 -57.40 -6.79 -53.80
N ILE C 48 -57.63 -5.48 -53.73
CA ILE C 48 -56.60 -4.47 -53.92
C ILE C 48 -56.36 -3.78 -52.58
N ASP C 49 -55.08 -3.57 -52.25
CA ASP C 49 -54.76 -2.95 -50.97
C ASP C 49 -55.31 -1.53 -50.87
N HIS C 50 -55.24 -0.76 -51.96
CA HIS C 50 -55.63 0.65 -51.90
C HIS C 50 -57.13 0.80 -51.65
N ASN C 51 -57.94 -0.04 -52.31
CA ASN C 51 -59.39 0.00 -52.09
C ASN C 51 -59.72 -0.22 -50.63
N CYS C 52 -59.17 -1.28 -50.05
CA CYS C 52 -59.45 -1.60 -48.65
C CYS C 52 -58.92 -0.52 -47.72
N GLU C 53 -57.73 0.00 -48.00
CA GLU C 53 -57.16 1.04 -47.14
C GLU C 53 -58.06 2.28 -47.12
N VAL C 54 -58.49 2.72 -48.30
CA VAL C 54 -59.31 3.93 -48.36
C VAL C 54 -60.67 3.69 -47.72
N ILE C 55 -61.31 2.56 -48.03
CA ILE C 55 -62.64 2.29 -47.48
C ILE C 55 -62.56 2.17 -45.96
N GLY C 56 -61.52 1.48 -45.44
CA GLY C 56 -61.36 1.37 -44.00
C GLY C 56 -61.05 2.69 -43.35
N SER C 57 -60.30 3.56 -44.03
CA SER C 57 -60.07 4.91 -43.50
C SER C 57 -61.39 5.67 -43.40
N ILE C 58 -62.26 5.53 -44.40
CA ILE C 58 -63.58 6.14 -44.34
C ILE C 58 -64.38 5.57 -43.18
N ILE C 59 -64.32 4.25 -42.98
CA ILE C 59 -65.05 3.61 -41.89
C ILE C 59 -64.55 4.13 -40.55
N MET C 60 -63.24 4.24 -40.38
CA MET C 60 -62.69 4.73 -39.12
C MET C 60 -63.04 6.20 -38.90
N ALA C 61 -63.05 6.99 -39.98
CA ALA C 61 -63.54 8.37 -39.86
C ALA C 61 -64.99 8.38 -39.38
N ALA C 62 -65.79 7.43 -39.86
CA ALA C 62 -67.15 7.29 -39.36
C ALA C 62 -67.17 6.88 -37.90
N CYS C 63 -66.16 6.13 -37.44
CA CYS C 63 -66.21 5.54 -36.11
C CYS C 63 -66.15 6.61 -35.01
N THR C 64 -65.17 7.51 -35.08
CA THR C 64 -64.93 8.44 -33.98
C THR C 64 -65.17 9.90 -34.37
N ASN C 65 -64.46 10.41 -35.37
CA ASN C 65 -64.66 11.79 -35.81
C ASN C 65 -65.72 11.81 -36.92
N ASN C 66 -66.96 11.62 -36.48
CA ASN C 66 -68.08 11.40 -37.40
C ASN C 66 -68.34 12.60 -38.29
N ARG C 67 -67.87 13.79 -37.91
CA ARG C 67 -68.13 15.00 -38.66
C ARG C 67 -67.05 15.33 -39.69
N ASP C 68 -66.01 14.49 -39.80
CA ASP C 68 -64.94 14.75 -40.76
C ASP C 68 -65.28 14.22 -42.15
N LEU C 69 -65.80 13.00 -42.23
CA LEU C 69 -66.12 12.39 -43.51
C LEU C 69 -67.49 12.86 -43.99
N ARG C 70 -67.81 12.50 -45.23
CA ARG C 70 -69.07 12.88 -45.83
CA ARG C 70 -69.07 12.88 -45.83
C ARG C 70 -70.00 11.68 -45.95
N PRO C 71 -71.32 11.88 -45.85
CA PRO C 71 -72.25 10.76 -46.03
C PRO C 71 -72.13 10.09 -47.39
N VAL C 72 -71.90 10.88 -48.43
CA VAL C 72 -71.58 10.38 -49.77
C VAL C 72 -70.37 11.16 -50.29
N ASP C 73 -69.38 10.43 -50.79
CA ASP C 73 -68.15 11.08 -51.25
C ASP C 73 -67.43 10.14 -52.21
N LYS C 74 -66.53 10.73 -52.98
CA LYS C 74 -65.72 9.99 -53.95
C LYS C 74 -64.28 9.92 -53.47
N TYR C 75 -63.69 8.73 -53.57
CA TYR C 75 -62.32 8.50 -53.16
C TYR C 75 -61.62 7.66 -54.21
N TRP C 76 -60.29 7.61 -54.13
CA TRP C 76 -59.51 6.85 -55.09
C TRP C 76 -59.73 5.35 -54.88
N PHE C 77 -60.21 4.66 -55.90
CA PHE C 77 -60.44 3.23 -55.84
C PHE C 77 -60.01 2.58 -57.15
N LEU C 78 -59.85 1.26 -57.10
CA LEU C 78 -59.45 0.46 -58.25
C LEU C 78 -60.67 -0.27 -58.78
N MET C 79 -61.15 0.15 -59.95
CA MET C 79 -62.30 -0.48 -60.60
C MET C 79 -61.82 -1.34 -61.76
N GLY C 80 -62.18 -2.62 -61.74
CA GLY C 80 -61.82 -3.53 -62.80
C GLY C 80 -61.97 -4.98 -62.38
N PRO C 81 -62.49 -5.81 -63.27
CA PRO C 81 -62.65 -7.23 -62.96
C PRO C 81 -61.44 -8.07 -63.38
N ALA C 82 -60.99 -8.95 -62.48
CA ALA C 82 -59.94 -9.92 -62.76
C ALA C 82 -58.65 -9.22 -63.22
N GLY C 83 -58.13 -8.35 -62.35
CA GLY C 83 -56.86 -7.71 -62.59
C GLY C 83 -56.88 -6.52 -63.52
N ALA C 84 -58.05 -6.11 -64.02
CA ALA C 84 -58.17 -4.97 -64.93
C ALA C 84 -58.48 -3.68 -64.20
N GLU C 85 -58.05 -3.55 -62.95
CA GLU C 85 -58.38 -2.37 -62.15
C GLU C 85 -57.51 -1.19 -62.54
N VAL C 86 -58.13 -0.02 -62.63
CA VAL C 86 -57.44 1.24 -62.91
C VAL C 86 -57.93 2.28 -61.91
N MET C 87 -57.06 3.21 -61.55
CA MET C 87 -57.42 4.24 -60.58
C MET C 87 -58.54 5.13 -61.10
N THR C 88 -59.56 5.32 -60.25
CA THR C 88 -60.66 6.23 -60.52
C THR C 88 -61.35 6.51 -59.20
N GLU C 89 -62.20 7.54 -59.20
CA GLU C 89 -62.92 7.94 -58.00
C GLU C 89 -64.34 7.42 -58.06
N VAL C 90 -64.76 6.69 -57.03
CA VAL C 90 -66.07 6.05 -56.98
C VAL C 90 -66.84 6.62 -55.80
N GLU C 91 -68.06 7.09 -56.07
CA GLU C 91 -68.93 7.55 -54.99
C GLU C 91 -69.43 6.36 -54.18
N ILE C 92 -69.52 6.56 -52.86
CA ILE C 92 -70.00 5.52 -51.96
C ILE C 92 -71.00 6.13 -50.99
N ASP C 93 -71.91 5.29 -50.50
CA ASP C 93 -72.93 5.69 -49.54
C ASP C 93 -72.50 5.20 -48.16
N ILE C 94 -71.89 6.11 -47.39
CA ILE C 94 -71.34 5.74 -46.08
C ILE C 94 -72.41 5.77 -45.00
N GLN C 95 -73.57 6.37 -45.27
CA GLN C 95 -74.61 6.49 -44.26
C GLN C 95 -75.02 5.18 -43.59
N PRO C 96 -75.20 4.06 -44.31
CA PRO C 96 -75.46 2.80 -43.59
C PRO C 96 -74.35 2.43 -42.64
N GLN C 97 -73.09 2.70 -43.00
CA GLN C 97 -71.98 2.47 -42.08
C GLN C 97 -71.89 3.57 -41.04
N LEU C 98 -72.25 4.80 -41.39
CA LEU C 98 -72.25 5.89 -40.43
C LEU C 98 -73.20 5.61 -39.27
N GLN C 99 -74.39 5.08 -39.57
CA GLN C 99 -75.36 4.80 -38.53
C GLN C 99 -74.82 3.78 -37.53
N TRP C 100 -74.23 2.69 -38.03
CA TRP C 100 -73.64 1.69 -37.14
C TRP C 100 -72.48 2.29 -36.34
N ALA C 101 -71.63 3.07 -37.00
CA ALA C 101 -70.47 3.64 -36.31
C ALA C 101 -70.90 4.57 -35.17
N LYS C 102 -71.92 5.39 -35.41
CA LYS C 102 -72.38 6.30 -34.36
C LYS C 102 -73.19 5.56 -33.28
N GLY C 103 -73.91 4.51 -33.65
CA GLY C 103 -74.66 3.75 -32.66
C GLY C 103 -73.79 2.86 -31.79
N ALA C 104 -72.61 2.49 -32.27
CA ALA C 104 -71.69 1.69 -31.46
C ALA C 104 -70.88 2.55 -30.50
N VAL C 105 -71.01 3.88 -30.55
CA VAL C 105 -70.15 4.76 -29.76
C VAL C 105 -70.35 4.50 -28.27
N HIS C 106 -71.60 4.39 -27.83
CA HIS C 106 -71.91 4.17 -26.42
C HIS C 106 -72.82 2.97 -26.22
N ASP C 107 -72.65 1.95 -27.05
CA ASP C 107 -73.40 0.71 -26.86
C ASP C 107 -72.87 -0.02 -25.64
N PRO C 108 -73.72 -0.37 -24.67
CA PRO C 108 -73.22 -1.03 -23.44
C PRO C 108 -72.59 -2.39 -23.69
N LYS C 109 -72.77 -2.98 -24.88
CA LYS C 109 -72.22 -4.30 -25.16
C LYS C 109 -70.70 -4.30 -25.17
N TYR C 110 -70.04 -3.14 -25.25
CA TYR C 110 -68.59 -3.07 -25.29
C TYR C 110 -67.96 -2.86 -23.93
N LYS C 111 -68.76 -2.65 -22.89
CA LYS C 111 -68.26 -2.45 -21.53
C LYS C 111 -67.28 -1.28 -21.45
N GLY C 112 -67.50 -0.26 -22.27
CA GLY C 112 -66.62 0.89 -22.31
C GLY C 112 -65.33 0.69 -23.08
N GLN C 113 -65.15 -0.45 -23.72
CA GLN C 113 -63.93 -0.75 -24.48
C GLN C 113 -64.03 -0.34 -25.93
N TRP C 114 -65.15 0.27 -26.34
CA TRP C 114 -65.29 0.72 -27.72
C TRP C 114 -64.28 1.81 -28.08
N TYR C 115 -64.16 2.82 -27.22
CA TYR C 115 -63.19 3.88 -27.44
C TYR C 115 -61.74 3.38 -27.45
N PRO C 116 -61.27 2.57 -26.48
CA PRO C 116 -59.91 2.04 -26.60
C PRO C 116 -59.70 1.19 -27.83
N PHE C 117 -60.69 0.37 -28.20
CA PHE C 117 -60.55 -0.46 -29.40
C PHE C 117 -60.43 0.40 -30.65
N LEU C 118 -61.23 1.46 -30.74
CA LEU C 118 -61.14 2.35 -31.88
C LEU C 118 -59.81 3.11 -31.90
N ALA C 119 -59.32 3.49 -30.72
CA ALA C 119 -58.00 4.13 -30.67
C ALA C 119 -56.92 3.20 -31.19
N LEU C 120 -56.97 1.93 -30.77
CA LEU C 120 -56.02 0.95 -31.28
C LEU C 120 -56.15 0.78 -32.79
N LEU C 121 -57.38 0.72 -33.29
CA LEU C 121 -57.61 0.56 -34.73
C LEU C 121 -57.03 1.73 -35.51
N GLN C 122 -57.28 2.95 -35.05
CA GLN C 122 -56.76 4.14 -35.74
C GLN C 122 -55.24 4.17 -35.70
N ILE C 123 -54.65 3.87 -34.54
CA ILE C 123 -53.20 3.87 -34.41
C ILE C 123 -52.58 2.84 -35.36
N SER C 124 -53.18 1.65 -35.42
CA SER C 124 -52.64 0.61 -36.31
C SER C 124 -52.80 0.99 -37.78
N ASN C 125 -53.92 1.62 -38.13
CA ASN C 125 -54.25 1.87 -39.53
C ASN C 125 -53.71 3.19 -40.07
N LYS C 126 -53.13 4.04 -39.23
CA LYS C 126 -52.52 5.29 -39.69
C LYS C 126 -51.02 5.16 -39.86
N THR C 127 -50.54 4.01 -40.33
CA THR C 127 -49.12 3.72 -40.42
C THR C 127 -48.57 3.65 -41.84
N LYS C 128 -49.33 3.11 -42.79
CA LYS C 128 -48.81 2.89 -44.13
C LYS C 128 -48.48 4.20 -44.83
N ASP C 129 -49.36 5.19 -44.72
CA ASP C 129 -49.11 6.48 -45.35
C ASP C 129 -47.86 7.15 -44.77
N THR C 130 -47.68 7.05 -43.45
CA THR C 130 -46.48 7.60 -42.83
C THR C 130 -45.23 6.86 -43.29
N ILE C 131 -45.31 5.55 -43.45
CA ILE C 131 -44.16 4.78 -43.91
C ILE C 131 -43.79 5.17 -45.34
N LEU C 132 -44.80 5.27 -46.22
CA LEU C 132 -44.53 5.59 -47.62
C LEU C 132 -44.09 7.04 -47.79
N TRP C 133 -44.75 7.97 -47.12
CA TRP C 133 -44.36 9.37 -47.10
C TRP C 133 -43.65 9.62 -45.78
N GLN C 134 -42.33 9.48 -45.80
CA GLN C 134 -41.53 9.53 -44.58
C GLN C 134 -41.53 10.95 -44.01
N LYS C 135 -42.31 11.16 -42.96
CA LYS C 135 -42.41 12.45 -42.29
C LYS C 135 -42.20 12.25 -40.78
N TYR C 136 -41.71 13.31 -40.13
CA TYR C 136 -41.45 13.30 -38.69
C TYR C 136 -42.09 14.53 -38.08
N PRO C 137 -43.42 14.54 -37.92
CA PRO C 137 -44.08 15.77 -37.42
C PRO C 137 -43.85 16.02 -35.94
N VAL C 138 -43.94 15.00 -35.10
CA VAL C 138 -43.88 15.20 -33.65
C VAL C 138 -42.50 15.68 -33.25
N THR C 139 -41.45 15.02 -33.74
CA THR C 139 -40.09 15.40 -33.37
C THR C 139 -39.75 16.80 -33.90
N GLN C 140 -40.18 17.12 -35.11
CA GLN C 140 -39.94 18.45 -35.66
C GLN C 140 -40.65 19.53 -34.85
N GLU C 141 -41.90 19.28 -34.47
CA GLU C 141 -42.62 20.24 -33.64
C GLU C 141 -42.01 20.35 -32.25
N LEU C 142 -41.38 19.27 -31.77
CA LEU C 142 -40.69 19.28 -30.48
C LEU C 142 -39.22 19.69 -30.61
N GLU C 143 -38.76 20.01 -31.81
CA GLU C 143 -37.39 20.50 -32.04
C GLU C 143 -36.35 19.53 -31.47
N ILE C 144 -36.52 18.25 -31.76
CA ILE C 144 -35.63 17.20 -31.30
C ILE C 144 -35.18 16.38 -32.51
N SER C 145 -34.42 15.33 -32.24
CA SER C 145 -33.89 14.49 -33.31
C SER C 145 -35.03 13.85 -34.10
N ASN C 146 -34.95 13.94 -35.43
CA ASN C 146 -36.03 13.44 -36.27
C ASN C 146 -36.07 11.93 -36.32
N SER C 147 -34.92 11.27 -36.14
CA SER C 147 -34.88 9.81 -36.13
C SER C 147 -35.57 9.21 -34.91
N LEU C 148 -35.93 10.03 -33.92
CA LEU C 148 -36.57 9.57 -32.70
C LEU C 148 -38.09 9.65 -32.76
N GLU C 149 -38.66 9.79 -33.95
CA GLU C 149 -40.11 9.67 -34.15
C GLU C 149 -40.55 8.25 -33.79
N ILE C 150 -39.58 7.34 -33.67
CA ILE C 150 -39.82 5.98 -33.28
C ILE C 150 -40.54 5.88 -31.93
N TYR C 151 -40.56 6.97 -31.16
CA TYR C 151 -41.30 7.04 -29.91
C TYR C 151 -42.50 7.99 -30.00
N ALA C 152 -42.95 8.31 -31.21
CA ALA C 152 -44.04 9.24 -31.44
C ALA C 152 -45.26 8.54 -32.02
N ASN C 153 -45.58 7.35 -31.50
CA ASN C 153 -46.74 6.63 -31.95
C ASN C 153 -48.02 7.28 -31.46
N GLY C 154 -49.07 7.20 -32.28
CA GLY C 154 -50.36 7.74 -31.91
C GLY C 154 -50.57 9.21 -32.20
N HIS C 155 -49.84 9.77 -33.16
CA HIS C 155 -50.07 11.15 -33.55
C HIS C 155 -51.22 11.24 -34.55
N GLY C 156 -51.99 12.32 -34.45
CA GLY C 156 -53.11 12.54 -35.33
C GLY C 156 -54.38 11.81 -34.94
N ILE C 157 -54.36 11.05 -33.84
CA ILE C 157 -55.55 10.34 -33.40
C ILE C 157 -56.51 11.32 -32.72
N LYS C 158 -57.78 10.93 -32.66
CA LYS C 158 -58.79 11.77 -32.02
C LYS C 158 -58.48 11.93 -30.54
N ASP C 159 -58.78 13.11 -30.00
CA ASP C 159 -58.52 13.39 -28.59
C ASP C 159 -59.30 12.44 -27.69
N ARG C 160 -60.54 12.10 -28.07
CA ARG C 160 -61.28 11.09 -27.34
C ARG C 160 -60.55 9.76 -27.38
N LEU C 161 -60.03 9.39 -28.56
CA LEU C 161 -59.24 8.16 -28.67
C LEU C 161 -57.92 8.29 -27.91
N LYS C 162 -57.30 9.46 -27.96
CA LYS C 162 -56.02 9.65 -27.28
C LYS C 162 -56.17 9.50 -25.77
N ASN C 163 -57.31 9.95 -25.22
CA ASN C 163 -57.62 9.66 -23.83
C ASN C 163 -58.09 8.21 -23.64
N SER C 164 -58.60 7.58 -24.70
CA SER C 164 -59.07 6.20 -24.60
C SER C 164 -57.90 5.22 -24.50
N ARG C 165 -56.88 5.40 -25.33
CA ARG C 165 -55.66 4.59 -25.27
C ARG C 165 -54.45 5.51 -25.22
N PRO C 166 -54.25 6.20 -24.10
CA PRO C 166 -53.08 7.08 -23.97
C PRO C 166 -51.79 6.28 -23.82
N ARG C 167 -51.91 5.07 -23.27
CA ARG C 167 -50.75 4.19 -23.16
C ARG C 167 -50.22 3.80 -24.54
N SER C 168 -51.13 3.49 -25.47
CA SER C 168 -50.70 3.18 -26.84
C SER C 168 -50.17 4.43 -27.54
N VAL C 169 -50.75 5.59 -27.24
CA VAL C 169 -50.22 6.84 -27.77
C VAL C 169 -48.80 7.03 -27.23
N GLY C 170 -47.85 7.17 -28.14
CA GLY C 170 -46.45 7.19 -27.77
C GLY C 170 -46.08 8.35 -26.86
N PRO C 171 -44.97 8.20 -26.15
CA PRO C 171 -44.55 9.28 -25.23
C PRO C 171 -44.31 10.60 -25.93
N LEU C 172 -43.79 10.58 -27.16
CA LEU C 172 -43.53 11.85 -27.84
C LEU C 172 -44.82 12.55 -28.27
N VAL C 173 -45.88 11.80 -28.56
CA VAL C 173 -47.15 12.45 -28.90
C VAL C 173 -47.76 13.12 -27.67
N HIS C 174 -47.71 12.44 -26.53
CA HIS C 174 -48.17 13.06 -25.29
C HIS C 174 -47.32 14.28 -24.94
N LEU C 175 -46.00 14.17 -25.12
CA LEU C 175 -45.14 15.31 -24.88
C LEU C 175 -45.41 16.43 -25.86
N LEU C 176 -45.82 16.10 -27.09
CA LEU C 176 -46.17 17.12 -28.06
C LEU C 176 -47.44 17.85 -27.64
N HIS C 177 -48.43 17.11 -27.13
CA HIS C 177 -49.63 17.77 -26.60
C HIS C 177 -49.28 18.65 -25.40
N LEU C 178 -48.41 18.18 -24.52
CA LEU C 178 -47.96 19.00 -23.40
C LEU C 178 -47.23 20.25 -23.89
N LYS C 179 -46.40 20.10 -24.93
CA LYS C 179 -45.69 21.24 -25.49
C LYS C 179 -46.65 22.24 -26.12
N ARG C 180 -47.70 21.74 -26.78
CA ARG C 180 -48.74 22.62 -27.31
C ARG C 180 -49.43 23.37 -26.19
N LEU C 181 -49.70 22.69 -25.07
CA LEU C 181 -50.30 23.35 -23.92
C LEU C 181 -49.39 24.42 -23.34
N GLN C 182 -48.08 24.14 -23.27
CA GLN C 182 -47.14 25.11 -22.73
C GLN C 182 -46.95 26.30 -23.66
N GLU C 183 -47.00 26.07 -24.98
CA GLU C 183 -46.70 27.12 -25.93
C GLU C 183 -47.73 28.25 -25.88
N ASN C 184 -49.00 27.90 -25.74
CA ASN C 184 -50.06 28.90 -25.70
C ASN C 184 -50.00 29.73 -24.42
N SER C 188 -59.97 27.46 -16.20
CA SER C 188 -60.34 26.36 -17.07
C SER C 188 -59.82 25.02 -16.53
N PRO C 189 -60.69 24.26 -15.86
CA PRO C 189 -60.28 22.96 -15.32
C PRO C 189 -60.07 21.87 -16.36
N ALA C 190 -60.67 22.02 -17.55
CA ALA C 190 -60.43 21.04 -18.61
C ALA C 190 -58.97 21.02 -19.03
N VAL C 191 -58.33 22.19 -19.09
CA VAL C 191 -56.90 22.25 -19.39
C VAL C 191 -56.11 21.50 -18.33
N ASN C 192 -56.46 21.70 -17.06
CA ASN C 192 -55.77 20.99 -15.99
CA ASN C 192 -55.76 21.00 -15.99
C ASN C 192 -55.95 19.49 -16.11
N GLY C 193 -57.15 19.04 -16.41
CA GLY C 193 -57.39 17.60 -16.55
C GLY C 193 -56.62 17.01 -17.72
N ILE C 194 -56.64 17.69 -18.87
CA ILE C 194 -55.90 17.19 -20.03
C ILE C 194 -54.41 17.14 -19.73
N ARG C 195 -53.88 18.20 -19.09
CA ARG C 195 -52.47 18.24 -18.77
C ARG C 195 -52.07 17.16 -17.79
N LYS C 196 -52.89 16.93 -16.76
CA LYS C 196 -52.54 15.91 -15.77
C LYS C 196 -52.60 14.52 -16.38
N SER C 197 -53.60 14.27 -17.24
CA SER C 197 -53.64 12.98 -17.94
C SER C 197 -52.41 12.80 -18.82
N ILE C 198 -52.04 13.84 -19.55
CA ILE C 198 -50.88 13.78 -20.44
C ILE C 198 -49.62 13.49 -19.64
N VAL C 199 -49.43 14.19 -18.53
CA VAL C 199 -48.20 14.02 -17.75
C VAL C 199 -48.17 12.65 -17.08
N GLY C 200 -49.31 12.18 -16.58
CA GLY C 200 -49.36 10.85 -16.00
C GLY C 200 -49.03 9.77 -17.02
N HIS C 201 -49.54 9.90 -18.24
CA HIS C 201 -49.24 8.90 -19.26
C HIS C 201 -47.81 9.02 -19.74
N LEU C 202 -47.25 10.23 -19.75
CA LEU C 202 -45.84 10.41 -20.03
C LEU C 202 -44.98 9.69 -19.00
N LYS C 203 -45.32 9.83 -17.72
CA LYS C 203 -44.57 9.16 -16.67
C LYS C 203 -44.75 7.65 -16.75
N ARG C 204 -45.96 7.19 -17.08
CA ARG C 204 -46.19 5.76 -17.24
C ARG C 204 -45.36 5.18 -18.38
N GLN C 205 -45.31 5.89 -19.52
CA GLN C 205 -44.58 5.37 -20.67
C GLN C 205 -43.07 5.45 -20.45
N CYS C 206 -42.59 6.58 -19.95
CA CYS C 206 -41.16 6.77 -19.68
C CYS C 206 -40.88 6.33 -18.25
N ILE C 207 -40.35 5.12 -18.09
CA ILE C 207 -40.18 4.51 -16.77
C ILE C 207 -38.92 5.04 -16.11
N GLY C 208 -38.15 5.86 -16.82
CA GLY C 208 -36.94 6.43 -16.26
C GLY C 208 -37.22 7.40 -15.13
N GLU C 209 -36.57 7.20 -13.98
CA GLU C 209 -36.77 8.10 -12.84
C GLU C 209 -36.32 9.51 -13.19
N THR C 210 -35.11 9.65 -13.76
CA THR C 210 -34.68 10.94 -14.25
C THR C 210 -35.56 11.39 -15.41
N GLN C 211 -35.96 10.45 -16.27
CA GLN C 211 -36.89 10.76 -17.33
C GLN C 211 -38.22 11.26 -16.76
N LYS C 212 -38.69 10.64 -15.68
CA LYS C 212 -39.93 11.11 -15.04
C LYS C 212 -39.77 12.51 -14.47
N ALA C 213 -38.65 12.77 -13.78
CA ALA C 213 -38.45 14.09 -13.17
C ALA C 213 -38.36 15.17 -14.24
N MET C 214 -37.67 14.90 -15.34
CA MET C 214 -37.58 15.87 -16.42
C MET C 214 -38.87 15.95 -17.26
N ILE C 215 -39.68 14.90 -17.29
CA ILE C 215 -41.04 15.05 -17.81
C ILE C 215 -41.85 15.99 -16.94
N ASN C 216 -41.70 15.87 -15.62
CA ASN C 216 -42.34 16.82 -14.71
C ASN C 216 -41.83 18.24 -14.95
N GLN C 217 -40.53 18.37 -15.22
CA GLN C 217 -39.98 19.66 -15.62
C GLN C 217 -40.68 20.19 -16.87
N PHE C 218 -40.94 19.31 -17.84
CA PHE C 218 -41.72 19.71 -19.02
C PHE C 218 -43.14 20.12 -18.62
N GLU C 219 -43.68 19.51 -17.57
CA GLU C 219 -45.06 19.79 -17.17
C GLU C 219 -45.23 21.23 -16.74
N MET C 220 -44.39 21.70 -15.81
CA MET C 220 -44.38 23.12 -15.49
C MET C 220 -43.79 23.92 -16.64
N GLY C 221 -42.91 23.31 -17.42
CA GLY C 221 -42.30 23.92 -18.58
C GLY C 221 -40.83 24.18 -18.38
N ARG C 222 -39.99 23.24 -18.83
CA ARG C 222 -38.55 23.39 -18.87
C ARG C 222 -38.06 22.51 -20.01
N TRP C 223 -37.96 23.08 -21.21
CA TRP C 223 -37.59 22.31 -22.39
C TRP C 223 -36.11 22.42 -22.72
N GLU C 224 -35.29 22.88 -21.77
CA GLU C 224 -33.85 22.73 -21.92
C GLU C 224 -33.46 21.26 -21.90
N SER C 225 -34.27 20.42 -21.27
CA SER C 225 -34.10 18.97 -21.27
C SER C 225 -34.91 18.30 -22.38
N LEU C 226 -35.56 19.07 -23.25
CA LEU C 226 -36.29 18.47 -24.36
C LEU C 226 -35.35 17.76 -25.32
N SER C 227 -34.22 18.39 -25.66
CA SER C 227 -33.17 17.68 -26.38
C SER C 227 -32.60 16.56 -25.52
N THR C 228 -32.45 16.81 -24.22
CA THR C 228 -32.10 15.75 -23.29
C THR C 228 -33.18 14.68 -23.26
N PHE C 229 -34.46 15.07 -23.40
CA PHE C 229 -35.52 14.07 -23.47
C PHE C 229 -35.37 13.18 -24.70
N ALA C 230 -35.03 13.78 -25.83
CA ALA C 230 -34.77 12.99 -27.04
C ALA C 230 -33.58 12.06 -26.83
N ALA C 231 -32.50 12.58 -26.24
CA ALA C 231 -31.32 11.76 -26.00
C ALA C 231 -31.64 10.59 -25.08
N SER C 232 -32.45 10.83 -24.05
CA SER C 232 -32.85 9.78 -23.14
C SER C 232 -33.71 8.74 -23.86
N LEU C 233 -34.76 9.19 -24.56
CA LEU C 233 -35.59 8.27 -25.32
C LEU C 233 -34.74 7.39 -26.22
N LEU C 234 -33.75 8.00 -26.88
CA LEU C 234 -32.80 7.24 -27.67
C LEU C 234 -32.07 6.22 -26.81
N ALA C 235 -31.64 6.63 -25.61
CA ALA C 235 -30.93 5.74 -24.70
C ALA C 235 -31.89 4.86 -23.88
N ILE C 236 -32.70 5.48 -23.02
CA ILE C 236 -33.70 4.76 -22.26
CA ILE C 236 -33.71 4.78 -22.25
C ILE C 236 -34.95 4.63 -23.13
N LYS C 237 -35.39 3.40 -23.34
CA LYS C 237 -36.52 3.14 -24.23
C LYS C 237 -37.81 3.11 -23.41
N PRO C 238 -38.75 4.00 -23.68
CA PRO C 238 -39.95 4.09 -22.83
C PRO C 238 -40.87 2.89 -23.03
N ARG C 239 -41.76 2.70 -22.05
CA ARG C 239 -42.77 1.65 -22.13
C ARG C 239 -43.73 1.94 -23.27
N ILE C 240 -43.94 0.94 -24.12
CA ILE C 240 -44.82 1.07 -25.28
C ILE C 240 -45.80 -0.09 -25.20
N GLU C 241 -47.04 0.20 -24.79
CA GLU C 241 -48.08 -0.81 -24.84
C GLU C 241 -48.52 -1.04 -26.28
N ASN C 242 -48.82 -2.29 -26.60
CA ASN C 242 -49.17 -2.66 -27.97
C ASN C 242 -50.28 -3.71 -27.93
N HIS C 243 -50.95 -3.85 -29.08
CA HIS C 243 -51.98 -4.86 -29.27
C HIS C 243 -51.98 -5.27 -30.73
N PHE C 244 -52.24 -6.56 -30.97
CA PHE C 244 -52.23 -7.11 -32.33
C PHE C 244 -53.57 -6.84 -32.98
N VAL C 245 -53.62 -5.84 -33.85
CA VAL C 245 -54.82 -5.50 -34.60
C VAL C 245 -54.47 -5.49 -36.09
N LEU C 246 -55.27 -6.18 -36.89
CA LEU C 246 -55.03 -6.26 -38.32
C LEU C 246 -55.43 -4.96 -39.01
N THR C 247 -54.99 -4.81 -40.26
CA THR C 247 -55.29 -3.65 -41.07
C THR C 247 -56.56 -3.91 -41.89
N TYR C 248 -56.99 -2.88 -42.62
CA TYR C 248 -58.22 -2.98 -43.41
C TYR C 248 -58.17 -4.08 -44.46
N PRO C 249 -57.14 -4.19 -45.31
CA PRO C 249 -57.14 -5.27 -46.31
C PRO C 249 -57.14 -6.66 -45.70
N LEU C 250 -56.43 -6.86 -44.60
CA LEU C 250 -56.39 -8.18 -43.98
C LEU C 250 -57.66 -8.48 -43.19
N ILE C 251 -58.26 -7.44 -42.58
CA ILE C 251 -59.54 -7.63 -41.91
C ILE C 251 -60.61 -8.02 -42.93
N ALA C 252 -60.62 -7.34 -44.08
CA ALA C 252 -61.56 -7.71 -45.14
C ALA C 252 -61.27 -9.09 -45.71
N ASN C 253 -60.05 -9.59 -45.55
CA ASN C 253 -59.66 -10.90 -46.05
C ASN C 253 -59.57 -11.95 -44.95
N CYS C 254 -60.02 -11.63 -43.73
CA CYS C 254 -59.98 -12.55 -42.61
C CYS C 254 -61.34 -13.21 -42.46
N GLU C 255 -61.37 -14.54 -42.51
CA GLU C 255 -62.61 -15.31 -42.41
CA GLU C 255 -62.61 -15.30 -42.42
C GLU C 255 -62.76 -16.04 -41.08
N ASP C 256 -61.86 -15.80 -40.13
CA ASP C 256 -61.90 -16.47 -38.84
C ASP C 256 -61.75 -15.45 -37.73
N PHE C 257 -62.69 -15.45 -36.78
CA PHE C 257 -62.63 -14.58 -35.61
C PHE C 257 -63.10 -15.31 -34.35
N ALA C 258 -62.98 -16.64 -34.32
CA ALA C 258 -63.47 -17.40 -33.18
C ALA C 258 -62.66 -17.11 -31.92
N GLY C 259 -61.34 -17.19 -32.02
CA GLY C 259 -60.48 -16.95 -30.87
C GLY C 259 -59.78 -15.62 -30.92
N ALA C 260 -60.49 -14.58 -31.36
CA ALA C 260 -59.89 -13.27 -31.55
C ALA C 260 -59.62 -12.58 -30.22
N THR C 261 -58.41 -12.77 -29.69
CA THR C 261 -57.95 -12.06 -28.49
C THR C 261 -56.74 -11.20 -28.87
N LEU C 262 -56.11 -10.60 -27.87
CA LEU C 262 -55.03 -9.66 -28.09
C LEU C 262 -53.70 -10.09 -27.47
N SER C 263 -53.61 -11.30 -26.90
CA SER C 263 -52.38 -11.72 -26.23
C SER C 263 -52.08 -13.19 -26.52
N ASP C 264 -52.18 -13.60 -27.78
CA ASP C 264 -51.85 -14.97 -28.16
C ASP C 264 -51.43 -15.00 -29.62
N GLU C 265 -51.28 -16.21 -30.15
CA GLU C 265 -50.86 -16.45 -31.53
C GLU C 265 -52.02 -16.50 -32.50
N TRP C 266 -53.24 -16.21 -32.04
CA TRP C 266 -54.38 -16.24 -32.94
C TRP C 266 -54.21 -15.26 -34.08
N VAL C 267 -53.73 -14.05 -33.79
CA VAL C 267 -53.52 -13.06 -34.84
C VAL C 267 -52.49 -13.55 -35.84
N PHE C 268 -51.37 -14.09 -35.34
CA PHE C 268 -50.31 -14.58 -36.22
C PHE C 268 -50.84 -15.68 -37.14
N LYS C 269 -51.53 -16.67 -36.58
CA LYS C 269 -52.04 -17.77 -37.38
C LYS C 269 -53.07 -17.28 -38.40
N ALA C 270 -53.97 -16.38 -37.98
CA ALA C 270 -55.00 -15.89 -38.88
C ALA C 270 -54.39 -15.13 -40.06
N MET C 271 -53.44 -14.23 -39.78
CA MET C 271 -52.89 -13.45 -40.89
C MET C 271 -51.92 -14.26 -41.73
N GLU C 272 -51.28 -15.29 -41.15
CA GLU C 272 -50.52 -16.24 -41.97
C GLU C 272 -51.43 -16.99 -42.92
N LYS C 273 -52.61 -17.41 -42.43
CA LYS C 273 -53.57 -18.07 -43.31
C LYS C 273 -54.06 -17.12 -44.40
N ILE C 274 -54.28 -15.86 -44.04
CA ILE C 274 -54.69 -14.87 -45.04
C ILE C 274 -53.61 -14.72 -46.12
N SER C 275 -52.35 -14.65 -45.71
CA SER C 275 -51.25 -14.57 -46.67
C SER C 275 -51.19 -15.81 -47.55
N ASN C 276 -51.39 -16.98 -46.95
CA ASN C 276 -51.39 -18.23 -47.72
C ASN C 276 -52.55 -18.26 -48.71
N LYS C 277 -53.65 -17.56 -48.41
CA LYS C 277 -54.76 -17.49 -49.35
C LYS C 277 -54.35 -16.77 -50.63
N LYS C 278 -53.48 -15.76 -50.52
CA LYS C 278 -52.95 -15.02 -51.66
C LYS C 278 -54.08 -14.39 -52.48
N THR C 279 -55.03 -13.76 -51.79
CA THR C 279 -56.16 -13.11 -52.43
C THR C 279 -56.08 -11.59 -52.42
N LEU C 280 -55.01 -11.01 -51.87
CA LEU C 280 -54.88 -9.57 -51.74
C LEU C 280 -53.71 -9.07 -52.58
N ARG C 281 -53.94 -7.98 -53.29
CA ARG C 281 -52.91 -7.33 -54.11
C ARG C 281 -52.53 -5.99 -53.51
N VAL C 282 -51.24 -5.67 -53.57
CA VAL C 282 -50.72 -4.42 -53.04
C VAL C 282 -50.44 -3.47 -54.20
N CYS C 283 -50.38 -2.18 -53.88
CA CYS C 283 -50.13 -1.14 -54.86
C CYS C 283 -48.85 -0.39 -54.52
N GLY C 284 -48.24 0.20 -55.54
CA GLY C 284 -47.03 0.97 -55.38
C GLY C 284 -46.60 1.64 -56.68
N PRO C 285 -45.56 2.47 -56.60
CA PRO C 285 -45.07 3.13 -57.82
C PRO C 285 -44.57 2.16 -58.87
N ASP C 286 -43.98 1.04 -58.45
CA ASP C 286 -43.45 0.05 -59.38
C ASP C 286 -43.37 -1.28 -58.65
N GLU C 287 -43.24 -2.35 -59.44
CA GLU C 287 -43.31 -3.70 -58.89
C GLU C 287 -42.12 -4.07 -58.01
N LYS C 288 -41.06 -3.25 -58.01
CA LYS C 288 -39.97 -3.49 -57.07
C LYS C 288 -40.41 -3.32 -55.63
N TRP C 289 -41.53 -2.62 -55.40
CA TRP C 289 -42.04 -2.36 -54.06
C TRP C 289 -42.84 -3.53 -53.49
N ILE C 290 -42.82 -4.70 -54.12
CA ILE C 290 -43.63 -5.81 -53.62
C ILE C 290 -43.15 -6.28 -52.25
N SER C 291 -41.84 -6.49 -52.11
CA SER C 291 -41.28 -6.86 -50.81
C SER C 291 -41.46 -5.73 -49.80
N PHE C 292 -41.31 -4.48 -50.25
CA PHE C 292 -41.50 -3.35 -49.36
C PHE C 292 -42.92 -3.31 -48.81
N MET C 293 -43.91 -3.59 -49.65
CA MET C 293 -45.29 -3.59 -49.20
C MET C 293 -45.59 -4.78 -48.30
N ASN C 294 -44.98 -5.94 -48.58
CA ASN C 294 -45.13 -7.08 -47.68
C ASN C 294 -44.59 -6.75 -46.29
N GLN C 295 -43.40 -6.14 -46.25
CA GLN C 295 -42.82 -5.73 -44.97
C GLN C 295 -43.64 -4.62 -44.31
N ILE C 296 -44.25 -3.74 -45.11
CA ILE C 296 -45.13 -2.72 -44.57
C ILE C 296 -46.34 -3.36 -43.90
N TYR C 297 -46.91 -4.38 -44.54
CA TYR C 297 -48.00 -5.12 -43.93
C TYR C 297 -47.56 -5.76 -42.62
N ILE C 298 -46.37 -6.35 -42.61
CA ILE C 298 -45.85 -6.96 -41.38
C ILE C 298 -45.73 -5.91 -40.29
N HIS C 299 -45.15 -4.76 -40.62
CA HIS C 299 -44.99 -3.68 -39.65
C HIS C 299 -46.33 -3.20 -39.12
N SER C 300 -47.31 -3.01 -40.02
CA SER C 300 -48.60 -2.51 -39.60
C SER C 300 -49.33 -3.51 -38.71
N VAL C 301 -49.23 -4.80 -39.03
CA VAL C 301 -49.91 -5.81 -38.22
C VAL C 301 -49.27 -5.93 -36.85
N PHE C 302 -47.94 -6.00 -36.79
CA PHE C 302 -47.25 -6.27 -35.54
C PHE C 302 -46.61 -5.02 -34.93
N GLN C 303 -46.94 -3.84 -35.43
CA GLN C 303 -46.39 -2.57 -34.94
C GLN C 303 -44.87 -2.56 -34.93
N THR C 304 -44.25 -3.33 -35.82
CA THR C 304 -42.80 -3.54 -35.82
C THR C 304 -42.06 -2.58 -36.76
N THR C 305 -42.61 -1.39 -37.00
CA THR C 305 -41.91 -0.42 -37.82
C THR C 305 -40.58 -0.02 -37.17
N GLY C 306 -40.59 0.17 -35.86
CA GLY C 306 -39.38 0.48 -35.12
C GLY C 306 -38.55 -0.70 -34.68
N GLU C 307 -39.04 -1.91 -34.87
CA GLU C 307 -38.31 -3.10 -34.44
C GLU C 307 -37.04 -3.28 -35.25
N ASP C 308 -36.04 -3.90 -34.62
CA ASP C 308 -34.78 -4.20 -35.28
C ASP C 308 -35.03 -5.08 -36.50
N LEU C 309 -34.37 -4.73 -37.62
CA LEU C 309 -34.57 -5.47 -38.85
C LEU C 309 -34.06 -6.90 -38.75
N GLY C 310 -32.99 -7.12 -37.97
CA GLY C 310 -32.54 -8.48 -37.73
C GLY C 310 -33.57 -9.30 -36.99
N VAL C 311 -34.22 -8.70 -35.98
CA VAL C 311 -35.28 -9.38 -35.25
C VAL C 311 -36.41 -9.77 -36.19
N LEU C 312 -36.82 -8.84 -37.05
CA LEU C 312 -37.90 -9.11 -37.99
C LEU C 312 -37.50 -10.18 -38.99
N GLU C 313 -36.26 -10.14 -39.48
CA GLU C 313 -35.81 -11.15 -40.44
C GLU C 313 -35.79 -12.53 -39.80
N TRP C 314 -35.35 -12.63 -38.55
CA TRP C 314 -35.34 -13.92 -37.87
C TRP C 314 -36.75 -14.41 -37.56
N VAL C 315 -37.63 -13.50 -37.14
CA VAL C 315 -38.99 -13.89 -36.77
C VAL C 315 -39.78 -14.35 -37.99
N PHE C 316 -39.72 -13.57 -39.07
CA PHE C 316 -40.56 -13.81 -40.25
C PHE C 316 -39.80 -14.47 -41.39
N GLY C 317 -38.55 -14.88 -41.17
CA GLY C 317 -37.81 -15.60 -42.18
C GLY C 317 -37.60 -14.86 -43.48
N GLY C 318 -37.59 -13.54 -43.45
CA GLY C 318 -37.40 -12.76 -44.66
C GLY C 318 -36.79 -11.39 -44.40
N ARG C 319 -35.93 -10.94 -45.29
CA ARG C 319 -35.28 -9.64 -45.13
CA ARG C 319 -35.29 -9.65 -45.12
C ARG C 319 -36.30 -8.52 -45.26
N PHE C 320 -36.06 -7.43 -44.54
CA PHE C 320 -36.94 -6.27 -44.52
C PHE C 320 -36.24 -5.11 -45.22
N CYS C 321 -36.79 -4.67 -46.34
CA CYS C 321 -36.21 -3.56 -47.08
C CYS C 321 -36.46 -2.24 -46.35
N GLN C 322 -35.41 -1.42 -46.27
CA GLN C 322 -35.52 -0.12 -45.63
C GLN C 322 -36.15 0.89 -46.58
N ARG C 323 -36.58 2.02 -46.00
CA ARG C 323 -37.14 3.09 -46.82
C ARG C 323 -36.08 3.70 -47.74
N LYS C 324 -34.82 3.62 -47.36
CA LYS C 324 -33.75 4.17 -48.19
C LYS C 324 -33.62 3.43 -49.51
N GLU C 325 -33.99 2.14 -49.53
CA GLU C 325 -33.89 1.35 -50.75
C GLU C 325 -34.88 1.77 -51.83
N PHE C 326 -35.84 2.63 -51.50
CA PHE C 326 -36.85 3.07 -52.45
C PHE C 326 -36.93 4.58 -52.44
N GLY C 327 -37.21 5.16 -53.61
CA GLY C 327 -37.33 6.61 -53.73
C GLY C 327 -38.62 7.14 -53.13
N ARG C 328 -39.02 8.34 -53.52
CA ARG C 328 -40.27 8.91 -53.03
C ARG C 328 -41.44 8.06 -53.48
N TYR C 329 -42.38 7.83 -52.57
CA TYR C 329 -43.61 7.13 -52.93
C TYR C 329 -44.42 7.97 -53.89
N CYS C 330 -44.89 7.33 -54.97
CA CYS C 330 -45.68 8.05 -55.96
C CYS C 330 -47.04 8.43 -55.38
N LYS C 331 -47.70 9.37 -56.04
CA LYS C 331 -48.97 9.89 -55.54
C LYS C 331 -50.03 8.80 -55.49
N LYS C 332 -50.94 8.93 -54.51
CA LYS C 332 -52.01 7.94 -54.36
C LYS C 332 -52.85 7.83 -55.63
N SER C 333 -52.91 8.90 -56.41
CA SER C 333 -53.62 8.83 -57.70
C SER C 333 -52.94 7.88 -58.66
N GLN C 334 -51.61 7.84 -58.67
CA GLN C 334 -50.86 7.04 -59.63
C GLN C 334 -50.28 5.76 -59.03
N THR C 335 -50.71 5.37 -57.83
CA THR C 335 -50.29 4.08 -57.30
C THR C 335 -51.02 2.96 -58.04
N LYS C 336 -50.27 1.94 -58.44
CA LYS C 336 -50.80 0.86 -59.28
C LYS C 336 -50.51 -0.48 -58.62
N VAL C 337 -51.36 -1.46 -58.92
CA VAL C 337 -51.20 -2.80 -58.37
C VAL C 337 -49.84 -3.35 -58.78
N ILE C 338 -49.09 -3.85 -57.80
CA ILE C 338 -47.71 -4.29 -58.03
C ILE C 338 -47.49 -5.76 -57.71
N GLY C 339 -48.46 -6.44 -57.13
CA GLY C 339 -48.32 -7.86 -56.88
C GLY C 339 -49.17 -8.30 -55.70
N LEU C 340 -49.17 -9.62 -55.49
CA LEU C 340 -49.92 -10.22 -54.39
C LEU C 340 -49.18 -10.09 -53.08
N PHE C 341 -49.95 -9.92 -52.00
CA PHE C 341 -49.37 -9.87 -50.66
C PHE C 341 -48.96 -11.27 -50.22
N THR C 342 -47.73 -11.40 -49.73
CA THR C 342 -47.20 -12.66 -49.26
C THR C 342 -46.54 -12.48 -47.91
N PHE C 343 -46.47 -13.55 -47.14
CA PHE C 343 -45.94 -13.48 -45.78
C PHE C 343 -45.55 -14.88 -45.32
N GLN C 344 -44.60 -14.92 -44.40
CA GLN C 344 -44.24 -16.15 -43.69
C GLN C 344 -43.64 -15.75 -42.34
N TYR C 345 -43.75 -16.64 -41.37
CA TYR C 345 -43.12 -16.40 -40.07
C TYR C 345 -42.85 -17.72 -39.38
N GLU C 346 -41.87 -17.71 -38.48
CA GLU C 346 -41.50 -18.88 -37.70
C GLU C 346 -41.62 -18.67 -36.20
N TYR C 347 -41.73 -17.44 -35.74
CA TYR C 347 -41.79 -17.14 -34.31
C TYR C 347 -42.82 -16.04 -34.08
N TRP C 348 -43.36 -16.00 -32.86
CA TRP C 348 -44.30 -14.96 -32.47
C TRP C 348 -44.00 -14.58 -31.02
N SER C 349 -44.82 -13.67 -30.49
CA SER C 349 -44.71 -13.25 -29.10
C SER C 349 -45.97 -12.47 -28.76
N LYS C 350 -46.18 -12.26 -27.46
CA LYS C 350 -47.29 -11.44 -27.00
C LYS C 350 -47.00 -9.99 -27.38
N PRO C 351 -48.01 -9.11 -27.40
CA PRO C 351 -47.71 -7.68 -27.48
C PRO C 351 -46.99 -7.22 -26.23
N LEU C 352 -46.07 -6.27 -26.39
CA LEU C 352 -45.29 -5.79 -25.26
C LEU C 352 -46.17 -4.96 -24.34
N LYS C 353 -46.10 -5.24 -23.04
CA LYS C 353 -46.91 -4.55 -22.04
C LYS C 353 -46.11 -3.47 -21.31
N SER C 354 -45.00 -3.86 -20.69
CA SER C 354 -44.15 -2.92 -19.96
C SER C 354 -43.02 -2.45 -20.86
N ALA C 355 -42.05 -1.73 -20.29
CA ALA C 355 -40.95 -1.21 -21.07
C ALA C 355 -40.07 -2.35 -21.59
N PRO C 356 -39.64 -2.30 -22.85
CA PRO C 356 -38.75 -3.35 -23.36
C PRO C 356 -37.42 -3.40 -22.62
N ARG C 357 -36.91 -2.26 -22.17
CA ARG C 357 -35.72 -2.19 -21.34
C ARG C 357 -36.12 -1.95 -19.90
N SER C 358 -35.79 -2.88 -19.02
CA SER C 358 -36.13 -2.79 -17.61
C SER C 358 -34.86 -2.91 -16.77
N ILE C 359 -34.71 -1.99 -15.82
CA ILE C 359 -33.59 -2.02 -14.90
C ILE C 359 -34.00 -2.58 -13.53
N GLU C 360 -35.10 -3.33 -13.50
CA GLU C 360 -35.58 -3.92 -12.25
C GLU C 360 -34.77 -5.16 -11.89
N ILE C 367 -28.40 -10.10 3.64
CA ILE C 367 -27.17 -10.72 4.12
C ILE C 367 -26.98 -10.46 5.60
N SER C 368 -27.87 -9.64 6.18
CA SER C 368 -27.76 -9.26 7.58
C SER C 368 -29.11 -9.50 8.26
N CYS C 369 -29.07 -9.54 9.58
CA CYS C 369 -30.24 -9.80 10.40
C CYS C 369 -30.66 -8.54 11.15
N ARG C 370 -31.95 -8.41 11.39
CA ARG C 370 -32.52 -7.29 12.16
C ARG C 370 -33.18 -7.85 13.40
N PRO C 371 -32.46 -8.00 14.50
CA PRO C 371 -33.09 -8.50 15.73
C PRO C 371 -33.98 -7.44 16.35
N SER C 372 -35.25 -7.77 16.49
CA SER C 372 -36.20 -7.01 17.29
C SER C 372 -36.46 -7.64 18.65
N PHE C 373 -35.46 -8.32 19.22
CA PHE C 373 -35.74 -9.31 20.24
C PHE C 373 -34.59 -9.33 21.24
N LYS C 374 -34.87 -8.86 22.47
CA LYS C 374 -33.82 -8.47 23.40
C LYS C 374 -32.87 -9.60 23.79
N GLY C 375 -33.27 -10.86 23.61
CA GLY C 375 -32.44 -11.96 24.07
C GLY C 375 -31.17 -12.09 23.27
N LYS C 376 -30.07 -12.42 23.96
CA LYS C 376 -28.81 -12.67 23.29
C LYS C 376 -28.90 -13.95 22.45
N ARG C 377 -28.48 -13.84 21.20
CA ARG C 377 -28.38 -14.98 20.29
C ARG C 377 -27.08 -14.85 19.54
N PRO C 378 -26.49 -15.96 19.10
CA PRO C 378 -25.32 -15.87 18.22
C PRO C 378 -25.67 -15.12 16.94
N SER C 379 -24.72 -14.32 16.47
CA SER C 379 -24.87 -13.56 15.23
C SER C 379 -24.44 -14.41 14.05
N TYR C 380 -25.14 -14.26 12.93
CA TYR C 380 -24.88 -15.04 11.73
C TYR C 380 -24.87 -14.11 10.53
N ASN C 381 -23.85 -14.24 9.69
CA ASN C 381 -23.63 -13.30 8.58
C ASN C 381 -23.31 -14.09 7.31
N ASN C 382 -23.97 -13.71 6.21
CA ASN C 382 -23.67 -14.19 4.86
C ASN C 382 -22.40 -13.55 4.29
N PHE C 383 -22.04 -12.37 4.76
CA PHE C 383 -21.01 -11.54 4.16
C PHE C 383 -19.86 -11.31 5.12
N THR C 384 -18.64 -11.54 4.63
CA THR C 384 -17.43 -11.39 5.44
C THR C 384 -17.05 -9.93 5.63
N SER C 385 -17.48 -9.06 4.71
CA SER C 385 -17.17 -7.64 4.82
C SER C 385 -18.24 -6.81 4.12
N SER C 399 -25.22 16.95 -11.01
CA SER C 399 -26.26 17.69 -11.70
C SER C 399 -27.41 16.79 -12.12
N PHE C 400 -28.56 17.38 -12.42
CA PHE C 400 -29.71 16.60 -12.86
C PHE C 400 -29.44 15.95 -14.22
N TYR C 401 -28.82 16.68 -15.14
CA TYR C 401 -28.42 16.10 -16.42
C TYR C 401 -27.43 14.97 -16.21
N ASP C 402 -26.61 15.05 -15.17
CA ASP C 402 -25.71 13.94 -14.84
C ASP C 402 -26.51 12.69 -14.49
N GLN C 403 -27.58 12.84 -13.71
CA GLN C 403 -28.44 11.71 -13.39
C GLN C 403 -29.14 11.17 -14.64
N VAL C 404 -29.58 12.07 -15.53
CA VAL C 404 -30.24 11.62 -16.75
C VAL C 404 -29.27 10.81 -17.60
N ARG C 405 -28.03 11.29 -17.75
CA ARG C 405 -27.04 10.53 -18.51
C ARG C 405 -26.65 9.25 -17.80
N GLU C 406 -26.67 9.23 -16.47
CA GLU C 406 -26.44 8.00 -15.73
C GLU C 406 -27.49 6.96 -16.06
N GLU C 407 -28.76 7.37 -16.08
CA GLU C 407 -29.82 6.45 -16.47
C GLU C 407 -29.66 6.02 -17.93
N CYS C 408 -29.23 6.94 -18.79
CA CYS C 408 -28.98 6.61 -20.19
C CYS C 408 -27.94 5.52 -20.30
N GLN C 409 -26.83 5.65 -19.56
CA GLN C 409 -25.79 4.64 -19.61
C GLN C 409 -26.22 3.33 -18.95
N LYS C 410 -27.07 3.42 -17.92
CA LYS C 410 -27.62 2.20 -17.34
C LYS C 410 -28.43 1.42 -18.35
N TYR C 411 -29.26 2.12 -19.15
CA TYR C 411 -30.01 1.43 -20.20
C TYR C 411 -29.14 1.06 -21.38
N MET C 412 -27.98 1.69 -21.54
CA MET C 412 -26.97 1.17 -22.48
C MET C 412 -26.39 -0.14 -21.99
N ASP C 413 -26.23 -0.30 -20.68
CA ASP C 413 -25.72 -1.55 -20.12
C ASP C 413 -26.67 -2.71 -20.37
N LEU C 414 -27.95 -2.44 -20.63
CA LEU C 414 -28.91 -3.49 -20.93
C LEU C 414 -28.69 -3.98 -22.35
N LYS C 415 -28.15 -5.19 -22.48
CA LYS C 415 -27.96 -5.80 -23.80
C LYS C 415 -29.15 -6.67 -24.21
N VAL C 416 -30.08 -6.94 -23.30
CA VAL C 416 -31.27 -7.74 -23.61
C VAL C 416 -32.46 -6.80 -23.74
N GLU C 417 -33.32 -7.07 -24.72
CA GLU C 417 -34.52 -6.28 -24.95
C GLU C 417 -35.74 -7.20 -24.90
N GLY C 418 -36.84 -6.68 -24.37
CA GLY C 418 -38.03 -7.46 -24.14
C GLY C 418 -38.25 -7.73 -22.66
N THR C 419 -39.36 -8.38 -22.37
CA THR C 419 -39.75 -8.65 -21.00
C THR C 419 -39.77 -10.14 -20.66
N THR C 420 -40.50 -10.96 -21.42
CA THR C 420 -40.67 -12.36 -21.05
C THR C 420 -39.95 -13.32 -22.01
N CYS C 421 -40.32 -13.34 -23.28
CA CYS C 421 -39.72 -14.26 -24.25
C CYS C 421 -40.39 -14.08 -25.61
N PHE C 422 -39.80 -14.72 -26.62
CA PHE C 422 -40.47 -15.01 -27.88
C PHE C 422 -41.35 -16.26 -27.71
N TYR C 423 -42.10 -16.59 -28.77
CA TYR C 423 -42.82 -17.85 -28.85
C TYR C 423 -42.75 -18.37 -30.28
N ARG C 424 -42.50 -19.68 -30.40
CA ARG C 424 -42.42 -20.29 -31.72
C ARG C 424 -43.80 -20.47 -32.33
N LYS C 425 -43.86 -20.45 -33.65
CA LYS C 425 -45.13 -20.61 -34.36
C LYS C 425 -45.79 -21.93 -34.02
N GLY C 426 -47.08 -21.89 -33.71
CA GLY C 426 -47.83 -23.07 -33.34
C GLY C 426 -48.04 -23.26 -31.85
N GLY C 427 -47.58 -22.33 -31.02
CA GLY C 427 -47.73 -22.47 -29.59
C GLY C 427 -47.04 -21.33 -28.87
N HIS C 428 -47.03 -21.43 -27.55
CA HIS C 428 -46.43 -20.42 -26.68
C HIS C 428 -45.16 -20.95 -26.01
N VAL C 429 -44.35 -21.71 -26.75
CA VAL C 429 -43.07 -22.17 -26.24
C VAL C 429 -42.08 -21.03 -26.25
N GLU C 430 -41.43 -20.79 -25.11
CA GLU C 430 -40.55 -19.63 -24.97
C GLU C 430 -39.32 -19.75 -25.86
N VAL C 431 -39.02 -18.68 -26.59
CA VAL C 431 -37.87 -18.62 -27.50
C VAL C 431 -37.15 -17.30 -27.25
N GLU C 432 -35.86 -17.24 -27.61
CA GLU C 432 -35.08 -16.02 -27.53
CA GLU C 432 -35.07 -16.02 -27.52
C GLU C 432 -34.30 -15.83 -28.82
N PHE C 433 -34.31 -14.61 -29.33
CA PHE C 433 -33.60 -14.29 -30.58
C PHE C 433 -32.10 -14.20 -30.30
N PRO C 434 -31.26 -14.96 -31.01
CA PRO C 434 -29.82 -14.93 -30.71
C PRO C 434 -29.05 -13.82 -31.39
N GLY C 435 -29.47 -13.37 -32.56
CA GLY C 435 -28.74 -12.37 -33.33
C GLY C 435 -28.88 -12.63 -34.82
N SER C 436 -28.70 -11.56 -35.60
CA SER C 436 -28.87 -11.64 -37.04
C SER C 436 -27.98 -10.61 -37.72
N ALA C 437 -27.84 -10.74 -39.04
CA ALA C 437 -27.00 -9.83 -39.81
C ALA C 437 -27.56 -8.41 -39.77
N HIS C 438 -28.88 -8.26 -39.88
CA HIS C 438 -29.52 -6.96 -39.88
C HIS C 438 -29.82 -6.45 -38.47
N CYS C 439 -29.10 -6.94 -37.47
CA CYS C 439 -29.26 -6.43 -36.12
C CYS C 439 -28.78 -4.98 -36.04
N ASN C 440 -29.39 -4.22 -35.14
CA ASN C 440 -29.15 -2.80 -34.93
C ASN C 440 -29.52 -1.96 -36.15
N THR C 441 -30.30 -2.51 -37.08
CA THR C 441 -30.75 -1.80 -38.26
C THR C 441 -32.27 -1.73 -38.26
N TYR C 442 -32.82 -0.63 -38.76
CA TYR C 442 -34.24 -0.37 -38.69
C TYR C 442 -34.76 0.03 -40.06
N LEU C 443 -36.10 0.13 -40.16
CA LEU C 443 -36.72 0.50 -41.43
C LEU C 443 -36.29 1.89 -41.88
N PHE C 444 -36.25 2.84 -40.95
CA PHE C 444 -35.78 4.19 -41.24
C PHE C 444 -34.39 4.46 -40.69
N GLY C 445 -33.71 3.43 -40.17
CA GLY C 445 -32.37 3.60 -39.63
C GLY C 445 -31.29 3.57 -40.69
N THR D 20 52.18 25.41 31.14
CA THR D 20 50.85 25.11 31.64
C THR D 20 50.37 26.17 32.62
N GLU D 21 51.12 26.35 33.70
CA GLU D 21 50.80 27.35 34.71
C GLU D 21 51.54 28.66 34.52
N SER D 22 52.34 28.78 33.45
CA SER D 22 53.11 30.00 33.23
C SER D 22 52.21 31.19 32.96
N GLN D 23 51.18 31.02 32.14
CA GLN D 23 50.29 32.13 31.79
C GLN D 23 49.23 32.40 32.84
N ILE D 24 48.93 31.43 33.70
CA ILE D 24 47.85 31.53 34.67
C ILE D 24 47.93 32.79 35.54
N PRO D 25 49.10 33.23 36.01
CA PRO D 25 49.13 34.48 36.79
C PRO D 25 48.55 35.68 36.07
N LYS D 26 49.01 35.95 34.85
CA LYS D 26 48.46 37.08 34.10
C LYS D 26 47.09 36.74 33.52
N MET D 27 46.81 35.46 33.30
CA MET D 27 45.60 35.02 32.61
C MET D 27 44.35 35.15 33.46
N TYR D 28 44.48 35.08 34.79
CA TYR D 28 43.37 35.34 35.70
C TYR D 28 43.03 36.82 35.81
N GLU D 29 43.89 37.71 35.30
CA GLU D 29 43.70 39.14 35.51
C GLU D 29 42.57 39.68 34.64
N MET D 30 42.73 39.58 33.31
CA MET D 30 41.71 40.09 32.40
C MET D 30 40.45 39.24 32.40
N ILE D 31 40.52 37.99 32.89
CA ILE D 31 39.30 37.24 33.17
C ILE D 31 38.51 37.95 34.27
N ARG D 32 39.19 38.36 35.33
CA ARG D 32 38.53 39.09 36.40
C ARG D 32 38.12 40.49 35.96
N ASP D 33 38.90 41.10 35.06
CA ASP D 33 38.61 42.47 34.62
C ASP D 33 37.27 42.56 33.92
N GLN D 34 36.94 41.56 33.08
CA GLN D 34 35.69 41.59 32.35
C GLN D 34 34.48 41.33 33.24
N MET D 35 34.65 40.58 34.33
CA MET D 35 33.54 40.31 35.23
C MET D 35 33.01 41.59 35.87
N ARG D 36 33.93 42.43 36.35
CA ARG D 36 33.53 43.67 37.03
C ARG D 36 33.04 44.73 36.06
N THR D 37 33.61 44.77 34.85
CA THR D 37 33.21 45.80 33.88
C THR D 37 31.75 45.65 33.49
N LEU D 38 31.28 44.42 33.25
CA LEU D 38 29.90 44.21 32.86
C LEU D 38 28.94 44.49 34.01
N ALA D 39 29.29 44.06 35.22
CA ALA D 39 28.39 44.24 36.36
C ALA D 39 28.31 45.70 36.79
N SER D 40 29.46 46.37 36.91
CA SER D 40 29.47 47.74 37.38
C SER D 40 28.88 48.72 36.38
N THR D 41 28.78 48.33 35.11
CA THR D 41 28.21 49.22 34.10
C THR D 41 26.73 49.50 34.38
N HIS D 42 25.99 48.47 34.78
CA HIS D 42 24.56 48.57 35.01
C HIS D 42 24.20 48.50 36.49
N LYS D 43 25.15 48.90 37.35
CA LYS D 43 24.93 48.97 38.80
C LYS D 43 24.52 47.60 39.36
N ILE D 44 25.25 46.56 38.96
CA ILE D 44 25.01 45.21 39.45
C ILE D 44 26.01 44.96 40.58
N PRO D 45 25.55 44.84 41.83
CA PRO D 45 26.49 44.54 42.92
C PRO D 45 27.14 43.18 42.73
N LEU D 46 28.42 43.09 43.09
CA LEU D 46 29.19 41.87 42.95
C LEU D 46 29.30 41.08 44.24
N ASN D 47 28.64 41.53 45.31
CA ASN D 47 28.65 40.83 46.59
C ASN D 47 27.48 39.87 46.75
N ILE D 48 26.77 39.55 45.67
CA ILE D 48 25.80 38.46 45.63
C ILE D 48 26.36 37.36 44.74
N ASP D 49 26.24 36.11 45.20
CA ASP D 49 26.70 34.99 44.39
C ASP D 49 25.91 34.89 43.09
N HIS D 50 24.60 35.10 43.16
CA HIS D 50 23.75 34.94 41.98
C HIS D 50 24.08 35.97 40.90
N ASN D 51 24.50 37.17 41.30
CA ASN D 51 24.94 38.15 40.31
C ASN D 51 26.16 37.65 39.55
N CYS D 52 27.15 37.12 40.27
CA CYS D 52 28.36 36.64 39.63
C CYS D 52 28.11 35.36 38.83
N GLU D 53 27.24 34.48 39.33
CA GLU D 53 26.98 33.21 38.64
C GLU D 53 26.38 33.46 37.26
N VAL D 54 25.37 34.33 37.19
CA VAL D 54 24.72 34.60 35.92
C VAL D 54 25.64 35.41 35.01
N ILE D 55 26.31 36.43 35.56
CA ILE D 55 27.17 37.28 34.74
C ILE D 55 28.34 36.46 34.16
N GLY D 56 28.95 35.63 35.00
CA GLY D 56 30.10 34.87 34.55
C GLY D 56 29.76 33.87 33.46
N SER D 57 28.60 33.22 33.58
CA SER D 57 28.19 32.27 32.54
C SER D 57 28.01 32.97 31.20
N ILE D 58 27.54 34.21 31.23
CA ILE D 58 27.47 35.00 30.00
C ILE D 58 28.87 35.26 29.45
N ILE D 59 29.81 35.64 30.32
CA ILE D 59 31.18 35.87 29.89
C ILE D 59 31.79 34.57 29.37
N MET D 60 31.55 33.46 30.05
CA MET D 60 32.05 32.17 29.59
C MET D 60 31.44 31.81 28.23
N ALA D 61 30.16 32.12 28.03
CA ALA D 61 29.56 31.96 26.71
C ALA D 61 30.28 32.82 25.68
N ALA D 62 30.61 34.07 26.06
CA ALA D 62 31.36 34.93 25.16
C ALA D 62 32.74 34.36 24.86
N CYS D 63 33.36 33.72 25.84
CA CYS D 63 34.72 33.23 25.68
C CYS D 63 34.82 32.16 24.60
N THR D 64 33.91 31.19 24.61
CA THR D 64 33.98 30.09 23.66
C THR D 64 32.81 30.07 22.69
N ASN D 65 31.59 30.01 23.22
CA ASN D 65 30.39 29.92 22.39
C ASN D 65 29.94 31.30 21.98
N ASN D 66 30.71 31.94 21.10
CA ASN D 66 30.44 33.34 20.73
C ASN D 66 29.07 33.51 20.09
N ARG D 67 28.49 32.46 19.53
CA ARG D 67 27.20 32.53 18.86
C ARG D 67 26.04 32.08 19.73
N ASP D 68 26.28 31.69 20.98
CA ASP D 68 25.20 31.23 21.84
C ASP D 68 24.58 32.34 22.67
N LEU D 69 25.39 33.23 23.23
CA LEU D 69 24.88 34.30 24.07
C LEU D 69 24.37 35.46 23.23
N ARG D 70 23.52 36.30 23.86
CA ARG D 70 22.99 37.49 23.21
CA ARG D 70 22.99 37.49 23.22
C ARG D 70 23.80 38.72 23.61
N PRO D 71 24.11 39.59 22.65
CA PRO D 71 24.86 40.82 22.99
C PRO D 71 24.12 41.71 23.98
N VAL D 72 22.79 41.77 23.89
CA VAL D 72 21.95 42.49 24.84
C VAL D 72 20.81 41.59 25.27
N ASP D 73 20.60 41.47 26.57
CA ASP D 73 19.53 40.64 27.09
C ASP D 73 19.31 40.98 28.56
N LYS D 74 18.22 40.45 29.11
CA LYS D 74 17.86 40.64 30.51
C LYS D 74 17.97 39.31 31.24
N TYR D 75 18.70 39.30 32.35
CA TYR D 75 18.93 38.11 33.14
C TYR D 75 18.56 38.37 34.59
N TRP D 76 18.52 37.31 35.39
CA TRP D 76 18.14 37.41 36.79
C TRP D 76 19.31 37.88 37.62
N PHE D 77 19.12 38.97 38.36
CA PHE D 77 20.15 39.54 39.21
C PHE D 77 19.53 40.02 40.52
N LEU D 78 20.40 40.36 41.47
CA LEU D 78 19.99 40.89 42.77
C LEU D 78 20.29 42.39 42.79
N MET D 79 19.26 43.20 42.57
CA MET D 79 19.40 44.65 42.54
C MET D 79 18.93 45.24 43.87
N GLY D 80 19.82 45.97 44.54
CA GLY D 80 19.50 46.60 45.80
C GLY D 80 20.74 47.05 46.54
N PRO D 81 20.69 48.24 47.13
CA PRO D 81 21.85 48.75 47.87
C PRO D 81 21.84 48.34 49.34
N ALA D 82 22.95 47.75 49.79
CA ALA D 82 23.16 47.42 51.20
C ALA D 82 22.06 46.51 51.74
N GLY D 83 21.97 45.31 51.15
CA GLY D 83 21.07 44.28 51.63
C GLY D 83 19.66 44.34 51.09
N ALA D 84 19.33 45.34 50.27
CA ALA D 84 17.99 45.47 49.71
C ALA D 84 17.86 44.80 48.34
N GLU D 85 18.65 43.77 48.07
CA GLU D 85 18.67 43.14 46.75
C GLU D 85 17.47 42.22 46.57
N VAL D 86 16.83 42.31 45.41
CA VAL D 86 15.66 41.51 45.07
C VAL D 86 15.79 41.09 43.61
N MET D 87 15.14 39.96 43.27
CA MET D 87 15.08 39.52 41.88
C MET D 87 14.42 40.57 40.99
N THR D 88 15.10 40.86 39.89
CA THR D 88 14.57 41.64 38.77
C THR D 88 15.52 41.44 37.61
N GLU D 89 15.03 41.72 36.41
CA GLU D 89 15.82 41.58 35.20
C GLU D 89 16.25 42.95 34.72
N VAL D 90 17.56 43.15 34.58
CA VAL D 90 18.13 44.41 34.12
C VAL D 90 18.93 44.14 32.86
N GLU D 91 18.63 44.88 31.80
CA GLU D 91 19.32 44.70 30.53
C GLU D 91 20.80 45.08 30.68
N ILE D 92 21.66 44.27 30.05
CA ILE D 92 23.10 44.46 30.12
C ILE D 92 23.68 44.41 28.71
N ASP D 93 24.86 45.01 28.56
CA ASP D 93 25.55 45.09 27.27
C ASP D 93 26.82 44.26 27.36
N ILE D 94 26.87 43.15 26.62
CA ILE D 94 28.01 42.24 26.65
C ILE D 94 28.94 42.46 25.48
N GLN D 95 28.58 43.35 24.54
CA GLN D 95 29.41 43.58 23.35
C GLN D 95 30.87 43.92 23.66
N PRO D 96 31.20 44.79 24.62
CA PRO D 96 32.63 45.01 24.91
C PRO D 96 33.37 43.76 25.31
N GLN D 97 32.73 42.84 26.03
CA GLN D 97 33.36 41.59 26.40
C GLN D 97 33.44 40.60 25.24
N LEU D 98 32.58 40.76 24.23
CA LEU D 98 32.59 39.83 23.10
C LEU D 98 33.86 39.98 22.27
N GLN D 99 34.24 41.21 21.94
CA GLN D 99 35.42 41.42 21.10
C GLN D 99 36.69 40.92 21.78
N TRP D 100 36.83 41.20 23.08
CA TRP D 100 37.98 40.70 23.81
C TRP D 100 38.00 39.17 23.87
N ALA D 101 36.83 38.57 24.10
CA ALA D 101 36.76 37.12 24.25
C ALA D 101 37.12 36.41 22.95
N LYS D 102 36.54 36.85 21.84
CA LYS D 102 36.86 36.25 20.54
C LYS D 102 38.30 36.53 20.14
N GLY D 103 38.81 37.73 20.46
CA GLY D 103 40.21 38.01 20.20
C GLY D 103 41.14 37.27 21.13
N ALA D 104 40.66 36.88 22.31
CA ALA D 104 41.45 36.08 23.23
C ALA D 104 41.49 34.61 22.86
N VAL D 105 40.62 34.17 21.94
CA VAL D 105 40.65 32.77 21.51
C VAL D 105 41.97 32.45 20.82
N HIS D 106 42.44 33.37 19.96
CA HIS D 106 43.71 33.20 19.26
C HIS D 106 44.76 34.20 19.73
N ASP D 107 44.59 34.75 20.93
CA ASP D 107 45.55 35.72 21.47
C ASP D 107 46.85 35.02 21.83
N PRO D 108 47.99 35.42 21.29
CA PRO D 108 49.26 34.77 21.65
C PRO D 108 49.66 34.99 23.10
N LYS D 109 49.06 35.95 23.80
CA LYS D 109 49.43 36.23 25.17
C LYS D 109 49.15 35.06 26.10
N TYR D 110 48.27 34.13 25.70
CA TYR D 110 47.96 32.97 26.50
C TYR D 110 48.77 31.74 26.12
N LYS D 111 49.59 31.83 25.07
CA LYS D 111 50.36 30.69 24.55
C LYS D 111 49.44 29.52 24.22
N GLY D 112 48.28 29.83 23.67
CA GLY D 112 47.32 28.80 23.31
C GLY D 112 46.60 28.15 24.47
N GLN D 113 46.68 28.73 25.67
CA GLN D 113 46.04 28.17 26.84
C GLN D 113 44.63 28.71 27.07
N TRP D 114 44.11 29.51 26.16
CA TRP D 114 42.77 30.08 26.32
C TRP D 114 41.73 28.98 26.45
N TYR D 115 41.52 28.22 25.38
CA TYR D 115 40.56 27.11 25.43
C TYR D 115 40.93 26.05 26.45
N PRO D 116 42.19 25.61 26.57
CA PRO D 116 42.50 24.63 27.64
C PRO D 116 42.11 25.09 29.03
N PHE D 117 42.31 26.37 29.35
CA PHE D 117 41.81 26.89 30.63
C PHE D 117 40.32 27.09 30.62
N LEU D 118 39.75 27.52 29.48
CA LEU D 118 38.31 27.71 29.39
C LEU D 118 37.54 26.42 29.55
N ALA D 119 38.02 25.31 29.00
CA ALA D 119 37.39 24.02 29.26
C ALA D 119 37.42 23.69 30.75
N LEU D 120 38.50 24.07 31.43
CA LEU D 120 38.50 24.00 32.89
C LEU D 120 37.48 24.97 33.48
N LEU D 121 37.35 26.15 32.88
CA LEU D 121 36.49 27.19 33.44
C LEU D 121 35.02 26.81 33.35
N GLN D 122 34.58 26.36 32.17
CA GLN D 122 33.17 26.05 31.99
C GLN D 122 32.75 24.83 32.82
N ILE D 123 33.64 23.83 32.93
CA ILE D 123 33.33 22.65 33.72
C ILE D 123 33.14 23.02 35.18
N SER D 124 34.03 23.84 35.72
CA SER D 124 33.96 24.21 37.14
C SER D 124 32.74 25.06 37.43
N ASN D 125 32.43 26.01 36.55
CA ASN D 125 31.37 26.98 36.83
C ASN D 125 29.96 26.42 36.66
N LYS D 126 29.80 25.32 35.93
CA LYS D 126 28.50 24.70 35.75
C LYS D 126 28.19 23.67 36.83
N THR D 127 29.08 23.51 37.81
CA THR D 127 28.90 22.48 38.83
C THR D 127 27.75 22.83 39.79
N LYS D 128 27.60 24.11 40.12
CA LYS D 128 26.61 24.50 41.14
C LYS D 128 25.19 24.15 40.71
N ASP D 129 24.86 24.39 39.43
CA ASP D 129 23.52 24.08 38.95
C ASP D 129 23.23 22.59 39.06
N THR D 130 24.22 21.74 38.78
CA THR D 130 24.03 20.30 38.90
C THR D 130 23.78 19.89 40.34
N ILE D 131 24.47 20.51 41.29
CA ILE D 131 24.29 20.16 42.69
C ILE D 131 22.89 20.57 43.16
N LEU D 132 22.49 21.80 42.86
CA LEU D 132 21.19 22.29 43.31
C LEU D 132 20.05 21.52 42.65
N TRP D 133 20.16 21.25 41.35
CA TRP D 133 19.18 20.47 40.61
C TRP D 133 19.84 19.12 40.27
N GLN D 134 19.57 18.12 41.11
CA GLN D 134 20.25 16.83 41.02
C GLN D 134 19.79 16.11 39.75
N LYS D 135 20.64 16.13 38.73
CA LYS D 135 20.37 15.46 37.47
C LYS D 135 21.56 14.60 37.08
N TYR D 136 21.29 13.53 36.32
CA TYR D 136 22.31 12.60 35.85
C TYR D 136 22.13 12.42 34.35
N PRO D 137 22.54 13.40 33.55
CA PRO D 137 22.31 13.31 32.09
C PRO D 137 23.14 12.23 31.42
N VAL D 138 24.44 12.20 31.69
CA VAL D 138 25.34 11.30 30.97
C VAL D 138 25.06 9.85 31.32
N THR D 139 24.93 9.55 32.62
CA THR D 139 24.75 8.17 33.04
C THR D 139 23.43 7.59 32.53
N GLN D 140 22.36 8.37 32.59
CA GLN D 140 21.07 7.89 32.08
C GLN D 140 21.12 7.66 30.58
N GLU D 141 21.77 8.55 29.84
CA GLU D 141 21.93 8.35 28.40
C GLU D 141 22.88 7.20 28.10
N LEU D 142 23.72 6.81 29.06
CA LEU D 142 24.62 5.68 28.91
C LEU D 142 24.07 4.40 29.53
N GLU D 143 22.79 4.40 29.92
CA GLU D 143 22.11 3.25 30.52
C GLU D 143 22.98 2.54 31.56
N ILE D 144 23.52 3.33 32.49
CA ILE D 144 24.36 2.85 33.57
C ILE D 144 23.84 3.38 34.90
N SER D 145 24.58 3.08 35.97
CA SER D 145 24.17 3.47 37.31
C SER D 145 24.20 4.99 37.47
N ASN D 146 23.31 5.49 38.35
CA ASN D 146 23.22 6.93 38.56
C ASN D 146 24.39 7.45 39.39
N SER D 147 24.98 6.62 40.24
CA SER D 147 26.09 7.03 41.07
C SER D 147 27.38 7.25 40.29
N LEU D 148 27.35 7.05 38.98
CA LEU D 148 28.54 7.17 38.14
C LEU D 148 28.77 8.58 37.61
N GLU D 149 27.88 9.53 37.92
CA GLU D 149 28.09 10.90 37.47
C GLU D 149 29.36 11.51 38.07
N ILE D 150 29.91 10.88 39.12
CA ILE D 150 31.23 11.24 39.61
C ILE D 150 32.28 11.07 38.52
N TYR D 151 32.05 10.15 37.58
CA TYR D 151 32.94 9.91 36.46
C TYR D 151 32.43 10.52 35.16
N ALA D 152 31.37 11.33 35.23
CA ALA D 152 30.75 11.95 34.06
C ALA D 152 31.00 13.46 34.04
N ASN D 153 32.21 13.88 34.39
CA ASN D 153 32.56 15.29 34.37
C ASN D 153 32.77 15.78 32.95
N GLY D 154 32.45 17.05 32.72
CA GLY D 154 32.67 17.66 31.42
C GLY D 154 31.51 17.60 30.47
N HIS D 155 30.29 17.39 30.95
CA HIS D 155 29.11 17.38 30.10
C HIS D 155 28.58 18.79 29.89
N GLY D 156 28.00 19.01 28.71
CA GLY D 156 27.45 20.31 28.36
C GLY D 156 28.47 21.33 27.92
N ILE D 157 29.75 20.95 27.86
CA ILE D 157 30.79 21.90 27.48
C ILE D 157 30.85 22.01 25.96
N LYS D 158 31.45 23.10 25.49
CA LYS D 158 31.63 23.29 24.05
C LYS D 158 32.45 22.16 23.47
N ASP D 159 32.06 21.71 22.27
CA ASP D 159 32.75 20.58 21.63
C ASP D 159 34.22 20.91 21.39
N ARG D 160 34.52 22.14 21.00
CA ARG D 160 35.91 22.56 20.88
C ARG D 160 36.61 22.55 22.23
N LEU D 161 35.90 22.95 23.29
CA LEU D 161 36.47 22.91 24.63
C LEU D 161 36.74 21.48 25.07
N LYS D 162 35.83 20.56 24.76
CA LYS D 162 36.05 19.16 25.10
C LYS D 162 37.29 18.62 24.41
N ASN D 163 37.55 19.07 23.17
CA ASN D 163 38.79 18.71 22.52
C ASN D 163 39.99 19.40 23.17
N SER D 164 39.78 20.60 23.71
CA SER D 164 40.88 21.36 24.30
C SER D 164 41.38 20.68 25.58
N ARG D 165 40.47 20.28 26.46
CA ARG D 165 40.82 19.59 27.71
C ARG D 165 39.98 18.32 27.83
N PRO D 166 40.30 17.29 27.03
CA PRO D 166 39.56 16.03 27.15
C PRO D 166 39.93 15.23 28.38
N ARG D 167 41.12 15.45 28.95
CA ARG D 167 41.49 14.76 30.18
C ARG D 167 40.58 15.17 31.33
N SER D 168 40.29 16.47 31.44
CA SER D 168 39.40 16.94 32.50
C SER D 168 37.97 16.45 32.27
N VAL D 169 37.56 16.34 31.02
CA VAL D 169 36.26 15.76 30.70
C VAL D 169 36.26 14.29 31.14
N GLY D 170 35.28 13.91 31.95
CA GLY D 170 35.22 12.59 32.50
C GLY D 170 35.04 11.54 31.42
N PRO D 171 35.45 10.31 31.72
CA PRO D 171 35.33 9.23 30.71
C PRO D 171 33.90 9.00 30.24
N LEU D 172 32.93 9.13 31.14
CA LEU D 172 31.55 8.85 30.75
C LEU D 172 31.03 9.87 29.74
N VAL D 173 31.37 11.15 29.90
CA VAL D 173 31.02 12.13 28.89
C VAL D 173 31.69 11.77 27.57
N HIS D 174 32.96 11.39 27.62
CA HIS D 174 33.61 10.84 26.44
C HIS D 174 32.93 9.54 26.00
N LEU D 175 32.61 8.67 26.96
CA LEU D 175 31.85 7.48 26.65
C LEU D 175 30.48 7.83 26.05
N LEU D 176 29.82 8.83 26.62
CA LEU D 176 28.59 9.33 26.02
C LEU D 176 28.85 9.87 24.62
N HIS D 177 29.90 10.69 24.48
CA HIS D 177 30.29 11.15 23.15
C HIS D 177 30.72 9.99 22.27
N LEU D 178 31.38 8.98 22.86
CA LEU D 178 31.63 7.74 22.12
C LEU D 178 30.31 7.08 21.73
N LYS D 179 29.37 7.02 22.67
CA LYS D 179 28.05 6.50 22.35
C LYS D 179 27.29 7.45 21.42
N ARG D 180 27.46 8.76 21.61
CA ARG D 180 26.87 9.72 20.68
C ARG D 180 27.42 9.55 19.28
N LEU D 181 28.74 9.37 19.17
CA LEU D 181 29.35 9.21 17.85
C LEU D 181 28.96 7.88 17.22
N GLN D 182 28.78 6.84 18.02
CA GLN D 182 28.28 5.57 17.50
C GLN D 182 26.78 5.58 17.26
N GLU D 183 26.07 6.61 17.72
CA GLU D 183 24.65 6.77 17.50
C GLU D 183 24.33 8.14 16.90
N ASN D 184 25.25 8.67 16.10
CA ASN D 184 25.06 9.99 15.48
C ASN D 184 24.40 9.87 14.11
N SER D 188 32.16 11.62 5.59
CA SER D 188 32.73 12.59 6.52
C SER D 188 33.99 12.05 7.18
N PRO D 189 35.16 12.58 6.78
CA PRO D 189 36.42 12.10 7.35
C PRO D 189 36.71 12.59 8.75
N ALA D 190 35.91 13.52 9.29
CA ALA D 190 36.15 14.07 10.61
C ALA D 190 35.50 13.28 11.73
N VAL D 191 34.72 12.24 11.40
CA VAL D 191 34.04 11.47 12.43
C VAL D 191 35.03 10.65 13.24
N ASN D 192 35.98 9.98 12.56
CA ASN D 192 36.94 9.14 13.26
CA ASN D 192 36.94 9.14 13.26
C ASN D 192 37.84 9.98 14.16
N GLY D 193 38.25 11.16 13.71
CA GLY D 193 39.13 12.01 14.50
C GLY D 193 38.55 12.34 15.86
N ILE D 194 37.24 12.61 15.92
CA ILE D 194 36.59 12.85 17.20
C ILE D 194 36.62 11.60 18.06
N ARG D 195 36.32 10.43 17.47
CA ARG D 195 36.23 9.21 18.25
C ARG D 195 37.60 8.77 18.76
N LYS D 196 38.63 8.85 17.92
CA LYS D 196 39.95 8.36 18.32
C LYS D 196 40.52 9.19 19.46
N SER D 197 40.30 10.51 19.43
CA SER D 197 40.69 11.35 20.56
C SER D 197 39.88 10.99 21.81
N ILE D 198 38.59 10.71 21.63
CA ILE D 198 37.76 10.27 22.74
C ILE D 198 38.23 8.91 23.26
N VAL D 199 38.42 7.95 22.35
CA VAL D 199 38.83 6.61 22.76
C VAL D 199 40.20 6.64 23.41
N GLY D 200 41.14 7.37 22.82
CA GLY D 200 42.48 7.46 23.41
C GLY D 200 42.46 8.07 24.80
N HIS D 201 41.68 9.14 24.98
CA HIS D 201 41.56 9.74 26.31
C HIS D 201 40.66 8.89 27.21
N LEU D 202 39.74 8.14 26.61
CA LEU D 202 38.97 7.17 27.37
C LEU D 202 39.87 6.12 28.00
N LYS D 203 40.83 5.62 27.22
CA LYS D 203 41.82 4.68 27.75
C LYS D 203 42.79 5.40 28.70
N ARG D 204 43.17 6.63 28.36
CA ARG D 204 44.10 7.37 29.20
C ARG D 204 43.51 7.65 30.57
N GLN D 205 42.24 8.05 30.62
CA GLN D 205 41.58 8.29 31.90
C GLN D 205 41.38 6.97 32.65
N CYS D 206 40.72 6.01 32.02
CA CYS D 206 40.51 4.71 32.64
C CYS D 206 41.79 3.88 32.59
N ILE D 207 42.61 3.98 33.64
CA ILE D 207 43.91 3.32 33.64
C ILE D 207 43.81 1.80 33.70
N GLY D 208 42.62 1.27 33.94
CA GLY D 208 42.44 -0.18 33.99
C GLY D 208 42.77 -0.86 32.68
N GLU D 209 43.69 -1.84 32.73
CA GLU D 209 44.04 -2.58 31.53
C GLU D 209 42.84 -3.31 30.95
N THR D 210 42.06 -3.96 31.82
CA THR D 210 40.82 -4.58 31.37
C THR D 210 39.80 -3.53 30.97
N GLN D 211 39.79 -2.38 31.66
CA GLN D 211 38.92 -1.28 31.27
C GLN D 211 39.26 -0.79 29.87
N LYS D 212 40.56 -0.65 29.56
CA LYS D 212 40.97 -0.14 28.26
C LYS D 212 40.53 -1.07 27.13
N ALA D 213 40.71 -2.38 27.31
CA ALA D 213 40.30 -3.32 26.28
C ALA D 213 38.79 -3.26 26.04
N MET D 214 38.00 -3.34 27.12
CA MET D 214 36.56 -3.22 27.00
C MET D 214 36.12 -1.80 26.64
N ILE D 215 37.01 -0.81 26.78
CA ILE D 215 36.79 0.47 26.11
C ILE D 215 36.97 0.32 24.60
N ASN D 216 37.99 -0.44 24.19
CA ASN D 216 38.20 -0.68 22.77
C ASN D 216 37.06 -1.51 22.18
N GLN D 217 36.49 -2.42 22.97
CA GLN D 217 35.26 -3.09 22.53
C GLN D 217 34.09 -2.13 22.39
N PHE D 218 34.02 -1.07 23.21
CA PHE D 218 33.01 -0.04 23.01
C PHE D 218 33.22 0.71 21.70
N GLU D 219 34.45 0.75 21.19
CA GLU D 219 34.73 1.49 19.97
C GLU D 219 33.98 0.91 18.78
N MET D 220 33.91 -0.43 18.68
CA MET D 220 33.14 -1.06 17.62
C MET D 220 31.64 -0.93 17.81
N GLY D 221 31.19 -0.48 18.98
CA GLY D 221 29.78 -0.24 19.21
C GLY D 221 29.10 -1.17 20.18
N ARG D 222 29.74 -2.25 20.60
CA ARG D 222 29.14 -3.15 21.57
C ARG D 222 29.10 -2.49 22.94
N TRP D 223 28.04 -2.77 23.70
CA TRP D 223 27.88 -2.23 25.04
C TRP D 223 27.44 -3.31 26.02
N GLU D 224 27.83 -4.56 25.78
CA GLU D 224 27.61 -5.62 26.76
C GLU D 224 28.50 -5.44 27.98
N SER D 225 29.69 -4.87 27.79
CA SER D 225 30.57 -4.50 28.88
C SER D 225 30.28 -3.12 29.43
N LEU D 226 29.26 -2.43 28.90
CA LEU D 226 28.91 -1.10 29.40
C LEU D 226 28.49 -1.16 30.85
N SER D 227 27.61 -2.11 31.18
CA SER D 227 27.28 -2.34 32.59
C SER D 227 28.48 -2.87 33.35
N THR D 228 29.32 -3.69 32.70
CA THR D 228 30.59 -4.08 33.30
C THR D 228 31.47 -2.86 33.53
N PHE D 229 31.53 -1.97 32.54
CA PHE D 229 32.29 -0.73 32.70
C PHE D 229 31.62 0.21 33.69
N ALA D 230 30.30 0.07 33.86
CA ALA D 230 29.60 0.83 34.89
C ALA D 230 30.08 0.40 36.28
N ALA D 231 30.08 -0.90 36.55
CA ALA D 231 30.56 -1.39 37.84
C ALA D 231 32.08 -1.26 37.94
N SER D 232 32.78 -1.29 36.82
CA SER D 232 34.23 -1.13 36.84
C SER D 232 34.62 0.25 37.36
N LEU D 233 33.96 1.30 36.83
CA LEU D 233 34.27 2.65 37.28
C LEU D 233 34.06 2.79 38.78
N LEU D 234 33.01 2.15 39.30
CA LEU D 234 32.83 2.09 40.75
C LEU D 234 34.00 1.39 41.41
N ALA D 235 34.49 0.32 40.78
CA ALA D 235 35.59 -0.45 41.36
C ALA D 235 36.94 0.20 41.05
N ILE D 236 37.30 0.25 39.77
CA ILE D 236 38.54 0.91 39.35
CA ILE D 236 38.53 0.90 39.33
C ILE D 236 38.23 2.38 39.08
N LYS D 237 38.99 3.25 39.72
CA LYS D 237 38.78 4.69 39.56
C LYS D 237 39.59 5.21 38.39
N PRO D 238 38.96 5.78 37.36
CA PRO D 238 39.73 6.29 36.23
C PRO D 238 40.55 7.52 36.63
N ARG D 239 41.65 7.73 35.90
CA ARG D 239 42.48 8.90 36.13
C ARG D 239 41.73 10.16 35.69
N ILE D 240 41.61 11.13 36.59
CA ILE D 240 40.93 12.38 36.32
C ILE D 240 41.87 13.51 36.73
N GLU D 241 42.48 14.16 35.74
CA GLU D 241 43.34 15.30 36.03
C GLU D 241 42.50 16.45 36.58
N ASN D 242 43.09 17.19 37.53
CA ASN D 242 42.41 18.28 38.18
C ASN D 242 43.24 19.55 38.06
N HIS D 243 42.55 20.69 38.11
CA HIS D 243 43.20 21.99 38.10
C HIS D 243 42.39 22.93 38.98
N PHE D 244 43.09 23.61 39.89
CA PHE D 244 42.43 24.47 40.88
C PHE D 244 42.07 25.78 40.21
N VAL D 245 40.81 25.90 39.79
CA VAL D 245 40.31 27.09 39.11
C VAL D 245 39.15 27.65 39.92
N LEU D 246 39.19 28.95 40.20
CA LEU D 246 38.14 29.61 40.95
C LEU D 246 36.91 29.86 40.07
N THR D 247 35.77 30.04 40.73
CA THR D 247 34.52 30.30 40.05
C THR D 247 34.33 31.81 39.87
N TYR D 248 33.16 32.20 39.33
CA TYR D 248 32.89 33.61 39.09
C TYR D 248 32.90 34.45 40.35
N PRO D 249 32.18 34.10 41.43
CA PRO D 249 32.23 34.96 42.63
C PRO D 249 33.60 35.10 43.24
N LEU D 250 34.41 34.03 43.20
CA LEU D 250 35.74 34.09 43.80
C LEU D 250 36.73 34.84 42.92
N ILE D 251 36.62 34.69 41.60
CA ILE D 251 37.52 35.40 40.69
C ILE D 251 37.32 36.90 40.81
N ALA D 252 36.06 37.34 40.86
CA ALA D 252 35.79 38.77 41.03
C ALA D 252 36.22 39.26 42.40
N ASN D 253 36.21 38.40 43.40
CA ASN D 253 36.58 38.76 44.77
C ASN D 253 38.04 38.48 45.08
N CYS D 254 38.83 37.99 44.12
CA CYS D 254 40.25 37.74 44.30
C CYS D 254 41.04 38.90 43.74
N GLU D 255 41.78 39.60 44.60
CA GLU D 255 42.54 40.78 44.21
CA GLU D 255 42.54 40.78 44.21
C GLU D 255 44.02 40.48 44.02
N ASP D 256 44.44 39.23 44.14
CA ASP D 256 45.84 38.86 43.99
C ASP D 256 45.96 37.71 43.00
N PHE D 257 46.85 37.87 42.01
CA PHE D 257 47.12 36.81 41.06
C PHE D 257 48.60 36.69 40.71
N ALA D 258 49.49 37.19 41.58
CA ALA D 258 50.92 37.15 41.27
C ALA D 258 51.44 35.72 41.22
N GLY D 259 51.06 34.89 42.19
CA GLY D 259 51.49 33.51 42.22
C GLY D 259 50.40 32.56 41.79
N ALA D 260 49.52 33.02 40.91
CA ALA D 260 48.37 32.24 40.47
C ALA D 260 48.84 31.08 39.60
N THR D 261 48.91 29.89 40.18
CA THR D 261 49.21 28.67 39.43
C THR D 261 48.10 27.67 39.68
N LEU D 262 48.31 26.44 39.23
CA LEU D 262 47.29 25.40 39.30
C LEU D 262 47.70 24.18 40.11
N SER D 263 48.92 24.14 40.64
CA SER D 263 49.43 22.94 41.31
C SER D 263 50.17 23.31 42.60
N ASP D 264 49.59 24.21 43.39
CA ASP D 264 50.17 24.53 44.69
C ASP D 264 49.04 25.01 45.62
N GLU D 265 49.43 25.57 46.75
CA GLU D 265 48.49 26.06 47.76
C GLU D 265 48.08 27.51 47.53
N TRP D 266 48.51 28.12 46.43
CA TRP D 266 48.12 29.51 46.19
C TRP D 266 46.60 29.64 46.09
N VAL D 267 45.96 28.69 45.42
CA VAL D 267 44.50 28.72 45.31
C VAL D 267 43.85 28.59 46.69
N PHE D 268 44.35 27.66 47.51
CA PHE D 268 43.81 27.51 48.86
C PHE D 268 44.01 28.76 49.69
N LYS D 269 45.20 29.37 49.59
CA LYS D 269 45.48 30.55 50.40
C LYS D 269 44.75 31.78 49.89
N ALA D 270 44.60 31.92 48.57
CA ALA D 270 44.01 33.12 48.01
C ALA D 270 42.54 33.26 48.40
N MET D 271 41.79 32.18 48.35
CA MET D 271 40.36 32.23 48.66
C MET D 271 40.06 32.08 50.15
N GLU D 272 41.08 31.75 50.96
CA GLU D 272 40.92 31.90 52.41
C GLU D 272 40.77 33.37 52.78
N LYS D 273 41.54 34.23 52.13
CA LYS D 273 41.42 35.67 52.35
C LYS D 273 40.05 36.17 51.94
N ILE D 274 39.51 35.64 50.84
CA ILE D 274 38.15 35.97 50.43
C ILE D 274 37.16 35.53 51.49
N SER D 275 37.39 34.35 52.08
CA SER D 275 36.54 33.89 53.18
C SER D 275 36.66 34.82 54.38
N ASN D 276 37.87 35.29 54.68
CA ASN D 276 38.04 36.23 55.78
C ASN D 276 37.39 37.57 55.50
N LYS D 277 37.30 37.96 54.22
CA LYS D 277 36.66 39.22 53.87
C LYS D 277 35.18 39.21 54.22
N LYS D 278 34.50 38.08 53.96
CA LYS D 278 33.07 37.94 54.22
C LYS D 278 32.27 39.01 53.48
N THR D 279 32.67 39.28 52.23
CA THR D 279 32.01 40.26 51.39
C THR D 279 31.18 39.63 50.29
N LEU D 280 30.87 38.35 50.39
CA LEU D 280 30.06 37.64 49.41
C LEU D 280 28.85 37.01 50.09
N ARG D 281 27.68 37.15 49.46
CA ARG D 281 26.44 36.62 49.98
C ARG D 281 25.89 35.57 49.03
N VAL D 282 25.29 34.52 49.61
CA VAL D 282 24.78 33.39 48.84
C VAL D 282 23.26 33.50 48.77
N CYS D 283 22.68 32.82 47.78
CA CYS D 283 21.25 32.91 47.50
C CYS D 283 20.64 31.52 47.34
N GLY D 284 19.56 31.26 48.07
CA GLY D 284 18.88 29.99 48.01
C GLY D 284 17.43 30.08 48.42
N PRO D 285 16.75 28.93 48.52
CA PRO D 285 15.32 28.96 48.89
C PRO D 285 15.07 29.55 50.27
N ASP D 286 15.96 29.30 51.22
CA ASP D 286 15.76 29.71 52.59
C ASP D 286 17.11 29.69 53.31
N GLU D 287 17.13 30.21 54.53
CA GLU D 287 18.37 30.39 55.26
C GLU D 287 18.98 29.08 55.75
N LYS D 288 18.23 27.97 55.70
CA LYS D 288 18.82 26.69 56.07
C LYS D 288 19.89 26.24 55.08
N TRP D 289 19.87 26.76 53.85
CA TRP D 289 20.83 26.40 52.82
C TRP D 289 22.15 27.16 52.93
N ILE D 290 22.36 27.89 54.02
CA ILE D 290 23.59 28.67 54.17
C ILE D 290 24.81 27.75 54.21
N SER D 291 24.72 26.63 54.94
CA SER D 291 25.82 25.68 54.99
C SER D 291 25.92 24.90 53.69
N PHE D 292 24.79 24.66 53.01
CA PHE D 292 24.80 23.88 51.78
C PHE D 292 25.67 24.54 50.71
N MET D 293 25.45 25.84 50.49
CA MET D 293 26.23 26.54 49.47
C MET D 293 27.62 26.93 49.97
N ASN D 294 27.79 27.05 51.29
CA ASN D 294 29.14 27.21 51.83
C ASN D 294 30.00 25.99 51.52
N GLN D 295 29.40 24.80 51.60
CA GLN D 295 30.09 23.59 51.18
C GLN D 295 30.14 23.44 49.67
N ILE D 296 29.16 24.01 48.96
CA ILE D 296 29.17 23.97 47.50
C ILE D 296 30.36 24.73 46.96
N TYR D 297 30.66 25.89 47.53
CA TYR D 297 31.86 26.63 47.16
C TYR D 297 33.11 25.78 47.36
N ILE D 298 33.13 24.97 48.42
CA ILE D 298 34.20 24.01 48.59
C ILE D 298 34.10 22.91 47.53
N HIS D 299 32.88 22.48 47.21
CA HIS D 299 32.70 21.40 46.25
C HIS D 299 33.18 21.79 44.85
N SER D 300 32.85 23.01 44.42
CA SER D 300 33.06 23.39 43.03
C SER D 300 34.52 23.70 42.71
N VAL D 301 35.25 24.32 43.65
CA VAL D 301 36.56 24.86 43.34
C VAL D 301 37.55 23.74 43.04
N PHE D 302 37.60 22.72 43.91
CA PHE D 302 38.61 21.67 43.82
C PHE D 302 38.03 20.36 43.28
N GLN D 303 36.87 20.42 42.62
CA GLN D 303 36.20 19.23 42.09
C GLN D 303 35.97 18.21 43.20
N THR D 304 35.60 18.70 44.39
CA THR D 304 35.42 17.86 45.56
C THR D 304 33.96 17.47 45.78
N THR D 305 33.10 17.72 44.80
CA THR D 305 31.72 17.21 44.88
C THR D 305 31.71 15.69 44.95
N GLY D 306 32.56 15.05 44.16
CA GLY D 306 32.74 13.61 44.20
C GLY D 306 33.79 13.13 45.18
N GLU D 307 34.40 14.02 45.95
CA GLU D 307 35.38 13.62 46.95
C GLU D 307 34.67 13.22 48.24
N ASP D 308 35.27 12.27 48.95
CA ASP D 308 34.69 11.76 50.17
C ASP D 308 34.59 12.86 51.23
N LEU D 309 33.47 12.85 51.97
CA LEU D 309 33.23 13.86 52.98
C LEU D 309 34.18 13.76 54.15
N GLY D 310 34.78 12.59 54.39
CA GLY D 310 35.74 12.46 55.47
C GLY D 310 36.95 13.35 55.26
N VAL D 311 37.50 13.35 54.04
CA VAL D 311 38.58 14.28 53.70
C VAL D 311 38.07 15.71 53.74
N LEU D 312 36.87 15.95 53.23
CA LEU D 312 36.32 17.30 53.20
C LEU D 312 36.11 17.84 54.62
N GLU D 313 35.62 17.00 55.52
CA GLU D 313 35.41 17.44 56.91
C GLU D 313 36.75 17.63 57.63
N TRP D 314 37.80 16.94 57.19
CA TRP D 314 39.11 17.04 57.81
C TRP D 314 39.96 18.16 57.21
N VAL D 315 39.99 18.25 55.88
CA VAL D 315 40.74 19.31 55.21
C VAL D 315 40.16 20.67 55.57
N PHE D 316 38.84 20.82 55.49
CA PHE D 316 38.17 22.10 55.64
C PHE D 316 37.56 22.30 57.03
N GLY D 317 37.70 21.32 57.92
CA GLY D 317 37.30 21.50 59.30
C GLY D 317 35.84 21.84 59.50
N GLY D 318 34.95 21.26 58.71
CA GLY D 318 33.53 21.54 58.84
C GLY D 318 32.70 20.43 58.25
N ARG D 319 31.52 20.22 58.82
CA ARG D 319 30.62 19.20 58.33
CA ARG D 319 30.62 19.20 58.33
C ARG D 319 30.05 19.59 56.97
N PHE D 320 29.83 18.58 56.13
CA PHE D 320 29.30 18.78 54.79
C PHE D 320 27.89 18.19 54.71
N CYS D 321 26.92 19.04 54.39
CA CYS D 321 25.53 18.61 54.29
C CYS D 321 25.30 17.84 53.01
N GLN D 322 24.48 16.79 53.10
CA GLN D 322 24.12 15.99 51.94
C GLN D 322 22.91 16.59 51.24
N ARG D 323 22.71 16.17 49.99
CA ARG D 323 21.56 16.63 49.23
C ARG D 323 20.25 16.14 49.85
N LYS D 324 20.27 14.98 50.50
CA LYS D 324 19.08 14.45 51.15
C LYS D 324 18.63 15.34 52.30
N GLU D 325 19.55 16.08 52.92
CA GLU D 325 19.22 16.95 54.03
C GLU D 325 18.38 18.15 53.61
N PHE D 326 18.25 18.41 52.31
CA PHE D 326 17.50 19.54 51.80
C PHE D 326 16.51 19.07 50.75
N GLY D 327 15.44 19.84 50.59
CA GLY D 327 14.43 19.55 49.57
C GLY D 327 14.88 20.03 48.21
N ARG D 328 13.92 20.14 47.30
CA ARG D 328 14.21 20.62 45.96
C ARG D 328 14.67 22.08 46.01
N TYR D 329 15.68 22.40 45.22
CA TYR D 329 16.18 23.77 45.17
C TYR D 329 15.16 24.69 44.50
N CYS D 330 15.07 25.91 45.01
CA CYS D 330 14.16 26.89 44.44
C CYS D 330 14.65 27.35 43.07
N LYS D 331 13.76 28.00 42.32
CA LYS D 331 14.10 28.45 40.98
C LYS D 331 15.19 29.52 41.03
N LYS D 332 15.93 29.64 39.92
CA LYS D 332 16.96 30.66 39.82
C LYS D 332 16.40 32.07 39.93
N SER D 333 15.09 32.23 39.70
CA SER D 333 14.42 33.51 39.78
C SER D 333 13.92 33.84 41.19
N GLN D 334 14.23 32.99 42.18
CA GLN D 334 13.79 33.24 43.55
C GLN D 334 14.86 32.86 44.58
N THR D 335 16.13 32.77 44.18
CA THR D 335 17.21 32.53 45.12
C THR D 335 17.52 33.82 45.87
N LYS D 336 17.09 33.92 47.11
CA LYS D 336 17.20 35.16 47.88
C LYS D 336 18.41 35.12 48.79
N VAL D 337 18.96 36.31 49.05
CA VAL D 337 20.14 36.43 49.92
C VAL D 337 19.79 35.92 51.30
N ILE D 338 20.54 34.93 51.77
CA ILE D 338 20.26 34.31 53.06
C ILE D 338 21.39 34.49 54.07
N GLY D 339 22.60 34.79 53.63
CA GLY D 339 23.70 34.98 54.57
C GLY D 339 25.00 35.22 53.83
N LEU D 340 26.04 35.45 54.62
CA LEU D 340 27.38 35.68 54.09
C LEU D 340 28.04 34.35 53.73
N PHE D 341 29.07 34.44 52.89
CA PHE D 341 29.85 33.28 52.50
C PHE D 341 30.98 33.08 53.48
N THR D 342 31.03 31.90 54.09
CA THR D 342 32.07 31.56 55.07
C THR D 342 32.81 30.32 54.62
N PHE D 343 34.07 30.22 55.06
CA PHE D 343 34.92 29.10 54.65
C PHE D 343 36.09 29.01 55.62
N GLN D 344 36.60 27.78 55.78
CA GLN D 344 37.82 27.54 56.52
C GLN D 344 38.44 26.25 56.01
N TYR D 345 39.76 26.15 56.12
CA TYR D 345 40.47 24.93 55.75
C TYR D 345 41.74 24.81 56.56
N GLU D 346 42.20 23.57 56.74
CA GLU D 346 43.41 23.28 57.47
C GLU D 346 44.43 22.48 56.66
N TYR D 347 44.05 21.92 55.51
CA TYR D 347 44.94 21.10 54.70
C TYR D 347 44.65 21.36 53.24
N TRP D 348 45.39 20.67 52.37
CA TRP D 348 45.23 20.78 50.92
C TRP D 348 46.02 19.63 50.29
N SER D 349 46.08 19.65 48.95
CA SER D 349 46.85 18.65 48.22
C SER D 349 47.09 19.14 46.81
N LYS D 350 48.12 18.57 46.17
CA LYS D 350 48.32 18.80 44.76
C LYS D 350 47.15 18.19 43.98
N PRO D 351 46.81 18.75 42.82
CA PRO D 351 45.68 18.22 42.05
C PRO D 351 45.92 16.76 41.68
N LEU D 352 44.84 15.99 41.69
CA LEU D 352 44.90 14.56 41.39
C LEU D 352 45.28 14.39 39.93
N LYS D 353 46.55 14.03 39.69
CA LYS D 353 47.04 13.90 38.32
C LYS D 353 46.70 12.53 37.75
N SER D 354 47.20 11.48 38.40
CA SER D 354 46.89 10.11 37.99
C SER D 354 45.63 9.64 38.71
N ALA D 355 45.28 8.37 38.52
CA ALA D 355 44.10 7.83 39.20
C ALA D 355 44.34 7.77 40.70
N PRO D 356 43.34 8.12 41.52
CA PRO D 356 43.53 8.00 42.98
C PRO D 356 43.83 6.59 43.43
N ARG D 357 43.22 5.60 42.78
CA ARG D 357 43.50 4.20 43.06
C ARG D 357 44.42 3.67 41.97
N SER D 358 45.55 3.08 42.38
CA SER D 358 46.52 2.55 41.45
C SER D 358 47.06 1.23 41.97
N ILE D 359 47.13 0.23 41.10
CA ILE D 359 47.65 -1.08 41.46
C ILE D 359 49.11 -1.17 41.04
N GLU D 360 49.72 -0.02 40.75
CA GLU D 360 51.13 0.02 40.35
C GLU D 360 52.04 -0.33 41.52
N ILE D 367 69.14 -8.27 38.49
CA ILE D 367 69.56 -9.57 38.98
C ILE D 367 69.99 -10.46 37.81
N SER D 368 69.66 -10.03 36.59
CA SER D 368 70.00 -10.76 35.38
C SER D 368 71.14 -10.05 34.66
N CYS D 369 72.20 -10.79 34.36
CA CYS D 369 73.34 -10.27 33.63
C CYS D 369 73.21 -10.64 32.16
N ARG D 370 73.54 -9.70 31.29
CA ARG D 370 73.38 -9.93 29.85
C ARG D 370 74.69 -9.64 29.12
N PRO D 371 75.68 -10.53 29.22
CA PRO D 371 76.93 -10.31 28.47
C PRO D 371 76.75 -10.56 26.98
N SER D 372 76.27 -9.53 26.26
CA SER D 372 76.07 -9.67 24.83
C SER D 372 77.37 -9.95 24.09
N PHE D 373 78.45 -9.28 24.49
CA PHE D 373 79.75 -9.50 23.89
C PHE D 373 80.46 -10.64 24.62
N LYS D 374 81.32 -11.32 23.88
CA LYS D 374 82.03 -12.52 24.30
C LYS D 374 83.41 -12.25 24.89
N GLY D 375 83.49 -11.51 25.98
CA GLY D 375 84.71 -11.43 26.77
C GLY D 375 84.68 -12.42 27.91
N LYS D 376 85.80 -13.06 28.21
CA LYS D 376 85.80 -14.16 29.16
C LYS D 376 85.74 -13.64 30.59
N ARG D 377 84.61 -13.91 31.26
CA ARG D 377 84.39 -13.54 32.65
C ARG D 377 83.63 -14.67 33.31
N PRO D 378 83.75 -14.87 34.62
CA PRO D 378 82.90 -15.84 35.30
C PRO D 378 81.43 -15.45 35.18
N SER D 379 80.58 -16.46 34.99
CA SER D 379 79.14 -16.22 34.84
C SER D 379 78.52 -16.19 36.23
N TYR D 380 78.15 -14.99 36.69
CA TYR D 380 77.62 -14.80 38.03
C TYR D 380 76.10 -14.75 37.97
N ASN D 381 75.46 -15.33 38.97
CA ASN D 381 74.01 -15.27 39.14
C ASN D 381 73.68 -14.51 40.42
N ASN D 382 72.75 -13.57 40.32
CA ASN D 382 72.35 -12.75 41.46
C ASN D 382 71.15 -13.33 42.19
N PHE D 383 70.55 -14.40 41.69
CA PHE D 383 69.42 -15.06 42.32
C PHE D 383 69.79 -16.51 42.63
N THR D 384 69.51 -16.94 43.85
CA THR D 384 69.85 -18.31 44.24
C THR D 384 69.00 -19.33 43.48
N SER D 385 67.72 -19.03 43.30
CA SER D 385 66.81 -19.94 42.59
C SER D 385 65.80 -19.16 41.76
N SER D 399 37.54 -15.42 32.04
CA SER D 399 36.79 -14.77 30.97
C SER D 399 37.12 -13.28 30.90
N PHE D 400 36.65 -12.62 29.84
CA PHE D 400 36.89 -11.19 29.70
C PHE D 400 36.17 -10.40 30.78
N TYR D 401 34.94 -10.79 31.12
CA TYR D 401 34.26 -10.20 32.25
C TYR D 401 35.01 -10.48 33.55
N ASP D 402 35.54 -11.70 33.69
CA ASP D 402 36.34 -12.04 34.86
C ASP D 402 37.59 -11.19 34.93
N GLN D 403 38.18 -10.85 33.78
CA GLN D 403 39.35 -9.99 33.77
C GLN D 403 39.03 -8.62 34.38
N VAL D 404 37.91 -8.02 33.98
CA VAL D 404 37.50 -6.75 34.56
C VAL D 404 37.23 -6.92 36.05
N ARG D 405 36.48 -7.97 36.41
CA ARG D 405 36.20 -8.22 37.82
C ARG D 405 37.47 -8.48 38.61
N GLU D 406 38.43 -9.19 38.01
CA GLU D 406 39.74 -9.34 38.65
C GLU D 406 40.39 -8.00 38.89
N GLU D 407 40.39 -7.13 37.87
CA GLU D 407 40.86 -5.76 38.05
C GLU D 407 39.94 -4.98 38.97
N CYS D 408 38.63 -5.26 38.93
CA CYS D 408 37.69 -4.59 39.81
C CYS D 408 37.98 -4.92 41.28
N GLN D 409 38.25 -6.19 41.57
CA GLN D 409 38.57 -6.56 42.95
C GLN D 409 39.95 -6.09 43.36
N LYS D 410 40.86 -5.90 42.39
CA LYS D 410 42.17 -5.37 42.70
C LYS D 410 42.09 -3.97 43.30
N TYR D 411 41.19 -3.14 42.78
CA TYR D 411 41.05 -1.78 43.28
C TYR D 411 40.15 -1.69 44.51
N MET D 412 39.34 -2.73 44.78
CA MET D 412 38.77 -2.90 46.10
C MET D 412 39.84 -3.17 47.15
N ASP D 413 40.85 -3.96 46.78
CA ASP D 413 41.92 -4.27 47.72
C ASP D 413 42.74 -3.03 48.08
N LEU D 414 42.74 -2.03 47.20
CA LEU D 414 43.49 -0.81 47.47
C LEU D 414 42.82 0.01 48.57
N LYS D 415 43.62 0.47 49.54
CA LYS D 415 43.12 1.34 50.59
C LYS D 415 43.66 2.76 50.46
N VAL D 416 44.81 2.94 49.82
CA VAL D 416 45.39 4.27 49.60
C VAL D 416 44.74 4.89 48.38
N GLU D 417 44.34 6.15 48.50
CA GLU D 417 43.72 6.87 47.39
C GLU D 417 44.38 8.24 47.25
N GLY D 418 44.73 8.60 46.01
CA GLY D 418 45.41 9.82 45.69
C GLY D 418 46.61 9.55 44.81
N THR D 419 47.37 10.60 44.52
CA THR D 419 48.58 10.47 43.73
C THR D 419 49.83 10.40 44.60
N THR D 420 50.08 11.43 45.41
CA THR D 420 51.19 11.40 46.37
C THR D 420 50.70 11.50 47.80
N CYS D 421 50.01 12.58 48.16
CA CYS D 421 49.61 12.84 49.54
C CYS D 421 48.81 14.13 49.64
N PHE D 422 48.28 14.42 50.83
CA PHE D 422 47.70 15.72 51.14
C PHE D 422 48.76 16.59 51.83
N TYR D 423 48.50 17.90 51.85
CA TYR D 423 49.41 18.84 52.47
C TYR D 423 48.63 19.76 53.43
N ARG D 424 49.32 20.19 54.48
CA ARG D 424 48.70 21.05 55.49
C ARG D 424 48.67 22.50 55.02
N LYS D 425 47.74 23.27 55.59
CA LYS D 425 47.62 24.69 55.26
C LYS D 425 48.91 25.44 55.61
N GLY D 426 49.32 26.33 54.71
CA GLY D 426 50.51 27.13 54.91
C GLY D 426 51.76 26.62 54.21
N GLY D 427 51.66 25.54 53.45
CA GLY D 427 52.81 25.00 52.76
C GLY D 427 52.47 23.68 52.13
N HIS D 428 53.51 23.04 51.60
CA HIS D 428 53.39 21.72 50.97
C HIS D 428 53.92 20.62 51.87
N VAL D 429 53.72 20.74 53.18
CA VAL D 429 54.15 19.71 54.12
C VAL D 429 53.20 18.52 54.02
N GLU D 430 53.74 17.35 53.71
CA GLU D 430 52.92 16.19 53.41
C GLU D 430 52.23 15.69 54.68
N VAL D 431 50.89 15.65 54.64
CA VAL D 431 50.07 15.17 55.74
C VAL D 431 49.07 14.17 55.17
N GLU D 432 48.85 13.08 55.89
CA GLU D 432 47.92 12.03 55.46
CA GLU D 432 47.93 12.03 55.46
C GLU D 432 46.64 12.12 56.26
N PHE D 433 45.51 12.01 55.57
CA PHE D 433 44.19 12.10 56.19
C PHE D 433 43.98 10.96 57.18
N PRO D 434 43.90 11.23 58.49
CA PRO D 434 43.77 10.14 59.47
C PRO D 434 42.37 9.57 59.59
N GLY D 435 41.35 10.42 59.51
CA GLY D 435 39.99 9.97 59.70
C GLY D 435 39.08 11.13 60.02
N SER D 436 37.79 10.82 60.09
CA SER D 436 36.76 11.81 60.34
C SER D 436 35.61 11.14 61.10
N ALA D 437 34.45 11.78 61.11
CA ALA D 437 33.28 11.24 61.79
C ALA D 437 32.20 10.76 60.82
N HIS D 438 32.12 11.34 59.64
CA HIS D 438 31.06 11.03 58.67
C HIS D 438 31.53 10.03 57.62
N CYS D 439 31.60 8.76 57.99
CA CYS D 439 31.97 7.70 57.05
C CYS D 439 30.81 7.38 56.12
N ASN D 440 31.13 6.82 54.95
CA ASN D 440 30.19 6.35 53.93
C ASN D 440 29.08 7.35 53.61
N THR D 441 29.34 8.63 53.76
CA THR D 441 28.41 9.69 53.38
C THR D 441 29.02 10.57 52.31
N TYR D 442 28.21 10.89 51.30
CA TYR D 442 28.60 11.82 50.24
C TYR D 442 27.52 12.89 50.12
N LEU D 443 27.76 13.86 49.24
CA LEU D 443 26.76 14.90 49.00
C LEU D 443 25.48 14.30 48.43
N PHE D 444 25.61 13.38 47.48
CA PHE D 444 24.46 12.66 46.91
C PHE D 444 24.40 11.21 47.37
N GLY D 445 25.30 10.78 48.24
CA GLY D 445 25.29 9.41 48.72
C GLY D 445 24.34 9.17 49.87
N THR E 20 -3.66 25.73 54.29
CA THR E 20 -4.45 24.69 53.65
C THR E 20 -5.58 24.21 54.56
N GLU E 21 -5.21 23.72 55.74
CA GLU E 21 -6.17 23.22 56.71
C GLU E 21 -6.59 24.29 57.72
N SER E 22 -6.07 25.50 57.60
CA SER E 22 -6.43 26.55 58.56
C SER E 22 -7.87 27.02 58.38
N GLN E 23 -8.30 27.19 57.13
CA GLN E 23 -9.65 27.65 56.84
C GLN E 23 -10.66 26.52 56.70
N ILE E 24 -10.20 25.27 56.70
CA ILE E 24 -11.13 24.14 56.59
C ILE E 24 -12.15 24.12 57.71
N PRO E 25 -11.82 24.37 58.98
CA PRO E 25 -12.86 24.35 60.02
C PRO E 25 -14.00 25.32 59.77
N LYS E 26 -13.73 26.48 59.16
CA LYS E 26 -14.79 27.45 58.88
C LYS E 26 -15.37 27.29 57.48
N MET E 27 -14.64 26.64 56.56
CA MET E 27 -15.14 26.49 55.20
C MET E 27 -16.33 25.54 55.11
N TYR E 28 -16.40 24.53 55.98
CA TYR E 28 -17.50 23.59 55.90
C TYR E 28 -18.80 24.17 56.48
N GLU E 29 -18.69 25.22 57.29
CA GLU E 29 -19.86 25.74 57.99
C GLU E 29 -20.86 26.38 57.03
N MET E 30 -20.38 27.27 56.16
CA MET E 30 -21.27 27.99 55.26
C MET E 30 -21.60 27.22 53.99
N ILE E 31 -20.91 26.10 53.73
CA ILE E 31 -21.37 25.19 52.67
C ILE E 31 -22.70 24.58 53.06
N ARG E 32 -22.84 24.17 54.33
CA ARG E 32 -24.09 23.62 54.83
C ARG E 32 -25.15 24.69 55.02
N ASP E 33 -24.75 25.94 55.24
CA ASP E 33 -25.72 27.00 55.48
C ASP E 33 -26.65 27.20 54.29
N GLN E 34 -26.10 27.22 53.07
CA GLN E 34 -26.90 27.28 51.87
C GLN E 34 -27.47 25.92 51.48
N MET E 35 -26.94 24.84 52.05
CA MET E 35 -27.44 23.50 51.73
C MET E 35 -28.87 23.30 52.23
N ARG E 36 -29.16 23.79 53.43
CA ARG E 36 -30.49 23.60 54.02
C ARG E 36 -31.45 24.74 53.68
N THR E 37 -30.94 25.96 53.51
CA THR E 37 -31.81 27.10 53.25
C THR E 37 -32.58 26.91 51.94
N LEU E 38 -31.91 26.44 50.89
CA LEU E 38 -32.58 26.22 49.62
C LEU E 38 -33.62 25.10 49.73
N ALA E 39 -33.29 24.02 50.45
CA ALA E 39 -34.22 22.91 50.58
C ALA E 39 -35.35 23.24 51.54
N SER E 40 -35.05 23.85 52.67
CA SER E 40 -36.07 24.13 53.68
C SER E 40 -37.03 25.23 53.25
N THR E 41 -36.61 26.11 52.33
CA THR E 41 -37.51 27.14 51.84
C THR E 41 -38.70 26.53 51.11
N HIS E 42 -38.45 25.48 50.32
CA HIS E 42 -39.49 24.83 49.54
C HIS E 42 -39.89 23.47 50.14
N LYS E 43 -39.61 23.26 51.42
CA LYS E 43 -40.02 22.06 52.14
C LYS E 43 -39.47 20.79 51.48
N ILE E 44 -38.18 20.84 51.09
CA ILE E 44 -37.49 19.67 50.55
C ILE E 44 -36.84 18.94 51.72
N PRO E 45 -37.28 17.74 52.07
CA PRO E 45 -36.64 17.02 53.18
C PRO E 45 -35.19 16.70 52.87
N LEU E 46 -34.34 16.80 53.89
CA LEU E 46 -32.91 16.58 53.76
C LEU E 46 -32.48 15.20 54.22
N ASN E 47 -33.42 14.34 54.57
CA ASN E 47 -33.10 12.97 54.98
C ASN E 47 -33.09 12.01 53.79
N ILE E 48 -33.28 12.51 52.57
CA ILE E 48 -33.11 11.72 51.36
C ILE E 48 -31.82 12.15 50.69
N ASP E 49 -30.98 11.17 50.30
CA ASP E 49 -29.73 11.48 49.62
C ASP E 49 -29.97 12.16 48.28
N HIS E 50 -30.95 11.67 47.52
CA HIS E 50 -31.19 12.22 46.19
C HIS E 50 -31.64 13.67 46.26
N ASN E 51 -32.42 14.02 47.28
CA ASN E 51 -32.74 15.42 47.50
C ASN E 51 -31.48 16.23 47.79
N CYS E 52 -30.59 15.69 48.62
CA CYS E 52 -29.34 16.37 48.91
C CYS E 52 -28.38 16.33 47.72
N GLU E 53 -28.37 15.23 46.97
CA GLU E 53 -27.46 15.09 45.84
C GLU E 53 -27.71 16.16 44.79
N VAL E 54 -28.97 16.36 44.41
CA VAL E 54 -29.28 17.35 43.40
C VAL E 54 -29.11 18.76 43.94
N ILE E 55 -29.60 19.01 45.15
CA ILE E 55 -29.49 20.35 45.75
C ILE E 55 -28.03 20.74 45.88
N GLY E 56 -27.20 19.84 46.40
CA GLY E 56 -25.78 20.12 46.52
C GLY E 56 -25.12 20.36 45.18
N SER E 57 -25.53 19.60 44.15
CA SER E 57 -25.03 19.83 42.81
C SER E 57 -25.40 21.21 42.31
N ILE E 58 -26.63 21.65 42.62
CA ILE E 58 -27.03 23.02 42.29
C ILE E 58 -26.19 24.03 43.06
N ILE E 59 -25.99 23.79 44.36
CA ILE E 59 -25.19 24.69 45.17
C ILE E 59 -23.75 24.72 44.68
N MET E 60 -23.19 23.53 44.40
CA MET E 60 -21.81 23.48 43.91
C MET E 60 -21.69 24.09 42.52
N ALA E 61 -22.75 24.02 41.72
CA ALA E 61 -22.71 24.63 40.40
C ALA E 61 -22.48 26.14 40.50
N ALA E 62 -23.15 26.79 41.44
CA ALA E 62 -22.99 28.23 41.61
C ALA E 62 -21.62 28.62 42.14
N CYS E 63 -20.86 27.66 42.67
CA CYS E 63 -19.57 27.98 43.28
C CYS E 63 -18.57 28.47 42.23
N THR E 64 -18.39 27.71 41.15
CA THR E 64 -17.47 28.09 40.10
C THR E 64 -18.15 28.28 38.74
N ASN E 65 -18.90 27.28 38.28
CA ASN E 65 -19.61 27.38 37.00
C ASN E 65 -20.91 28.15 37.23
N ASN E 66 -20.74 29.45 37.50
CA ASN E 66 -21.86 30.29 37.94
C ASN E 66 -22.93 30.41 36.87
N ARG E 67 -22.55 30.28 35.59
CA ARG E 67 -23.48 30.49 34.48
C ARG E 67 -24.13 29.20 33.98
N ASP E 68 -23.85 28.06 34.61
CA ASP E 68 -24.44 26.81 34.14
C ASP E 68 -25.83 26.58 34.73
N LEU E 69 -26.01 26.85 36.02
CA LEU E 69 -27.29 26.63 36.67
C LEU E 69 -28.23 27.81 36.44
N ARG E 70 -29.52 27.59 36.75
CA ARG E 70 -30.54 28.61 36.58
CA ARG E 70 -30.54 28.61 36.58
C ARG E 70 -30.92 29.22 37.93
N PRO E 71 -31.31 30.50 37.95
CA PRO E 71 -31.76 31.10 39.22
C PRO E 71 -32.98 30.41 39.80
N VAL E 72 -33.90 29.95 38.95
CA VAL E 72 -35.03 29.13 39.36
C VAL E 72 -35.19 28.02 38.34
N ASP E 73 -35.38 26.79 38.81
CA ASP E 73 -35.45 25.64 37.92
C ASP E 73 -36.10 24.48 38.64
N LYS E 74 -36.40 23.43 37.87
CA LYS E 74 -37.00 22.21 38.39
C LYS E 74 -35.94 21.12 38.49
N TYR E 75 -35.98 20.35 39.58
CA TYR E 75 -35.04 19.26 39.76
C TYR E 75 -35.75 18.11 40.49
N TRP E 76 -35.17 16.91 40.35
CA TRP E 76 -35.75 15.71 40.95
C TRP E 76 -35.41 15.63 42.42
N PHE E 77 -36.43 15.50 43.27
CA PHE E 77 -36.26 15.29 44.70
C PHE E 77 -37.30 14.29 45.17
N LEU E 78 -37.32 14.05 46.48
CA LEU E 78 -38.28 13.17 47.13
C LEU E 78 -39.20 14.00 48.01
N MET E 79 -40.45 14.15 47.61
CA MET E 79 -41.43 14.94 48.34
C MET E 79 -42.37 14.01 49.10
N GLY E 80 -42.37 14.13 50.43
CA GLY E 80 -43.23 13.33 51.27
C GLY E 80 -42.82 13.39 52.72
N PRO E 81 -43.80 13.47 53.62
CA PRO E 81 -43.49 13.53 55.05
C PRO E 81 -43.41 12.14 55.69
N ALA E 82 -42.30 11.87 56.39
CA ALA E 82 -42.13 10.66 57.18
C ALA E 82 -42.27 9.40 56.32
N GLY E 83 -41.36 9.27 55.36
CA GLY E 83 -41.28 8.06 54.55
C GLY E 83 -42.25 7.97 53.40
N ALA E 84 -43.09 8.99 53.18
CA ALA E 84 -44.05 9.00 52.08
C ALA E 84 -43.55 9.77 50.87
N GLU E 85 -42.24 9.72 50.61
CA GLU E 85 -41.63 10.51 49.55
C GLU E 85 -41.80 9.83 48.21
N VAL E 86 -42.35 10.57 47.24
CA VAL E 86 -42.43 10.14 45.84
C VAL E 86 -41.79 11.22 44.99
N MET E 87 -41.01 10.80 43.99
CA MET E 87 -40.26 11.76 43.18
C MET E 87 -41.18 12.67 42.38
N THR E 88 -40.79 13.95 42.34
CA THR E 88 -41.39 14.95 41.47
C THR E 88 -40.39 16.08 41.31
N GLU E 89 -40.66 17.00 40.39
CA GLU E 89 -39.79 18.14 40.14
C GLU E 89 -40.37 19.37 40.84
N VAL E 90 -39.57 19.97 41.73
CA VAL E 90 -40.00 21.08 42.55
C VAL E 90 -39.14 22.29 42.23
N GLU E 91 -39.79 23.41 41.93
CA GLU E 91 -39.08 24.65 41.71
C GLU E 91 -38.40 25.12 42.99
N ILE E 92 -37.19 25.65 42.84
CA ILE E 92 -36.42 26.17 43.95
C ILE E 92 -35.86 27.53 43.56
N ASP E 93 -35.79 28.44 44.53
CA ASP E 93 -35.27 29.79 44.32
C ASP E 93 -33.79 29.77 44.69
N ILE E 94 -32.94 29.54 43.69
CA ILE E 94 -31.50 29.48 43.92
C ILE E 94 -30.90 30.87 44.11
N GLN E 95 -31.61 31.92 43.70
CA GLN E 95 -31.09 33.28 43.77
C GLN E 95 -30.56 33.67 45.15
N PRO E 96 -31.24 33.37 46.26
CA PRO E 96 -30.61 33.63 47.57
C PRO E 96 -29.30 32.89 47.76
N GLN E 97 -29.17 31.69 47.20
CA GLN E 97 -27.95 30.91 47.30
C GLN E 97 -26.91 31.27 46.25
N LEU E 98 -27.28 32.04 45.22
CA LEU E 98 -26.34 32.40 44.17
C LEU E 98 -25.37 33.48 44.62
N GLN E 99 -25.85 34.43 45.42
CA GLN E 99 -25.03 35.59 45.79
C GLN E 99 -23.82 35.19 46.62
N TRP E 100 -24.00 34.26 47.57
CA TRP E 100 -22.90 33.89 48.45
C TRP E 100 -21.77 33.21 47.70
N ALA E 101 -22.11 32.35 46.73
CA ALA E 101 -21.09 31.55 46.05
C ALA E 101 -20.12 32.43 45.26
N LYS E 102 -20.64 33.43 44.54
CA LYS E 102 -19.77 34.28 43.74
C LYS E 102 -18.93 35.20 44.62
N GLY E 103 -19.50 35.67 45.73
CA GLY E 103 -18.76 36.53 46.64
C GLY E 103 -17.68 35.80 47.42
N ALA E 104 -17.82 34.49 47.58
CA ALA E 104 -16.82 33.68 48.27
C ALA E 104 -15.60 33.39 47.39
N VAL E 105 -15.65 33.73 46.11
CA VAL E 105 -14.56 33.41 45.20
C VAL E 105 -13.30 34.17 45.59
N HIS E 106 -13.44 35.48 45.83
CA HIS E 106 -12.32 36.33 46.19
C HIS E 106 -12.45 36.89 47.60
N ASP E 107 -13.22 36.23 48.46
CA ASP E 107 -13.36 36.66 49.84
C ASP E 107 -12.06 36.43 50.59
N PRO E 108 -11.47 37.45 51.21
CA PRO E 108 -10.20 37.25 51.92
C PRO E 108 -10.30 36.29 53.10
N LYS E 109 -11.50 36.01 53.59
CA LYS E 109 -11.65 35.09 54.72
C LYS E 109 -11.17 33.68 54.39
N TYR E 110 -11.14 33.31 53.11
CA TYR E 110 -10.65 32.00 52.69
C TYR E 110 -9.16 31.98 52.38
N LYS E 111 -8.51 33.15 52.38
CA LYS E 111 -7.08 33.25 52.11
C LYS E 111 -6.72 32.66 50.74
N GLY E 112 -7.61 32.85 49.77
CA GLY E 112 -7.37 32.32 48.43
C GLY E 112 -7.52 30.83 48.29
N GLN E 113 -8.04 30.15 49.31
CA GLN E 113 -8.20 28.70 49.27
C GLN E 113 -9.58 28.27 48.79
N TRP E 114 -10.41 29.21 48.32
CA TRP E 114 -11.75 28.85 47.86
C TRP E 114 -11.69 27.93 46.64
N TYR E 115 -11.04 28.37 45.57
CA TYR E 115 -10.80 27.48 44.43
C TYR E 115 -10.08 26.20 44.82
N PRO E 116 -9.00 26.22 45.62
CA PRO E 116 -8.45 24.94 46.09
C PRO E 116 -9.45 24.08 46.85
N PHE E 117 -10.32 24.69 47.65
CA PHE E 117 -11.33 23.91 48.35
C PHE E 117 -12.44 23.46 47.41
N LEU E 118 -12.87 24.35 46.51
CA LEU E 118 -13.94 24.01 45.58
C LEU E 118 -13.51 22.90 44.63
N ALA E 119 -12.25 22.93 44.18
CA ALA E 119 -11.74 21.85 43.33
C ALA E 119 -11.81 20.51 44.06
N LEU E 120 -11.46 20.50 45.34
CA LEU E 120 -11.66 19.31 46.16
C LEU E 120 -13.13 18.95 46.27
N LEU E 121 -13.98 19.96 46.45
CA LEU E 121 -15.41 19.72 46.65
C LEU E 121 -16.07 19.20 45.37
N GLN E 122 -15.73 19.79 44.22
CA GLN E 122 -16.38 19.40 42.98
C GLN E 122 -16.03 17.98 42.58
N ILE E 123 -14.77 17.58 42.78
CA ILE E 123 -14.34 16.25 42.35
C ILE E 123 -15.04 15.17 43.16
N SER E 124 -15.12 15.35 44.48
CA SER E 124 -15.65 14.30 45.34
C SER E 124 -17.15 14.09 45.15
N ASN E 125 -17.89 15.14 44.82
CA ASN E 125 -19.34 15.07 44.79
C ASN E 125 -19.91 14.48 43.51
N LYS E 126 -19.08 14.22 42.51
CA LYS E 126 -19.53 13.62 41.25
C LYS E 126 -19.25 12.13 41.18
N THR E 127 -18.88 11.51 42.30
CA THR E 127 -18.48 10.11 42.28
C THR E 127 -19.66 9.16 42.15
N LYS E 128 -20.79 9.49 42.79
CA LYS E 128 -21.91 8.54 42.85
C LYS E 128 -22.47 8.25 41.47
N ASP E 129 -22.60 9.27 40.62
CA ASP E 129 -23.13 9.05 39.28
C ASP E 129 -22.22 8.14 38.47
N THR E 130 -20.91 8.30 38.59
CA THR E 130 -19.97 7.46 37.85
C THR E 130 -20.05 6.00 38.29
N ILE E 131 -20.18 5.76 39.59
CA ILE E 131 -20.26 4.38 40.07
C ILE E 131 -21.54 3.71 39.60
N LEU E 132 -22.67 4.41 39.74
CA LEU E 132 -23.95 3.82 39.35
C LEU E 132 -24.06 3.68 37.83
N TRP E 133 -23.61 4.69 37.09
CA TRP E 133 -23.55 4.63 35.63
C TRP E 133 -22.07 4.52 35.25
N GLN E 134 -21.60 3.28 35.10
CA GLN E 134 -20.19 3.01 34.87
C GLN E 134 -19.77 3.48 33.49
N LYS E 135 -19.03 4.59 33.42
CA LYS E 135 -18.55 5.14 32.17
C LYS E 135 -17.04 5.38 32.28
N TYR E 136 -16.38 5.39 31.11
CA TYR E 136 -14.94 5.61 31.02
C TYR E 136 -14.71 6.71 29.99
N PRO E 137 -14.88 7.97 30.39
CA PRO E 137 -14.77 9.07 29.41
C PRO E 137 -13.34 9.42 29.04
N VAL E 138 -12.42 9.27 29.97
CA VAL E 138 -11.04 9.71 29.77
C VAL E 138 -10.21 8.65 29.06
N THR E 139 -10.25 7.42 29.55
CA THR E 139 -9.44 6.36 28.95
C THR E 139 -9.85 6.08 27.51
N GLN E 140 -11.17 6.09 27.25
CA GLN E 140 -11.64 5.88 25.88
C GLN E 140 -11.18 6.99 24.95
N GLU E 141 -11.26 8.24 25.41
CA GLU E 141 -10.74 9.34 24.60
C GLU E 141 -9.22 9.30 24.53
N LEU E 142 -8.57 8.66 25.50
CA LEU E 142 -7.13 8.42 25.47
C LEU E 142 -6.78 7.11 24.80
N GLU E 143 -7.76 6.36 24.31
CA GLU E 143 -7.54 5.15 23.52
C GLU E 143 -6.64 4.15 24.26
N ILE E 144 -6.93 3.97 25.55
CA ILE E 144 -6.16 3.07 26.41
C ILE E 144 -7.13 2.12 27.11
N SER E 145 -6.57 1.28 27.98
CA SER E 145 -7.37 0.28 28.67
C SER E 145 -8.41 0.94 29.57
N ASN E 146 -9.64 0.40 29.54
CA ASN E 146 -10.73 0.95 30.33
C ASN E 146 -10.61 0.62 31.81
N SER E 147 -9.81 -0.38 32.16
CA SER E 147 -9.61 -0.71 33.57
C SER E 147 -8.77 0.34 34.29
N LEU E 148 -8.23 1.32 33.57
CA LEU E 148 -7.32 2.31 34.12
C LEU E 148 -7.94 3.69 34.27
N GLU E 149 -9.28 3.78 34.29
CA GLU E 149 -9.92 5.04 34.61
C GLU E 149 -9.62 5.46 36.05
N ILE E 150 -9.07 4.54 36.84
CA ILE E 150 -8.64 4.83 38.20
C ILE E 150 -7.67 6.02 38.23
N TYR E 151 -6.78 6.09 37.24
CA TYR E 151 -5.81 7.17 37.15
C TYR E 151 -6.34 8.38 36.41
N ALA E 152 -7.66 8.43 36.20
CA ALA E 152 -8.32 9.50 35.47
C ALA E 152 -9.27 10.29 36.38
N ASN E 153 -8.80 10.62 37.57
CA ASN E 153 -9.59 11.41 38.51
C ASN E 153 -9.63 12.88 38.10
N GLY E 154 -10.73 13.54 38.44
CA GLY E 154 -10.88 14.95 38.16
C GLY E 154 -11.46 15.31 36.82
N HIS E 155 -12.15 14.39 36.15
CA HIS E 155 -12.77 14.69 34.88
C HIS E 155 -14.09 15.43 35.09
N GLY E 156 -14.41 16.31 34.14
CA GLY E 156 -15.65 17.06 34.18
C GLY E 156 -15.64 18.27 35.08
N ILE E 157 -14.51 18.57 35.73
CA ILE E 157 -14.43 19.72 36.62
C ILE E 157 -14.14 20.97 35.82
N LYS E 158 -14.51 22.13 36.39
CA LYS E 158 -14.23 23.39 35.72
C LYS E 158 -12.72 23.62 35.60
N ASP E 159 -12.31 24.24 34.49
CA ASP E 159 -10.89 24.47 34.26
C ASP E 159 -10.28 25.36 35.33
N ARG E 160 -11.06 26.28 35.90
CA ARG E 160 -10.57 27.07 37.02
C ARG E 160 -10.24 26.18 38.21
N LEU E 161 -11.12 25.22 38.52
CA LEU E 161 -10.82 24.26 39.56
C LEU E 161 -9.74 23.28 39.14
N LYS E 162 -9.68 22.95 37.85
CA LYS E 162 -8.62 22.06 37.37
C LYS E 162 -7.25 22.71 37.46
N ASN E 163 -7.21 24.05 37.44
CA ASN E 163 -5.99 24.79 37.75
C ASN E 163 -5.88 25.16 39.22
N SER E 164 -6.90 24.85 40.02
CA SER E 164 -6.89 25.16 41.45
C SER E 164 -6.29 24.02 42.26
N ARG E 165 -6.73 22.79 42.01
CA ARG E 165 -6.12 21.60 42.57
C ARG E 165 -5.84 20.61 41.45
N PRO E 166 -4.91 20.93 40.55
CA PRO E 166 -4.54 19.96 39.50
C PRO E 166 -3.91 18.70 40.07
N ARG E 167 -3.33 18.79 41.27
CA ARG E 167 -2.77 17.60 41.91
C ARG E 167 -3.85 16.57 42.20
N SER E 168 -5.01 17.02 42.68
CA SER E 168 -6.13 16.12 42.90
C SER E 168 -6.71 15.57 41.60
N VAL E 169 -6.60 16.32 40.51
CA VAL E 169 -7.04 15.84 39.21
C VAL E 169 -6.04 14.80 38.71
N GLY E 170 -6.54 13.62 38.37
CA GLY E 170 -5.69 12.53 37.96
C GLY E 170 -4.91 12.85 36.70
N PRO E 171 -3.74 12.22 36.54
CA PRO E 171 -2.90 12.52 35.37
C PRO E 171 -3.60 12.26 34.05
N LEU E 172 -4.41 11.20 33.97
CA LEU E 172 -5.05 10.88 32.70
C LEU E 172 -6.00 11.98 32.25
N VAL E 173 -6.73 12.59 33.18
CA VAL E 173 -7.55 13.74 32.84
C VAL E 173 -6.68 14.88 32.34
N HIS E 174 -5.57 15.14 33.05
CA HIS E 174 -4.59 16.08 32.53
C HIS E 174 -3.98 15.57 31.22
N LEU E 175 -3.68 14.27 31.16
CA LEU E 175 -3.23 13.68 29.90
C LEU E 175 -4.30 13.77 28.83
N LEU E 176 -5.56 13.53 29.20
CA LEU E 176 -6.65 13.80 28.28
C LEU E 176 -6.71 15.28 27.94
N HIS E 177 -6.62 16.14 28.95
CA HIS E 177 -6.52 17.57 28.69
C HIS E 177 -5.30 17.88 27.84
N LEU E 178 -4.18 17.20 28.11
CA LEU E 178 -3.03 17.31 27.23
C LEU E 178 -3.36 16.77 25.84
N LYS E 179 -4.06 15.64 25.76
CA LYS E 179 -4.50 15.14 24.46
C LYS E 179 -5.54 16.05 23.84
N ARG E 180 -6.49 16.55 24.65
CA ARG E 180 -7.39 17.59 24.17
C ARG E 180 -6.62 18.83 23.76
N LEU E 181 -5.56 19.15 24.51
CA LEU E 181 -4.74 20.32 24.23
C LEU E 181 -4.06 20.23 22.87
N GLN E 182 -3.57 19.04 22.51
CA GLN E 182 -2.97 18.84 21.19
C GLN E 182 -4.01 18.61 20.11
N GLU E 183 -5.27 18.41 20.47
CA GLU E 183 -6.35 18.17 19.53
C GLU E 183 -7.47 19.19 19.71
N ASN E 184 -7.15 20.39 20.17
CA ASN E 184 -8.14 21.44 20.37
C ASN E 184 -8.27 22.32 19.14
N SER E 188 -2.63 29.02 18.71
CA SER E 188 -2.50 30.02 19.76
C SER E 188 -1.50 29.58 20.83
N PRO E 189 -0.28 30.14 20.80
CA PRO E 189 0.74 29.73 21.76
C PRO E 189 0.41 30.11 23.21
N ALA E 190 -0.72 30.74 23.48
CA ALA E 190 -1.19 30.90 24.85
C ALA E 190 -1.56 29.57 25.47
N VAL E 191 -1.68 28.52 24.66
CA VAL E 191 -1.98 27.18 25.14
C VAL E 191 -0.89 26.69 26.10
N ASN E 192 0.34 27.19 25.94
CA ASN E 192 1.44 26.75 26.80
CA ASN E 192 1.44 26.74 26.80
C ASN E 192 1.15 27.03 28.27
N GLY E 193 0.57 28.20 28.56
CA GLY E 193 0.24 28.52 29.94
C GLY E 193 -0.67 27.49 30.58
N ILE E 194 -1.66 27.01 29.84
CA ILE E 194 -2.48 25.90 30.32
C ILE E 194 -1.69 24.60 30.34
N ARG E 195 -0.84 24.39 29.32
CA ARG E 195 -0.13 23.12 29.19
C ARG E 195 0.91 22.94 30.30
N LYS E 196 1.60 24.02 30.66
CA LYS E 196 2.65 23.91 31.68
C LYS E 196 2.07 23.43 33.00
N SER E 197 0.86 23.89 33.34
CA SER E 197 0.15 23.30 34.47
C SER E 197 -0.26 21.87 34.18
N ILE E 198 -0.75 21.60 32.97
CA ILE E 198 -1.17 20.24 32.62
C ILE E 198 0.03 19.29 32.62
N VAL E 199 1.10 19.67 31.92
CA VAL E 199 2.27 18.79 31.83
C VAL E 199 3.01 18.75 33.17
N GLY E 200 3.16 19.90 33.83
CA GLY E 200 3.89 19.93 35.08
C GLY E 200 3.26 19.04 36.15
N HIS E 201 1.93 19.04 36.22
CA HIS E 201 1.23 18.19 37.17
C HIS E 201 1.10 16.76 36.67
N LEU E 202 1.36 16.51 35.38
CA LEU E 202 1.56 15.15 34.91
C LEU E 202 2.87 14.58 35.45
N LYS E 203 3.94 15.37 35.35
CA LYS E 203 5.23 14.95 35.90
C LYS E 203 5.18 14.85 37.42
N ARG E 204 4.51 15.80 38.07
CA ARG E 204 4.39 15.74 39.53
C ARG E 204 3.65 14.50 39.98
N GLN E 205 2.52 14.19 39.34
CA GLN E 205 1.73 13.04 39.75
C GLN E 205 2.44 11.73 39.40
N CYS E 206 2.91 11.60 38.17
CA CYS E 206 3.59 10.38 37.72
C CYS E 206 5.07 10.50 38.05
N ILE E 207 5.52 9.79 39.08
CA ILE E 207 6.88 9.90 39.56
C ILE E 207 7.82 9.05 38.71
N GLY E 208 7.27 8.37 37.71
CA GLY E 208 8.07 7.50 36.87
C GLY E 208 9.16 8.25 36.11
N GLU E 209 10.42 7.94 36.42
CA GLU E 209 11.53 8.61 35.74
C GLU E 209 11.49 8.33 34.24
N THR E 210 11.25 7.07 33.86
CA THR E 210 11.00 6.79 32.45
C THR E 210 9.69 7.42 32.00
N GLN E 211 8.66 7.40 32.87
CA GLN E 211 7.37 7.97 32.51
C GLN E 211 7.47 9.47 32.27
N LYS E 212 8.25 10.18 33.09
CA LYS E 212 8.35 11.63 32.95
C LYS E 212 8.86 12.02 31.57
N ALA E 213 10.00 11.45 31.17
CA ALA E 213 10.51 11.70 29.82
C ALA E 213 9.61 11.10 28.75
N MET E 214 8.75 10.16 29.12
CA MET E 214 7.81 9.54 28.20
C MET E 214 6.44 10.21 28.24
N ILE E 215 6.09 10.86 29.36
CA ILE E 215 5.02 11.85 29.33
C ILE E 215 5.44 13.05 28.51
N ASN E 216 6.74 13.39 28.57
CA ASN E 216 7.27 14.40 27.66
C ASN E 216 7.04 14.01 26.21
N GLN E 217 7.13 12.72 25.91
CA GLN E 217 6.77 12.25 24.57
C GLN E 217 5.32 12.58 24.24
N PHE E 218 4.43 12.49 25.23
CA PHE E 218 3.04 12.87 25.05
C PHE E 218 2.85 14.38 24.95
N GLU E 219 3.88 15.18 25.25
CA GLU E 219 3.72 16.62 25.27
C GLU E 219 3.48 17.18 23.88
N MET E 220 4.26 16.75 22.89
CA MET E 220 4.03 17.18 21.51
C MET E 220 3.24 16.16 20.69
N GLY E 221 2.84 15.05 21.28
CA GLY E 221 1.93 14.13 20.64
C GLY E 221 2.47 12.75 20.25
N ARG E 222 3.58 12.30 20.85
CA ARG E 222 4.08 10.95 20.58
C ARG E 222 3.31 9.96 21.45
N TRP E 223 2.05 9.73 21.04
CA TRP E 223 1.14 8.84 21.76
C TRP E 223 1.31 7.38 21.34
N GLU E 224 2.46 7.02 20.74
CA GLU E 224 2.72 5.62 20.46
C GLU E 224 2.93 4.82 21.74
N SER E 225 3.45 5.46 22.78
CA SER E 225 3.58 4.85 24.09
C SER E 225 2.38 5.11 24.98
N LEU E 226 1.31 5.70 24.42
CA LEU E 226 0.10 5.94 25.20
C LEU E 226 -0.49 4.63 25.70
N SER E 227 -0.55 3.60 24.84
CA SER E 227 -0.93 2.28 25.29
C SER E 227 0.10 1.73 26.27
N THR E 228 1.39 1.99 26.02
CA THR E 228 2.42 1.64 26.99
C THR E 228 2.22 2.40 28.29
N PHE E 229 1.78 3.66 28.21
CA PHE E 229 1.51 4.42 29.42
C PHE E 229 0.41 3.76 30.24
N ALA E 230 -0.63 3.26 29.56
CA ALA E 230 -1.62 2.44 30.23
C ALA E 230 -0.98 1.20 30.85
N ALA E 231 -0.15 0.51 30.06
CA ALA E 231 0.59 -0.63 30.61
C ALA E 231 1.51 -0.19 31.75
N SER E 232 2.13 0.99 31.59
CA SER E 232 2.92 1.54 32.70
C SER E 232 2.03 1.88 33.90
N LEU E 233 0.86 2.47 33.65
CA LEU E 233 -0.03 2.84 34.75
C LEU E 233 -0.39 1.63 35.60
N LEU E 234 -0.48 0.45 34.97
CA LEU E 234 -0.67 -0.78 35.74
C LEU E 234 0.50 -1.01 36.69
N ALA E 235 1.73 -0.80 36.22
CA ALA E 235 2.92 -1.03 37.04
C ALA E 235 3.24 0.18 37.91
N ILE E 236 3.58 1.31 37.29
CA ILE E 236 3.88 2.52 38.04
CA ILE E 236 3.89 2.53 38.01
C ILE E 236 2.58 3.25 38.31
N LYS E 237 2.34 3.56 39.58
CA LYS E 237 1.11 4.22 39.99
C LYS E 237 1.41 5.66 40.41
N PRO E 238 0.89 6.65 39.71
CA PRO E 238 1.18 8.04 40.05
C PRO E 238 0.58 8.44 41.38
N ARG E 239 1.20 9.44 42.01
CA ARG E 239 0.64 9.98 43.25
C ARG E 239 -0.69 10.68 42.95
N ILE E 240 -1.65 10.51 43.85
CA ILE E 240 -2.96 11.12 43.74
C ILE E 240 -3.21 11.85 45.06
N GLU E 241 -2.97 13.16 45.07
CA GLU E 241 -3.26 13.94 46.27
C GLU E 241 -4.76 13.92 46.55
N ASN E 242 -5.10 13.67 47.81
CA ASN E 242 -6.49 13.55 48.22
C ASN E 242 -6.70 14.36 49.49
N HIS E 243 -7.96 14.73 49.73
CA HIS E 243 -8.34 15.43 50.94
C HIS E 243 -9.71 14.93 51.37
N PHE E 244 -9.86 14.61 52.66
CA PHE E 244 -11.09 14.02 53.17
C PHE E 244 -12.18 15.09 53.21
N VAL E 245 -13.07 15.07 52.22
CA VAL E 245 -14.16 16.02 52.10
C VAL E 245 -15.47 15.24 52.00
N LEU E 246 -16.46 15.65 52.77
CA LEU E 246 -17.74 14.97 52.80
C LEU E 246 -18.58 15.35 51.57
N THR E 247 -19.66 14.59 51.35
CA THR E 247 -20.56 14.82 50.24
C THR E 247 -21.76 15.63 50.70
N TYR E 248 -22.70 15.86 49.77
CA TYR E 248 -23.87 16.67 50.08
C TYR E 248 -24.74 16.09 51.19
N PRO E 249 -25.17 14.82 51.15
CA PRO E 249 -26.04 14.33 52.23
C PRO E 249 -25.39 14.35 53.60
N LEU E 250 -24.09 14.09 53.67
CA LEU E 250 -23.41 14.06 54.97
C LEU E 250 -23.15 15.46 55.50
N ILE E 251 -22.83 16.41 54.63
CA ILE E 251 -22.57 17.78 55.07
C ILE E 251 -23.83 18.38 55.70
N ALA E 252 -24.99 18.18 55.06
CA ALA E 252 -26.24 18.66 55.63
C ALA E 252 -26.57 17.94 56.94
N ASN E 253 -26.09 16.71 57.09
CA ASN E 253 -26.36 15.92 58.30
C ASN E 253 -25.22 15.99 59.31
N CYS E 254 -24.18 16.78 59.05
CA CYS E 254 -23.06 16.93 59.97
C CYS E 254 -23.25 18.23 60.74
N GLU E 255 -23.36 18.13 62.07
CA GLU E 255 -23.61 19.27 62.92
CA GLU E 255 -23.61 19.27 62.92
C GLU E 255 -22.36 19.75 63.65
N ASP E 256 -21.19 19.18 63.35
CA ASP E 256 -19.94 19.56 64.00
C ASP E 256 -18.89 19.84 62.94
N PHE E 257 -18.24 21.01 63.04
CA PHE E 257 -17.16 21.35 62.12
C PHE E 257 -16.02 22.08 62.83
N ALA E 258 -15.91 21.96 64.16
CA ALA E 258 -14.89 22.71 64.89
C ALA E 258 -13.49 22.20 64.57
N GLY E 259 -13.29 20.88 64.58
CA GLY E 259 -11.99 20.31 64.31
C GLY E 259 -11.85 19.83 62.89
N ALA E 260 -12.63 20.42 61.99
CA ALA E 260 -12.66 20.00 60.59
C ALA E 260 -11.34 20.34 59.91
N THR E 261 -10.49 19.34 59.72
CA THR E 261 -9.27 19.52 58.95
C THR E 261 -9.22 18.49 57.83
N LEU E 262 -8.08 18.36 57.17
CA LEU E 262 -7.95 17.46 56.02
C LEU E 262 -6.93 16.36 56.20
N SER E 263 -6.23 16.30 57.33
CA SER E 263 -5.15 15.32 57.51
C SER E 263 -5.19 14.72 58.92
N ASP E 264 -6.38 14.36 59.39
CA ASP E 264 -6.50 13.65 60.67
C ASP E 264 -7.74 12.77 60.63
N GLU E 265 -8.10 12.25 61.80
CA GLU E 265 -9.24 11.34 61.95
C GLU E 265 -10.56 12.06 62.16
N TRP E 266 -10.57 13.39 62.12
CA TRP E 266 -11.81 14.11 62.37
C TRP E 266 -12.89 13.72 61.37
N VAL E 267 -12.51 13.60 60.09
CA VAL E 267 -13.49 13.24 59.06
C VAL E 267 -14.02 11.84 59.30
N PHE E 268 -13.15 10.89 59.66
CA PHE E 268 -13.60 9.53 59.95
C PHE E 268 -14.56 9.51 61.13
N LYS E 269 -14.26 10.26 62.18
CA LYS E 269 -15.11 10.25 63.37
C LYS E 269 -16.39 11.06 63.17
N ALA E 270 -16.33 12.14 62.39
CA ALA E 270 -17.49 13.02 62.24
C ALA E 270 -18.63 12.32 61.52
N MET E 271 -18.34 11.70 60.37
CA MET E 271 -19.40 11.07 59.58
C MET E 271 -19.80 9.70 60.12
N GLU E 272 -19.04 9.13 61.04
CA GLU E 272 -19.51 7.95 61.76
C GLU E 272 -20.72 8.30 62.63
N LYS E 273 -20.70 9.47 63.25
CA LYS E 273 -21.82 9.91 64.07
C LYS E 273 -23.08 10.08 63.22
N ILE E 274 -22.92 10.51 61.97
CA ILE E 274 -24.06 10.61 61.06
C ILE E 274 -24.64 9.23 60.81
N SER E 275 -23.77 8.23 60.62
CA SER E 275 -24.25 6.86 60.48
C SER E 275 -24.93 6.38 61.77
N ASN E 276 -24.41 6.80 62.92
CA ASN E 276 -25.06 6.46 64.19
C ASN E 276 -26.43 7.10 64.31
N LYS E 277 -26.64 8.26 63.69
CA LYS E 277 -27.93 8.92 63.76
C LYS E 277 -28.99 8.14 62.98
N LYS E 278 -28.60 7.52 61.86
CA LYS E 278 -29.50 6.74 61.01
C LYS E 278 -30.71 7.56 60.57
N THR E 279 -30.45 8.79 60.14
CA THR E 279 -31.49 9.67 59.64
C THR E 279 -31.47 9.86 58.13
N LEU E 280 -30.36 9.52 57.46
CA LEU E 280 -30.23 9.71 56.02
C LEU E 280 -30.64 8.45 55.28
N ARG E 281 -31.35 8.64 54.16
CA ARG E 281 -31.84 7.55 53.34
C ARG E 281 -31.24 7.62 51.94
N VAL E 282 -31.06 6.45 51.34
CA VAL E 282 -30.43 6.35 50.03
C VAL E 282 -31.48 5.96 48.99
N CYS E 283 -31.20 6.31 47.73
CA CYS E 283 -32.10 6.06 46.62
C CYS E 283 -31.44 5.16 45.59
N GLY E 284 -32.18 4.14 45.15
CA GLY E 284 -31.70 3.19 44.17
C GLY E 284 -32.83 2.45 43.49
N PRO E 285 -32.48 1.61 42.50
CA PRO E 285 -33.52 0.88 41.76
C PRO E 285 -34.31 -0.08 42.63
N ASP E 286 -33.67 -0.70 43.62
CA ASP E 286 -34.34 -1.69 44.46
C ASP E 286 -33.53 -1.84 45.74
N GLU E 287 -34.14 -2.51 46.73
CA GLU E 287 -33.57 -2.57 48.06
C GLU E 287 -32.31 -3.42 48.15
N LYS E 288 -31.96 -4.17 47.10
CA LYS E 288 -30.71 -4.91 47.11
C LYS E 288 -29.50 -3.98 47.11
N TRP E 289 -29.68 -2.73 46.70
CA TRP E 289 -28.60 -1.76 46.60
C TRP E 289 -28.28 -1.08 47.92
N ILE E 290 -28.97 -1.44 49.02
CA ILE E 290 -28.77 -0.76 50.29
C ILE E 290 -27.32 -0.90 50.75
N SER E 291 -26.73 -2.07 50.56
CA SER E 291 -25.32 -2.24 50.90
C SER E 291 -24.43 -1.49 49.92
N PHE E 292 -24.84 -1.39 48.65
CA PHE E 292 -24.00 -0.78 47.63
C PHE E 292 -23.77 0.70 47.92
N MET E 293 -24.85 1.46 48.15
CA MET E 293 -24.70 2.88 48.47
C MET E 293 -24.07 3.07 49.84
N ASN E 294 -24.35 2.17 50.78
CA ASN E 294 -23.67 2.22 52.07
C ASN E 294 -22.16 2.09 51.89
N GLN E 295 -21.73 1.39 50.84
CA GLN E 295 -20.32 1.34 50.49
C GLN E 295 -19.91 2.50 49.59
N ILE E 296 -20.86 3.06 48.82
CA ILE E 296 -20.57 4.22 48.00
C ILE E 296 -20.19 5.41 48.88
N TYR E 297 -20.93 5.60 49.98
CA TYR E 297 -20.56 6.64 50.94
C TYR E 297 -19.15 6.42 51.47
N ILE E 298 -18.78 5.17 51.73
CA ILE E 298 -17.41 4.86 52.09
C ILE E 298 -16.47 5.17 50.94
N HIS E 299 -16.88 4.83 49.71
CA HIS E 299 -16.04 5.07 48.54
C HIS E 299 -15.81 6.56 48.33
N SER E 300 -16.87 7.37 48.42
CA SER E 300 -16.80 8.77 48.03
C SER E 300 -16.04 9.62 49.05
N VAL E 301 -16.29 9.40 50.34
CA VAL E 301 -15.75 10.31 51.36
C VAL E 301 -14.23 10.24 51.40
N PHE E 302 -13.69 9.02 51.41
CA PHE E 302 -12.25 8.81 51.54
C PHE E 302 -11.56 8.53 50.21
N GLN E 303 -12.26 8.75 49.09
CA GLN E 303 -11.72 8.52 47.75
C GLN E 303 -11.28 7.08 47.56
N THR E 304 -11.93 6.16 48.27
CA THR E 304 -11.56 4.74 48.24
C THR E 304 -12.43 3.99 47.23
N THR E 305 -12.38 4.45 45.98
CA THR E 305 -13.05 3.77 44.89
C THR E 305 -12.16 2.69 44.27
N GLY E 306 -10.90 3.04 43.99
CA GLY E 306 -9.92 2.10 43.49
C GLY E 306 -9.09 1.41 44.55
N GLU E 307 -9.31 1.73 45.82
CA GLU E 307 -8.56 1.09 46.90
C GLU E 307 -9.03 -0.35 47.06
N ASP E 308 -8.09 -1.21 47.47
CA ASP E 308 -8.35 -2.65 47.54
C ASP E 308 -9.54 -2.94 48.45
N LEU E 309 -10.46 -3.79 47.96
CA LEU E 309 -11.65 -4.13 48.73
C LEU E 309 -11.30 -4.87 50.01
N GLY E 310 -10.27 -5.73 49.97
CA GLY E 310 -9.86 -6.41 51.18
C GLY E 310 -9.41 -5.45 52.26
N VAL E 311 -8.59 -4.46 51.88
CA VAL E 311 -8.26 -3.38 52.80
C VAL E 311 -9.52 -2.62 53.17
N LEU E 312 -10.39 -2.36 52.18
CA LEU E 312 -11.66 -1.68 52.47
C LEU E 312 -12.50 -2.49 53.44
N GLU E 313 -12.57 -3.81 53.24
CA GLU E 313 -13.32 -4.65 54.17
C GLU E 313 -12.67 -4.65 55.56
N TRP E 314 -11.34 -4.65 55.61
CA TRP E 314 -10.65 -4.65 56.90
C TRP E 314 -10.75 -3.29 57.58
N VAL E 315 -10.54 -2.21 56.83
CA VAL E 315 -10.58 -0.87 57.43
C VAL E 315 -11.97 -0.56 57.97
N PHE E 316 -13.01 -0.85 57.20
CA PHE E 316 -14.37 -0.46 57.53
C PHE E 316 -15.21 -1.61 58.06
N GLY E 317 -14.62 -2.77 58.30
CA GLY E 317 -15.32 -3.88 58.93
C GLY E 317 -16.55 -4.36 58.20
N GLY E 318 -16.49 -4.38 56.87
CA GLY E 318 -17.62 -4.83 56.08
C GLY E 318 -17.28 -5.07 54.63
N ARG E 319 -17.85 -6.12 54.04
CA ARG E 319 -17.57 -6.44 52.65
CA ARG E 319 -17.57 -6.44 52.65
C ARG E 319 -18.14 -5.36 51.73
N PHE E 320 -17.44 -5.13 50.62
CA PHE E 320 -17.83 -4.12 49.64
C PHE E 320 -18.36 -4.82 48.39
N CYS E 321 -19.59 -4.50 48.02
CA CYS E 321 -20.21 -5.09 46.84
C CYS E 321 -19.68 -4.44 45.57
N GLN E 322 -19.21 -5.27 44.65
CA GLN E 322 -18.70 -4.77 43.37
C GLN E 322 -19.86 -4.37 42.46
N ARG E 323 -19.54 -3.56 41.44
CA ARG E 323 -20.55 -3.14 40.48
C ARG E 323 -21.09 -4.31 39.67
N LYS E 324 -20.30 -5.38 39.53
CA LYS E 324 -20.78 -6.56 38.81
C LYS E 324 -21.95 -7.23 39.51
N GLU E 325 -22.03 -7.09 40.84
CA GLU E 325 -23.11 -7.69 41.60
C GLU E 325 -24.47 -7.06 41.33
N PHE E 326 -24.51 -5.92 40.65
CA PHE E 326 -25.75 -5.21 40.38
C PHE E 326 -25.85 -4.91 38.89
N GLY E 327 -27.09 -4.81 38.42
CA GLY E 327 -27.35 -4.47 37.04
C GLY E 327 -27.24 -2.97 36.80
N ARG E 328 -27.78 -2.52 35.68
CA ARG E 328 -27.75 -1.11 35.36
C ARG E 328 -28.54 -0.31 36.38
N TYR E 329 -27.96 0.81 36.82
CA TYR E 329 -28.68 1.71 37.71
C TYR E 329 -29.87 2.31 36.97
N CYS E 330 -31.03 2.27 37.62
CA CYS E 330 -32.23 2.78 36.99
C CYS E 330 -32.18 4.31 36.92
N LYS E 331 -33.08 4.88 36.14
CA LYS E 331 -33.04 6.31 35.87
C LYS E 331 -33.26 7.12 37.14
N LYS E 332 -32.65 8.31 37.18
CA LYS E 332 -32.77 9.18 38.35
C LYS E 332 -34.23 9.48 38.66
N SER E 333 -35.08 9.52 37.64
CA SER E 333 -36.50 9.77 37.87
C SER E 333 -37.17 8.61 38.60
N GLN E 334 -36.73 7.38 38.33
CA GLN E 334 -37.37 6.19 38.89
C GLN E 334 -36.57 5.57 40.03
N THR E 335 -35.53 6.24 40.52
CA THR E 335 -34.85 5.78 41.72
C THR E 335 -35.73 6.06 42.94
N LYS E 336 -35.71 5.14 43.90
CA LYS E 336 -36.59 5.22 45.06
C LYS E 336 -35.80 4.98 46.35
N VAL E 337 -36.31 5.54 47.44
CA VAL E 337 -35.70 5.33 48.75
C VAL E 337 -35.85 3.86 49.11
N ILE E 338 -34.75 3.22 49.51
CA ILE E 338 -34.72 1.79 49.78
C ILE E 338 -34.28 1.47 51.20
N GLY E 339 -33.78 2.43 51.95
CA GLY E 339 -33.35 2.18 53.31
C GLY E 339 -32.54 3.33 53.87
N LEU E 340 -31.99 3.08 55.06
CA LEU E 340 -31.20 4.07 55.79
C LEU E 340 -29.72 3.91 55.49
N PHE E 341 -28.98 4.99 55.70
CA PHE E 341 -27.53 4.96 55.52
C PHE E 341 -26.86 4.47 56.79
N THR E 342 -25.97 3.49 56.64
CA THR E 342 -25.20 2.94 57.75
C THR E 342 -23.72 2.89 57.39
N PHE E 343 -22.87 2.97 58.40
CA PHE E 343 -21.44 2.98 58.19
C PHE E 343 -20.74 2.52 59.47
N GLN E 344 -19.57 1.92 59.30
CA GLN E 344 -18.70 1.58 60.40
C GLN E 344 -17.27 1.52 59.89
N TYR E 345 -16.32 1.80 60.78
CA TYR E 345 -14.92 1.73 60.43
C TYR E 345 -14.08 1.48 61.68
N GLU E 346 -12.86 0.99 61.47
CA GLU E 346 -11.92 0.76 62.55
C GLU E 346 -10.54 1.37 62.30
N TYR E 347 -10.24 1.81 61.09
CA TYR E 347 -8.90 2.28 60.77
C TYR E 347 -9.00 3.48 59.82
N TRP E 348 -7.88 4.19 59.69
CA TRP E 348 -7.80 5.40 58.89
C TRP E 348 -6.34 5.71 58.62
N SER E 349 -6.09 6.81 57.92
CA SER E 349 -4.74 7.30 57.66
C SER E 349 -4.83 8.72 57.12
N LYS E 350 -3.69 9.41 57.13
CA LYS E 350 -3.64 10.70 56.46
C LYS E 350 -3.81 10.50 54.96
N PRO E 351 -4.48 11.42 54.27
CA PRO E 351 -4.65 11.28 52.82
C PRO E 351 -3.31 11.35 52.10
N LEU E 352 -3.27 10.68 50.95
CA LEU E 352 -2.05 10.59 50.16
C LEU E 352 -1.58 11.98 49.75
N LYS E 353 -0.31 12.28 50.03
CA LYS E 353 0.30 13.54 49.65
C LYS E 353 1.45 13.36 48.67
N SER E 354 2.43 12.54 49.02
CA SER E 354 3.53 12.20 48.13
C SER E 354 3.23 10.89 47.41
N ALA E 355 4.23 10.34 46.74
CA ALA E 355 4.04 9.14 45.93
C ALA E 355 3.76 7.93 46.83
N PRO E 356 2.68 7.18 46.58
CA PRO E 356 2.43 5.96 47.36
C PRO E 356 3.47 4.88 47.07
N ARG E 357 3.68 4.58 45.80
CA ARG E 357 4.70 3.61 45.40
C ARG E 357 6.03 4.35 45.30
N SER E 358 6.79 4.33 46.39
CA SER E 358 8.05 5.06 46.48
C SER E 358 9.20 4.06 46.49
N ILE E 359 10.14 4.24 45.56
CA ILE E 359 11.31 3.38 45.47
C ILE E 359 12.45 4.01 46.25
N GLU E 360 12.15 5.10 46.96
CA GLU E 360 13.16 5.80 47.76
C GLU E 360 13.53 4.98 48.99
N ILE E 367 22.71 0.01 50.87
CA ILE E 367 22.95 -1.40 51.11
C ILE E 367 24.42 -1.72 50.93
N SER E 368 25.17 -0.78 50.35
CA SER E 368 26.59 -0.95 50.09
C SER E 368 27.37 0.11 50.84
N CYS E 369 28.40 -0.31 51.56
CA CYS E 369 29.26 0.62 52.27
C CYS E 369 30.32 1.18 51.33
N ARG E 370 30.64 2.46 51.52
CA ARG E 370 31.68 3.14 50.75
C ARG E 370 32.76 3.57 51.73
N PRO E 371 33.86 2.83 51.84
CA PRO E 371 34.89 3.19 52.82
C PRO E 371 35.54 4.53 52.50
N SER E 372 35.27 5.52 53.35
CA SER E 372 35.82 6.86 53.19
C SER E 372 37.02 7.13 54.09
N PHE E 373 37.36 6.20 54.98
CA PHE E 373 38.37 6.42 56.00
C PHE E 373 39.62 5.60 55.67
N LYS E 374 40.77 6.26 55.70
CA LYS E 374 42.03 5.54 55.52
C LYS E 374 42.36 4.67 56.72
N GLY E 375 41.66 4.83 57.84
CA GLY E 375 41.83 3.94 58.97
C GLY E 375 41.21 2.57 58.73
N LYS E 376 41.46 1.66 59.67
CA LYS E 376 41.06 0.27 59.53
C LYS E 376 39.87 -0.01 60.44
N ARG E 377 38.77 -0.47 59.84
CA ARG E 377 37.60 -0.93 60.56
C ARG E 377 37.05 -2.14 59.81
N PRO E 378 36.38 -3.06 60.50
CA PRO E 378 35.77 -4.21 59.81
C PRO E 378 34.75 -3.76 58.78
N SER E 379 34.99 -4.13 57.53
CA SER E 379 34.08 -3.76 56.45
C SER E 379 32.84 -4.64 56.48
N TYR E 380 31.68 -4.01 56.31
CA TYR E 380 30.40 -4.69 56.32
C TYR E 380 29.75 -4.60 54.94
N ASN E 381 29.31 -5.74 54.44
CA ASN E 381 28.65 -5.83 53.13
C ASN E 381 27.26 -6.41 53.34
N ASN E 382 26.24 -5.59 53.14
CA ASN E 382 24.85 -6.00 53.31
C ASN E 382 24.29 -6.70 52.08
N PHE E 383 25.05 -6.76 50.99
CA PHE E 383 24.62 -7.44 49.77
C PHE E 383 25.49 -8.67 49.54
N THR E 384 24.84 -9.81 49.30
CA THR E 384 25.60 -11.04 49.07
C THR E 384 26.28 -11.03 47.71
N SER E 385 25.62 -10.48 46.71
CA SER E 385 26.18 -10.42 45.36
C SER E 385 25.85 -9.10 44.68
N SER E 399 16.23 -0.48 24.42
CA SER E 399 15.13 0.30 23.86
C SER E 399 14.45 1.14 24.92
N PHE E 400 13.82 2.24 24.50
CA PHE E 400 13.12 3.10 25.44
C PHE E 400 11.93 2.39 26.07
N TYR E 401 11.25 1.54 25.29
CA TYR E 401 10.17 0.73 25.84
C TYR E 401 10.69 -0.20 26.92
N ASP E 402 11.87 -0.78 26.72
CA ASP E 402 12.48 -1.64 27.73
C ASP E 402 12.74 -0.87 29.03
N GLN E 403 13.24 0.36 28.91
CA GLN E 403 13.45 1.19 30.10
C GLN E 403 12.13 1.47 30.81
N VAL E 404 11.07 1.74 30.03
CA VAL E 404 9.75 1.88 30.64
C VAL E 404 9.33 0.58 31.30
N ARG E 405 9.53 -0.54 30.59
CA ARG E 405 9.27 -1.85 31.20
C ARG E 405 10.20 -2.11 32.37
N GLU E 406 11.45 -1.62 32.28
CA GLU E 406 12.37 -1.75 33.40
C GLU E 406 11.84 -1.04 34.63
N GLU E 407 11.43 0.23 34.47
CA GLU E 407 10.79 0.94 35.58
C GLU E 407 9.45 0.30 35.93
N CYS E 408 8.76 -0.26 34.95
CA CYS E 408 7.52 -0.97 35.22
C CYS E 408 7.77 -2.17 36.14
N GLN E 409 8.85 -2.90 35.90
CA GLN E 409 9.19 -4.03 36.76
C GLN E 409 9.63 -3.56 38.14
N LYS E 410 10.16 -2.33 38.25
CA LYS E 410 10.58 -1.82 39.54
C LYS E 410 9.42 -1.72 40.52
N TYR E 411 8.21 -1.45 40.02
CA TYR E 411 7.05 -1.28 40.88
C TYR E 411 6.28 -2.57 41.11
N MET E 412 6.28 -3.49 40.15
CA MET E 412 5.82 -4.84 40.43
C MET E 412 6.71 -5.53 41.45
N ASP E 413 8.03 -5.34 41.33
CA ASP E 413 8.95 -5.91 42.29
C ASP E 413 8.86 -5.24 43.65
N LEU E 414 8.27 -4.05 43.74
CA LEU E 414 8.04 -3.43 45.03
C LEU E 414 7.05 -4.25 45.85
N LYS E 415 7.33 -4.34 47.14
CA LYS E 415 6.43 -5.01 48.07
C LYS E 415 5.89 -4.08 49.15
N VAL E 416 6.28 -2.81 49.15
CA VAL E 416 5.78 -1.83 50.10
C VAL E 416 5.27 -0.61 49.32
N GLU E 417 4.06 -0.19 49.63
CA GLU E 417 3.45 1.00 49.06
C GLU E 417 3.15 1.98 50.19
N GLY E 418 2.52 3.09 49.84
CA GLY E 418 2.18 4.11 50.82
C GLY E 418 3.41 4.90 51.24
N THR E 419 3.19 5.82 52.17
CA THR E 419 4.25 6.70 52.65
C THR E 419 4.63 6.41 54.11
N THR E 420 3.67 6.49 55.04
CA THR E 420 3.98 6.27 56.44
C THR E 420 3.28 5.05 57.02
N CYS E 421 1.94 5.03 57.05
CA CYS E 421 1.20 3.97 57.73
C CYS E 421 -0.29 4.24 57.63
N PHE E 422 -1.07 3.31 58.16
CA PHE E 422 -2.47 3.54 58.51
C PHE E 422 -2.55 3.97 59.98
N TYR E 423 -3.75 4.30 60.45
CA TYR E 423 -4.02 4.55 61.85
C TYR E 423 -5.35 3.93 62.24
N ARG E 424 -5.50 3.64 63.54
CA ARG E 424 -6.70 3.00 64.04
C ARG E 424 -7.74 4.05 64.45
N LYS E 425 -8.99 3.63 64.49
CA LYS E 425 -10.08 4.50 64.92
C LYS E 425 -9.86 4.95 66.37
N GLY E 426 -10.07 6.24 66.62
CA GLY E 426 -9.91 6.81 67.93
C GLY E 426 -8.58 7.49 68.19
N GLY E 427 -7.71 7.55 67.19
CA GLY E 427 -6.41 8.17 67.38
C GLY E 427 -5.56 8.02 66.13
N HIS E 428 -4.30 8.42 66.27
CA HIS E 428 -3.32 8.33 65.20
C HIS E 428 -2.24 7.28 65.50
N VAL E 429 -2.66 6.18 66.13
CA VAL E 429 -1.74 5.09 66.42
C VAL E 429 -1.50 4.29 65.14
N GLU E 430 -0.24 4.11 64.77
CA GLU E 430 0.11 3.44 63.52
C GLU E 430 -0.28 1.97 63.59
N VAL E 431 -0.98 1.50 62.54
CA VAL E 431 -1.46 0.12 62.46
C VAL E 431 -0.96 -0.47 61.14
N GLU E 432 -0.56 -1.74 61.19
CA GLU E 432 -0.03 -2.39 60.00
CA GLU E 432 0.01 -2.43 60.04
C GLU E 432 -0.94 -3.55 59.59
N PHE E 433 -0.72 -4.02 58.36
CA PHE E 433 -1.64 -4.95 57.71
C PHE E 433 -1.71 -6.28 58.47
N PRO E 434 -2.91 -6.83 58.66
CA PRO E 434 -3.03 -8.27 58.90
C PRO E 434 -3.27 -9.04 57.61
N GLY E 435 -3.72 -8.33 56.57
CA GLY E 435 -4.12 -8.94 55.32
C GLY E 435 -5.62 -9.20 55.26
N SER E 436 -6.10 -9.49 54.05
CA SER E 436 -7.51 -9.76 53.83
C SER E 436 -7.67 -10.63 52.60
N ALA E 437 -8.82 -11.32 52.54
CA ALA E 437 -9.07 -12.25 51.44
C ALA E 437 -9.47 -11.53 50.16
N HIS E 438 -10.19 -10.41 50.28
CA HIS E 438 -10.65 -9.68 49.11
C HIS E 438 -9.55 -8.85 48.44
N CYS E 439 -8.29 -9.12 48.74
CA CYS E 439 -7.20 -8.50 48.01
C CYS E 439 -7.27 -8.91 46.54
N ASN E 440 -6.80 -8.01 45.68
CA ASN E 440 -6.85 -8.10 44.22
C ASN E 440 -8.27 -7.97 43.69
N THR E 441 -9.26 -7.69 44.55
CA THR E 441 -10.62 -7.46 44.13
C THR E 441 -10.97 -5.99 44.33
N TYR E 442 -11.71 -5.43 43.39
CA TYR E 442 -12.01 -4.00 43.38
C TYR E 442 -13.48 -3.80 43.06
N LEU E 443 -13.93 -2.55 43.17
CA LEU E 443 -15.33 -2.24 42.88
C LEU E 443 -15.67 -2.54 41.43
N PHE E 444 -14.77 -2.18 40.51
CA PHE E 444 -14.93 -2.50 39.10
C PHE E 444 -13.96 -3.57 38.63
N GLY E 445 -13.19 -4.16 39.55
CA GLY E 445 -12.23 -5.19 39.19
C GLY E 445 -12.85 -6.56 39.05
N THR F 20 73.44 -59.22 -15.73
CA THR F 20 73.57 -57.91 -15.12
C THR F 20 74.32 -56.95 -16.04
N GLU F 21 75.48 -57.39 -16.54
CA GLU F 21 76.30 -56.60 -17.45
C GLU F 21 76.07 -56.96 -18.91
N SER F 22 75.14 -57.87 -19.20
CA SER F 22 74.90 -58.27 -20.59
C SER F 22 74.26 -57.14 -21.39
N GLN F 23 73.29 -56.46 -20.80
CA GLN F 23 72.58 -55.38 -21.50
C GLN F 23 73.27 -54.03 -21.38
N ILE F 24 74.29 -53.92 -20.54
CA ILE F 24 75.00 -52.64 -20.39
C ILE F 24 75.57 -52.12 -21.70
N PRO F 25 76.25 -52.94 -22.54
CA PRO F 25 76.83 -52.37 -23.77
C PRO F 25 75.81 -51.73 -24.70
N LYS F 26 74.63 -52.35 -24.85
CA LYS F 26 73.60 -51.80 -25.72
C LYS F 26 72.77 -50.73 -25.05
N MET F 27 72.73 -50.72 -23.71
CA MET F 27 71.90 -49.77 -23.00
C MET F 27 72.53 -48.38 -22.99
N TYR F 28 73.86 -48.30 -22.96
CA TYR F 28 74.53 -47.00 -22.95
C TYR F 28 74.36 -46.30 -24.29
N GLU F 29 74.39 -47.06 -25.39
CA GLU F 29 74.35 -46.46 -26.72
C GLU F 29 73.05 -45.70 -26.96
N MET F 30 71.92 -46.28 -26.56
CA MET F 30 70.64 -45.61 -26.77
C MET F 30 70.47 -44.42 -25.83
N ILE F 31 71.11 -44.45 -24.66
CA ILE F 31 71.07 -43.29 -23.76
C ILE F 31 71.74 -42.09 -24.42
N ARG F 32 72.90 -42.32 -25.04
CA ARG F 32 73.60 -41.24 -25.73
C ARG F 32 72.83 -40.76 -26.95
N ASP F 33 72.12 -41.68 -27.64
CA ASP F 33 71.34 -41.28 -28.80
C ASP F 33 70.26 -40.27 -28.42
N GLN F 34 69.57 -40.49 -27.30
CA GLN F 34 68.59 -39.53 -26.83
C GLN F 34 69.27 -38.30 -26.23
N MET F 35 70.51 -38.46 -25.76
CA MET F 35 71.23 -37.34 -25.18
C MET F 35 71.51 -36.25 -26.20
N ARG F 36 71.94 -36.64 -27.40
CA ARG F 36 72.31 -35.67 -28.42
C ARG F 36 71.12 -35.19 -29.24
N THR F 37 70.11 -36.05 -29.43
CA THR F 37 69.00 -35.69 -30.30
C THR F 37 68.23 -34.49 -29.76
N LEU F 38 67.96 -34.46 -28.45
CA LEU F 38 67.23 -33.35 -27.87
C LEU F 38 68.05 -32.06 -27.93
N ALA F 39 69.35 -32.14 -27.66
CA ALA F 39 70.18 -30.94 -27.67
C ALA F 39 70.43 -30.43 -29.08
N SER F 40 70.75 -31.34 -30.02
CA SER F 40 71.10 -30.92 -31.37
C SER F 40 69.89 -30.41 -32.15
N THR F 41 68.68 -30.79 -31.75
CA THR F 41 67.48 -30.32 -32.44
C THR F 41 67.34 -28.80 -32.32
N HIS F 42 67.63 -28.26 -31.14
CA HIS F 42 67.47 -26.84 -30.87
C HIS F 42 68.81 -26.12 -30.78
N LYS F 43 69.86 -26.68 -31.39
CA LYS F 43 71.19 -26.08 -31.43
C LYS F 43 71.74 -25.83 -30.02
N ILE F 44 71.73 -26.89 -29.22
CA ILE F 44 72.30 -26.85 -27.87
C ILE F 44 73.66 -27.53 -27.92
N PRO F 45 74.78 -26.80 -27.80
CA PRO F 45 76.08 -27.45 -27.80
C PRO F 45 76.23 -28.40 -26.62
N LEU F 46 76.89 -29.53 -26.88
CA LEU F 46 77.08 -30.56 -25.88
C LEU F 46 78.45 -30.51 -25.22
N ASN F 47 79.26 -29.51 -25.54
CA ASN F 47 80.58 -29.35 -24.95
C ASN F 47 80.59 -28.42 -23.74
N ILE F 48 79.44 -28.17 -23.12
CA ILE F 48 79.34 -27.55 -21.80
C ILE F 48 78.65 -28.52 -20.86
N ASP F 49 79.16 -28.61 -19.62
CA ASP F 49 78.57 -29.51 -18.65
C ASP F 49 77.12 -29.13 -18.33
N HIS F 50 76.85 -27.84 -18.17
CA HIS F 50 75.52 -27.41 -17.77
C HIS F 50 74.48 -27.70 -18.84
N ASN F 51 74.87 -27.66 -20.12
CA ASN F 51 73.96 -28.08 -21.17
C ASN F 51 73.59 -29.55 -21.02
N CYS F 52 74.58 -30.40 -20.74
CA CYS F 52 74.32 -31.82 -20.61
C CYS F 52 73.66 -32.15 -19.28
N GLU F 53 74.05 -31.45 -18.21
CA GLU F 53 73.49 -31.75 -16.89
C GLU F 53 71.98 -31.54 -16.86
N VAL F 54 71.51 -30.43 -17.44
CA VAL F 54 70.08 -30.15 -17.42
C VAL F 54 69.34 -31.03 -18.42
N ILE F 55 69.87 -31.17 -19.63
CA ILE F 55 69.21 -31.98 -20.66
C ILE F 55 69.10 -33.43 -20.19
N GLY F 56 70.18 -33.98 -19.65
CA GLY F 56 70.16 -35.35 -19.19
C GLY F 56 69.16 -35.57 -18.06
N SER F 57 69.05 -34.60 -17.15
CA SER F 57 68.07 -34.71 -16.08
C SER F 57 66.65 -34.78 -16.64
N ILE F 58 66.38 -34.05 -17.72
CA ILE F 58 65.10 -34.18 -18.41
C ILE F 58 64.95 -35.57 -18.99
N ILE F 59 66.02 -36.09 -19.61
CA ILE F 59 65.97 -37.44 -20.18
C ILE F 59 65.71 -38.47 -19.08
N MET F 60 66.40 -38.35 -17.96
CA MET F 60 66.16 -39.25 -16.84
C MET F 60 64.77 -39.05 -16.25
N ALA F 61 64.24 -37.83 -16.31
CA ALA F 61 62.86 -37.60 -15.87
C ALA F 61 61.88 -38.39 -16.73
N ALA F 62 62.14 -38.46 -18.03
CA ALA F 62 61.29 -39.27 -18.90
C ALA F 62 61.42 -40.75 -18.60
N CYS F 63 62.53 -41.16 -17.98
CA CYS F 63 62.80 -42.58 -17.80
C CYS F 63 61.86 -43.23 -16.78
N THR F 64 61.73 -42.62 -15.60
CA THR F 64 60.96 -43.24 -14.53
C THR F 64 59.71 -42.45 -14.15
N ASN F 65 59.86 -41.19 -13.75
CA ASN F 65 58.72 -40.35 -13.41
C ASN F 65 58.27 -39.61 -14.68
N ASN F 66 57.61 -40.37 -15.54
CA ASN F 66 57.25 -39.88 -16.87
C ASN F 66 56.27 -38.71 -16.80
N ARG F 67 55.56 -38.57 -15.69
CA ARG F 67 54.57 -37.51 -15.53
C ARG F 67 55.12 -36.28 -14.81
N ASP F 68 56.40 -36.28 -14.41
CA ASP F 68 56.94 -35.14 -13.69
C ASP F 68 57.54 -34.10 -14.62
N LEU F 69 57.78 -34.44 -15.88
CA LEU F 69 58.40 -33.52 -16.84
C LEU F 69 57.39 -33.13 -17.90
N ARG F 70 57.39 -31.85 -18.26
CA ARG F 70 56.49 -31.35 -19.28
CA ARG F 70 56.49 -31.34 -19.28
C ARG F 70 56.97 -31.76 -20.67
N PRO F 71 56.04 -31.99 -21.62
CA PRO F 71 56.46 -32.34 -22.98
C PRO F 71 57.30 -31.25 -23.64
N VAL F 72 57.00 -29.98 -23.35
CA VAL F 72 57.78 -28.84 -23.83
C VAL F 72 58.03 -27.91 -22.66
N ASP F 73 59.28 -27.46 -22.51
CA ASP F 73 59.65 -26.58 -21.41
C ASP F 73 60.96 -25.89 -21.74
N LYS F 74 61.25 -24.84 -21.00
CA LYS F 74 62.48 -24.06 -21.15
C LYS F 74 63.36 -24.29 -19.93
N TYR F 75 64.65 -24.54 -20.17
CA TYR F 75 65.60 -24.80 -19.11
C TYR F 75 66.88 -23.99 -19.36
N TRP F 76 67.70 -23.88 -18.33
CA TRP F 76 68.94 -23.11 -18.42
C TRP F 76 69.98 -23.88 -19.23
N PHE F 77 70.49 -23.25 -20.29
CA PHE F 77 71.51 -23.86 -21.14
C PHE F 77 72.57 -22.82 -21.45
N LEU F 78 73.56 -23.23 -22.25
CA LEU F 78 74.66 -22.37 -22.69
C LEU F 78 74.60 -22.27 -24.21
N MET F 79 74.11 -21.15 -24.72
CA MET F 79 73.99 -20.92 -26.14
C MET F 79 75.13 -20.01 -26.62
N GLY F 80 75.92 -20.50 -27.57
CA GLY F 80 77.00 -19.73 -28.13
C GLY F 80 77.96 -20.57 -28.94
N PRO F 81 78.40 -20.05 -30.08
CA PRO F 81 79.38 -20.79 -30.89
C PRO F 81 80.82 -20.45 -30.51
N ALA F 82 81.61 -21.48 -30.23
CA ALA F 82 83.04 -21.36 -29.97
C ALA F 82 83.33 -20.41 -28.81
N GLY F 83 82.86 -20.80 -27.63
CA GLY F 83 83.17 -20.09 -26.41
C GLY F 83 82.27 -18.92 -26.08
N ALA F 84 81.27 -18.62 -26.92
CA ALA F 84 80.35 -17.52 -26.68
C ALA F 84 79.08 -17.94 -25.96
N GLU F 85 79.16 -18.97 -25.11
CA GLU F 85 77.98 -19.51 -24.47
C GLU F 85 77.65 -18.76 -23.18
N VAL F 86 76.36 -18.49 -22.98
CA VAL F 86 75.87 -17.79 -21.80
C VAL F 86 74.54 -18.42 -21.39
N MET F 87 74.17 -18.24 -20.12
CA MET F 87 72.89 -18.72 -19.63
C MET F 87 71.71 -18.08 -20.37
N THR F 88 70.78 -18.92 -20.78
CA THR F 88 69.51 -18.53 -21.34
C THR F 88 68.61 -19.75 -21.34
N GLU F 89 67.30 -19.52 -21.47
CA GLU F 89 66.32 -20.59 -21.47
C GLU F 89 65.91 -20.88 -22.90
N VAL F 90 66.06 -22.14 -23.31
CA VAL F 90 65.76 -22.57 -24.67
C VAL F 90 64.64 -23.60 -24.61
N GLU F 91 63.57 -23.35 -25.34
CA GLU F 91 62.47 -24.31 -25.43
C GLU F 91 62.94 -25.55 -26.18
N ILE F 92 62.59 -26.72 -25.65
CA ILE F 92 63.00 -27.99 -26.24
C ILE F 92 61.79 -28.91 -26.36
N ASP F 93 61.87 -29.85 -27.30
CA ASP F 93 60.79 -30.79 -27.58
C ASP F 93 61.17 -32.14 -26.98
N ILE F 94 60.67 -32.42 -25.78
CA ILE F 94 61.01 -33.66 -25.09
C ILE F 94 60.14 -34.82 -25.56
N GLN F 95 59.04 -34.54 -26.27
CA GLN F 95 58.10 -35.58 -26.68
C GLN F 95 58.75 -36.74 -27.42
N PRO F 96 59.65 -36.55 -28.39
CA PRO F 96 60.29 -37.72 -29.02
C PRO F 96 61.02 -38.62 -28.05
N GLN F 97 61.65 -38.05 -27.02
CA GLN F 97 62.36 -38.84 -26.03
C GLN F 97 61.43 -39.52 -25.03
N LEU F 98 60.21 -39.02 -24.87
CA LEU F 98 59.29 -39.60 -23.89
C LEU F 98 58.86 -41.01 -24.29
N GLN F 99 58.56 -41.22 -25.57
CA GLN F 99 58.02 -42.50 -26.01
C GLN F 99 59.03 -43.64 -25.81
N TRP F 100 60.29 -43.40 -26.14
CA TRP F 100 61.30 -44.43 -25.96
C TRP F 100 61.51 -44.77 -24.50
N ALA F 101 61.54 -43.76 -23.64
CA ALA F 101 61.79 -43.99 -22.22
C ALA F 101 60.68 -44.79 -21.57
N LYS F 102 59.42 -44.47 -21.87
CA LYS F 102 58.31 -45.24 -21.33
C LYS F 102 58.23 -46.62 -21.98
N GLY F 103 58.58 -46.71 -23.27
CA GLY F 103 58.62 -48.01 -23.92
C GLY F 103 59.76 -48.88 -23.41
N ALA F 104 60.83 -48.26 -22.92
CA ALA F 104 61.93 -48.99 -22.33
C ALA F 104 61.61 -49.54 -20.94
N VAL F 105 60.54 -49.07 -20.32
CA VAL F 105 60.17 -49.52 -18.98
C VAL F 105 59.89 -51.01 -18.99
N HIS F 106 59.15 -51.48 -19.99
CA HIS F 106 58.80 -52.88 -20.12
C HIS F 106 59.35 -53.50 -21.40
N ASP F 107 60.44 -52.94 -21.93
CA ASP F 107 61.04 -53.48 -23.14
C ASP F 107 61.80 -54.75 -22.82
N PRO F 108 61.43 -55.89 -23.41
CA PRO F 108 62.14 -57.15 -23.08
C PRO F 108 63.60 -57.18 -23.51
N LYS F 109 64.01 -56.32 -24.44
CA LYS F 109 65.37 -56.37 -24.97
C LYS F 109 66.42 -56.02 -23.91
N TYR F 110 66.03 -55.41 -22.80
CA TYR F 110 66.95 -55.11 -21.71
C TYR F 110 66.92 -56.15 -20.60
N LYS F 111 66.14 -57.23 -20.76
CA LYS F 111 66.01 -58.27 -19.75
C LYS F 111 65.58 -57.70 -18.40
N GLY F 112 64.71 -56.69 -18.45
CA GLY F 112 64.22 -56.07 -17.24
C GLY F 112 65.25 -55.28 -16.47
N GLN F 113 66.33 -54.86 -17.12
CA GLN F 113 67.40 -54.11 -16.47
C GLN F 113 67.24 -52.61 -16.63
N TRP F 114 66.16 -52.14 -17.24
CA TRP F 114 65.93 -50.70 -17.40
C TRP F 114 65.89 -50.02 -16.05
N TYR F 115 64.89 -50.36 -15.23
CA TYR F 115 64.82 -49.78 -13.89
C TYR F 115 66.05 -50.09 -13.03
N PRO F 116 66.60 -51.30 -13.01
CA PRO F 116 67.87 -51.50 -12.28
C PRO F 116 68.99 -50.60 -12.76
N PHE F 117 69.11 -50.37 -14.07
CA PHE F 117 70.11 -49.43 -14.56
C PHE F 117 69.70 -48.00 -14.26
N LEU F 118 68.40 -47.70 -14.35
CA LEU F 118 67.94 -46.33 -14.12
C LEU F 118 68.18 -45.91 -12.67
N ALA F 119 67.98 -46.82 -11.71
CA ALA F 119 68.25 -46.49 -10.32
C ALA F 119 69.72 -46.14 -10.12
N LEU F 120 70.61 -46.86 -10.80
CA LEU F 120 72.01 -46.45 -10.84
C LEU F 120 72.17 -45.10 -11.53
N LEU F 121 71.41 -44.88 -12.61
CA LEU F 121 71.52 -43.65 -13.37
C LEU F 121 71.02 -42.44 -12.60
N GLN F 122 69.85 -42.57 -11.95
CA GLN F 122 69.25 -41.44 -11.25
C GLN F 122 70.12 -41.01 -10.08
N ILE F 123 70.64 -41.95 -9.31
CA ILE F 123 71.42 -41.62 -8.12
C ILE F 123 72.71 -40.89 -8.50
N SER F 124 73.41 -41.41 -9.51
CA SER F 124 74.72 -40.85 -9.87
C SER F 124 74.61 -39.42 -10.38
N ASN F 125 73.59 -39.14 -11.19
CA ASN F 125 73.50 -37.85 -11.87
C ASN F 125 73.09 -36.71 -10.95
N LYS F 126 72.45 -37.01 -9.82
CA LYS F 126 72.06 -35.98 -8.86
C LYS F 126 73.14 -35.67 -7.85
N THR F 127 74.30 -36.31 -7.96
CA THR F 127 75.37 -36.12 -6.97
C THR F 127 75.96 -34.72 -7.03
N LYS F 128 76.13 -34.18 -8.25
CA LYS F 128 76.82 -32.90 -8.40
C LYS F 128 76.08 -31.77 -7.68
N ASP F 129 74.75 -31.74 -7.78
CA ASP F 129 73.99 -30.69 -7.13
C ASP F 129 74.15 -30.75 -5.61
N THR F 130 74.23 -31.97 -5.06
CA THR F 130 74.46 -32.12 -3.62
C THR F 130 75.83 -31.59 -3.23
N ILE F 131 76.84 -31.82 -4.07
CA ILE F 131 78.19 -31.33 -3.75
C ILE F 131 78.22 -29.81 -3.77
N LEU F 132 77.67 -29.21 -4.83
CA LEU F 132 77.69 -27.75 -4.97
C LEU F 132 76.87 -27.09 -3.87
N TRP F 133 75.69 -27.62 -3.56
CA TRP F 133 74.84 -27.13 -2.49
C TRP F 133 74.84 -28.18 -1.39
N GLN F 134 75.71 -27.98 -0.39
CA GLN F 134 75.93 -28.97 0.66
C GLN F 134 74.69 -29.07 1.55
N LYS F 135 73.92 -30.14 1.36
CA LYS F 135 72.74 -30.40 2.16
C LYS F 135 72.78 -31.84 2.68
N TYR F 136 72.17 -32.04 3.85
CA TYR F 136 72.08 -33.36 4.49
C TYR F 136 70.64 -33.60 4.90
N PRO F 137 69.76 -33.91 3.93
CA PRO F 137 68.33 -34.05 4.28
C PRO F 137 68.01 -35.31 5.06
N VAL F 138 68.61 -36.44 4.70
CA VAL F 138 68.23 -37.72 5.31
C VAL F 138 68.64 -37.76 6.77
N THR F 139 69.88 -37.36 7.07
CA THR F 139 70.38 -37.44 8.44
C THR F 139 69.61 -36.51 9.37
N GLN F 140 69.29 -35.29 8.90
CA GLN F 140 68.53 -34.36 9.73
C GLN F 140 67.13 -34.88 10.01
N GLU F 141 66.47 -35.45 8.99
CA GLU F 141 65.16 -36.04 9.20
C GLU F 141 65.23 -37.30 10.05
N LEU F 142 66.41 -37.91 10.16
CA LEU F 142 66.62 -39.07 11.01
C LEU F 142 67.22 -38.71 12.37
N GLU F 143 67.24 -37.42 12.70
CA GLU F 143 67.74 -36.90 13.99
C GLU F 143 69.06 -37.56 14.41
N ILE F 144 69.97 -37.66 13.45
CA ILE F 144 71.30 -38.23 13.66
C ILE F 144 72.35 -37.21 13.23
N SER F 145 73.61 -37.61 13.36
CA SER F 145 74.72 -36.74 12.97
C SER F 145 74.69 -36.48 11.47
N ASN F 146 74.98 -35.22 11.09
CA ASN F 146 74.94 -34.83 9.69
C ASN F 146 76.09 -35.43 8.88
N SER F 147 77.14 -35.91 9.55
CA SER F 147 78.27 -36.52 8.86
C SER F 147 78.00 -37.93 8.40
N LEU F 148 76.75 -38.38 8.42
CA LEU F 148 76.39 -39.75 8.07
C LEU F 148 75.72 -39.87 6.71
N GLU F 149 75.71 -38.79 5.91
CA GLU F 149 75.13 -38.86 4.58
C GLU F 149 75.89 -39.81 3.66
N ILE F 150 77.10 -40.22 4.07
CA ILE F 150 77.85 -41.22 3.30
C ILE F 150 77.11 -42.54 3.23
N TYR F 151 76.17 -42.77 4.16
CA TYR F 151 75.30 -43.94 4.11
C TYR F 151 73.85 -43.55 3.82
N ALA F 152 73.62 -42.32 3.35
CA ALA F 152 72.31 -41.84 2.99
C ALA F 152 72.17 -41.66 1.48
N ASN F 153 72.74 -42.60 0.72
CA ASN F 153 72.67 -42.55 -0.73
C ASN F 153 71.30 -43.01 -1.21
N GLY F 154 70.88 -42.47 -2.35
CA GLY F 154 69.62 -42.86 -2.95
C GLY F 154 68.41 -42.05 -2.51
N HIS F 155 68.61 -40.86 -1.96
CA HIS F 155 67.49 -40.02 -1.56
C HIS F 155 66.96 -39.23 -2.75
N GLY F 156 65.65 -38.98 -2.74
CA GLY F 156 65.01 -38.24 -3.80
C GLY F 156 64.72 -39.04 -5.05
N ILE F 157 65.05 -40.33 -5.07
CA ILE F 157 64.80 -41.16 -6.23
C ILE F 157 63.36 -41.64 -6.23
N LYS F 158 62.87 -42.01 -7.41
CA LYS F 158 61.52 -42.56 -7.51
C LYS F 158 61.43 -43.87 -6.75
N ASP F 159 60.27 -44.11 -6.14
CA ASP F 159 60.08 -45.32 -5.35
C ASP F 159 60.23 -46.58 -6.20
N ARG F 160 59.91 -46.49 -7.49
CA ARG F 160 60.14 -47.62 -8.38
C ARG F 160 61.62 -47.95 -8.48
N LEU F 161 62.47 -46.93 -8.59
CA LEU F 161 63.91 -47.15 -8.59
C LEU F 161 64.41 -47.54 -7.21
N LYS F 162 63.82 -46.96 -6.17
CA LYS F 162 64.22 -47.31 -4.80
C LYS F 162 63.92 -48.77 -4.51
N ASN F 163 62.97 -49.37 -5.23
CA ASN F 163 62.77 -50.81 -5.18
C ASN F 163 63.55 -51.54 -6.27
N SER F 164 63.92 -50.84 -7.36
CA SER F 164 64.67 -51.49 -8.44
C SER F 164 66.08 -51.84 -8.00
N ARG F 165 66.79 -50.89 -7.40
CA ARG F 165 68.13 -51.10 -6.85
C ARG F 165 68.18 -50.55 -5.44
N PRO F 166 67.47 -51.18 -4.49
CA PRO F 166 67.55 -50.71 -3.10
C PRO F 166 68.92 -50.94 -2.47
N ARG F 167 69.71 -51.87 -3.00
CA ARG F 167 71.07 -52.07 -2.48
C ARG F 167 71.93 -50.84 -2.69
N SER F 168 71.81 -50.21 -3.86
CA SER F 168 72.55 -48.97 -4.10
C SER F 168 72.04 -47.83 -3.22
N VAL F 169 70.74 -47.83 -2.92
CA VAL F 169 70.18 -46.83 -2.01
C VAL F 169 70.73 -47.08 -0.62
N GLY F 170 71.29 -46.03 -0.01
CA GLY F 170 71.93 -46.15 1.28
C GLY F 170 70.95 -46.56 2.37
N PRO F 171 71.47 -47.20 3.42
CA PRO F 171 70.58 -47.65 4.52
C PRO F 171 69.81 -46.50 5.16
N LEU F 172 70.42 -45.34 5.31
CA LEU F 172 69.74 -44.23 5.98
C LEU F 172 68.53 -43.76 5.18
N VAL F 173 68.63 -43.72 3.86
CA VAL F 173 67.45 -43.41 3.04
C VAL F 173 66.37 -44.46 3.26
N HIS F 174 66.77 -45.74 3.26
CA HIS F 174 65.84 -46.78 3.67
C HIS F 174 65.40 -46.60 5.11
N LEU F 175 66.35 -46.28 6.00
CA LEU F 175 65.99 -45.97 7.38
C LEU F 175 65.09 -44.75 7.45
N LEU F 176 65.37 -43.72 6.65
CA LEU F 176 64.45 -42.60 6.54
C LEU F 176 63.10 -43.05 6.02
N HIS F 177 63.10 -43.86 4.96
CA HIS F 177 61.86 -44.45 4.48
C HIS F 177 61.26 -45.39 5.51
N LEU F 178 62.10 -46.10 6.27
CA LEU F 178 61.59 -46.83 7.42
C LEU F 178 60.99 -45.88 8.45
N LYS F 179 61.68 -44.76 8.70
CA LYS F 179 61.11 -43.73 9.55
C LYS F 179 59.91 -43.07 8.89
N ARG F 180 59.99 -42.83 7.57
CA ARG F 180 58.84 -42.30 6.85
C ARG F 180 57.66 -43.24 6.91
N LEU F 181 57.90 -44.54 6.73
CA LEU F 181 56.81 -45.51 6.76
C LEU F 181 56.24 -45.67 8.16
N GLN F 182 57.10 -45.53 9.20
CA GLN F 182 56.60 -45.52 10.57
C GLN F 182 55.99 -44.18 10.95
N GLU F 183 56.14 -43.14 10.12
CA GLU F 183 55.54 -41.84 10.35
C GLU F 183 54.73 -41.37 9.15
N ASN F 184 54.16 -42.32 8.40
CA ASN F 184 53.37 -41.98 7.22
C ASN F 184 51.89 -41.80 7.57
N SER F 188 46.48 -50.26 4.61
CA SER F 188 47.00 -50.53 3.28
C SER F 188 47.88 -51.78 3.28
N PRO F 189 47.60 -52.71 2.37
CA PRO F 189 48.38 -53.95 2.31
C PRO F 189 49.78 -53.77 1.74
N ALA F 190 50.05 -52.67 1.05
CA ALA F 190 51.37 -52.43 0.46
C ALA F 190 52.34 -51.77 1.43
N VAL F 191 51.88 -51.37 2.62
CA VAL F 191 52.76 -50.73 3.59
C VAL F 191 53.82 -51.71 4.07
N ASN F 192 53.41 -52.93 4.42
CA ASN F 192 54.36 -53.92 4.90
CA ASN F 192 54.36 -53.92 4.90
C ASN F 192 55.37 -54.30 3.82
N GLY F 193 54.90 -54.45 2.58
CA GLY F 193 55.81 -54.84 1.50
C GLY F 193 56.95 -53.85 1.31
N ILE F 194 56.66 -52.56 1.43
CA ILE F 194 57.72 -51.55 1.36
C ILE F 194 58.64 -51.67 2.57
N ARG F 195 58.08 -51.88 3.76
CA ARG F 195 58.90 -51.91 4.97
C ARG F 195 59.73 -53.18 5.04
N LYS F 196 59.15 -54.33 4.68
CA LYS F 196 59.88 -55.59 4.81
C LYS F 196 61.11 -55.60 3.92
N SER F 197 61.02 -55.03 2.72
CA SER F 197 62.20 -54.86 1.89
C SER F 197 63.17 -53.88 2.54
N ILE F 198 62.65 -52.73 2.99
CA ILE F 198 63.51 -51.69 3.57
C ILE F 198 64.30 -52.24 4.75
N VAL F 199 63.63 -52.97 5.64
CA VAL F 199 64.34 -53.62 6.74
C VAL F 199 65.32 -54.64 6.20
N GLY F 200 64.91 -55.42 5.20
CA GLY F 200 65.81 -56.40 4.61
C GLY F 200 67.02 -55.75 3.95
N HIS F 201 66.80 -54.67 3.20
CA HIS F 201 67.94 -53.97 2.60
C HIS F 201 68.76 -53.24 3.65
N LEU F 202 68.12 -52.76 4.72
CA LEU F 202 68.87 -52.24 5.86
C LEU F 202 69.74 -53.34 6.47
N LYS F 203 69.16 -54.53 6.66
CA LYS F 203 69.94 -55.64 7.20
C LYS F 203 71.00 -56.11 6.21
N ARG F 204 70.65 -56.22 4.93
CA ARG F 204 71.62 -56.64 3.92
C ARG F 204 72.77 -55.64 3.82
N GLN F 205 72.45 -54.35 3.84
CA GLN F 205 73.50 -53.33 3.78
C GLN F 205 74.30 -53.29 5.07
N CYS F 206 73.63 -53.01 6.18
CA CYS F 206 74.30 -53.02 7.48
C CYS F 206 74.60 -54.44 7.92
N ILE F 207 75.81 -54.92 7.62
CA ILE F 207 76.19 -56.31 7.85
C ILE F 207 76.40 -56.56 9.35
N GLY F 208 76.38 -55.49 10.13
CA GLY F 208 76.61 -55.61 11.56
C GLY F 208 75.54 -56.47 12.21
N GLU F 209 75.95 -57.52 12.92
CA GLU F 209 74.98 -58.36 13.62
C GLU F 209 74.21 -57.56 14.65
N THR F 210 74.91 -56.70 15.40
CA THR F 210 74.22 -55.79 16.31
C THR F 210 73.46 -54.72 15.55
N GLN F 211 74.01 -54.25 14.43
CA GLN F 211 73.29 -53.29 13.59
C GLN F 211 72.03 -53.92 13.03
N LYS F 212 72.10 -55.18 12.59
CA LYS F 212 70.90 -55.87 12.13
C LYS F 212 69.88 -55.99 13.25
N ALA F 213 70.33 -56.33 14.45
CA ALA F 213 69.42 -56.50 15.58
C ALA F 213 68.71 -55.18 15.92
N MET F 214 69.45 -54.07 15.94
CA MET F 214 68.84 -52.81 16.27
C MET F 214 68.11 -52.16 15.09
N ILE F 215 68.47 -52.52 13.86
CA ILE F 215 67.59 -52.20 12.74
C ILE F 215 66.27 -52.94 12.88
N ASN F 216 66.34 -54.22 13.28
CA ASN F 216 65.12 -54.93 13.67
C ASN F 216 64.47 -54.27 14.88
N GLN F 217 65.26 -53.63 15.74
CA GLN F 217 64.71 -52.80 16.81
C GLN F 217 64.22 -51.45 16.31
N PHE F 218 64.50 -51.10 15.06
CA PHE F 218 63.89 -49.93 14.43
C PHE F 218 62.62 -50.29 13.67
N GLU F 219 62.23 -51.57 13.67
CA GLU F 219 61.09 -52.00 12.86
C GLU F 219 59.77 -51.57 13.47
N MET F 220 59.62 -51.69 14.80
CA MET F 220 58.36 -51.32 15.42
C MET F 220 58.25 -49.83 15.72
N GLY F 221 59.33 -49.06 15.58
CA GLY F 221 59.27 -47.62 15.68
C GLY F 221 60.06 -46.99 16.79
N ARG F 222 60.74 -47.76 17.63
CA ARG F 222 61.58 -47.17 18.66
C ARG F 222 62.92 -46.75 18.04
N TRP F 223 63.44 -45.61 18.49
CA TRP F 223 64.66 -45.05 17.95
C TRP F 223 65.63 -44.62 19.04
N GLU F 224 65.64 -45.35 20.16
CA GLU F 224 66.65 -45.08 21.19
C GLU F 224 68.05 -45.47 20.72
N SER F 225 68.14 -46.51 19.88
CA SER F 225 69.40 -46.91 19.28
C SER F 225 69.68 -46.19 17.97
N LEU F 226 68.80 -45.26 17.58
CA LEU F 226 69.02 -44.50 16.35
C LEU F 226 70.30 -43.68 16.43
N SER F 227 70.51 -43.00 17.56
CA SER F 227 71.77 -42.33 17.79
C SER F 227 72.90 -43.34 17.95
N THR F 228 72.61 -44.49 18.56
CA THR F 228 73.58 -45.59 18.57
C THR F 228 73.86 -46.07 17.16
N PHE F 229 72.82 -46.21 16.34
CA PHE F 229 73.01 -46.57 14.94
C PHE F 229 73.74 -45.47 14.19
N ALA F 230 73.54 -44.22 14.60
CA ALA F 230 74.31 -43.12 14.03
C ALA F 230 75.80 -43.29 14.30
N ALA F 231 76.16 -43.53 15.57
CA ALA F 231 77.55 -43.76 15.90
C ALA F 231 78.05 -45.11 15.39
N SER F 232 77.16 -46.08 15.26
CA SER F 232 77.54 -47.38 14.73
C SER F 232 77.94 -47.28 13.27
N LEU F 233 77.14 -46.58 12.47
CA LEU F 233 77.45 -46.42 11.05
C LEU F 233 78.85 -45.87 10.86
N LEU F 234 79.24 -44.90 11.69
CA LEU F 234 80.62 -44.42 11.67
C LEU F 234 81.59 -45.55 11.97
N ALA F 235 81.29 -46.37 12.99
CA ALA F 235 82.15 -47.50 13.33
C ALA F 235 81.99 -48.65 12.35
N ILE F 236 80.81 -49.27 12.32
CA ILE F 236 80.55 -50.36 11.40
CA ILE F 236 80.52 -50.36 11.40
C ILE F 236 80.00 -49.78 10.10
N LYS F 237 80.68 -50.09 9.00
CA LYS F 237 80.27 -49.55 7.71
C LYS F 237 79.30 -50.50 7.03
N PRO F 238 78.10 -50.05 6.68
CA PRO F 238 77.16 -50.92 5.98
C PRO F 238 77.65 -51.24 4.57
N ARG F 239 77.23 -52.41 4.08
CA ARG F 239 77.55 -52.79 2.71
C ARG F 239 76.86 -51.83 1.74
N ILE F 240 77.64 -51.24 0.84
CA ILE F 240 77.13 -50.30 -0.15
C ILE F 240 77.53 -50.83 -1.51
N GLU F 241 76.58 -51.43 -2.23
CA GLU F 241 76.85 -51.87 -3.59
C GLU F 241 77.04 -50.66 -4.50
N ASN F 242 78.02 -50.74 -5.38
CA ASN F 242 78.35 -49.67 -6.30
C ASN F 242 78.45 -50.21 -7.71
N HIS F 243 78.23 -49.33 -8.69
CA HIS F 243 78.43 -49.66 -10.09
C HIS F 243 78.94 -48.41 -10.80
N PHE F 244 79.75 -48.63 -11.83
CA PHE F 244 80.38 -47.54 -12.57
C PHE F 244 79.45 -47.10 -13.69
N VAL F 245 78.75 -45.99 -13.48
CA VAL F 245 77.83 -45.43 -14.46
C VAL F 245 78.24 -43.98 -14.71
N LEU F 246 78.37 -43.63 -15.99
CA LEU F 246 78.79 -42.28 -16.35
C LEU F 246 77.64 -41.30 -16.20
N THR F 247 77.99 -40.01 -16.17
CA THR F 247 77.03 -38.94 -16.05
C THR F 247 76.63 -38.42 -17.43
N TYR F 248 75.76 -37.41 -17.45
CA TYR F 248 75.28 -36.86 -18.71
C TYR F 248 76.39 -36.28 -19.59
N PRO F 249 77.27 -35.40 -19.10
CA PRO F 249 78.31 -34.85 -20.00
C PRO F 249 79.25 -35.90 -20.56
N LEU F 250 79.58 -36.94 -19.78
CA LEU F 250 80.50 -37.95 -20.26
C LEU F 250 79.83 -38.92 -21.23
N ILE F 251 78.55 -39.23 -21.00
CA ILE F 251 77.83 -40.14 -21.89
C ILE F 251 77.72 -39.54 -23.29
N ALA F 252 77.39 -38.26 -23.37
CA ALA F 252 77.33 -37.58 -24.67
C ALA F 252 78.70 -37.50 -25.32
N ASN F 253 79.76 -37.44 -24.51
CA ASN F 253 81.12 -37.34 -25.01
C ASN F 253 81.82 -38.69 -25.14
N CYS F 254 81.13 -39.79 -24.84
CA CYS F 254 81.69 -41.13 -24.95
C CYS F 254 81.22 -41.74 -26.26
N GLU F 255 82.15 -42.07 -27.15
CA GLU F 255 81.85 -42.63 -28.46
CA GLU F 255 81.84 -42.62 -28.46
C GLU F 255 82.08 -44.13 -28.54
N ASP F 256 82.43 -44.78 -27.43
CA ASP F 256 82.71 -46.20 -27.41
C ASP F 256 81.90 -46.86 -26.31
N PHE F 257 81.16 -47.92 -26.65
CA PHE F 257 80.39 -48.69 -25.68
C PHE F 257 80.45 -50.19 -25.98
N ALA F 258 81.51 -50.64 -26.66
CA ALA F 258 81.60 -52.04 -27.06
C ALA F 258 81.78 -52.95 -25.85
N GLY F 259 82.72 -52.60 -24.97
CA GLY F 259 82.99 -53.42 -23.80
C GLY F 259 82.41 -52.82 -22.54
N ALA F 260 81.24 -52.18 -22.66
CA ALA F 260 80.62 -51.47 -21.55
C ALA F 260 80.08 -52.48 -20.55
N THR F 261 80.82 -52.71 -19.47
CA THR F 261 80.33 -53.54 -18.38
C THR F 261 80.44 -52.74 -17.08
N LEU F 262 80.20 -53.41 -15.94
CA LEU F 262 80.19 -52.75 -14.65
C LEU F 262 81.26 -53.25 -13.68
N SER F 263 82.14 -54.15 -14.12
CA SER F 263 83.15 -54.72 -13.23
C SER F 263 84.49 -54.86 -13.92
N ASP F 264 84.92 -53.82 -14.64
CA ASP F 264 86.24 -53.84 -15.28
C ASP F 264 86.73 -52.40 -15.42
N GLU F 265 87.86 -52.24 -16.12
CA GLU F 265 88.48 -50.94 -16.33
C GLU F 265 87.90 -50.21 -17.54
N TRP F 266 86.92 -50.80 -18.23
CA TRP F 266 86.35 -50.13 -19.40
C TRP F 266 85.84 -48.74 -19.06
N VAL F 267 85.23 -48.59 -17.89
CA VAL F 267 84.73 -47.28 -17.47
C VAL F 267 85.89 -46.32 -17.24
N PHE F 268 86.92 -46.77 -16.53
CA PHE F 268 88.08 -45.91 -16.29
C PHE F 268 88.80 -45.56 -17.58
N LYS F 269 88.97 -46.53 -18.48
CA LYS F 269 89.70 -46.27 -19.72
C LYS F 269 88.90 -45.39 -20.67
N ALA F 270 87.57 -45.54 -20.68
CA ALA F 270 86.76 -44.83 -21.67
C ALA F 270 86.78 -43.32 -21.42
N MET F 271 86.53 -42.89 -20.18
CA MET F 271 86.44 -41.47 -19.89
C MET F 271 87.80 -40.82 -19.65
N GLU F 272 88.88 -41.60 -19.58
CA GLU F 272 90.21 -41.01 -19.71
C GLU F 272 90.40 -40.43 -21.10
N LYS F 273 89.91 -41.13 -22.12
CA LYS F 273 89.98 -40.61 -23.49
C LYS F 273 89.15 -39.34 -23.62
N ILE F 274 88.01 -39.28 -22.95
CA ILE F 274 87.21 -38.06 -22.93
C ILE F 274 88.01 -36.93 -22.28
N SER F 275 88.74 -37.24 -21.21
CA SER F 275 89.62 -36.25 -20.59
C SER F 275 90.71 -35.82 -21.57
N ASN F 276 91.25 -36.76 -22.34
CA ASN F 276 92.26 -36.42 -23.33
C ASN F 276 91.69 -35.55 -24.44
N LYS F 277 90.39 -35.69 -24.73
CA LYS F 277 89.77 -34.89 -25.77
C LYS F 277 89.75 -33.41 -25.39
N LYS F 278 89.48 -33.11 -24.11
CA LYS F 278 89.44 -31.73 -23.61
C LYS F 278 88.45 -30.88 -24.38
N THR F 279 87.26 -31.45 -24.64
CA THR F 279 86.19 -30.73 -25.32
C THR F 279 85.10 -30.25 -24.38
N LEU F 280 84.95 -30.86 -23.22
CA LEU F 280 83.87 -30.53 -22.29
C LEU F 280 84.30 -29.40 -21.36
N ARG F 281 83.37 -28.49 -21.08
CA ARG F 281 83.63 -27.33 -20.26
C ARG F 281 82.68 -27.32 -19.06
N VAL F 282 83.19 -26.88 -17.92
CA VAL F 282 82.42 -26.85 -16.68
C VAL F 282 81.94 -25.43 -16.41
N CYS F 283 80.90 -25.31 -15.59
CA CYS F 283 80.30 -24.04 -15.23
C CYS F 283 80.30 -23.87 -13.72
N GLY F 284 80.69 -22.69 -13.25
CA GLY F 284 80.74 -22.38 -11.85
C GLY F 284 80.75 -20.89 -11.58
N PRO F 285 80.77 -20.52 -10.29
CA PRO F 285 80.76 -19.08 -9.94
C PRO F 285 81.96 -18.33 -10.47
N ASP F 286 83.12 -18.96 -10.51
CA ASP F 286 84.36 -18.31 -10.93
C ASP F 286 85.39 -19.37 -11.29
N GLU F 287 86.48 -18.92 -11.90
CA GLU F 287 87.48 -19.84 -12.43
C GLU F 287 88.25 -20.59 -11.36
N LYS F 288 88.14 -20.21 -10.09
CA LYS F 288 88.78 -20.99 -9.04
C LYS F 288 88.17 -22.37 -8.88
N TRP F 289 86.95 -22.58 -9.37
CA TRP F 289 86.24 -23.84 -9.22
C TRP F 289 86.58 -24.85 -10.30
N ILE F 290 87.53 -24.53 -11.19
CA ILE F 290 87.85 -25.45 -12.28
C ILE F 290 88.33 -26.79 -11.74
N SER F 291 89.13 -26.77 -10.67
CA SER F 291 89.52 -28.01 -10.02
C SER F 291 88.36 -28.65 -9.28
N PHE F 292 87.44 -27.84 -8.77
CA PHE F 292 86.33 -28.38 -7.97
C PHE F 292 85.46 -29.31 -8.81
N MET F 293 84.99 -28.84 -9.97
CA MET F 293 84.19 -29.70 -10.84
C MET F 293 85.04 -30.80 -11.47
N ASN F 294 86.32 -30.54 -11.73
CA ASN F 294 87.19 -31.58 -12.24
C ASN F 294 87.28 -32.74 -11.25
N GLN F 295 87.39 -32.42 -9.96
CA GLN F 295 87.34 -33.45 -8.93
C GLN F 295 85.91 -33.97 -8.75
N ILE F 296 84.91 -33.13 -8.98
CA ILE F 296 83.52 -33.56 -8.89
C ILE F 296 83.23 -34.66 -9.92
N TYR F 297 83.74 -34.49 -11.13
CA TYR F 297 83.60 -35.53 -12.15
C TYR F 297 84.21 -36.84 -11.66
N ILE F 298 85.35 -36.76 -10.98
CA ILE F 298 85.90 -37.94 -10.32
C ILE F 298 85.02 -38.34 -9.14
N HIS F 299 84.49 -37.36 -8.41
CA HIS F 299 83.61 -37.66 -7.28
C HIS F 299 82.31 -38.29 -7.74
N SER F 300 81.69 -37.73 -8.78
CA SER F 300 80.34 -38.12 -9.14
C SER F 300 80.30 -39.48 -9.82
N VAL F 301 81.24 -39.75 -10.74
CA VAL F 301 81.19 -40.96 -11.54
C VAL F 301 81.35 -42.21 -10.65
N PHE F 302 82.31 -42.16 -9.74
CA PHE F 302 82.60 -43.30 -8.87
C PHE F 302 82.00 -43.15 -7.49
N GLN F 303 81.12 -42.16 -7.29
CA GLN F 303 80.45 -41.94 -6.00
C GLN F 303 81.44 -41.70 -4.87
N THR F 304 82.59 -41.10 -5.18
CA THR F 304 83.59 -40.80 -4.17
C THR F 304 83.41 -39.38 -3.63
N THR F 305 82.17 -39.08 -3.23
CA THR F 305 81.87 -37.81 -2.61
C THR F 305 82.38 -37.77 -1.17
N GLY F 306 81.95 -38.72 -0.36
CA GLY F 306 82.43 -38.90 0.99
C GLY F 306 83.59 -39.86 1.13
N GLU F 307 84.38 -40.03 0.06
CA GLU F 307 85.52 -40.94 0.11
C GLU F 307 86.81 -40.16 0.38
N ASP F 308 87.80 -40.85 0.94
CA ASP F 308 89.03 -40.21 1.40
C ASP F 308 89.76 -39.52 0.25
N LEU F 309 90.26 -38.31 0.53
CA LEU F 309 90.96 -37.53 -0.48
C LEU F 309 92.38 -38.05 -0.73
N GLY F 310 92.98 -38.74 0.25
CA GLY F 310 94.35 -39.19 0.08
C GLY F 310 94.49 -40.22 -1.03
N VAL F 311 93.61 -41.21 -1.05
CA VAL F 311 93.64 -42.21 -2.12
C VAL F 311 93.34 -41.55 -3.46
N LEU F 312 92.36 -40.63 -3.47
CA LEU F 312 92.02 -39.90 -4.68
C LEU F 312 93.22 -39.17 -5.25
N GLU F 313 94.02 -38.54 -4.39
CA GLU F 313 95.27 -37.94 -4.85
C GLU F 313 96.24 -39.00 -5.33
N TRP F 314 96.31 -40.14 -4.64
CA TRP F 314 97.23 -41.19 -5.03
C TRP F 314 96.76 -41.92 -6.29
N VAL F 315 95.48 -42.26 -6.35
CA VAL F 315 94.96 -42.96 -7.53
C VAL F 315 94.94 -42.04 -8.74
N PHE F 316 94.42 -40.82 -8.57
CA PHE F 316 94.17 -39.92 -9.69
C PHE F 316 95.27 -38.88 -9.88
N GLY F 317 96.38 -38.98 -9.15
CA GLY F 317 97.53 -38.13 -9.40
C GLY F 317 97.29 -36.65 -9.22
N GLY F 318 96.24 -36.27 -8.49
CA GLY F 318 95.95 -34.86 -8.29
C GLY F 318 95.22 -34.59 -7.00
N ARG F 319 95.53 -33.48 -6.34
CA ARG F 319 94.87 -33.14 -5.09
CA ARG F 319 94.87 -33.14 -5.09
C ARG F 319 93.40 -32.82 -5.32
N PHE F 320 92.58 -33.13 -4.31
CA PHE F 320 91.14 -32.92 -4.36
C PHE F 320 90.77 -31.80 -3.39
N CYS F 321 90.08 -30.79 -3.90
CA CYS F 321 89.70 -29.65 -3.09
C CYS F 321 88.47 -29.97 -2.25
N GLN F 322 88.46 -29.49 -1.02
CA GLN F 322 87.33 -29.69 -0.11
C GLN F 322 86.27 -28.60 -0.35
N ARG F 323 85.07 -28.88 0.15
CA ARG F 323 84.00 -27.88 0.05
C ARG F 323 84.30 -26.64 0.89
N LYS F 324 85.07 -26.81 1.96
CA LYS F 324 85.47 -25.66 2.77
C LYS F 324 86.36 -24.70 2.00
N GLU F 325 87.12 -25.22 1.03
CA GLU F 325 88.01 -24.37 0.24
C GLU F 325 87.27 -23.42 -0.68
N PHE F 326 85.96 -23.59 -0.84
CA PHE F 326 85.16 -22.74 -1.71
C PHE F 326 83.98 -22.19 -0.92
N GLY F 327 83.48 -21.03 -1.35
CA GLY F 327 82.32 -20.43 -0.75
C GLY F 327 81.04 -21.07 -1.25
N ARG F 328 79.94 -20.34 -1.07
CA ARG F 328 78.65 -20.84 -1.54
C ARG F 328 78.64 -20.92 -3.06
N TYR F 329 78.06 -22.00 -3.58
CA TYR F 329 77.96 -22.16 -5.03
C TYR F 329 76.91 -21.19 -5.57
N CYS F 330 77.26 -20.53 -6.67
CA CYS F 330 76.33 -19.60 -7.31
C CYS F 330 75.17 -20.37 -7.94
N LYS F 331 74.12 -19.62 -8.28
CA LYS F 331 72.90 -20.25 -8.80
C LYS F 331 73.16 -20.92 -10.14
N LYS F 332 72.35 -21.95 -10.43
CA LYS F 332 72.45 -22.66 -11.70
C LYS F 332 72.20 -21.73 -12.88
N SER F 333 71.52 -20.61 -12.66
CA SER F 333 71.26 -19.64 -13.72
C SER F 333 72.42 -18.67 -13.94
N GLN F 334 73.48 -18.77 -13.14
CA GLN F 334 74.62 -17.86 -13.27
C GLN F 334 75.96 -18.57 -13.22
N THR F 335 75.99 -19.90 -13.35
CA THR F 335 77.25 -20.60 -13.48
C THR F 335 77.83 -20.35 -14.87
N LYS F 336 79.11 -20.00 -14.93
CA LYS F 336 79.74 -19.58 -16.18
C LYS F 336 80.84 -20.54 -16.57
N VAL F 337 81.03 -20.70 -17.88
CA VAL F 337 82.09 -21.55 -18.39
C VAL F 337 83.43 -20.96 -17.96
N ILE F 338 84.22 -21.75 -17.24
CA ILE F 338 85.46 -21.28 -16.65
C ILE F 338 86.69 -22.03 -17.13
N GLY F 339 86.52 -23.11 -17.89
CA GLY F 339 87.67 -23.85 -18.37
C GLY F 339 87.25 -25.19 -18.93
N LEU F 340 88.26 -25.99 -19.27
CA LEU F 340 88.06 -27.32 -19.85
C LEU F 340 88.11 -28.38 -18.76
N PHE F 341 87.35 -29.45 -18.96
CA PHE F 341 87.36 -30.57 -18.02
C PHE F 341 88.64 -31.37 -18.19
N THR F 342 89.32 -31.65 -17.08
CA THR F 342 90.55 -32.42 -17.08
C THR F 342 90.44 -33.57 -16.09
N PHE F 343 91.19 -34.63 -16.37
CA PHE F 343 91.15 -35.83 -15.55
C PHE F 343 92.40 -36.65 -15.80
N GLN F 344 92.81 -37.40 -14.78
CA GLN F 344 93.90 -38.36 -14.90
C GLN F 344 93.77 -39.36 -13.76
N TYR F 345 94.13 -40.61 -14.02
CA TYR F 345 94.10 -41.65 -13.00
C TYR F 345 95.23 -42.65 -13.26
N GLU F 346 95.59 -43.38 -12.21
CA GLU F 346 96.63 -44.39 -12.28
C GLU F 346 96.18 -45.75 -11.77
N TYR F 347 95.08 -45.83 -11.03
CA TYR F 347 94.62 -47.08 -10.44
C TYR F 347 93.10 -47.13 -10.49
N TRP F 348 92.55 -48.31 -10.20
CA TRP F 348 91.11 -48.51 -10.19
C TRP F 348 90.82 -49.79 -9.41
N SER F 349 89.53 -50.11 -9.29
CA SER F 349 89.10 -51.33 -8.62
C SER F 349 87.70 -51.66 -9.08
N LYS F 350 87.33 -52.93 -8.96
CA LYS F 350 85.95 -53.31 -9.20
C LYS F 350 85.06 -52.64 -8.17
N PRO F 351 83.86 -52.22 -8.55
CA PRO F 351 83.01 -51.46 -7.63
C PRO F 351 82.68 -52.25 -6.38
N LEU F 352 82.53 -51.53 -5.27
CA LEU F 352 82.31 -52.14 -3.97
C LEU F 352 81.06 -53.01 -4.00
N LYS F 353 81.25 -54.33 -3.88
CA LYS F 353 80.13 -55.28 -3.93
C LYS F 353 79.62 -55.56 -2.52
N SER F 354 80.49 -56.10 -1.67
CA SER F 354 80.15 -56.37 -0.29
C SER F 354 80.59 -55.21 0.59
N ALA F 355 80.49 -55.39 1.91
CA ALA F 355 80.80 -54.31 2.83
C ALA F 355 82.29 -53.99 2.81
N PRO F 356 82.65 -52.71 2.94
CA PRO F 356 84.07 -52.35 3.01
C PRO F 356 84.74 -52.87 4.28
N ARG F 357 84.12 -52.63 5.43
CA ARG F 357 84.62 -53.14 6.70
C ARG F 357 83.97 -54.49 6.98
N SER F 358 84.79 -55.52 7.15
CA SER F 358 84.31 -56.88 7.39
C SER F 358 85.12 -57.49 8.52
N ILE F 359 84.43 -58.16 9.45
CA ILE F 359 85.07 -58.89 10.53
C ILE F 359 85.19 -60.38 10.20
N GLU F 360 84.97 -60.76 8.95
CA GLU F 360 85.06 -62.16 8.54
C GLU F 360 86.51 -62.63 8.51
N ILE F 367 88.80 -76.60 14.01
CA ILE F 367 89.64 -76.79 15.19
C ILE F 367 89.20 -78.05 15.95
N SER F 368 88.10 -78.65 15.52
CA SER F 368 87.57 -79.84 16.14
C SER F 368 87.18 -80.83 15.05
N CYS F 369 86.61 -81.96 15.45
CA CYS F 369 86.17 -82.98 14.51
C CYS F 369 84.98 -83.71 15.12
N ARG F 370 84.46 -84.69 14.38
CA ARG F 370 83.31 -85.48 14.79
C ARG F 370 83.62 -86.97 14.66
N PRO F 371 84.29 -87.56 15.65
CA PRO F 371 84.50 -89.01 15.63
C PRO F 371 83.17 -89.74 15.84
N SER F 372 82.84 -90.60 14.90
CA SER F 372 81.51 -91.20 14.86
C SER F 372 81.51 -92.72 14.82
N PHE F 373 82.44 -93.34 14.13
CA PHE F 373 82.34 -94.77 13.82
C PHE F 373 82.57 -95.61 15.07
N LYS F 374 81.96 -96.80 15.05
CA LYS F 374 81.88 -97.68 16.22
C LYS F 374 83.23 -98.26 16.64
N GLY F 375 84.26 -98.16 15.81
CA GLY F 375 85.56 -98.72 16.16
C GLY F 375 86.44 -97.77 16.94
N LYS F 376 87.74 -98.01 16.92
CA LYS F 376 88.70 -97.23 17.69
C LYS F 376 89.59 -96.43 16.74
N ARG F 377 89.73 -95.13 17.03
CA ARG F 377 90.59 -94.25 16.25
C ARG F 377 91.30 -93.29 17.18
N PRO F 378 92.47 -92.79 16.80
CA PRO F 378 93.05 -91.67 17.52
C PRO F 378 92.28 -90.39 17.24
N SER F 379 91.92 -89.69 18.31
CA SER F 379 91.13 -88.47 18.21
C SER F 379 92.07 -87.27 18.25
N TYR F 380 92.05 -86.47 17.18
CA TYR F 380 92.90 -85.29 17.09
C TYR F 380 92.11 -84.07 17.56
N ASN F 381 92.70 -83.31 18.46
CA ASN F 381 92.11 -82.09 19.00
C ASN F 381 92.98 -80.91 18.57
N ASN F 382 92.55 -80.22 17.52
CA ASN F 382 93.31 -79.08 17.00
C ASN F 382 93.26 -77.88 17.92
N PHE F 383 92.42 -77.91 18.97
CA PHE F 383 92.35 -76.84 19.95
C PHE F 383 93.12 -77.27 21.19
N THR F 384 94.04 -76.42 21.64
CA THR F 384 94.82 -76.74 22.83
C THR F 384 93.99 -76.61 24.10
N SER F 385 93.07 -75.64 24.13
CA SER F 385 92.23 -75.43 25.31
C SER F 385 90.84 -74.96 24.89
N SER F 399 75.19 -55.44 27.40
CA SER F 399 73.91 -54.82 27.09
C SER F 399 73.71 -54.68 25.59
N PHE F 400 72.49 -54.31 25.19
CA PHE F 400 72.21 -54.11 23.77
C PHE F 400 73.03 -52.97 23.19
N TYR F 401 73.14 -51.87 23.93
CA TYR F 401 74.04 -50.79 23.53
C TYR F 401 75.49 -51.26 23.55
N ASP F 402 75.87 -52.04 24.57
CA ASP F 402 77.24 -52.54 24.66
C ASP F 402 77.56 -53.46 23.49
N GLN F 403 76.60 -54.29 23.08
CA GLN F 403 76.83 -55.19 21.96
C GLN F 403 77.15 -54.40 20.69
N VAL F 404 76.40 -53.32 20.44
CA VAL F 404 76.70 -52.47 19.30
C VAL F 404 78.08 -51.83 19.47
N ARG F 405 78.35 -51.29 20.67
CA ARG F 405 79.66 -50.70 20.93
C ARG F 405 80.76 -51.74 20.82
N GLU F 406 80.48 -52.97 21.28
CA GLU F 406 81.43 -54.06 21.08
C GLU F 406 81.70 -54.27 19.59
N GLU F 407 80.63 -54.35 18.79
CA GLU F 407 80.81 -54.40 17.34
C GLU F 407 81.39 -53.10 16.81
N CYS F 408 81.01 -51.97 17.41
CA CYS F 408 81.61 -50.69 17.01
C CYS F 408 83.10 -50.69 17.26
N GLN F 409 83.52 -51.08 18.47
CA GLN F 409 84.95 -51.14 18.75
C GLN F 409 85.64 -52.22 17.92
N LYS F 410 84.92 -53.29 17.57
CA LYS F 410 85.45 -54.26 16.63
C LYS F 410 85.72 -53.61 15.28
N TYR F 411 84.81 -52.76 14.81
CA TYR F 411 85.00 -52.07 13.54
C TYR F 411 85.85 -50.81 13.68
N MET F 412 85.97 -50.26 14.89
CA MET F 412 87.06 -49.31 15.15
C MET F 412 88.41 -50.00 15.01
N ASP F 413 88.53 -51.23 15.52
CA ASP F 413 89.81 -51.93 15.55
C ASP F 413 90.14 -52.63 14.24
N LEU F 414 89.23 -52.66 13.27
CA LEU F 414 89.51 -53.33 12.01
C LEU F 414 90.62 -52.66 11.23
N LYS F 415 91.73 -53.36 11.04
CA LYS F 415 92.80 -52.90 10.17
C LYS F 415 92.61 -53.35 8.73
N VAL F 416 91.54 -54.10 8.44
CA VAL F 416 91.31 -54.62 7.10
C VAL F 416 90.04 -53.99 6.56
N GLU F 417 90.10 -53.54 5.31
CA GLU F 417 88.97 -52.91 4.65
C GLU F 417 89.02 -53.25 3.16
N GLY F 418 87.93 -52.97 2.47
CA GLY F 418 87.79 -53.36 1.08
C GLY F 418 87.28 -54.78 0.96
N THR F 419 87.00 -55.22 -0.26
CA THR F 419 86.45 -56.56 -0.47
C THR F 419 87.40 -57.49 -1.21
N THR F 420 87.85 -57.13 -2.42
CA THR F 420 88.69 -58.03 -3.21
C THR F 420 90.07 -57.46 -3.45
N CYS F 421 90.20 -56.31 -4.12
CA CYS F 421 91.50 -55.81 -4.54
C CYS F 421 91.43 -54.50 -5.31
N PHE F 422 92.59 -53.89 -5.52
CA PHE F 422 92.75 -52.78 -6.46
C PHE F 422 93.12 -53.32 -7.84
N TYR F 423 93.23 -52.41 -8.81
CA TYR F 423 93.80 -52.72 -10.11
C TYR F 423 94.43 -51.45 -10.68
N ARG F 424 95.56 -51.62 -11.37
CA ARG F 424 96.26 -50.47 -11.93
C ARG F 424 95.65 -50.07 -13.27
N LYS F 425 95.94 -48.83 -13.69
CA LYS F 425 95.49 -48.35 -14.98
C LYS F 425 96.06 -49.21 -16.10
N GLY F 426 95.23 -49.49 -17.11
CA GLY F 426 95.63 -50.30 -18.23
C GLY F 426 95.58 -51.79 -18.03
N GLY F 427 94.96 -52.26 -16.94
CA GLY F 427 94.90 -53.67 -16.68
C GLY F 427 94.19 -53.95 -15.38
N HIS F 428 94.33 -55.19 -14.90
CA HIS F 428 93.72 -55.63 -13.66
C HIS F 428 94.78 -56.17 -12.69
N VAL F 429 95.89 -55.45 -12.56
CA VAL F 429 96.97 -55.85 -11.66
C VAL F 429 96.74 -55.18 -10.31
N GLU F 430 96.66 -55.99 -9.25
CA GLU F 430 96.33 -55.49 -7.93
C GLU F 430 97.46 -54.62 -7.39
N VAL F 431 97.11 -53.43 -6.88
CA VAL F 431 98.07 -52.48 -6.34
C VAL F 431 97.55 -51.97 -5.00
N GLU F 432 98.14 -52.45 -3.91
CA GLU F 432 97.70 -52.05 -2.58
CA GLU F 432 97.71 -52.06 -2.58
C GLU F 432 98.04 -50.59 -2.31
N PHE F 433 97.10 -49.89 -1.67
CA PHE F 433 97.32 -48.48 -1.34
C PHE F 433 98.36 -48.35 -0.23
N PRO F 434 99.44 -47.60 -0.44
CA PRO F 434 100.50 -47.52 0.57
C PRO F 434 100.24 -46.48 1.66
N GLY F 435 99.51 -45.43 1.32
CA GLY F 435 99.27 -44.32 2.23
C GLY F 435 99.44 -42.98 1.52
N SER F 436 98.78 -41.96 2.05
CA SER F 436 98.84 -40.64 1.45
C SER F 436 98.66 -39.59 2.54
N ALA F 437 99.11 -38.37 2.24
CA ALA F 437 99.03 -37.28 3.20
C ALA F 437 97.60 -36.80 3.41
N HIS F 438 96.81 -36.74 2.35
CA HIS F 438 95.44 -36.24 2.42
C HIS F 438 94.45 -37.29 2.91
N CYS F 439 94.94 -38.38 3.49
CA CYS F 439 94.05 -39.33 4.13
C CYS F 439 93.37 -38.71 5.34
N ASN F 440 92.16 -39.19 5.62
CA ASN F 440 91.26 -38.73 6.68
C ASN F 440 90.68 -37.36 6.34
N THR F 441 91.11 -36.73 5.25
CA THR F 441 90.58 -35.45 4.81
C THR F 441 89.55 -35.69 3.73
N TYR F 442 88.46 -34.92 3.76
CA TYR F 442 87.32 -35.16 2.90
C TYR F 442 86.80 -33.86 2.31
N LEU F 443 85.99 -34.00 1.26
CA LEU F 443 85.36 -32.85 0.62
C LEU F 443 84.49 -32.08 1.61
N PHE F 444 83.73 -32.80 2.43
CA PHE F 444 82.91 -32.21 3.49
C PHE F 444 83.51 -32.44 4.87
N GLY F 445 84.67 -33.09 4.94
CA GLY F 445 85.30 -33.38 6.22
C GLY F 445 86.30 -32.32 6.65
N THR G 20 70.87 -7.13 -5.29
CA THR G 20 70.93 -6.43 -4.01
C THR G 20 71.93 -5.28 -4.07
N GLU G 21 73.21 -5.62 -4.14
CA GLU G 21 74.28 -4.62 -4.21
C GLU G 21 74.56 -4.15 -5.63
N SER G 22 73.89 -4.74 -6.64
CA SER G 22 74.15 -4.33 -8.01
C SER G 22 73.63 -2.92 -8.28
N GLN G 23 72.42 -2.61 -7.79
CA GLN G 23 71.82 -1.30 -8.01
C GLN G 23 72.38 -0.22 -7.08
N ILE G 24 72.90 -0.60 -5.92
CA ILE G 24 73.34 0.33 -4.87
C ILE G 24 74.27 1.41 -5.41
N PRO G 25 75.24 1.11 -6.30
CA PRO G 25 76.09 2.20 -6.81
C PRO G 25 75.30 3.34 -7.46
N LYS G 26 74.23 3.03 -8.20
CA LYS G 26 73.41 4.07 -8.80
C LYS G 26 72.20 4.41 -7.94
N MET G 27 71.82 3.52 -7.03
CA MET G 27 70.54 3.62 -6.35
C MET G 27 70.63 4.45 -5.07
N TYR G 28 71.84 4.82 -4.65
CA TYR G 28 71.99 5.88 -3.65
C TYR G 28 71.97 7.26 -4.27
N GLU G 29 72.20 7.35 -5.59
CA GLU G 29 72.39 8.65 -6.24
C GLU G 29 71.12 9.49 -6.17
N MET G 30 69.99 8.91 -6.58
CA MET G 30 68.72 9.63 -6.57
C MET G 30 68.07 9.68 -5.20
N ILE G 31 68.54 8.89 -4.24
CA ILE G 31 68.19 9.14 -2.84
C ILE G 31 68.77 10.46 -2.38
N ARG G 32 70.03 10.71 -2.73
CA ARG G 32 70.68 11.97 -2.37
C ARG G 32 70.16 13.13 -3.21
N ASP G 33 69.72 12.85 -4.45
CA ASP G 33 69.28 13.93 -5.33
C ASP G 33 68.07 14.67 -4.75
N GLN G 34 67.13 13.94 -4.18
CA GLN G 34 65.92 14.54 -3.63
C GLN G 34 66.15 15.16 -2.26
N MET G 35 67.28 14.89 -1.60
CA MET G 35 67.56 15.49 -0.31
C MET G 35 67.73 16.99 -0.41
N ARG G 36 68.42 17.46 -1.44
CA ARG G 36 68.80 18.87 -1.53
C ARG G 36 67.76 19.73 -2.24
N THR G 37 67.02 19.16 -3.19
CA THR G 37 66.08 19.96 -3.97
C THR G 37 64.98 20.55 -3.08
N LEU G 38 64.45 19.75 -2.16
CA LEU G 38 63.38 20.23 -1.29
C LEU G 38 63.89 21.29 -0.32
N ALA G 39 65.08 21.08 0.25
CA ALA G 39 65.61 22.04 1.23
C ALA G 39 66.10 23.31 0.56
N SER G 40 66.81 23.19 -0.56
CA SER G 40 67.40 24.37 -1.21
C SER G 40 66.35 25.26 -1.85
N THR G 41 65.16 24.72 -2.16
CA THR G 41 64.11 25.54 -2.73
C THR G 41 63.67 26.63 -1.77
N HIS G 42 63.59 26.29 -0.48
CA HIS G 42 63.15 27.21 0.56
C HIS G 42 64.30 27.71 1.42
N LYS G 43 65.52 27.63 0.91
CA LYS G 43 66.72 28.12 1.60
C LYS G 43 66.89 27.47 2.97
N ILE G 44 66.64 26.16 3.04
CA ILE G 44 66.84 25.38 4.25
C ILE G 44 68.29 24.87 4.24
N PRO G 45 69.15 25.30 5.16
CA PRO G 45 70.52 24.78 5.19
C PRO G 45 70.53 23.29 5.47
N LEU G 46 71.45 22.59 4.82
CA LEU G 46 71.59 21.15 4.95
C LEU G 46 72.74 20.75 5.87
N ASN G 47 73.35 21.71 6.55
CA ASN G 47 74.45 21.42 7.48
C ASN G 47 73.95 21.22 8.91
N ILE G 48 72.64 21.19 9.13
CA ILE G 48 72.05 20.82 10.42
C ILE G 48 71.47 19.43 10.28
N ASP G 49 71.76 18.57 11.27
CA ASP G 49 71.22 17.21 11.26
C ASP G 49 69.69 17.22 11.37
N HIS G 50 69.14 18.05 12.25
CA HIS G 50 67.69 18.05 12.46
C HIS G 50 66.96 18.50 11.20
N ASN G 51 67.53 19.46 10.46
CA ASN G 51 66.95 19.83 9.18
C ASN G 51 66.94 18.64 8.22
N CYS G 52 68.07 17.92 8.15
CA CYS G 52 68.13 16.73 7.29
C CYS G 52 67.31 15.58 7.86
N GLU G 53 67.22 15.47 9.18
CA GLU G 53 66.46 14.39 9.79
C GLU G 53 64.99 14.46 9.40
N VAL G 54 64.39 15.64 9.52
CA VAL G 54 62.99 15.81 9.17
C VAL G 54 62.81 15.72 7.66
N ILE G 55 63.68 16.39 6.90
CA ILE G 55 63.57 16.37 5.44
C ILE G 55 63.69 14.94 4.93
N GLY G 56 64.68 14.20 5.42
CA GLY G 56 64.82 12.81 5.01
C GLY G 56 63.63 11.97 5.41
N SER G 57 63.08 12.22 6.60
CA SER G 57 61.88 11.49 7.03
C SER G 57 60.70 11.79 6.12
N ILE G 58 60.59 13.04 5.65
CA ILE G 58 59.52 13.40 4.73
C ILE G 58 59.69 12.65 3.40
N ILE G 59 60.91 12.69 2.84
CA ILE G 59 61.15 12.04 1.56
C ILE G 59 60.97 10.54 1.69
N MET G 60 61.50 9.95 2.78
CA MET G 60 61.33 8.52 3.00
C MET G 60 59.87 8.16 3.21
N ALA G 61 59.08 9.06 3.79
CA ALA G 61 57.65 8.82 3.91
C ALA G 61 57.02 8.68 2.53
N ALA G 62 57.40 9.54 1.59
CA ALA G 62 56.87 9.46 0.24
C ALA G 62 57.31 8.20 -0.49
N CYS G 63 58.37 7.54 -0.02
CA CYS G 63 58.88 6.36 -0.70
C CYS G 63 57.87 5.21 -0.66
N THR G 64 57.34 4.91 0.52
CA THR G 64 56.35 3.83 0.66
C THR G 64 55.00 4.35 1.13
N ASN G 65 54.95 5.02 2.29
CA ASN G 65 53.69 5.53 2.83
C ASN G 65 53.38 6.88 2.19
N ASN G 66 52.98 6.80 0.92
CA ASN G 66 52.82 8.00 0.10
C ASN G 66 51.72 8.92 0.65
N ARG G 67 50.78 8.38 1.42
CA ARG G 67 49.65 9.14 1.92
C ARG G 67 49.86 9.70 3.32
N ASP G 68 50.92 9.28 4.02
CA ASP G 68 51.13 9.75 5.38
C ASP G 68 51.61 11.20 5.41
N LEU G 69 52.53 11.56 4.53
CA LEU G 69 53.05 12.92 4.49
C LEU G 69 52.11 13.84 3.72
N ARG G 70 52.39 15.14 3.79
CA ARG G 70 51.59 16.14 3.11
CA ARG G 70 51.59 16.14 3.11
C ARG G 70 52.35 16.71 1.92
N PRO G 71 51.63 17.07 0.84
CA PRO G 71 52.31 17.71 -0.31
C PRO G 71 52.98 19.02 0.06
N VAL G 72 52.35 19.80 0.94
CA VAL G 72 52.95 21.00 1.52
C VAL G 72 52.63 21.02 3.00
N ASP G 73 53.66 21.26 3.83
CA ASP G 73 53.47 21.26 5.27
C ASP G 73 54.64 22.00 5.91
N LYS G 74 54.45 22.39 7.16
CA LYS G 74 55.48 23.07 7.93
C LYS G 74 56.13 22.07 8.88
N TYR G 75 57.46 22.05 8.88
CA TYR G 75 58.22 21.14 9.74
C TYR G 75 59.31 21.93 10.45
N TRP G 76 59.77 21.36 11.56
CA TRP G 76 60.78 22.01 12.40
C TRP G 76 62.15 21.94 11.73
N PHE G 77 62.77 23.10 11.50
CA PHE G 77 64.10 23.17 10.91
C PHE G 77 64.90 24.28 11.58
N LEU G 78 66.12 24.46 11.11
CA LEU G 78 67.05 25.48 11.60
C LEU G 78 67.21 26.53 10.50
N MET G 79 66.66 27.72 10.72
CA MET G 79 66.76 28.82 9.76
C MET G 79 67.79 29.83 10.25
N GLY G 80 68.80 30.08 9.42
CA GLY G 80 69.83 31.05 9.73
C GLY G 80 71.09 30.79 8.94
N PRO G 81 71.74 31.87 8.48
CA PRO G 81 72.97 31.71 7.70
C PRO G 81 74.22 31.77 8.56
N ALA G 82 75.13 30.83 8.28
CA ALA G 82 76.45 30.78 8.91
C ALA G 82 76.37 30.71 10.43
N GLY G 83 75.73 29.64 10.91
CA GLY G 83 75.67 29.36 12.33
C GLY G 83 74.66 30.16 13.12
N ALA G 84 73.86 31.00 12.46
CA ALA G 84 72.85 31.80 13.13
C ALA G 84 71.46 31.16 13.04
N GLU G 85 71.40 29.84 13.07
CA GLU G 85 70.15 29.11 12.84
C GLU G 85 69.28 29.13 14.09
N VAL G 86 68.17 29.86 14.04
CA VAL G 86 67.16 29.80 15.08
C VAL G 86 66.02 28.92 14.59
N MET G 87 65.53 28.02 15.46
CA MET G 87 64.55 27.02 15.05
C MET G 87 63.18 27.65 14.81
N THR G 88 62.57 27.30 13.68
CA THR G 88 61.19 27.64 13.39
C THR G 88 60.64 26.64 12.41
N GLU G 89 59.32 26.51 12.38
CA GLU G 89 58.67 25.62 11.42
C GLU G 89 58.67 26.26 10.04
N VAL G 90 59.13 25.50 9.04
CA VAL G 90 59.32 26.02 7.69
C VAL G 90 58.42 25.24 6.74
N GLU G 91 57.60 25.96 5.99
CA GLU G 91 56.79 25.33 4.95
C GLU G 91 57.69 24.89 3.79
N ILE G 92 57.38 23.72 3.24
CA ILE G 92 58.14 23.18 2.11
C ILE G 92 57.18 22.61 1.08
N ASP G 93 57.63 22.57 -0.17
CA ASP G 93 56.84 22.08 -1.30
C ASP G 93 57.34 20.68 -1.63
N ILE G 94 56.72 19.67 -1.02
CA ILE G 94 57.13 18.28 -1.21
C ILE G 94 56.66 17.73 -2.55
N GLN G 95 55.69 18.37 -3.18
CA GLN G 95 55.10 17.85 -4.42
C GLN G 95 56.13 17.52 -5.50
N PRO G 96 57.14 18.34 -5.79
CA PRO G 96 58.17 17.91 -6.76
C PRO G 96 58.87 16.63 -6.36
N GLN G 97 59.03 16.38 -5.06
CA GLN G 97 59.70 15.17 -4.59
C GLN G 97 58.77 13.98 -4.43
N LEU G 98 57.46 14.19 -4.54
CA LEU G 98 56.52 13.08 -4.36
C LEU G 98 56.50 12.15 -5.56
N GLN G 99 56.59 12.69 -6.76
CA GLN G 99 56.43 11.88 -7.97
C GLN G 99 57.53 10.85 -8.11
N TRP G 100 58.77 11.23 -7.79
CA TRP G 100 59.90 10.32 -7.98
C TRP G 100 59.78 9.10 -7.07
N ALA G 101 59.39 9.31 -5.81
CA ALA G 101 59.37 8.21 -4.85
C ALA G 101 58.38 7.12 -5.25
N LYS G 102 57.19 7.52 -5.68
CA LYS G 102 56.19 6.53 -6.09
C LYS G 102 56.56 5.89 -7.43
N GLY G 103 57.15 6.67 -8.34
CA GLY G 103 57.56 6.13 -9.63
C GLY G 103 58.76 5.21 -9.51
N ALA G 104 59.55 5.37 -8.45
CA ALA G 104 60.69 4.49 -8.21
C ALA G 104 60.28 3.16 -7.57
N VAL G 105 59.02 3.01 -7.17
CA VAL G 105 58.58 1.79 -6.51
C VAL G 105 58.69 0.60 -7.46
N HIS G 106 58.22 0.79 -8.70
CA HIS G 106 58.25 -0.27 -9.71
C HIS G 106 59.05 0.13 -10.94
N ASP G 107 59.98 1.08 -10.79
CA ASP G 107 60.86 1.46 -11.88
C ASP G 107 61.80 0.29 -12.20
N PRO G 108 61.85 -0.17 -13.46
CA PRO G 108 62.72 -1.32 -13.77
C PRO G 108 64.19 -1.05 -13.56
N LYS G 109 64.61 0.21 -13.46
CA LYS G 109 66.02 0.50 -13.23
C LYS G 109 66.50 -0.05 -11.89
N TYR G 110 65.59 -0.24 -10.94
CA TYR G 110 65.94 -0.80 -9.64
C TYR G 110 65.85 -2.31 -9.59
N LYS G 111 65.30 -2.95 -10.62
CA LYS G 111 65.12 -4.40 -10.67
C LYS G 111 64.31 -4.91 -9.49
N GLY G 112 63.31 -4.13 -9.05
CA GLY G 112 62.48 -4.52 -7.93
C GLY G 112 63.14 -4.41 -6.57
N GLN G 113 64.31 -3.76 -6.48
CA GLN G 113 65.03 -3.64 -5.23
C GLN G 113 64.62 -2.40 -4.43
N TRP G 114 63.66 -1.61 -4.93
CA TRP G 114 63.24 -0.41 -4.21
C TRP G 114 62.74 -0.75 -2.81
N TYR G 115 61.66 -1.52 -2.72
CA TYR G 115 61.14 -1.93 -1.42
C TYR G 115 62.16 -2.68 -0.57
N PRO G 116 62.93 -3.65 -1.09
CA PRO G 116 64.00 -4.24 -0.26
C PRO G 116 64.98 -3.21 0.27
N PHE G 117 65.39 -2.23 -0.53
CA PHE G 117 66.29 -1.21 -0.03
C PHE G 117 65.56 -0.21 0.86
N LEU G 118 64.32 0.14 0.51
CA LEU G 118 63.56 1.05 1.34
C LEU G 118 63.32 0.48 2.72
N ALA G 119 63.07 -0.84 2.80
CA ALA G 119 63.00 -1.49 4.10
C ALA G 119 64.32 -1.35 4.85
N LEU G 120 65.43 -1.52 4.14
CA LEU G 120 66.73 -1.22 4.73
C LEU G 120 66.86 0.26 5.05
N LEU G 121 66.38 1.13 4.16
CA LEU G 121 66.47 2.56 4.38
C LEU G 121 65.57 3.02 5.52
N GLN G 122 64.34 2.52 5.57
CA GLN G 122 63.40 2.96 6.60
C GLN G 122 63.85 2.53 7.99
N ILE G 123 64.38 1.31 8.12
CA ILE G 123 64.78 0.79 9.42
C ILE G 123 65.93 1.61 10.00
N SER G 124 66.93 1.91 9.17
CA SER G 124 68.14 2.58 9.67
C SER G 124 67.92 4.05 9.98
N ASN G 125 66.85 4.66 9.47
CA ASN G 125 66.64 6.09 9.61
C ASN G 125 65.73 6.46 10.78
N LYS G 126 65.22 5.48 11.53
CA LYS G 126 64.36 5.74 12.67
C LYS G 126 65.04 5.43 14.00
N THR G 127 66.37 5.25 13.99
CA THR G 127 67.08 4.84 15.19
C THR G 127 67.26 5.99 16.19
N LYS G 128 67.49 7.21 15.69
CA LYS G 128 67.89 8.30 16.58
C LYS G 128 66.79 8.63 17.59
N ASP G 129 65.53 8.67 17.15
CA ASP G 129 64.45 9.03 18.05
C ASP G 129 64.31 8.02 19.18
N THR G 130 64.53 6.74 18.90
CA THR G 130 64.46 5.71 19.94
C THR G 130 65.54 5.92 20.99
N ILE G 131 66.76 6.26 20.56
CA ILE G 131 67.85 6.49 21.51
C ILE G 131 67.56 7.70 22.38
N LEU G 132 67.14 8.80 21.76
CA LEU G 132 66.92 10.04 22.49
C LEU G 132 65.78 9.91 23.48
N TRP G 133 64.65 9.35 23.06
CA TRP G 133 63.53 9.05 23.93
C TRP G 133 63.51 7.54 24.14
N GLN G 134 64.11 7.12 25.25
CA GLN G 134 64.32 5.69 25.54
C GLN G 134 62.98 5.03 25.81
N LYS G 135 62.46 4.32 24.82
CA LYS G 135 61.20 3.59 24.93
C LYS G 135 61.39 2.17 24.42
N TYR G 136 60.53 1.27 24.92
CA TYR G 136 60.57 -0.15 24.56
C TYR G 136 59.17 -0.58 24.15
N PRO G 137 58.73 -0.22 22.95
CA PRO G 137 57.33 -0.49 22.55
C PRO G 137 57.01 -1.96 22.32
N VAL G 138 57.89 -2.66 21.61
CA VAL G 138 57.58 -4.03 21.20
C VAL G 138 57.54 -4.96 22.41
N THR G 139 58.55 -4.86 23.29
CA THR G 139 58.60 -5.74 24.45
C THR G 139 57.46 -5.48 25.42
N GLN G 140 57.05 -4.21 25.58
CA GLN G 140 55.93 -3.91 26.45
C GLN G 140 54.64 -4.54 25.94
N GLU G 141 54.40 -4.47 24.63
CA GLU G 141 53.23 -5.15 24.06
C GLU G 141 53.39 -6.66 24.10
N LEU G 142 54.62 -7.15 23.99
CA LEU G 142 54.90 -8.58 24.11
C LEU G 142 55.02 -9.04 25.55
N GLU G 143 54.92 -8.11 26.52
CA GLU G 143 54.91 -8.46 27.95
C GLU G 143 56.16 -9.25 28.35
N ILE G 144 57.32 -8.78 27.88
CA ILE G 144 58.61 -9.39 28.17
C ILE G 144 59.55 -8.31 28.69
N SER G 145 60.80 -8.69 28.91
CA SER G 145 61.79 -7.78 29.47
C SER G 145 62.01 -6.59 28.56
N ASN G 146 62.09 -5.39 29.15
CA ASN G 146 62.26 -4.17 28.38
C ASN G 146 63.65 -4.11 27.73
N SER G 147 64.65 -4.74 28.35
CA SER G 147 65.99 -4.72 27.79
C SER G 147 66.10 -5.51 26.49
N LEU G 148 65.06 -6.26 26.13
CA LEU G 148 65.08 -7.10 24.95
C LEU G 148 64.59 -6.38 23.70
N GLU G 149 64.26 -5.09 23.79
CA GLU G 149 63.96 -4.31 22.60
C GLU G 149 65.16 -4.25 21.66
N ILE G 150 66.36 -4.53 22.16
CA ILE G 150 67.53 -4.74 21.33
C ILE G 150 67.29 -5.84 20.29
N TYR G 151 66.40 -6.78 20.58
CA TYR G 151 66.06 -7.86 19.66
C TYR G 151 64.79 -7.58 18.88
N ALA G 152 64.25 -6.36 18.98
CA ALA G 152 63.00 -5.98 18.36
C ALA G 152 63.21 -4.99 17.21
N ASN G 153 64.25 -5.22 16.41
CA ASN G 153 64.56 -4.34 15.29
C ASN G 153 63.45 -4.40 14.25
N GLY G 154 63.26 -3.29 13.54
CA GLY G 154 62.31 -3.23 12.45
C GLY G 154 60.89 -2.85 12.83
N HIS G 155 60.68 -2.24 14.00
CA HIS G 155 59.34 -1.81 14.39
C HIS G 155 59.00 -0.46 13.76
N GLY G 156 57.72 -0.27 13.49
CA GLY G 156 57.24 0.96 12.90
C GLY G 156 57.41 1.05 11.39
N ILE G 157 57.95 0.02 10.76
CA ILE G 157 58.17 0.04 9.31
C ILE G 157 56.89 -0.37 8.61
N LYS G 158 56.72 0.10 7.38
CA LYS G 158 55.54 -0.24 6.60
C LYS G 158 55.51 -1.74 6.31
N ASP G 159 54.30 -2.30 6.28
CA ASP G 159 54.15 -3.74 6.07
C ASP G 159 54.69 -4.16 4.71
N ARG G 160 54.55 -3.29 3.70
CA ARG G 160 55.16 -3.58 2.41
C ARG G 160 56.67 -3.72 2.55
N LEU G 161 57.30 -2.83 3.31
CA LEU G 161 58.72 -2.98 3.59
C LEU G 161 58.97 -4.16 4.52
N LYS G 162 58.06 -4.39 5.48
CA LYS G 162 58.20 -5.53 6.37
C LYS G 162 58.10 -6.84 5.62
N ASN G 163 57.33 -6.88 4.53
CA ASN G 163 57.36 -8.02 3.62
C ASN G 163 58.49 -7.94 2.61
N SER G 164 59.17 -6.80 2.51
CA SER G 164 60.28 -6.66 1.58
C SER G 164 61.58 -7.16 2.19
N ARG G 165 61.86 -6.76 3.44
CA ARG G 165 63.01 -7.27 4.20
C ARG G 165 62.54 -7.70 5.58
N PRO G 166 61.76 -8.78 5.66
CA PRO G 166 61.41 -9.32 6.99
C PRO G 166 62.61 -9.80 7.76
N ARG G 167 63.69 -10.19 7.07
CA ARG G 167 64.90 -10.62 7.75
C ARG G 167 65.51 -9.49 8.56
N SER G 168 65.56 -8.27 8.00
CA SER G 168 66.08 -7.13 8.74
C SER G 168 65.18 -6.76 9.91
N VAL G 169 63.88 -7.01 9.80
CA VAL G 169 62.96 -6.77 10.90
C VAL G 169 63.17 -7.86 11.94
N GLY G 170 63.43 -7.45 13.18
CA GLY G 170 63.74 -8.38 14.25
C GLY G 170 62.59 -9.32 14.54
N PRO G 171 62.91 -10.49 15.13
CA PRO G 171 61.85 -11.47 15.40
C PRO G 171 60.75 -10.93 16.30
N LEU G 172 61.10 -10.13 17.30
CA LEU G 172 60.09 -9.65 18.24
C LEU G 172 59.00 -8.84 17.54
N VAL G 173 59.40 -7.99 16.59
CA VAL G 173 58.40 -7.26 15.79
C VAL G 173 57.53 -8.24 15.03
N HIS G 174 58.15 -9.20 14.34
CA HIS G 174 57.38 -10.27 13.72
C HIS G 174 56.61 -11.07 14.75
N LEU G 175 57.26 -11.38 15.89
CA LEU G 175 56.55 -12.04 16.98
C LEU G 175 55.42 -11.16 17.50
N LEU G 176 55.65 -9.84 17.57
CA LEU G 176 54.57 -8.93 17.91
C LEU G 176 53.48 -8.97 16.84
N HIS G 177 53.88 -8.92 15.57
CA HIS G 177 52.91 -9.09 14.49
C HIS G 177 52.24 -10.46 14.56
N LEU G 178 53.00 -11.49 14.95
CA LEU G 178 52.39 -12.78 15.21
C LEU G 178 51.41 -12.69 16.38
N LYS G 179 51.79 -11.97 17.44
CA LYS G 179 50.87 -11.74 18.55
C LYS G 179 49.73 -10.81 18.12
N ARG G 180 50.05 -9.79 17.31
CA ARG G 180 49.00 -8.91 16.79
C ARG G 180 48.03 -9.69 15.90
N LEU G 181 48.56 -10.60 15.09
CA LEU G 181 47.70 -11.39 14.20
C LEU G 181 46.76 -12.29 14.98
N GLN G 182 47.18 -12.76 16.15
CA GLN G 182 46.33 -13.58 17.00
C GLN G 182 45.43 -12.76 17.92
N GLU G 183 45.66 -11.45 18.02
CA GLU G 183 44.89 -10.58 18.89
C GLU G 183 44.34 -9.39 18.11
N ASN G 184 43.84 -9.64 16.91
CA ASN G 184 43.28 -8.58 16.08
C ASN G 184 41.77 -8.77 15.89
N SER G 188 39.35 -15.13 6.73
CA SER G 188 40.28 -14.36 5.90
C SER G 188 41.49 -15.21 5.50
N PRO G 189 41.56 -15.60 4.22
CA PRO G 189 42.69 -16.41 3.76
C PRO G 189 44.02 -15.69 3.71
N ALA G 190 44.01 -14.35 3.76
CA ALA G 190 45.26 -13.59 3.74
C ALA G 190 45.97 -13.58 5.08
N VAL G 191 45.32 -14.04 6.14
CA VAL G 191 45.95 -14.09 7.46
C VAL G 191 47.13 -15.05 7.45
N ASN G 192 46.95 -16.24 6.86
CA ASN G 192 48.03 -17.22 6.81
CA ASN G 192 48.03 -17.22 6.81
C ASN G 192 49.22 -16.70 6.01
N GLY G 193 48.96 -16.06 4.87
CA GLY G 193 50.04 -15.57 4.04
C GLY G 193 50.92 -14.56 4.75
N ILE G 194 50.32 -13.68 5.54
CA ILE G 194 51.11 -12.76 6.36
C ILE G 194 51.81 -13.51 7.49
N ARG G 195 51.10 -14.45 8.13
CA ARG G 195 51.66 -15.15 9.28
C ARG G 195 52.76 -16.11 8.87
N LYS G 196 52.61 -16.78 7.72
CA LYS G 196 53.64 -17.72 7.29
C LYS G 196 54.96 -17.00 7.03
N SER G 197 54.91 -15.80 6.46
CA SER G 197 56.11 -14.97 6.40
C SER G 197 56.54 -14.55 7.79
N ILE G 198 55.58 -14.21 8.65
CA ILE G 198 55.90 -13.83 10.03
C ILE G 198 56.53 -15.01 10.77
N VAL G 199 55.89 -16.17 10.71
CA VAL G 199 56.40 -17.33 11.43
C VAL G 199 57.67 -17.86 10.77
N GLY G 200 57.68 -17.92 9.44
CA GLY G 200 58.87 -18.43 8.74
C GLY G 200 60.10 -17.60 9.01
N HIS G 201 59.96 -16.28 8.96
CA HIS G 201 61.09 -15.40 9.28
C HIS G 201 61.38 -15.34 10.77
N LEU G 202 60.38 -15.63 11.62
CA LEU G 202 60.68 -15.92 13.02
C LEU G 202 61.54 -17.17 13.14
N LYS G 203 61.17 -18.23 12.41
CA LYS G 203 61.99 -19.42 12.38
C LYS G 203 63.33 -19.15 11.70
N ARG G 204 63.33 -18.37 10.62
CA ARG G 204 64.57 -18.05 9.94
C ARG G 204 65.51 -17.26 10.84
N GLN G 205 64.99 -16.22 11.50
CA GLN G 205 65.82 -15.40 12.35
C GLN G 205 66.25 -16.14 13.61
N CYS G 206 65.31 -16.78 14.30
CA CYS G 206 65.61 -17.56 15.49
C CYS G 206 66.00 -18.96 15.06
N ILE G 207 67.30 -19.22 14.96
CA ILE G 207 67.82 -20.46 14.40
C ILE G 207 67.76 -21.58 15.44
N GLY G 208 67.24 -21.27 16.63
CA GLY G 208 67.12 -22.27 17.67
C GLY G 208 66.14 -23.36 17.27
N GLU G 209 66.62 -24.61 17.24
CA GLU G 209 65.73 -25.72 16.89
C GLU G 209 64.58 -25.85 17.89
N THR G 210 64.90 -25.75 19.18
CA THR G 210 63.84 -25.68 20.19
C THR G 210 63.10 -24.36 20.13
N GLN G 211 63.80 -23.27 19.82
CA GLN G 211 63.14 -21.97 19.71
C GLN G 211 62.19 -21.95 18.51
N LYS G 212 62.57 -22.61 17.41
CA LYS G 212 61.67 -22.71 16.27
C LYS G 212 60.39 -23.43 16.65
N ALA G 213 60.49 -24.51 17.42
CA ALA G 213 59.31 -25.25 17.82
C ALA G 213 58.39 -24.42 18.70
N MET G 214 58.96 -23.62 19.61
CA MET G 214 58.12 -22.80 20.49
C MET G 214 57.72 -21.50 19.81
N ILE G 215 58.35 -21.16 18.70
CA ILE G 215 57.73 -20.20 17.78
C ILE G 215 56.51 -20.82 17.12
N ASN G 216 56.60 -22.09 16.73
CA ASN G 216 55.43 -22.80 16.26
C ASN G 216 54.37 -22.90 17.35
N GLN G 217 54.80 -22.98 18.62
CA GLN G 217 53.85 -22.88 19.72
C GLN G 217 53.20 -21.49 19.75
N PHE G 218 53.97 -20.45 19.48
CA PHE G 218 53.40 -19.11 19.38
C PHE G 218 52.52 -18.93 18.16
N GLU G 219 52.54 -19.87 17.21
CA GLU G 219 51.80 -19.69 15.97
C GLU G 219 50.29 -19.64 16.21
N MET G 220 49.77 -20.52 17.05
CA MET G 220 48.37 -20.48 17.43
C MET G 220 48.13 -19.80 18.77
N GLY G 221 49.18 -19.30 19.42
CA GLY G 221 49.02 -18.47 20.60
C GLY G 221 49.46 -19.06 21.92
N ARG G 222 50.28 -20.11 21.93
CA ARG G 222 50.80 -20.65 23.18
C ARG G 222 51.95 -19.78 23.65
N TRP G 223 51.59 -18.58 24.15
CA TRP G 223 52.56 -17.61 24.60
C TRP G 223 53.03 -17.85 26.03
N GLU G 224 52.83 -19.07 26.55
CA GLU G 224 53.39 -19.40 27.86
C GLU G 224 54.91 -19.43 27.82
N SER G 225 55.49 -19.68 26.65
CA SER G 225 56.94 -19.65 26.46
C SER G 225 57.41 -18.29 25.96
N LEU G 226 56.55 -17.27 26.00
CA LEU G 226 56.96 -15.93 25.59
C LEU G 226 58.05 -15.39 26.51
N SER G 227 57.89 -15.60 27.82
CA SER G 227 58.97 -15.28 28.75
C SER G 227 60.16 -16.19 28.52
N THR G 228 59.91 -17.46 28.16
CA THR G 228 60.97 -18.33 27.70
C THR G 228 61.61 -17.81 26.41
N PHE G 229 60.80 -17.30 25.47
CA PHE G 229 61.35 -16.63 24.30
C PHE G 229 62.15 -15.40 24.69
N ALA G 230 61.66 -14.68 25.70
CA ALA G 230 62.43 -13.58 26.27
C ALA G 230 63.74 -14.08 26.84
N ALA G 231 63.69 -15.20 27.56
CA ALA G 231 64.92 -15.82 28.06
C ALA G 231 65.68 -16.54 26.96
N SER G 232 65.02 -16.92 25.87
CA SER G 232 65.74 -17.50 24.73
C SER G 232 66.58 -16.44 24.03
N LEU G 233 66.00 -15.28 23.73
CA LEU G 233 66.76 -14.20 23.12
C LEU G 233 67.97 -13.83 23.97
N LEU G 234 67.83 -13.95 25.29
CA LEU G 234 68.95 -13.81 26.20
C LEU G 234 70.06 -14.78 25.85
N ALA G 235 69.71 -16.05 25.62
CA ALA G 235 70.73 -17.06 25.33
C ALA G 235 70.97 -17.22 23.83
N ILE G 236 69.95 -17.66 23.09
CA ILE G 236 70.07 -17.82 21.66
CA ILE G 236 70.05 -17.82 21.65
C ILE G 236 69.74 -16.49 20.99
N LYS G 237 70.70 -15.94 20.27
CA LYS G 237 70.50 -14.66 19.62
C LYS G 237 69.98 -14.86 18.21
N PRO G 238 68.86 -14.24 17.85
CA PRO G 238 68.28 -14.47 16.53
C PRO G 238 69.14 -13.89 15.43
N ARG G 239 68.97 -14.45 14.23
CA ARG G 239 69.68 -13.94 13.06
C ARG G 239 69.13 -12.57 12.69
N ILE G 240 69.96 -11.54 12.87
CA ILE G 240 69.58 -10.16 12.56
C ILE G 240 70.44 -9.73 11.37
N GLU G 241 69.87 -9.82 10.17
CA GLU G 241 70.59 -9.39 8.98
C GLU G 241 70.86 -7.90 9.03
N ASN G 242 72.08 -7.51 8.66
CA ASN G 242 72.49 -6.11 8.67
C ASN G 242 72.87 -5.68 7.27
N HIS G 243 72.64 -4.41 6.97
CA HIS G 243 73.03 -3.82 5.70
C HIS G 243 73.57 -2.42 5.96
N PHE G 244 74.78 -2.17 5.46
CA PHE G 244 75.47 -0.91 5.71
C PHE G 244 74.86 0.16 4.80
N VAL G 245 73.84 0.85 5.30
CA VAL G 245 73.13 1.89 4.58
C VAL G 245 73.26 3.19 5.35
N LEU G 246 73.65 4.25 4.65
CA LEU G 246 73.83 5.54 5.28
C LEU G 246 72.49 6.20 5.59
N THR G 247 72.52 7.17 6.49
CA THR G 247 71.33 7.89 6.92
C THR G 247 71.17 9.18 6.11
N TYR G 248 70.17 9.98 6.48
CA TYR G 248 69.90 11.22 5.75
C TYR G 248 71.07 12.20 5.76
N PRO G 249 71.68 12.55 6.91
CA PRO G 249 72.77 13.53 6.85
C PRO G 249 73.97 13.07 6.04
N LEU G 250 74.26 11.77 6.02
CA LEU G 250 75.45 11.29 5.33
C LEU G 250 75.19 11.00 3.86
N ILE G 251 73.98 10.59 3.51
CA ILE G 251 73.65 10.35 2.10
C ILE G 251 73.76 11.64 1.31
N ALA G 252 73.21 12.73 1.84
CA ALA G 252 73.33 14.01 1.16
C ALA G 252 74.76 14.52 1.15
N ASN G 253 75.56 14.14 2.14
CA ASN G 253 76.95 14.58 2.25
C ASN G 253 77.93 13.63 1.60
N CYS G 254 77.45 12.53 1.00
CA CYS G 254 78.31 11.58 0.31
C CYS G 254 78.26 11.87 -1.19
N GLU G 255 79.38 12.34 -1.73
CA GLU G 255 79.46 12.72 -3.13
CA GLU G 255 79.46 12.72 -3.13
C GLU G 255 79.99 11.59 -4.03
N ASP G 256 80.30 10.43 -3.46
CA ASP G 256 80.83 9.31 -4.22
C ASP G 256 79.93 8.10 -4.01
N PHE G 257 79.50 7.48 -5.11
CA PHE G 257 78.72 6.26 -5.04
C PHE G 257 79.11 5.24 -6.11
N ALA G 258 80.31 5.38 -6.70
CA ALA G 258 80.72 4.45 -7.75
C ALA G 258 80.86 3.03 -7.21
N GLY G 259 81.47 2.88 -6.04
CA GLY G 259 81.65 1.57 -5.45
C GLY G 259 80.68 1.29 -4.32
N ALA G 260 79.53 1.96 -4.35
CA ALA G 260 78.54 1.85 -3.28
C ALA G 260 77.97 0.43 -3.26
N THR G 261 78.34 -0.34 -2.24
CA THR G 261 77.75 -1.67 -2.05
C THR G 261 77.26 -1.81 -0.61
N LEU G 262 76.89 -3.02 -0.21
CA LEU G 262 76.36 -3.27 1.12
C LEU G 262 77.16 -4.27 1.94
N SER G 263 78.19 -4.91 1.36
CA SER G 263 78.91 -5.97 2.06
C SER G 263 80.41 -5.85 1.87
N ASP G 264 80.95 -4.63 1.99
CA ASP G 264 82.39 -4.44 1.99
C ASP G 264 82.71 -3.20 2.81
N GLU G 265 83.94 -2.70 2.67
CA GLU G 265 84.41 -1.55 3.43
C GLU G 265 84.08 -0.22 2.78
N TRP G 266 83.39 -0.22 1.64
CA TRP G 266 83.08 1.04 0.98
C TRP G 266 82.28 1.97 1.88
N VAL G 267 81.29 1.41 2.59
CA VAL G 267 80.48 2.23 3.50
C VAL G 267 81.34 2.78 4.62
N PHE G 268 82.23 1.97 5.18
CA PHE G 268 83.14 2.44 6.21
C PHE G 268 84.03 3.56 5.69
N LYS G 269 84.55 3.40 4.47
CA LYS G 269 85.45 4.41 3.91
C LYS G 269 84.70 5.66 3.45
N ALA G 270 83.48 5.49 2.93
CA ALA G 270 82.76 6.62 2.35
C ALA G 270 82.38 7.65 3.41
N MET G 271 81.83 7.20 4.54
CA MET G 271 81.35 8.13 5.56
C MET G 271 82.46 8.63 6.47
N GLU G 272 83.65 8.03 6.43
CA GLU G 272 84.79 8.64 7.12
C GLU G 272 85.20 9.95 6.46
N LYS G 273 85.13 10.00 5.13
CA LYS G 273 85.50 11.22 4.41
C LYS G 273 84.59 12.38 4.79
N ILE G 274 83.31 12.09 5.06
CA ILE G 274 82.39 13.13 5.53
C ILE G 274 82.84 13.66 6.87
N SER G 275 83.29 12.77 7.76
CA SER G 275 83.81 13.21 9.05
C SER G 275 85.05 14.07 8.90
N ASN G 276 85.94 13.69 7.97
CA ASN G 276 87.14 14.49 7.74
C ASN G 276 86.81 15.88 7.22
N LYS G 277 85.66 16.02 6.55
CA LYS G 277 85.23 17.34 6.08
C LYS G 277 84.85 18.24 7.24
N LYS G 278 84.27 17.67 8.30
CA LYS G 278 83.84 18.42 9.49
C LYS G 278 82.88 19.55 9.13
N THR G 279 81.90 19.25 8.27
CA THR G 279 80.91 20.23 7.85
C THR G 279 79.53 20.00 8.43
N LEU G 280 79.23 18.78 8.87
CA LEU G 280 77.91 18.45 9.40
C LEU G 280 77.83 18.79 10.88
N ARG G 281 76.69 19.35 11.29
CA ARG G 281 76.44 19.73 12.67
C ARG G 281 75.31 18.90 13.25
N VAL G 282 75.36 18.68 14.56
CA VAL G 282 74.40 17.85 15.27
C VAL G 282 73.62 18.71 16.25
N CYS G 283 72.43 18.24 16.61
CA CYS G 283 71.54 18.94 17.51
C CYS G 283 71.23 18.08 18.73
N GLY G 284 70.92 18.75 19.84
CA GLY G 284 70.60 18.09 21.08
C GLY G 284 70.19 19.08 22.16
N PRO G 285 69.82 18.56 23.34
CA PRO G 285 69.41 19.46 24.43
C PRO G 285 70.52 20.40 24.87
N ASP G 286 71.77 19.95 24.83
CA ASP G 286 72.91 20.75 25.25
C ASP G 286 74.17 20.13 24.66
N GLU G 287 75.30 20.80 24.85
CA GLU G 287 76.53 20.41 24.19
C GLU G 287 77.22 19.20 24.82
N LYS G 288 76.71 18.69 25.95
CA LYS G 288 77.27 17.46 26.50
C LYS G 288 77.01 16.26 25.60
N TRP G 289 76.04 16.35 24.70
CA TRP G 289 75.68 15.25 23.81
C TRP G 289 76.58 15.15 22.59
N ILE G 290 77.58 16.04 22.45
CA ILE G 290 78.38 16.06 21.23
C ILE G 290 79.09 14.72 21.03
N SER G 291 79.67 14.16 22.10
CA SER G 291 80.19 12.81 22.02
C SER G 291 79.07 11.80 21.79
N PHE G 292 77.95 11.97 22.51
CA PHE G 292 76.81 11.07 22.34
C PHE G 292 76.26 11.13 20.92
N MET G 293 76.05 12.33 20.40
CA MET G 293 75.52 12.47 19.05
C MET G 293 76.49 11.92 18.01
N ASN G 294 77.79 12.11 18.22
CA ASN G 294 78.78 11.52 17.33
C ASN G 294 78.69 10.00 17.36
N GLN G 295 78.46 9.43 18.54
CA GLN G 295 78.32 7.98 18.66
C GLN G 295 77.04 7.48 18.00
N ILE G 296 75.96 8.27 18.07
CA ILE G 296 74.69 7.85 17.48
C ILE G 296 74.84 7.62 15.99
N TYR G 297 75.62 8.46 15.32
CA TYR G 297 75.90 8.23 13.90
C TYR G 297 76.58 6.89 13.68
N ILE G 298 77.53 6.53 14.56
CA ILE G 298 78.15 5.22 14.50
C ILE G 298 77.13 4.14 14.84
N HIS G 299 76.21 4.42 15.77
CA HIS G 299 75.21 3.44 16.16
C HIS G 299 74.28 3.08 15.00
N SER G 300 74.04 4.02 14.08
CA SER G 300 73.01 3.85 13.05
C SER G 300 73.55 3.41 11.70
N VAL G 301 74.75 3.85 11.32
CA VAL G 301 75.26 3.58 9.98
C VAL G 301 75.50 2.08 9.80
N PHE G 302 76.18 1.45 10.75
CA PHE G 302 76.50 0.03 10.68
C PHE G 302 75.60 -0.83 11.55
N GLN G 303 74.45 -0.29 11.97
CA GLN G 303 73.50 -1.01 12.81
C GLN G 303 74.16 -1.49 14.10
N THR G 304 74.87 -0.58 14.75
CA THR G 304 75.59 -0.86 15.98
C THR G 304 74.95 -0.12 17.17
N THR G 305 73.63 0.01 17.15
CA THR G 305 72.94 0.74 18.21
C THR G 305 73.06 0.01 19.55
N GLY G 306 72.54 -1.21 19.61
CA GLY G 306 72.60 -2.01 20.82
C GLY G 306 73.85 -2.84 20.97
N GLU G 307 74.74 -2.85 19.98
CA GLU G 307 75.95 -3.63 20.07
C GLU G 307 76.84 -3.08 21.18
N ASP G 308 77.55 -3.99 21.86
CA ASP G 308 78.31 -3.62 23.04
C ASP G 308 79.36 -2.56 22.71
N LEU G 309 79.59 -1.66 23.66
CA LEU G 309 80.46 -0.50 23.45
C LEU G 309 81.92 -0.87 23.31
N GLY G 310 82.31 -2.10 23.69
CA GLY G 310 83.71 -2.47 23.62
C GLY G 310 84.24 -2.50 22.19
N VAL G 311 83.49 -3.14 21.29
CA VAL G 311 83.88 -3.15 19.88
C VAL G 311 83.70 -1.76 19.28
N LEU G 312 82.70 -1.02 19.75
CA LEU G 312 82.50 0.35 19.28
C LEU G 312 83.68 1.24 19.65
N GLU G 313 84.37 0.93 20.75
CA GLU G 313 85.60 1.62 21.10
C GLU G 313 86.83 1.04 20.43
N TRP G 314 86.77 -0.22 20.00
CA TRP G 314 87.89 -0.87 19.31
C TRP G 314 87.87 -0.61 17.81
N VAL G 315 86.74 -0.89 17.15
CA VAL G 315 86.64 -0.63 15.71
C VAL G 315 86.79 0.86 15.45
N PHE G 316 86.09 1.69 16.21
CA PHE G 316 85.98 3.12 15.92
C PHE G 316 86.90 3.98 16.79
N GLY G 317 87.74 3.37 17.62
CA GLY G 317 88.77 4.11 18.34
C GLY G 317 88.27 5.25 19.20
N GLY G 318 87.18 5.03 19.93
CA GLY G 318 86.63 6.07 20.77
C GLY G 318 85.61 5.57 21.77
N ARG G 319 85.66 6.08 22.99
CA ARG G 319 84.72 5.66 24.02
CA ARG G 319 84.72 5.66 24.02
C ARG G 319 83.29 6.09 23.64
N PHE G 320 82.33 5.26 24.02
CA PHE G 320 80.92 5.49 23.72
C PHE G 320 80.18 5.81 25.02
N CYS G 321 79.23 6.74 24.93
CA CYS G 321 78.47 7.18 26.09
C CYS G 321 77.16 6.41 26.16
N GLN G 322 76.85 5.88 27.34
CA GLN G 322 75.60 5.18 27.56
C GLN G 322 74.45 6.17 27.69
N ARG G 323 73.23 5.68 27.40
CA ARG G 323 72.05 6.52 27.56
C ARG G 323 71.82 6.88 29.02
N LYS G 324 72.31 6.07 29.95
CA LYS G 324 72.20 6.40 31.37
C LYS G 324 73.01 7.65 31.70
N GLU G 325 74.03 7.96 30.92
CA GLU G 325 74.86 9.13 31.16
C GLU G 325 74.15 10.43 30.85
N PHE G 326 72.98 10.38 30.20
CA PHE G 326 72.25 11.57 29.82
C PHE G 326 70.80 11.44 30.26
N GLY G 327 70.17 12.57 30.54
CA GLY G 327 68.78 12.61 30.93
C GLY G 327 67.85 12.49 29.74
N ARG G 328 66.59 12.82 29.98
CA ARG G 328 65.59 12.76 28.91
C ARG G 328 65.94 13.76 27.81
N TYR G 329 65.67 13.37 26.57
CA TYR G 329 65.91 14.27 25.44
C TYR G 329 64.93 15.44 25.49
N CYS G 330 65.43 16.62 25.16
CA CYS G 330 64.57 17.80 25.12
C CYS G 330 63.58 17.69 23.98
N LYS G 331 62.58 18.57 24.01
CA LYS G 331 61.54 18.54 23.00
C LYS G 331 62.12 18.88 21.62
N LYS G 332 61.49 18.33 20.58
CA LYS G 332 61.95 18.57 19.23
C LYS G 332 61.93 20.06 18.89
N SER G 333 61.00 20.81 19.47
CA SER G 333 60.91 22.24 19.21
C SER G 333 62.04 23.02 19.85
N GLN G 334 62.74 22.45 20.84
CA GLN G 334 63.78 23.16 21.57
C GLN G 334 65.16 22.54 21.38
N THR G 335 65.35 21.74 20.33
CA THR G 335 66.66 21.21 20.00
C THR G 335 67.51 22.32 19.37
N LYS G 336 68.81 22.29 19.66
CA LYS G 336 69.71 23.31 19.13
C LYS G 336 71.02 22.66 18.69
N VAL G 337 71.68 23.31 17.73
CA VAL G 337 72.97 22.84 17.25
C VAL G 337 73.98 22.85 18.40
N ILE G 338 74.66 21.73 18.59
CA ILE G 338 75.56 21.56 19.73
C ILE G 338 77.00 21.32 19.34
N GLY G 339 77.29 21.06 18.06
CA GLY G 339 78.67 20.86 17.65
C GLY G 339 78.75 20.19 16.30
N LEU G 340 79.99 19.96 15.87
CA LEU G 340 80.29 19.35 14.59
C LEU G 340 80.34 17.82 14.71
N PHE G 341 80.11 17.15 13.58
CA PHE G 341 80.16 15.70 13.54
C PHE G 341 81.58 15.22 13.28
N THR G 342 82.08 14.33 14.14
CA THR G 342 83.40 13.75 13.99
C THR G 342 83.29 12.23 14.05
N PHE G 343 84.21 11.54 13.38
CA PHE G 343 84.19 10.09 13.33
C PHE G 343 85.59 9.59 13.00
N GLN G 344 85.88 8.39 13.49
CA GLN G 344 87.11 7.68 13.15
C GLN G 344 86.86 6.19 13.32
N TYR G 345 87.58 5.38 12.56
CA TYR G 345 87.48 3.93 12.70
C TYR G 345 88.77 3.28 12.25
N GLU G 346 88.98 2.06 12.74
CA GLU G 346 90.19 1.30 12.44
C GLU G 346 89.91 -0.10 11.87
N TYR G 347 88.71 -0.64 12.05
CA TYR G 347 88.39 -1.98 11.59
C TYR G 347 86.99 -1.99 11.00
N TRP G 348 86.57 -3.15 10.51
CA TRP G 348 85.24 -3.33 9.95
C TRP G 348 84.99 -4.82 9.83
N SER G 349 83.81 -5.18 9.33
CA SER G 349 83.48 -6.58 9.09
C SER G 349 82.34 -6.65 8.08
N LYS G 350 82.22 -7.81 7.44
CA LYS G 350 81.05 -8.04 6.60
C LYS G 350 79.80 -8.02 7.48
N PRO G 351 78.68 -7.49 6.99
CA PRO G 351 77.49 -7.38 7.83
C PRO G 351 77.04 -8.75 8.34
N LEU G 352 76.53 -8.74 9.58
CA LEU G 352 76.17 -9.99 10.24
C LEU G 352 74.94 -10.57 9.54
N LYS G 353 75.19 -11.51 8.63
CA LYS G 353 74.10 -12.10 7.86
C LYS G 353 73.35 -13.14 8.66
N SER G 354 74.08 -14.03 9.33
CA SER G 354 73.47 -15.05 10.17
C SER G 354 73.37 -14.54 11.61
N ALA G 355 73.00 -15.43 12.53
CA ALA G 355 72.95 -15.06 13.92
C ALA G 355 74.36 -14.84 14.46
N PRO G 356 74.53 -13.93 15.42
CA PRO G 356 75.85 -13.74 16.03
C PRO G 356 76.31 -15.01 16.73
N ARG G 357 75.49 -15.54 17.64
CA ARG G 357 75.79 -16.82 18.27
C ARG G 357 75.37 -17.95 17.34
N SER G 358 76.31 -18.80 16.97
CA SER G 358 76.06 -19.91 16.06
C SER G 358 76.70 -21.18 16.61
N ILE G 359 75.97 -22.28 16.59
CA ILE G 359 76.47 -23.56 17.08
C ILE G 359 76.97 -24.39 15.90
N GLU G 360 77.11 -23.76 14.75
CA GLU G 360 77.59 -24.45 13.55
C GLU G 360 79.11 -24.52 13.53
N ILE G 367 87.96 -35.63 13.87
CA ILE G 367 88.87 -36.12 14.91
C ILE G 367 89.12 -37.61 14.74
N SER G 368 88.16 -38.30 14.14
CA SER G 368 88.24 -39.73 13.91
C SER G 368 88.53 -40.01 12.44
N CYS G 369 89.38 -41.00 12.21
CA CYS G 369 89.80 -41.36 10.86
C CYS G 369 88.70 -42.14 10.15
N ARG G 370 88.50 -41.81 8.89
CA ARG G 370 87.54 -42.47 8.02
C ARG G 370 88.27 -43.06 6.82
N PRO G 371 88.58 -44.36 6.83
CA PRO G 371 89.18 -44.96 5.64
C PRO G 371 88.14 -45.57 4.72
N SER G 372 88.51 -45.80 3.47
CA SER G 372 87.66 -46.54 2.55
C SER G 372 88.49 -47.56 1.78
N PHE G 373 89.82 -47.41 1.83
CA PHE G 373 90.72 -48.36 1.21
C PHE G 373 91.77 -48.82 2.21
N LYS G 374 92.78 -49.53 1.72
CA LYS G 374 93.80 -50.12 2.58
C LYS G 374 94.75 -49.05 3.10
N GLY G 375 94.31 -48.32 4.12
CA GLY G 375 95.13 -47.27 4.71
C GLY G 375 95.99 -47.73 5.87
N LYS G 376 97.04 -48.50 5.56
CA LYS G 376 97.99 -48.97 6.59
C LYS G 376 98.88 -47.79 6.94
N ARG G 377 98.41 -46.96 7.86
CA ARG G 377 99.08 -45.74 8.28
C ARG G 377 99.17 -45.71 9.80
N PRO G 378 100.11 -44.95 10.35
CA PRO G 378 100.11 -44.72 11.80
C PRO G 378 98.79 -44.09 12.23
N SER G 379 97.98 -44.87 12.96
CA SER G 379 96.65 -44.42 13.34
C SER G 379 96.77 -43.36 14.43
N TYR G 380 96.52 -42.11 14.07
CA TYR G 380 96.58 -40.99 15.00
C TYR G 380 95.17 -40.64 15.44
N ASN G 381 94.99 -40.48 16.75
CA ASN G 381 93.71 -40.11 17.33
C ASN G 381 93.82 -38.73 17.95
N ASN G 382 92.99 -37.80 17.49
CA ASN G 382 92.93 -36.46 18.03
C ASN G 382 92.14 -36.39 19.33
N PHE G 383 91.52 -37.49 19.75
CA PHE G 383 90.77 -37.56 20.99
C PHE G 383 91.34 -38.67 21.86
N THR G 384 91.61 -38.35 23.12
CA THR G 384 92.13 -39.36 24.03
C THR G 384 91.04 -40.33 24.48
N SER G 385 89.82 -39.85 24.63
CA SER G 385 88.70 -40.69 25.04
C SER G 385 87.43 -40.32 24.29
N SER G 399 61.66 -31.88 29.94
CA SER G 399 60.61 -30.93 29.59
C SER G 399 60.98 -30.14 28.34
N PHE G 400 59.97 -29.56 27.69
CA PHE G 400 60.21 -28.78 26.49
C PHE G 400 60.98 -27.50 26.82
N TYR G 401 60.67 -26.89 27.98
CA TYR G 401 61.46 -25.76 28.44
C TYR G 401 62.91 -26.17 28.69
N ASP G 402 63.12 -27.38 29.22
CA ASP G 402 64.47 -27.89 29.41
C ASP G 402 65.20 -27.99 28.07
N GLN G 403 64.50 -28.48 27.03
CA GLN G 403 65.10 -28.52 25.70
C GLN G 403 65.46 -27.12 25.22
N VAL G 404 64.58 -26.14 25.46
CA VAL G 404 64.93 -24.75 25.17
C VAL G 404 66.10 -24.32 26.03
N ARG G 405 66.04 -24.62 27.33
CA ARG G 405 67.15 -24.28 28.22
C ARG G 405 68.41 -25.03 27.84
N GLU G 406 68.29 -26.29 27.42
CA GLU G 406 69.44 -27.02 26.90
C GLU G 406 70.02 -26.31 25.69
N GLU G 407 69.17 -25.95 24.72
CA GLU G 407 69.61 -25.15 23.59
C GLU G 407 70.07 -23.76 24.04
N CYS G 408 69.39 -23.19 25.04
CA CYS G 408 69.82 -21.90 25.58
C CYS G 408 71.20 -22.00 26.20
N GLN G 409 71.47 -23.08 26.93
CA GLN G 409 72.80 -23.25 27.52
C GLN G 409 73.85 -23.51 26.45
N LYS G 410 73.44 -24.03 25.29
CA LYS G 410 74.39 -24.16 24.17
C LYS G 410 74.90 -22.81 23.72
N TYR G 411 74.04 -21.78 23.76
CA TYR G 411 74.42 -20.45 23.32
C TYR G 411 74.96 -19.57 24.43
N MET G 412 74.65 -19.87 25.69
CA MET G 412 75.44 -19.31 26.78
C MET G 412 76.90 -19.76 26.70
N ASP G 413 77.13 -21.03 26.39
CA ASP G 413 78.50 -21.56 26.41
C ASP G 413 79.30 -21.06 25.21
N LEU G 414 78.62 -20.53 24.20
CA LEU G 414 79.34 -20.02 23.02
C LEU G 414 80.13 -18.77 23.37
N LYS G 415 81.46 -18.89 23.32
CA LYS G 415 82.35 -17.77 23.51
C LYS G 415 82.86 -17.19 22.20
N VAL G 416 82.39 -17.69 21.06
CA VAL G 416 82.75 -17.19 19.74
C VAL G 416 81.46 -16.81 19.01
N GLU G 417 81.47 -15.63 18.38
CA GLU G 417 80.28 -15.15 17.67
C GLU G 417 80.66 -14.57 16.31
N GLY G 418 79.69 -13.92 15.66
CA GLY G 418 79.90 -13.39 14.33
C GLY G 418 79.69 -14.44 13.25
N THR G 419 80.20 -14.12 12.06
CA THR G 419 80.10 -15.04 10.92
C THR G 419 81.47 -15.58 10.51
N THR G 420 82.40 -14.70 10.14
CA THR G 420 83.76 -15.16 9.87
C THR G 420 84.78 -14.48 10.78
N CYS G 421 84.81 -13.15 10.74
CA CYS G 421 85.82 -12.36 11.44
C CYS G 421 85.57 -10.88 11.14
N PHE G 422 86.35 -10.03 11.80
CA PHE G 422 86.42 -8.62 11.44
C PHE G 422 87.49 -8.40 10.37
N TYR G 423 87.51 -7.19 9.82
CA TYR G 423 88.52 -6.79 8.85
C TYR G 423 89.04 -5.41 9.18
N ARG G 424 90.33 -5.19 8.94
CA ARG G 424 90.95 -3.92 9.24
C ARG G 424 90.59 -2.88 8.17
N LYS G 425 90.68 -1.61 8.56
CA LYS G 425 90.42 -0.51 7.64
C LYS G 425 91.43 -0.54 6.50
N GLY G 426 90.94 -0.34 5.28
CA GLY G 426 91.77 -0.36 4.10
C GLY G 426 91.73 -1.64 3.29
N GLY G 427 90.91 -2.61 3.69
CA GLY G 427 90.83 -3.86 2.97
C GLY G 427 89.97 -4.85 3.72
N HIS G 428 89.99 -6.10 3.23
CA HIS G 428 89.22 -7.20 3.79
C HIS G 428 90.14 -8.22 4.45
N VAL G 429 91.24 -7.75 5.05
CA VAL G 429 92.19 -8.63 5.73
C VAL G 429 91.55 -9.13 7.02
N GLU G 430 91.58 -10.44 7.23
CA GLU G 430 90.91 -11.03 8.39
C GLU G 430 91.64 -10.66 9.68
N VAL G 431 90.97 -9.87 10.51
CA VAL G 431 91.51 -9.42 11.80
C VAL G 431 90.56 -9.87 12.90
N GLU G 432 91.11 -10.52 13.93
CA GLU G 432 90.31 -11.02 15.03
CA GLU G 432 90.32 -11.04 15.03
C GLU G 432 90.39 -10.10 16.23
N PHE G 433 89.33 -10.10 17.03
CA PHE G 433 89.24 -9.25 18.20
C PHE G 433 90.38 -9.50 19.19
N PRO G 434 91.03 -8.45 19.71
CA PRO G 434 91.91 -8.62 20.87
C PRO G 434 91.16 -8.70 22.18
N GLY G 435 90.10 -7.90 22.31
CA GLY G 435 89.34 -7.77 23.55
C GLY G 435 89.19 -6.30 23.91
N SER G 436 88.24 -6.03 24.80
CA SER G 436 87.99 -4.66 25.24
C SER G 436 87.55 -4.66 26.69
N ALA G 437 87.68 -3.49 27.32
CA ALA G 437 87.34 -3.34 28.73
C ALA G 437 85.92 -2.82 28.95
N HIS G 438 85.29 -2.27 27.92
CA HIS G 438 83.92 -1.79 28.01
C HIS G 438 82.89 -2.88 27.73
N CYS G 439 83.23 -4.13 28.02
CA CYS G 439 82.30 -5.23 27.84
C CYS G 439 81.11 -5.09 28.78
N ASN G 440 79.95 -5.54 28.30
CA ASN G 440 78.70 -5.58 29.07
C ASN G 440 78.18 -4.17 29.34
N THR G 441 78.89 -3.15 28.85
CA THR G 441 78.43 -1.77 28.94
C THR G 441 77.54 -1.49 27.75
N TYR G 442 76.25 -1.41 27.99
CA TYR G 442 75.24 -1.22 26.95
C TYR G 442 75.08 0.26 26.65
N LEU G 443 74.32 0.54 25.59
CA LEU G 443 73.80 1.90 25.41
C LEU G 443 72.65 2.17 26.36
N PHE G 444 71.76 1.19 26.53
CA PHE G 444 70.58 1.33 27.38
C PHE G 444 70.64 0.47 28.64
N GLY G 445 71.82 0.03 29.06
CA GLY G 445 71.95 -0.81 30.23
C GLY G 445 73.34 -0.84 30.81
N THR H 20 47.53 -94.00 17.19
CA THR H 20 48.68 -93.50 16.44
C THR H 20 48.77 -94.20 15.09
N GLU H 21 49.06 -95.49 15.11
CA GLU H 21 49.18 -96.30 13.90
C GLU H 21 47.86 -96.93 13.48
N SER H 22 46.78 -96.70 14.22
CA SER H 22 45.49 -97.32 13.88
C SER H 22 44.91 -96.71 12.60
N GLN H 23 44.93 -95.39 12.49
CA GLN H 23 44.36 -94.73 11.32
C GLN H 23 45.30 -94.73 10.12
N ILE H 24 46.60 -94.88 10.35
CA ILE H 24 47.63 -94.76 9.31
C ILE H 24 47.32 -95.63 8.09
N PRO H 25 46.85 -96.87 8.22
CA PRO H 25 46.54 -97.65 7.01
C PRO H 25 45.55 -96.96 6.07
N LYS H 26 44.52 -96.31 6.61
CA LYS H 26 43.59 -95.57 5.78
C LYS H 26 43.98 -94.11 5.62
N MET H 27 44.83 -93.59 6.51
CA MET H 27 45.11 -92.17 6.60
C MET H 27 46.16 -91.71 5.60
N TYR H 28 46.96 -92.64 5.06
CA TYR H 28 47.80 -92.31 3.92
C TYR H 28 46.98 -92.17 2.64
N GLU H 29 45.85 -92.86 2.56
CA GLU H 29 45.07 -92.89 1.33
C GLU H 29 44.57 -91.50 0.96
N MET H 30 44.05 -90.76 1.94
CA MET H 30 43.58 -89.40 1.66
C MET H 30 44.74 -88.47 1.33
N ILE H 31 45.91 -88.69 1.93
CA ILE H 31 47.09 -87.91 1.55
C ILE H 31 47.46 -88.19 0.09
N ARG H 32 47.43 -89.46 -0.31
CA ARG H 32 47.80 -89.83 -1.67
C ARG H 32 46.75 -89.38 -2.67
N ASP H 33 45.48 -89.23 -2.24
CA ASP H 33 44.40 -88.90 -3.17
C ASP H 33 44.64 -87.54 -3.83
N GLN H 34 45.06 -86.55 -3.06
CA GLN H 34 45.26 -85.20 -3.60
C GLN H 34 46.61 -85.03 -4.29
N MET H 35 47.52 -86.01 -4.16
CA MET H 35 48.82 -85.90 -4.81
C MET H 35 48.68 -85.94 -6.33
N ARG H 36 47.80 -86.79 -6.85
CA ARG H 36 47.66 -86.99 -8.28
C ARG H 36 46.60 -86.11 -8.92
N THR H 37 45.54 -85.75 -8.18
CA THR H 37 44.45 -84.98 -8.76
C THR H 37 44.93 -83.61 -9.25
N LEU H 38 45.75 -82.92 -8.44
CA LEU H 38 46.22 -81.60 -8.82
C LEU H 38 47.16 -81.66 -10.02
N ALA H 39 48.05 -82.66 -10.05
CA ALA H 39 48.99 -82.76 -11.15
C ALA H 39 48.32 -83.25 -12.42
N SER H 40 47.47 -84.27 -12.32
CA SER H 40 46.84 -84.84 -13.51
C SER H 40 45.82 -83.90 -14.14
N THR H 41 45.27 -82.96 -13.37
CA THR H 41 44.33 -82.00 -13.94
C THR H 41 45.00 -81.13 -15.00
N HIS H 42 46.24 -80.71 -14.74
CA HIS H 42 46.99 -79.84 -15.66
C HIS H 42 48.06 -80.61 -16.42
N LYS H 43 47.92 -81.95 -16.51
CA LYS H 43 48.84 -82.80 -17.26
C LYS H 43 50.28 -82.64 -16.76
N ILE H 44 50.44 -82.57 -15.44
CA ILE H 44 51.76 -82.54 -14.82
C ILE H 44 52.19 -83.99 -14.58
N PRO H 45 53.22 -84.48 -15.25
CA PRO H 45 53.66 -85.87 -15.02
C PRO H 45 54.14 -86.07 -13.59
N LEU H 46 53.82 -87.25 -13.05
CA LEU H 46 54.16 -87.60 -11.68
C LEU H 46 55.41 -88.47 -11.58
N ASN H 47 56.10 -88.73 -12.68
CA ASN H 47 57.34 -89.49 -12.66
C ASN H 47 58.57 -88.63 -12.48
N ILE H 48 58.40 -87.32 -12.30
CA ILE H 48 59.50 -86.42 -11.96
C ILE H 48 59.39 -86.08 -10.48
N ASP H 49 60.50 -86.22 -9.75
CA ASP H 49 60.48 -85.93 -8.32
C ASP H 49 60.19 -84.46 -8.07
N HIS H 50 60.79 -83.56 -8.84
CA HIS H 50 60.61 -82.14 -8.61
C HIS H 50 59.16 -81.72 -8.81
N ASN H 51 58.48 -82.34 -9.79
CA ASN H 51 57.05 -82.09 -9.96
C ASN H 51 56.28 -82.53 -8.71
N CYS H 52 56.60 -83.72 -8.20
CA CYS H 52 55.94 -84.20 -6.99
C CYS H 52 56.40 -83.45 -5.75
N GLU H 53 57.67 -83.03 -5.71
CA GLU H 53 58.18 -82.31 -4.55
C GLU H 53 57.44 -81.00 -4.34
N VAL H 54 57.29 -80.21 -5.39
CA VAL H 54 56.61 -78.93 -5.26
C VAL H 54 55.11 -79.14 -5.07
N ILE H 55 54.51 -80.01 -5.88
CA ILE H 55 53.07 -80.27 -5.74
C ILE H 55 52.76 -80.80 -4.35
N GLY H 56 53.55 -81.76 -3.87
CA GLY H 56 53.34 -82.26 -2.53
C GLY H 56 53.53 -81.18 -1.48
N SER H 57 54.50 -80.29 -1.68
CA SER H 57 54.68 -79.17 -0.76
C SER H 57 53.45 -78.27 -0.79
N ILE H 58 52.87 -78.05 -1.97
CA ILE H 58 51.63 -77.29 -2.07
C ILE H 58 50.51 -78.01 -1.34
N ILE H 59 50.39 -79.32 -1.55
CA ILE H 59 49.37 -80.11 -0.85
C ILE H 59 49.62 -80.07 0.65
N MET H 60 50.87 -80.26 1.07
CA MET H 60 51.19 -80.18 2.49
C MET H 60 51.02 -78.78 3.04
N ALA H 61 51.20 -77.75 2.22
CA ALA H 61 50.98 -76.39 2.68
C ALA H 61 49.52 -76.20 3.09
N ALA H 62 48.58 -76.72 2.30
CA ALA H 62 47.18 -76.59 2.62
C ALA H 62 46.79 -77.39 3.87
N CYS H 63 47.63 -78.33 4.29
CA CYS H 63 47.27 -79.18 5.43
C CYS H 63 47.20 -78.37 6.72
N THR H 64 48.23 -77.59 7.03
CA THR H 64 48.25 -76.79 8.24
C THR H 64 48.37 -75.30 7.96
N ASN H 65 49.37 -74.88 7.18
CA ASN H 65 49.56 -73.46 6.85
C ASN H 65 48.65 -73.11 5.68
N ASN H 66 47.35 -73.07 5.97
CA ASN H 66 46.34 -72.94 4.92
C ASN H 66 46.43 -71.62 4.20
N ARG H 67 46.92 -70.57 4.87
CA ARG H 67 46.95 -69.23 4.30
C ARG H 67 48.27 -68.90 3.60
N ASP H 68 49.25 -69.82 3.61
CA ASP H 68 50.52 -69.53 2.96
C ASP H 68 50.45 -69.74 1.45
N LEU H 69 49.88 -70.85 1.02
CA LEU H 69 49.77 -71.13 -0.41
C LEU H 69 48.61 -70.35 -1.03
N ARG H 70 48.60 -70.32 -2.36
CA ARG H 70 47.57 -69.60 -3.10
CA ARG H 70 47.57 -69.60 -3.11
C ARG H 70 46.58 -70.58 -3.73
N PRO H 71 45.31 -70.15 -3.87
CA PRO H 71 44.33 -71.03 -4.53
C PRO H 71 44.72 -71.38 -5.96
N VAL H 72 45.32 -70.44 -6.69
CA VAL H 72 45.89 -70.67 -8.01
C VAL H 72 47.25 -69.99 -8.06
N ASP H 73 48.26 -70.74 -8.53
CA ASP H 73 49.62 -70.21 -8.58
C ASP H 73 50.44 -71.04 -9.55
N LYS H 74 51.59 -70.49 -9.94
CA LYS H 74 52.51 -71.16 -10.84
C LYS H 74 53.76 -71.58 -10.07
N TYR H 75 54.20 -72.82 -10.28
CA TYR H 75 55.39 -73.35 -9.63
C TYR H 75 56.22 -74.10 -10.66
N TRP H 76 57.47 -74.35 -10.31
CA TRP H 76 58.42 -74.96 -11.23
C TRP H 76 58.15 -76.45 -11.32
N PHE H 77 57.91 -76.95 -12.54
CA PHE H 77 57.73 -78.37 -12.76
C PHE H 77 58.42 -78.76 -14.07
N LEU H 78 58.40 -80.06 -14.35
CA LEU H 78 58.99 -80.63 -15.56
C LEU H 78 57.86 -81.04 -16.51
N MET H 79 57.70 -80.29 -17.60
CA MET H 79 56.66 -80.56 -18.58
C MET H 79 57.26 -81.23 -19.81
N GLY H 80 56.74 -82.41 -20.14
CA GLY H 80 57.19 -83.14 -21.31
C GLY H 80 56.76 -84.58 -21.27
N PRO H 81 56.32 -85.12 -22.42
CA PRO H 81 55.89 -86.51 -22.46
C PRO H 81 57.02 -87.48 -22.79
N ALA H 82 57.14 -88.54 -21.98
CA ALA H 82 58.08 -89.64 -22.21
C ALA H 82 59.52 -89.13 -22.29
N GLY H 83 59.99 -88.55 -21.18
CA GLY H 83 61.36 -88.16 -21.04
C GLY H 83 61.75 -86.86 -21.71
N ALA H 84 60.80 -86.17 -22.34
CA ALA H 84 61.08 -84.90 -23.01
C ALA H 84 60.73 -83.70 -22.14
N GLU H 85 60.91 -83.81 -20.83
CA GLU H 85 60.46 -82.76 -19.91
C GLU H 85 61.45 -81.59 -19.92
N VAL H 86 60.97 -80.44 -20.38
CA VAL H 86 61.68 -79.18 -20.28
C VAL H 86 60.99 -78.34 -19.22
N MET H 87 61.78 -77.75 -18.32
CA MET H 87 61.20 -77.09 -17.15
C MET H 87 60.46 -75.81 -17.52
N THR H 88 59.31 -75.61 -16.89
CA THR H 88 58.57 -74.37 -17.00
C THR H 88 57.65 -74.25 -15.79
N GLU H 89 57.21 -73.03 -15.51
CA GLU H 89 56.27 -72.81 -14.43
C GLU H 89 54.85 -73.08 -14.92
N VAL H 90 54.12 -73.90 -14.16
CA VAL H 90 52.80 -74.39 -14.56
C VAL H 90 51.77 -73.89 -13.57
N GLU H 91 50.73 -73.24 -14.07
CA GLU H 91 49.61 -72.85 -13.23
C GLU H 91 48.82 -74.09 -12.80
N ILE H 92 48.34 -74.07 -11.56
CA ILE H 92 47.58 -75.18 -11.01
C ILE H 92 46.39 -74.63 -10.23
N ASP H 93 45.28 -75.34 -10.27
CA ASP H 93 44.07 -74.98 -9.54
C ASP H 93 44.07 -75.75 -8.23
N ILE H 94 44.62 -75.14 -7.18
CA ILE H 94 44.73 -75.80 -5.89
C ILE H 94 43.40 -75.80 -5.14
N GLN H 95 42.44 -74.98 -5.57
CA GLN H 95 41.17 -74.87 -4.87
C GLN H 95 40.46 -76.20 -4.65
N PRO H 96 40.38 -77.12 -5.62
CA PRO H 96 39.82 -78.45 -5.30
C PRO H 96 40.57 -79.18 -4.21
N GLN H 97 41.88 -78.99 -4.11
CA GLN H 97 42.70 -79.68 -3.12
C GLN H 97 42.75 -78.95 -1.78
N LEU H 98 42.24 -77.71 -1.71
CA LEU H 98 42.31 -76.95 -0.46
C LEU H 98 41.27 -77.42 0.55
N GLN H 99 40.07 -77.80 0.07
CA GLN H 99 38.97 -78.10 0.98
C GLN H 99 39.26 -79.32 1.86
N TRP H 100 39.82 -80.38 1.26
CA TRP H 100 40.02 -81.61 2.02
C TRP H 100 41.05 -81.43 3.13
N ALA H 101 42.12 -80.67 2.86
CA ALA H 101 43.20 -80.56 3.83
C ALA H 101 42.73 -79.90 5.11
N LYS H 102 41.94 -78.84 5.01
CA LYS H 102 41.43 -78.18 6.21
C LYS H 102 40.35 -79.02 6.88
N GLY H 103 39.54 -79.73 6.10
CA GLY H 103 38.50 -80.57 6.66
C GLY H 103 39.03 -81.83 7.31
N ALA H 104 40.22 -82.27 6.93
CA ALA H 104 40.84 -83.44 7.55
C ALA H 104 41.44 -83.13 8.92
N VAL H 105 41.53 -81.85 9.29
CA VAL H 105 42.14 -81.48 10.56
C VAL H 105 41.31 -81.99 11.73
N HIS H 106 40.00 -81.76 11.70
CA HIS H 106 39.10 -82.16 12.77
C HIS H 106 38.13 -83.24 12.33
N ASP H 107 38.44 -83.95 11.26
CA ASP H 107 37.61 -85.07 10.81
C ASP H 107 37.69 -86.20 11.83
N PRO H 108 36.56 -86.67 12.37
CA PRO H 108 36.63 -87.75 13.38
C PRO H 108 37.22 -89.05 12.84
N LYS H 109 37.27 -89.24 11.52
CA LYS H 109 37.87 -90.45 10.98
C LYS H 109 39.35 -90.56 11.33
N TYR H 110 40.01 -89.42 11.55
CA TYR H 110 41.41 -89.41 11.94
C TYR H 110 41.62 -89.48 13.44
N LYS H 111 40.54 -89.32 14.23
CA LYS H 111 40.61 -89.38 15.69
C LYS H 111 41.60 -88.35 16.24
N GLY H 112 41.67 -87.18 15.61
CA GLY H 112 42.56 -86.14 16.06
C GLY H 112 44.02 -86.38 15.75
N GLN H 113 44.35 -87.39 14.96
CA GLN H 113 45.73 -87.71 14.62
C GLN H 113 46.25 -86.93 13.42
N TRP H 114 45.42 -86.08 12.82
CA TRP H 114 45.86 -85.34 11.63
C TRP H 114 47.06 -84.46 11.96
N TYR H 115 46.94 -83.62 13.00
CA TYR H 115 48.08 -82.80 13.41
C TYR H 115 49.30 -83.63 13.81
N PRO H 116 49.19 -84.68 14.64
CA PRO H 116 50.38 -85.49 14.91
C PRO H 116 51.03 -86.07 13.66
N PHE H 117 50.23 -86.55 12.69
CA PHE H 117 50.83 -87.12 11.49
C PHE H 117 51.34 -86.02 10.56
N LEU H 118 50.62 -84.90 10.48
CA LEU H 118 51.09 -83.80 9.65
C LEU H 118 52.41 -83.25 10.18
N ALA H 119 52.56 -83.21 11.50
CA ALA H 119 53.86 -82.89 12.07
C ALA H 119 54.91 -83.89 11.64
N LEU H 120 54.57 -85.19 11.64
CA LEU H 120 55.44 -86.20 11.07
C LEU H 120 55.62 -85.98 9.57
N LEU H 121 54.53 -85.62 8.88
CA LEU H 121 54.60 -85.46 7.43
C LEU H 121 55.39 -84.21 7.05
N GLN H 122 55.18 -83.09 7.74
CA GLN H 122 55.85 -81.85 7.37
C GLN H 122 57.35 -81.95 7.62
N ILE H 123 57.75 -82.59 8.72
CA ILE H 123 59.18 -82.71 9.04
C ILE H 123 59.91 -83.52 7.98
N SER H 124 59.32 -84.65 7.57
CA SER H 124 60.01 -85.55 6.66
C SER H 124 60.12 -84.99 5.24
N ASN H 125 59.18 -84.12 4.85
CA ASN H 125 59.11 -83.68 3.46
C ASN H 125 59.98 -82.46 3.17
N LYS H 126 60.58 -81.84 4.19
CA LYS H 126 61.45 -80.69 3.99
C LYS H 126 62.92 -81.06 4.05
N THR H 127 63.25 -82.35 3.99
CA THR H 127 64.63 -82.78 4.17
C THR H 127 65.48 -82.49 2.94
N LYS H 128 64.92 -82.65 1.74
CA LYS H 128 65.73 -82.59 0.53
C LYS H 128 66.37 -81.23 0.33
N ASP H 129 65.60 -80.16 0.58
CA ASP H 129 66.14 -78.82 0.37
C ASP H 129 67.33 -78.54 1.28
N THR H 130 67.28 -79.00 2.52
CA THR H 130 68.39 -78.80 3.44
C THR H 130 69.64 -79.53 2.98
N ILE H 131 69.48 -80.76 2.46
CA ILE H 131 70.62 -81.53 2.00
C ILE H 131 71.29 -80.84 0.82
N LEU H 132 70.49 -80.36 -0.14
CA LEU H 132 71.04 -79.78 -1.36
C LEU H 132 71.71 -78.44 -1.08
N TRP H 133 71.05 -77.57 -0.33
CA TRP H 133 71.61 -76.30 0.12
C TRP H 133 71.99 -76.47 1.59
N GLN H 134 73.26 -76.77 1.83
CA GLN H 134 73.74 -77.10 3.17
C GLN H 134 73.72 -75.84 4.04
N LYS H 135 72.72 -75.73 4.90
CA LYS H 135 72.57 -74.62 5.82
C LYS H 135 72.34 -75.15 7.22
N TYR H 136 72.70 -74.33 8.21
CA TYR H 136 72.55 -74.68 9.63
C TYR H 136 71.82 -73.54 10.33
N PRO H 137 70.50 -73.47 10.21
CA PRO H 137 69.76 -72.34 10.77
C PRO H 137 69.59 -72.40 12.28
N VAL H 138 69.36 -73.60 12.82
CA VAL H 138 69.08 -73.72 14.24
C VAL H 138 70.33 -73.44 15.06
N THR H 139 71.47 -74.02 14.67
CA THR H 139 72.69 -73.87 15.45
C THR H 139 73.25 -72.45 15.36
N GLN H 140 73.14 -71.83 14.19
CA GLN H 140 73.64 -70.47 14.04
C GLN H 140 72.89 -69.49 14.94
N GLU H 141 71.57 -69.61 15.00
CA GLU H 141 70.80 -68.78 15.91
C GLU H 141 71.05 -69.16 17.36
N LEU H 142 71.41 -70.41 17.62
CA LEU H 142 71.76 -70.87 18.95
C LEU H 142 73.23 -70.63 19.29
N GLU H 143 74.02 -70.10 18.35
CA GLU H 143 75.42 -69.76 18.60
C GLU H 143 76.21 -70.96 19.11
N ILE H 144 76.00 -72.12 18.49
CA ILE H 144 76.64 -73.36 18.87
C ILE H 144 77.31 -73.98 17.64
N SER H 145 77.88 -75.16 17.84
CA SER H 145 78.59 -75.84 16.75
C SER H 145 77.64 -76.16 15.61
N ASN H 146 78.08 -75.86 14.39
CA ASN H 146 77.24 -76.08 13.21
C ASN H 146 77.05 -77.55 12.88
N SER H 147 77.91 -78.42 13.40
CA SER H 147 77.80 -79.85 13.13
C SER H 147 76.60 -80.49 13.82
N LEU H 148 75.92 -79.76 14.72
CA LEU H 148 74.80 -80.31 15.47
C LEU H 148 73.52 -80.16 14.65
N GLU H 149 73.46 -80.90 13.54
CA GLU H 149 72.35 -80.83 12.61
C GLU H 149 71.62 -82.16 12.54
N ILE H 150 71.62 -82.91 13.64
CA ILE H 150 70.86 -84.15 13.74
C ILE H 150 69.83 -84.01 14.84
N TYR H 151 70.21 -83.36 15.94
CA TYR H 151 69.28 -83.15 17.06
C TYR H 151 68.41 -81.92 16.85
N ALA H 152 68.69 -81.12 15.84
CA ALA H 152 67.89 -79.92 15.54
C ALA H 152 66.79 -80.24 14.54
N ASN H 153 65.96 -81.20 14.92
CA ASN H 153 64.88 -81.66 14.06
C ASN H 153 63.60 -80.86 14.31
N GLY H 154 62.78 -80.75 13.26
CA GLY H 154 61.52 -80.07 13.37
C GLY H 154 61.56 -78.57 13.18
N HIS H 155 62.62 -78.04 12.58
CA HIS H 155 62.70 -76.60 12.33
C HIS H 155 61.87 -76.23 11.11
N GLY H 156 61.26 -75.05 11.15
CA GLY H 156 60.45 -74.57 10.05
C GLY H 156 59.04 -75.13 10.01
N ILE H 157 58.68 -76.00 10.94
CA ILE H 157 57.35 -76.60 10.95
C ILE H 157 56.39 -75.64 11.64
N LYS H 158 55.11 -75.77 11.31
CA LYS H 158 54.09 -74.93 11.95
C LYS H 158 54.03 -75.21 13.44
N ASP H 159 53.78 -74.14 14.22
CA ASP H 159 53.75 -74.28 15.67
C ASP H 159 52.63 -75.22 16.12
N ARG H 160 51.52 -75.26 15.38
CA ARG H 160 50.48 -76.24 15.67
C ARG H 160 51.01 -77.66 15.54
N LEU H 161 51.79 -77.91 14.48
CA LEU H 161 52.47 -79.20 14.34
C LEU H 161 53.56 -79.35 15.38
N LYS H 162 54.25 -78.25 15.71
CA LYS H 162 55.29 -78.32 16.74
C LYS H 162 54.70 -78.66 18.10
N ASN H 163 53.45 -78.26 18.34
CA ASN H 163 52.72 -78.72 19.52
C ASN H 163 52.00 -80.04 19.30
N SER H 164 51.97 -80.54 18.06
CA SER H 164 51.34 -81.82 17.75
C SER H 164 52.30 -82.98 17.95
N ARG H 165 53.53 -82.84 17.46
CA ARG H 165 54.61 -83.79 17.73
C ARG H 165 55.84 -83.03 18.20
N PRO H 166 55.78 -82.44 19.40
CA PRO H 166 57.00 -81.83 19.96
C PRO H 166 58.10 -82.85 20.22
N ARG H 167 57.75 -84.12 20.40
CA ARG H 167 58.76 -85.15 20.52
C ARG H 167 59.56 -85.29 19.23
N SER H 168 58.88 -85.26 18.08
CA SER H 168 59.57 -85.31 16.80
C SER H 168 60.42 -84.07 16.56
N VAL H 169 59.92 -82.91 16.98
CA VAL H 169 60.71 -81.67 16.86
C VAL H 169 61.89 -81.77 17.82
N GLY H 170 63.10 -81.68 17.29
CA GLY H 170 64.31 -81.89 18.06
C GLY H 170 64.46 -80.86 19.17
N PRO H 171 65.22 -81.22 20.20
CA PRO H 171 65.39 -80.29 21.33
C PRO H 171 65.99 -78.95 20.93
N LEU H 172 66.94 -78.94 20.00
CA LEU H 172 67.57 -77.69 19.60
C LEU H 172 66.56 -76.71 19.03
N VAL H 173 65.63 -77.21 18.21
CA VAL H 173 64.56 -76.35 17.70
C VAL H 173 63.69 -75.85 18.86
N HIS H 174 63.32 -76.76 19.77
CA HIS H 174 62.63 -76.33 20.98
C HIS H 174 63.52 -75.43 21.82
N LEU H 175 64.80 -75.79 21.94
CA LEU H 175 65.75 -74.90 22.63
C LEU H 175 65.86 -73.56 21.93
N LEU H 176 65.84 -73.58 20.59
CA LEU H 176 65.76 -72.33 19.84
C LEU H 176 64.46 -71.59 20.14
N HIS H 177 63.35 -72.32 20.15
CA HIS H 177 62.08 -71.71 20.54
C HIS H 177 62.11 -71.26 22.00
N LEU H 178 62.79 -72.04 22.86
CA LEU H 178 63.03 -71.56 24.22
C LEU H 178 63.89 -70.31 24.21
N LYS H 179 64.92 -70.27 23.36
CA LYS H 179 65.72 -69.06 23.20
C LYS H 179 64.90 -67.96 22.51
N ARG H 180 64.07 -68.33 21.55
CA ARG H 180 63.19 -67.35 20.91
C ARG H 180 62.20 -66.77 21.93
N LEU H 181 61.65 -67.62 22.80
CA LEU H 181 60.68 -67.15 23.78
C LEU H 181 61.31 -66.19 24.78
N GLN H 182 62.62 -66.33 25.04
CA GLN H 182 63.32 -65.42 25.92
C GLN H 182 63.87 -64.19 25.20
N GLU H 183 63.84 -64.18 23.87
CA GLU H 183 64.36 -63.07 23.08
C GLU H 183 63.32 -62.56 22.09
N ASN H 184 62.05 -62.66 22.44
CA ASN H 184 60.97 -62.19 21.57
C ASN H 184 60.47 -60.82 22.00
N SER H 188 50.96 -61.85 30.02
CA SER H 188 50.36 -62.86 29.15
C SER H 188 50.56 -64.26 29.72
N PRO H 189 49.46 -64.92 30.09
CA PRO H 189 49.56 -66.27 30.64
C PRO H 189 49.77 -67.36 29.60
N ALA H 190 49.69 -67.03 28.32
CA ALA H 190 49.88 -68.03 27.27
C ALA H 190 51.34 -68.34 26.99
N VAL H 191 52.26 -67.50 27.47
CA VAL H 191 53.68 -67.76 27.27
C VAL H 191 54.11 -69.01 28.02
N ASN H 192 53.59 -69.20 29.23
CA ASN H 192 53.96 -70.37 30.02
CA ASN H 192 53.96 -70.37 30.02
C ASN H 192 53.52 -71.66 29.33
N GLY H 193 52.32 -71.68 28.77
CA GLY H 193 51.83 -72.88 28.12
C GLY H 193 52.68 -73.32 26.94
N ILE H 194 53.17 -72.34 26.16
CA ILE H 194 54.05 -72.67 25.04
C ILE H 194 55.41 -73.13 25.56
N ARG H 195 55.95 -72.45 26.57
CA ARG H 195 57.29 -72.77 27.05
C ARG H 195 57.31 -74.09 27.82
N LYS H 196 56.25 -74.38 28.58
CA LYS H 196 56.24 -75.63 29.34
C LYS H 196 56.27 -76.83 28.41
N SER H 197 55.56 -76.76 27.29
CA SER H 197 55.71 -77.78 26.25
C SER H 197 57.11 -77.73 25.66
N ILE H 198 57.65 -76.52 25.44
CA ILE H 198 59.00 -76.38 24.92
C ILE H 198 60.01 -76.95 25.91
N VAL H 199 59.91 -76.53 27.18
CA VAL H 199 60.87 -76.98 28.19
C VAL H 199 60.65 -78.45 28.52
N GLY H 200 59.39 -78.87 28.67
CA GLY H 200 59.12 -80.25 29.03
C GLY H 200 59.61 -81.24 27.99
N HIS H 201 59.41 -80.92 26.72
CA HIS H 201 59.90 -81.78 25.65
C HIS H 201 61.40 -81.61 25.41
N LEU H 202 62.00 -80.52 25.89
CA LEU H 202 63.45 -80.47 26.01
C LEU H 202 63.93 -81.47 27.05
N LYS H 203 63.28 -81.51 28.21
CA LYS H 203 63.62 -82.50 29.23
C LYS H 203 63.31 -83.91 28.75
N ARG H 204 62.17 -84.08 28.06
CA ARG H 204 61.81 -85.40 27.55
C ARG H 204 62.80 -85.90 26.51
N GLN H 205 63.19 -85.03 25.56
CA GLN H 205 64.10 -85.46 24.51
C GLN H 205 65.52 -85.65 25.03
N CYS H 206 66.00 -84.70 25.83
CA CYS H 206 67.34 -84.81 26.41
C CYS H 206 67.23 -85.54 27.75
N ILE H 207 67.60 -86.82 27.76
CA ILE H 207 67.43 -87.66 28.93
C ILE H 207 68.58 -87.44 29.90
N GLY H 208 69.47 -86.50 29.58
CA GLY H 208 70.60 -86.21 30.44
C GLY H 208 70.13 -85.58 31.74
N GLU H 209 70.38 -86.25 32.86
CA GLU H 209 69.97 -85.71 34.16
C GLU H 209 70.66 -84.38 34.44
N THR H 210 71.96 -84.31 34.19
CA THR H 210 72.64 -83.03 34.29
C THR H 210 72.19 -82.07 33.20
N GLN H 211 71.88 -82.60 32.01
CA GLN H 211 71.38 -81.76 30.93
C GLN H 211 70.06 -81.11 31.29
N LYS H 212 69.17 -81.85 31.96
CA LYS H 212 67.84 -81.33 32.28
C LYS H 212 67.93 -80.09 33.15
N ALA H 213 68.65 -80.18 34.27
CA ALA H 213 68.90 -78.99 35.07
C ALA H 213 69.71 -77.96 34.30
N MET H 214 70.61 -78.42 33.44
CA MET H 214 71.34 -77.52 32.55
C MET H 214 70.43 -76.97 31.45
N ILE H 215 69.41 -77.73 31.04
CA ILE H 215 68.34 -77.16 30.23
C ILE H 215 67.48 -76.23 31.08
N ASN H 216 67.23 -76.61 32.34
CA ASN H 216 66.53 -75.72 33.26
C ASN H 216 67.28 -74.40 33.42
N GLN H 217 68.60 -74.42 33.30
CA GLN H 217 69.37 -73.18 33.25
C GLN H 217 68.96 -72.34 32.04
N PHE H 218 68.68 -73.00 30.91
CA PHE H 218 68.24 -72.27 29.72
C PHE H 218 66.81 -71.78 29.84
N GLU H 219 66.06 -72.21 30.86
CA GLU H 219 64.66 -71.85 30.95
C GLU H 219 64.47 -70.34 31.16
N MET H 220 65.25 -69.74 32.05
CA MET H 220 65.22 -68.30 32.23
C MET H 220 66.35 -67.57 31.52
N GLY H 221 67.19 -68.28 30.78
CA GLY H 221 68.17 -67.66 29.91
C GLY H 221 69.62 -67.79 30.32
N ARG H 222 69.98 -68.72 31.20
CA ARG H 222 71.38 -68.96 31.55
C ARG H 222 72.03 -69.81 30.45
N TRP H 223 72.26 -69.16 29.31
CA TRP H 223 72.84 -69.81 28.14
C TRP H 223 74.36 -69.88 28.19
N GLU H 224 74.97 -69.73 29.37
CA GLU H 224 76.39 -69.93 29.50
C GLU H 224 76.78 -71.39 29.27
N SER H 225 75.86 -72.30 29.57
CA SER H 225 76.05 -73.72 29.30
C SER H 225 75.46 -74.14 27.95
N LEU H 226 75.06 -73.17 27.11
CA LEU H 226 74.58 -73.51 25.78
C LEU H 226 75.69 -74.14 24.94
N SER H 227 76.90 -73.58 25.01
CA SER H 227 78.05 -74.24 24.39
C SER H 227 78.34 -75.56 25.07
N THR H 228 78.16 -75.62 26.40
CA THR H 228 78.21 -76.88 27.11
C THR H 228 77.14 -77.84 26.59
N PHE H 229 75.93 -77.33 26.35
CA PHE H 229 74.89 -78.15 25.74
C PHE H 229 75.30 -78.59 24.34
N ALA H 230 75.94 -77.70 23.59
CA ALA H 230 76.56 -78.10 22.33
C ALA H 230 77.64 -79.15 22.57
N ALA H 231 78.47 -78.94 23.60
CA ALA H 231 79.46 -79.95 23.96
C ALA H 231 78.79 -81.21 24.48
N SER H 232 77.68 -81.08 25.20
CA SER H 232 76.97 -82.25 25.70
C SER H 232 76.39 -83.06 24.55
N LEU H 233 75.71 -82.41 23.61
CA LEU H 233 75.08 -83.14 22.50
C LEU H 233 76.09 -83.97 21.72
N LEU H 234 77.36 -83.59 21.73
CA LEU H 234 78.39 -84.45 21.18
C LEU H 234 78.39 -85.80 21.88
N ALA H 235 78.32 -85.78 23.22
CA ALA H 235 78.31 -87.02 24.00
C ALA H 235 76.89 -87.59 24.13
N ILE H 236 76.00 -86.86 24.81
CA ILE H 236 74.66 -87.36 25.06
CA ILE H 236 74.65 -87.33 25.07
C ILE H 236 73.81 -87.09 23.81
N LYS H 237 73.20 -88.15 23.30
CA LYS H 237 72.33 -88.04 22.13
C LYS H 237 70.89 -87.94 22.62
N PRO H 238 70.21 -86.82 22.44
CA PRO H 238 68.85 -86.68 22.95
C PRO H 238 67.88 -87.61 22.25
N ARG H 239 66.84 -88.00 22.97
CA ARG H 239 65.80 -88.85 22.40
C ARG H 239 65.11 -88.15 21.26
N ILE H 240 65.17 -88.75 20.07
CA ILE H 240 64.53 -88.23 18.87
C ILE H 240 63.56 -89.30 18.39
N GLU H 241 62.27 -89.10 18.65
CA GLU H 241 61.28 -90.05 18.16
C GLU H 241 61.24 -90.03 16.64
N ASN H 242 61.11 -91.21 16.05
CA ASN H 242 61.10 -91.36 14.61
C ASN H 242 59.83 -92.09 14.18
N HIS H 243 59.34 -91.74 12.99
CA HIS H 243 58.18 -92.39 12.41
C HIS H 243 58.42 -92.58 10.92
N PHE H 244 58.23 -93.81 10.45
CA PHE H 244 58.51 -94.16 9.06
C PHE H 244 57.37 -93.65 8.19
N VAL H 245 57.55 -92.43 7.67
CA VAL H 245 56.55 -91.78 6.83
C VAL H 245 57.19 -91.46 5.49
N LEU H 246 56.49 -91.81 4.41
CA LEU H 246 57.02 -91.61 3.07
C LEU H 246 56.93 -90.14 2.66
N THR H 247 57.63 -89.81 1.58
CA THR H 247 57.70 -88.45 1.07
C THR H 247 56.71 -88.28 -0.10
N TYR H 248 56.76 -87.12 -0.75
CA TYR H 248 55.81 -86.86 -1.84
C TYR H 248 55.95 -87.82 -3.00
N PRO H 249 57.13 -88.05 -3.59
CA PRO H 249 57.19 -88.95 -4.76
C PRO H 249 56.80 -90.38 -4.44
N LEU H 250 57.14 -90.86 -3.24
CA LEU H 250 56.86 -92.26 -2.90
C LEU H 250 55.39 -92.47 -2.56
N ILE H 251 54.76 -91.49 -1.90
CA ILE H 251 53.34 -91.63 -1.55
C ILE H 251 52.49 -91.73 -2.81
N ALA H 252 52.76 -90.88 -3.80
CA ALA H 252 52.04 -90.96 -5.07
C ALA H 252 52.35 -92.26 -5.80
N ASN H 253 53.55 -92.82 -5.60
CA ASN H 253 53.95 -94.04 -6.25
C ASN H 253 53.69 -95.29 -5.42
N CYS H 254 53.09 -95.15 -4.24
CA CYS H 254 52.75 -96.27 -3.38
C CYS H 254 51.28 -96.62 -3.56
N GLU H 255 51.01 -97.81 -4.08
CA GLU H 255 49.65 -98.26 -4.36
CA GLU H 255 49.65 -98.26 -4.36
C GLU H 255 49.09 -99.17 -3.28
N ASP H 256 49.82 -99.40 -2.19
CA ASP H 256 49.36 -100.27 -1.12
C ASP H 256 49.47 -99.53 0.20
N PHE H 257 48.38 -99.53 0.97
CA PHE H 257 48.38 -98.96 2.32
C PHE H 257 47.59 -99.79 3.30
N ALA H 258 47.29 -101.06 2.99
CA ALA H 258 46.49 -101.88 3.88
C ALA H 258 47.18 -102.09 5.22
N GLY H 259 48.47 -102.37 5.20
CA GLY H 259 49.22 -102.59 6.43
C GLY H 259 50.10 -101.41 6.79
N ALA H 260 49.73 -100.23 6.32
CA ALA H 260 50.54 -99.03 6.53
C ALA H 260 50.56 -98.66 8.00
N THR H 261 51.68 -98.94 8.67
CA THR H 261 51.85 -98.54 10.06
C THR H 261 53.14 -97.74 10.22
N LEU H 262 53.54 -97.48 11.46
CA LEU H 262 54.71 -96.65 11.72
C LEU H 262 55.80 -97.34 12.51
N SER H 263 55.61 -98.58 12.96
CA SER H 263 56.58 -99.25 13.82
C SER H 263 56.78 -100.70 13.43
N ASP H 264 56.90 -100.97 12.12
CA ASP H 264 57.26 -102.30 11.67
C ASP H 264 57.99 -102.19 10.34
N GLU H 265 58.12 -103.32 9.64
CA GLU H 265 58.83 -103.39 8.37
C GLU H 265 57.95 -103.09 7.17
N TRP H 266 56.68 -102.73 7.38
CA TRP H 266 55.81 -102.46 6.24
C TRP H 266 56.35 -101.33 5.39
N VAL H 267 56.84 -100.26 6.02
CA VAL H 267 57.36 -99.13 5.28
C VAL H 267 58.60 -99.53 4.49
N PHE H 268 59.48 -100.32 5.10
CA PHE H 268 60.66 -100.81 4.38
C PHE H 268 60.26 -101.65 3.18
N LYS H 269 59.27 -102.53 3.35
CA LYS H 269 58.83 -103.39 2.25
C LYS H 269 58.02 -102.62 1.22
N ALA H 270 57.24 -101.62 1.65
CA ALA H 270 56.37 -100.92 0.72
C ALA H 270 57.16 -100.10 -0.29
N MET H 271 58.14 -99.32 0.18
CA MET H 271 58.88 -98.45 -0.72
C MET H 271 59.98 -99.18 -1.49
N GLU H 272 60.33 -100.41 -1.09
CA GLU H 272 61.20 -101.23 -1.92
C GLU H 272 60.52 -101.58 -3.24
N LYS H 273 59.21 -101.87 -3.19
CA LYS H 273 58.47 -102.19 -4.39
C LYS H 273 58.44 -101.02 -5.37
N ILE H 274 58.42 -99.79 -4.85
CA ILE H 274 58.49 -98.62 -5.71
C ILE H 274 59.83 -98.60 -6.46
N SER H 275 60.92 -98.91 -5.76
CA SER H 275 62.23 -98.99 -6.41
C SER H 275 62.26 -100.07 -7.47
N ASN H 276 61.63 -101.21 -7.19
CA ASN H 276 61.59 -102.29 -8.17
C ASN H 276 60.82 -101.87 -9.43
N LYS H 277 59.87 -100.95 -9.29
CA LYS H 277 59.13 -100.48 -10.46
C LYS H 277 60.02 -99.67 -11.38
N LYS H 278 60.94 -98.88 -10.82
CA LYS H 278 61.87 -98.06 -11.60
C LYS H 278 61.12 -97.08 -12.51
N THR H 279 60.10 -96.42 -11.94
CA THR H 279 59.29 -95.46 -12.68
C THR H 279 59.52 -94.01 -12.26
N LEU H 280 60.09 -93.79 -11.08
CA LEU H 280 60.31 -92.44 -10.57
C LEU H 280 61.68 -91.92 -10.98
N ARG H 281 61.73 -90.66 -11.38
CA ARG H 281 62.96 -90.01 -11.81
C ARG H 281 63.31 -88.88 -10.84
N VAL H 282 64.61 -88.65 -10.67
CA VAL H 282 65.11 -87.64 -9.76
C VAL H 282 65.74 -86.51 -10.56
N CYS H 283 65.78 -85.33 -9.94
CA CYS H 283 66.31 -84.13 -10.56
C CYS H 283 67.54 -83.63 -9.80
N GLY H 284 68.47 -83.03 -10.54
CA GLY H 284 69.68 -82.49 -9.96
C GLY H 284 70.47 -81.66 -10.96
N PRO H 285 71.53 -80.99 -10.49
CA PRO H 285 72.35 -80.19 -11.40
C PRO H 285 73.00 -81.00 -12.50
N ASP H 286 73.39 -82.24 -12.20
CA ASP H 286 74.07 -83.10 -13.16
C ASP H 286 73.90 -84.55 -12.71
N GLU H 287 74.22 -85.47 -13.62
CA GLU H 287 73.93 -86.87 -13.40
C GLU H 287 74.83 -87.54 -12.37
N LYS H 288 75.87 -86.84 -11.88
CA LYS H 288 76.69 -87.41 -10.82
C LYS H 288 75.90 -87.57 -9.52
N TRP H 289 74.77 -86.88 -9.38
CA TRP H 289 73.96 -86.93 -8.17
C TRP H 289 73.02 -88.13 -8.13
N ILE H 290 73.02 -88.99 -9.15
CA ILE H 290 72.06 -90.09 -9.20
C ILE H 290 72.23 -91.01 -8.00
N SER H 291 73.48 -91.34 -7.65
CA SER H 291 73.73 -92.06 -6.40
C SER H 291 73.36 -91.20 -5.20
N PHE H 292 73.70 -89.91 -5.25
CA PHE H 292 73.39 -89.01 -4.15
C PHE H 292 71.87 -88.87 -3.97
N MET H 293 71.15 -88.65 -5.08
CA MET H 293 69.70 -88.50 -4.99
C MET H 293 69.03 -89.79 -4.52
N ASN H 294 69.56 -90.95 -4.94
CA ASN H 294 69.02 -92.21 -4.48
C ASN H 294 69.19 -92.36 -2.96
N GLN H 295 70.33 -91.89 -2.44
CA GLN H 295 70.57 -91.99 -1.00
C GLN H 295 69.74 -90.96 -0.23
N ILE H 296 69.39 -89.84 -0.86
CA ILE H 296 68.53 -88.85 -0.20
C ILE H 296 67.17 -89.45 0.12
N TYR H 297 66.63 -90.26 -0.81
CA TYR H 297 65.39 -90.96 -0.54
C TYR H 297 65.56 -91.91 0.65
N ILE H 298 66.71 -92.58 0.72
CA ILE H 298 67.01 -93.42 1.88
C ILE H 298 67.16 -92.58 3.13
N HIS H 299 67.77 -91.39 2.99
CA HIS H 299 68.02 -90.54 4.15
C HIS H 299 66.74 -89.93 4.71
N SER H 300 65.72 -89.75 3.88
CA SER H 300 64.53 -89.00 4.28
C SER H 300 63.43 -89.88 4.86
N VAL H 301 63.26 -91.09 4.31
CA VAL H 301 62.13 -91.93 4.72
C VAL H 301 62.29 -92.39 6.16
N PHE H 302 63.48 -92.86 6.52
CA PHE H 302 63.72 -93.44 7.83
C PHE H 302 64.44 -92.48 8.78
N GLN H 303 64.45 -91.18 8.46
CA GLN H 303 65.02 -90.15 9.32
C GLN H 303 66.50 -90.42 9.60
N THR H 304 67.27 -90.49 8.52
CA THR H 304 68.71 -90.76 8.58
C THR H 304 69.47 -89.73 7.77
N THR H 305 69.13 -88.45 7.97
CA THR H 305 69.79 -87.38 7.24
C THR H 305 71.20 -87.12 7.75
N GLY H 306 71.32 -86.75 9.03
CA GLY H 306 72.62 -86.49 9.61
C GLY H 306 73.16 -87.66 10.41
N GLU H 307 72.87 -88.87 9.93
CA GLU H 307 73.29 -90.10 10.60
C GLU H 307 74.44 -90.72 9.83
N ASP H 308 75.25 -91.51 10.54
CA ASP H 308 76.42 -92.14 9.95
C ASP H 308 76.03 -92.98 8.73
N LEU H 309 76.77 -92.80 7.63
CA LEU H 309 76.46 -93.50 6.39
C LEU H 309 76.76 -94.99 6.46
N GLY H 310 77.76 -95.40 7.25
CA GLY H 310 78.09 -96.81 7.35
C GLY H 310 76.97 -97.63 7.96
N VAL H 311 76.26 -97.06 8.94
CA VAL H 311 75.10 -97.75 9.52
C VAL H 311 74.08 -98.04 8.44
N LEU H 312 73.83 -97.07 7.56
CA LEU H 312 72.93 -97.31 6.45
C LEU H 312 73.52 -98.28 5.43
N GLU H 313 74.84 -98.27 5.25
CA GLU H 313 75.45 -99.18 4.29
C GLU H 313 75.23 -100.63 4.66
N TRP H 314 75.36 -100.97 5.95
CA TRP H 314 75.01 -102.33 6.38
C TRP H 314 73.52 -102.58 6.23
N VAL H 315 72.69 -101.60 6.60
CA VAL H 315 71.24 -101.77 6.56
C VAL H 315 70.78 -101.90 5.11
N PHE H 316 71.26 -101.03 4.23
CA PHE H 316 70.74 -100.93 2.88
C PHE H 316 71.66 -101.54 1.82
N GLY H 317 72.81 -102.08 2.23
CA GLY H 317 73.67 -102.78 1.29
C GLY H 317 74.19 -101.93 0.15
N GLY H 318 74.52 -100.67 0.41
CA GLY H 318 75.02 -99.80 -0.64
C GLY H 318 75.78 -98.64 -0.04
N ARG H 319 76.77 -98.16 -0.79
CA ARG H 319 77.56 -97.03 -0.35
CA ARG H 319 77.56 -97.03 -0.35
C ARG H 319 76.75 -95.74 -0.37
N PHE H 320 77.09 -94.82 0.51
CA PHE H 320 76.40 -93.53 0.62
C PHE H 320 77.39 -92.40 0.38
N CYS H 321 76.94 -91.40 -0.39
CA CYS H 321 77.80 -90.30 -0.79
C CYS H 321 77.61 -89.12 0.15
N GLN H 322 78.72 -88.53 0.60
CA GLN H 322 78.68 -87.37 1.46
C GLN H 322 78.39 -86.11 0.64
N ARG H 323 77.96 -85.06 1.34
CA ARG H 323 77.72 -83.78 0.69
C ARG H 323 79.02 -83.14 0.21
N LYS H 324 80.16 -83.47 0.85
CA LYS H 324 81.44 -82.92 0.40
C LYS H 324 81.81 -83.41 -0.99
N GLU H 325 81.28 -84.56 -1.40
CA GLU H 325 81.57 -85.11 -2.72
C GLU H 325 80.93 -84.30 -3.85
N PHE H 326 80.04 -83.36 -3.53
CA PHE H 326 79.36 -82.56 -4.53
C PHE H 326 79.45 -81.09 -4.16
N GLY H 327 79.42 -80.23 -5.18
CA GLY H 327 79.47 -78.81 -4.98
C GLY H 327 78.12 -78.25 -4.58
N ARG H 328 77.99 -76.93 -4.72
CA ARG H 328 76.74 -76.27 -4.38
C ARG H 328 75.63 -76.74 -5.32
N TYR H 329 74.43 -76.89 -4.76
CA TYR H 329 73.28 -77.30 -5.55
C TYR H 329 72.87 -76.20 -6.51
N CYS H 330 72.51 -76.59 -7.73
CA CYS H 330 72.05 -75.62 -8.71
C CYS H 330 70.71 -75.05 -8.31
N LYS H 331 70.31 -73.96 -8.97
CA LYS H 331 69.05 -73.32 -8.66
C LYS H 331 67.88 -74.25 -8.98
N LYS H 332 66.79 -74.08 -8.24
CA LYS H 332 65.59 -74.87 -8.49
C LYS H 332 65.07 -74.65 -9.90
N SER H 333 65.30 -73.48 -10.46
CA SER H 333 64.86 -73.18 -11.82
C SER H 333 65.69 -73.89 -12.88
N GLN H 334 66.78 -74.57 -12.49
CA GLN H 334 67.65 -75.27 -13.43
C GLN H 334 67.94 -76.71 -13.01
N THR H 335 67.06 -77.34 -12.24
CA THR H 335 67.24 -78.73 -11.86
C THR H 335 66.70 -79.67 -12.94
N LYS H 336 67.55 -80.57 -13.42
CA LYS H 336 67.20 -81.42 -14.56
C LYS H 336 67.16 -82.88 -14.15
N VAL H 337 66.34 -83.65 -14.87
CA VAL H 337 66.20 -85.07 -14.59
C VAL H 337 67.53 -85.76 -14.89
N ILE H 338 68.00 -86.56 -13.95
CA ILE H 338 69.33 -87.16 -14.03
C ILE H 338 69.30 -88.68 -14.02
N GLY H 339 68.16 -89.31 -13.75
CA GLY H 339 68.10 -90.76 -13.78
C GLY H 339 66.92 -91.28 -12.99
N LEU H 340 66.83 -92.60 -12.94
CA LEU H 340 65.76 -93.31 -12.25
C LEU H 340 66.10 -93.52 -10.78
N PHE H 341 65.06 -93.72 -9.98
CA PHE H 341 65.21 -93.97 -8.56
C PHE H 341 65.40 -95.46 -8.31
N THR H 342 66.47 -95.81 -7.61
CA THR H 342 66.76 -97.20 -7.25
C THR H 342 67.00 -97.29 -5.75
N PHE H 343 66.69 -98.46 -5.19
CA PHE H 343 66.82 -98.66 -3.76
C PHE H 343 66.97 -100.14 -3.48
N GLN H 344 67.68 -100.47 -2.40
CA GLN H 344 67.81 -101.83 -1.91
C GLN H 344 68.10 -101.78 -0.42
N TYR H 345 67.66 -102.80 0.29
CA TYR H 345 67.93 -102.88 1.73
C TYR H 345 67.93 -104.33 2.17
N GLU H 346 68.72 -104.61 3.20
CA GLU H 346 68.82 -105.94 3.78
C GLU H 346 68.39 -106.02 5.23
N TYR H 347 68.30 -104.90 5.94
CA TYR H 347 67.93 -104.87 7.34
C TYR H 347 67.04 -103.65 7.61
N TRP H 348 66.48 -103.62 8.81
CA TRP H 348 65.65 -102.51 9.25
C TRP H 348 65.68 -102.48 10.77
N SER H 349 64.85 -101.63 11.37
CA SER H 349 64.74 -101.57 12.82
C SER H 349 63.44 -100.85 13.18
N LYS H 350 62.94 -101.15 14.37
CA LYS H 350 61.85 -100.36 14.92
C LYS H 350 62.33 -98.92 15.10
N PRO H 351 61.47 -97.93 14.85
CA PRO H 351 61.91 -96.53 14.91
C PRO H 351 62.49 -96.20 16.28
N LEU H 352 63.53 -95.37 16.27
CA LEU H 352 64.26 -95.04 17.49
C LEU H 352 63.36 -94.19 18.38
N LYS H 353 62.73 -94.83 19.36
CA LYS H 353 61.77 -94.13 20.21
C LYS H 353 62.48 -93.36 21.31
N SER H 354 63.37 -94.02 22.05
CA SER H 354 64.15 -93.37 23.10
C SER H 354 65.48 -92.92 22.52
N ALA H 355 66.38 -92.46 23.38
CA ALA H 355 67.69 -92.02 22.93
C ALA H 355 68.51 -93.19 22.41
N PRO H 356 69.26 -93.01 21.33
CA PRO H 356 70.12 -94.11 20.84
C PRO H 356 71.16 -94.54 21.86
N ARG H 357 71.65 -93.61 22.68
CA ARG H 357 72.60 -93.92 23.74
C ARG H 357 71.84 -93.92 25.07
N SER H 358 71.88 -95.04 25.78
CA SER H 358 71.17 -95.19 27.04
C SER H 358 72.12 -95.69 28.11
N ILE H 359 71.97 -95.15 29.32
CA ILE H 359 72.81 -95.52 30.46
C ILE H 359 72.04 -96.40 31.45
N GLU H 360 70.90 -96.93 31.05
CA GLU H 360 70.11 -97.78 31.91
C GLU H 360 70.69 -99.19 31.98
N SER H 399 82.06 -78.97 39.96
CA SER H 399 81.33 -77.92 39.25
C SER H 399 80.14 -78.49 38.50
N PHE H 400 79.17 -77.62 38.19
CA PHE H 400 77.99 -78.06 37.46
C PHE H 400 78.36 -78.49 36.04
N TYR H 401 79.31 -77.77 35.42
CA TYR H 401 79.84 -78.20 34.13
C TYR H 401 80.53 -79.55 34.23
N ASP H 402 81.21 -79.82 35.35
CA ASP H 402 81.82 -81.13 35.54
C ASP H 402 80.77 -82.22 35.59
N GLN H 403 79.63 -81.96 36.25
CA GLN H 403 78.55 -82.94 36.27
C GLN H 403 78.03 -83.22 34.87
N VAL H 404 77.87 -82.18 34.05
CA VAL H 404 77.49 -82.38 32.66
C VAL H 404 78.57 -83.16 31.93
N ARG H 405 79.84 -82.78 32.14
CA ARG H 405 80.93 -83.53 31.55
C ARG H 405 81.02 -84.94 32.13
N GLU H 406 80.70 -85.10 33.41
CA GLU H 406 80.60 -86.44 33.98
C GLU H 406 79.52 -87.24 33.27
N GLU H 407 78.37 -86.61 33.03
CA GLU H 407 77.34 -87.25 32.23
C GLU H 407 77.75 -87.37 30.77
N CYS H 408 78.58 -86.42 30.29
CA CYS H 408 79.10 -86.53 28.93
C CYS H 408 79.95 -87.78 28.77
N GLN H 409 80.83 -88.04 29.75
CA GLN H 409 81.66 -89.24 29.70
C GLN H 409 80.82 -90.51 29.79
N LYS H 410 79.63 -90.44 30.40
CA LYS H 410 78.74 -91.59 30.41
C LYS H 410 78.24 -91.96 29.02
N TYR H 411 78.21 -90.99 28.09
CA TYR H 411 77.72 -91.23 26.74
C TYR H 411 78.81 -91.31 25.69
N MET H 412 79.98 -90.72 25.92
CA MET H 412 81.15 -91.07 25.12
C MET H 412 81.50 -92.54 25.27
N ASP H 413 81.42 -93.06 26.50
CA ASP H 413 81.77 -94.45 26.74
C ASP H 413 80.78 -95.41 26.09
N LEU H 414 79.52 -94.99 25.93
CA LEU H 414 78.53 -95.83 25.28
C LEU H 414 78.91 -96.07 23.82
N LYS H 415 78.83 -97.33 23.40
CA LYS H 415 79.17 -97.72 22.04
C LYS H 415 77.98 -98.25 21.26
N VAL H 416 77.08 -98.98 21.90
CA VAL H 416 75.89 -99.51 21.23
C VAL H 416 74.87 -98.39 21.07
N GLU H 417 74.23 -98.34 19.92
CA GLU H 417 73.25 -97.32 19.60
C GLU H 417 71.94 -97.95 19.16
N GLY H 418 70.82 -97.40 19.64
CA GLY H 418 69.49 -97.88 19.35
C GLY H 418 68.71 -98.06 20.62
N THR H 419 67.60 -98.80 20.52
CA THR H 419 66.76 -99.11 21.67
C THR H 419 66.87 -100.58 22.07
N THR H 420 66.53 -101.49 21.15
CA THR H 420 66.73 -102.92 21.36
C THR H 420 67.72 -103.50 20.37
N CYS H 421 67.46 -103.36 19.07
CA CYS H 421 68.29 -103.91 18.02
C CYS H 421 67.75 -103.53 16.64
N PHE H 422 68.49 -103.88 15.60
CA PHE H 422 67.99 -103.81 14.22
C PHE H 422 67.31 -105.12 13.86
N TYR H 423 66.63 -105.11 12.72
CA TYR H 423 65.92 -106.30 12.24
C TYR H 423 66.20 -106.51 10.76
N ARG H 424 66.23 -107.78 10.35
CA ARG H 424 66.53 -108.13 8.98
C ARG H 424 65.30 -107.99 8.09
N LYS H 425 65.55 -107.81 6.80
CA LYS H 425 64.46 -107.69 5.82
C LYS H 425 63.62 -108.96 5.79
N GLY H 426 62.31 -108.79 5.77
CA GLY H 426 61.39 -109.90 5.74
C GLY H 426 60.77 -110.27 7.08
N GLY H 427 61.07 -109.53 8.14
CA GLY H 427 60.52 -109.84 9.44
C GLY H 427 61.14 -108.95 10.50
N HIS H 428 60.81 -109.27 11.75
CA HIS H 428 61.31 -108.55 12.91
C HIS H 428 62.34 -109.39 13.68
N VAL H 429 63.16 -110.15 12.95
CA VAL H 429 64.19 -110.96 13.58
C VAL H 429 65.30 -110.06 14.09
N GLU H 430 65.68 -110.23 15.35
CA GLU H 430 66.65 -109.36 16.00
C GLU H 430 68.03 -109.57 15.40
N VAL H 431 68.54 -108.56 14.69
CA VAL H 431 69.88 -108.58 14.12
C VAL H 431 70.61 -107.34 14.61
N GLU H 432 71.80 -107.55 15.20
CA GLU H 432 72.57 -106.44 15.73
CA GLU H 432 72.57 -106.44 15.73
C GLU H 432 73.56 -105.92 14.68
N PHE H 433 73.66 -104.60 14.58
CA PHE H 433 74.54 -103.97 13.61
C PHE H 433 76.00 -104.23 13.97
N PRO H 434 76.77 -104.91 13.12
CA PRO H 434 78.15 -105.26 13.48
C PRO H 434 79.17 -104.19 13.17
N GLY H 435 78.91 -103.37 12.15
CA GLY H 435 79.86 -102.38 11.71
C GLY H 435 79.82 -102.15 10.21
N SER H 436 80.69 -101.28 9.71
CA SER H 436 80.74 -100.96 8.28
C SER H 436 82.10 -100.38 7.95
N ALA H 437 82.32 -100.17 6.65
CA ALA H 437 83.59 -99.66 6.15
C ALA H 437 83.57 -98.14 5.96
N HIS H 438 82.50 -97.61 5.37
CA HIS H 438 82.39 -96.17 5.13
C HIS H 438 81.79 -95.42 6.32
N CYS H 439 81.96 -95.96 7.53
CA CYS H 439 81.60 -95.23 8.73
C CYS H 439 82.56 -94.06 8.94
N ASN H 440 82.36 -93.35 10.06
CA ASN H 440 83.08 -92.14 10.43
C ASN H 440 82.71 -90.95 9.55
N THR H 441 81.83 -91.15 8.58
CA THR H 441 81.40 -90.09 7.68
C THR H 441 79.88 -90.01 7.72
N TYR H 442 79.37 -88.84 8.08
CA TYR H 442 77.95 -88.55 7.93
C TYR H 442 77.67 -88.08 6.52
N LEU H 443 76.43 -87.63 6.29
CA LEU H 443 76.12 -86.94 5.04
C LEU H 443 76.86 -85.62 4.95
N PHE H 444 77.08 -84.95 6.09
CA PHE H 444 77.83 -83.71 6.14
C PHE H 444 79.12 -83.83 6.94
N GLY H 445 79.37 -84.96 7.58
CA GLY H 445 80.57 -85.14 8.39
C GLY H 445 81.84 -85.25 7.56
N THR I 20 42.72 -8.45 -36.96
CA THR I 20 41.80 -9.47 -36.48
C THR I 20 41.27 -10.33 -37.62
N GLU I 21 40.64 -9.67 -38.60
CA GLU I 21 40.09 -10.35 -39.77
C GLU I 21 41.09 -10.49 -40.91
N SER I 22 42.29 -9.92 -40.77
CA SER I 22 43.28 -10.01 -41.83
C SER I 22 43.79 -11.44 -41.98
N GLN I 23 44.04 -12.13 -40.88
CA GLN I 23 44.58 -13.49 -40.91
C GLN I 23 43.51 -14.57 -40.97
N ILE I 24 42.23 -14.19 -40.87
CA ILE I 24 41.15 -15.18 -40.94
C ILE I 24 41.14 -15.92 -42.26
N PRO I 25 41.28 -15.27 -43.43
CA PRO I 25 41.24 -16.04 -44.69
C PRO I 25 42.31 -17.12 -44.78
N LYS I 26 43.51 -16.87 -44.25
CA LYS I 26 44.57 -17.85 -44.34
C LYS I 26 44.48 -18.93 -43.28
N MET I 27 43.84 -18.64 -42.13
CA MET I 27 43.70 -19.67 -41.09
C MET I 27 42.80 -20.81 -41.55
N TYR I 28 41.71 -20.48 -42.27
CA TYR I 28 40.74 -21.51 -42.64
C TYR I 28 41.33 -22.51 -43.63
N GLU I 29 42.15 -22.05 -44.57
CA GLU I 29 42.68 -22.93 -45.61
C GLU I 29 43.56 -24.02 -45.01
N MET I 30 44.44 -23.65 -44.08
CA MET I 30 45.32 -24.64 -43.47
C MET I 30 44.60 -25.52 -42.46
N ILE I 31 43.51 -25.03 -41.86
CA ILE I 31 42.69 -25.87 -40.99
C ILE I 31 42.08 -27.01 -41.80
N ARG I 32 41.54 -26.70 -42.97
CA ARG I 32 40.93 -27.73 -43.81
C ARG I 32 41.98 -28.66 -44.40
N ASP I 33 43.19 -28.16 -44.67
CA ASP I 33 44.23 -28.99 -45.26
C ASP I 33 44.59 -30.15 -44.34
N GLN I 34 44.76 -29.88 -43.04
CA GLN I 34 45.00 -30.94 -42.07
C GLN I 34 43.73 -31.70 -41.71
N MET I 35 42.57 -31.09 -41.93
CA MET I 35 41.31 -31.77 -41.66
C MET I 35 41.12 -32.97 -42.58
N ARG I 36 41.44 -32.81 -43.87
CA ARG I 36 41.24 -33.90 -44.82
C ARG I 36 42.40 -34.88 -44.80
N THR I 37 43.61 -34.42 -44.46
CA THR I 37 44.78 -35.30 -44.50
C THR I 37 44.64 -36.45 -43.52
N LEU I 38 44.20 -36.17 -42.30
CA LEU I 38 44.08 -37.21 -41.29
C LEU I 38 42.97 -38.20 -41.64
N ALA I 39 41.84 -37.70 -42.14
CA ALA I 39 40.72 -38.58 -42.46
C ALA I 39 41.01 -39.41 -43.71
N SER I 40 41.53 -38.77 -44.77
CA SER I 40 41.78 -39.48 -46.02
C SER I 40 42.93 -40.47 -45.92
N THR I 41 43.82 -40.29 -44.94
CA THR I 41 44.93 -41.22 -44.78
C THR I 41 44.44 -42.62 -44.44
N HIS I 42 43.44 -42.71 -43.56
CA HIS I 42 42.92 -43.99 -43.09
C HIS I 42 41.53 -44.29 -43.67
N LYS I 43 41.21 -43.72 -44.83
CA LYS I 43 39.93 -43.95 -45.51
C LYS I 43 38.76 -43.60 -44.62
N ILE I 44 38.83 -42.46 -43.94
CA ILE I 44 37.74 -41.93 -43.14
C ILE I 44 36.96 -40.94 -44.01
N PRO I 45 35.77 -41.29 -44.48
CA PRO I 45 35.01 -40.35 -45.32
C PRO I 45 34.65 -39.08 -44.57
N LEU I 46 34.68 -37.95 -45.27
CA LEU I 46 34.41 -36.65 -44.70
C LEU I 46 32.98 -36.18 -44.93
N ASN I 47 32.13 -37.02 -45.50
CA ASN I 47 30.73 -36.69 -45.68
C ASN I 47 29.85 -37.12 -44.50
N ILE I 48 30.44 -37.75 -43.48
CA ILE I 48 29.76 -38.04 -42.22
C ILE I 48 30.16 -36.99 -41.20
N ASP I 49 29.17 -36.38 -40.54
CA ASP I 49 29.45 -35.38 -39.54
C ASP I 49 30.23 -35.96 -38.36
N HIS I 50 29.83 -37.15 -37.90
CA HIS I 50 30.49 -37.75 -36.74
C HIS I 50 31.95 -38.05 -37.04
N ASN I 51 32.25 -38.52 -38.25
CA ASN I 51 33.63 -38.71 -38.65
C ASN I 51 34.39 -37.39 -38.61
N CYS I 52 33.78 -36.33 -39.14
CA CYS I 52 34.42 -35.01 -39.08
C CYS I 52 34.51 -34.50 -37.65
N GLU I 53 33.45 -34.71 -36.86
CA GLU I 53 33.43 -34.20 -35.50
C GLU I 53 34.51 -34.85 -34.65
N VAL I 54 34.63 -36.18 -34.73
CA VAL I 54 35.63 -36.88 -33.93
C VAL I 54 37.04 -36.57 -34.45
N ILE I 55 37.22 -36.59 -35.77
CA ILE I 55 38.50 -36.17 -36.36
C ILE I 55 38.78 -34.72 -35.99
N GLY I 56 37.78 -33.86 -36.15
CA GLY I 56 37.94 -32.47 -35.76
C GLY I 56 38.20 -32.29 -34.27
N SER I 57 37.58 -33.14 -33.45
CA SER I 57 37.90 -33.13 -32.03
C SER I 57 39.37 -33.48 -31.81
N ILE I 58 39.88 -34.44 -32.59
CA ILE I 58 41.32 -34.71 -32.59
C ILE I 58 42.08 -33.53 -33.17
N ILE I 59 41.50 -32.85 -34.17
CA ILE I 59 42.16 -31.73 -34.81
C ILE I 59 42.36 -30.58 -33.82
N MET I 60 41.32 -30.21 -33.07
CA MET I 60 41.48 -29.11 -32.13
C MET I 60 42.39 -29.49 -30.97
N ALA I 61 42.50 -30.79 -30.66
CA ALA I 61 43.38 -31.22 -29.59
C ALA I 61 44.82 -30.87 -29.88
N ALA I 62 45.26 -31.08 -31.13
CA ALA I 62 46.62 -30.72 -31.51
C ALA I 62 46.86 -29.22 -31.46
N CYS I 63 45.81 -28.41 -31.55
CA CYS I 63 45.98 -26.97 -31.66
C CYS I 63 46.39 -26.35 -30.33
N THR I 64 45.67 -26.67 -29.26
CA THR I 64 45.88 -25.99 -27.98
C THR I 64 46.40 -26.93 -26.90
N ASN I 65 45.69 -28.02 -26.60
CA ASN I 65 46.12 -28.97 -25.57
C ASN I 65 46.83 -30.13 -26.26
N ASN I 66 48.09 -29.90 -26.60
CA ASN I 66 48.85 -30.83 -27.42
C ASN I 66 49.09 -32.16 -26.73
N ARG I 67 49.10 -32.18 -25.40
CA ARG I 67 49.47 -33.36 -24.64
C ARG I 67 48.28 -34.26 -24.31
N ASP I 68 47.08 -33.93 -24.76
CA ASP I 68 45.91 -34.74 -24.46
C ASP I 68 45.71 -35.88 -25.45
N LEU I 69 45.69 -35.56 -26.75
CA LEU I 69 45.42 -36.56 -27.76
C LEU I 69 46.62 -37.49 -27.96
N ARG I 70 46.32 -38.78 -28.15
CA ARG I 70 47.35 -39.77 -28.39
CA ARG I 70 47.35 -39.77 -28.39
C ARG I 70 47.90 -39.65 -29.81
N PRO I 71 49.19 -39.94 -30.01
CA PRO I 71 49.72 -39.94 -31.38
C PRO I 71 49.03 -40.96 -32.28
N VAL I 72 48.68 -42.11 -31.73
CA VAL I 72 47.88 -43.12 -32.42
C VAL I 72 46.83 -43.63 -31.45
N ASP I 73 45.58 -43.67 -31.90
CA ASP I 73 44.48 -44.13 -31.05
C ASP I 73 43.29 -44.47 -31.92
N LYS I 74 42.39 -45.27 -31.36
CA LYS I 74 41.16 -45.68 -32.05
C LYS I 74 40.01 -44.79 -31.60
N TYR I 75 39.29 -44.24 -32.57
CA TYR I 75 38.15 -43.38 -32.30
C TYR I 75 36.96 -43.83 -33.13
N TRP I 76 35.77 -43.38 -32.73
CA TRP I 76 34.54 -43.81 -33.37
C TRP I 76 34.33 -43.04 -34.67
N PHE I 77 34.24 -43.77 -35.78
CA PHE I 77 33.96 -43.19 -37.09
C PHE I 77 32.98 -44.07 -37.84
N LEU I 78 32.57 -43.60 -39.01
CA LEU I 78 31.64 -44.32 -39.88
C LEU I 78 32.44 -44.85 -41.07
N MET I 79 32.73 -46.15 -41.05
CA MET I 79 33.51 -46.80 -42.10
C MET I 79 32.59 -47.55 -43.06
N GLY I 80 32.65 -47.20 -44.33
CA GLY I 80 31.87 -47.85 -45.35
C GLY I 80 31.76 -47.00 -46.60
N PRO I 81 31.88 -47.65 -47.77
CA PRO I 81 31.82 -46.91 -49.03
C PRO I 81 30.41 -46.79 -49.59
N ALA I 82 30.08 -45.58 -50.05
CA ALA I 82 28.81 -45.29 -50.71
C ALA I 82 27.62 -45.63 -49.82
N GLY I 83 27.59 -45.00 -48.65
CA GLY I 83 26.47 -45.15 -47.74
C GLY I 83 26.47 -46.41 -46.91
N ALA I 84 27.49 -47.25 -47.02
CA ALA I 84 27.59 -48.50 -46.27
C ALA I 84 28.37 -48.34 -44.98
N GLU I 85 28.35 -47.15 -44.37
CA GLU I 85 29.15 -46.90 -43.18
C GLU I 85 28.60 -47.68 -41.99
N VAL I 86 29.51 -48.35 -41.28
CA VAL I 86 29.17 -49.12 -40.07
C VAL I 86 30.04 -48.60 -38.93
N MET I 87 29.45 -48.50 -37.74
CA MET I 87 30.16 -47.94 -36.61
C MET I 87 31.28 -48.87 -36.15
N THR I 88 32.48 -48.30 -35.99
CA THR I 88 33.64 -49.04 -35.50
C THR I 88 34.68 -48.04 -35.03
N GLU I 89 35.65 -48.54 -34.27
CA GLU I 89 36.78 -47.74 -33.82
C GLU I 89 37.94 -47.93 -34.78
N VAL I 90 38.50 -46.82 -35.25
CA VAL I 90 39.55 -46.83 -36.27
C VAL I 90 40.80 -46.19 -35.68
N GLU I 91 41.89 -46.94 -35.68
CA GLU I 91 43.18 -46.36 -35.30
C GLU I 91 43.67 -45.42 -36.39
N ILE I 92 44.19 -44.26 -35.98
CA ILE I 92 44.67 -43.26 -36.91
C ILE I 92 46.01 -42.73 -36.44
N ASP I 93 46.79 -42.20 -37.38
CA ASP I 93 48.11 -41.66 -37.12
C ASP I 93 48.00 -40.14 -37.15
N ILE I 94 47.95 -39.53 -35.96
CA ILE I 94 47.77 -38.08 -35.86
C ILE I 94 49.10 -37.33 -35.91
N GLN I 95 50.22 -38.05 -35.78
CA GLN I 95 51.53 -37.41 -35.75
C GLN I 95 51.81 -36.49 -36.93
N PRO I 96 51.46 -36.81 -38.18
CA PRO I 96 51.67 -35.83 -39.26
C PRO I 96 50.93 -34.51 -39.03
N GLN I 97 49.76 -34.56 -38.40
CA GLN I 97 48.99 -33.35 -38.12
C GLN I 97 49.45 -32.61 -36.87
N LEU I 98 50.27 -33.24 -36.03
CA LEU I 98 50.69 -32.61 -34.79
C LEU I 98 51.76 -31.55 -35.02
N GLN I 99 52.66 -31.78 -35.98
CA GLN I 99 53.80 -30.89 -36.17
C GLN I 99 53.37 -29.50 -36.62
N TRP I 100 52.39 -29.42 -37.53
CA TRP I 100 51.97 -28.12 -38.05
C TRP I 100 51.32 -27.26 -36.96
N ALA I 101 50.52 -27.89 -36.09
CA ALA I 101 49.78 -27.13 -35.09
C ALA I 101 50.71 -26.41 -34.12
N LYS I 102 51.75 -27.10 -33.65
CA LYS I 102 52.66 -26.48 -32.69
C LYS I 102 53.48 -25.37 -33.34
N GLY I 103 53.84 -25.54 -34.61
CA GLY I 103 54.55 -24.49 -35.32
C GLY I 103 53.68 -23.28 -35.63
N ALA I 104 52.36 -23.48 -35.71
CA ALA I 104 51.43 -22.38 -35.91
C ALA I 104 51.14 -21.61 -34.63
N VAL I 105 51.55 -22.14 -33.47
CA VAL I 105 51.26 -21.48 -32.20
C VAL I 105 51.93 -20.12 -32.13
N HIS I 106 53.21 -20.05 -32.50
CA HIS I 106 53.97 -18.81 -32.48
C HIS I 106 54.46 -18.41 -33.87
N ASP I 107 53.78 -18.87 -34.92
CA ASP I 107 54.15 -18.50 -36.28
C ASP I 107 53.83 -17.03 -36.51
N PRO I 108 54.80 -16.21 -36.93
CA PRO I 108 54.51 -14.79 -37.17
C PRO I 108 53.51 -14.54 -38.28
N LYS I 109 53.22 -15.54 -39.12
CA LYS I 109 52.27 -15.35 -40.21
C LYS I 109 50.88 -14.99 -39.71
N TYR I 110 50.54 -15.35 -38.47
CA TYR I 110 49.24 -15.01 -37.91
C TYR I 110 49.25 -13.70 -37.13
N LYS I 111 50.41 -13.06 -37.00
CA LYS I 111 50.54 -11.80 -36.24
C LYS I 111 50.07 -11.96 -34.80
N GLY I 112 50.34 -13.14 -34.22
CA GLY I 112 49.94 -13.40 -32.86
C GLY I 112 48.46 -13.68 -32.66
N GLN I 113 47.71 -13.86 -33.74
CA GLN I 113 46.27 -14.09 -33.65
C GLN I 113 45.90 -15.56 -33.56
N TRP I 114 46.89 -16.47 -33.47
CA TRP I 114 46.57 -17.89 -33.39
C TRP I 114 45.80 -18.21 -32.12
N TYR I 115 46.24 -17.68 -30.98
CA TYR I 115 45.48 -17.86 -29.74
C TYR I 115 44.08 -17.25 -29.82
N PRO I 116 43.90 -16.01 -30.28
CA PRO I 116 42.52 -15.53 -30.48
C PRO I 116 41.72 -16.36 -31.48
N PHE I 117 42.37 -16.88 -32.52
CA PHE I 117 41.65 -17.67 -33.51
C PHE I 117 41.28 -19.05 -32.95
N LEU I 118 42.19 -19.66 -32.19
CA LEU I 118 41.94 -21.00 -31.67
C LEU I 118 40.87 -20.99 -30.58
N ALA I 119 40.80 -19.90 -29.80
CA ALA I 119 39.77 -19.81 -28.77
C ALA I 119 38.38 -19.79 -29.39
N LEU I 120 38.21 -19.08 -30.51
CA LEU I 120 36.92 -19.07 -31.20
C LEU I 120 36.57 -20.46 -31.71
N LEU I 121 37.56 -21.19 -32.26
CA LEU I 121 37.29 -22.50 -32.83
C LEU I 121 36.88 -23.51 -31.77
N GLN I 122 37.53 -23.47 -30.60
CA GLN I 122 37.28 -24.48 -29.57
C GLN I 122 35.87 -24.35 -29.00
N ILE I 123 35.38 -23.12 -28.81
CA ILE I 123 34.09 -22.92 -28.18
C ILE I 123 32.97 -23.47 -29.06
N SER I 124 33.01 -23.17 -30.36
CA SER I 124 31.90 -23.51 -31.24
C SER I 124 31.81 -25.01 -31.49
N ASN I 125 32.95 -25.69 -31.57
CA ASN I 125 32.93 -27.09 -31.99
C ASN I 125 32.45 -28.04 -30.89
N LYS I 126 32.45 -27.59 -29.63
CA LYS I 126 31.92 -28.38 -28.54
C LYS I 126 30.43 -28.16 -28.31
N THR I 127 29.80 -27.30 -29.11
CA THR I 127 28.38 -26.99 -28.92
C THR I 127 27.51 -28.22 -29.16
N LYS I 128 27.84 -29.00 -30.19
CA LYS I 128 26.98 -30.14 -30.56
C LYS I 128 26.88 -31.15 -29.43
N ASP I 129 28.00 -31.44 -28.75
CA ASP I 129 27.96 -32.38 -27.64
C ASP I 129 27.06 -31.87 -26.52
N THR I 130 27.11 -30.56 -26.25
CA THR I 130 26.24 -29.98 -25.23
C THR I 130 24.77 -30.04 -25.63
N ILE I 131 24.48 -29.81 -26.92
CA ILE I 131 23.09 -29.85 -27.38
C ILE I 131 22.53 -31.26 -27.25
N LEU I 132 23.27 -32.26 -27.73
CA LEU I 132 22.79 -33.64 -27.70
C LEU I 132 22.70 -34.17 -26.28
N TRP I 133 23.72 -33.91 -25.47
CA TRP I 133 23.74 -34.27 -24.06
C TRP I 133 23.55 -32.98 -23.26
N GLN I 134 22.30 -32.68 -22.92
CA GLN I 134 21.95 -31.43 -22.26
C GLN I 134 22.49 -31.43 -20.85
N LYS I 135 23.60 -30.71 -20.63
CA LYS I 135 24.21 -30.59 -19.32
C LYS I 135 24.42 -29.12 -19.01
N TYR I 136 24.47 -28.81 -17.71
CA TYR I 136 24.67 -27.45 -17.21
C TYR I 136 25.81 -27.48 -16.21
N PRO I 137 27.06 -27.48 -16.69
CA PRO I 137 28.20 -27.61 -15.78
C PRO I 137 28.50 -26.34 -14.99
N VAL I 138 28.23 -25.18 -15.58
CA VAL I 138 28.60 -23.91 -14.97
C VAL I 138 27.52 -23.41 -14.03
N THR I 139 26.27 -23.39 -14.47
CA THR I 139 25.19 -22.88 -13.63
C THR I 139 25.00 -23.75 -12.39
N GLN I 140 25.09 -25.08 -12.54
CA GLN I 140 25.00 -25.96 -11.38
C GLN I 140 26.17 -25.73 -10.42
N GLU I 141 27.38 -25.57 -10.96
CA GLU I 141 28.52 -25.27 -10.10
C GLU I 141 28.40 -23.86 -9.51
N LEU I 142 27.61 -22.99 -10.14
CA LEU I 142 27.32 -21.67 -9.62
C LEU I 142 26.02 -21.62 -8.83
N GLU I 143 25.44 -22.79 -8.52
CA GLU I 143 24.19 -22.93 -7.75
C GLU I 143 23.16 -21.87 -8.15
N ILE I 144 22.97 -21.72 -9.47
CA ILE I 144 21.98 -20.79 -10.00
C ILE I 144 21.01 -21.56 -10.90
N SER I 145 20.07 -20.84 -11.50
CA SER I 145 19.10 -21.47 -12.38
C SER I 145 19.79 -22.08 -13.59
N ASN I 146 19.39 -23.31 -13.92
CA ASN I 146 20.00 -24.02 -15.04
C ASN I 146 19.62 -23.45 -16.40
N SER I 147 18.57 -22.62 -16.46
CA SER I 147 18.14 -22.03 -17.72
C SER I 147 19.06 -20.94 -18.22
N LEU I 148 20.07 -20.55 -17.44
CA LEU I 148 20.94 -19.42 -17.77
C LEU I 148 22.29 -19.85 -18.32
N GLU I 149 22.37 -21.04 -18.93
CA GLU I 149 23.63 -21.47 -19.52
C GLU I 149 24.01 -20.68 -20.76
N ILE I 150 23.12 -19.84 -21.27
CA ILE I 150 23.42 -18.97 -22.41
C ILE I 150 24.60 -18.07 -22.08
N TYR I 151 24.64 -17.56 -20.84
CA TYR I 151 25.72 -16.71 -20.38
C TYR I 151 26.87 -17.53 -19.80
N ALA I 152 26.74 -18.85 -19.81
CA ALA I 152 27.82 -19.77 -19.43
C ALA I 152 28.52 -20.32 -20.66
N ASN I 153 28.63 -19.50 -21.70
CA ASN I 153 29.30 -19.92 -22.93
C ASN I 153 30.81 -19.99 -22.72
N GLY I 154 31.46 -20.83 -23.52
CA GLY I 154 32.89 -20.98 -23.42
C GLY I 154 33.36 -21.79 -22.24
N HIS I 155 32.61 -22.81 -21.83
CA HIS I 155 33.05 -23.71 -20.78
C HIS I 155 33.89 -24.84 -21.36
N GLY I 156 34.83 -25.33 -20.56
CA GLY I 156 35.72 -26.39 -20.98
C GLY I 156 36.82 -25.95 -21.92
N ILE I 157 36.99 -24.66 -22.14
CA ILE I 157 38.00 -24.13 -23.05
C ILE I 157 39.31 -23.98 -22.28
N LYS I 158 40.42 -24.01 -23.01
CA LYS I 158 41.72 -23.85 -22.38
C LYS I 158 41.84 -22.47 -21.74
N ASP I 159 42.50 -22.43 -20.57
CA ASP I 159 42.68 -21.16 -19.87
C ASP I 159 43.49 -20.18 -20.71
N ARG I 160 44.48 -20.68 -21.45
CA ARG I 160 45.21 -19.82 -22.37
C ARG I 160 44.27 -19.25 -23.43
N LEU I 161 43.39 -20.09 -23.98
CA LEU I 161 42.33 -19.58 -24.84
C LEU I 161 41.40 -18.66 -24.07
N LYS I 162 41.08 -19.02 -22.83
CA LYS I 162 40.24 -18.16 -22.00
C LYS I 162 40.95 -16.87 -21.62
N ASN I 163 42.27 -16.81 -21.77
CA ASN I 163 43.01 -15.56 -21.74
C ASN I 163 43.29 -15.00 -23.13
N SER I 164 42.92 -15.73 -24.18
CA SER I 164 43.10 -15.28 -25.56
C SER I 164 41.86 -14.60 -26.10
N ARG I 165 40.70 -15.24 -25.96
CA ARG I 165 39.40 -14.64 -26.26
C ARG I 165 38.48 -14.82 -25.07
N PRO I 166 38.78 -14.13 -23.96
CA PRO I 166 37.86 -14.19 -22.81
C PRO I 166 36.51 -13.59 -23.10
N ARG I 167 36.43 -12.67 -24.06
CA ARG I 167 35.16 -12.04 -24.39
C ARG I 167 34.16 -13.05 -24.94
N SER I 168 34.63 -13.97 -25.77
CA SER I 168 33.74 -15.02 -26.28
C SER I 168 33.30 -15.97 -25.18
N VAL I 169 34.20 -16.29 -24.24
CA VAL I 169 33.83 -17.12 -23.11
C VAL I 169 32.84 -16.36 -22.24
N GLY I 170 31.67 -16.95 -22.02
CA GLY I 170 30.59 -16.29 -21.31
C GLY I 170 31.00 -15.90 -19.90
N PRO I 171 30.35 -14.86 -19.37
CA PRO I 171 30.73 -14.39 -18.02
C PRO I 171 30.58 -15.47 -16.95
N LEU I 172 29.56 -16.31 -17.03
CA LEU I 172 29.34 -17.31 -15.99
C LEU I 172 30.53 -18.27 -15.90
N VAL I 173 31.10 -18.66 -17.04
CA VAL I 173 32.31 -19.47 -17.02
C VAL I 173 33.45 -18.70 -16.37
N HIS I 174 33.62 -17.44 -16.77
CA HIS I 174 34.58 -16.58 -16.08
C HIS I 174 34.16 -16.37 -14.62
N LEU I 175 32.86 -16.16 -14.40
CA LEU I 175 32.36 -16.11 -13.03
C LEU I 175 32.61 -17.43 -12.31
N LEU I 176 32.42 -18.55 -13.01
CA LEU I 176 32.84 -19.83 -12.48
C LEU I 176 34.35 -19.86 -12.27
N HIS I 177 35.10 -19.38 -13.27
CA HIS I 177 36.55 -19.27 -13.09
C HIS I 177 36.90 -18.29 -11.99
N LEU I 178 36.13 -17.21 -11.86
CA LEU I 178 36.25 -16.36 -10.68
C LEU I 178 35.92 -17.14 -9.41
N LYS I 179 34.85 -17.95 -9.46
CA LYS I 179 34.55 -18.87 -8.36
C LYS I 179 35.64 -19.93 -8.24
N ARG I 180 36.13 -20.44 -9.38
CA ARG I 180 37.21 -21.42 -9.35
C ARG I 180 38.46 -20.83 -8.74
N LEU I 181 38.80 -19.58 -9.10
CA LEU I 181 39.99 -18.95 -8.57
C LEU I 181 39.90 -18.72 -7.06
N GLN I 182 38.70 -18.43 -6.56
CA GLN I 182 38.51 -18.34 -5.11
C GLN I 182 38.41 -19.71 -4.46
N GLU I 183 38.13 -20.75 -5.23
CA GLU I 183 37.99 -22.11 -4.70
C GLU I 183 39.00 -23.06 -5.33
N ASN I 184 40.17 -22.53 -5.68
CA ASN I 184 41.23 -23.35 -6.27
C ASN I 184 42.18 -23.88 -5.21
N SER I 188 50.61 -15.56 -3.13
CA SER I 188 50.93 -15.80 -4.53
C SER I 188 50.44 -14.66 -5.41
N PRO I 189 51.36 -13.86 -5.95
CA PRO I 189 50.98 -12.75 -6.82
C PRO I 189 50.40 -13.18 -8.17
N ALA I 190 50.63 -14.43 -8.59
CA ALA I 190 50.11 -14.90 -9.86
C ALA I 190 48.60 -15.11 -9.84
N VAL I 191 48.00 -15.23 -8.66
CA VAL I 191 46.55 -15.38 -8.56
C VAL I 191 45.86 -14.12 -9.06
N ASN I 192 46.40 -12.95 -8.72
CA ASN I 192 45.80 -11.69 -9.16
CA ASN I 192 45.80 -11.69 -9.16
C ASN I 192 45.83 -11.56 -10.67
N GLY I 193 46.92 -11.97 -11.30
CA GLY I 193 47.02 -11.85 -12.75
C GLY I 193 45.98 -12.67 -13.47
N ILE I 194 45.70 -13.89 -13.00
CA ILE I 194 44.64 -14.69 -13.58
C ILE I 194 43.28 -14.09 -13.25
N ARG I 195 43.11 -13.62 -12.00
CA ARG I 195 41.83 -13.07 -11.58
C ARG I 195 41.49 -11.80 -12.33
N LYS I 196 42.47 -10.90 -12.52
CA LYS I 196 42.19 -9.64 -13.17
C LYS I 196 41.72 -9.84 -14.61
N SER I 197 42.32 -10.81 -15.31
CA SER I 197 41.80 -11.19 -16.62
C SER I 197 40.41 -11.78 -16.49
N ILE I 198 40.20 -12.63 -15.48
CA ILE I 198 38.89 -13.23 -15.26
C ILE I 198 37.87 -12.15 -14.89
N VAL I 199 38.21 -11.31 -13.92
CA VAL I 199 37.29 -10.28 -13.45
C VAL I 199 37.11 -9.19 -14.49
N GLY I 200 38.21 -8.74 -15.10
CA GLY I 200 38.13 -7.65 -16.05
C GLY I 200 37.24 -7.97 -17.24
N HIS I 201 37.31 -9.21 -17.73
CA HIS I 201 36.44 -9.65 -18.80
C HIS I 201 35.06 -10.06 -18.32
N LEU I 202 34.89 -10.25 -17.01
CA LEU I 202 33.54 -10.35 -16.44
C LEU I 202 32.83 -9.00 -16.51
N LYS I 203 33.51 -7.94 -16.09
CA LYS I 203 32.92 -6.62 -16.13
C LYS I 203 32.72 -6.13 -17.55
N ARG I 204 33.62 -6.51 -18.46
CA ARG I 204 33.47 -6.14 -19.86
C ARG I 204 32.23 -6.78 -20.47
N GLN I 205 31.98 -8.06 -20.14
CA GLN I 205 30.85 -8.75 -20.74
C GLN I 205 29.52 -8.27 -20.16
N CYS I 206 29.44 -8.13 -18.84
CA CYS I 206 28.22 -7.68 -18.19
C CYS I 206 28.23 -6.16 -18.13
N ILE I 207 27.34 -5.52 -18.91
CA ILE I 207 27.34 -4.07 -19.03
C ILE I 207 26.40 -3.46 -17.99
N GLY I 208 25.90 -4.28 -17.08
CA GLY I 208 25.02 -3.79 -16.04
C GLY I 208 25.75 -2.88 -15.08
N GLU I 209 25.25 -1.65 -14.91
CA GLU I 209 25.88 -0.73 -13.96
C GLU I 209 25.80 -1.29 -12.54
N THR I 210 24.65 -1.85 -12.16
CA THR I 210 24.55 -2.52 -10.87
C THR I 210 25.20 -3.91 -10.91
N GLN I 211 25.19 -4.56 -12.08
CA GLN I 211 25.81 -5.89 -12.19
C GLN I 211 27.31 -5.80 -11.98
N LYS I 212 27.96 -4.78 -12.55
CA LYS I 212 29.42 -4.67 -12.46
C LYS I 212 29.87 -4.57 -11.01
N ALA I 213 29.18 -3.75 -10.21
CA ALA I 213 29.55 -3.60 -8.81
C ALA I 213 29.35 -4.91 -8.05
N MET I 214 28.26 -5.62 -8.35
CA MET I 214 27.94 -6.87 -7.66
C MET I 214 28.65 -8.08 -8.25
N ILE I 215 29.26 -7.95 -9.43
CA ILE I 215 30.26 -8.94 -9.85
C ILE I 215 31.52 -8.81 -9.02
N ASN I 216 31.91 -7.57 -8.71
CA ASN I 216 33.04 -7.36 -7.80
C ASN I 216 32.75 -7.92 -6.41
N GLN I 217 31.47 -8.03 -6.05
CA GLN I 217 31.11 -8.79 -4.86
C GLN I 217 31.51 -10.25 -5.02
N PHE I 218 31.27 -10.82 -6.19
CA PHE I 218 31.72 -12.17 -6.49
C PHE I 218 33.24 -12.26 -6.56
N GLU I 219 33.92 -11.14 -6.82
CA GLU I 219 35.38 -11.15 -6.88
C GLU I 219 35.98 -11.51 -5.53
N MET I 220 35.41 -10.99 -4.45
CA MET I 220 35.86 -11.30 -3.10
C MET I 220 35.15 -12.49 -2.48
N GLY I 221 34.26 -13.14 -3.21
CA GLY I 221 33.57 -14.32 -2.72
C GLY I 221 32.19 -14.09 -2.16
N ARG I 222 31.60 -12.90 -2.34
CA ARG I 222 30.25 -12.63 -1.86
C ARG I 222 29.26 -13.15 -2.90
N TRP I 223 29.08 -14.47 -2.90
CA TRP I 223 28.19 -15.15 -3.84
C TRP I 223 26.76 -15.24 -3.32
N GLU I 224 26.38 -14.37 -2.38
CA GLU I 224 24.98 -14.33 -1.94
C GLU I 224 24.09 -13.78 -3.05
N SER I 225 24.56 -12.77 -3.78
CA SER I 225 23.85 -12.23 -4.93
C SER I 225 24.05 -13.06 -6.19
N LEU I 226 24.62 -14.25 -6.07
CA LEU I 226 24.78 -15.12 -7.23
C LEU I 226 23.43 -15.51 -7.82
N SER I 227 22.47 -15.83 -6.96
CA SER I 227 21.09 -16.01 -7.41
C SER I 227 20.52 -14.70 -7.95
N THR I 228 20.85 -13.59 -7.30
CA THR I 228 20.49 -12.28 -7.84
C THR I 228 21.12 -12.05 -9.20
N PHE I 229 22.39 -12.47 -9.36
CA PHE I 229 23.02 -12.40 -10.68
C PHE I 229 22.28 -13.26 -11.68
N ALA I 230 21.85 -14.46 -11.26
CA ALA I 230 21.02 -15.29 -12.10
C ALA I 230 19.71 -14.59 -12.44
N ALA I 231 19.09 -13.97 -11.44
CA ALA I 231 17.89 -13.18 -11.69
C ALA I 231 18.20 -11.98 -12.59
N SER I 232 19.34 -11.32 -12.34
CA SER I 232 19.74 -10.20 -13.19
C SER I 232 20.05 -10.66 -14.61
N LEU I 233 20.74 -11.79 -14.76
CA LEU I 233 21.09 -12.27 -16.09
C LEU I 233 19.86 -12.47 -16.96
N LEU I 234 18.77 -12.92 -16.37
CA LEU I 234 17.51 -13.00 -17.10
C LEU I 234 17.07 -11.62 -17.58
N ALA I 235 17.27 -10.60 -16.76
CA ALA I 235 16.87 -9.24 -17.14
C ALA I 235 17.93 -8.57 -18.02
N ILE I 236 19.12 -8.35 -17.46
CA ILE I 236 20.19 -7.72 -18.21
CA ILE I 236 20.22 -7.72 -18.18
C ILE I 236 20.99 -8.80 -18.93
N LYS I 237 21.17 -8.61 -20.23
CA LYS I 237 21.91 -9.57 -21.04
C LYS I 237 23.36 -9.12 -21.16
N PRO I 238 24.31 -9.87 -20.62
CA PRO I 238 25.72 -9.48 -20.76
C PRO I 238 26.18 -9.58 -22.21
N ARG I 239 27.17 -8.74 -22.54
CA ARG I 239 27.75 -8.77 -23.87
C ARG I 239 28.44 -10.11 -24.13
N ILE I 240 28.10 -10.71 -25.27
CA ILE I 240 28.73 -11.96 -25.72
C ILE I 240 29.23 -11.70 -27.13
N GLU I 241 30.54 -11.52 -27.28
CA GLU I 241 31.11 -11.31 -28.60
C GLU I 241 30.94 -12.58 -29.45
N ASN I 242 30.52 -12.38 -30.69
CA ASN I 242 30.24 -13.48 -31.61
C ASN I 242 31.21 -13.41 -32.79
N HIS I 243 31.52 -14.58 -33.34
CA HIS I 243 32.35 -14.67 -34.54
C HIS I 243 31.86 -15.85 -35.36
N PHE I 244 31.53 -15.60 -36.62
CA PHE I 244 30.94 -16.63 -37.48
C PHE I 244 32.04 -17.60 -37.90
N VAL I 245 32.05 -18.77 -37.27
CA VAL I 245 33.05 -19.81 -37.54
C VAL I 245 32.31 -21.11 -37.85
N LEU I 246 32.76 -21.79 -38.90
CA LEU I 246 32.13 -23.03 -39.33
C LEU I 246 32.61 -24.21 -38.46
N THR I 247 32.03 -25.37 -38.70
CA THR I 247 32.34 -26.59 -37.98
C THR I 247 33.15 -27.53 -38.87
N TYR I 248 33.56 -28.65 -38.27
CA TYR I 248 34.39 -29.62 -39.00
C TYR I 248 33.71 -30.18 -40.24
N PRO I 249 32.45 -30.66 -40.19
CA PRO I 249 31.84 -31.16 -41.43
C PRO I 249 31.74 -30.12 -42.52
N LEU I 250 31.49 -28.86 -42.17
CA LEU I 250 31.40 -27.80 -43.16
C LEU I 250 32.77 -27.36 -43.66
N ILE I 251 33.75 -27.29 -42.77
CA ILE I 251 35.09 -26.85 -43.17
C ILE I 251 35.70 -27.82 -44.17
N ALA I 252 35.58 -29.12 -43.91
CA ALA I 252 36.07 -30.11 -44.86
C ALA I 252 35.32 -30.09 -46.17
N ASN I 253 34.08 -29.59 -46.18
CA ASN I 253 33.27 -29.50 -47.38
C ASN I 253 33.24 -28.11 -47.99
N CYS I 254 34.01 -27.17 -47.45
CA CYS I 254 34.08 -25.80 -47.96
C CYS I 254 35.32 -25.66 -48.83
N GLU I 255 35.11 -25.31 -50.10
CA GLU I 255 36.20 -25.19 -51.07
CA GLU I 255 36.20 -25.19 -51.07
C GLU I 255 36.54 -23.74 -51.39
N ASP I 256 35.91 -22.78 -50.71
CA ASP I 256 36.15 -21.37 -50.97
C ASP I 256 36.47 -20.65 -49.67
N PHE I 257 37.61 -19.94 -49.64
CA PHE I 257 37.99 -19.15 -48.49
C PHE I 257 38.62 -17.82 -48.88
N ALA I 258 38.38 -17.34 -50.10
CA ALA I 258 39.03 -16.11 -50.57
C ALA I 258 38.57 -14.89 -49.76
N GLY I 259 37.27 -14.78 -49.52
CA GLY I 259 36.75 -13.65 -48.76
C GLY I 259 36.35 -14.02 -47.35
N ALA I 260 37.09 -14.96 -46.76
CA ALA I 260 36.75 -15.48 -45.45
C ALA I 260 37.06 -14.48 -44.34
N THR I 261 36.07 -13.67 -43.99
CA THR I 261 36.19 -12.72 -42.88
C THR I 261 35.15 -13.10 -41.81
N LEU I 262 35.03 -12.24 -40.80
CA LEU I 262 34.19 -12.53 -39.66
C LEU I 262 33.00 -11.58 -39.47
N SER I 263 32.94 -10.48 -40.22
CA SER I 263 31.94 -9.44 -39.98
C SER I 263 31.25 -9.05 -41.29
N ASP I 264 30.83 -10.05 -42.06
CA ASP I 264 30.04 -9.80 -43.27
C ASP I 264 29.20 -11.04 -43.57
N GLU I 265 28.63 -11.07 -44.77
CA GLU I 265 27.74 -12.16 -45.19
C GLU I 265 28.48 -13.31 -45.85
N TRP I 266 29.83 -13.27 -45.88
CA TRP I 266 30.57 -14.34 -46.54
C TRP I 266 30.28 -15.69 -45.88
N VAL I 267 30.24 -15.72 -44.55
CA VAL I 267 29.98 -16.99 -43.86
C VAL I 267 28.59 -17.51 -44.19
N PHE I 268 27.59 -16.63 -44.22
CA PHE I 268 26.24 -17.04 -44.57
C PHE I 268 26.19 -17.58 -46.00
N LYS I 269 26.88 -16.91 -46.92
CA LYS I 269 26.85 -17.34 -48.32
C LYS I 269 27.70 -18.59 -48.54
N ALA I 270 28.81 -18.72 -47.82
CA ALA I 270 29.75 -19.81 -48.09
C ALA I 270 29.15 -21.16 -47.71
N MET I 271 28.60 -21.26 -46.49
CA MET I 271 28.09 -22.55 -46.02
C MET I 271 26.71 -22.88 -46.57
N GLU I 272 26.02 -21.91 -47.19
CA GLU I 272 24.83 -22.27 -47.97
C GLU I 272 25.21 -23.10 -49.19
N LYS I 273 26.35 -22.77 -49.80
CA LYS I 273 26.83 -23.54 -50.94
C LYS I 273 27.10 -24.99 -50.54
N ILE I 274 27.65 -25.20 -49.35
CA ILE I 274 27.80 -26.56 -48.83
C ILE I 274 26.45 -27.24 -48.69
N SER I 275 25.46 -26.50 -48.18
CA SER I 275 24.10 -27.03 -48.14
C SER I 275 23.54 -27.25 -49.54
N ASN I 276 23.85 -26.34 -50.47
CA ASN I 276 23.41 -26.53 -51.85
C ASN I 276 24.08 -27.74 -52.48
N LYS I 277 25.31 -28.06 -52.07
CA LYS I 277 25.99 -29.24 -52.59
C LYS I 277 25.32 -30.52 -52.13
N LYS I 278 24.81 -30.54 -50.89
CA LYS I 278 24.16 -31.71 -50.29
C LYS I 278 25.08 -32.92 -50.30
N THR I 279 26.38 -32.68 -50.10
CA THR I 279 27.37 -33.75 -50.05
C THR I 279 27.73 -34.16 -48.63
N LEU I 280 27.06 -33.60 -47.62
CA LEU I 280 27.37 -33.88 -46.23
C LEU I 280 26.20 -34.59 -45.57
N ARG I 281 26.52 -35.65 -44.81
CA ARG I 281 25.53 -36.41 -44.07
C ARG I 281 25.70 -36.19 -42.58
N VAL I 282 24.63 -36.44 -41.83
CA VAL I 282 24.62 -36.20 -40.39
C VAL I 282 24.22 -37.49 -39.68
N CYS I 283 24.60 -37.58 -38.40
CA CYS I 283 24.36 -38.76 -37.59
C CYS I 283 23.44 -38.43 -36.42
N GLY I 284 22.69 -39.45 -35.99
CA GLY I 284 21.79 -39.31 -34.87
C GLY I 284 21.20 -40.65 -34.45
N PRO I 285 20.47 -40.67 -33.34
CA PRO I 285 19.84 -41.93 -32.90
C PRO I 285 18.85 -42.48 -33.91
N ASP I 286 18.14 -41.61 -34.63
CA ASP I 286 17.14 -42.04 -35.60
C ASP I 286 16.89 -40.88 -36.56
N GLU I 287 16.15 -41.18 -37.62
CA GLU I 287 15.98 -40.22 -38.72
C GLU I 287 15.11 -39.02 -38.36
N LYS I 288 14.44 -39.03 -37.20
CA LYS I 288 13.65 -37.86 -36.80
C LYS I 288 14.53 -36.65 -36.52
N TRP I 289 15.81 -36.84 -36.28
CA TRP I 289 16.73 -35.76 -35.92
C TRP I 289 17.26 -35.00 -37.14
N ILE I 290 16.85 -35.36 -38.35
CA ILE I 290 17.41 -34.74 -39.55
C ILE I 290 17.11 -33.24 -39.58
N SER I 291 15.87 -32.86 -39.28
CA SER I 291 15.55 -31.44 -39.14
C SER I 291 16.23 -30.85 -37.91
N PHE I 292 16.26 -31.61 -36.81
CA PHE I 292 16.91 -31.14 -35.60
C PHE I 292 18.40 -30.92 -35.81
N MET I 293 19.07 -31.87 -36.48
CA MET I 293 20.51 -31.76 -36.66
C MET I 293 20.87 -30.70 -37.68
N ASN I 294 20.02 -30.48 -38.69
CA ASN I 294 20.24 -29.40 -39.63
C ASN I 294 20.23 -28.05 -38.93
N GLN I 295 19.33 -27.89 -37.95
CA GLN I 295 19.29 -26.66 -37.18
C GLN I 295 20.48 -26.53 -36.23
N ILE I 296 21.04 -27.67 -35.79
CA ILE I 296 22.24 -27.63 -34.96
C ILE I 296 23.40 -27.00 -35.72
N TYR I 297 23.50 -27.29 -37.02
CA TYR I 297 24.47 -26.58 -37.85
C TYR I 297 24.20 -25.08 -37.84
N ILE I 298 22.94 -24.69 -37.95
CA ILE I 298 22.57 -23.29 -37.80
C ILE I 298 22.89 -22.81 -36.39
N HIS I 299 22.63 -23.65 -35.39
CA HIS I 299 22.89 -23.28 -34.01
C HIS I 299 24.38 -23.09 -33.75
N SER I 300 25.21 -24.02 -34.25
CA SER I 300 26.62 -24.01 -33.92
C SER I 300 27.40 -22.95 -34.69
N VAL I 301 27.07 -22.76 -35.97
CA VAL I 301 27.88 -21.87 -36.81
C VAL I 301 27.77 -20.42 -36.35
N PHE I 302 26.56 -19.95 -36.12
CA PHE I 302 26.32 -18.56 -35.75
C PHE I 302 26.11 -18.38 -34.26
N GLN I 303 26.42 -19.39 -33.46
CA GLN I 303 26.24 -19.35 -32.00
C GLN I 303 24.81 -19.00 -31.62
N THR I 304 23.85 -19.60 -32.35
CA THR I 304 22.43 -19.37 -32.12
C THR I 304 21.78 -20.53 -31.40
N THR I 305 22.51 -21.17 -30.49
CA THR I 305 21.96 -22.29 -29.73
C THR I 305 20.81 -21.85 -28.85
N GLY I 306 20.97 -20.71 -28.16
CA GLY I 306 19.96 -20.19 -27.27
C GLY I 306 19.11 -19.08 -27.82
N GLU I 307 19.27 -18.71 -29.08
CA GLU I 307 18.47 -17.65 -29.66
C GLU I 307 17.07 -18.15 -30.00
N ASP I 308 16.09 -17.25 -29.96
CA ASP I 308 14.70 -17.60 -30.16
C ASP I 308 14.49 -18.32 -31.48
N LEU I 309 13.78 -19.44 -31.43
CA LEU I 309 13.56 -20.27 -32.61
C LEU I 309 12.69 -19.55 -33.64
N GLY I 310 11.66 -18.83 -33.18
CA GLY I 310 10.87 -18.02 -34.10
C GLY I 310 11.68 -16.90 -34.72
N VAL I 311 12.55 -16.27 -33.93
CA VAL I 311 13.50 -15.32 -34.48
C VAL I 311 14.43 -15.99 -35.48
N LEU I 312 14.93 -17.17 -35.15
CA LEU I 312 15.71 -17.96 -36.09
C LEU I 312 14.89 -18.43 -37.29
N GLU I 313 13.58 -18.61 -37.11
CA GLU I 313 12.74 -19.08 -38.20
C GLU I 313 12.68 -18.07 -39.34
N TRP I 314 12.52 -16.79 -39.01
CA TRP I 314 12.43 -15.76 -40.04
C TRP I 314 13.74 -15.61 -40.81
N VAL I 315 14.87 -15.62 -40.09
CA VAL I 315 16.16 -15.42 -40.74
C VAL I 315 16.46 -16.57 -41.69
N PHE I 316 16.19 -17.80 -41.28
CA PHE I 316 16.53 -18.98 -42.05
C PHE I 316 15.33 -19.62 -42.75
N GLY I 317 14.15 -19.00 -42.69
CA GLY I 317 13.02 -19.43 -43.48
C GLY I 317 12.45 -20.80 -43.13
N GLY I 318 12.79 -21.32 -41.96
CA GLY I 318 12.31 -22.62 -41.55
C GLY I 318 12.20 -22.72 -40.04
N ARG I 319 11.21 -23.49 -39.59
CA ARG I 319 11.00 -23.68 -38.17
CA ARG I 319 11.00 -23.68 -38.17
C ARG I 319 12.16 -24.45 -37.55
N PHE I 320 12.43 -24.18 -36.28
CA PHE I 320 13.50 -24.82 -35.54
C PHE I 320 12.92 -25.75 -34.48
N CYS I 321 13.49 -26.94 -34.38
CA CYS I 321 12.99 -27.96 -33.46
C CYS I 321 13.66 -27.83 -32.09
N GLN I 322 12.86 -27.97 -31.05
CA GLN I 322 13.35 -27.87 -29.68
C GLN I 322 13.92 -29.21 -29.22
N ARG I 323 14.76 -29.15 -28.18
CA ARG I 323 15.31 -30.37 -27.60
C ARG I 323 14.24 -31.22 -26.92
N LYS I 324 13.15 -30.59 -26.46
CA LYS I 324 12.08 -31.34 -25.82
C LYS I 324 11.40 -32.29 -26.80
N GLU I 325 11.46 -31.99 -28.09
CA GLU I 325 10.83 -32.83 -29.11
C GLU I 325 11.52 -34.18 -29.26
N PHE I 326 12.70 -34.37 -28.68
CA PHE I 326 13.46 -35.59 -28.82
C PHE I 326 13.92 -36.08 -27.46
N GLY I 327 14.13 -37.39 -27.36
CA GLY I 327 14.58 -38.00 -26.13
C GLY I 327 16.08 -37.89 -25.94
N ARG I 328 16.61 -38.75 -25.08
CA ARG I 328 18.04 -38.76 -24.82
C ARG I 328 18.81 -39.13 -26.09
N TYR I 329 19.93 -38.45 -26.30
CA TYR I 329 20.76 -38.73 -27.46
C TYR I 329 21.45 -40.08 -27.30
N CYS I 330 21.60 -40.80 -28.42
CA CYS I 330 22.24 -42.09 -28.40
C CYS I 330 23.74 -41.95 -28.13
N LYS I 331 24.35 -43.05 -27.70
CA LYS I 331 25.77 -43.04 -27.39
C LYS I 331 26.58 -42.77 -28.66
N LYS I 332 27.76 -42.17 -28.47
CA LYS I 332 28.65 -41.92 -29.60
C LYS I 332 29.08 -43.22 -30.26
N SER I 333 29.06 -44.32 -29.52
CA SER I 333 29.39 -45.63 -30.09
C SER I 333 28.29 -46.18 -30.98
N GLN I 334 27.09 -45.59 -30.96
CA GLN I 334 25.97 -46.09 -31.75
C GLN I 334 25.35 -45.01 -32.63
N THR I 335 26.08 -43.93 -32.90
CA THR I 335 25.57 -42.89 -33.79
C THR I 335 25.58 -43.40 -35.24
N LYS I 336 24.48 -43.20 -35.94
CA LYS I 336 24.31 -43.68 -37.30
C LYS I 336 23.86 -42.56 -38.20
N VAL I 337 24.27 -42.63 -39.48
CA VAL I 337 23.91 -41.59 -40.43
C VAL I 337 22.40 -41.55 -40.62
N ILE I 338 21.83 -40.36 -40.55
CA ILE I 338 20.38 -40.19 -40.59
C ILE I 338 19.90 -39.39 -41.79
N GLY I 339 20.78 -38.69 -42.50
CA GLY I 339 20.36 -37.97 -43.68
C GLY I 339 21.37 -36.92 -44.08
N LEU I 340 21.05 -36.23 -45.18
CA LEU I 340 21.90 -35.21 -45.74
C LEU I 340 21.71 -33.88 -45.02
N PHE I 341 22.76 -33.07 -45.02
CA PHE I 341 22.70 -31.74 -44.40
C PHE I 341 22.07 -30.75 -45.36
N THR I 342 21.06 -30.03 -44.88
CA THR I 342 20.39 -29.00 -45.67
C THR I 342 20.32 -27.72 -44.86
N PHE I 343 20.23 -26.60 -45.58
CA PHE I 343 20.22 -25.28 -44.94
C PHE I 343 19.65 -24.27 -45.93
N GLN I 344 19.02 -23.24 -45.39
CA GLN I 344 18.53 -22.12 -46.18
C GLN I 344 18.42 -20.90 -45.27
N TYR I 345 18.66 -19.73 -45.82
CA TYR I 345 18.53 -18.49 -45.06
C TYR I 345 18.12 -17.36 -46.00
N GLU I 346 17.49 -16.34 -45.42
CA GLU I 346 17.09 -15.15 -46.16
C GLU I 346 17.63 -13.86 -45.57
N TYR I 347 18.16 -13.89 -44.35
CA TYR I 347 18.65 -12.69 -43.67
C TYR I 347 19.89 -13.04 -42.87
N TRP I 348 20.56 -12.01 -42.36
CA TRP I 348 21.80 -12.16 -41.60
C TRP I 348 22.07 -10.86 -40.85
N SER I 349 23.19 -10.82 -40.16
CA SER I 349 23.62 -9.60 -39.48
C SER I 349 25.10 -9.70 -39.14
N LYS I 350 25.70 -8.55 -38.88
CA LYS I 350 27.04 -8.55 -38.31
C LYS I 350 27.01 -9.20 -36.93
N PRO I 351 28.09 -9.88 -36.54
CA PRO I 351 28.09 -10.55 -35.24
C PRO I 351 27.84 -9.58 -34.10
N LEU I 352 27.10 -10.05 -33.10
CA LEU I 352 26.68 -9.20 -31.99
C LEU I 352 27.89 -8.91 -31.12
N LYS I 353 28.57 -7.80 -31.41
CA LYS I 353 29.79 -7.46 -30.69
C LYS I 353 29.50 -7.08 -29.24
N SER I 354 28.50 -6.23 -29.03
CA SER I 354 28.14 -5.78 -27.69
C SER I 354 26.88 -6.53 -27.23
N ALA I 355 26.38 -6.17 -26.06
CA ALA I 355 25.17 -6.79 -25.55
C ALA I 355 23.99 -6.42 -26.44
N PRO I 356 23.05 -7.34 -26.69
CA PRO I 356 21.90 -7.00 -27.53
C PRO I 356 21.06 -5.88 -26.94
N ARG I 357 20.80 -5.91 -25.64
CA ARG I 357 20.01 -4.89 -24.97
C ARG I 357 20.93 -3.78 -24.50
N SER I 358 20.63 -2.55 -24.93
CA SER I 358 21.43 -1.39 -24.57
C SER I 358 20.52 -0.30 -24.03
N ILE I 359 21.02 0.43 -23.03
CA ILE I 359 20.29 1.51 -22.39
C ILE I 359 20.88 2.88 -22.74
N GLU I 360 21.73 2.94 -23.75
CA GLU I 360 22.35 4.19 -24.16
C GLU I 360 21.37 5.02 -25.00
N ILE I 367 17.22 16.93 -21.98
CA ILE I 367 15.95 17.41 -22.50
C ILE I 367 15.98 18.91 -22.70
N SER I 368 17.15 19.44 -23.04
CA SER I 368 17.33 20.87 -23.25
C SER I 368 18.57 21.08 -24.12
N CYS I 369 19.07 22.32 -24.14
CA CYS I 369 20.18 22.69 -25.00
C CYS I 369 21.05 23.75 -24.33
N ARG I 370 22.29 23.82 -24.78
CA ARG I 370 23.24 24.85 -24.36
C ARG I 370 23.71 25.64 -25.58
N PRO I 371 23.29 26.90 -25.75
CA PRO I 371 23.74 27.67 -26.91
C PRO I 371 25.23 27.99 -26.81
N SER I 372 25.93 27.82 -27.93
CA SER I 372 27.34 28.14 -28.02
C SER I 372 27.64 29.35 -28.87
N PHE I 373 26.72 29.75 -29.74
CA PHE I 373 26.90 30.91 -30.62
C PHE I 373 26.10 32.10 -30.12
N LYS I 374 26.29 33.23 -30.81
CA LYS I 374 25.70 34.50 -30.42
C LYS I 374 24.40 34.82 -31.15
N GLY I 375 24.19 34.23 -32.32
CA GLY I 375 23.01 34.56 -33.11
C GLY I 375 21.72 34.10 -32.47
N LYS I 376 20.63 34.76 -32.88
CA LYS I 376 19.32 34.50 -32.30
C LYS I 376 18.85 33.10 -32.66
N ARG I 377 18.04 32.50 -31.79
CA ARG I 377 17.59 31.13 -31.93
C ARG I 377 16.23 30.95 -31.27
N PRO I 378 15.37 30.10 -31.82
CA PRO I 378 14.14 29.75 -31.11
C PRO I 378 14.42 28.95 -29.86
N SER I 379 13.49 29.03 -28.91
CA SER I 379 13.60 28.36 -27.62
C SER I 379 12.51 27.29 -27.50
N TYR I 380 12.79 26.27 -26.70
CA TYR I 380 11.86 25.16 -26.52
C TYR I 380 12.00 24.63 -25.10
N ASN I 381 11.03 23.81 -24.70
CA ASN I 381 11.05 23.15 -23.39
C ASN I 381 10.47 21.75 -23.55
N ASN I 382 11.19 20.76 -23.00
CA ASN I 382 10.75 19.37 -23.07
C ASN I 382 10.11 18.89 -21.78
N PHE I 383 9.97 19.75 -20.77
CA PHE I 383 9.37 19.38 -19.50
C PHE I 383 8.36 20.45 -19.09
N THR I 384 7.30 20.01 -18.41
CA THR I 384 6.26 20.92 -17.96
C THR I 384 6.45 21.38 -16.51
N SER I 385 7.35 20.75 -15.77
CA SER I 385 7.58 21.12 -14.37
C SER I 385 9.00 20.79 -13.94
N SER I 399 17.51 0.02 -1.55
CA SER I 399 18.42 -1.12 -1.42
C SER I 399 19.21 -1.35 -2.70
N PHE I 400 20.36 -2.01 -2.57
CA PHE I 400 21.17 -2.31 -3.75
C PHE I 400 20.45 -3.27 -4.69
N TYR I 401 19.76 -4.27 -4.13
CA TYR I 401 18.98 -5.17 -4.98
C TYR I 401 17.86 -4.42 -5.69
N ASP I 402 17.29 -3.40 -5.04
CA ASP I 402 16.33 -2.55 -5.73
C ASP I 402 16.97 -1.85 -6.92
N GLN I 403 18.19 -1.34 -6.74
CA GLN I 403 18.93 -0.78 -7.87
C GLN I 403 19.23 -1.84 -8.91
N VAL I 404 19.57 -3.05 -8.47
CA VAL I 404 19.71 -4.16 -9.40
C VAL I 404 18.39 -4.44 -10.09
N ARG I 405 17.30 -4.49 -9.31
CA ARG I 405 15.98 -4.66 -9.89
C ARG I 405 15.57 -3.44 -10.70
N GLU I 406 16.00 -2.24 -10.29
CA GLU I 406 15.77 -1.06 -11.12
C GLU I 406 16.42 -1.21 -12.47
N GLU I 407 17.69 -1.63 -12.49
CA GLU I 407 18.36 -1.94 -13.75
C GLU I 407 17.72 -3.15 -14.42
N CYS I 408 17.26 -4.12 -13.61
CA CYS I 408 16.54 -5.26 -14.16
C CYS I 408 15.26 -4.81 -14.86
N GLN I 409 14.56 -3.83 -14.29
CA GLN I 409 13.35 -3.33 -14.91
C GLN I 409 13.65 -2.49 -16.14
N LYS I 410 14.84 -1.90 -16.22
CA LYS I 410 15.23 -1.15 -17.41
C LYS I 410 15.29 -2.07 -18.63
N TYR I 411 15.77 -3.30 -18.45
CA TYR I 411 15.91 -4.23 -19.56
C TYR I 411 14.64 -5.02 -19.84
N MET I 412 13.78 -5.21 -18.83
CA MET I 412 12.40 -5.62 -19.11
C MET I 412 11.66 -4.56 -19.91
N ASP I 413 11.90 -3.29 -19.60
CA ASP I 413 11.30 -2.21 -20.38
C ASP I 413 11.85 -2.18 -21.81
N LEU I 414 13.07 -2.66 -22.01
CA LEU I 414 13.65 -2.67 -23.34
C LEU I 414 12.95 -3.70 -24.23
N LYS I 415 12.56 -3.25 -25.42
CA LYS I 415 11.99 -4.13 -26.43
C LYS I 415 12.86 -4.27 -27.67
N VAL I 416 14.01 -3.58 -27.70
CA VAL I 416 14.90 -3.58 -28.85
C VAL I 416 16.21 -4.25 -28.45
N GLU I 417 16.75 -5.09 -29.34
CA GLU I 417 18.03 -5.72 -29.14
C GLU I 417 18.91 -5.50 -30.37
N GLY I 418 20.10 -6.09 -30.34
CA GLY I 418 21.03 -5.94 -31.44
C GLY I 418 21.87 -4.69 -31.32
N THR I 419 22.86 -4.59 -32.21
CA THR I 419 23.77 -3.45 -32.23
C THR I 419 23.30 -2.36 -33.19
N THR I 420 23.19 -2.69 -34.48
CA THR I 420 22.66 -1.75 -35.46
C THR I 420 21.40 -2.28 -36.13
N CYS I 421 21.48 -3.44 -36.77
CA CYS I 421 20.36 -3.98 -37.55
C CYS I 421 20.67 -5.36 -38.11
N PHE I 422 19.68 -5.94 -38.78
CA PHE I 422 19.79 -7.24 -39.42
C PHE I 422 19.66 -7.10 -40.93
N TYR I 423 20.54 -7.80 -41.66
CA TYR I 423 20.69 -7.62 -43.09
C TYR I 423 20.08 -8.79 -43.86
N ARG I 424 19.51 -8.49 -45.02
CA ARG I 424 18.94 -9.50 -45.90
C ARG I 424 20.04 -10.26 -46.63
N LYS I 425 19.71 -11.47 -47.09
CA LYS I 425 20.63 -12.28 -47.86
C LYS I 425 21.02 -11.56 -49.15
N GLY I 426 22.31 -11.57 -49.47
CA GLY I 426 22.82 -10.94 -50.66
C GLY I 426 23.44 -9.58 -50.46
N GLY I 427 23.52 -9.09 -49.23
CA GLY I 427 24.09 -7.79 -48.98
C GLY I 427 23.90 -7.38 -47.53
N HIS I 428 24.25 -6.13 -47.24
CA HIS I 428 24.14 -5.56 -45.90
C HIS I 428 23.03 -4.51 -45.83
N VAL I 429 21.91 -4.78 -46.49
CA VAL I 429 20.77 -3.88 -46.46
C VAL I 429 20.01 -4.09 -45.16
N GLU I 430 19.72 -2.99 -44.46
CA GLU I 430 19.09 -3.06 -43.15
C GLU I 430 17.63 -3.52 -43.29
N VAL I 431 17.28 -4.60 -42.60
CA VAL I 431 15.96 -5.20 -42.67
C VAL I 431 15.46 -5.45 -41.24
N GLU I 432 14.18 -5.20 -41.01
CA GLU I 432 13.57 -5.40 -39.71
CA GLU I 432 13.57 -5.40 -39.71
C GLU I 432 12.41 -6.39 -39.80
N PHE I 433 12.33 -7.27 -38.81
CA PHE I 433 11.35 -8.35 -38.81
C PHE I 433 10.04 -7.92 -38.15
N PRO I 434 8.89 -8.12 -38.80
CA PRO I 434 7.63 -7.65 -38.24
C PRO I 434 7.08 -8.48 -37.08
N GLY I 435 7.21 -9.81 -37.14
CA GLY I 435 6.70 -10.62 -36.05
C GLY I 435 6.29 -12.04 -36.43
N SER I 436 6.49 -12.98 -35.51
CA SER I 436 6.17 -14.38 -35.74
C SER I 436 5.43 -14.93 -34.52
N ALA I 437 4.99 -16.18 -34.64
CA ALA I 437 4.23 -16.82 -33.57
C ALA I 437 5.11 -17.61 -32.61
N HIS I 438 6.28 -18.08 -33.07
CA HIS I 438 7.16 -18.90 -32.25
C HIS I 438 8.07 -18.08 -31.34
N CYS I 439 7.70 -16.83 -31.05
CA CYS I 439 8.49 -16.02 -30.13
C CYS I 439 8.44 -16.61 -28.72
N ASN I 440 9.53 -16.40 -27.99
CA ASN I 440 9.73 -16.90 -26.63
C ASN I 440 9.74 -18.43 -26.56
N THR I 441 9.98 -19.10 -27.68
CA THR I 441 10.12 -20.55 -27.74
C THR I 441 11.55 -20.86 -28.14
N TYR I 442 12.23 -21.68 -27.34
CA TYR I 442 13.67 -21.87 -27.46
C TYR I 442 14.02 -23.33 -27.66
N LEU I 443 15.28 -23.56 -28.04
CA LEU I 443 15.80 -24.91 -28.19
C LEU I 443 15.76 -25.65 -26.86
N PHE I 444 16.18 -24.99 -25.78
CA PHE I 444 16.14 -25.55 -24.44
C PHE I 444 15.07 -24.92 -23.57
N GLY I 445 14.22 -24.07 -24.13
CA GLY I 445 13.18 -23.41 -23.37
C GLY I 445 11.78 -23.94 -23.68
N THR J 20 2.95 64.94 22.22
CA THR J 20 3.53 64.19 21.11
C THR J 20 4.62 65.00 20.40
N GLU J 21 4.29 66.24 20.06
CA GLU J 21 5.22 67.14 19.38
C GLU J 21 5.97 68.04 20.35
N SER J 22 5.72 67.92 21.66
CA SER J 22 6.41 68.77 22.63
C SER J 22 7.90 68.46 22.66
N GLN J 23 8.27 67.18 22.61
CA GLN J 23 9.67 66.77 22.69
C GLN J 23 10.36 66.75 21.34
N ILE J 24 9.64 67.01 20.25
CA ILE J 24 10.26 67.02 18.92
C ILE J 24 11.35 68.08 18.79
N PRO J 25 11.14 69.34 19.20
CA PRO J 25 12.19 70.34 19.00
C PRO J 25 13.52 69.99 19.67
N LYS J 26 13.50 69.39 20.85
CA LYS J 26 14.74 69.08 21.55
C LYS J 26 15.45 67.86 20.95
N MET J 27 14.70 66.92 20.36
CA MET J 27 15.33 65.76 19.76
C MET J 27 16.12 66.15 18.52
N TYR J 28 15.59 67.05 17.70
CA TYR J 28 16.24 67.38 16.43
C TYR J 28 17.59 68.05 16.64
N GLU J 29 17.71 68.91 17.65
CA GLU J 29 18.94 69.67 17.85
C GLU J 29 20.11 68.76 18.19
N MET J 30 19.92 67.82 19.12
CA MET J 30 21.03 66.97 19.52
C MET J 30 21.31 65.89 18.48
N ILE J 31 20.30 65.48 17.71
CA ILE J 31 20.54 64.54 16.62
C ILE J 31 21.51 65.14 15.62
N ARG J 32 21.30 66.41 15.25
CA ARG J 32 22.24 67.10 14.38
C ARG J 32 23.59 67.28 15.08
N ASP J 33 23.57 67.59 16.37
CA ASP J 33 24.81 67.78 17.11
C ASP J 33 25.63 66.49 17.11
N GLN J 34 24.98 65.35 17.35
CA GLN J 34 25.68 64.07 17.25
C GLN J 34 25.96 63.71 15.80
N MET J 35 25.13 64.19 14.88
CA MET J 35 25.38 63.96 13.45
C MET J 35 26.68 64.62 13.02
N ARG J 36 26.91 65.86 13.47
CA ARG J 36 28.15 66.55 13.16
C ARG J 36 29.33 66.05 13.99
N THR J 37 29.07 65.64 15.23
CA THR J 37 30.16 65.20 16.11
C THR J 37 30.87 63.98 15.54
N LEU J 38 30.10 63.00 15.07
CA LEU J 38 30.70 61.79 14.51
C LEU J 38 31.37 62.08 13.17
N ALA J 39 30.74 62.92 12.34
CA ALA J 39 31.30 63.22 11.02
C ALA J 39 32.55 64.09 11.13
N SER J 40 32.48 65.15 11.93
CA SER J 40 33.59 66.09 12.01
C SER J 40 34.77 65.54 12.82
N THR J 41 34.54 64.49 13.61
CA THR J 41 35.64 63.90 14.38
C THR J 41 36.70 63.31 13.46
N HIS J 42 36.28 62.61 12.41
CA HIS J 42 37.19 61.95 11.48
C HIS J 42 37.20 62.64 10.12
N LYS J 43 36.94 63.94 10.09
CA LYS J 43 36.99 64.75 8.87
C LYS J 43 36.07 64.18 7.79
N ILE J 44 34.85 63.87 8.17
CA ILE J 44 33.82 63.41 7.24
C ILE J 44 32.91 64.59 6.92
N PRO J 45 33.01 65.18 5.73
CA PRO J 45 32.14 66.32 5.40
C PRO J 45 30.68 65.91 5.34
N LEU J 46 29.82 66.86 5.72
CA LEU J 46 28.38 66.62 5.79
C LEU J 46 27.64 67.20 4.59
N ASN J 47 28.34 67.62 3.55
CA ASN J 47 27.71 68.06 2.32
C ASN J 47 27.56 66.93 1.30
N ILE J 48 27.95 65.71 1.64
CA ILE J 48 27.72 64.53 0.82
C ILE J 48 26.61 63.71 1.46
N ASP J 49 25.61 63.33 0.65
CA ASP J 49 24.52 62.51 1.16
C ASP J 49 25.02 61.16 1.63
N HIS J 50 25.91 60.53 0.87
CA HIS J 50 26.42 59.22 1.24
C HIS J 50 27.18 59.29 2.56
N ASN J 51 27.97 60.35 2.75
CA ASN J 51 28.58 60.57 4.06
C ASN J 51 27.51 60.73 5.13
N CYS J 52 26.45 61.49 4.83
CA CYS J 52 25.37 61.67 5.79
C CYS J 52 24.58 60.38 5.97
N GLU J 53 24.24 59.70 4.87
CA GLU J 53 23.44 58.48 4.97
C GLU J 53 24.18 57.40 5.75
N VAL J 54 25.46 57.19 5.43
CA VAL J 54 26.21 56.13 6.10
C VAL J 54 26.45 56.49 7.57
N ILE J 55 26.90 57.71 7.84
CA ILE J 55 27.07 58.15 9.22
C ILE J 55 25.74 58.12 9.95
N GLY J 56 24.69 58.60 9.30
CA GLY J 56 23.36 58.52 9.89
C GLY J 56 22.91 57.09 10.09
N SER J 57 23.27 56.20 9.15
CA SER J 57 23.00 54.79 9.36
C SER J 57 23.74 54.27 10.59
N ILE J 58 24.97 54.74 10.78
CA ILE J 58 25.68 54.47 12.03
C ILE J 58 24.96 55.15 13.20
N ILE J 59 24.39 56.33 12.95
CA ILE J 59 23.71 57.06 14.02
C ILE J 59 22.47 56.31 14.50
N MET J 60 21.63 55.85 13.56
CA MET J 60 20.43 55.12 14.00
C MET J 60 20.79 53.76 14.56
N ALA J 61 21.95 53.22 14.18
CA ALA J 61 22.41 51.97 14.77
C ALA J 61 22.63 52.13 16.26
N ALA J 62 23.22 53.26 16.68
CA ALA J 62 23.38 53.54 18.10
C ALA J 62 22.06 53.86 18.79
N CYS J 63 21.05 54.31 18.04
CA CYS J 63 19.81 54.78 18.66
C CYS J 63 19.01 53.62 19.25
N THR J 64 18.77 52.56 18.48
CA THR J 64 17.90 51.48 18.91
C THR J 64 18.63 50.15 19.05
N ASN J 65 19.28 49.66 17.99
CA ASN J 65 19.99 48.38 18.03
C ASN J 65 21.47 48.64 18.32
N ASN J 66 21.74 48.97 19.59
CA ASN J 66 23.04 49.49 19.98
C ASN J 66 24.16 48.48 19.77
N ARG J 67 23.84 47.19 19.69
CA ARG J 67 24.84 46.15 19.59
C ARG J 67 25.21 45.78 18.16
N ASP J 68 24.47 46.27 17.16
CA ASP J 68 24.76 45.91 15.78
C ASP J 68 26.03 46.59 15.28
N LEU J 69 26.21 47.88 15.58
CA LEU J 69 27.35 48.61 15.08
C LEU J 69 28.54 48.44 16.02
N ARG J 70 29.76 48.41 15.42
CA ARG J 70 30.98 48.28 16.18
CA ARG J 70 30.98 48.28 16.18
C ARG J 70 31.40 49.63 16.77
N PRO J 71 32.07 49.62 17.92
CA PRO J 71 32.57 50.90 18.46
C PRO J 71 33.55 51.58 17.52
N VAL J 72 34.37 50.82 16.80
CA VAL J 72 35.22 51.32 15.74
C VAL J 72 35.04 50.42 14.53
N ASP J 73 34.78 51.03 13.38
CA ASP J 73 34.54 50.25 12.17
C ASP J 73 34.74 51.15 10.95
N LYS J 74 35.06 50.53 9.83
CA LYS J 74 35.29 51.23 8.57
C LYS J 74 34.03 51.17 7.72
N TYR J 75 33.59 52.33 7.25
CA TYR J 75 32.40 52.43 6.40
C TYR J 75 32.76 53.23 5.16
N TRP J 76 31.92 53.09 4.13
CA TRP J 76 32.15 53.80 2.88
C TRP J 76 31.84 55.28 3.04
N PHE J 77 32.82 56.12 2.72
CA PHE J 77 32.69 57.57 2.90
C PHE J 77 33.28 58.28 1.70
N LEU J 78 32.86 59.53 1.51
CA LEU J 78 33.37 60.40 0.45
C LEU J 78 34.37 61.37 1.08
N MET J 79 35.65 61.06 0.98
CA MET J 79 36.71 61.86 1.59
C MET J 79 37.40 62.70 0.52
N GLY J 80 37.43 64.01 0.72
CA GLY J 80 38.07 64.93 -0.19
C GLY J 80 37.65 66.36 0.06
N PRO J 81 38.61 67.28 -0.01
CA PRO J 81 38.30 68.69 0.26
C PRO J 81 37.84 69.43 -0.98
N ALA J 82 36.72 70.15 -0.87
CA ALA J 82 36.20 71.02 -1.92
C ALA J 82 35.95 70.23 -3.21
N GLY J 83 35.05 69.25 -3.11
CA GLY J 83 34.63 68.48 -4.27
C GLY J 83 35.56 67.37 -4.69
N ALA J 84 36.66 67.15 -3.98
CA ALA J 84 37.62 66.09 -4.31
C ALA J 84 37.32 64.79 -3.59
N GLU J 85 36.06 64.55 -3.23
CA GLU J 85 35.70 63.35 -2.48
C GLU J 85 35.82 62.11 -3.37
N VAL J 86 36.45 61.07 -2.82
CA VAL J 86 36.62 59.79 -3.51
C VAL J 86 36.15 58.69 -2.57
N MET J 87 35.71 57.58 -3.15
CA MET J 87 35.20 56.47 -2.35
C MET J 87 36.34 55.79 -1.59
N THR J 88 36.13 55.63 -0.28
CA THR J 88 37.10 54.97 0.58
C THR J 88 36.41 54.55 1.86
N GLU J 89 37.03 53.62 2.58
CA GLU J 89 36.54 53.18 3.88
C GLU J 89 37.39 53.84 4.96
N VAL J 90 36.73 54.56 5.87
CA VAL J 90 37.39 55.30 6.94
C VAL J 90 36.86 54.78 8.26
N GLU J 91 37.78 54.36 9.14
CA GLU J 91 37.39 53.97 10.48
C GLU J 91 36.96 55.18 11.29
N ILE J 92 35.90 55.02 12.08
CA ILE J 92 35.37 56.10 12.91
C ILE J 92 35.14 55.55 14.31
N ASP J 93 35.15 56.46 15.29
CA ASP J 93 34.92 56.12 16.68
C ASP J 93 33.50 56.55 17.04
N ILE J 94 32.64 55.57 17.36
CA ILE J 94 31.24 55.84 17.62
C ILE J 94 30.93 55.81 19.12
N GLN J 95 31.90 55.41 19.96
CA GLN J 95 31.67 55.35 21.41
C GLN J 95 31.14 56.65 22.01
N PRO J 96 31.63 57.84 21.65
CA PRO J 96 30.97 59.06 22.18
C PRO J 96 29.50 59.16 21.81
N GLN J 97 29.12 58.70 20.62
CA GLN J 97 27.71 58.72 20.23
C GLN J 97 26.94 57.58 20.88
N LEU J 98 27.60 56.45 21.16
CA LEU J 98 26.92 55.31 21.76
C LEU J 98 26.41 55.64 23.16
N GLN J 99 27.23 56.32 23.97
CA GLN J 99 26.86 56.61 25.35
C GLN J 99 25.65 57.55 25.42
N TRP J 100 25.63 58.57 24.55
CA TRP J 100 24.52 59.51 24.58
C TRP J 100 23.21 58.86 24.18
N ALA J 101 23.24 57.97 23.18
CA ALA J 101 22.01 57.35 22.69
C ALA J 101 21.38 56.43 23.73
N LYS J 102 22.19 55.65 24.43
CA LYS J 102 21.64 54.70 25.40
C LYS J 102 21.02 55.41 26.60
N GLY J 103 21.59 56.54 27.01
CA GLY J 103 21.01 57.30 28.10
C GLY J 103 19.69 57.95 27.76
N ALA J 104 19.41 58.14 26.47
CA ALA J 104 18.15 58.72 26.03
C ALA J 104 17.03 57.69 25.91
N VAL J 105 17.33 56.40 26.09
CA VAL J 105 16.32 55.36 25.92
C VAL J 105 15.23 55.50 26.98
N HIS J 106 15.62 55.70 28.24
CA HIS J 106 14.68 55.82 29.33
C HIS J 106 14.80 57.16 30.06
N ASP J 107 15.30 58.18 29.38
CA ASP J 107 15.40 59.50 29.98
C ASP J 107 14.00 60.09 30.15
N PRO J 108 13.60 60.47 31.36
CA PRO J 108 12.24 61.01 31.56
C PRO J 108 12.00 62.32 30.85
N LYS J 109 13.04 63.01 30.39
CA LYS J 109 12.86 64.30 29.73
C LYS J 109 12.06 64.19 28.43
N TYR J 110 12.00 63.00 27.84
CA TYR J 110 11.23 62.79 26.62
C TYR J 110 9.81 62.31 26.89
N LYS J 111 9.45 62.06 28.14
CA LYS J 111 8.11 61.59 28.51
C LYS J 111 7.76 60.29 27.80
N GLY J 112 8.75 59.41 27.60
CA GLY J 112 8.52 58.15 26.93
C GLY J 112 8.36 58.24 25.43
N GLN J 113 8.71 59.37 24.82
CA GLN J 113 8.56 59.58 23.39
C GLN J 113 9.82 59.23 22.61
N TRP J 114 10.86 58.70 23.27
CA TRP J 114 12.10 58.36 22.57
C TRP J 114 11.86 57.25 21.55
N TYR J 115 11.38 56.10 22.01
CA TYR J 115 11.04 55.02 21.08
C TYR J 115 9.99 55.44 20.05
N PRO J 116 8.90 56.15 20.39
CA PRO J 116 8.02 56.66 19.34
C PRO J 116 8.72 57.56 18.33
N PHE J 117 9.68 58.38 18.77
CA PHE J 117 10.38 59.25 17.84
C PHE J 117 11.39 58.48 16.99
N LEU J 118 12.03 57.46 17.55
CA LEU J 118 13.07 56.75 16.82
C LEU J 118 12.51 55.84 15.73
N ALA J 119 11.28 55.34 15.92
CA ALA J 119 10.69 54.46 14.93
C ALA J 119 10.47 55.18 13.61
N LEU J 120 10.06 56.44 13.66
CA LEU J 120 9.88 57.22 12.44
C LEU J 120 11.21 57.43 11.72
N LEU J 121 12.28 57.68 12.48
CA LEU J 121 13.59 57.93 11.87
C LEU J 121 14.10 56.70 11.14
N GLN J 122 13.92 55.52 11.72
CA GLN J 122 14.42 54.29 11.10
C GLN J 122 13.69 54.00 9.79
N ILE J 123 12.37 54.23 9.75
CA ILE J 123 11.60 53.91 8.56
C ILE J 123 11.97 54.86 7.42
N SER J 124 12.02 56.17 7.70
CA SER J 124 12.24 57.15 6.64
C SER J 124 13.62 57.02 6.02
N ASN J 125 14.64 56.78 6.84
CA ASN J 125 16.01 56.73 6.32
C ASN J 125 16.29 55.43 5.57
N LYS J 126 15.74 54.31 6.05
CA LYS J 126 15.85 53.06 5.30
C LYS J 126 14.96 53.04 4.08
N THR J 127 14.02 53.98 3.96
CA THR J 127 13.16 54.04 2.77
C THR J 127 13.99 54.33 1.52
N LYS J 128 14.96 55.24 1.62
CA LYS J 128 15.79 55.56 0.46
C LYS J 128 16.58 54.34 0.00
N ASP J 129 17.11 53.56 0.95
CA ASP J 129 17.81 52.34 0.58
C ASP J 129 16.89 51.38 -0.18
N THR J 130 15.62 51.30 0.24
CA THR J 130 14.65 50.52 -0.50
C THR J 130 14.33 51.16 -1.85
N ILE J 131 14.35 52.49 -1.91
CA ILE J 131 14.14 53.18 -3.18
C ILE J 131 15.28 52.88 -4.14
N LEU J 132 16.52 52.97 -3.64
CA LEU J 132 17.68 52.73 -4.50
C LEU J 132 17.72 51.29 -5.00
N TRP J 133 17.44 50.33 -4.13
CA TRP J 133 17.39 48.92 -4.50
C TRP J 133 15.94 48.45 -4.35
N GLN J 134 15.23 48.39 -5.48
CA GLN J 134 13.81 48.07 -5.48
C GLN J 134 13.59 46.62 -5.10
N LYS J 135 13.13 46.40 -3.87
CA LYS J 135 12.84 45.06 -3.36
C LYS J 135 11.46 45.04 -2.75
N TYR J 136 10.85 43.85 -2.74
CA TYR J 136 9.52 43.64 -2.17
C TYR J 136 9.56 42.45 -1.23
N PRO J 137 10.16 42.61 -0.05
CA PRO J 137 10.32 41.47 0.87
C PRO J 137 9.00 41.01 1.49
N VAL J 138 8.20 41.95 1.98
CA VAL J 138 6.98 41.58 2.72
C VAL J 138 5.95 40.97 1.78
N THR J 139 5.71 41.60 0.64
CA THR J 139 4.66 41.13 -0.26
C THR J 139 4.98 39.75 -0.82
N GLN J 140 6.24 39.51 -1.20
CA GLN J 140 6.62 38.19 -1.67
C GLN J 140 6.51 37.15 -0.56
N GLU J 141 6.92 37.52 0.66
CA GLU J 141 6.76 36.63 1.80
C GLU J 141 5.29 36.43 2.17
N LEU J 142 4.43 37.40 1.82
CA LEU J 142 3.00 37.28 2.03
C LEU J 142 2.26 36.82 0.78
N GLU J 143 2.97 36.21 -0.17
CA GLU J 143 2.42 35.63 -1.40
C GLU J 143 1.34 36.51 -2.04
N ILE J 144 1.57 37.82 -2.06
CA ILE J 144 0.61 38.76 -2.65
C ILE J 144 1.28 39.52 -3.78
N SER J 145 0.54 40.46 -4.38
CA SER J 145 1.09 41.27 -5.46
C SER J 145 2.24 42.12 -4.95
N ASN J 146 3.26 42.29 -5.80
CA ASN J 146 4.43 43.07 -5.41
C ASN J 146 4.15 44.57 -5.38
N SER J 147 3.03 45.02 -5.94
CA SER J 147 2.68 46.43 -5.94
C SER J 147 2.12 46.90 -4.60
N LEU J 148 2.21 46.07 -3.56
CA LEU J 148 1.63 46.41 -2.26
C LEU J 148 2.67 46.75 -1.21
N GLU J 149 3.96 46.79 -1.57
CA GLU J 149 5.00 47.11 -0.59
C GLU J 149 4.85 48.51 -0.02
N ILE J 150 4.09 49.38 -0.70
CA ILE J 150 3.74 50.68 -0.11
C ILE J 150 2.97 50.47 1.19
N TYR J 151 2.07 49.48 1.23
CA TYR J 151 1.38 49.13 2.46
C TYR J 151 2.26 48.32 3.40
N ALA J 152 3.44 47.90 2.93
CA ALA J 152 4.43 47.22 3.77
C ALA J 152 5.49 48.17 4.28
N ASN J 153 5.14 49.42 4.56
CA ASN J 153 6.07 50.36 5.15
C ASN J 153 6.44 49.94 6.56
N GLY J 154 7.66 50.30 6.96
CA GLY J 154 8.12 49.92 8.29
C GLY J 154 8.60 48.50 8.41
N HIS J 155 9.13 47.92 7.34
CA HIS J 155 9.73 46.59 7.40
C HIS J 155 11.20 46.69 7.79
N GLY J 156 11.67 45.68 8.52
CA GLY J 156 13.04 45.67 8.99
C GLY J 156 13.31 46.55 10.18
N ILE J 157 12.27 47.12 10.79
CA ILE J 157 12.43 48.00 11.94
C ILE J 157 12.46 47.16 13.20
N LYS J 158 13.01 47.73 14.27
CA LYS J 158 13.07 47.04 15.55
C LYS J 158 11.66 46.75 16.07
N ASP J 159 11.48 45.56 16.63
CA ASP J 159 10.17 45.18 17.15
C ASP J 159 9.74 46.10 18.28
N ARG J 160 10.69 46.56 19.10
CA ARG J 160 10.36 47.55 20.11
C ARG J 160 9.84 48.84 19.47
N LEU J 161 10.49 49.28 18.39
CA LEU J 161 9.94 50.38 17.61
C LEU J 161 8.62 49.99 16.97
N LYS J 162 8.52 48.76 16.48
CA LYS J 162 7.29 48.29 15.85
C LYS J 162 6.14 48.21 16.85
N ASN J 163 6.46 48.09 18.14
CA ASN J 163 5.43 48.22 19.16
C ASN J 163 5.25 49.66 19.62
N SER J 164 6.31 50.46 19.58
CA SER J 164 6.24 51.86 20.02
C SER J 164 5.47 52.71 19.03
N ARG J 165 5.75 52.57 17.73
CA ARG J 165 5.02 53.26 16.66
C ARG J 165 4.53 52.19 15.68
N PRO J 166 3.47 51.49 16.01
CA PRO J 166 2.97 50.43 15.13
C PRO J 166 2.07 50.97 14.03
N ARG J 167 1.45 52.13 14.29
CA ARG J 167 0.58 52.75 13.31
C ARG J 167 1.37 53.16 12.07
N SER J 168 2.58 53.67 12.26
CA SER J 168 3.43 53.99 11.12
C SER J 168 3.87 52.73 10.38
N VAL J 169 4.17 51.66 11.12
CA VAL J 169 4.55 50.40 10.49
C VAL J 169 3.36 49.86 9.72
N GLY J 170 3.56 49.58 8.43
CA GLY J 170 2.49 49.19 7.56
C GLY J 170 1.83 47.90 7.99
N PRO J 171 0.54 47.74 7.67
CA PRO J 171 -0.16 46.51 8.06
C PRO J 171 0.47 45.24 7.52
N LEU J 172 0.98 45.28 6.28
CA LEU J 172 1.59 44.09 5.71
C LEU J 172 2.80 43.64 6.52
N VAL J 173 3.59 44.59 7.01
CA VAL J 173 4.70 44.23 7.90
C VAL J 173 4.15 43.58 9.17
N HIS J 174 3.11 44.19 9.76
CA HIS J 174 2.44 43.56 10.88
C HIS J 174 1.78 42.26 10.45
N LEU J 175 1.15 42.25 9.27
CA LEU J 175 0.61 41.01 8.73
C LEU J 175 1.71 39.99 8.51
N LEU J 176 2.86 40.44 8.00
CA LEU J 176 4.03 39.56 7.94
C LEU J 176 4.44 39.11 9.33
N HIS J 177 4.53 40.05 10.27
CA HIS J 177 4.82 39.69 11.65
C HIS J 177 3.71 38.84 12.25
N LEU J 178 2.46 39.10 11.88
CA LEU J 178 1.39 38.17 12.24
C LEU J 178 1.64 36.80 11.61
N LYS J 179 2.03 36.77 10.34
CA LYS J 179 2.42 35.52 9.72
C LYS J 179 3.70 34.98 10.35
N ARG J 180 4.68 35.85 10.61
CA ARG J 180 5.92 35.42 11.23
C ARG J 180 5.69 34.86 12.62
N LEU J 181 4.82 35.52 13.41
CA LEU J 181 4.53 35.04 14.75
C LEU J 181 3.90 33.65 14.72
N GLN J 182 2.97 33.42 13.78
CA GLN J 182 2.40 32.08 13.62
C GLN J 182 3.46 31.08 13.17
N GLU J 183 4.36 31.50 12.27
CA GLU J 183 5.40 30.60 11.80
C GLU J 183 6.34 30.19 12.93
N ASN J 184 6.71 31.12 13.80
CA ASN J 184 7.57 30.79 14.94
C ASN J 184 6.79 30.94 16.25
N SER J 188 4.97 31.15 26.26
CA SER J 188 5.43 32.50 25.99
C SER J 188 4.29 33.50 26.08
N PRO J 189 3.97 33.93 27.31
CA PRO J 189 2.88 34.90 27.47
C PRO J 189 3.15 36.25 26.83
N ALA J 190 4.41 36.63 26.67
CA ALA J 190 4.73 37.91 26.04
C ALA J 190 4.41 37.91 24.55
N VAL J 191 4.18 36.74 23.95
CA VAL J 191 3.82 36.67 22.54
C VAL J 191 2.46 37.32 22.32
N ASN J 192 1.56 37.20 23.30
CA ASN J 192 0.25 37.84 23.18
CA ASN J 192 0.25 37.84 23.18
C ASN J 192 0.40 39.34 22.95
N GLY J 193 1.18 40.00 23.81
CA GLY J 193 1.39 41.43 23.63
C GLY J 193 2.06 41.75 22.30
N ILE J 194 2.74 40.76 21.72
CA ILE J 194 3.21 40.90 20.35
C ILE J 194 2.11 40.55 19.35
N ARG J 195 1.32 39.51 19.65
CA ARG J 195 0.30 39.07 18.71
C ARG J 195 -0.91 40.00 18.73
N LYS J 196 -1.52 40.21 19.90
CA LYS J 196 -2.75 41.01 19.94
C LYS J 196 -2.50 42.44 19.48
N SER J 197 -1.33 43.00 19.79
CA SER J 197 -0.99 44.32 19.32
C SER J 197 -0.84 44.33 17.80
N ILE J 198 -0.05 43.40 17.26
CA ILE J 198 0.18 43.35 15.82
C ILE J 198 -1.13 43.14 15.08
N VAL J 199 -1.99 42.27 15.61
CA VAL J 199 -3.35 42.16 15.08
C VAL J 199 -4.09 43.47 15.28
N GLY J 200 -3.94 44.09 16.45
CA GLY J 200 -4.57 45.36 16.70
C GLY J 200 -4.09 46.47 15.78
N HIS J 201 -2.78 46.52 15.51
CA HIS J 201 -2.27 47.49 14.54
C HIS J 201 -2.81 47.22 13.15
N LEU J 202 -2.94 45.94 12.78
CA LEU J 202 -3.59 45.60 11.52
C LEU J 202 -5.04 46.08 11.52
N LYS J 203 -5.75 45.88 12.63
CA LYS J 203 -7.13 46.33 12.70
C LYS J 203 -7.22 47.85 12.78
N ARG J 204 -6.33 48.49 13.54
CA ARG J 204 -6.35 49.94 13.63
C ARG J 204 -6.00 50.59 12.30
N GLN J 205 -5.00 50.04 11.59
CA GLN J 205 -4.59 50.63 10.32
C GLN J 205 -5.64 50.41 9.24
N CYS J 206 -6.15 49.19 9.12
CA CYS J 206 -7.14 48.86 8.09
C CYS J 206 -8.52 49.18 8.64
N ILE J 207 -9.12 50.27 8.14
CA ILE J 207 -10.43 50.71 8.63
C ILE J 207 -11.57 50.03 7.91
N GLY J 208 -11.29 49.19 6.91
CA GLY J 208 -12.36 48.52 6.18
C GLY J 208 -13.15 47.60 7.09
N GLU J 209 -14.48 47.68 7.00
CA GLU J 209 -15.33 46.80 7.79
C GLU J 209 -15.09 45.33 7.44
N THR J 210 -14.96 45.04 6.15
CA THR J 210 -14.62 43.68 5.73
C THR J 210 -13.14 43.37 5.97
N GLN J 211 -12.27 44.38 5.87
CA GLN J 211 -10.84 44.15 6.05
C GLN J 211 -10.52 43.78 7.49
N LYS J 212 -11.20 44.39 8.46
CA LYS J 212 -10.89 44.16 9.86
C LYS J 212 -11.10 42.70 10.24
N ALA J 213 -12.26 42.13 9.87
CA ALA J 213 -12.54 40.74 10.21
C ALA J 213 -11.69 39.80 9.39
N MET J 214 -11.41 40.15 8.14
CA MET J 214 -10.63 39.27 7.27
C MET J 214 -9.15 39.30 7.64
N ILE J 215 -8.75 40.29 8.45
CA ILE J 215 -7.43 40.24 9.09
C ILE J 215 -7.44 39.24 10.25
N ASN J 216 -8.55 39.18 10.98
CA ASN J 216 -8.63 38.30 12.14
C ASN J 216 -8.49 36.83 11.75
N GLN J 217 -9.00 36.46 10.56
CA GLN J 217 -8.84 35.09 10.11
C GLN J 217 -7.39 34.80 9.74
N PHE J 218 -6.61 35.83 9.39
CA PHE J 218 -5.18 35.67 9.26
C PHE J 218 -4.54 35.33 10.60
N GLU J 219 -5.02 35.96 11.67
CA GLU J 219 -4.53 35.63 13.01
C GLU J 219 -4.83 34.18 13.35
N MET J 220 -5.95 33.64 12.86
CA MET J 220 -6.26 32.24 13.06
C MET J 220 -5.22 31.34 12.39
N GLY J 221 -4.77 31.71 11.20
CA GLY J 221 -3.73 30.96 10.51
C GLY J 221 -4.03 30.64 9.06
N ARG J 222 -5.17 31.04 8.50
CA ARG J 222 -5.48 30.76 7.10
C ARG J 222 -5.19 32.00 6.26
N TRP J 223 -4.62 31.78 5.08
CA TRP J 223 -4.21 32.88 4.22
C TRP J 223 -4.72 32.69 2.79
N GLU J 224 -5.93 32.14 2.65
CA GLU J 224 -6.56 32.02 1.35
C GLU J 224 -7.10 33.36 0.87
N SER J 225 -7.57 34.20 1.81
CA SER J 225 -7.98 35.57 1.51
C SER J 225 -6.81 36.54 1.53
N LEU J 226 -5.59 36.03 1.70
CA LEU J 226 -4.41 36.90 1.63
C LEU J 226 -4.30 37.54 0.26
N SER J 227 -4.59 36.78 -0.81
CA SER J 227 -4.68 37.37 -2.13
C SER J 227 -5.87 38.31 -2.24
N THR J 228 -6.95 38.04 -1.50
CA THR J 228 -8.03 39.01 -1.40
C THR J 228 -7.56 40.28 -0.70
N PHE J 229 -6.76 40.13 0.36
CA PHE J 229 -6.13 41.29 0.99
C PHE J 229 -5.24 42.03 0.01
N ALA J 230 -4.63 41.30 -0.93
CA ALA J 230 -3.86 41.94 -1.99
C ALA J 230 -4.75 42.84 -2.84
N ALA J 231 -5.93 42.34 -3.22
CA ALA J 231 -6.86 43.16 -3.99
C ALA J 231 -7.57 44.17 -3.11
N SER J 232 -7.86 43.83 -1.85
CA SER J 232 -8.53 44.76 -0.96
C SER J 232 -7.67 45.98 -0.68
N LEU J 233 -6.37 45.77 -0.42
CA LEU J 233 -5.50 46.90 -0.11
C LEU J 233 -5.47 47.91 -1.24
N LEU J 234 -5.42 47.44 -2.49
CA LEU J 234 -5.51 48.35 -3.62
C LEU J 234 -6.85 49.07 -3.64
N ALA J 235 -7.91 48.39 -3.21
CA ALA J 235 -9.24 49.01 -3.22
C ALA J 235 -9.45 49.88 -1.99
N ILE J 236 -9.46 49.29 -0.80
CA ILE J 236 -9.60 50.04 0.44
CA ILE J 236 -9.61 50.02 0.45
C ILE J 236 -8.22 50.38 0.96
N LYS J 237 -7.99 51.67 1.24
CA LYS J 237 -6.70 52.14 1.69
C LYS J 237 -6.67 52.19 3.20
N PRO J 238 -5.85 51.37 3.86
CA PRO J 238 -5.79 51.41 5.33
C PRO J 238 -5.23 52.72 5.83
N ARG J 239 -5.64 53.09 7.05
CA ARG J 239 -5.08 54.27 7.71
C ARG J 239 -3.59 54.07 7.96
N ILE J 240 -2.78 54.97 7.40
CA ILE J 240 -1.34 54.95 7.59
C ILE J 240 -0.96 56.31 8.18
N GLU J 241 -0.67 56.33 9.47
CA GLU J 241 -0.25 57.56 10.11
C GLU J 241 1.11 57.99 9.58
N ASN J 242 1.26 59.30 9.36
CA ASN J 242 2.49 59.86 8.82
C ASN J 242 2.98 60.98 9.72
N HIS J 243 4.28 61.22 9.66
CA HIS J 243 4.89 62.34 10.36
C HIS J 243 6.06 62.85 9.51
N PHE J 244 6.20 64.17 9.46
CA PHE J 244 7.21 64.80 8.62
C PHE J 244 8.54 64.81 9.37
N VAL J 245 9.45 63.92 8.97
CA VAL J 245 10.76 63.79 9.60
C VAL J 245 11.84 63.94 8.53
N LEU J 246 12.84 64.75 8.82
CA LEU J 246 13.92 64.99 7.88
C LEU J 246 14.91 63.82 7.88
N THR J 247 15.80 63.84 6.90
CA THR J 247 16.83 62.81 6.77
C THR J 247 18.18 63.34 7.26
N TYR J 248 19.15 62.43 7.32
CA TYR J 248 20.48 62.79 7.78
C TYR J 248 21.14 63.88 6.94
N PRO J 249 21.09 63.85 5.61
CA PRO J 249 21.65 64.99 4.86
C PRO J 249 20.96 66.30 5.16
N LEU J 250 19.66 66.28 5.47
CA LEU J 250 18.94 67.50 5.79
C LEU J 250 19.09 67.88 7.26
N ILE J 251 19.13 66.89 8.15
CA ILE J 251 19.29 67.17 9.57
C ILE J 251 20.62 67.85 9.84
N ALA J 252 21.70 67.32 9.24
CA ALA J 252 23.01 67.94 9.39
C ALA J 252 23.08 69.32 8.76
N ASN J 253 22.21 69.62 7.80
CA ASN J 253 22.20 70.91 7.12
C ASN J 253 21.09 71.83 7.61
N CYS J 254 20.34 71.44 8.63
CA CYS J 254 19.26 72.26 9.17
C CYS J 254 19.77 72.96 10.44
N GLU J 255 19.78 74.29 10.42
CA GLU J 255 20.27 75.09 11.52
CA GLU J 255 20.27 75.08 11.53
C GLU J 255 19.17 75.69 12.36
N ASP J 256 17.90 75.43 12.05
CA ASP J 256 16.78 75.99 12.78
C ASP J 256 15.85 74.89 13.23
N PHE J 257 15.53 74.88 14.53
CA PHE J 257 14.60 73.90 15.09
C PHE J 257 13.66 74.53 16.12
N ALA J 258 13.44 75.84 16.06
CA ALA J 258 12.61 76.50 17.07
C ALA J 258 11.16 76.03 17.00
N GLY J 259 10.61 75.90 15.79
CA GLY J 259 9.24 75.47 15.64
C GLY J 259 9.12 74.07 15.08
N ALA J 260 10.02 73.19 15.49
CA ALA J 260 10.07 71.82 14.98
C ALA J 260 8.92 71.02 15.55
N THR J 261 7.83 70.90 14.79
CA THR J 261 6.69 70.07 15.15
C THR J 261 6.44 69.08 14.02
N LEU J 262 5.31 68.37 14.11
CA LEU J 262 5.02 67.29 13.19
C LEU J 262 3.73 67.47 12.40
N SER J 263 2.99 68.56 12.62
CA SER J 263 1.69 68.73 11.97
C SER J 263 1.50 70.16 11.46
N ASP J 264 2.53 70.72 10.83
CA ASP J 264 2.41 72.04 10.22
C ASP J 264 3.36 72.13 9.03
N GLU J 265 3.59 73.35 8.57
CA GLU J 265 4.42 73.63 7.40
C GLU J 265 5.88 73.88 7.76
N TRP J 266 6.26 73.70 9.03
CA TRP J 266 7.63 73.98 9.43
C TRP J 266 8.61 73.08 8.69
N VAL J 267 8.27 71.79 8.53
CA VAL J 267 9.15 70.87 7.81
C VAL J 267 9.27 71.28 6.35
N PHE J 268 8.16 71.67 5.73
CA PHE J 268 8.20 72.13 4.34
C PHE J 268 9.04 73.40 4.22
N LYS J 269 8.87 74.33 5.16
CA LYS J 269 9.69 75.55 5.14
C LYS J 269 11.16 75.23 5.40
N ALA J 270 11.43 74.28 6.29
CA ALA J 270 12.81 73.94 6.61
C ALA J 270 13.54 73.38 5.40
N MET J 271 12.88 72.51 4.63
CA MET J 271 13.51 71.93 3.46
C MET J 271 13.79 73.00 2.40
N GLU J 272 12.87 73.96 2.23
CA GLU J 272 13.11 75.05 1.30
C GLU J 272 14.30 75.89 1.74
N LYS J 273 14.42 76.15 3.05
CA LYS J 273 15.58 76.87 3.56
C LYS J 273 16.86 76.10 3.30
N ILE J 274 16.84 74.79 3.51
CA ILE J 274 18.01 73.96 3.17
C ILE J 274 18.23 73.95 1.66
N SER J 275 17.14 73.85 0.89
CA SER J 275 17.26 73.84 -0.56
C SER J 275 17.84 75.15 -1.08
N ASN J 276 17.39 76.28 -0.53
CA ASN J 276 17.95 77.56 -0.95
C ASN J 276 19.42 77.68 -0.58
N LYS J 277 19.85 76.99 0.47
CA LYS J 277 21.26 77.01 0.85
C LYS J 277 22.13 76.33 -0.20
N LYS J 278 21.64 75.22 -0.77
CA LYS J 278 22.37 74.45 -1.77
C LYS J 278 23.74 74.00 -1.26
N THR J 279 23.79 73.60 0.01
CA THR J 279 25.02 73.15 0.64
C THR J 279 25.12 71.64 0.75
N LEU J 280 24.25 70.89 0.06
CA LEU J 280 24.22 69.44 0.14
C LEU J 280 24.35 68.84 -1.26
N ARG J 281 25.16 67.79 -1.36
CA ARG J 281 25.38 67.07 -2.60
C ARG J 281 24.85 65.64 -2.49
N VAL J 282 24.56 65.04 -3.64
CA VAL J 282 24.02 63.69 -3.71
C VAL J 282 24.99 62.81 -4.48
N CYS J 283 24.92 61.50 -4.21
CA CYS J 283 25.78 60.51 -4.84
C CYS J 283 24.94 59.46 -5.54
N GLY J 284 25.29 59.16 -6.79
CA GLY J 284 24.57 58.16 -7.56
C GLY J 284 25.45 57.50 -8.60
N PRO J 285 24.88 56.56 -9.35
CA PRO J 285 25.67 55.88 -10.39
C PRO J 285 26.19 56.83 -11.45
N ASP J 286 25.42 57.86 -11.79
CA ASP J 286 25.80 58.82 -12.83
C ASP J 286 25.00 60.09 -12.62
N GLU J 287 25.34 61.11 -13.39
CA GLU J 287 24.77 62.44 -13.18
C GLU J 287 23.31 62.54 -13.61
N LYS J 288 22.76 61.53 -14.28
CA LYS J 288 21.34 61.57 -14.61
C LYS J 288 20.45 61.42 -13.40
N TRP J 289 20.99 60.95 -12.28
CA TRP J 289 20.22 60.68 -11.07
C TRP J 289 20.05 61.90 -10.18
N ILE J 290 20.54 63.07 -10.61
CA ILE J 290 20.43 64.26 -9.78
C ILE J 290 18.97 64.62 -9.54
N SER J 291 18.15 64.59 -10.60
CA SER J 291 16.73 64.85 -10.45
C SER J 291 16.03 63.71 -9.73
N PHE J 292 16.41 62.46 -10.04
CA PHE J 292 15.76 61.31 -9.44
C PHE J 292 15.92 61.29 -7.93
N MET J 293 17.12 61.58 -7.44
CA MET J 293 17.36 61.53 -6.00
C MET J 293 16.98 62.83 -5.30
N ASN J 294 16.90 63.95 -6.03
CA ASN J 294 16.25 65.13 -5.48
C ASN J 294 14.79 64.83 -5.16
N GLN J 295 14.12 64.09 -6.05
CA GLN J 295 12.77 63.61 -5.76
C GLN J 295 12.76 62.61 -4.62
N ILE J 296 13.86 61.87 -4.43
CA ILE J 296 13.93 60.90 -3.35
C ILE J 296 13.86 61.59 -2.00
N TYR J 297 14.50 62.76 -1.88
CA TYR J 297 14.43 63.52 -0.64
C TYR J 297 12.99 63.88 -0.29
N ILE J 298 12.22 64.31 -1.29
CA ILE J 298 10.79 64.55 -1.08
C ILE J 298 10.07 63.23 -0.82
N HIS J 299 10.49 62.16 -1.50
CA HIS J 299 9.89 60.85 -1.28
C HIS J 299 10.10 60.37 0.15
N SER J 300 11.31 60.59 0.69
CA SER J 300 11.68 60.01 1.98
C SER J 300 11.20 60.87 3.15
N VAL J 301 11.37 62.19 3.06
CA VAL J 301 11.06 63.05 4.20
C VAL J 301 9.57 63.02 4.53
N PHE J 302 8.73 63.17 3.52
CA PHE J 302 7.29 63.21 3.71
C PHE J 302 6.63 61.83 3.56
N GLN J 303 7.43 60.77 3.43
CA GLN J 303 6.93 59.42 3.21
C GLN J 303 6.04 59.35 1.97
N THR J 304 6.36 60.14 0.96
CA THR J 304 5.59 60.21 -0.29
C THR J 304 6.24 59.40 -1.40
N THR J 305 6.89 58.29 -1.05
CA THR J 305 7.49 57.44 -2.07
C THR J 305 6.43 56.89 -3.02
N GLY J 306 5.31 56.44 -2.48
CA GLY J 306 4.21 55.93 -3.27
C GLY J 306 3.21 56.98 -3.70
N GLU J 307 3.47 58.26 -3.42
CA GLU J 307 2.56 59.32 -3.83
C GLU J 307 2.54 59.43 -5.35
N ASP J 308 1.39 59.83 -5.89
CA ASP J 308 1.27 60.05 -7.32
C ASP J 308 2.27 61.11 -7.77
N LEU J 309 2.97 60.83 -8.87
CA LEU J 309 4.07 61.68 -9.30
C LEU J 309 3.63 63.10 -9.61
N GLY J 310 2.37 63.29 -10.02
CA GLY J 310 1.87 64.64 -10.22
C GLY J 310 1.51 65.35 -8.93
N VAL J 311 1.10 64.59 -7.90
CA VAL J 311 0.86 65.20 -6.59
C VAL J 311 2.13 65.84 -6.08
N LEU J 312 3.25 65.11 -6.15
CA LEU J 312 4.54 65.67 -5.78
C LEU J 312 5.03 66.68 -6.81
N GLU J 313 4.39 66.75 -7.97
CA GLU J 313 4.75 67.76 -8.96
C GLU J 313 4.07 69.09 -8.65
N TRP J 314 2.76 69.08 -8.44
CA TRP J 314 2.04 70.32 -8.15
C TRP J 314 2.41 70.85 -6.77
N VAL J 315 2.51 69.97 -5.77
CA VAL J 315 2.87 70.40 -4.43
C VAL J 315 4.30 70.94 -4.41
N PHE J 316 5.21 70.32 -5.17
CA PHE J 316 6.63 70.66 -5.10
C PHE J 316 7.15 71.28 -6.40
N GLY J 317 6.26 71.71 -7.29
CA GLY J 317 6.66 72.53 -8.42
C GLY J 317 7.65 71.91 -9.38
N GLY J 318 7.74 70.59 -9.44
CA GLY J 318 8.69 69.95 -10.32
C GLY J 318 8.30 68.52 -10.62
N ARG J 319 8.55 68.09 -11.84
CA ARG J 319 8.20 66.74 -12.26
CA ARG J 319 8.20 66.74 -12.26
C ARG J 319 9.02 65.71 -11.47
N PHE J 320 8.40 64.56 -11.25
CA PHE J 320 9.02 63.46 -10.52
C PHE J 320 9.24 62.30 -11.47
N CYS J 321 10.47 61.79 -11.50
CA CYS J 321 10.83 60.70 -12.40
C CYS J 321 10.43 59.35 -11.79
N GLN J 322 10.40 58.34 -12.65
CA GLN J 322 10.09 56.98 -12.23
C GLN J 322 11.37 56.16 -12.09
N ARG J 323 11.25 55.06 -11.34
CA ARG J 323 12.37 54.14 -11.22
C ARG J 323 12.69 53.46 -12.55
N LYS J 324 11.68 53.30 -13.41
CA LYS J 324 11.90 52.69 -14.71
C LYS J 324 12.78 53.55 -15.63
N GLU J 325 12.86 54.85 -15.38
CA GLU J 325 13.68 55.73 -16.19
C GLU J 325 15.17 55.52 -15.97
N PHE J 326 15.56 54.74 -14.95
CA PHE J 326 16.95 54.50 -14.63
C PHE J 326 17.19 53.01 -14.46
N GLY J 327 18.42 52.59 -14.76
CA GLY J 327 18.81 51.20 -14.65
C GLY J 327 19.08 50.79 -13.21
N ARG J 328 19.93 49.78 -13.05
CA ARG J 328 20.30 49.31 -11.72
C ARG J 328 21.09 50.38 -10.98
N TYR J 329 20.78 50.53 -9.70
CA TYR J 329 21.53 51.46 -8.86
C TYR J 329 22.93 50.92 -8.59
N CYS J 330 23.92 51.82 -8.59
CA CYS J 330 25.29 51.42 -8.34
C CYS J 330 25.47 51.00 -6.89
N LYS J 331 26.54 50.26 -6.64
CA LYS J 331 26.79 49.76 -5.29
C LYS J 331 27.09 50.92 -4.35
N LYS J 332 26.83 50.69 -3.05
CA LYS J 332 27.16 51.69 -2.05
C LYS J 332 28.67 51.94 -1.96
N SER J 333 29.48 51.04 -2.53
CA SER J 333 30.92 51.20 -2.60
C SER J 333 31.36 52.05 -3.77
N GLN J 334 30.43 52.51 -4.61
CA GLN J 334 30.80 53.31 -5.79
C GLN J 334 29.86 54.48 -6.03
N THR J 335 29.17 54.97 -5.00
CA THR J 335 28.31 56.14 -5.15
C THR J 335 29.15 57.40 -5.20
N LYS J 336 29.08 58.13 -6.31
CA LYS J 336 29.93 59.28 -6.55
C LYS J 336 29.07 60.55 -6.63
N VAL J 337 29.64 61.66 -6.17
CA VAL J 337 28.93 62.93 -6.16
C VAL J 337 28.54 63.31 -7.58
N ILE J 338 27.26 63.63 -7.77
CA ILE J 338 26.74 63.94 -9.09
C ILE J 338 26.13 65.33 -9.19
N GLY J 339 25.75 65.96 -8.09
CA GLY J 339 25.19 67.30 -8.16
C GLY J 339 24.71 67.77 -6.80
N LEU J 340 24.25 69.01 -6.78
CA LEU J 340 23.75 69.64 -5.57
C LEU J 340 22.29 69.28 -5.35
N PHE J 341 21.94 69.01 -4.09
CA PHE J 341 20.56 68.72 -3.74
C PHE J 341 19.70 69.97 -3.93
N THR J 342 18.57 69.81 -4.60
CA THR J 342 17.64 70.91 -4.81
C THR J 342 16.24 70.48 -4.37
N PHE J 343 15.46 71.46 -3.94
CA PHE J 343 14.09 71.23 -3.48
C PHE J 343 13.29 72.51 -3.65
N GLN J 344 12.00 72.35 -3.90
CA GLN J 344 11.07 73.48 -3.95
C GLN J 344 9.69 72.93 -3.69
N TYR J 345 8.85 73.74 -3.05
CA TYR J 345 7.47 73.34 -2.78
C TYR J 345 6.57 74.56 -2.90
N GLU J 346 5.38 74.35 -3.47
CA GLU J 346 4.39 75.41 -3.57
C GLU J 346 3.16 75.16 -2.70
N TYR J 347 2.99 73.93 -2.20
CA TYR J 347 1.85 73.57 -1.38
C TYR J 347 2.31 72.54 -0.35
N TRP J 348 1.38 72.07 0.48
CA TRP J 348 1.67 71.08 1.51
C TRP J 348 0.33 70.59 2.07
N SER J 349 0.43 69.74 3.09
CA SER J 349 -0.76 69.24 3.78
C SER J 349 -0.36 68.71 5.13
N LYS J 350 -1.34 68.63 6.03
CA LYS J 350 -1.11 67.96 7.30
C LYS J 350 -0.84 66.48 7.04
N PRO J 351 -0.02 65.84 7.88
CA PRO J 351 0.26 64.41 7.67
C PRO J 351 -1.01 63.59 7.75
N LEU J 352 -1.07 62.55 6.91
CA LEU J 352 -2.28 61.74 6.79
C LEU J 352 -2.49 60.96 8.08
N LYS J 353 -3.43 61.44 8.90
CA LYS J 353 -3.70 60.80 10.19
C LYS J 353 -4.59 59.58 10.02
N SER J 354 -5.76 59.76 9.41
CA SER J 354 -6.68 58.68 9.15
C SER J 354 -6.50 58.18 7.71
N ALA J 355 -7.36 57.25 7.31
CA ALA J 355 -7.28 56.71 5.97
C ALA J 355 -7.65 57.78 4.95
N PRO J 356 -6.94 57.85 3.83
CA PRO J 356 -7.28 58.86 2.80
C PRO J 356 -8.69 58.69 2.24
N ARG J 357 -9.16 57.45 2.12
CA ARG J 357 -10.49 57.17 1.60
C ARG J 357 -11.42 56.83 2.76
N SER J 358 -12.53 57.56 2.87
CA SER J 358 -13.49 57.37 3.95
C SER J 358 -14.90 57.28 3.38
N ILE J 359 -15.71 56.41 3.96
CA ILE J 359 -17.09 56.23 3.54
C ILE J 359 -18.06 56.81 4.58
N GLU J 360 -17.56 57.65 5.48
CA GLU J 360 -18.41 58.25 6.51
C GLU J 360 -19.32 59.32 5.92
N ILE J 367 -34.58 59.75 2.92
CA ILE J 367 -35.36 60.70 2.13
C ILE J 367 -36.86 60.50 2.38
N SER J 368 -37.23 60.41 3.65
CA SER J 368 -38.62 60.27 4.05
C SER J 368 -38.74 60.65 5.52
N CYS J 369 -39.89 60.34 6.12
CA CYS J 369 -40.15 60.69 7.51
C CYS J 369 -40.79 59.51 8.24
N ARG J 370 -40.61 59.49 9.56
CA ARG J 370 -41.35 58.61 10.47
C ARG J 370 -41.96 59.50 11.55
N PRO J 371 -43.15 60.06 11.30
CA PRO J 371 -43.78 60.90 12.33
C PRO J 371 -44.12 60.08 13.57
N SER J 372 -43.44 60.35 14.67
CA SER J 372 -43.65 59.63 15.91
C SER J 372 -44.66 60.32 16.82
N PHE J 373 -45.34 61.35 16.33
CA PHE J 373 -46.28 62.13 17.12
C PHE J 373 -47.65 62.04 16.47
N LYS J 374 -48.67 61.82 17.30
CA LYS J 374 -50.00 61.46 16.82
C LYS J 374 -50.71 62.59 16.08
N GLY J 375 -50.21 63.82 16.17
CA GLY J 375 -50.91 64.93 15.55
C GLY J 375 -50.92 64.85 14.04
N LYS J 376 -51.94 65.47 13.45
CA LYS J 376 -52.09 65.45 12.00
C LYS J 376 -51.15 66.45 11.34
N ARG J 377 -50.36 65.97 10.38
CA ARG J 377 -49.39 66.80 9.69
C ARG J 377 -49.49 66.61 8.18
N PRO J 378 -49.21 67.65 7.40
CA PRO J 378 -48.96 67.44 5.97
C PRO J 378 -47.77 66.50 5.77
N SER J 379 -47.90 65.63 4.77
CA SER J 379 -46.85 64.67 4.43
C SER J 379 -46.12 65.12 3.18
N TYR J 380 -44.82 64.84 3.12
CA TYR J 380 -43.97 65.30 2.03
C TYR J 380 -43.16 64.14 1.48
N ASN J 381 -42.87 64.22 0.17
CA ASN J 381 -42.16 63.17 -0.55
C ASN J 381 -40.83 63.70 -1.05
N ASN J 382 -39.76 62.95 -0.78
CA ASN J 382 -38.43 63.28 -1.28
C ASN J 382 -37.98 62.35 -2.39
N PHE J 383 -38.81 61.37 -2.76
CA PHE J 383 -38.49 60.41 -3.80
C PHE J 383 -39.72 60.18 -4.65
N THR J 384 -39.52 60.02 -5.97
CA THR J 384 -40.65 59.79 -6.86
C THR J 384 -41.20 58.37 -6.72
N SER J 385 -40.33 57.38 -6.62
CA SER J 385 -40.75 55.99 -6.54
C SER J 385 -39.72 55.13 -5.83
N SER J 399 -22.21 37.23 0.06
CA SER J 399 -21.15 36.39 0.60
C SER J 399 -20.05 37.24 1.23
N PHE J 400 -19.09 36.58 1.88
CA PHE J 400 -17.99 37.30 2.50
C PHE J 400 -17.13 37.99 1.46
N TYR J 401 -16.72 37.27 0.41
CA TYR J 401 -15.94 37.88 -0.66
C TYR J 401 -16.76 38.92 -1.40
N ASP J 402 -18.06 38.69 -1.57
CA ASP J 402 -18.93 39.69 -2.18
C ASP J 402 -18.96 40.96 -1.34
N GLN J 403 -19.06 40.81 -0.02
CA GLN J 403 -19.01 41.97 0.87
C GLN J 403 -17.67 42.67 0.79
N VAL J 404 -16.58 41.90 0.70
CA VAL J 404 -15.26 42.49 0.46
C VAL J 404 -15.26 43.22 -0.88
N ARG J 405 -15.75 42.56 -1.93
CA ARG J 405 -15.81 43.20 -3.23
C ARG J 405 -16.78 44.38 -3.22
N GLU J 406 -17.89 44.26 -2.48
CA GLU J 406 -18.81 45.38 -2.34
C GLU J 406 -18.11 46.58 -1.70
N GLU J 407 -17.36 46.34 -0.62
CA GLU J 407 -16.54 47.40 -0.05
C GLU J 407 -15.41 47.78 -1.00
N CYS J 408 -14.83 46.80 -1.69
CA CYS J 408 -13.79 47.11 -2.66
C CYS J 408 -14.32 47.97 -3.81
N GLN J 409 -15.52 47.66 -4.30
CA GLN J 409 -16.11 48.46 -5.35
C GLN J 409 -16.59 49.81 -4.82
N LYS J 410 -16.98 49.87 -3.54
CA LYS J 410 -17.34 51.14 -2.94
C LYS J 410 -16.16 52.10 -2.91
N TYR J 411 -14.96 51.59 -2.61
CA TYR J 411 -13.78 52.43 -2.60
C TYR J 411 -13.26 52.72 -4.01
N MET J 412 -13.66 51.93 -5.00
CA MET J 412 -13.50 52.34 -6.39
C MET J 412 -14.35 53.57 -6.70
N ASP J 413 -15.55 53.63 -6.12
CA ASP J 413 -16.41 54.79 -6.33
C ASP J 413 -15.82 56.04 -5.72
N LEU J 414 -15.10 55.92 -4.59
CA LEU J 414 -14.47 57.07 -3.97
C LEU J 414 -13.39 57.64 -4.88
N LYS J 415 -13.42 58.95 -5.07
CA LYS J 415 -12.45 59.64 -5.91
C LYS J 415 -11.64 60.68 -5.17
N VAL J 416 -12.10 61.15 -4.00
CA VAL J 416 -11.40 62.15 -3.21
C VAL J 416 -10.66 61.44 -2.08
N GLU J 417 -9.44 61.88 -1.81
CA GLU J 417 -8.60 61.31 -0.76
C GLU J 417 -8.20 62.39 0.23
N GLY J 418 -7.33 62.01 1.18
CA GLY J 418 -6.92 62.91 2.23
C GLY J 418 -7.92 62.93 3.38
N THR J 419 -7.64 63.80 4.34
CA THR J 419 -8.50 63.96 5.51
C THR J 419 -9.28 65.26 5.49
N THR J 420 -8.59 66.41 5.40
CA THR J 420 -9.26 67.70 5.34
C THR J 420 -9.02 68.38 3.99
N CYS J 421 -7.76 68.62 3.62
CA CYS J 421 -7.43 69.36 2.41
C CYS J 421 -5.92 69.45 2.28
N PHE J 422 -5.47 69.95 1.13
CA PHE J 422 -4.10 70.37 0.93
C PHE J 422 -3.95 71.84 1.31
N TYR J 423 -2.73 72.23 1.69
CA TYR J 423 -2.46 73.59 2.13
C TYR J 423 -1.38 74.21 1.27
N ARG J 424 -1.55 75.50 0.96
CA ARG J 424 -0.60 76.23 0.14
C ARG J 424 0.63 76.63 0.95
N LYS J 425 1.74 76.84 0.25
CA LYS J 425 2.97 77.28 0.89
C LYS J 425 2.77 78.62 1.60
N GLY J 426 3.31 78.73 2.81
CA GLY J 426 3.21 79.94 3.60
C GLY J 426 2.14 79.93 4.66
N GLY J 427 1.41 78.84 4.82
CA GLY J 427 0.36 78.78 5.82
C GLY J 427 -0.47 77.53 5.65
N HIS J 428 -1.56 77.49 6.41
CA HIS J 428 -2.51 76.37 6.38
C HIS J 428 -3.79 76.73 5.65
N VAL J 429 -3.68 77.49 4.56
CA VAL J 429 -4.85 77.85 3.76
C VAL J 429 -5.35 76.61 3.03
N GLU J 430 -6.65 76.33 3.14
CA GLU J 430 -7.21 75.13 2.54
C GLU J 430 -7.25 75.25 1.03
N VAL J 431 -6.60 74.30 0.35
CA VAL J 431 -6.53 74.26 -1.11
C VAL J 431 -6.94 72.86 -1.55
N GLU J 432 -7.96 72.78 -2.41
CA GLU J 432 -8.40 71.52 -2.97
CA GLU J 432 -8.40 71.52 -2.97
C GLU J 432 -7.92 71.40 -4.42
N PHE J 433 -7.38 70.23 -4.74
CA PHE J 433 -6.74 70.03 -6.04
C PHE J 433 -7.79 70.01 -7.16
N PRO J 434 -7.53 70.69 -8.30
CA PRO J 434 -8.47 70.64 -9.42
C PRO J 434 -8.25 69.52 -10.43
N GLY J 435 -7.02 69.09 -10.63
CA GLY J 435 -6.67 68.15 -11.68
C GLY J 435 -5.31 68.46 -12.26
N SER J 436 -4.63 67.40 -12.72
CA SER J 436 -3.24 67.51 -13.17
C SER J 436 -3.07 66.72 -14.47
N ALA J 437 -1.82 66.56 -14.90
CA ALA J 437 -1.48 65.92 -16.16
C ALA J 437 -0.65 64.65 -15.98
N HIS J 438 0.25 64.60 -15.00
CA HIS J 438 1.06 63.42 -14.74
C HIS J 438 0.34 62.41 -13.85
N CYS J 439 -0.98 62.41 -13.90
CA CYS J 439 -1.84 61.60 -13.03
C CYS J 439 -1.60 60.10 -13.24
N ASN J 440 -2.18 59.30 -12.35
CA ASN J 440 -2.36 57.86 -12.55
C ASN J 440 -1.05 57.06 -12.44
N THR J 441 0.07 57.73 -12.17
CA THR J 441 1.37 57.09 -12.16
C THR J 441 2.03 57.20 -10.80
N TYR J 442 2.58 56.08 -10.31
CA TYR J 442 3.35 56.04 -9.09
C TYR J 442 4.85 56.02 -9.41
N LEU J 443 5.66 56.16 -8.37
CA LEU J 443 7.11 56.05 -8.55
C LEU J 443 7.49 54.65 -9.04
N PHE J 444 6.90 53.63 -8.45
CA PHE J 444 7.10 52.25 -8.87
C PHE J 444 5.98 51.74 -9.77
N GLY J 445 5.01 52.58 -10.10
CA GLY J 445 3.89 52.17 -10.93
C GLY J 445 4.13 52.41 -12.41
N THR K 20 43.17 43.59 -25.09
CA THR K 20 42.98 42.16 -24.86
C THR K 20 43.40 41.35 -26.08
N GLU K 21 43.03 41.83 -27.26
CA GLU K 21 43.37 41.16 -28.51
C GLU K 21 44.63 41.70 -29.16
N SER K 22 45.31 42.66 -28.52
CA SER K 22 46.52 43.24 -29.11
C SER K 22 47.64 42.21 -29.18
N GLN K 23 47.80 41.39 -28.15
CA GLN K 23 48.89 40.43 -28.06
C GLN K 23 48.56 39.09 -28.72
N ILE K 24 47.33 38.92 -29.22
CA ILE K 24 46.96 37.65 -29.86
C ILE K 24 47.82 37.32 -31.06
N PRO K 25 48.09 38.25 -32.00
CA PRO K 25 48.89 37.87 -33.18
C PRO K 25 50.26 37.31 -32.85
N LYS K 26 50.93 37.85 -31.83
CA LYS K 26 52.27 37.38 -31.51
C LYS K 26 52.25 36.06 -30.74
N MET K 27 51.21 35.82 -29.93
CA MET K 27 51.16 34.59 -29.14
C MET K 27 51.03 33.36 -30.02
N TYR K 28 50.23 33.43 -31.08
CA TYR K 28 50.07 32.29 -31.97
C TYR K 28 51.38 31.92 -32.65
N GLU K 29 52.17 32.92 -33.05
CA GLU K 29 53.43 32.64 -33.74
C GLU K 29 54.43 31.96 -32.80
N MET K 30 54.62 32.52 -31.60
CA MET K 30 55.60 31.96 -30.68
C MET K 30 55.17 30.59 -30.15
N ILE K 31 53.87 30.39 -29.93
CA ILE K 31 53.38 29.06 -29.57
C ILE K 31 53.65 28.07 -30.70
N ARG K 32 53.35 28.47 -31.93
CA ARG K 32 53.56 27.59 -33.07
C ARG K 32 55.04 27.29 -33.30
N ASP K 33 55.90 28.30 -33.10
CA ASP K 33 57.33 28.14 -33.38
C ASP K 33 57.92 27.02 -32.52
N GLN K 34 57.63 27.04 -31.22
CA GLN K 34 58.06 25.95 -30.35
C GLN K 34 57.19 24.71 -30.50
N MET K 35 55.95 24.87 -31.00
CA MET K 35 55.14 23.72 -31.34
C MET K 35 55.80 22.90 -32.44
N ARG K 36 56.31 23.58 -33.47
CA ARG K 36 57.03 22.89 -34.53
C ARG K 36 58.44 22.50 -34.09
N THR K 37 59.08 23.31 -33.24
CA THR K 37 60.43 23.01 -32.80
C THR K 37 60.50 21.68 -32.06
N LEU K 38 59.54 21.45 -31.15
CA LEU K 38 59.53 20.19 -30.40
C LEU K 38 59.30 19.00 -31.33
N ALA K 39 58.38 19.13 -32.29
CA ALA K 39 58.10 18.03 -33.19
C ALA K 39 59.22 17.82 -34.20
N SER K 40 59.72 18.92 -34.80
CA SER K 40 60.73 18.79 -35.84
C SER K 40 62.10 18.40 -35.28
N THR K 41 62.33 18.60 -33.98
CA THR K 41 63.61 18.20 -33.39
C THR K 41 63.80 16.69 -33.48
N HIS K 42 62.74 15.93 -33.22
CA HIS K 42 62.80 14.47 -33.21
C HIS K 42 62.07 13.86 -34.40
N LYS K 43 61.95 14.63 -35.49
CA LYS K 43 61.34 14.15 -36.74
C LYS K 43 59.92 13.67 -36.53
N ILE K 44 59.15 14.44 -35.74
CA ILE K 44 57.74 14.15 -35.52
C ILE K 44 56.94 14.96 -36.54
N PRO K 45 56.32 14.32 -37.53
CA PRO K 45 55.58 15.08 -38.55
C PRO K 45 54.39 15.80 -37.95
N LEU K 46 54.12 16.99 -38.48
CA LEU K 46 53.02 17.83 -38.00
C LEU K 46 51.79 17.75 -38.89
N ASN K 47 51.76 16.81 -39.83
CA ASN K 47 50.60 16.61 -40.68
C ASN K 47 49.66 15.51 -40.17
N ILE K 48 49.90 15.00 -38.97
CA ILE K 48 48.99 14.07 -38.31
C ILE K 48 48.37 14.77 -37.09
N ASP K 49 47.06 14.58 -36.91
CA ASP K 49 46.39 15.19 -35.77
C ASP K 49 46.94 14.66 -34.45
N HIS K 50 47.16 13.34 -34.37
CA HIS K 50 47.57 12.74 -33.10
C HIS K 50 48.95 13.24 -32.68
N ASN K 51 49.89 13.34 -33.63
CA ASN K 51 51.20 13.87 -33.30
C ASN K 51 51.10 15.29 -32.75
N CYS K 52 50.36 16.15 -33.44
CA CYS K 52 50.24 17.54 -33.01
C CYS K 52 49.55 17.64 -31.66
N GLU K 53 48.44 16.90 -31.49
CA GLU K 53 47.71 16.97 -30.23
C GLU K 53 48.55 16.46 -29.07
N VAL K 54 49.28 15.36 -29.27
CA VAL K 54 50.16 14.86 -28.21
C VAL K 54 51.32 15.81 -28.00
N ILE K 55 51.94 16.29 -29.08
CA ILE K 55 52.96 17.34 -28.95
C ILE K 55 52.38 18.55 -28.26
N GLY K 56 51.19 18.97 -28.68
CA GLY K 56 50.53 20.09 -28.03
C GLY K 56 50.15 19.79 -26.59
N SER K 57 49.77 18.54 -26.31
CA SER K 57 49.55 18.14 -24.91
C SER K 57 50.84 18.28 -24.11
N ILE K 58 51.99 18.04 -24.74
CA ILE K 58 53.26 18.38 -24.13
C ILE K 58 53.44 19.89 -24.10
N ILE K 59 52.99 20.59 -25.15
CA ILE K 59 53.12 22.05 -25.20
C ILE K 59 52.30 22.70 -24.10
N MET K 60 51.05 22.25 -23.89
CA MET K 60 50.25 22.84 -22.83
C MET K 60 50.86 22.54 -21.46
N ALA K 61 51.51 21.38 -21.32
CA ALA K 61 52.10 21.02 -20.03
C ALA K 61 53.21 21.99 -19.63
N ALA K 62 54.06 22.36 -20.58
CA ALA K 62 55.14 23.29 -20.27
C ALA K 62 54.61 24.69 -19.98
N CYS K 63 53.48 25.06 -20.57
CA CYS K 63 52.98 26.43 -20.44
C CYS K 63 52.39 26.70 -19.06
N THR K 64 51.63 25.74 -18.52
CA THR K 64 50.85 25.99 -17.31
C THR K 64 51.37 25.21 -16.11
N ASN K 65 51.43 23.88 -16.20
CA ASN K 65 51.87 23.03 -15.10
C ASN K 65 53.25 22.46 -15.42
N ASN K 66 54.28 23.24 -15.09
CA ASN K 66 55.65 22.89 -15.46
C ASN K 66 56.14 21.64 -14.73
N ARG K 67 55.60 21.35 -13.56
CA ARG K 67 56.10 20.27 -12.71
C ARG K 67 55.51 18.91 -13.06
N ASP K 68 54.61 18.83 -14.04
CA ASP K 68 53.97 17.57 -14.38
C ASP K 68 54.76 16.77 -15.42
N LEU K 69 55.00 17.35 -16.58
CA LEU K 69 55.66 16.63 -17.67
C LEU K 69 57.15 16.45 -17.37
N ARG K 70 57.67 15.29 -17.76
CA ARG K 70 59.07 14.98 -17.58
CA ARG K 70 59.07 14.98 -17.58
C ARG K 70 59.93 15.75 -18.58
N PRO K 71 61.16 16.11 -18.21
CA PRO K 71 62.05 16.78 -19.18
C PRO K 71 62.31 15.94 -20.42
N VAL K 72 62.42 14.61 -20.25
CA VAL K 72 62.50 13.68 -21.36
C VAL K 72 61.51 12.56 -21.10
N ASP K 73 60.69 12.25 -22.10
CA ASP K 73 59.66 11.22 -21.94
C ASP K 73 59.23 10.73 -23.31
N LYS K 74 58.59 9.58 -23.33
CA LYS K 74 58.13 8.94 -24.56
C LYS K 74 56.61 9.11 -24.67
N TYR K 75 56.16 9.57 -25.83
CA TYR K 75 54.75 9.80 -26.09
C TYR K 75 54.39 9.16 -27.43
N TRP K 76 53.09 9.00 -27.65
CA TRP K 76 52.59 8.35 -28.87
C TRP K 76 52.61 9.34 -30.04
N PHE K 77 53.28 8.96 -31.11
CA PHE K 77 53.35 9.77 -32.33
C PHE K 77 53.29 8.86 -33.54
N LEU K 78 53.09 9.48 -34.71
CA LEU K 78 53.05 8.77 -35.99
C LEU K 78 54.41 8.94 -36.66
N MET K 79 55.21 7.88 -36.66
CA MET K 79 56.53 7.89 -37.29
C MET K 79 56.43 7.17 -38.65
N GLY K 80 56.74 7.89 -39.71
CA GLY K 80 56.74 7.32 -41.04
C GLY K 80 56.70 8.39 -42.12
N PRO K 81 57.46 8.19 -43.19
CA PRO K 81 57.48 9.17 -44.28
C PRO K 81 56.44 8.90 -45.35
N ALA K 82 55.74 9.94 -45.78
CA ALA K 82 54.80 9.88 -46.91
C ALA K 82 53.73 8.82 -46.69
N GLY K 83 52.98 8.98 -45.60
CA GLY K 83 51.85 8.14 -45.32
C GLY K 83 52.15 6.80 -44.68
N ALA K 84 53.43 6.49 -44.44
CA ALA K 84 53.83 5.23 -43.83
C ALA K 84 53.94 5.30 -42.32
N GLU K 85 53.20 6.23 -41.69
CA GLU K 85 53.30 6.42 -40.25
C GLU K 85 52.69 5.25 -39.49
N VAL K 86 53.32 4.89 -38.38
CA VAL K 86 52.86 3.81 -37.51
C VAL K 86 52.97 4.26 -36.07
N MET K 87 52.00 3.86 -35.24
CA MET K 87 52.02 4.20 -33.83
C MET K 87 53.27 3.66 -33.15
N THR K 88 53.93 4.53 -32.37
CA THR K 88 55.08 4.14 -31.56
C THR K 88 55.32 5.24 -30.53
N GLU K 89 56.10 4.89 -29.51
CA GLU K 89 56.48 5.85 -28.48
C GLU K 89 57.84 6.44 -28.81
N VAL K 90 57.90 7.77 -28.89
CA VAL K 90 59.11 8.49 -29.28
C VAL K 90 59.55 9.35 -28.11
N GLU K 91 60.77 9.15 -27.64
CA GLU K 91 61.34 10.01 -26.61
C GLU K 91 61.69 11.36 -27.21
N ILE K 92 61.40 12.43 -26.45
CA ILE K 92 61.65 13.79 -26.91
C ILE K 92 62.29 14.57 -25.78
N ASP K 93 62.98 15.65 -26.16
CA ASP K 93 63.65 16.54 -25.21
C ASP K 93 62.82 17.83 -25.12
N ILE K 94 62.01 17.93 -24.06
CA ILE K 94 61.13 19.09 -23.90
C ILE K 94 61.82 20.25 -23.21
N GLN K 95 63.01 20.04 -22.65
CA GLN K 95 63.72 21.10 -21.94
C GLN K 95 63.90 22.38 -22.75
N PRO K 96 64.21 22.36 -24.05
CA PRO K 96 64.22 23.62 -24.81
C PRO K 96 62.89 24.35 -24.77
N GLN K 97 61.76 23.63 -24.72
CA GLN K 97 60.47 24.27 -24.60
C GLN K 97 60.11 24.56 -23.15
N LEU K 98 60.68 23.81 -22.20
CA LEU K 98 60.34 24.02 -20.80
C LEU K 98 60.83 25.38 -20.30
N GLN K 99 62.11 25.70 -20.55
CA GLN K 99 62.64 26.99 -20.14
C GLN K 99 62.02 28.14 -20.94
N TRP K 100 61.65 27.87 -22.19
CA TRP K 100 60.99 28.88 -23.01
C TRP K 100 59.64 29.28 -22.43
N ALA K 101 58.87 28.30 -21.97
CA ALA K 101 57.51 28.57 -21.51
C ALA K 101 57.51 29.27 -20.16
N LYS K 102 58.43 28.90 -19.27
CA LYS K 102 58.43 29.48 -17.93
C LYS K 102 58.78 30.96 -17.95
N GLY K 103 59.58 31.39 -18.92
CA GLY K 103 59.92 32.81 -19.02
C GLY K 103 58.76 33.69 -19.44
N ALA K 104 57.74 33.10 -20.06
CA ALA K 104 56.55 33.84 -20.47
C ALA K 104 55.51 33.96 -19.37
N VAL K 105 55.72 33.30 -18.23
CA VAL K 105 54.73 33.30 -17.16
C VAL K 105 54.52 34.71 -16.61
N HIS K 106 55.61 35.43 -16.35
CA HIS K 106 55.53 36.78 -15.82
C HIS K 106 56.26 37.78 -16.71
N ASP K 107 56.36 37.49 -18.00
CA ASP K 107 57.00 38.42 -18.94
C ASP K 107 56.10 39.63 -19.15
N PRO K 108 56.59 40.85 -18.92
CA PRO K 108 55.73 42.03 -19.09
C PRO K 108 55.26 42.26 -20.53
N LYS K 109 55.88 41.61 -21.52
CA LYS K 109 55.48 41.81 -22.90
C LYS K 109 54.05 41.38 -23.17
N TYR K 110 53.49 40.49 -22.34
CA TYR K 110 52.11 40.04 -22.50
C TYR K 110 51.12 40.85 -21.68
N LYS K 111 51.60 41.82 -20.90
CA LYS K 111 50.74 42.70 -20.09
C LYS K 111 49.89 41.91 -19.11
N GLY K 112 50.41 40.80 -18.62
CA GLY K 112 49.65 39.96 -17.70
C GLY K 112 48.58 39.12 -18.35
N GLN K 113 48.55 39.05 -19.68
CA GLN K 113 47.54 38.27 -20.39
C GLN K 113 47.99 36.85 -20.68
N TRP K 114 49.18 36.45 -20.19
CA TRP K 114 49.63 35.08 -20.39
C TRP K 114 48.73 34.09 -19.66
N TYR K 115 48.34 34.40 -18.43
CA TYR K 115 47.42 33.53 -17.70
C TYR K 115 46.05 33.43 -18.39
N PRO K 116 45.39 34.53 -18.78
CA PRO K 116 44.12 34.37 -19.51
C PRO K 116 44.24 33.63 -20.82
N PHE K 117 45.35 33.80 -21.54
CA PHE K 117 45.49 33.17 -22.85
C PHE K 117 45.65 31.66 -22.72
N LEU K 118 46.40 31.20 -21.72
CA LEU K 118 46.69 29.78 -21.59
C LEU K 118 45.43 28.99 -21.21
N ALA K 119 44.50 29.62 -20.49
CA ALA K 119 43.26 28.93 -20.14
C ALA K 119 42.44 28.59 -21.39
N LEU K 120 42.39 29.51 -22.35
CA LEU K 120 41.64 29.25 -23.58
C LEU K 120 42.25 28.11 -24.39
N LEU K 121 43.59 28.08 -24.47
CA LEU K 121 44.26 27.01 -25.21
C LEU K 121 44.04 25.66 -24.53
N GLN K 122 44.08 25.63 -23.20
CA GLN K 122 43.89 24.38 -22.47
C GLN K 122 42.49 23.81 -22.69
N ILE K 123 41.46 24.67 -22.66
CA ILE K 123 40.09 24.20 -22.80
C ILE K 123 39.83 23.70 -24.21
N SER K 124 40.26 24.48 -25.22
CA SER K 124 39.92 24.15 -26.60
C SER K 124 40.56 22.85 -27.05
N ASN K 125 41.81 22.61 -26.67
CA ASN K 125 42.53 21.43 -27.13
C ASN K 125 42.19 20.17 -26.35
N LYS K 126 41.57 20.28 -25.19
CA LYS K 126 41.08 19.13 -24.46
C LYS K 126 39.69 18.71 -24.93
N THR K 127 39.09 19.46 -25.86
CA THR K 127 37.76 19.14 -26.36
C THR K 127 37.74 17.82 -27.12
N LYS K 128 38.77 17.57 -27.93
CA LYS K 128 38.79 16.34 -28.73
C LYS K 128 38.78 15.10 -27.85
N ASP K 129 39.54 15.11 -26.75
CA ASP K 129 39.53 13.98 -25.83
C ASP K 129 38.14 13.78 -25.22
N THR K 130 37.46 14.87 -24.87
CA THR K 130 36.11 14.76 -24.33
C THR K 130 35.11 14.28 -25.38
N ILE K 131 35.27 14.71 -26.63
CA ILE K 131 34.35 14.29 -27.68
C ILE K 131 34.49 12.80 -27.96
N LEU K 132 35.74 12.34 -28.13
CA LEU K 132 35.97 10.93 -28.41
C LEU K 132 35.66 10.06 -27.21
N TRP K 133 36.00 10.54 -26.01
CA TRP K 133 35.73 9.83 -24.76
C TRP K 133 34.65 10.63 -24.02
N GLN K 134 33.40 10.28 -24.29
CA GLN K 134 32.26 11.01 -23.75
C GLN K 134 32.14 10.75 -22.26
N LYS K 135 32.48 11.74 -21.45
CA LYS K 135 32.43 11.64 -20.00
C LYS K 135 31.64 12.81 -19.43
N TYR K 136 31.06 12.60 -18.24
CA TYR K 136 30.31 13.63 -17.53
C TYR K 136 30.80 13.70 -16.10
N PRO K 137 32.02 14.22 -15.88
CA PRO K 137 32.57 14.21 -14.52
C PRO K 137 31.91 15.21 -13.58
N VAL K 138 31.67 16.43 -14.05
CA VAL K 138 31.16 17.48 -13.16
C VAL K 138 29.72 17.19 -12.75
N THR K 139 28.87 16.85 -13.72
CA THR K 139 27.46 16.62 -13.42
C THR K 139 27.28 15.41 -12.50
N GLN K 140 28.04 14.34 -12.74
CA GLN K 140 27.97 13.18 -11.86
C GLN K 140 28.44 13.51 -10.45
N GLU K 141 29.55 14.26 -10.34
CA GLU K 141 30.00 14.70 -9.03
C GLU K 141 29.03 15.70 -8.43
N LEU K 142 28.24 16.38 -9.25
CA LEU K 142 27.17 17.25 -8.79
C LEU K 142 25.84 16.52 -8.67
N GLU K 143 25.80 15.22 -8.95
CA GLU K 143 24.60 14.39 -8.75
C GLU K 143 23.39 14.98 -9.48
N ILE K 144 23.59 15.40 -10.72
CA ILE K 144 22.55 16.03 -11.52
C ILE K 144 22.45 15.31 -12.86
N SER K 145 21.60 15.83 -13.73
CA SER K 145 21.41 15.25 -15.05
C SER K 145 22.74 15.24 -15.82
N ASN K 146 23.07 14.09 -16.41
CA ASN K 146 24.33 13.96 -17.11
C ASN K 146 24.33 14.66 -18.46
N SER K 147 23.16 15.01 -18.98
CA SER K 147 23.07 15.69 -20.27
C SER K 147 23.45 17.17 -20.18
N LEU K 148 23.89 17.64 -19.02
CA LEU K 148 24.23 19.05 -18.83
C LEU K 148 25.71 19.26 -18.55
N GLU K 149 26.55 18.25 -18.78
CA GLU K 149 27.99 18.44 -18.67
C GLU K 149 28.52 19.43 -19.70
N ILE K 150 27.76 19.63 -20.79
CA ILE K 150 28.12 20.67 -21.75
C ILE K 150 28.10 22.04 -21.10
N TYR K 151 27.16 22.27 -20.18
CA TYR K 151 27.22 23.47 -19.35
C TYR K 151 28.48 23.49 -18.50
N ALA K 152 28.97 22.33 -18.10
CA ALA K 152 30.17 22.22 -17.26
C ALA K 152 31.42 22.28 -18.14
N ASN K 153 31.63 23.46 -18.73
CA ASN K 153 32.80 23.68 -19.55
C ASN K 153 33.99 24.09 -18.70
N GLY K 154 35.18 23.74 -19.17
CA GLY K 154 36.40 24.07 -18.45
C GLY K 154 36.68 23.19 -17.26
N HIS K 155 36.35 21.91 -17.31
CA HIS K 155 36.73 20.98 -16.25
C HIS K 155 38.13 20.43 -16.50
N GLY K 156 38.85 20.18 -15.41
CA GLY K 156 40.22 19.70 -15.49
C GLY K 156 41.25 20.77 -15.75
N ILE K 157 40.85 22.03 -15.78
CA ILE K 157 41.79 23.12 -16.05
C ILE K 157 42.48 23.53 -14.75
N LYS K 158 43.66 24.13 -14.89
CA LYS K 158 44.42 24.56 -13.73
C LYS K 158 43.66 25.62 -12.95
N ASP K 159 43.78 25.55 -11.61
CA ASP K 159 43.08 26.50 -10.76
C ASP K 159 43.56 27.93 -11.02
N ARG K 160 44.87 28.10 -11.24
CA ARG K 160 45.37 29.42 -11.61
C ARG K 160 44.76 29.91 -12.91
N LEU K 161 44.63 29.02 -13.91
CA LEU K 161 43.89 29.34 -15.11
C LEU K 161 42.42 29.61 -14.79
N LYS K 162 41.84 28.81 -13.89
CA LYS K 162 40.45 29.00 -13.52
C LYS K 162 40.24 30.32 -12.79
N ASN K 163 41.25 30.78 -12.05
CA ASN K 163 41.22 32.13 -11.49
C ASN K 163 41.64 33.19 -12.50
N SER K 164 42.21 32.79 -13.64
CA SER K 164 42.60 33.72 -14.68
C SER K 164 41.48 33.98 -15.68
N ARG K 165 40.79 32.94 -16.13
CA ARG K 165 39.62 33.08 -17.00
C ARG K 165 38.46 32.28 -16.39
N PRO K 166 37.90 32.74 -15.28
CA PRO K 166 36.76 32.04 -14.69
C PRO K 166 35.49 32.15 -15.52
N ARG K 167 35.36 33.19 -16.34
CA ARG K 167 34.18 33.34 -17.18
C ARG K 167 34.11 32.23 -18.21
N SER K 168 35.26 31.84 -18.77
CA SER K 168 35.27 30.75 -19.75
C SER K 168 34.91 29.43 -19.09
N VAL K 169 35.38 29.19 -17.87
CA VAL K 169 35.06 27.96 -17.17
C VAL K 169 33.57 27.93 -16.84
N GLY K 170 32.91 26.84 -17.20
CA GLY K 170 31.47 26.73 -17.02
C GLY K 170 31.04 26.83 -15.58
N PRO K 171 29.81 27.29 -15.35
CA PRO K 171 29.34 27.46 -13.97
C PRO K 171 29.35 26.18 -13.17
N LEU K 172 28.99 25.05 -13.78
CA LEU K 172 28.96 23.78 -13.05
C LEU K 172 30.35 23.39 -12.56
N VAL K 173 31.38 23.61 -13.38
CA VAL K 173 32.74 23.32 -12.94
C VAL K 173 33.10 24.20 -11.76
N HIS K 174 32.80 25.50 -11.85
CA HIS K 174 32.94 26.37 -10.69
C HIS K 174 32.03 25.91 -9.56
N LEU K 175 30.78 25.56 -9.90
CA LEU K 175 29.87 25.04 -8.89
C LEU K 175 30.41 23.75 -8.28
N LEU K 176 31.02 22.89 -9.10
CA LEU K 176 31.70 21.72 -8.57
C LEU K 176 32.89 22.14 -7.71
N HIS K 177 33.71 23.07 -8.21
CA HIS K 177 34.80 23.60 -7.39
C HIS K 177 34.25 24.30 -6.16
N LEU K 178 33.09 24.96 -6.29
CA LEU K 178 32.37 25.43 -5.12
C LEU K 178 31.95 24.27 -4.23
N LYS K 179 31.44 23.20 -4.84
CA LYS K 179 31.15 21.98 -4.07
C LYS K 179 32.44 21.36 -3.54
N ARG K 180 33.50 21.34 -4.36
CA ARG K 180 34.79 20.84 -3.90
C ARG K 180 35.32 21.69 -2.76
N LEU K 181 35.16 23.02 -2.85
CA LEU K 181 35.65 23.91 -1.81
C LEU K 181 34.92 23.67 -0.49
N GLN K 182 33.61 23.38 -0.54
CA GLN K 182 32.90 23.02 0.67
C GLN K 182 33.24 21.61 1.14
N GLU K 183 33.67 20.74 0.23
CA GLU K 183 34.02 19.36 0.55
C GLU K 183 35.52 19.12 0.44
N ASN K 184 36.33 20.16 0.67
CA ASN K 184 37.77 20.05 0.59
C ASN K 184 38.38 19.56 1.90
N SER K 188 40.36 28.83 7.07
CA SER K 188 41.32 29.16 6.02
C SER K 188 40.85 30.35 5.20
N PRO K 189 41.58 31.47 5.29
CA PRO K 189 41.21 32.65 4.50
C PRO K 189 41.28 32.43 3.00
N ALA K 190 42.19 31.59 2.51
CA ALA K 190 42.28 31.30 1.09
C ALA K 190 41.04 30.58 0.58
N VAL K 191 40.30 29.90 1.47
CA VAL K 191 39.05 29.26 1.07
C VAL K 191 38.05 30.32 0.60
N ASN K 192 37.91 31.40 1.36
CA ASN K 192 36.98 32.46 0.98
CA ASN K 192 36.98 32.46 0.98
C ASN K 192 37.41 33.12 -0.33
N GLY K 193 38.71 33.38 -0.49
CA GLY K 193 39.19 34.04 -1.70
C GLY K 193 38.90 33.24 -2.96
N ILE K 194 39.13 31.92 -2.90
CA ILE K 194 38.78 31.06 -4.03
C ILE K 194 37.26 31.00 -4.18
N ARG K 195 36.53 30.92 -3.06
CA ARG K 195 35.08 30.78 -3.12
C ARG K 195 34.43 32.04 -3.67
N LYS K 196 34.88 33.22 -3.24
CA LYS K 196 34.29 34.46 -3.75
C LYS K 196 34.57 34.62 -5.24
N SER K 197 35.76 34.20 -5.69
CA SER K 197 36.04 34.20 -7.12
C SER K 197 35.14 33.21 -7.83
N ILE K 198 34.96 32.02 -7.25
CA ILE K 198 34.08 31.02 -7.84
C ILE K 198 32.64 31.51 -7.87
N VAL K 199 32.14 31.99 -6.73
CA VAL K 199 30.75 32.41 -6.65
C VAL K 199 30.52 33.70 -7.42
N GLY K 200 31.45 34.65 -7.31
CA GLY K 200 31.29 35.91 -8.03
C GLY K 200 31.23 35.73 -9.52
N HIS K 201 32.04 34.82 -10.07
CA HIS K 201 31.98 34.50 -11.48
C HIS K 201 30.87 33.51 -11.80
N LEU K 202 30.37 32.79 -10.81
CA LEU K 202 29.11 32.06 -10.99
C LEU K 202 27.95 33.01 -11.24
N LYS K 203 27.90 34.10 -10.49
CA LYS K 203 26.83 35.08 -10.68
C LYS K 203 26.96 35.78 -12.03
N ARG K 204 28.19 36.06 -12.46
CA ARG K 204 28.40 36.70 -13.75
C ARG K 204 27.95 35.80 -14.90
N GLN K 205 28.22 34.50 -14.78
CA GLN K 205 27.86 33.57 -15.86
C GLN K 205 26.35 33.39 -15.95
N CYS K 206 25.67 33.29 -14.81
CA CYS K 206 24.22 33.08 -14.78
C CYS K 206 23.55 34.44 -14.53
N ILE K 207 23.02 35.03 -15.60
CA ILE K 207 22.38 36.35 -15.49
C ILE K 207 20.99 36.29 -14.90
N GLY K 208 20.42 35.10 -14.73
CA GLY K 208 19.07 34.95 -14.22
C GLY K 208 18.87 35.56 -12.85
N GLU K 209 17.79 36.33 -12.70
CA GLU K 209 17.51 36.94 -11.40
C GLU K 209 17.24 35.88 -10.33
N THR K 210 16.49 34.83 -10.69
CA THR K 210 16.26 33.74 -9.75
C THR K 210 17.51 32.90 -9.56
N GLN K 211 18.24 32.61 -10.64
CA GLN K 211 19.42 31.76 -10.54
C GLN K 211 20.51 32.42 -9.69
N LYS K 212 20.67 33.74 -9.81
CA LYS K 212 21.69 34.43 -9.02
C LYS K 212 21.48 34.21 -7.54
N ALA K 213 20.24 34.36 -7.07
CA ALA K 213 19.94 34.09 -5.67
C ALA K 213 19.93 32.60 -5.37
N MET K 214 19.65 31.76 -6.37
CA MET K 214 19.58 30.32 -6.19
C MET K 214 20.94 29.66 -6.33
N ILE K 215 21.95 30.36 -6.85
CA ILE K 215 23.32 29.89 -6.72
C ILE K 215 23.90 30.24 -5.35
N ASN K 216 23.31 31.22 -4.66
CA ASN K 216 23.87 31.68 -3.40
C ASN K 216 23.85 30.60 -2.33
N GLN K 217 22.77 29.82 -2.24
CA GLN K 217 22.75 28.74 -1.26
C GLN K 217 23.69 27.62 -1.62
N PHE K 218 24.08 27.50 -2.89
CA PHE K 218 25.15 26.57 -3.26
C PHE K 218 26.48 26.98 -2.66
N GLU K 219 26.67 28.27 -2.39
CA GLU K 219 27.91 28.73 -1.75
C GLU K 219 28.08 28.11 -0.37
N MET K 220 27.00 28.06 0.41
CA MET K 220 27.05 27.43 1.73
C MET K 220 27.09 25.90 1.63
N GLY K 221 26.38 25.32 0.67
CA GLY K 221 26.32 23.88 0.52
C GLY K 221 24.94 23.28 0.47
N ARG K 222 23.90 24.08 0.23
CA ARG K 222 22.54 23.57 0.09
C ARG K 222 22.35 23.07 -1.34
N TRP K 223 22.77 21.83 -1.57
CA TRP K 223 22.71 21.22 -2.89
C TRP K 223 21.42 20.46 -3.13
N GLU K 224 20.33 20.84 -2.43
CA GLU K 224 19.03 20.26 -2.73
C GLU K 224 18.46 20.83 -4.03
N SER K 225 18.67 22.12 -4.26
CA SER K 225 18.31 22.75 -5.53
C SER K 225 19.37 22.52 -6.60
N LEU K 226 20.40 21.73 -6.31
CA LEU K 226 21.41 21.41 -7.30
C LEU K 226 20.79 20.67 -8.49
N SER K 227 19.91 19.70 -8.20
CA SER K 227 19.11 19.09 -9.26
C SER K 227 18.17 20.10 -9.88
N THR K 228 17.59 20.98 -9.06
CA THR K 228 16.79 22.09 -9.59
C THR K 228 17.67 23.04 -10.40
N PHE K 229 18.93 23.22 -9.99
CA PHE K 229 19.86 24.00 -10.80
C PHE K 229 20.05 23.36 -12.17
N ALA K 230 20.19 22.02 -12.19
CA ALA K 230 20.15 21.31 -13.46
C ALA K 230 18.80 21.50 -14.15
N ALA K 231 17.71 21.44 -13.37
CA ALA K 231 16.39 21.71 -13.93
C ALA K 231 16.30 23.14 -14.44
N SER K 232 16.87 24.09 -13.69
CA SER K 232 16.94 25.46 -14.18
C SER K 232 17.81 25.56 -15.43
N LEU K 233 18.97 24.90 -15.41
CA LEU K 233 19.88 24.96 -16.56
C LEU K 233 19.20 24.45 -17.82
N LEU K 234 18.16 23.64 -17.68
CA LEU K 234 17.39 23.23 -18.84
C LEU K 234 16.71 24.43 -19.51
N ALA K 235 16.14 25.33 -18.71
CA ALA K 235 15.41 26.48 -19.25
C ALA K 235 16.29 27.73 -19.33
N ILE K 236 16.79 28.20 -18.19
CA ILE K 236 17.66 29.38 -18.19
CA ILE K 236 17.67 29.37 -18.15
C ILE K 236 19.05 28.95 -18.65
N LYS K 237 19.58 29.67 -19.63
CA LYS K 237 20.85 29.32 -20.26
C LYS K 237 21.89 30.38 -19.92
N PRO K 238 22.91 30.06 -19.14
CA PRO K 238 23.81 31.08 -18.60
C PRO K 238 24.74 31.66 -19.67
N ARG K 239 25.32 32.81 -19.32
CA ARG K 239 26.30 33.45 -20.17
C ARG K 239 27.62 32.69 -20.13
N ILE K 240 28.15 32.34 -21.29
CA ILE K 240 29.46 31.69 -21.42
C ILE K 240 30.28 32.50 -22.41
N GLU K 241 31.38 33.07 -21.94
CA GLU K 241 32.29 33.80 -22.82
C GLU K 241 33.12 32.82 -23.63
N ASN K 242 33.14 33.02 -24.94
CA ASN K 242 33.84 32.13 -25.85
C ASN K 242 34.82 32.91 -26.70
N HIS K 243 35.83 32.20 -27.22
CA HIS K 243 36.80 32.80 -28.12
C HIS K 243 37.20 31.74 -29.15
N PHE K 244 37.62 32.22 -30.31
CA PHE K 244 37.99 31.35 -31.43
C PHE K 244 39.49 31.08 -31.34
N VAL K 245 39.87 29.90 -30.85
CA VAL K 245 41.26 29.52 -30.66
C VAL K 245 41.53 28.27 -31.47
N LEU K 246 42.60 28.30 -32.27
CA LEU K 246 42.97 27.17 -33.09
C LEU K 246 43.49 26.02 -32.24
N THR K 247 43.48 24.83 -32.82
CA THR K 247 44.03 23.64 -32.18
C THR K 247 45.46 23.39 -32.63
N TYR K 248 46.14 22.52 -31.89
CA TYR K 248 47.53 22.20 -32.19
C TYR K 248 47.72 21.66 -33.60
N PRO K 249 46.89 20.73 -34.11
CA PRO K 249 47.03 20.35 -35.53
C PRO K 249 46.82 21.51 -36.48
N LEU K 250 46.03 22.51 -36.08
CA LEU K 250 45.85 23.71 -36.89
C LEU K 250 46.89 24.78 -36.58
N ILE K 251 47.30 24.90 -35.32
CA ILE K 251 48.32 25.89 -34.96
C ILE K 251 49.64 25.56 -35.66
N ALA K 252 50.06 24.29 -35.62
CA ALA K 252 51.28 23.89 -36.28
C ALA K 252 51.17 23.96 -37.79
N ASN K 253 49.95 23.94 -38.34
CA ASN K 253 49.74 24.00 -39.77
C ASN K 253 49.25 25.36 -40.25
N CYS K 254 49.21 26.36 -39.38
CA CYS K 254 48.80 27.71 -39.75
C CYS K 254 50.05 28.57 -39.93
N GLU K 255 50.25 29.08 -41.13
CA GLU K 255 51.42 29.88 -41.47
CA GLU K 255 51.42 29.88 -41.46
C GLU K 255 51.13 31.37 -41.47
N ASP K 256 49.92 31.79 -41.14
CA ASP K 256 49.54 33.20 -41.13
C ASP K 256 48.95 33.56 -39.78
N PHE K 257 49.52 34.58 -39.12
CA PHE K 257 49.01 35.09 -37.86
C PHE K 257 49.08 36.61 -37.81
N ALA K 258 49.08 37.27 -38.98
CA ALA K 258 49.23 38.72 -39.01
C ALA K 258 48.01 39.41 -38.39
N GLY K 259 46.81 39.01 -38.80
CA GLY K 259 45.60 39.61 -38.28
C GLY K 259 44.89 38.72 -37.28
N ALA K 260 45.65 37.97 -36.50
CA ALA K 260 45.10 37.01 -35.55
C ALA K 260 44.42 37.76 -34.40
N THR K 261 43.09 37.82 -34.44
CA THR K 261 42.33 38.40 -33.34
C THR K 261 41.29 37.38 -32.86
N LEU K 262 40.38 37.81 -31.98
CA LEU K 262 39.41 36.91 -31.38
C LEU K 262 37.96 37.35 -31.57
N SER K 263 37.70 38.41 -32.33
CA SER K 263 36.33 38.91 -32.48
C SER K 263 36.04 39.31 -33.92
N ASP K 264 36.51 38.52 -34.88
CA ASP K 264 36.19 38.76 -36.28
C ASP K 264 36.22 37.42 -37.03
N GLU K 265 36.26 37.49 -38.35
CA GLU K 265 36.25 36.31 -39.21
C GLU K 265 37.64 35.78 -39.53
N TRP K 266 38.69 36.32 -38.91
CA TRP K 266 40.04 35.89 -39.22
C TRP K 266 40.24 34.41 -38.92
N VAL K 267 39.73 33.94 -37.79
CA VAL K 267 39.89 32.53 -37.43
C VAL K 267 39.18 31.63 -38.43
N PHE K 268 37.97 32.03 -38.85
CA PHE K 268 37.25 31.26 -39.86
C PHE K 268 38.02 31.23 -41.18
N LYS K 269 38.58 32.37 -41.58
CA LYS K 269 39.38 32.43 -42.81
C LYS K 269 40.72 31.72 -42.66
N ALA K 270 41.35 31.82 -41.48
CA ALA K 270 42.63 31.15 -41.28
C ALA K 270 42.48 29.64 -41.33
N MET K 271 41.39 29.11 -40.75
CA MET K 271 41.15 27.68 -40.78
C MET K 271 40.95 27.18 -42.21
N GLU K 272 40.21 27.94 -43.02
CA GLU K 272 39.93 27.51 -44.38
C GLU K 272 41.19 27.37 -45.20
N LYS K 273 42.16 28.26 -45.01
CA LYS K 273 43.45 28.13 -45.69
C LYS K 273 44.15 26.83 -45.28
N ILE K 274 44.11 26.50 -43.99
CA ILE K 274 44.67 25.23 -43.54
C ILE K 274 43.92 24.06 -44.15
N SER K 275 42.59 24.14 -44.18
CA SER K 275 41.79 23.08 -44.79
C SER K 275 42.07 22.96 -46.28
N ASN K 276 42.21 24.08 -46.98
CA ASN K 276 42.49 24.03 -48.40
C ASN K 276 43.88 23.45 -48.68
N LYS K 277 44.81 23.58 -47.73
CA LYS K 277 46.13 22.99 -47.90
C LYS K 277 46.05 21.47 -47.95
N LYS K 278 45.17 20.87 -47.15
CA LYS K 278 44.98 19.42 -47.09
C LYS K 278 46.28 18.70 -46.75
N THR K 279 47.10 19.31 -45.91
CA THR K 279 48.31 18.67 -45.42
C THR K 279 48.08 17.86 -44.15
N LEU K 280 47.30 18.40 -43.22
CA LEU K 280 47.05 17.75 -41.95
C LEU K 280 46.15 16.52 -42.13
N ARG K 281 46.51 15.44 -41.44
CA ARG K 281 45.75 14.20 -41.47
C ARG K 281 45.18 13.92 -40.08
N VAL K 282 44.05 13.21 -40.06
CA VAL K 282 43.33 12.91 -38.83
C VAL K 282 43.39 11.42 -38.58
N CYS K 283 43.26 11.04 -37.31
CA CYS K 283 43.29 9.66 -36.88
C CYS K 283 41.90 9.22 -36.40
N GLY K 284 41.74 7.90 -36.29
CA GLY K 284 40.49 7.32 -35.84
C GLY K 284 40.51 5.81 -35.88
N PRO K 285 39.52 5.18 -35.25
CA PRO K 285 39.47 3.70 -35.26
C PRO K 285 39.33 3.12 -36.66
N ASP K 286 38.61 3.79 -37.54
CA ASP K 286 38.38 3.31 -38.89
C ASP K 286 38.02 4.49 -39.78
N GLU K 287 38.02 4.25 -41.09
CA GLU K 287 37.89 5.32 -42.07
C GLU K 287 36.51 5.98 -42.05
N LYS K 288 35.53 5.40 -41.37
CA LYS K 288 34.22 6.05 -41.28
C LYS K 288 34.28 7.34 -40.47
N TRP K 289 35.28 7.50 -39.61
CA TRP K 289 35.37 8.64 -38.71
C TRP K 289 35.94 9.88 -39.36
N ILE K 290 36.21 9.85 -40.68
CA ILE K 290 36.81 11.01 -41.33
C ILE K 290 35.90 12.22 -41.24
N SER K 291 34.60 12.03 -41.47
CA SER K 291 33.65 13.13 -41.29
C SER K 291 33.52 13.53 -39.84
N PHE K 292 33.47 12.55 -38.93
CA PHE K 292 33.31 12.83 -37.51
C PHE K 292 34.49 13.63 -36.97
N MET K 293 35.71 13.25 -37.35
CA MET K 293 36.89 13.93 -36.82
C MET K 293 37.05 15.32 -37.44
N ASN K 294 36.62 15.49 -38.69
CA ASN K 294 36.63 16.81 -39.30
C ASN K 294 35.71 17.77 -38.54
N GLN K 295 34.53 17.30 -38.15
CA GLN K 295 33.62 18.11 -37.37
C GLN K 295 34.16 18.37 -35.97
N ILE K 296 35.02 17.49 -35.47
CA ILE K 296 35.61 17.69 -34.15
C ILE K 296 36.47 18.95 -34.14
N TYR K 297 37.20 19.19 -35.23
CA TYR K 297 37.98 20.43 -35.33
C TYR K 297 37.09 21.65 -35.22
N ILE K 298 35.94 21.62 -35.90
CA ILE K 298 34.97 22.71 -35.78
C ILE K 298 34.45 22.78 -34.35
N HIS K 299 34.14 21.63 -33.75
CA HIS K 299 33.66 21.62 -32.37
C HIS K 299 34.75 22.08 -31.40
N SER K 300 36.00 21.66 -31.62
CA SER K 300 37.06 21.99 -30.69
C SER K 300 37.47 23.46 -30.75
N VAL K 301 37.62 24.01 -31.96
CA VAL K 301 38.13 25.37 -32.10
C VAL K 301 37.11 26.39 -31.60
N PHE K 302 35.86 26.28 -32.03
CA PHE K 302 34.82 27.23 -31.66
C PHE K 302 34.08 26.84 -30.38
N GLN K 303 34.51 25.74 -29.73
CA GLN K 303 33.87 25.24 -28.51
C GLN K 303 32.37 25.02 -28.73
N THR K 304 32.04 24.45 -29.88
CA THR K 304 30.65 24.16 -30.26
C THR K 304 30.32 22.68 -30.09
N THR K 305 30.85 22.06 -29.04
CA THR K 305 30.60 20.64 -28.81
C THR K 305 29.11 20.37 -28.58
N GLY K 306 28.45 21.22 -27.80
CA GLY K 306 27.04 21.06 -27.54
C GLY K 306 26.18 22.07 -28.29
N GLU K 307 26.55 22.35 -29.53
CA GLU K 307 25.83 23.30 -30.36
C GLU K 307 25.03 22.56 -31.41
N ASP K 308 23.91 23.17 -31.83
CA ASP K 308 22.95 22.48 -32.67
C ASP K 308 23.52 22.15 -34.04
N LEU K 309 23.13 20.99 -34.57
CA LEU K 309 23.60 20.57 -35.88
C LEU K 309 23.02 21.45 -36.99
N GLY K 310 21.81 21.98 -36.76
CA GLY K 310 21.19 22.82 -37.77
C GLY K 310 21.97 24.09 -38.06
N VAL K 311 22.42 24.77 -37.01
CA VAL K 311 23.27 25.94 -37.19
C VAL K 311 24.60 25.53 -37.81
N LEU K 312 25.18 24.42 -37.33
CA LEU K 312 26.44 23.93 -37.88
C LEU K 312 26.27 23.59 -39.36
N GLU K 313 25.17 22.92 -39.72
CA GLU K 313 24.91 22.62 -41.12
C GLU K 313 24.67 23.89 -41.91
N TRP K 314 23.97 24.87 -41.33
CA TRP K 314 23.71 26.12 -42.02
C TRP K 314 24.98 26.95 -42.15
N VAL K 315 25.75 27.07 -41.06
CA VAL K 315 26.97 27.87 -41.09
C VAL K 315 28.03 27.24 -41.97
N PHE K 316 28.26 25.94 -41.80
CA PHE K 316 29.38 25.26 -42.44
C PHE K 316 28.99 24.46 -43.68
N GLY K 317 27.72 24.50 -44.09
CA GLY K 317 27.31 23.87 -45.32
C GLY K 317 27.45 22.37 -45.36
N GLY K 318 27.43 21.70 -44.21
CA GLY K 318 27.55 20.26 -44.18
C GLY K 318 26.99 19.63 -42.92
N ARG K 319 26.46 18.42 -43.05
CA ARG K 319 25.91 17.72 -41.89
CA ARG K 319 25.91 17.72 -41.89
C ARG K 319 27.03 17.32 -40.93
N PHE K 320 26.71 17.34 -39.64
CA PHE K 320 27.65 17.00 -38.58
C PHE K 320 27.25 15.66 -37.98
N CYS K 321 28.15 14.68 -38.06
CA CYS K 321 27.87 13.37 -37.51
C CYS K 321 27.88 13.41 -35.98
N GLN K 322 26.94 12.69 -35.38
CA GLN K 322 26.83 12.63 -33.93
C GLN K 322 27.72 11.52 -33.37
N ARG K 323 27.89 11.55 -32.04
CA ARG K 323 28.68 10.51 -31.38
C ARG K 323 27.98 9.15 -31.46
N LYS K 324 26.66 9.14 -31.54
CA LYS K 324 25.92 7.87 -31.58
C LYS K 324 26.13 7.14 -32.90
N GLU K 325 26.43 7.87 -33.98
CA GLU K 325 26.64 7.25 -35.28
C GLU K 325 27.88 6.36 -35.33
N PHE K 326 28.76 6.46 -34.34
CA PHE K 326 29.99 5.69 -34.31
C PHE K 326 30.11 4.97 -32.98
N GLY K 327 30.90 3.90 -32.97
CA GLY K 327 31.15 3.16 -31.74
C GLY K 327 32.12 3.91 -30.85
N ARG K 328 32.56 3.20 -29.81
CA ARG K 328 33.53 3.77 -28.88
C ARG K 328 34.84 4.05 -29.59
N TYR K 329 35.47 5.16 -29.23
CA TYR K 329 36.75 5.52 -29.83
C TYR K 329 37.82 4.52 -29.41
N CYS K 330 38.59 4.04 -30.38
CA CYS K 330 39.64 3.09 -30.08
C CYS K 330 40.78 3.79 -29.32
N LYS K 331 41.65 2.97 -28.72
CA LYS K 331 42.73 3.51 -27.90
C LYS K 331 43.68 4.35 -28.75
N LYS K 332 44.22 5.40 -28.14
CA LYS K 332 45.16 6.27 -28.83
C LYS K 332 46.38 5.49 -29.32
N SER K 333 46.71 4.38 -28.65
CA SER K 333 47.81 3.54 -29.11
C SER K 333 47.47 2.83 -30.42
N GLN K 334 46.19 2.58 -30.67
CA GLN K 334 45.75 1.90 -31.89
C GLN K 334 45.00 2.81 -32.84
N THR K 335 45.00 4.12 -32.61
CA THR K 335 44.39 5.05 -33.56
C THR K 335 45.26 5.14 -34.81
N LYS K 336 44.62 5.07 -35.97
CA LYS K 336 45.30 5.09 -37.26
C LYS K 336 44.81 6.27 -38.09
N VAL K 337 45.70 6.79 -38.94
CA VAL K 337 45.34 7.91 -39.80
C VAL K 337 44.20 7.49 -40.72
N ILE K 338 43.13 8.29 -40.72
CA ILE K 338 41.89 7.94 -41.42
C ILE K 338 41.59 8.83 -42.61
N GLY K 339 42.33 9.92 -42.79
CA GLY K 339 42.11 10.77 -43.94
C GLY K 339 42.66 12.17 -43.68
N LEU K 340 42.40 13.04 -44.65
CA LEU K 340 42.86 14.42 -44.61
C LEU K 340 41.85 15.30 -43.91
N PHE K 341 42.35 16.30 -43.19
CA PHE K 341 41.48 17.26 -42.53
C PHE K 341 40.85 18.19 -43.56
N THR K 342 39.54 18.39 -43.45
CA THR K 342 38.82 19.28 -44.34
C THR K 342 37.90 20.18 -43.53
N PHE K 343 37.62 21.36 -44.08
CA PHE K 343 36.76 22.33 -43.41
C PHE K 343 36.20 23.30 -44.43
N GLN K 344 34.95 23.69 -44.23
CA GLN K 344 34.30 24.68 -45.08
C GLN K 344 33.24 25.38 -44.25
N TYR K 345 33.02 26.66 -44.54
CA TYR K 345 32.04 27.46 -43.81
C TYR K 345 31.45 28.51 -44.73
N GLU K 346 30.23 28.92 -44.41
CA GLU K 346 29.54 29.98 -45.15
C GLU K 346 29.13 31.15 -44.28
N TYR K 347 29.09 30.98 -42.96
CA TYR K 347 28.69 32.03 -42.04
C TYR K 347 29.59 31.99 -40.81
N TRP K 348 29.37 32.94 -39.90
CA TRP K 348 30.11 33.03 -38.64
C TRP K 348 29.38 34.01 -37.74
N SER K 349 29.96 34.26 -36.57
CA SER K 349 29.40 35.22 -35.64
C SER K 349 30.49 35.69 -34.70
N LYS K 350 30.32 36.90 -34.18
CA LYS K 350 31.20 37.37 -33.12
C LYS K 350 31.00 36.49 -31.90
N PRO K 351 32.08 36.13 -31.19
CA PRO K 351 31.95 35.17 -30.09
C PRO K 351 31.04 35.68 -28.99
N LEU K 352 30.37 34.75 -28.34
CA LEU K 352 29.40 35.06 -27.30
C LEU K 352 30.05 35.85 -26.17
N LYS K 353 29.66 37.12 -26.03
CA LYS K 353 30.21 37.99 -24.98
C LYS K 353 29.23 38.16 -23.82
N SER K 354 28.01 38.60 -24.12
CA SER K 354 26.96 38.71 -23.13
C SER K 354 26.21 37.39 -23.04
N ALA K 355 25.11 37.37 -22.32
CA ALA K 355 24.31 36.16 -22.20
C ALA K 355 23.64 35.83 -23.54
N PRO K 356 23.70 34.59 -24.00
CA PRO K 356 22.98 34.21 -25.23
C PRO K 356 21.47 34.40 -25.11
N ARG K 357 20.92 34.32 -23.91
CA ARG K 357 19.49 34.48 -23.69
C ARG K 357 19.18 35.95 -23.44
N SER K 358 17.99 36.37 -23.85
CA SER K 358 17.58 37.77 -23.79
C SER K 358 16.40 37.93 -22.84
N ILE K 359 16.50 38.90 -21.94
CA ILE K 359 15.38 39.33 -21.10
C ILE K 359 15.30 40.85 -21.15
N GLU K 360 16.17 41.47 -21.93
CA GLU K 360 16.24 42.92 -22.02
C GLU K 360 15.92 43.41 -23.43
N ILE K 367 -1.00 48.59 -15.14
CA ILE K 367 -2.12 48.45 -16.07
C ILE K 367 -3.42 48.91 -15.41
N SER K 368 -3.29 49.78 -14.40
CA SER K 368 -4.44 50.28 -13.67
C SER K 368 -4.09 51.62 -13.04
N CYS K 369 -5.12 52.33 -12.61
CA CYS K 369 -4.96 53.65 -12.01
C CYS K 369 -4.78 53.55 -10.51
N ARG K 370 -3.87 54.37 -9.98
CA ARG K 370 -3.59 54.46 -8.55
C ARG K 370 -3.74 55.92 -8.14
N PRO K 371 -4.96 56.38 -7.88
CA PRO K 371 -5.16 57.80 -7.58
C PRO K 371 -4.53 58.21 -6.26
N SER K 372 -4.03 59.43 -6.25
CA SER K 372 -3.62 60.10 -5.01
C SER K 372 -4.02 61.57 -4.96
N PHE K 373 -4.51 62.14 -6.06
CA PHE K 373 -4.89 63.54 -6.11
C PHE K 373 -6.18 63.78 -5.35
N LYS K 374 -6.45 65.05 -5.07
CA LYS K 374 -7.77 65.50 -4.69
C LYS K 374 -8.54 66.09 -5.87
N GLY K 375 -7.97 66.04 -7.08
CA GLY K 375 -8.59 66.66 -8.23
C GLY K 375 -9.47 65.73 -9.03
N LYS K 376 -10.33 66.33 -9.84
CA LYS K 376 -11.19 65.58 -10.74
C LYS K 376 -10.43 65.27 -12.01
N ARG K 377 -10.39 63.98 -12.36
CA ARG K 377 -9.47 63.48 -13.38
C ARG K 377 -10.23 62.56 -14.32
N PRO K 378 -9.82 62.48 -15.57
CA PRO K 378 -10.40 61.47 -16.48
C PRO K 378 -9.85 60.09 -16.11
N SER K 379 -10.73 59.22 -15.62
CA SER K 379 -10.32 57.89 -15.19
C SER K 379 -9.88 57.04 -16.36
N TYR K 380 -8.74 56.37 -16.21
CA TYR K 380 -8.21 55.48 -17.23
C TYR K 380 -7.96 54.10 -16.62
N ASN K 381 -8.45 53.07 -17.30
CA ASN K 381 -8.23 51.68 -16.89
C ASN K 381 -7.66 50.94 -18.08
N ASN K 382 -6.49 50.31 -17.89
CA ASN K 382 -5.83 49.56 -18.94
C ASN K 382 -6.20 48.08 -18.95
N PHE K 383 -7.10 47.67 -18.06
CA PHE K 383 -7.56 46.29 -17.98
C PHE K 383 -9.08 46.25 -18.10
N THR K 384 -9.58 45.28 -18.87
CA THR K 384 -11.02 45.16 -19.05
C THR K 384 -11.69 44.53 -17.83
N SER K 385 -11.03 43.57 -17.19
CA SER K 385 -11.58 42.90 -16.02
C SER K 385 -10.48 42.29 -15.16
N SER K 399 5.81 30.30 -3.91
CA SER K 399 6.95 29.44 -3.62
C SER K 399 8.16 29.82 -4.47
N PHE K 400 9.35 29.57 -3.93
CA PHE K 400 10.58 29.90 -4.66
C PHE K 400 10.70 29.10 -5.95
N TYR K 401 10.35 27.80 -5.91
CA TYR K 401 10.40 26.99 -7.11
C TYR K 401 9.45 27.51 -8.18
N ASP K 402 8.31 28.08 -7.77
CA ASP K 402 7.42 28.72 -8.74
C ASP K 402 8.10 29.90 -9.41
N GLN K 403 8.82 30.72 -8.63
CA GLN K 403 9.59 31.82 -9.21
C GLN K 403 10.72 31.29 -10.09
N VAL K 404 11.37 30.21 -9.66
CA VAL K 404 12.39 29.58 -10.50
C VAL K 404 11.77 29.10 -11.80
N ARG K 405 10.62 28.42 -11.71
CA ARG K 405 9.91 28.02 -12.92
C ARG K 405 9.37 29.22 -13.68
N GLU K 406 9.09 30.32 -12.97
CA GLU K 406 8.62 31.53 -13.65
C GLU K 406 9.70 32.11 -14.55
N GLU K 407 10.91 32.28 -14.02
CA GLU K 407 12.02 32.71 -14.88
C GLU K 407 12.37 31.63 -15.89
N CYS K 408 12.18 30.37 -15.53
CA CYS K 408 12.34 29.29 -16.51
C CYS K 408 11.36 29.45 -17.66
N GLN K 409 10.10 29.78 -17.33
CA GLN K 409 9.09 29.97 -18.37
C GLN K 409 9.35 31.23 -19.19
N LYS K 410 10.00 32.23 -18.60
CA LYS K 410 10.30 33.46 -19.34
C LYS K 410 11.18 33.18 -20.54
N TYR K 411 12.22 32.36 -20.36
CA TYR K 411 13.08 32.00 -21.48
C TYR K 411 12.36 31.05 -22.42
N MET K 412 11.43 30.26 -21.90
CA MET K 412 10.61 29.38 -22.73
C MET K 412 9.73 30.19 -23.68
N ASP K 413 9.16 31.30 -23.18
CA ASP K 413 8.22 32.07 -23.98
C ASP K 413 8.92 32.80 -25.13
N LEU K 414 10.05 33.45 -24.83
CA LEU K 414 10.74 34.23 -25.85
C LEU K 414 11.33 33.31 -26.92
N LYS K 415 11.18 33.70 -28.18
CA LYS K 415 11.58 32.87 -29.31
C LYS K 415 12.89 33.30 -29.94
N VAL K 416 13.64 34.19 -29.31
CA VAL K 416 14.95 34.61 -29.79
C VAL K 416 15.98 34.37 -28.68
N GLU K 417 17.06 33.68 -29.02
CA GLU K 417 18.18 33.43 -28.12
C GLU K 417 19.41 34.13 -28.69
N GLY K 418 19.56 35.41 -28.39
CA GLY K 418 20.63 36.21 -28.96
C GLY K 418 20.24 37.67 -29.04
N THR K 419 21.22 38.55 -29.25
CA THR K 419 20.96 39.98 -29.23
C THR K 419 21.09 40.65 -30.59
N THR K 420 22.18 40.41 -31.34
CA THR K 420 22.47 41.20 -32.52
C THR K 420 22.30 40.41 -33.82
N CYS K 421 23.11 39.36 -34.04
CA CYS K 421 23.13 38.73 -35.37
C CYS K 421 24.12 37.59 -35.50
N PHE K 422 24.09 36.92 -36.65
CA PHE K 422 25.18 36.14 -37.19
C PHE K 422 25.94 37.00 -38.20
N TYR K 423 26.90 36.38 -38.89
CA TYR K 423 27.63 37.05 -39.97
C TYR K 423 27.95 36.05 -41.06
N ARG K 424 28.07 36.55 -42.30
CA ARG K 424 28.37 35.69 -43.44
C ARG K 424 29.87 35.64 -43.69
N LYS K 425 30.29 34.61 -44.42
CA LYS K 425 31.68 34.46 -44.82
C LYS K 425 32.12 35.63 -45.71
N GLY K 426 33.35 36.09 -45.50
CA GLY K 426 33.89 37.19 -46.28
C GLY K 426 33.75 38.56 -45.65
N GLY K 427 33.21 38.66 -44.45
CA GLY K 427 33.05 39.94 -43.81
C GLY K 427 32.19 39.81 -42.56
N HIS K 428 31.76 40.96 -42.07
CA HIS K 428 30.90 41.05 -40.89
C HIS K 428 29.49 41.51 -41.26
N VAL K 429 28.99 41.03 -42.39
CA VAL K 429 27.63 41.37 -42.82
C VAL K 429 26.63 40.59 -41.97
N GLU K 430 25.75 41.32 -41.29
CA GLU K 430 24.80 40.68 -40.38
C GLU K 430 23.77 39.88 -41.16
N VAL K 431 23.75 38.56 -40.93
CA VAL K 431 22.82 37.65 -41.59
C VAL K 431 22.07 36.91 -40.51
N GLU K 432 20.81 37.27 -40.31
CA GLU K 432 19.98 36.61 -39.30
CA GLU K 432 19.98 36.61 -39.30
C GLU K 432 19.75 35.16 -39.69
N PHE K 433 19.80 34.26 -38.72
CA PHE K 433 19.63 32.84 -38.97
C PHE K 433 18.19 32.55 -39.35
N PRO K 434 17.94 32.04 -40.57
CA PRO K 434 16.57 31.78 -41.00
C PRO K 434 15.96 30.54 -40.36
N GLY K 435 16.74 29.48 -40.27
CA GLY K 435 16.26 28.21 -39.76
C GLY K 435 16.97 27.06 -40.45
N SER K 436 16.77 25.86 -39.91
CA SER K 436 17.40 24.68 -40.47
C SER K 436 16.56 23.46 -40.08
N ALA K 437 16.81 22.36 -40.80
CA ALA K 437 16.12 21.10 -40.55
C ALA K 437 16.76 20.26 -39.46
N HIS K 438 18.07 20.39 -39.25
CA HIS K 438 18.77 19.65 -38.21
C HIS K 438 18.71 20.34 -36.85
N CYS K 439 17.76 21.25 -36.66
CA CYS K 439 17.59 21.90 -35.36
C CYS K 439 17.17 20.88 -34.31
N ASN K 440 17.48 21.19 -33.05
CA ASN K 440 17.19 20.37 -31.87
C ASN K 440 17.97 19.07 -31.86
N THR K 441 19.00 18.93 -32.69
CA THR K 441 19.86 17.75 -32.71
C THR K 441 21.28 18.16 -32.36
N TYR K 442 21.90 17.43 -31.44
CA TYR K 442 23.18 17.82 -30.87
C TYR K 442 24.14 16.65 -30.93
N LEU K 443 25.44 16.97 -30.76
CA LEU K 443 26.49 15.98 -30.91
C LEU K 443 26.32 14.85 -29.91
N PHE K 444 26.03 15.18 -28.65
CA PHE K 444 25.74 14.19 -27.63
C PHE K 444 24.26 14.10 -27.31
N GLY K 445 23.41 14.80 -28.07
CA GLY K 445 21.98 14.78 -27.85
C GLY K 445 21.29 13.59 -28.52
N THR L 20 -94.85 28.94 -1.27
CA THR L 20 -93.67 29.53 -0.67
C THR L 20 -93.93 29.93 0.79
N GLU L 21 -94.96 30.74 0.99
CA GLU L 21 -95.34 31.19 2.32
C GLU L 21 -96.43 30.33 2.96
N SER L 22 -96.84 29.26 2.30
CA SER L 22 -97.90 28.41 2.85
C SER L 22 -97.44 27.69 4.10
N GLN L 23 -96.20 27.19 4.11
CA GLN L 23 -95.69 26.44 5.25
C GLN L 23 -95.09 27.33 6.34
N ILE L 24 -94.93 28.63 6.07
CA ILE L 24 -94.33 29.52 7.07
C ILE L 24 -95.14 29.60 8.36
N PRO L 25 -96.47 29.74 8.33
CA PRO L 25 -97.20 29.85 9.61
C PRO L 25 -96.99 28.65 10.53
N LYS L 26 -96.92 27.44 9.98
CA LYS L 26 -96.69 26.26 10.81
C LYS L 26 -95.21 26.05 11.11
N MET L 27 -94.33 26.53 10.22
CA MET L 27 -92.90 26.29 10.38
C MET L 27 -92.36 26.98 11.62
N TYR L 28 -92.87 28.17 11.94
CA TYR L 28 -92.41 28.91 13.11
C TYR L 28 -92.86 28.28 14.43
N GLU L 29 -93.76 27.29 14.39
CA GLU L 29 -94.31 26.72 15.61
C GLU L 29 -93.36 25.70 16.24
N MET L 30 -93.06 24.63 15.52
CA MET L 30 -92.18 23.61 16.08
C MET L 30 -90.74 24.08 16.22
N ILE L 31 -90.33 25.09 15.43
CA ILE L 31 -89.02 25.70 15.63
C ILE L 31 -88.94 26.34 17.01
N ARG L 32 -89.97 27.11 17.37
CA ARG L 32 -90.03 27.71 18.70
C ARG L 32 -90.19 26.65 19.79
N ASP L 33 -91.00 25.62 19.52
CA ASP L 33 -91.23 24.58 20.51
C ASP L 33 -89.94 23.85 20.87
N GLN L 34 -89.14 23.50 19.87
CA GLN L 34 -87.84 22.90 20.14
C GLN L 34 -86.85 23.92 20.69
N MET L 35 -87.00 25.18 20.30
CA MET L 35 -86.10 26.23 20.83
C MET L 35 -86.27 26.39 22.32
N ARG L 36 -87.52 26.43 22.81
CA ARG L 36 -87.74 26.57 24.25
C ARG L 36 -87.46 25.27 24.98
N THR L 37 -87.69 24.12 24.34
CA THR L 37 -87.48 22.84 25.00
C THR L 37 -86.02 22.65 25.38
N LEU L 38 -85.09 22.99 24.47
CA LEU L 38 -83.68 22.83 24.76
C LEU L 38 -83.23 23.74 25.89
N ALA L 39 -83.68 25.00 25.87
CA ALA L 39 -83.27 25.94 26.92
C ALA L 39 -83.94 25.61 28.25
N SER L 40 -85.24 25.39 28.25
CA SER L 40 -85.95 25.18 29.52
C SER L 40 -85.60 23.86 30.18
N THR L 41 -85.05 22.90 29.41
CA THR L 41 -84.66 21.63 30.00
C THR L 41 -83.54 21.80 31.03
N HIS L 42 -82.57 22.65 30.73
CA HIS L 42 -81.40 22.85 31.58
C HIS L 42 -81.42 24.21 32.26
N LYS L 43 -82.63 24.72 32.57
CA LYS L 43 -82.82 25.96 33.33
C LYS L 43 -82.09 27.11 32.64
N ILE L 44 -82.18 27.13 31.32
CA ILE L 44 -81.59 28.19 30.50
C ILE L 44 -82.69 29.23 30.25
N PRO L 45 -82.62 30.42 30.85
CA PRO L 45 -83.70 31.39 30.68
C PRO L 45 -83.75 31.90 29.25
N LEU L 46 -84.96 32.19 28.77
CA LEU L 46 -85.19 32.63 27.40
C LEU L 46 -85.23 34.14 27.25
N ASN L 47 -85.02 34.89 28.32
CA ASN L 47 -85.09 36.34 28.27
C ASN L 47 -83.73 37.00 28.04
N ILE L 48 -82.68 36.22 27.80
CA ILE L 48 -81.37 36.73 27.44
C ILE L 48 -81.07 36.36 25.99
N ASP L 49 -80.57 37.33 25.22
CA ASP L 49 -80.24 37.08 23.82
C ASP L 49 -79.13 36.06 23.70
N HIS L 50 -78.08 36.18 24.52
CA HIS L 50 -76.95 35.26 24.42
C HIS L 50 -77.35 33.85 24.78
N ASN L 51 -78.29 33.68 25.72
CA ASN L 51 -78.89 32.37 25.93
C ASN L 51 -79.56 31.89 24.65
N CYS L 52 -80.37 32.76 24.03
CA CYS L 52 -81.09 32.37 22.83
C CYS L 52 -80.16 32.21 21.64
N GLU L 53 -79.16 33.09 21.51
CA GLU L 53 -78.26 33.04 20.37
C GLU L 53 -77.46 31.74 20.36
N VAL L 54 -76.85 31.39 21.49
CA VAL L 54 -76.05 30.18 21.54
C VAL L 54 -76.93 28.94 21.45
N ILE L 55 -78.05 28.93 22.18
CA ILE L 55 -78.99 27.82 22.08
C ILE L 55 -79.53 27.70 20.66
N GLY L 56 -79.94 28.82 20.07
CA GLY L 56 -80.42 28.78 18.71
C GLY L 56 -79.35 28.36 17.72
N SER L 57 -78.09 28.74 17.98
CA SER L 57 -76.99 28.28 17.15
C SER L 57 -76.86 26.77 17.21
N ILE L 58 -77.09 26.17 18.38
CA ILE L 58 -77.09 24.72 18.49
C ILE L 58 -78.31 24.13 17.77
N ILE L 59 -79.47 24.81 17.88
CA ILE L 59 -80.69 24.30 17.28
C ILE L 59 -80.54 24.17 15.76
N MET L 60 -79.99 25.19 15.13
CA MET L 60 -79.91 25.18 13.67
C MET L 60 -78.94 24.12 13.18
N ALA L 61 -77.89 23.82 13.96
CA ALA L 61 -76.92 22.82 13.55
C ALA L 61 -77.57 21.45 13.35
N ALA L 62 -78.55 21.11 14.20
CA ALA L 62 -79.29 19.87 14.01
C ALA L 62 -80.13 19.88 12.74
N CYS L 63 -80.46 21.07 12.22
CA CYS L 63 -81.41 21.16 11.11
C CYS L 63 -80.79 20.68 9.80
N THR L 64 -79.57 21.13 9.48
CA THR L 64 -78.97 20.83 8.18
C THR L 64 -77.74 19.93 8.30
N ASN L 65 -76.73 20.35 9.07
CA ASN L 65 -75.51 19.57 9.23
C ASN L 65 -75.59 18.80 10.55
N ASN L 66 -76.30 17.67 10.49
CA ASN L 66 -76.61 16.88 11.68
C ASN L 66 -75.36 16.28 12.31
N ARG L 67 -74.26 16.17 11.57
CA ARG L 67 -73.05 15.49 12.04
C ARG L 67 -72.04 16.45 12.68
N ASP L 68 -72.40 17.73 12.83
CA ASP L 68 -71.45 18.70 13.39
C ASP L 68 -71.61 18.87 14.90
N LEU L 69 -72.82 19.15 15.36
CA LEU L 69 -73.04 19.44 16.77
C LEU L 69 -72.95 18.18 17.62
N ARG L 70 -72.36 18.33 18.80
CA ARG L 70 -72.23 17.20 19.70
CA ARG L 70 -72.22 17.21 19.72
C ARG L 70 -73.57 16.91 20.39
N PRO L 71 -73.83 15.64 20.72
CA PRO L 71 -75.06 15.34 21.46
C PRO L 71 -75.12 16.02 22.81
N VAL L 72 -73.98 16.15 23.49
CA VAL L 72 -73.88 16.89 24.74
C VAL L 72 -72.60 17.72 24.70
N ASP L 73 -72.70 18.98 25.11
CA ASP L 73 -71.55 19.86 25.13
C ASP L 73 -71.84 21.05 26.04
N LYS L 74 -70.77 21.73 26.43
CA LYS L 74 -70.86 22.92 27.29
C LYS L 74 -70.59 24.16 26.45
N TYR L 75 -71.51 25.13 26.50
CA TYR L 75 -71.38 26.38 25.79
C TYR L 75 -71.57 27.53 26.77
N TRP L 76 -71.45 28.75 26.25
CA TRP L 76 -71.59 29.95 27.07
C TRP L 76 -73.04 30.42 27.06
N PHE L 77 -73.63 30.52 28.25
CA PHE L 77 -74.98 31.01 28.43
C PHE L 77 -74.99 32.01 29.57
N LEU L 78 -76.18 32.45 29.96
CA LEU L 78 -76.37 33.37 31.08
C LEU L 78 -77.25 32.66 32.09
N MET L 79 -76.65 32.22 33.19
CA MET L 79 -77.32 31.42 34.21
C MET L 79 -77.52 32.25 35.47
N GLY L 80 -78.77 32.48 35.84
CA GLY L 80 -79.07 33.23 37.03
C GLY L 80 -80.51 33.67 37.16
N PRO L 81 -81.02 33.67 38.40
CA PRO L 81 -82.41 34.07 38.64
C PRO L 81 -82.57 35.58 38.88
N ALA L 82 -83.48 36.20 38.14
CA ALA L 82 -83.84 37.61 38.32
C ALA L 82 -82.60 38.51 38.19
N GLY L 83 -82.00 38.48 37.01
CA GLY L 83 -80.89 39.35 36.70
C GLY L 83 -79.54 38.91 37.22
N ALA L 84 -79.45 37.76 37.87
CA ALA L 84 -78.20 37.25 38.41
C ALA L 84 -77.46 36.36 37.42
N GLU L 85 -77.70 36.54 36.12
CA GLU L 85 -77.04 35.71 35.13
C GLU L 85 -75.55 36.03 35.03
N VAL L 86 -74.74 34.98 34.95
CA VAL L 86 -73.30 35.09 34.91
C VAL L 86 -72.76 34.12 33.87
N MET L 87 -71.57 34.40 33.35
CA MET L 87 -70.92 33.50 32.40
C MET L 87 -70.38 32.27 33.10
N THR L 88 -70.92 31.11 32.72
CA THR L 88 -70.39 29.81 33.08
C THR L 88 -70.92 28.84 32.02
N GLU L 89 -70.28 27.67 31.95
CA GLU L 89 -70.66 26.66 30.95
C GLU L 89 -71.43 25.55 31.64
N VAL L 90 -72.61 25.23 31.10
CA VAL L 90 -73.46 24.16 31.61
C VAL L 90 -73.80 23.24 30.44
N GLU L 91 -73.54 21.95 30.60
CA GLU L 91 -73.79 20.99 29.54
C GLU L 91 -75.30 20.86 29.28
N ILE L 92 -75.65 20.61 28.03
CA ILE L 92 -77.04 20.45 27.61
C ILE L 92 -77.16 19.22 26.74
N ASP L 93 -78.38 18.72 26.62
CA ASP L 93 -78.70 17.54 25.83
C ASP L 93 -79.52 17.96 24.61
N ILE L 94 -79.05 17.58 23.42
CA ILE L 94 -79.68 18.00 22.17
C ILE L 94 -80.29 16.82 21.41
N GLN L 95 -80.04 15.58 21.85
CA GLN L 95 -80.54 14.40 21.14
C GLN L 95 -82.04 14.42 20.87
N PRO L 96 -82.92 14.84 21.80
CA PRO L 96 -84.35 14.92 21.44
C PRO L 96 -84.61 15.86 20.27
N GLN L 97 -83.85 16.94 20.16
CA GLN L 97 -84.00 17.85 19.01
C GLN L 97 -83.41 17.27 17.74
N LEU L 98 -82.40 16.39 17.87
CA LEU L 98 -81.75 15.83 16.69
C LEU L 98 -82.71 14.97 15.87
N GLN L 99 -83.51 14.15 16.54
CA GLN L 99 -84.39 13.22 15.83
C GLN L 99 -85.45 13.96 15.01
N TRP L 100 -86.05 15.00 15.59
CA TRP L 100 -87.05 15.77 14.86
C TRP L 100 -86.44 16.50 13.67
N ALA L 101 -85.26 17.10 13.87
CA ALA L 101 -84.64 17.90 12.83
C ALA L 101 -84.25 17.05 11.62
N LYS L 102 -83.66 15.87 11.85
CA LYS L 102 -83.26 15.02 10.75
C LYS L 102 -84.47 14.47 10.00
N GLY L 103 -85.54 14.15 10.73
CA GLY L 103 -86.77 13.72 10.09
C GLY L 103 -87.51 14.84 9.38
N ALA L 104 -87.30 16.08 9.80
CA ALA L 104 -87.90 17.23 9.14
C ALA L 104 -87.22 17.57 7.82
N VAL L 105 -86.03 17.03 7.56
CA VAL L 105 -85.32 17.32 6.32
C VAL L 105 -86.12 16.84 5.12
N HIS L 106 -86.65 15.62 5.20
CA HIS L 106 -87.46 15.04 4.14
C HIS L 106 -88.92 14.89 4.54
N ASP L 107 -89.37 15.67 5.52
CA ASP L 107 -90.76 15.60 5.97
C ASP L 107 -91.69 16.18 4.91
N PRO L 108 -92.67 15.42 4.42
CA PRO L 108 -93.59 15.96 3.41
C PRO L 108 -94.46 17.10 3.93
N LYS L 109 -94.57 17.28 5.25
CA LYS L 109 -95.40 18.34 5.80
C LYS L 109 -94.92 19.72 5.39
N TYR L 110 -93.64 19.87 5.05
CA TYR L 110 -93.10 21.15 4.62
C TYR L 110 -93.12 21.34 3.11
N LYS L 111 -93.58 20.33 2.36
CA LYS L 111 -93.66 20.39 0.90
C LYS L 111 -92.29 20.67 0.29
N GLY L 112 -91.24 20.12 0.88
CA GLY L 112 -89.90 20.34 0.39
C GLY L 112 -89.34 21.72 0.65
N GLN L 113 -89.99 22.52 1.48
CA GLN L 113 -89.54 23.87 1.79
C GLN L 113 -88.67 23.93 3.04
N TRP L 114 -88.31 22.79 3.61
CA TRP L 114 -87.47 22.77 4.81
C TRP L 114 -86.11 23.42 4.54
N TYR L 115 -85.35 22.86 3.60
CA TYR L 115 -84.08 23.48 3.21
C TYR L 115 -84.24 24.90 2.70
N PRO L 116 -85.22 25.22 1.83
CA PRO L 116 -85.42 26.64 1.49
C PRO L 116 -85.68 27.53 2.69
N PHE L 117 -86.43 27.03 3.69
CA PHE L 117 -86.66 27.83 4.88
C PHE L 117 -85.44 27.85 5.79
N LEU L 118 -84.70 26.75 5.85
CA LEU L 118 -83.53 26.68 6.72
C LEU L 118 -82.40 27.58 6.24
N ALA L 119 -82.27 27.74 4.92
CA ALA L 119 -81.24 28.62 4.38
C ALA L 119 -81.48 30.07 4.81
N LEU L 120 -82.74 30.49 4.83
CA LEU L 120 -83.06 31.84 5.31
C LEU L 120 -82.70 31.99 6.78
N LEU L 121 -82.98 30.97 7.59
CA LEU L 121 -82.69 31.05 9.02
C LEU L 121 -81.19 31.11 9.29
N GLN L 122 -80.40 30.34 8.56
CA GLN L 122 -78.97 30.27 8.83
C GLN L 122 -78.29 31.62 8.57
N ILE L 123 -78.67 32.29 7.48
CA ILE L 123 -77.99 33.53 7.10
C ILE L 123 -78.27 34.64 8.11
N SER L 124 -79.53 34.77 8.52
CA SER L 124 -79.91 35.90 9.38
C SER L 124 -79.29 35.78 10.77
N ASN L 125 -79.22 34.57 11.32
CA ASN L 125 -78.75 34.42 12.69
C ASN L 125 -77.25 34.64 12.81
N LYS L 126 -76.48 34.23 11.81
CA LYS L 126 -75.03 34.47 11.81
C LYS L 126 -74.67 35.92 11.53
N THR L 127 -75.65 36.74 11.14
CA THR L 127 -75.35 38.14 10.82
C THR L 127 -74.88 38.91 12.05
N LYS L 128 -75.50 38.65 13.21
CA LYS L 128 -75.14 39.40 14.40
C LYS L 128 -73.68 39.20 14.78
N ASP L 129 -73.18 37.96 14.66
CA ASP L 129 -71.78 37.71 14.93
C ASP L 129 -70.89 38.50 13.96
N THR L 130 -71.31 38.60 12.70
CA THR L 130 -70.57 39.43 11.75
C THR L 130 -70.68 40.91 12.09
N ILE L 131 -71.84 41.33 12.62
CA ILE L 131 -71.99 42.72 13.05
C ILE L 131 -71.08 43.00 14.25
N LEU L 132 -71.12 42.13 15.25
CA LEU L 132 -70.29 42.31 16.44
C LEU L 132 -68.81 42.14 16.12
N TRP L 133 -68.48 41.14 15.30
CA TRP L 133 -67.11 40.90 14.85
C TRP L 133 -67.05 41.25 13.37
N GLN L 134 -66.63 42.47 13.08
CA GLN L 134 -66.63 43.01 11.72
C GLN L 134 -65.55 42.31 10.91
N LYS L 135 -65.97 41.37 10.06
CA LYS L 135 -65.07 40.61 9.20
C LYS L 135 -65.56 40.65 7.77
N TYR L 136 -64.62 40.53 6.84
CA TYR L 136 -64.92 40.53 5.40
C TYR L 136 -64.22 39.34 4.75
N PRO L 137 -64.72 38.12 4.99
CA PRO L 137 -64.03 36.93 4.47
C PRO L 137 -64.09 36.81 2.94
N VAL L 138 -65.28 36.97 2.37
CA VAL L 138 -65.46 36.70 0.95
C VAL L 138 -64.74 37.73 0.10
N THR L 139 -64.91 39.01 0.43
CA THR L 139 -64.33 40.07 -0.41
C THR L 139 -62.80 40.02 -0.38
N GLN L 140 -62.20 39.78 0.79
CA GLN L 140 -60.76 39.63 0.86
C GLN L 140 -60.30 38.41 0.07
N GLU L 141 -61.03 37.31 0.16
CA GLU L 141 -60.73 36.14 -0.66
C GLU L 141 -61.05 36.38 -2.13
N LEU L 142 -61.85 37.41 -2.44
CA LEU L 142 -62.14 37.81 -3.80
C LEU L 142 -61.34 39.04 -4.23
N GLU L 143 -60.26 39.36 -3.52
CA GLU L 143 -59.34 40.47 -3.83
C GLU L 143 -60.06 41.75 -4.25
N ILE L 144 -61.19 42.05 -3.60
CA ILE L 144 -61.96 43.25 -3.90
C ILE L 144 -62.11 44.11 -2.65
N SER L 145 -62.83 45.22 -2.77
CA SER L 145 -62.98 46.16 -1.67
C SER L 145 -63.72 45.52 -0.50
N ASN L 146 -63.30 45.87 0.71
CA ASN L 146 -63.90 45.31 1.92
C ASN L 146 -65.33 45.79 2.12
N SER L 147 -65.68 46.96 1.61
CA SER L 147 -67.06 47.46 1.72
C SER L 147 -68.05 46.66 0.89
N LEU L 148 -67.58 45.64 0.17
CA LEU L 148 -68.44 44.85 -0.71
C LEU L 148 -68.99 43.59 -0.05
N GLU L 149 -68.65 43.32 1.21
CA GLU L 149 -69.33 42.25 1.94
C GLU L 149 -70.83 42.49 2.02
N ILE L 150 -71.28 43.69 1.64
CA ILE L 150 -72.70 43.97 1.46
C ILE L 150 -73.30 43.01 0.44
N TYR L 151 -72.57 42.72 -0.64
CA TYR L 151 -73.00 41.77 -1.65
C TYR L 151 -72.41 40.38 -1.44
N ALA L 152 -71.70 40.17 -0.33
CA ALA L 152 -71.16 38.86 0.04
C ALA L 152 -72.01 38.21 1.13
N ASN L 153 -73.32 38.38 1.06
CA ASN L 153 -74.21 37.77 2.03
C ASN L 153 -74.30 36.27 1.80
N GLY L 154 -74.57 35.54 2.88
CA GLY L 154 -74.69 34.10 2.79
C GLY L 154 -73.37 33.35 2.79
N HIS L 155 -72.35 33.87 3.46
CA HIS L 155 -71.11 33.14 3.61
C HIS L 155 -71.16 32.23 4.83
N GLY L 156 -70.46 31.09 4.72
CA GLY L 156 -70.45 30.11 5.79
C GLY L 156 -71.67 29.22 5.85
N ILE L 157 -72.60 29.36 4.90
CA ILE L 157 -73.81 28.56 4.90
C ILE L 157 -73.52 27.20 4.29
N LYS L 158 -74.32 26.20 4.65
CA LYS L 158 -74.15 24.87 4.08
C LYS L 158 -74.38 24.89 2.58
N ASP L 159 -73.61 24.09 1.85
CA ASP L 159 -73.74 24.05 0.40
C ASP L 159 -75.12 23.56 -0.02
N ARG L 160 -75.70 22.63 0.75
CA ARG L 160 -77.06 22.21 0.48
C ARG L 160 -78.03 23.38 0.61
N LEU L 161 -77.86 24.19 1.66
CA LEU L 161 -78.63 25.42 1.76
C LEU L 161 -78.27 26.39 0.66
N LYS L 162 -76.97 26.48 0.33
CA LYS L 162 -76.54 27.37 -0.74
C LYS L 162 -77.10 26.92 -2.08
N ASN L 163 -77.45 25.65 -2.21
CA ASN L 163 -78.22 25.16 -3.36
C ASN L 163 -79.72 25.17 -3.11
N SER L 164 -80.15 25.49 -1.89
CA SER L 164 -81.57 25.55 -1.55
C SER L 164 -82.14 26.95 -1.74
N ARG L 165 -81.47 27.97 -1.20
CA ARG L 165 -81.82 29.37 -1.43
C ARG L 165 -80.57 30.13 -1.85
N PRO L 166 -80.07 29.86 -3.05
CA PRO L 166 -78.91 30.62 -3.55
C PRO L 166 -79.23 32.08 -3.83
N ARG L 167 -80.49 32.42 -4.06
CA ARG L 167 -80.86 33.81 -4.31
C ARG L 167 -80.59 34.67 -3.09
N SER L 168 -80.88 34.15 -1.89
CA SER L 168 -80.57 34.89 -0.67
C SER L 168 -79.07 35.03 -0.47
N VAL L 169 -78.31 33.97 -0.79
CA VAL L 169 -76.86 34.03 -0.67
C VAL L 169 -76.33 35.03 -1.69
N GLY L 170 -75.55 36.00 -1.22
CA GLY L 170 -75.04 37.05 -2.06
C GLY L 170 -74.16 36.52 -3.17
N PRO L 171 -74.11 37.26 -4.29
CA PRO L 171 -73.31 36.78 -5.44
C PRO L 171 -71.85 36.56 -5.10
N LEU L 172 -71.26 37.43 -4.27
CA LEU L 172 -69.84 37.31 -3.98
C LEU L 172 -69.51 35.98 -3.33
N VAL L 173 -70.37 35.51 -2.43
CA VAL L 173 -70.19 34.18 -1.84
C VAL L 173 -70.24 33.11 -2.94
N HIS L 174 -71.24 33.21 -3.81
CA HIS L 174 -71.27 32.35 -4.99
C HIS L 174 -70.07 32.63 -5.89
N LEU L 175 -69.74 33.90 -6.08
CA LEU L 175 -68.53 34.25 -6.82
C LEU L 175 -67.29 33.69 -6.15
N LEU L 176 -67.25 33.73 -4.82
CA LEU L 176 -66.20 33.03 -4.09
C LEU L 176 -66.30 31.53 -4.31
N HIS L 177 -67.51 30.97 -4.14
CA HIS L 177 -67.72 29.56 -4.48
C HIS L 177 -67.45 29.29 -5.95
N LEU L 178 -67.64 30.29 -6.81
CA LEU L 178 -67.12 30.20 -8.17
C LEU L 178 -65.61 30.30 -8.20
N LYS L 179 -65.04 31.25 -7.45
CA LYS L 179 -63.59 31.42 -7.44
C LYS L 179 -62.91 30.18 -6.89
N ARG L 180 -63.48 29.57 -5.84
CA ARG L 180 -62.88 28.37 -5.25
C ARG L 180 -62.77 27.26 -6.27
N LEU L 181 -63.65 27.24 -7.26
CA LEU L 181 -63.59 26.20 -8.29
C LEU L 181 -62.46 26.45 -9.28
N GLN L 182 -62.21 27.72 -9.63
CA GLN L 182 -61.07 28.08 -10.45
C GLN L 182 -59.92 28.68 -9.64
N GLU L 183 -59.94 28.52 -8.32
CA GLU L 183 -58.79 28.94 -7.51
C GLU L 183 -57.54 28.13 -7.88
N ASN L 184 -57.72 26.83 -8.13
CA ASN L 184 -56.62 25.97 -8.52
C ASN L 184 -56.06 26.35 -9.89
N SER L 188 -64.18 15.53 -12.97
CA SER L 188 -65.33 15.43 -12.08
C SER L 188 -66.53 16.19 -12.64
N PRO L 189 -67.49 15.45 -13.21
CA PRO L 189 -68.69 16.11 -13.76
C PRO L 189 -69.56 16.77 -12.72
N ALA L 190 -69.44 16.40 -11.44
CA ALA L 190 -70.27 16.99 -10.40
C ALA L 190 -69.83 18.40 -10.03
N VAL L 191 -68.59 18.77 -10.34
CA VAL L 191 -68.13 20.12 -10.04
C VAL L 191 -68.88 21.14 -10.89
N ASN L 192 -69.12 20.81 -12.16
CA ASN L 192 -69.85 21.73 -13.03
CA ASN L 192 -69.85 21.73 -13.03
C ASN L 192 -71.27 21.96 -12.54
N GLY L 193 -71.92 20.91 -12.05
CA GLY L 193 -73.29 21.06 -11.56
C GLY L 193 -73.39 22.06 -10.43
N ILE L 194 -72.40 22.07 -9.52
CA ILE L 194 -72.34 23.10 -8.50
C ILE L 194 -72.04 24.45 -9.13
N ARG L 195 -71.14 24.48 -10.12
CA ARG L 195 -70.74 25.74 -10.74
C ARG L 195 -71.86 26.33 -11.60
N LYS L 196 -72.56 25.49 -12.35
CA LYS L 196 -73.60 25.99 -13.25
C LYS L 196 -74.72 26.66 -12.46
N SER L 197 -75.10 26.09 -11.32
CA SER L 197 -76.01 26.77 -10.42
C SER L 197 -75.40 28.05 -9.88
N ILE L 198 -74.17 27.96 -9.38
CA ILE L 198 -73.50 29.12 -8.79
C ILE L 198 -73.45 30.26 -9.79
N VAL L 199 -73.00 29.98 -11.01
CA VAL L 199 -72.94 31.01 -12.05
C VAL L 199 -74.34 31.47 -12.43
N GLY L 200 -75.28 30.53 -12.53
CA GLY L 200 -76.65 30.89 -12.86
C GLY L 200 -77.28 31.78 -11.81
N HIS L 201 -77.02 31.49 -10.52
CA HIS L 201 -77.51 32.34 -9.45
C HIS L 201 -76.68 33.61 -9.30
N LEU L 202 -75.46 33.64 -9.84
CA LEU L 202 -74.76 34.90 -10.01
C LEU L 202 -75.49 35.79 -11.00
N LYS L 203 -75.91 35.22 -12.13
CA LYS L 203 -76.56 36.00 -13.18
C LYS L 203 -77.96 36.45 -12.74
N ARG L 204 -78.68 35.60 -12.02
CA ARG L 204 -80.00 35.99 -11.55
C ARG L 204 -79.92 37.13 -10.54
N GLN L 205 -78.93 37.09 -9.65
CA GLN L 205 -78.81 38.13 -8.64
C GLN L 205 -78.35 39.45 -9.27
N CYS L 206 -77.32 39.40 -10.11
CA CYS L 206 -76.79 40.59 -10.76
C CYS L 206 -77.50 40.78 -12.10
N ILE L 207 -78.46 41.71 -12.13
CA ILE L 207 -79.27 41.90 -13.33
C ILE L 207 -78.55 42.70 -14.41
N GLY L 208 -77.38 43.24 -14.13
CA GLY L 208 -76.67 44.07 -15.09
C GLY L 208 -76.37 43.36 -16.39
N GLU L 209 -76.73 43.99 -17.51
CA GLU L 209 -76.46 43.39 -18.82
C GLU L 209 -74.96 43.17 -19.02
N THR L 210 -74.15 44.17 -18.64
CA THR L 210 -72.71 43.95 -18.64
C THR L 210 -72.29 43.03 -17.50
N GLN L 211 -72.90 43.19 -16.32
CA GLN L 211 -72.53 42.35 -15.19
C GLN L 211 -72.82 40.88 -15.47
N LYS L 212 -73.96 40.59 -16.09
CA LYS L 212 -74.25 39.21 -16.48
C LYS L 212 -73.19 38.67 -17.43
N ALA L 213 -72.78 39.49 -18.40
CA ALA L 213 -71.77 39.05 -19.35
C ALA L 213 -70.40 38.91 -18.69
N MET L 214 -70.05 39.82 -17.80
CA MET L 214 -68.72 39.84 -17.19
C MET L 214 -68.65 39.03 -15.90
N ILE L 215 -69.75 38.41 -15.48
CA ILE L 215 -69.66 37.36 -14.47
C ILE L 215 -69.36 36.01 -15.13
N ASN L 216 -69.84 35.81 -16.36
CA ASN L 216 -69.53 34.57 -17.08
C ASN L 216 -68.04 34.44 -17.34
N GLN L 217 -67.36 35.56 -17.63
CA GLN L 217 -65.92 35.52 -17.77
C GLN L 217 -65.21 35.16 -16.47
N PHE L 218 -65.85 35.41 -15.33
CA PHE L 218 -65.33 34.93 -14.06
C PHE L 218 -65.44 33.41 -13.94
N GLU L 219 -66.49 32.84 -14.55
CA GLU L 219 -66.63 31.39 -14.57
C GLU L 219 -65.49 30.73 -15.33
N MET L 220 -64.97 31.40 -16.37
CA MET L 220 -63.85 30.86 -17.12
C MET L 220 -62.61 30.72 -16.23
N GLY L 221 -62.38 31.71 -15.36
CA GLY L 221 -61.27 31.62 -14.44
C GLY L 221 -60.49 32.91 -14.28
N ARG L 222 -60.85 33.93 -15.08
CA ARG L 222 -60.17 35.22 -15.02
C ARG L 222 -60.83 36.12 -13.99
N TRP L 223 -60.00 36.93 -13.32
CA TRP L 223 -60.49 37.81 -12.28
C TRP L 223 -59.82 39.18 -12.34
N GLU L 224 -59.44 39.62 -13.55
CA GLU L 224 -58.91 40.97 -13.70
C GLU L 224 -60.02 42.01 -13.61
N SER L 225 -61.19 41.69 -14.15
CA SER L 225 -62.37 42.53 -14.00
C SER L 225 -63.12 42.25 -12.70
N LEU L 226 -62.57 41.38 -11.85
CA LEU L 226 -63.12 41.21 -10.51
C LEU L 226 -63.07 42.54 -9.75
N SER L 227 -62.02 43.32 -9.97
CA SER L 227 -61.99 44.69 -9.46
C SER L 227 -62.98 45.58 -10.20
N THR L 228 -63.16 45.35 -11.50
CA THR L 228 -64.26 46.03 -12.21
C THR L 228 -65.61 45.60 -11.64
N PHE L 229 -65.78 44.30 -11.36
CA PHE L 229 -66.98 43.84 -10.69
C PHE L 229 -67.08 44.43 -9.30
N ALA L 230 -65.94 44.69 -8.66
CA ALA L 230 -65.94 45.43 -7.40
C ALA L 230 -66.52 46.83 -7.60
N ALA L 231 -66.10 47.50 -8.67
CA ALA L 231 -66.64 48.83 -8.97
C ALA L 231 -68.04 48.74 -9.55
N SER L 232 -68.32 47.69 -10.34
CA SER L 232 -69.65 47.52 -10.90
C SER L 232 -70.68 47.29 -9.80
N LEU L 233 -70.35 46.44 -8.82
CA LEU L 233 -71.26 46.21 -7.71
C LEU L 233 -71.62 47.51 -7.01
N LEU L 234 -70.64 48.41 -6.87
CA LEU L 234 -70.91 49.72 -6.30
C LEU L 234 -71.82 50.55 -7.20
N ALA L 235 -71.74 50.38 -8.51
CA ALA L 235 -72.54 51.19 -9.42
C ALA L 235 -73.87 50.52 -9.75
N ILE L 236 -73.83 49.34 -10.34
CA ILE L 236 -75.04 48.56 -10.59
CA ILE L 236 -75.03 48.55 -10.61
C ILE L 236 -75.32 47.69 -9.37
N LYS L 237 -76.53 47.80 -8.83
CA LYS L 237 -76.87 47.15 -7.58
C LYS L 237 -77.62 45.85 -7.85
N PRO L 238 -77.03 44.69 -7.54
CA PRO L 238 -77.66 43.41 -7.90
C PRO L 238 -78.93 43.14 -7.11
N ARG L 239 -79.80 42.34 -7.71
CA ARG L 239 -81.01 41.89 -7.03
C ARG L 239 -80.65 40.90 -5.94
N ILE L 240 -81.16 41.14 -4.73
CA ILE L 240 -80.96 40.25 -3.59
C ILE L 240 -82.33 39.96 -3.00
N GLU L 241 -82.79 38.72 -3.13
CA GLU L 241 -84.07 38.35 -2.56
C GLU L 241 -83.97 38.33 -1.03
N ASN L 242 -85.01 38.86 -0.38
CA ASN L 242 -85.05 38.95 1.07
C ASN L 242 -86.34 38.33 1.57
N HIS L 243 -86.32 37.95 2.85
CA HIS L 243 -87.50 37.44 3.52
C HIS L 243 -87.41 37.82 4.99
N PHE L 244 -88.54 38.17 5.58
CA PHE L 244 -88.60 38.64 6.97
C PHE L 244 -88.70 37.44 7.89
N VAL L 245 -87.59 37.10 8.55
CA VAL L 245 -87.52 35.97 9.47
C VAL L 245 -86.97 36.46 10.80
N LEU L 246 -87.63 36.06 11.89
CA LEU L 246 -87.21 36.45 13.22
C LEU L 246 -85.97 35.69 13.64
N THR L 247 -85.34 36.16 14.72
CA THR L 247 -84.15 35.55 15.27
C THR L 247 -84.52 34.65 16.46
N TYR L 248 -83.51 33.98 17.01
CA TYR L 248 -83.74 33.10 18.16
C TYR L 248 -84.36 33.82 19.35
N PRO L 249 -83.85 34.97 19.81
CA PRO L 249 -84.49 35.63 20.95
C PRO L 249 -85.93 36.04 20.69
N LEU L 250 -86.27 36.43 19.46
CA LEU L 250 -87.63 36.85 19.16
C LEU L 250 -88.55 35.66 18.93
N ILE L 251 -88.04 34.59 18.31
CA ILE L 251 -88.87 33.41 18.05
C ILE L 251 -89.32 32.79 19.37
N ALA L 252 -88.41 32.65 20.32
CA ALA L 252 -88.78 32.14 21.64
C ALA L 252 -89.70 33.07 22.39
N ASN L 253 -89.67 34.37 22.08
CA ASN L 253 -90.53 35.36 22.72
C ASN L 253 -91.77 35.68 21.91
N CYS L 254 -91.98 35.03 20.78
CA CYS L 254 -93.15 35.25 19.94
C CYS L 254 -94.16 34.14 20.18
N GLU L 255 -95.32 34.50 20.74
CA GLU L 255 -96.37 33.54 21.08
CA GLU L 255 -96.37 33.54 21.07
C GLU L 255 -97.46 33.46 20.02
N ASP L 256 -97.36 34.22 18.94
CA ASP L 256 -98.38 34.22 17.89
C ASP L 256 -97.72 33.94 16.55
N PHE L 257 -98.28 32.98 15.81
CA PHE L 257 -97.79 32.65 14.48
C PHE L 257 -98.91 32.37 13.49
N ALA L 258 -100.12 32.83 13.77
CA ALA L 258 -101.26 32.53 12.90
C ALA L 258 -101.09 33.15 11.52
N GLY L 259 -100.69 34.41 11.47
CA GLY L 259 -100.51 35.09 10.20
C GLY L 259 -99.06 35.20 9.80
N ALA L 260 -98.25 34.23 10.19
CA ALA L 260 -96.80 34.26 9.96
C ALA L 260 -96.52 33.97 8.49
N THR L 261 -96.40 35.02 7.69
CA THR L 261 -95.99 34.91 6.30
C THR L 261 -94.68 35.68 6.11
N LEU L 262 -94.25 35.80 4.86
CA LEU L 262 -92.98 36.44 4.54
C LEU L 262 -93.12 37.70 3.70
N SER L 263 -94.34 38.14 3.39
CA SER L 263 -94.51 39.28 2.50
C SER L 263 -95.61 40.21 3.01
N ASP L 264 -95.62 40.50 4.31
CA ASP L 264 -96.59 41.42 4.87
C ASP L 264 -95.98 42.08 6.10
N GLU L 265 -96.83 42.75 6.88
CA GLU L 265 -96.42 43.47 8.08
C GLU L 265 -96.44 42.59 9.34
N TRP L 266 -96.75 41.30 9.20
CA TRP L 266 -96.84 40.44 10.37
C TRP L 266 -95.53 40.40 11.13
N VAL L 267 -94.40 40.29 10.42
CA VAL L 267 -93.10 40.29 11.07
C VAL L 267 -92.84 41.62 11.76
N PHE L 268 -93.16 42.73 11.08
CA PHE L 268 -93.02 44.04 11.70
C PHE L 268 -93.92 44.17 12.92
N LYS L 269 -95.18 43.72 12.81
CA LYS L 269 -96.08 43.75 13.95
C LYS L 269 -95.62 42.82 15.06
N ALA L 270 -95.09 41.65 14.69
CA ALA L 270 -94.64 40.69 15.71
C ALA L 270 -93.50 41.25 16.54
N MET L 271 -92.54 41.91 15.89
CA MET L 271 -91.43 42.50 16.63
C MET L 271 -91.92 43.60 17.58
N GLU L 272 -92.86 44.42 17.12
CA GLU L 272 -93.42 45.44 18.01
C GLU L 272 -94.13 44.81 19.19
N LYS L 273 -94.86 43.72 18.96
CA LYS L 273 -95.51 43.00 20.05
C LYS L 273 -94.48 42.47 21.04
N ILE L 274 -93.39 41.90 20.53
CA ILE L 274 -92.32 41.45 21.42
C ILE L 274 -91.61 42.64 22.06
N SER L 275 -91.41 43.72 21.30
CA SER L 275 -90.78 44.91 21.85
C SER L 275 -91.63 45.52 22.96
N ASN L 276 -92.95 45.56 22.77
CA ASN L 276 -93.83 46.08 23.82
C ASN L 276 -93.79 45.20 25.06
N LYS L 277 -93.54 43.90 24.89
CA LYS L 277 -93.46 43.00 26.04
C LYS L 277 -92.25 43.33 26.91
N LYS L 278 -91.12 43.67 26.29
CA LYS L 278 -89.88 43.98 27.00
C LYS L 278 -89.45 42.82 27.91
N THR L 279 -89.62 41.59 27.41
CA THR L 279 -89.25 40.40 28.15
C THR L 279 -87.95 39.77 27.64
N LEU L 280 -87.12 40.55 26.95
CA LEU L 280 -85.87 40.05 26.40
C LEU L 280 -84.73 41.00 26.73
N ARG L 281 -83.57 40.43 27.07
CA ARG L 281 -82.40 41.18 27.45
C ARG L 281 -81.25 40.87 26.49
N VAL L 282 -80.34 41.84 26.34
CA VAL L 282 -79.18 41.72 25.48
C VAL L 282 -77.92 41.73 26.31
N CYS L 283 -76.87 41.11 25.79
CA CYS L 283 -75.59 40.98 26.49
C CYS L 283 -74.47 41.55 25.63
N GLY L 284 -73.63 42.39 26.24
CA GLY L 284 -72.54 43.01 25.52
C GLY L 284 -71.36 43.36 26.42
N PRO L 285 -70.35 44.00 25.82
CA PRO L 285 -69.18 44.43 26.62
C PRO L 285 -69.53 45.41 27.73
N ASP L 286 -70.48 46.30 27.48
CA ASP L 286 -70.88 47.32 28.45
C ASP L 286 -72.24 47.85 28.06
N GLU L 287 -72.81 48.67 28.95
CA GLU L 287 -74.18 49.13 28.80
C GLU L 287 -74.37 50.14 27.66
N LYS L 288 -73.28 50.65 27.07
CA LYS L 288 -73.42 51.54 25.93
C LYS L 288 -73.94 50.82 24.70
N TRP L 289 -73.83 49.50 24.65
CA TRP L 289 -74.22 48.71 23.49
C TRP L 289 -75.71 48.40 23.44
N ILE L 290 -76.49 48.93 24.39
CA ILE L 290 -77.93 48.64 24.40
C ILE L 290 -78.60 49.18 23.14
N SER L 291 -78.23 50.40 22.74
CA SER L 291 -78.77 50.96 21.50
C SER L 291 -78.23 50.24 20.27
N PHE L 292 -76.94 49.88 20.31
CA PHE L 292 -76.33 49.20 19.18
C PHE L 292 -77.00 47.85 18.92
N MET L 293 -77.29 47.10 19.97
CA MET L 293 -77.89 45.77 19.81
C MET L 293 -79.38 45.84 19.54
N ASN L 294 -80.06 46.87 20.05
CA ASN L 294 -81.45 47.08 19.69
C ASN L 294 -81.60 47.32 18.18
N GLN L 295 -80.65 48.07 17.61
CA GLN L 295 -80.62 48.23 16.16
C GLN L 295 -80.18 46.93 15.47
N ILE L 296 -79.37 46.12 16.14
CA ILE L 296 -78.95 44.84 15.57
C ILE L 296 -80.15 43.95 15.32
N TYR L 297 -81.11 43.94 16.25
CA TYR L 297 -82.34 43.20 16.03
C TYR L 297 -83.06 43.71 14.79
N ILE L 298 -83.11 45.03 14.62
CA ILE L 298 -83.64 45.60 13.39
C ILE L 298 -82.73 45.25 12.21
N HIS L 299 -81.41 45.25 12.44
CA HIS L 299 -80.47 44.90 11.39
C HIS L 299 -80.61 43.45 10.96
N SER L 300 -80.81 42.55 11.92
CA SER L 300 -80.72 41.12 11.63
C SER L 300 -82.05 40.55 11.12
N VAL L 301 -83.17 40.92 11.73
CA VAL L 301 -84.45 40.31 11.38
C VAL L 301 -84.84 40.69 9.95
N PHE L 302 -84.70 41.97 9.61
CA PHE L 302 -85.03 42.43 8.26
C PHE L 302 -83.85 42.39 7.31
N GLN L 303 -82.69 41.91 7.77
CA GLN L 303 -81.48 41.82 6.95
C GLN L 303 -81.11 43.19 6.36
N THR L 304 -81.06 44.19 7.23
CA THR L 304 -80.76 45.57 6.84
C THR L 304 -79.47 46.05 7.50
N THR L 305 -78.45 45.19 7.52
CA THR L 305 -77.17 45.57 8.09
C THR L 305 -76.50 46.69 7.29
N GLY L 306 -76.44 46.53 5.98
CA GLY L 306 -75.80 47.48 5.10
C GLY L 306 -76.70 48.59 4.58
N GLU L 307 -77.93 48.69 5.09
CA GLU L 307 -78.82 49.74 4.63
C GLU L 307 -78.41 51.10 5.17
N ASP L 308 -78.79 52.14 4.43
CA ASP L 308 -78.57 53.52 4.81
C ASP L 308 -79.19 53.81 6.16
N LEU L 309 -78.45 54.53 7.01
CA LEU L 309 -78.95 54.85 8.34
C LEU L 309 -80.19 55.74 8.30
N GLY L 310 -80.22 56.73 7.40
CA GLY L 310 -81.38 57.60 7.31
C GLY L 310 -82.62 56.85 6.85
N VAL L 311 -82.43 55.77 6.11
CA VAL L 311 -83.54 54.88 5.75
C VAL L 311 -84.18 54.27 6.98
N LEU L 312 -83.35 53.73 7.88
CA LEU L 312 -83.87 53.05 9.06
C LEU L 312 -84.42 54.02 10.10
N GLU L 313 -83.84 55.21 10.20
CA GLU L 313 -84.34 56.21 11.16
C GLU L 313 -85.76 56.63 10.82
N TRP L 314 -86.05 56.85 9.54
CA TRP L 314 -87.39 57.26 9.15
C TRP L 314 -88.39 56.12 9.35
N VAL L 315 -88.00 54.90 8.96
CA VAL L 315 -88.90 53.75 9.07
C VAL L 315 -89.14 53.40 10.53
N PHE L 316 -88.08 53.35 11.33
CA PHE L 316 -88.14 52.83 12.70
C PHE L 316 -88.14 53.93 13.75
N GLY L 317 -88.18 55.20 13.34
CA GLY L 317 -88.35 56.30 14.28
C GLY L 317 -87.25 56.43 15.32
N GLY L 318 -86.01 56.13 14.97
CA GLY L 318 -84.92 56.27 15.91
C GLY L 318 -83.59 56.22 15.20
N ARG L 319 -82.60 56.92 15.76
CA ARG L 319 -81.27 56.95 15.18
CA ARG L 319 -81.27 56.95 15.18
C ARG L 319 -80.60 55.58 15.31
N PHE L 320 -79.79 55.23 14.32
CA PHE L 320 -79.07 53.97 14.30
C PHE L 320 -77.58 54.23 14.45
N CYS L 321 -76.98 53.65 15.49
CA CYS L 321 -75.57 53.84 15.77
C CYS L 321 -74.71 53.06 14.79
N GLN L 322 -73.47 53.52 14.62
CA GLN L 322 -72.50 52.89 13.73
C GLN L 322 -71.52 52.05 14.54
N ARG L 323 -70.80 51.18 13.82
CA ARG L 323 -69.80 50.34 14.46
C ARG L 323 -68.61 51.15 14.93
N LYS L 324 -68.32 52.28 14.28
CA LYS L 324 -67.20 53.12 14.69
C LYS L 324 -67.42 53.76 16.06
N GLU L 325 -68.68 53.96 16.45
CA GLU L 325 -68.99 54.55 17.75
C GLU L 325 -68.61 53.66 18.92
N PHE L 326 -68.32 52.38 18.66
CA PHE L 326 -67.98 51.44 19.72
C PHE L 326 -66.65 50.77 19.39
N GLY L 327 -65.99 50.25 20.41
CA GLY L 327 -64.74 49.54 20.25
C GLY L 327 -64.98 48.10 19.83
N ARG L 328 -63.95 47.28 20.03
CA ARG L 328 -64.05 45.87 19.69
C ARG L 328 -65.08 45.17 20.58
N TYR L 329 -65.81 44.23 19.99
CA TYR L 329 -66.82 43.50 20.75
C TYR L 329 -66.14 42.51 21.70
N CYS L 330 -66.72 42.37 22.89
CA CYS L 330 -66.17 41.48 23.89
C CYS L 330 -66.44 40.03 23.49
N LYS L 331 -65.71 39.11 24.13
CA LYS L 331 -65.85 37.70 23.80
C LYS L 331 -67.21 37.18 24.20
N LYS L 332 -67.67 36.14 23.50
CA LYS L 332 -68.94 35.51 23.85
C LYS L 332 -68.89 34.88 25.23
N SER L 333 -67.69 34.67 25.78
CA SER L 333 -67.53 34.17 27.14
C SER L 333 -67.67 35.25 28.19
N GLN L 334 -67.90 36.51 27.80
CA GLN L 334 -68.04 37.59 28.77
C GLN L 334 -69.15 38.57 28.41
N THR L 335 -70.11 38.19 27.58
CA THR L 335 -71.21 39.09 27.24
C THR L 335 -72.22 39.12 28.38
N LYS L 336 -72.27 40.24 29.09
CA LYS L 336 -73.10 40.37 30.28
C LYS L 336 -74.34 41.20 29.99
N VAL L 337 -75.42 40.93 30.73
CA VAL L 337 -76.69 41.61 30.52
C VAL L 337 -76.51 43.10 30.70
N ILE L 338 -76.96 43.88 29.71
CA ILE L 338 -76.79 45.32 29.71
C ILE L 338 -78.10 46.09 29.61
N GLY L 339 -79.20 45.45 29.27
CA GLY L 339 -80.47 46.15 29.18
C GLY L 339 -81.52 45.31 28.51
N LEU L 340 -82.69 45.92 28.35
CA LEU L 340 -83.84 45.26 27.74
C LEU L 340 -83.90 45.56 26.25
N PHE L 341 -84.34 44.56 25.48
CA PHE L 341 -84.52 44.72 24.05
C PHE L 341 -85.72 45.62 23.77
N THR L 342 -85.54 46.58 22.87
CA THR L 342 -86.62 47.46 22.45
C THR L 342 -86.63 47.60 20.94
N PHE L 343 -87.80 47.89 20.39
CA PHE L 343 -87.97 48.03 18.95
C PHE L 343 -89.19 48.90 18.69
N GLN L 344 -89.12 49.70 17.63
CA GLN L 344 -90.26 50.51 17.20
C GLN L 344 -90.11 50.77 15.71
N TYR L 345 -91.25 50.79 15.01
CA TYR L 345 -91.27 51.05 13.59
C TYR L 345 -92.51 51.86 13.23
N GLU L 346 -92.38 52.70 12.21
CA GLU L 346 -93.49 53.51 11.74
C GLU L 346 -93.92 53.16 10.32
N TYR L 347 -93.06 52.50 9.54
CA TYR L 347 -93.37 52.11 8.17
C TYR L 347 -92.76 50.74 7.92
N TRP L 348 -92.97 50.22 6.71
CA TRP L 348 -92.39 48.95 6.31
C TRP L 348 -92.52 48.83 4.79
N SER L 349 -92.05 47.71 4.25
CA SER L 349 -92.16 47.44 2.83
C SER L 349 -92.04 45.94 2.61
N LYS L 350 -92.54 45.49 1.46
CA LYS L 350 -92.39 44.09 1.09
C LYS L 350 -90.92 43.77 0.85
N PRO L 351 -90.50 42.55 1.15
CA PRO L 351 -89.10 42.18 0.92
C PRO L 351 -88.72 42.26 -0.55
N LEU L 352 -87.45 42.57 -0.79
CA LEU L 352 -86.97 42.80 -2.15
C LEU L 352 -87.09 41.52 -2.97
N LYS L 353 -87.93 41.56 -4.01
CA LYS L 353 -88.12 40.42 -4.90
C LYS L 353 -87.37 40.59 -6.21
N SER L 354 -87.58 41.72 -6.88
CA SER L 354 -86.88 42.04 -8.11
C SER L 354 -85.74 43.02 -7.83
N ALA L 355 -85.11 43.50 -8.89
CA ALA L 355 -83.99 44.42 -8.73
C ALA L 355 -84.51 45.83 -8.39
N PRO L 356 -83.99 46.45 -7.33
CA PRO L 356 -84.44 47.80 -6.96
C PRO L 356 -84.14 48.85 -8.02
N ARG L 357 -82.87 49.00 -8.40
CA ARG L 357 -82.49 49.94 -9.46
C ARG L 357 -82.79 49.29 -10.81
N SER L 358 -83.85 49.75 -11.47
CA SER L 358 -84.27 49.20 -12.76
C SER L 358 -84.20 50.29 -13.81
N ILE L 359 -83.49 50.00 -14.90
CA ILE L 359 -83.42 50.90 -16.05
C ILE L 359 -84.49 50.55 -17.08
N GLU L 360 -85.44 49.69 -16.72
CA GLU L 360 -86.51 49.28 -17.62
C GLU L 360 -87.46 50.44 -17.90
N ILE L 367 -90.58 56.37 -29.92
CA ILE L 367 -90.89 57.70 -30.45
C ILE L 367 -91.39 57.58 -31.89
N SER L 368 -91.65 56.36 -32.33
CA SER L 368 -92.18 56.13 -33.66
C SER L 368 -92.93 54.80 -33.68
N CYS L 369 -93.89 54.71 -34.58
CA CYS L 369 -94.65 53.48 -34.81
C CYS L 369 -94.52 53.11 -36.27
N ARG L 370 -94.69 51.84 -36.57
CA ARG L 370 -94.38 51.35 -37.90
C ARG L 370 -95.67 50.92 -38.58
N PRO L 371 -96.27 51.76 -39.42
CA PRO L 371 -97.59 51.45 -39.99
C PRO L 371 -97.54 50.32 -41.00
N SER L 372 -98.13 49.18 -40.64
CA SER L 372 -97.95 47.95 -41.40
C SER L 372 -99.12 47.62 -42.32
N PHE L 373 -100.28 48.24 -42.14
CA PHE L 373 -101.43 47.88 -42.96
C PHE L 373 -101.76 48.97 -43.98
N LYS L 374 -102.72 48.66 -44.84
CA LYS L 374 -103.24 49.60 -45.83
C LYS L 374 -104.10 50.69 -45.19
N GLY L 375 -104.75 50.41 -44.07
CA GLY L 375 -105.70 51.35 -43.51
C GLY L 375 -105.05 52.59 -42.92
N LYS L 376 -105.11 53.68 -43.67
CA LYS L 376 -104.39 54.90 -43.37
C LYS L 376 -105.05 55.65 -42.22
N ARG L 377 -104.35 56.68 -41.74
CA ARG L 377 -104.78 57.45 -40.59
C ARG L 377 -104.00 58.75 -40.60
N PRO L 378 -104.35 59.70 -39.72
CA PRO L 378 -103.43 60.82 -39.48
C PRO L 378 -102.05 60.31 -39.09
N SER L 379 -101.06 60.64 -39.91
CA SER L 379 -99.68 60.22 -39.64
C SER L 379 -99.11 61.05 -38.51
N TYR L 380 -98.65 60.39 -37.44
CA TYR L 380 -98.14 61.07 -36.27
C TYR L 380 -96.67 60.71 -36.07
N ASN L 381 -95.87 61.70 -35.67
CA ASN L 381 -94.47 61.50 -35.31
C ASN L 381 -94.22 62.03 -33.91
N ASN L 382 -93.56 61.22 -33.09
CA ASN L 382 -93.21 61.62 -31.73
C ASN L 382 -91.81 62.19 -31.62
N PHE L 383 -91.07 62.27 -32.73
CA PHE L 383 -89.73 62.83 -32.77
C PHE L 383 -89.74 64.06 -33.67
N THR L 384 -89.20 65.16 -33.17
CA THR L 384 -89.14 66.39 -33.95
C THR L 384 -88.11 66.29 -35.07
N SER L 385 -86.99 65.63 -34.81
CA SER L 385 -85.94 65.47 -35.81
C SER L 385 -85.23 64.13 -35.66
N SER L 399 -65.89 50.42 -25.25
CA SER L 399 -65.17 49.22 -24.81
C SER L 399 -66.00 48.41 -23.83
N PHE L 400 -65.55 47.18 -23.54
CA PHE L 400 -66.26 46.34 -22.60
C PHE L 400 -66.28 46.96 -21.21
N TYR L 401 -65.14 47.49 -20.76
CA TYR L 401 -65.11 48.23 -19.51
C TYR L 401 -65.98 49.48 -19.61
N ASP L 402 -65.92 50.18 -20.75
CA ASP L 402 -66.79 51.34 -20.95
C ASP L 402 -68.26 50.93 -20.95
N GLN L 403 -68.57 49.79 -21.57
CA GLN L 403 -69.94 49.29 -21.53
C GLN L 403 -70.38 49.00 -20.10
N VAL L 404 -69.50 48.41 -19.30
CA VAL L 404 -69.75 48.31 -17.86
C VAL L 404 -69.91 49.69 -17.27
N ARG L 405 -68.98 50.60 -17.59
CA ARG L 405 -69.10 51.98 -17.10
C ARG L 405 -70.34 52.65 -17.64
N GLU L 406 -70.71 52.37 -18.89
CA GLU L 406 -71.96 52.91 -19.44
C GLU L 406 -73.15 52.40 -18.67
N GLU L 407 -73.20 51.08 -18.40
CA GLU L 407 -74.22 50.55 -17.51
C GLU L 407 -74.06 51.10 -16.10
N CYS L 408 -72.81 51.26 -15.65
CA CYS L 408 -72.56 51.98 -14.40
C CYS L 408 -73.09 53.40 -14.47
N GLN L 409 -72.78 54.10 -15.56
CA GLN L 409 -73.26 55.48 -15.74
C GLN L 409 -74.78 55.54 -15.85
N LYS L 410 -75.40 54.54 -16.50
CA LYS L 410 -76.86 54.50 -16.54
C LYS L 410 -77.42 54.36 -15.13
N TYR L 411 -76.75 53.57 -14.28
CA TYR L 411 -77.14 53.48 -12.87
C TYR L 411 -76.65 54.67 -12.05
N MET L 412 -75.73 55.48 -12.60
CA MET L 412 -75.40 56.76 -11.98
C MET L 412 -76.52 57.77 -12.20
N ASP L 413 -77.17 57.71 -13.37
CA ASP L 413 -78.21 58.68 -13.70
C ASP L 413 -79.57 58.29 -13.11
N LEU L 414 -79.68 57.09 -12.55
CA LEU L 414 -80.93 56.69 -11.91
C LEU L 414 -81.15 57.50 -10.63
N LYS L 415 -82.31 58.13 -10.54
CA LYS L 415 -82.73 58.83 -9.34
C LYS L 415 -83.65 57.99 -8.47
N VAL L 416 -84.04 56.82 -8.96
CA VAL L 416 -85.10 56.01 -8.36
C VAL L 416 -84.58 54.61 -8.08
N GLU L 417 -84.86 54.12 -6.87
CA GLU L 417 -84.61 52.74 -6.50
C GLU L 417 -85.95 51.99 -6.43
N GLY L 418 -85.89 50.73 -6.02
CA GLY L 418 -87.09 50.02 -5.61
C GLY L 418 -87.95 49.46 -6.74
N THR L 419 -88.99 48.75 -6.32
CA THR L 419 -89.89 48.05 -7.24
C THR L 419 -91.29 48.65 -7.25
N THR L 420 -92.01 48.62 -6.13
CA THR L 420 -93.36 49.15 -6.08
C THR L 420 -93.52 50.30 -5.09
N CYS L 421 -93.30 50.09 -3.79
CA CYS L 421 -93.65 51.14 -2.83
C CYS L 421 -93.29 50.72 -1.41
N PHE L 422 -93.52 51.65 -0.48
CA PHE L 422 -93.55 51.37 0.94
C PHE L 422 -94.95 50.98 1.39
N TYR L 423 -95.07 50.71 2.69
CA TYR L 423 -96.34 50.49 3.36
C TYR L 423 -96.20 51.01 4.78
N ARG L 424 -97.19 51.76 5.25
CA ARG L 424 -97.12 52.31 6.59
C ARG L 424 -97.46 51.24 7.63
N LYS L 425 -97.07 51.50 8.87
CA LYS L 425 -97.39 50.61 9.98
C LYS L 425 -98.90 50.50 10.15
N GLY L 426 -99.37 49.28 10.42
CA GLY L 426 -100.79 49.03 10.58
C GLY L 426 -101.55 48.80 9.29
N GLY L 427 -100.87 48.68 8.16
CA GLY L 427 -101.54 48.48 6.90
C GLY L 427 -100.55 48.39 5.76
N HIS L 428 -101.04 48.65 4.55
CA HIS L 428 -100.20 48.61 3.36
C HIS L 428 -100.37 49.88 2.53
N VAL L 429 -100.36 51.03 3.19
CA VAL L 429 -100.55 52.31 2.52
C VAL L 429 -99.20 52.82 2.02
N GLU L 430 -99.14 53.14 0.73
CA GLU L 430 -97.88 53.56 0.11
C GLU L 430 -97.47 54.94 0.60
N VAL L 431 -96.33 55.00 1.28
CA VAL L 431 -95.78 56.26 1.80
C VAL L 431 -94.34 56.33 1.30
N GLU L 432 -94.12 57.00 0.16
CA GLU L 432 -92.79 57.04 -0.43
CA GLU L 432 -92.79 57.05 -0.44
C GLU L 432 -91.81 57.79 0.47
N PHE L 433 -90.56 57.34 0.43
CA PHE L 433 -89.50 57.93 1.25
C PHE L 433 -89.29 59.40 0.88
N PRO L 434 -89.40 60.31 1.84
CA PRO L 434 -89.14 61.73 1.55
C PRO L 434 -87.67 62.11 1.68
N GLY L 435 -86.95 61.35 2.49
CA GLY L 435 -85.56 61.64 2.78
C GLY L 435 -85.30 61.72 4.27
N SER L 436 -84.02 61.69 4.62
CA SER L 436 -83.62 61.75 6.02
C SER L 436 -82.23 62.36 6.11
N ALA L 437 -81.92 62.89 7.29
CA ALA L 437 -80.62 63.52 7.51
C ALA L 437 -79.49 62.49 7.51
N HIS L 438 -79.73 61.31 8.09
CA HIS L 438 -78.72 60.28 8.18
C HIS L 438 -78.59 59.47 6.90
N CYS L 439 -79.09 59.98 5.78
CA CYS L 439 -78.94 59.28 4.51
C CYS L 439 -77.48 59.28 4.08
N ASN L 440 -77.15 58.34 3.19
CA ASN L 440 -75.83 58.07 2.64
C ASN L 440 -74.86 57.53 3.70
N THR L 441 -75.31 57.31 4.93
CA THR L 441 -74.48 56.76 6.00
C THR L 441 -74.94 55.36 6.35
N TYR L 442 -73.99 54.50 6.70
CA TYR L 442 -74.23 53.07 6.88
C TYR L 442 -73.67 52.62 8.22
N LEU L 443 -74.04 51.39 8.61
CA LEU L 443 -73.57 50.84 9.87
C LEU L 443 -72.05 50.67 9.87
N PHE L 444 -71.51 50.12 8.77
CA PHE L 444 -70.07 49.95 8.61
C PHE L 444 -69.43 51.04 7.78
N GLY L 445 -70.20 52.04 7.35
CA GLY L 445 -69.66 53.12 6.54
C GLY L 445 -68.93 54.17 7.36
N THR M 20 -52.12 49.10 32.03
CA THR M 20 -50.97 49.70 31.35
C THR M 20 -50.53 50.98 32.06
N GLU M 21 -51.46 51.92 32.18
CA GLU M 21 -51.19 53.20 32.83
C GLU M 21 -51.51 53.18 34.32
N SER M 22 -52.01 52.06 34.85
CA SER M 22 -52.34 51.99 36.27
C SER M 22 -51.08 52.03 37.13
N GLN M 23 -50.04 51.30 36.74
CA GLN M 23 -48.80 51.24 37.51
C GLN M 23 -47.81 52.33 37.15
N ILE M 24 -48.10 53.13 36.12
CA ILE M 24 -47.18 54.21 35.73
C ILE M 24 -46.97 55.22 36.86
N PRO M 25 -48.00 55.71 37.56
CA PRO M 25 -47.74 56.71 38.61
C PRO M 25 -46.79 56.23 39.69
N LYS M 26 -46.87 54.95 40.08
CA LYS M 26 -46.01 54.44 41.13
C LYS M 26 -44.61 54.07 40.64
N MET M 27 -44.42 53.94 39.32
CA MET M 27 -43.11 53.59 38.80
C MET M 27 -42.13 54.75 38.84
N TYR M 28 -42.58 55.96 38.51
CA TYR M 28 -41.66 57.08 38.35
C TYR M 28 -41.05 57.53 39.67
N GLU M 29 -41.81 57.45 40.76
CA GLU M 29 -41.34 58.00 42.04
C GLU M 29 -40.11 57.25 42.54
N MET M 30 -40.15 55.91 42.50
CA MET M 30 -39.03 55.13 43.02
C MET M 30 -37.83 55.14 42.08
N ILE M 31 -38.06 55.36 40.78
CA ILE M 31 -36.93 55.56 39.87
C ILE M 31 -36.13 56.79 40.29
N ARG M 32 -36.82 57.88 40.60
CA ARG M 32 -36.13 59.07 41.08
C ARG M 32 -35.49 58.85 42.44
N ASP M 33 -36.13 58.06 43.31
CA ASP M 33 -35.56 57.79 44.63
C ASP M 33 -34.21 57.09 44.52
N GLN M 34 -34.12 56.08 43.65
CA GLN M 34 -32.83 55.43 43.41
C GLN M 34 -31.94 56.31 42.56
N MET M 35 -32.52 57.19 41.74
CA MET M 35 -31.72 58.09 40.92
C MET M 35 -30.90 59.04 41.78
N ARG M 36 -31.51 59.63 42.80
CA ARG M 36 -30.80 60.55 43.67
C ARG M 36 -29.92 59.83 44.69
N THR M 37 -30.33 58.64 45.12
CA THR M 37 -29.59 57.94 46.17
C THR M 37 -28.16 57.61 45.73
N LEU M 38 -27.99 57.14 44.50
CA LEU M 38 -26.66 56.79 44.02
C LEU M 38 -25.81 58.04 43.79
N ALA M 39 -26.40 59.10 43.25
CA ALA M 39 -25.64 60.32 42.96
C ALA M 39 -25.31 61.07 44.25
N SER M 40 -26.28 61.22 45.14
CA SER M 40 -26.05 62.00 46.35
C SER M 40 -25.15 61.27 47.35
N THR M 41 -25.03 59.95 47.23
CA THR M 41 -24.15 59.20 48.13
C THR M 41 -22.69 59.64 47.96
N HIS M 42 -22.26 59.85 46.72
CA HIS M 42 -20.89 60.20 46.41
C HIS M 42 -20.75 61.65 45.94
N LYS M 43 -21.68 62.51 46.36
CA LYS M 43 -21.65 63.94 46.05
C LYS M 43 -21.61 64.18 44.54
N ILE M 44 -22.41 63.43 43.80
CA ILE M 44 -22.59 63.63 42.36
C ILE M 44 -23.78 64.58 42.17
N PRO M 45 -23.55 65.82 41.75
CA PRO M 45 -24.67 66.74 41.57
C PRO M 45 -25.62 66.25 40.48
N LEU M 46 -26.91 66.49 40.71
CA LEU M 46 -27.96 66.04 39.79
C LEU M 46 -28.43 67.14 38.85
N ASN M 47 -27.80 68.31 38.88
CA ASN M 47 -28.13 69.39 37.96
C ASN M 47 -27.29 69.34 36.68
N ILE M 48 -26.37 68.39 36.56
CA ILE M 48 -25.64 68.16 35.32
C ILE M 48 -26.26 66.97 34.60
N ASP M 49 -26.56 67.16 33.31
CA ASP M 49 -27.17 66.08 32.53
C ASP M 49 -26.24 64.88 32.41
N HIS M 50 -24.94 65.13 32.16
CA HIS M 50 -24.01 64.03 31.99
C HIS M 50 -23.89 63.20 33.27
N ASN M 51 -23.88 63.87 34.42
CA ASN M 51 -23.89 63.14 35.69
C ASN M 51 -25.16 62.29 35.79
N CYS M 52 -26.31 62.85 35.44
CA CYS M 52 -27.55 62.09 35.46
C CYS M 52 -27.56 61.01 34.39
N GLU M 53 -27.06 61.32 33.19
CA GLU M 53 -27.10 60.36 32.09
C GLU M 53 -26.23 59.14 32.41
N VAL M 54 -25.03 59.36 32.94
CA VAL M 54 -24.16 58.23 33.28
C VAL M 54 -24.71 57.47 34.48
N ILE M 55 -25.15 58.20 35.52
CA ILE M 55 -25.80 57.54 36.65
C ILE M 55 -27.05 56.81 36.18
N GLY M 56 -27.87 57.49 35.36
CA GLY M 56 -29.05 56.84 34.82
C GLY M 56 -28.70 55.64 33.95
N SER M 57 -27.62 55.75 33.16
CA SER M 57 -27.14 54.59 32.42
C SER M 57 -26.75 53.46 33.35
N ILE M 58 -26.17 53.79 34.51
CA ILE M 58 -25.92 52.78 35.53
C ILE M 58 -27.24 52.30 36.14
N ILE M 59 -28.20 53.22 36.32
CA ILE M 59 -29.48 52.84 36.93
C ILE M 59 -30.24 51.86 36.04
N MET M 60 -30.30 52.13 34.72
CA MET M 60 -31.04 51.24 33.84
C MET M 60 -30.36 49.89 33.72
N ALA M 61 -29.03 49.85 33.89
CA ALA M 61 -28.31 48.59 33.81
C ALA M 61 -28.78 47.61 34.88
N ALA M 62 -29.00 48.11 36.10
CA ALA M 62 -29.53 47.26 37.16
C ALA M 62 -30.94 46.76 36.86
N CYS M 63 -31.70 47.49 36.04
CA CYS M 63 -33.10 47.13 35.82
C CYS M 63 -33.22 45.84 35.01
N THR M 64 -32.52 45.73 33.89
CA THR M 64 -32.71 44.62 32.97
C THR M 64 -31.47 43.74 32.83
N ASN M 65 -30.32 44.30 32.45
CA ASN M 65 -29.10 43.52 32.29
C ASN M 65 -28.26 43.68 33.57
N ASN M 66 -28.65 42.92 34.58
CA ASN M 66 -28.09 43.10 35.92
C ASN M 66 -26.60 42.77 35.98
N ARG M 67 -26.13 41.89 35.10
CA ARG M 67 -24.76 41.39 35.18
C ARG M 67 -23.76 42.26 34.41
N ASP M 68 -24.20 43.35 33.78
CA ASP M 68 -23.28 44.17 33.01
C ASP M 68 -22.53 45.17 33.89
N LEU M 69 -23.26 45.94 34.68
CA LEU M 69 -22.65 47.00 35.48
C LEU M 69 -21.92 46.43 36.68
N ARG M 70 -20.76 47.03 36.98
CA ARG M 70 -19.97 46.62 38.13
CA ARG M 70 -19.97 46.62 38.13
C ARG M 70 -20.60 47.10 39.43
N PRO M 71 -20.47 46.32 40.51
CA PRO M 71 -20.98 46.80 41.81
C PRO M 71 -20.31 48.09 42.26
N VAL M 72 -19.01 48.23 42.00
CA VAL M 72 -18.27 49.47 42.23
C VAL M 72 -17.39 49.74 41.02
N ASP M 73 -17.46 50.96 40.51
CA ASP M 73 -16.68 51.33 39.33
C ASP M 73 -16.62 52.84 39.23
N LYS M 74 -15.64 53.33 38.46
CA LYS M 74 -15.48 54.76 38.21
C LYS M 74 -16.12 55.11 36.87
N TYR M 75 -16.97 56.13 36.89
CA TYR M 75 -17.65 56.59 35.68
C TYR M 75 -17.48 58.10 35.55
N TRP M 76 -17.72 58.59 34.34
CA TRP M 76 -17.50 60.00 34.04
C TRP M 76 -18.64 60.85 34.60
N PHE M 77 -18.30 61.77 35.51
CA PHE M 77 -19.25 62.70 36.08
C PHE M 77 -18.60 64.08 36.18
N LEU M 78 -19.38 65.05 36.65
CA LEU M 78 -18.92 66.42 36.83
C LEU M 78 -18.89 66.71 38.34
N MET M 79 -17.69 66.84 38.88
CA MET M 79 -17.50 67.09 40.31
C MET M 79 -17.14 68.55 40.53
N GLY M 80 -17.95 69.24 41.34
CA GLY M 80 -17.70 70.62 41.68
C GLY M 80 -18.93 71.30 42.20
N PRO M 81 -18.77 72.12 43.25
CA PRO M 81 -19.92 72.82 43.83
C PRO M 81 -20.15 74.19 43.21
N ALA M 82 -21.42 74.49 42.95
CA ALA M 82 -21.87 75.79 42.45
C ALA M 82 -21.16 76.17 41.16
N GLY M 83 -21.30 75.30 40.16
CA GLY M 83 -20.78 75.56 38.83
C GLY M 83 -19.30 75.29 38.65
N ALA M 84 -18.61 74.80 39.67
CA ALA M 84 -17.18 74.51 39.59
C ALA M 84 -16.90 73.06 39.21
N GLU M 85 -17.79 72.43 38.44
CA GLU M 85 -17.63 71.03 38.09
C GLU M 85 -16.45 70.83 37.14
N VAL M 86 -15.61 69.86 37.47
CA VAL M 86 -14.46 69.48 36.64
C VAL M 86 -14.66 68.04 36.20
N MET M 87 -14.33 67.77 34.94
CA MET M 87 -14.58 66.46 34.37
C MET M 87 -13.62 65.43 34.96
N THR M 88 -14.17 64.37 35.56
CA THR M 88 -13.36 63.35 36.20
C THR M 88 -14.19 62.08 36.36
N GLU M 89 -13.51 61.00 36.70
CA GLU M 89 -14.16 59.71 36.97
C GLU M 89 -14.35 59.54 38.47
N VAL M 90 -15.55 59.13 38.87
CA VAL M 90 -15.90 59.00 40.28
C VAL M 90 -16.30 57.55 40.53
N GLU M 91 -15.64 56.93 41.51
CA GLU M 91 -16.06 55.60 41.96
C GLU M 91 -17.33 55.70 42.77
N ILE M 92 -18.27 54.81 42.49
CA ILE M 92 -19.56 54.81 43.16
C ILE M 92 -19.93 53.39 43.58
N ASP M 93 -20.76 53.31 44.62
CA ASP M 93 -21.24 52.03 45.16
C ASP M 93 -22.66 51.83 44.65
N ILE M 94 -22.80 50.99 43.61
CA ILE M 94 -24.11 50.76 43.00
C ILE M 94 -24.90 49.67 43.74
N GLN M 95 -24.23 48.90 44.59
CA GLN M 95 -24.88 47.79 45.28
C GLN M 95 -26.17 48.16 46.02
N PRO M 96 -26.27 49.29 46.73
CA PRO M 96 -27.56 49.64 47.33
C PRO M 96 -28.69 49.78 46.30
N GLN M 97 -28.39 50.23 45.10
CA GLN M 97 -29.40 50.37 44.05
C GLN M 97 -29.66 49.09 43.28
N LEU M 98 -28.79 48.07 43.44
CA LEU M 98 -28.96 46.83 42.69
C LEU M 98 -30.07 45.96 43.27
N GLN M 99 -30.21 45.95 44.60
CA GLN M 99 -31.14 45.02 45.24
C GLN M 99 -32.59 45.30 44.87
N TRP M 100 -32.97 46.59 44.82
CA TRP M 100 -34.36 46.92 44.55
C TRP M 100 -34.77 46.53 43.12
N ALA M 101 -33.85 46.69 42.16
CA ALA M 101 -34.21 46.45 40.77
C ALA M 101 -34.57 45.00 40.52
N LYS M 102 -33.82 44.05 41.09
CA LYS M 102 -34.11 42.65 40.86
C LYS M 102 -35.41 42.24 41.55
N GLY M 103 -35.70 42.81 42.71
CA GLY M 103 -36.95 42.51 43.39
C GLY M 103 -38.17 43.06 42.69
N ALA M 104 -38.01 44.10 41.88
CA ALA M 104 -39.11 44.65 41.10
C ALA M 104 -39.37 43.87 39.82
N VAL M 105 -38.49 42.94 39.45
CA VAL M 105 -38.65 42.19 38.22
C VAL M 105 -39.92 41.34 38.26
N HIS M 106 -40.14 40.64 39.38
CA HIS M 106 -41.30 39.78 39.53
C HIS M 106 -42.17 40.20 40.71
N ASP M 107 -42.11 41.46 41.11
CA ASP M 107 -42.96 41.97 42.18
C ASP M 107 -44.40 42.04 41.68
N PRO M 108 -45.36 41.40 42.37
CA PRO M 108 -46.75 41.43 41.89
C PRO M 108 -47.39 42.80 41.89
N LYS M 109 -46.74 43.81 42.49
CA LYS M 109 -47.31 45.15 42.51
C LYS M 109 -47.42 45.76 41.11
N TYR M 110 -46.68 45.25 40.14
CA TYR M 110 -46.68 45.78 38.79
C TYR M 110 -47.66 45.08 37.85
N LYS M 111 -48.28 43.98 38.29
CA LYS M 111 -49.19 43.20 37.46
C LYS M 111 -48.52 42.72 36.18
N GLY M 112 -47.23 42.42 36.25
CA GLY M 112 -46.49 41.98 35.08
C GLY M 112 -46.08 43.09 34.13
N GLN M 113 -46.24 44.35 34.52
CA GLN M 113 -45.93 45.47 33.65
C GLN M 113 -44.50 45.99 33.82
N TRP M 114 -43.69 45.33 34.64
CA TRP M 114 -42.31 45.80 34.83
C TRP M 114 -41.50 45.66 33.55
N TYR M 115 -41.57 44.49 32.90
CA TYR M 115 -40.91 44.34 31.61
C TYR M 115 -41.44 45.32 30.56
N PRO M 116 -42.75 45.50 30.37
CA PRO M 116 -43.21 46.56 29.45
C PRO M 116 -42.73 47.95 29.85
N PHE M 117 -42.69 48.25 31.15
CA PHE M 117 -42.24 49.57 31.56
C PHE M 117 -40.75 49.76 31.34
N LEU M 118 -39.95 48.72 31.63
CA LEU M 118 -38.51 48.83 31.49
C LEU M 118 -38.09 48.94 30.03
N ALA M 119 -38.81 48.27 29.12
CA ALA M 119 -38.47 48.35 27.70
C ALA M 119 -38.64 49.77 27.18
N LEU M 120 -39.69 50.46 27.63
CA LEU M 120 -39.89 51.85 27.22
C LEU M 120 -38.75 52.73 27.71
N LEU M 121 -38.31 52.51 28.95
CA LEU M 121 -37.26 53.34 29.54
C LEU M 121 -35.93 53.17 28.80
N GLN M 122 -35.59 51.93 28.45
CA GLN M 122 -34.29 51.66 27.83
C GLN M 122 -34.17 52.29 26.45
N ILE M 123 -35.26 52.27 25.66
CA ILE M 123 -35.19 52.77 24.29
C ILE M 123 -34.94 54.27 24.27
N SER M 124 -35.66 55.02 25.11
CA SER M 124 -35.61 56.48 25.02
C SER M 124 -34.29 57.03 25.54
N ASN M 125 -33.73 56.41 26.59
CA ASN M 125 -32.56 56.99 27.25
C ASN M 125 -31.29 56.85 26.43
N LYS M 126 -31.26 55.96 25.46
CA LYS M 126 -30.10 55.81 24.59
C LYS M 126 -30.15 56.73 23.37
N THR M 127 -31.21 57.54 23.24
CA THR M 127 -31.35 58.40 22.08
C THR M 127 -30.25 59.45 22.02
N LYS M 128 -29.86 60.02 23.17
CA LYS M 128 -28.89 61.10 23.17
C LYS M 128 -27.53 60.64 22.62
N ASP M 129 -27.10 59.43 22.99
CA ASP M 129 -25.84 58.92 22.47
C ASP M 129 -25.90 58.75 20.96
N THR M 130 -27.04 58.28 20.44
CA THR M 130 -27.18 58.12 18.99
C THR M 130 -27.21 59.47 18.28
N ILE M 131 -27.85 60.47 18.88
CA ILE M 131 -27.92 61.78 18.24
C ILE M 131 -26.53 62.42 18.16
N LEU M 132 -25.81 62.42 19.28
CA LEU M 132 -24.50 63.05 19.32
C LEU M 132 -23.48 62.26 18.49
N TRP M 133 -23.51 60.94 18.59
CA TRP M 133 -22.67 60.06 17.78
C TRP M 133 -23.57 59.41 16.74
N GLN M 134 -23.69 60.06 15.59
CA GLN M 134 -24.62 59.62 14.55
C GLN M 134 -24.15 58.32 13.93
N LYS M 135 -24.81 57.22 14.29
CA LYS M 135 -24.49 55.90 13.77
C LYS M 135 -25.76 55.26 13.21
N TYR M 136 -25.57 54.32 12.29
CA TYR M 136 -26.67 53.59 11.65
C TYR M 136 -26.38 52.10 11.77
N PRO M 137 -26.58 51.52 12.96
CA PRO M 137 -26.19 50.10 13.13
C PRO M 137 -27.13 49.13 12.43
N VAL M 138 -28.41 49.45 12.32
CA VAL M 138 -29.39 48.50 11.80
C VAL M 138 -29.46 48.57 10.27
N THR M 139 -29.62 49.78 9.72
CA THR M 139 -29.76 49.91 8.27
C THR M 139 -28.49 49.45 7.54
N GLN M 140 -27.32 49.79 8.09
CA GLN M 140 -26.08 49.31 7.49
C GLN M 140 -25.98 47.79 7.55
N GLU M 141 -26.35 47.20 8.68
CA GLU M 141 -26.40 45.74 8.77
C GLU M 141 -27.50 45.18 7.87
N LEU M 142 -28.52 45.98 7.56
CA LEU M 142 -29.57 45.60 6.62
C LEU M 142 -29.23 46.00 5.20
N GLU M 143 -28.09 46.65 4.96
CA GLU M 143 -27.64 47.01 3.62
C GLU M 143 -28.69 47.83 2.88
N ILE M 144 -29.29 48.79 3.58
CA ILE M 144 -30.32 49.65 3.03
C ILE M 144 -29.92 51.10 3.27
N SER M 145 -30.82 52.01 2.89
CA SER M 145 -30.57 53.44 3.03
C SER M 145 -30.31 53.80 4.49
N ASN M 146 -29.25 54.58 4.72
CA ASN M 146 -28.89 54.98 6.08
C ASN M 146 -29.86 56.01 6.65
N SER M 147 -30.59 56.73 5.80
CA SER M 147 -31.58 57.68 6.28
C SER M 147 -32.79 57.01 6.92
N LEU M 148 -32.90 55.69 6.81
CA LEU M 148 -34.04 54.95 7.31
C LEU M 148 -33.77 54.28 8.66
N GLU M 149 -32.66 54.63 9.32
CA GLU M 149 -32.48 54.22 10.71
C GLU M 149 -33.55 54.84 11.61
N ILE M 150 -34.26 55.85 11.11
CA ILE M 150 -35.41 56.39 11.82
C ILE M 150 -36.45 55.30 12.05
N TYR M 151 -36.59 54.37 11.11
CA TYR M 151 -37.47 53.22 11.28
C TYR M 151 -36.83 52.11 12.09
N ALA M 152 -35.58 52.29 12.51
CA ALA M 152 -34.84 51.30 13.28
C ALA M 152 -34.77 51.67 14.76
N ASN M 153 -35.86 52.20 15.30
CA ASN M 153 -35.91 52.51 16.72
C ASN M 153 -35.85 51.24 17.55
N GLY M 154 -35.33 51.37 18.77
CA GLY M 154 -35.24 50.24 19.66
C GLY M 154 -34.08 49.31 19.39
N HIS M 155 -32.96 49.82 18.86
CA HIS M 155 -31.77 49.01 18.72
C HIS M 155 -30.94 49.03 20.00
N GLY M 156 -30.21 47.95 20.23
CA GLY M 156 -29.40 47.83 21.42
C GLY M 156 -30.18 47.49 22.69
N ILE M 157 -31.46 47.19 22.57
CA ILE M 157 -32.29 46.91 23.73
C ILE M 157 -32.21 45.42 24.03
N LYS M 158 -32.50 45.07 25.30
CA LYS M 158 -32.49 43.67 25.70
C LYS M 158 -33.55 42.89 24.95
N ASP M 159 -33.22 41.65 24.58
CA ASP M 159 -34.16 40.81 23.84
C ASP M 159 -35.42 40.54 24.67
N ARG M 160 -35.26 40.39 25.99
CA ARG M 160 -36.43 40.28 26.86
C ARG M 160 -37.28 41.55 26.78
N LEU M 161 -36.63 42.72 26.80
CA LEU M 161 -37.36 43.96 26.53
C LEU M 161 -37.89 43.99 25.11
N LYS M 162 -37.12 43.47 24.16
CA LYS M 162 -37.58 43.38 22.77
C LYS M 162 -38.68 42.36 22.61
N ASN M 163 -38.95 41.55 23.64
CA ASN M 163 -40.15 40.75 23.73
C ASN M 163 -41.13 41.31 24.75
N SER M 164 -40.76 42.36 25.48
CA SER M 164 -41.63 43.01 26.45
C SER M 164 -42.44 44.14 25.80
N ARG M 165 -41.76 45.05 25.11
CA ARG M 165 -42.41 46.07 24.28
C ARG M 165 -41.79 46.01 22.89
N PRO M 166 -42.02 44.93 22.15
CA PRO M 166 -41.53 44.86 20.77
C PRO M 166 -42.15 45.91 19.88
N ARG M 167 -43.34 46.38 20.21
CA ARG M 167 -44.02 47.39 19.40
C ARG M 167 -43.22 48.69 19.36
N SER M 168 -42.67 49.08 20.51
CA SER M 168 -41.83 50.29 20.55
C SER M 168 -40.54 50.08 19.78
N VAL M 169 -39.96 48.88 19.82
CA VAL M 169 -38.78 48.58 19.04
C VAL M 169 -39.16 48.61 17.56
N GLY M 170 -38.50 49.46 16.79
CA GLY M 170 -38.82 49.66 15.40
C GLY M 170 -38.72 48.39 14.59
N PRO M 171 -39.47 48.32 13.49
CA PRO M 171 -39.47 47.08 12.69
C PRO M 171 -38.09 46.70 12.17
N LEU M 172 -37.28 47.68 11.77
CA LEU M 172 -35.98 47.34 11.20
C LEU M 172 -35.09 46.63 12.20
N VAL M 173 -35.15 47.03 13.48
CA VAL M 173 -34.42 46.30 14.51
C VAL M 173 -34.96 44.88 14.62
N HIS M 174 -36.28 44.73 14.66
CA HIS M 174 -36.87 43.40 14.57
C HIS M 174 -36.54 42.74 13.24
N LEU M 175 -36.62 43.51 12.15
CA LEU M 175 -36.19 42.99 10.85
C LEU M 175 -34.71 42.63 10.88
N LEU M 176 -33.89 43.45 11.53
CA LEU M 176 -32.51 43.05 11.78
C LEU M 176 -32.47 41.82 12.68
N HIS M 177 -33.27 41.81 13.73
CA HIS M 177 -33.35 40.62 14.59
C HIS M 177 -33.90 39.42 13.82
N LEU M 178 -34.86 39.67 12.92
CA LEU M 178 -35.26 38.62 12.00
C LEU M 178 -34.11 38.23 11.08
N LYS M 179 -33.37 39.22 10.59
CA LYS M 179 -32.13 38.94 9.87
C LYS M 179 -31.10 38.30 10.79
N ARG M 180 -31.00 38.79 12.03
CA ARG M 180 -30.10 38.17 13.00
C ARG M 180 -30.52 36.73 13.28
N LEU M 181 -31.82 36.48 13.40
CA LEU M 181 -32.29 35.14 13.70
C LEU M 181 -31.98 34.18 12.56
N GLN M 182 -32.04 34.65 11.31
CA GLN M 182 -31.64 33.83 10.18
C GLN M 182 -30.12 33.76 10.02
N GLU M 183 -29.39 34.67 10.65
CA GLU M 183 -27.94 34.72 10.59
C GLU M 183 -27.31 34.55 11.96
N ASN M 184 -27.98 33.81 12.84
CA ASN M 184 -27.48 33.58 14.20
C ASN M 184 -26.64 32.30 14.27
N SER M 188 -33.20 22.74 18.15
CA SER M 188 -33.80 23.70 19.08
C SER M 188 -35.03 24.37 18.48
N PRO M 189 -36.22 23.84 18.80
CA PRO M 189 -37.46 24.47 18.32
C PRO M 189 -37.89 25.70 19.10
N ALA M 190 -37.15 26.10 20.13
CA ALA M 190 -37.52 27.26 20.93
C ALA M 190 -37.27 28.58 20.22
N VAL M 191 -36.39 28.59 19.20
CA VAL M 191 -36.07 29.82 18.51
C VAL M 191 -37.26 30.32 17.70
N ASN M 192 -38.22 29.43 17.39
CA ASN M 192 -39.43 29.86 16.70
CA ASN M 192 -39.43 29.86 16.70
C ASN M 192 -40.20 30.89 17.52
N GLY M 193 -40.28 30.68 18.84
CA GLY M 193 -40.93 31.66 19.69
C GLY M 193 -40.27 33.01 19.61
N ILE M 194 -38.94 33.03 19.49
CA ILE M 194 -38.22 34.28 19.26
C ILE M 194 -38.62 34.88 17.91
N ARG M 195 -38.69 34.06 16.87
CA ARG M 195 -38.99 34.59 15.54
C ARG M 195 -40.44 35.05 15.43
N LYS M 196 -41.38 34.25 15.93
CA LYS M 196 -42.79 34.63 15.83
C LYS M 196 -43.06 35.91 16.59
N SER M 197 -42.36 36.12 17.71
CA SER M 197 -42.38 37.42 18.38
C SER M 197 -41.75 38.49 17.49
N ILE M 198 -40.58 38.18 16.92
CA ILE M 198 -39.90 39.14 16.06
C ILE M 198 -40.73 39.41 14.81
N VAL M 199 -41.19 38.35 14.14
CA VAL M 199 -41.95 38.52 12.90
C VAL M 199 -43.34 39.08 13.19
N GLY M 200 -44.00 38.56 14.23
CA GLY M 200 -45.36 39.00 14.52
C GLY M 200 -45.43 40.48 14.85
N HIS M 201 -44.44 40.99 15.55
CA HIS M 201 -44.36 42.43 15.84
C HIS M 201 -43.76 43.21 14.68
N LEU M 202 -43.13 42.52 13.72
CA LEU M 202 -42.81 43.17 12.44
C LEU M 202 -44.06 43.45 11.64
N LYS M 203 -44.96 42.46 11.54
CA LYS M 203 -46.20 42.65 10.79
C LYS M 203 -47.13 43.62 11.50
N ARG M 204 -47.12 43.61 12.83
CA ARG M 204 -47.94 44.56 13.59
C ARG M 204 -47.51 45.99 13.32
N GLN M 205 -46.20 46.24 13.28
CA GLN M 205 -45.71 47.60 13.10
C GLN M 205 -45.93 48.09 11.68
N CYS M 206 -45.63 47.28 10.68
CA CYS M 206 -45.80 47.67 9.29
C CYS M 206 -47.19 47.26 8.82
N ILE M 207 -48.02 48.26 8.50
CA ILE M 207 -49.41 48.02 8.16
C ILE M 207 -49.57 47.87 6.65
N GLY M 208 -48.45 47.86 5.94
CA GLY M 208 -48.48 47.74 4.49
C GLY M 208 -49.00 46.38 4.08
N GLU M 209 -50.07 46.37 3.27
CA GLU M 209 -50.59 45.10 2.76
C GLU M 209 -49.56 44.38 1.90
N THR M 210 -48.88 45.12 1.02
CA THR M 210 -47.79 44.53 0.26
C THR M 210 -46.53 44.36 1.11
N GLN M 211 -46.32 45.25 2.10
CA GLN M 211 -45.18 45.09 3.00
C GLN M 211 -45.29 43.82 3.82
N LYS M 212 -46.48 43.52 4.33
CA LYS M 212 -46.67 42.31 5.13
C LYS M 212 -46.37 41.07 4.30
N ALA M 213 -46.84 41.04 3.06
CA ALA M 213 -46.60 39.88 2.19
C ALA M 213 -45.13 39.70 1.86
N MET M 214 -44.32 40.74 2.05
CA MET M 214 -42.90 40.66 1.73
C MET M 214 -41.99 40.83 2.95
N ILE M 215 -42.54 41.21 4.10
CA ILE M 215 -41.82 41.02 5.36
C ILE M 215 -41.73 39.55 5.71
N ASN M 216 -42.82 38.80 5.46
CA ASN M 216 -42.76 37.35 5.61
C ASN M 216 -41.77 36.73 4.62
N GLN M 217 -41.51 37.40 3.50
CA GLN M 217 -40.43 36.98 2.62
C GLN M 217 -39.07 37.20 3.28
N PHE M 218 -38.93 38.28 4.06
CA PHE M 218 -37.75 38.43 4.91
C PHE M 218 -37.69 37.32 5.96
N GLU M 219 -38.85 36.84 6.42
CA GLU M 219 -38.87 35.76 7.40
C GLU M 219 -38.27 34.48 6.82
N MET M 220 -38.45 34.25 5.53
CA MET M 220 -37.90 33.07 4.87
C MET M 220 -36.48 33.28 4.36
N GLY M 221 -35.91 34.46 4.54
CA GLY M 221 -34.56 34.74 4.12
C GLY M 221 -34.42 35.45 2.78
N ARG M 222 -35.52 35.86 2.17
CA ARG M 222 -35.49 36.60 0.90
C ARG M 222 -35.26 38.07 1.24
N TRP M 223 -34.01 38.53 1.14
CA TRP M 223 -33.66 39.90 1.45
C TRP M 223 -33.26 40.70 0.20
N GLU M 224 -33.70 40.26 -0.98
CA GLU M 224 -33.37 40.99 -2.20
C GLU M 224 -34.12 42.31 -2.27
N SER M 225 -35.43 42.29 -1.99
CA SER M 225 -36.24 43.50 -1.92
C SER M 225 -36.13 44.21 -0.59
N LEU M 226 -35.05 43.95 0.16
CA LEU M 226 -34.83 44.66 1.41
C LEU M 226 -34.68 46.16 1.18
N SER M 227 -33.98 46.53 0.10
CA SER M 227 -33.96 47.94 -0.29
C SER M 227 -35.32 48.40 -0.77
N THR M 228 -36.08 47.51 -1.41
CA THR M 228 -37.46 47.83 -1.78
C THR M 228 -38.30 48.05 -0.52
N PHE M 229 -38.10 47.22 0.51
CA PHE M 229 -38.74 47.50 1.80
C PHE M 229 -38.28 48.84 2.34
N ALA M 230 -36.98 49.13 2.23
CA ALA M 230 -36.49 50.46 2.55
C ALA M 230 -37.15 51.50 1.66
N ALA M 231 -37.27 51.19 0.36
CA ALA M 231 -38.03 52.06 -0.53
C ALA M 231 -39.49 52.14 -0.11
N SER M 232 -40.07 50.99 0.30
CA SER M 232 -41.42 51.01 0.85
C SER M 232 -41.46 51.81 2.14
N LEU M 233 -40.48 51.61 3.02
CA LEU M 233 -40.42 52.39 4.27
C LEU M 233 -40.44 53.88 3.97
N LEU M 234 -39.79 54.28 2.87
CA LEU M 234 -39.86 55.68 2.47
C LEU M 234 -41.28 56.10 2.14
N ALA M 235 -42.04 55.23 1.47
CA ALA M 235 -43.41 55.55 1.11
C ALA M 235 -44.38 55.23 2.25
N ILE M 236 -44.50 53.95 2.61
CA ILE M 236 -45.39 53.55 3.68
CA ILE M 236 -45.39 53.52 3.68
C ILE M 236 -44.66 53.67 5.02
N LYS M 237 -45.31 54.33 5.98
CA LYS M 237 -44.72 54.56 7.29
C LYS M 237 -45.29 53.57 8.28
N PRO M 238 -44.48 52.63 8.80
CA PRO M 238 -45.02 51.63 9.72
C PRO M 238 -45.47 52.24 11.04
N ARG M 239 -46.44 51.57 11.66
CA ARG M 239 -46.92 51.96 12.98
C ARG M 239 -45.79 51.83 14.01
N ILE M 240 -45.60 52.88 14.80
CA ILE M 240 -44.62 52.90 15.87
C ILE M 240 -45.33 53.37 17.13
N GLU M 241 -45.56 52.46 18.07
CA GLU M 241 -46.16 52.84 19.34
C GLU M 241 -45.21 53.72 20.13
N ASN M 242 -45.76 54.77 20.73
CA ASN M 242 -44.99 55.74 21.49
C ASN M 242 -45.51 55.81 22.92
N HIS M 243 -44.63 56.22 23.83
CA HIS M 243 -45.02 56.46 25.21
C HIS M 243 -44.17 57.60 25.75
N PHE M 244 -44.83 58.58 26.35
CA PHE M 244 -44.15 59.78 26.84
C PHE M 244 -43.42 59.45 28.13
N VAL M 245 -42.10 59.27 28.03
CA VAL M 245 -41.26 58.92 29.17
C VAL M 245 -40.13 59.93 29.28
N LEU M 246 -39.87 60.41 30.48
CA LEU M 246 -38.83 61.39 30.72
C LEU M 246 -37.45 60.73 30.73
N THR M 247 -36.42 61.56 30.80
CA THR M 247 -35.05 61.11 30.83
C THR M 247 -34.47 61.23 32.24
N TYR M 248 -33.22 60.80 32.40
CA TYR M 248 -32.58 60.82 33.71
C TYR M 248 -32.48 62.21 34.31
N PRO M 249 -31.97 63.24 33.61
CA PRO M 249 -31.89 64.56 34.25
C PRO M 249 -33.24 65.12 34.67
N LEU M 250 -34.29 64.87 33.89
CA LEU M 250 -35.60 65.39 34.22
C LEU M 250 -36.27 64.59 35.33
N ILE M 251 -36.07 63.27 35.36
CA ILE M 251 -36.68 62.44 36.40
C ILE M 251 -36.16 62.83 37.78
N ALA M 252 -34.84 63.03 37.89
CA ALA M 252 -34.26 63.47 39.15
C ALA M 252 -34.69 64.88 39.52
N ASN M 253 -35.10 65.69 38.53
CA ASN M 253 -35.54 67.06 38.77
C ASN M 253 -37.06 67.20 38.79
N CYS M 254 -37.80 66.10 38.69
CA CYS M 254 -39.26 66.14 38.70
C CYS M 254 -39.74 65.73 40.09
N GLU M 255 -40.52 66.60 40.73
CA GLU M 255 -41.01 66.36 42.09
CA GLU M 255 -41.01 66.36 42.08
C GLU M 255 -42.49 66.03 42.13
N ASP M 256 -43.16 65.89 40.99
CA ASP M 256 -44.58 65.58 40.94
C ASP M 256 -44.81 64.38 40.03
N PHE M 257 -45.50 63.37 40.58
CA PHE M 257 -45.85 62.18 39.80
C PHE M 257 -47.26 61.67 40.12
N ALA M 258 -48.12 62.52 40.69
CA ALA M 258 -49.46 62.08 41.07
C ALA M 258 -50.30 61.69 39.86
N GLY M 259 -50.25 62.50 38.80
CA GLY M 259 -51.02 62.22 37.60
C GLY M 259 -50.18 61.63 36.48
N ALA M 260 -49.12 60.92 36.86
CA ALA M 260 -48.16 60.38 35.89
C ALA M 260 -48.80 59.24 35.11
N THR M 261 -49.40 59.56 33.97
CA THR M 261 -49.94 58.57 33.06
C THR M 261 -49.18 58.65 31.74
N LEU M 262 -49.66 57.92 30.73
CA LEU M 262 -48.97 57.83 29.46
C LEU M 262 -49.73 58.41 28.28
N SER M 263 -51.00 58.79 28.44
CA SER M 263 -51.82 59.17 27.29
C SER M 263 -52.59 60.47 27.59
N ASP M 264 -51.90 61.48 28.09
CA ASP M 264 -52.50 62.79 28.29
C ASP M 264 -51.39 63.85 28.27
N GLU M 265 -51.75 65.06 28.71
CA GLU M 265 -50.84 66.19 28.70
C GLU M 265 -50.03 66.31 29.98
N TRP M 266 -50.13 65.34 30.89
CA TRP M 266 -49.39 65.42 32.14
C TRP M 266 -47.89 65.48 31.89
N VAL M 267 -47.39 64.69 30.95
CA VAL M 267 -45.97 64.67 30.65
C VAL M 267 -45.52 66.03 30.11
N PHE M 268 -46.31 66.62 29.20
CA PHE M 268 -45.97 67.93 28.66
C PHE M 268 -45.94 68.98 29.76
N LYS M 269 -46.91 68.94 30.68
CA LYS M 269 -46.96 69.94 31.74
C LYS M 269 -45.92 69.68 32.82
N ALA M 270 -45.62 68.41 33.11
CA ALA M 270 -44.70 68.09 34.19
C ALA M 270 -43.28 68.57 33.90
N MET M 271 -42.75 68.24 32.73
CA MET M 271 -41.39 68.60 32.40
C MET M 271 -41.23 70.05 31.95
N GLU M 272 -42.34 70.74 31.66
CA GLU M 272 -42.27 72.19 31.48
C GLU M 272 -41.92 72.87 32.79
N LYS M 273 -42.46 72.36 33.91
CA LYS M 273 -42.14 72.92 35.22
C LYS M 273 -40.65 72.79 35.52
N ILE M 274 -40.04 71.67 35.14
CA ILE M 274 -38.59 71.52 35.27
C ILE M 274 -37.88 72.56 34.44
N SER M 275 -38.36 72.80 33.22
CA SER M 275 -37.82 73.88 32.39
C SER M 275 -38.06 75.24 33.05
N ASN M 276 -39.23 75.42 33.65
CA ASN M 276 -39.51 76.66 34.37
C ASN M 276 -38.61 76.81 35.59
N LYS M 277 -38.23 75.70 36.21
CA LYS M 277 -37.33 75.76 37.37
C LYS M 277 -35.94 76.24 36.96
N LYS M 278 -35.48 75.82 35.77
CA LYS M 278 -34.15 76.19 35.26
C LYS M 278 -33.04 75.78 36.21
N THR M 279 -33.21 74.62 36.85
CA THR M 279 -32.20 74.09 37.76
C THR M 279 -31.28 73.07 37.11
N LEU M 280 -31.61 72.60 35.91
CA LEU M 280 -30.83 71.55 35.25
C LEU M 280 -29.89 72.16 34.22
N ARG M 281 -28.64 71.70 34.23
CA ARG M 281 -27.63 72.11 33.27
C ARG M 281 -27.33 70.97 32.30
N VAL M 282 -26.78 71.33 31.14
CA VAL M 282 -26.49 70.38 30.09
C VAL M 282 -25.03 70.50 29.69
N CYS M 283 -24.50 69.42 29.11
CA CYS M 283 -23.10 69.34 28.72
C CYS M 283 -22.97 69.21 27.21
N GLY M 284 -21.84 69.71 26.70
CA GLY M 284 -21.54 69.64 25.29
C GLY M 284 -20.13 70.10 24.99
N PRO M 285 -19.70 69.92 23.73
CA PRO M 285 -18.35 70.38 23.36
C PRO M 285 -18.16 71.87 23.53
N ASP M 286 -19.20 72.67 23.28
CA ASP M 286 -19.11 74.12 23.37
C ASP M 286 -20.52 74.66 23.55
N GLU M 287 -20.59 75.96 23.88
CA GLU M 287 -21.85 76.58 24.27
C GLU M 287 -22.82 76.75 23.11
N LYS M 288 -22.39 76.52 21.87
CA LYS M 288 -23.31 76.62 20.73
C LYS M 288 -24.37 75.53 20.76
N TRP M 289 -24.14 74.45 21.51
CA TRP M 289 -25.05 73.31 21.54
C TRP M 289 -26.22 73.51 22.50
N ILE M 290 -26.31 74.66 23.17
CA ILE M 290 -27.35 74.84 24.18
C ILE M 290 -28.73 74.78 23.54
N SER M 291 -28.92 75.43 22.39
CA SER M 291 -30.19 75.32 21.67
C SER M 291 -30.39 73.91 21.16
N PHE M 292 -29.34 73.29 20.61
CA PHE M 292 -29.44 71.92 20.11
C PHE M 292 -29.76 70.95 21.24
N MET M 293 -29.10 71.10 22.39
CA MET M 293 -29.31 70.16 23.48
C MET M 293 -30.69 70.33 24.10
N ASN M 294 -31.19 71.57 24.15
CA ASN M 294 -32.56 71.80 24.62
C ASN M 294 -33.56 71.09 23.72
N GLN M 295 -33.32 71.09 22.42
CA GLN M 295 -34.19 70.37 21.49
C GLN M 295 -34.01 68.85 21.61
N ILE M 296 -32.83 68.40 22.04
CA ILE M 296 -32.63 66.98 22.28
C ILE M 296 -33.56 66.49 23.38
N TYR M 297 -33.72 67.29 24.44
CA TYR M 297 -34.69 66.95 25.48
C TYR M 297 -36.10 66.86 24.90
N ILE M 298 -36.45 67.80 24.01
CA ILE M 298 -37.75 67.73 23.34
C ILE M 298 -37.83 66.48 22.47
N HIS M 299 -36.75 66.19 21.74
CA HIS M 299 -36.73 65.00 20.90
C HIS M 299 -36.79 63.72 21.73
N SER M 300 -36.06 63.66 22.84
CA SER M 300 -35.96 62.43 23.61
C SER M 300 -37.23 62.14 24.41
N VAL M 301 -37.80 63.17 25.04
CA VAL M 301 -38.93 62.95 25.96
C VAL M 301 -40.15 62.47 25.19
N PHE M 302 -40.50 63.14 24.10
CA PHE M 302 -41.67 62.80 23.32
C PHE M 302 -41.35 61.88 22.14
N GLN M 303 -40.12 61.37 22.07
CA GLN M 303 -39.68 60.49 20.98
C GLN M 303 -39.82 61.18 19.62
N THR M 304 -39.67 62.51 19.60
CA THR M 304 -39.83 63.31 18.40
C THR M 304 -38.50 63.58 17.69
N THR M 305 -37.54 62.67 17.79
CA THR M 305 -36.24 62.87 17.15
C THR M 305 -36.37 62.99 15.64
N GLY M 306 -37.15 62.10 15.03
CA GLY M 306 -37.29 62.07 13.59
C GLY M 306 -38.50 62.78 13.03
N GLU M 307 -39.29 63.45 13.87
CA GLU M 307 -40.48 64.13 13.39
C GLU M 307 -40.08 65.37 12.58
N ASP M 308 -40.91 65.72 11.59
CA ASP M 308 -40.63 66.87 10.76
C ASP M 308 -40.59 68.14 11.58
N LEU M 309 -39.65 69.03 11.25
CA LEU M 309 -39.38 70.20 12.08
C LEU M 309 -40.53 71.20 12.08
N GLY M 310 -41.43 71.13 11.09
CA GLY M 310 -42.53 72.08 11.04
C GLY M 310 -43.45 71.99 12.24
N VAL M 311 -43.84 70.77 12.60
CA VAL M 311 -44.64 70.57 13.81
C VAL M 311 -43.84 70.91 15.06
N LEU M 312 -42.57 70.48 15.10
CA LEU M 312 -41.75 70.72 16.27
C LEU M 312 -41.62 72.21 16.55
N GLU M 313 -41.42 73.01 15.51
CA GLU M 313 -41.43 74.47 15.68
C GLU M 313 -42.82 74.96 16.09
N TRP M 314 -43.87 74.40 15.48
CA TRP M 314 -45.23 74.88 15.75
C TRP M 314 -45.70 74.44 17.14
N VAL M 315 -45.48 73.17 17.49
CA VAL M 315 -45.92 72.69 18.80
C VAL M 315 -45.12 73.35 19.92
N PHE M 316 -43.80 73.38 19.78
CA PHE M 316 -42.92 73.80 20.87
C PHE M 316 -42.48 75.25 20.73
N GLY M 317 -43.05 76.01 19.80
CA GLY M 317 -42.84 77.44 19.73
C GLY M 317 -41.40 77.86 19.50
N GLY M 318 -40.55 76.97 19.01
CA GLY M 318 -39.16 77.31 18.77
C GLY M 318 -38.53 76.48 17.68
N ARG M 319 -37.60 77.07 16.93
CA ARG M 319 -36.93 76.35 15.86
CA ARG M 319 -36.93 76.35 15.86
C ARG M 319 -36.05 75.25 16.43
N PHE M 320 -35.92 74.17 15.67
CA PHE M 320 -35.13 73.02 16.06
C PHE M 320 -33.88 72.95 15.19
N CYS M 321 -32.72 72.96 15.83
CA CYS M 321 -31.45 72.93 15.12
C CYS M 321 -31.15 71.51 14.64
N GLN M 322 -30.74 71.39 13.38
CA GLN M 322 -30.39 70.10 12.82
C GLN M 322 -28.95 69.72 13.19
N ARG M 323 -28.66 68.43 13.07
CA ARG M 323 -27.32 67.94 13.38
C ARG M 323 -26.27 68.48 12.42
N LYS M 324 -26.67 68.89 11.22
CA LYS M 324 -25.72 69.44 10.26
C LYS M 324 -25.11 70.74 10.74
N GLU M 325 -25.81 71.46 11.62
CA GLU M 325 -25.31 72.74 12.12
C GLU M 325 -24.14 72.59 13.08
N PHE M 326 -23.82 71.37 13.50
CA PHE M 326 -22.76 71.13 14.47
C PHE M 326 -21.84 70.04 13.97
N GLY M 327 -20.58 70.09 14.42
CA GLY M 327 -19.58 69.11 14.03
C GLY M 327 -19.66 67.86 14.88
N ARG M 328 -18.54 67.13 14.92
CA ARG M 328 -18.48 65.90 15.70
C ARG M 328 -18.62 66.21 17.18
N TYR M 329 -19.36 65.35 17.88
CA TYR M 329 -19.53 65.51 19.32
C TYR M 329 -18.25 65.17 20.05
N CYS M 330 -17.96 65.93 21.10
CA CYS M 330 -16.76 65.70 21.90
C CYS M 330 -16.89 64.40 22.68
N LYS M 331 -15.74 63.88 23.10
CA LYS M 331 -15.74 62.63 23.87
C LYS M 331 -16.44 62.83 25.22
N LYS M 332 -17.00 61.74 25.73
CA LYS M 332 -17.64 61.80 27.04
C LYS M 332 -16.64 62.18 28.13
N SER M 333 -15.35 61.87 27.92
CA SER M 333 -14.32 62.24 28.88
C SER M 333 -14.03 63.74 28.88
N GLN M 334 -14.55 64.49 27.92
CA GLN M 334 -14.30 65.93 27.83
C GLN M 334 -15.58 66.73 27.72
N THR M 335 -16.71 66.17 28.15
CA THR M 335 -17.97 66.91 28.14
C THR M 335 -17.97 67.95 29.25
N LYS M 336 -18.37 69.18 28.90
CA LYS M 336 -18.39 70.28 29.85
C LYS M 336 -19.75 70.95 29.84
N VAL M 337 -20.15 71.48 30.99
CA VAL M 337 -21.45 72.12 31.12
C VAL M 337 -21.51 73.34 30.21
N ILE M 338 -22.60 73.45 29.44
CA ILE M 338 -22.72 74.49 28.43
C ILE M 338 -23.87 75.44 28.70
N GLY M 339 -24.81 75.10 29.57
CA GLY M 339 -25.90 76.01 29.88
C GLY M 339 -27.04 75.28 30.56
N LEU M 340 -28.09 76.06 30.86
CA LEU M 340 -29.27 75.57 31.55
C LEU M 340 -30.28 74.99 30.56
N PHE M 341 -31.06 74.03 31.04
CA PHE M 341 -32.10 73.42 30.22
C PHE M 341 -33.33 74.30 30.20
N THR M 342 -33.85 74.58 29.00
CA THR M 342 -35.06 75.36 28.82
C THR M 342 -35.98 74.67 27.83
N PHE M 343 -37.28 74.92 27.98
CA PHE M 343 -38.27 74.28 27.14
C PHE M 343 -39.53 75.13 27.11
N GLN M 344 -40.25 75.07 25.99
CA GLN M 344 -41.54 75.71 25.86
C GLN M 344 -42.35 74.94 24.83
N TYR M 345 -43.68 74.96 24.99
CA TYR M 345 -44.56 74.29 24.04
C TYR M 345 -45.93 74.95 24.07
N GLU M 346 -46.66 74.80 22.96
CA GLU M 346 -48.00 75.35 22.83
C GLU M 346 -49.05 74.31 22.48
N TYR M 347 -48.65 73.12 22.03
CA TYR M 347 -49.59 72.08 21.62
C TYR M 347 -49.06 70.72 22.07
N TRP M 348 -49.87 69.69 21.88
CA TRP M 348 -49.49 68.33 22.22
C TRP M 348 -50.44 67.37 21.53
N SER M 349 -50.28 66.08 21.83
CA SER M 349 -51.17 65.04 21.33
C SER M 349 -50.89 63.78 22.12
N LYS M 350 -51.80 62.82 22.01
CA LYS M 350 -51.58 61.52 22.61
C LYS M 350 -50.40 60.84 21.92
N PRO M 351 -49.77 59.88 22.58
CA PRO M 351 -48.72 59.11 21.89
C PRO M 351 -49.29 58.38 20.70
N LEU M 352 -48.48 58.31 19.63
CA LEU M 352 -48.93 57.70 18.39
C LEU M 352 -49.14 56.20 18.59
N LYS M 353 -50.39 55.76 18.50
CA LYS M 353 -50.74 54.36 18.69
C LYS M 353 -50.66 53.57 17.39
N SER M 354 -51.36 54.02 16.35
CA SER M 354 -51.35 53.37 15.06
C SER M 354 -50.41 54.12 14.12
N ALA M 355 -50.42 53.73 12.84
CA ALA M 355 -49.51 54.34 11.88
C ALA M 355 -49.87 55.79 11.63
N PRO M 356 -48.88 56.67 11.44
CA PRO M 356 -49.19 58.08 11.10
C PRO M 356 -49.95 58.23 9.80
N ARG M 357 -49.70 57.36 8.82
CA ARG M 357 -50.44 57.37 7.57
C ARG M 357 -51.46 56.26 7.57
N SER M 358 -52.71 56.59 7.28
CA SER M 358 -53.80 55.62 7.27
C SER M 358 -54.55 55.71 5.95
N ILE M 359 -55.01 54.56 5.47
CA ILE M 359 -55.77 54.46 4.23
C ILE M 359 -57.17 53.89 4.48
N GLU M 360 -57.62 53.88 5.73
CA GLU M 360 -58.94 53.37 6.08
C GLU M 360 -60.02 54.39 5.78
N ILE M 367 -68.42 54.92 -1.56
CA ILE M 367 -68.85 55.55 -2.79
C ILE M 367 -70.15 54.96 -3.32
N SER M 368 -70.79 54.11 -2.52
CA SER M 368 -72.01 53.44 -2.94
C SER M 368 -72.76 52.90 -1.72
N CYS M 369 -73.96 52.38 -1.98
CA CYS M 369 -74.86 51.86 -0.97
C CYS M 369 -75.32 50.44 -1.32
N ARG M 370 -75.84 49.74 -0.30
CA ARG M 370 -76.49 48.45 -0.48
C ARG M 370 -78.00 48.60 -0.39
N PRO M 371 -78.78 48.18 -1.40
CA PRO M 371 -80.23 48.06 -1.21
C PRO M 371 -80.64 46.80 -0.48
N SER M 372 -81.41 46.98 0.60
CA SER M 372 -82.18 45.94 1.26
C SER M 372 -83.67 46.26 1.27
N PHE M 373 -84.04 47.50 0.99
CA PHE M 373 -85.44 47.88 0.95
C PHE M 373 -85.90 48.10 -0.50
N LYS M 374 -87.17 47.80 -0.72
CA LYS M 374 -87.80 47.76 -2.04
C LYS M 374 -88.49 49.09 -2.40
N GLY M 375 -88.52 50.05 -1.48
CA GLY M 375 -89.12 51.35 -1.75
C GLY M 375 -88.38 52.27 -2.71
N LYS M 376 -89.12 53.22 -3.27
CA LYS M 376 -88.61 54.17 -4.26
C LYS M 376 -87.80 55.25 -3.55
N ARG M 377 -86.50 55.31 -3.81
CA ARG M 377 -85.64 56.14 -2.98
C ARG M 377 -84.68 56.97 -3.81
N PRO M 378 -84.23 58.11 -3.28
CA PRO M 378 -83.24 58.94 -3.99
C PRO M 378 -81.85 58.32 -3.95
N SER M 379 -81.32 58.03 -5.13
CA SER M 379 -80.01 57.39 -5.23
C SER M 379 -78.92 58.45 -5.29
N TYR M 380 -77.84 58.24 -4.53
CA TYR M 380 -76.71 59.16 -4.49
C TYR M 380 -75.46 58.44 -4.97
N ASN M 381 -74.74 59.10 -5.88
CA ASN M 381 -73.62 58.49 -6.59
C ASN M 381 -72.39 59.36 -6.41
N ASN M 382 -71.35 58.80 -5.81
CA ASN M 382 -70.22 59.62 -5.34
C ASN M 382 -69.04 59.69 -6.30
N PHE M 383 -69.01 58.89 -7.38
CA PHE M 383 -67.90 58.99 -8.33
C PHE M 383 -68.45 59.06 -9.75
N THR M 384 -67.95 60.04 -10.51
CA THR M 384 -68.50 60.33 -11.83
C THR M 384 -68.27 59.17 -12.79
N SER M 385 -67.04 58.63 -12.82
CA SER M 385 -66.69 57.56 -13.73
C SER M 385 -66.02 56.40 -12.99
N SER M 399 -46.90 43.13 -11.54
CA SER M 399 -45.79 42.65 -10.72
C SER M 399 -46.02 43.00 -9.25
N PHE M 400 -45.39 42.22 -8.37
CA PHE M 400 -45.53 42.47 -6.93
C PHE M 400 -44.94 43.83 -6.56
N TYR M 401 -43.78 44.18 -7.15
CA TYR M 401 -43.21 45.49 -6.89
C TYR M 401 -44.14 46.60 -7.36
N ASP M 402 -44.85 46.38 -8.47
CA ASP M 402 -45.88 47.34 -8.89
C ASP M 402 -46.96 47.46 -7.83
N GLN M 403 -47.41 46.33 -7.28
CA GLN M 403 -48.36 46.36 -6.17
C GLN M 403 -47.73 47.03 -4.95
N VAL M 404 -46.45 46.75 -4.68
CA VAL M 404 -45.74 47.48 -3.63
C VAL M 404 -45.71 48.96 -3.96
N ARG M 405 -45.36 49.30 -5.20
CA ARG M 405 -45.39 50.70 -5.63
C ARG M 405 -46.82 51.23 -5.68
N GLU M 406 -47.79 50.38 -6.00
CA GLU M 406 -49.19 50.79 -5.92
C GLU M 406 -49.55 51.17 -4.50
N GLU M 407 -49.24 50.30 -3.53
CA GLU M 407 -49.43 50.65 -2.13
C GLU M 407 -48.53 51.80 -1.73
N CYS M 408 -47.30 51.83 -2.24
CA CYS M 408 -46.43 52.98 -2.01
C CYS M 408 -47.09 54.27 -2.46
N GLN M 409 -47.64 54.27 -3.68
CA GLN M 409 -48.29 55.47 -4.20
C GLN M 409 -49.53 55.84 -3.40
N LYS M 410 -50.18 54.85 -2.75
CA LYS M 410 -51.27 55.18 -1.86
C LYS M 410 -50.80 56.05 -0.70
N TYR M 411 -49.65 55.71 -0.11
CA TYR M 411 -49.05 56.52 0.93
C TYR M 411 -48.27 57.70 0.38
N MET M 412 -47.83 57.64 -0.88
CA MET M 412 -47.27 58.82 -1.52
C MET M 412 -48.31 59.92 -1.66
N ASP M 413 -49.53 59.55 -2.04
CA ASP M 413 -50.60 60.54 -2.21
C ASP M 413 -51.15 61.04 -0.89
N LEU M 414 -50.98 60.28 0.19
CA LEU M 414 -51.45 60.72 1.49
C LEU M 414 -50.73 61.98 1.93
N LYS M 415 -51.50 63.00 2.32
CA LYS M 415 -50.94 64.25 2.80
C LYS M 415 -51.08 64.39 4.32
N VAL M 416 -52.25 64.12 4.87
CA VAL M 416 -52.47 64.25 6.30
C VAL M 416 -51.80 63.09 7.02
N GLU M 417 -51.03 63.40 8.06
CA GLU M 417 -50.38 62.42 8.90
C GLU M 417 -51.19 62.25 10.19
N GLY M 418 -50.64 61.51 11.13
CA GLY M 418 -51.31 61.33 12.41
C GLY M 418 -52.57 60.49 12.30
N THR M 419 -53.29 60.40 13.41
CA THR M 419 -54.51 59.62 13.48
C THR M 419 -55.73 60.49 13.73
N THR M 420 -55.76 61.26 14.80
CA THR M 420 -56.94 62.05 15.15
C THR M 420 -56.71 63.54 15.06
N CYS M 421 -55.75 64.08 15.82
CA CYS M 421 -55.52 65.53 15.88
C CYS M 421 -54.37 65.79 16.85
N PHE M 422 -53.98 67.07 16.91
CA PHE M 422 -53.17 67.58 18.00
C PHE M 422 -54.09 68.01 19.15
N TYR M 423 -53.47 68.44 20.24
CA TYR M 423 -54.19 69.09 21.33
C TYR M 423 -53.36 70.28 21.80
N ARG M 424 -54.03 71.39 22.08
CA ARG M 424 -53.34 72.59 22.52
C ARG M 424 -52.92 72.46 23.98
N LYS M 425 -51.90 73.24 24.34
CA LYS M 425 -51.40 73.22 25.71
C LYS M 425 -52.49 73.62 26.70
N GLY M 426 -52.60 72.87 27.79
CA GLY M 426 -53.59 73.13 28.81
C GLY M 426 -54.86 72.30 28.71
N GLY M 427 -54.92 71.35 27.78
CA GLY M 427 -56.11 70.53 27.64
C GLY M 427 -55.99 69.64 26.42
N HIS M 428 -57.09 68.96 26.12
CA HIS M 428 -57.18 68.06 24.97
C HIS M 428 -58.10 68.62 23.89
N VAL M 429 -58.04 69.93 23.67
CA VAL M 429 -58.82 70.56 22.61
C VAL M 429 -58.18 70.24 21.27
N GLU M 430 -58.98 69.72 20.35
CA GLU M 430 -58.45 69.24 19.07
C GLU M 430 -58.00 70.40 18.21
N VAL M 431 -56.71 70.37 17.83
CA VAL M 431 -56.11 71.38 16.97
C VAL M 431 -55.41 70.66 15.82
N GLU M 432 -55.40 71.28 14.65
CA GLU M 432 -54.75 70.72 13.47
CA GLU M 432 -54.75 70.73 13.46
C GLU M 432 -53.58 71.60 13.05
N PHE M 433 -52.46 70.97 12.73
CA PHE M 433 -51.25 71.69 12.33
C PHE M 433 -51.47 72.30 10.95
N PRO M 434 -51.37 73.63 10.81
CA PRO M 434 -51.68 74.25 9.51
C PRO M 434 -50.51 74.22 8.54
N GLY M 435 -49.30 74.23 9.04
CA GLY M 435 -48.10 74.27 8.22
C GLY M 435 -47.05 75.16 8.85
N SER M 436 -45.81 75.02 8.36
CA SER M 436 -44.69 75.80 8.87
C SER M 436 -43.62 75.89 7.80
N ALA M 437 -42.68 76.80 8.01
CA ALA M 437 -41.59 77.01 7.06
C ALA M 437 -40.62 75.83 7.03
N HIS M 438 -40.55 75.04 8.09
CA HIS M 438 -39.60 73.93 8.18
C HIS M 438 -40.21 72.59 7.79
N CYS M 439 -41.18 72.60 6.87
CA CYS M 439 -41.74 71.35 6.37
C CYS M 439 -40.71 70.62 5.52
N ASN M 440 -40.73 69.28 5.59
CA ASN M 440 -39.82 68.40 4.87
C ASN M 440 -38.36 68.62 5.27
N THR M 441 -38.13 69.26 6.43
CA THR M 441 -36.80 69.44 6.99
C THR M 441 -36.73 68.67 8.30
N TYR M 442 -35.70 67.86 8.45
CA TYR M 442 -35.62 66.93 9.57
C TYR M 442 -34.32 67.13 10.32
N LEU M 443 -34.27 66.56 11.54
CA LEU M 443 -33.07 66.67 12.37
C LEU M 443 -31.87 66.02 11.68
N PHE M 444 -32.07 64.85 11.09
CA PHE M 444 -31.05 64.17 10.31
C PHE M 444 -31.27 64.29 8.81
N GLY M 445 -32.28 65.05 8.39
CA GLY M 445 -32.58 65.22 6.98
C GLY M 445 -32.03 66.51 6.40
N THR N 20 -96.44 18.87 -53.38
CA THR N 20 -96.30 19.66 -52.17
C THR N 20 -97.41 19.33 -51.17
N GLU N 21 -98.65 19.42 -51.62
CA GLU N 21 -99.81 19.15 -50.78
C GLU N 21 -100.29 17.71 -50.89
N SER N 22 -99.63 16.88 -51.70
CA SER N 22 -100.08 15.50 -51.86
C SER N 22 -99.87 14.69 -50.59
N GLN N 23 -98.70 14.85 -49.95
CA GLN N 23 -98.39 14.09 -48.75
C GLN N 23 -98.80 14.80 -47.46
N ILE N 24 -99.31 16.03 -47.55
CA ILE N 24 -99.71 16.75 -46.34
C ILE N 24 -100.74 16.00 -45.52
N PRO N 25 -101.78 15.37 -46.10
CA PRO N 25 -102.78 14.69 -45.25
C PRO N 25 -102.21 13.60 -44.36
N LYS N 26 -101.08 13.00 -44.72
CA LYS N 26 -100.54 11.88 -43.94
C LYS N 26 -99.51 12.30 -42.90
N MET N 27 -98.77 13.40 -43.13
CA MET N 27 -97.73 13.77 -42.17
C MET N 27 -98.32 14.12 -40.80
N TYR N 28 -99.47 14.79 -40.78
CA TYR N 28 -100.08 15.19 -39.52
C TYR N 28 -100.51 13.99 -38.68
N GLU N 29 -100.62 12.81 -39.28
CA GLU N 29 -101.11 11.64 -38.55
C GLU N 29 -100.05 11.11 -37.60
N MET N 30 -98.91 10.66 -38.14
CA MET N 30 -97.87 10.09 -37.29
C MET N 30 -97.07 11.13 -36.54
N ILE N 31 -97.13 12.41 -36.94
CA ILE N 31 -96.60 13.47 -36.10
C ILE N 31 -97.35 13.51 -34.78
N ARG N 32 -98.69 13.43 -34.84
CA ARG N 32 -99.49 13.36 -33.63
C ARG N 32 -99.27 12.03 -32.89
N ASP N 33 -99.02 10.95 -33.62
CA ASP N 33 -98.85 9.64 -32.99
C ASP N 33 -97.67 9.66 -32.01
N GLN N 34 -96.51 10.12 -32.47
CA GLN N 34 -95.37 10.28 -31.57
C GLN N 34 -95.56 11.45 -30.63
N MET N 35 -96.41 12.41 -30.99
CA MET N 35 -96.76 13.50 -30.07
C MET N 35 -97.45 12.95 -28.82
N ARG N 36 -98.37 12.01 -29.00
CA ARG N 36 -99.06 11.42 -27.84
C ARG N 36 -98.27 10.28 -27.23
N THR N 37 -97.47 9.57 -28.03
CA THR N 37 -96.72 8.43 -27.51
C THR N 37 -95.73 8.86 -26.43
N LEU N 38 -95.02 9.96 -26.67
CA LEU N 38 -94.06 10.44 -25.68
C LEU N 38 -94.75 10.96 -24.43
N ALA N 39 -95.87 11.67 -24.59
CA ALA N 39 -96.57 12.22 -23.44
C ALA N 39 -97.29 11.14 -22.65
N SER N 40 -98.00 10.24 -23.35
CA SER N 40 -98.78 9.23 -22.67
C SER N 40 -97.91 8.14 -22.03
N THR N 41 -96.67 7.99 -22.49
CA THR N 41 -95.79 6.99 -21.89
C THR N 41 -95.50 7.33 -20.43
N HIS N 42 -95.28 8.60 -20.13
CA HIS N 42 -94.93 9.04 -18.79
C HIS N 42 -96.05 9.85 -18.14
N LYS N 43 -97.29 9.57 -18.53
CA LYS N 43 -98.48 10.19 -17.93
C LYS N 43 -98.43 11.71 -18.00
N ILE N 44 -98.02 12.24 -19.15
CA ILE N 44 -98.03 13.68 -19.40
C ILE N 44 -99.36 14.01 -20.10
N PRO N 45 -100.29 14.69 -19.42
CA PRO N 45 -101.57 15.02 -20.07
C PRO N 45 -101.36 15.94 -21.26
N LEU N 46 -102.17 15.71 -22.29
CA LEU N 46 -102.09 16.47 -23.53
C LEU N 46 -103.12 17.59 -23.62
N ASN N 47 -103.86 17.83 -22.54
CA ASN N 47 -104.82 18.92 -22.51
C ASN N 47 -104.24 20.22 -21.97
N ILE N 48 -102.96 20.23 -21.60
CA ILE N 48 -102.24 21.46 -21.24
C ILE N 48 -101.38 21.87 -22.42
N ASP N 49 -101.44 23.16 -22.77
CA ASP N 49 -100.59 23.67 -23.86
C ASP N 49 -99.11 23.55 -23.53
N HIS N 50 -98.75 23.88 -22.28
CA HIS N 50 -97.34 23.84 -21.90
C HIS N 50 -96.78 22.43 -21.99
N ASN N 51 -97.56 21.44 -21.55
CA ASN N 51 -97.13 20.04 -21.69
C ASN N 51 -96.91 19.70 -23.16
N CYS N 52 -97.86 20.07 -24.01
CA CYS N 52 -97.72 19.79 -25.44
C CYS N 52 -96.57 20.59 -26.05
N GLU N 53 -96.48 21.87 -25.73
CA GLU N 53 -95.44 22.71 -26.32
C GLU N 53 -94.05 22.23 -25.94
N VAL N 54 -93.85 21.86 -24.67
CA VAL N 54 -92.56 21.34 -24.25
C VAL N 54 -92.31 19.96 -24.85
N ILE N 55 -93.33 19.09 -24.82
CA ILE N 55 -93.22 17.82 -25.54
C ILE N 55 -93.00 18.07 -27.02
N GLY N 56 -93.75 19.02 -27.58
CA GLY N 56 -93.54 19.39 -28.97
C GLY N 56 -92.17 19.99 -29.20
N SER N 57 -91.65 20.75 -28.22
CA SER N 57 -90.28 21.21 -28.30
C SER N 57 -89.31 20.03 -28.34
N ILE N 58 -89.64 18.96 -27.60
CA ILE N 58 -88.92 17.71 -27.74
C ILE N 58 -89.25 17.06 -29.08
N ILE N 59 -90.52 17.14 -29.50
CA ILE N 59 -90.91 16.55 -30.78
C ILE N 59 -90.22 17.26 -31.94
N MET N 60 -90.19 18.59 -31.94
CA MET N 60 -89.48 19.29 -33.00
C MET N 60 -87.99 19.01 -32.96
N ALA N 61 -87.45 18.77 -31.75
CA ALA N 61 -86.02 18.51 -31.61
C ALA N 61 -85.63 17.22 -32.32
N ALA N 62 -86.45 16.17 -32.17
CA ALA N 62 -86.13 14.90 -32.81
C ALA N 62 -86.21 15.02 -34.33
N CYS N 63 -87.03 15.94 -34.84
CA CYS N 63 -87.26 16.01 -36.29
C CYS N 63 -86.02 16.52 -37.03
N THR N 64 -85.42 17.61 -36.54
CA THR N 64 -84.37 18.30 -37.29
C THR N 64 -83.01 18.21 -36.64
N ASN N 65 -82.88 18.63 -35.38
CA ASN N 65 -81.58 18.58 -34.68
C ASN N 65 -81.56 17.38 -33.74
N ASN N 66 -81.15 16.24 -34.30
CA ASN N 66 -81.21 14.99 -33.56
C ASN N 66 -80.29 14.97 -32.35
N ARG N 67 -79.10 15.57 -32.49
CA ARG N 67 -78.08 15.48 -31.45
C ARG N 67 -78.26 16.50 -30.33
N ASP N 68 -79.26 17.38 -30.42
CA ASP N 68 -79.45 18.37 -29.37
C ASP N 68 -80.19 17.79 -28.18
N LEU N 69 -81.37 17.23 -28.42
CA LEU N 69 -82.18 16.69 -27.34
C LEU N 69 -81.59 15.38 -26.82
N ARG N 70 -81.58 15.23 -25.49
CA ARG N 70 -81.04 14.05 -24.86
CA ARG N 70 -81.04 14.06 -24.85
C ARG N 70 -81.97 12.85 -25.03
N PRO N 71 -81.42 11.63 -25.06
CA PRO N 71 -82.29 10.45 -25.12
C PRO N 71 -83.23 10.36 -23.93
N VAL N 72 -82.77 10.76 -22.74
CA VAL N 72 -83.61 10.88 -21.56
C VAL N 72 -83.28 12.21 -20.89
N ASP N 73 -84.31 12.96 -20.53
CA ASP N 73 -84.11 14.28 -19.93
C ASP N 73 -85.37 14.71 -19.20
N LYS N 74 -85.21 15.68 -18.32
CA LYS N 74 -86.32 16.23 -17.54
C LYS N 74 -86.75 17.57 -18.12
N TYR N 75 -88.07 17.75 -18.24
CA TYR N 75 -88.62 18.97 -18.81
C TYR N 75 -89.81 19.42 -17.97
N TRP N 76 -90.18 20.69 -18.14
CA TRP N 76 -91.29 21.27 -17.39
C TRP N 76 -92.62 20.84 -18.01
N PHE N 77 -93.50 20.27 -17.19
CA PHE N 77 -94.83 19.87 -17.62
C PHE N 77 -95.82 20.17 -16.50
N LEU N 78 -97.08 19.77 -16.73
CA LEU N 78 -98.16 19.93 -15.75
C LEU N 78 -98.60 18.53 -15.32
N MET N 79 -98.20 18.13 -14.11
CA MET N 79 -98.54 16.83 -13.56
C MET N 79 -99.70 16.98 -12.58
N GLY N 80 -100.81 16.30 -12.87
CA GLY N 80 -101.96 16.33 -12.01
C GLY N 80 -103.22 15.88 -12.74
N PRO N 81 -104.05 15.09 -12.07
CA PRO N 81 -105.26 14.59 -12.72
C PRO N 81 -106.47 15.49 -12.51
N ALA N 82 -107.22 15.74 -13.58
CA ALA N 82 -108.47 16.49 -13.53
C ALA N 82 -108.28 17.88 -12.92
N GLY N 83 -107.40 18.65 -13.57
CA GLY N 83 -107.19 20.04 -13.18
C GLY N 83 -106.28 20.26 -11.99
N ALA N 84 -105.73 19.19 -11.41
CA ALA N 84 -104.85 19.32 -10.25
C ALA N 84 -103.37 19.39 -10.64
N GLU N 85 -103.08 19.92 -11.82
CA GLU N 85 -101.71 19.95 -12.31
C GLU N 85 -100.88 20.99 -11.56
N VAL N 86 -99.67 20.60 -11.16
CA VAL N 86 -98.69 21.48 -10.55
C VAL N 86 -97.37 21.32 -11.29
N MET N 87 -96.71 22.43 -11.56
CA MET N 87 -95.45 22.39 -12.31
C MET N 87 -94.38 21.60 -11.59
N THR N 88 -93.71 20.73 -12.34
CA THR N 88 -92.55 20.00 -11.88
C THR N 88 -91.80 19.51 -13.10
N GLU N 89 -90.56 19.09 -12.90
CA GLU N 89 -89.72 18.57 -13.97
C GLU N 89 -89.90 17.06 -14.06
N VAL N 90 -90.25 16.58 -15.26
CA VAL N 90 -90.60 15.19 -15.47
C VAL N 90 -89.59 14.59 -16.44
N GLU N 91 -88.96 13.49 -16.03
CA GLU N 91 -88.07 12.77 -16.92
C GLU N 91 -88.88 11.91 -17.89
N ILE N 92 -88.41 11.85 -19.15
CA ILE N 92 -89.08 11.09 -20.18
C ILE N 92 -88.04 10.33 -21.00
N ASP N 93 -88.47 9.25 -21.62
CA ASP N 93 -87.63 8.42 -22.48
C ASP N 93 -87.92 8.78 -23.93
N ILE N 94 -87.05 9.62 -24.51
CA ILE N 94 -87.27 10.10 -25.87
C ILE N 94 -86.75 9.10 -26.91
N GLN N 95 -85.96 8.12 -26.49
CA GLN N 95 -85.40 7.14 -27.43
C GLN N 95 -86.44 6.46 -28.30
N PRO N 96 -87.60 6.02 -27.80
CA PRO N 96 -88.63 5.51 -28.73
C PRO N 96 -89.05 6.52 -29.79
N GLN N 97 -89.06 7.81 -29.44
CA GLN N 97 -89.39 8.86 -30.39
C GLN N 97 -88.21 9.31 -31.22
N LEU N 98 -86.98 9.03 -30.79
CA LEU N 98 -85.80 9.43 -31.55
C LEU N 98 -85.60 8.56 -32.78
N GLN N 99 -85.84 7.26 -32.66
CA GLN N 99 -85.61 6.33 -33.78
C GLN N 99 -86.55 6.62 -34.94
N TRP N 100 -87.81 6.95 -34.65
CA TRP N 100 -88.78 7.23 -35.71
C TRP N 100 -88.38 8.45 -36.52
N ALA N 101 -87.97 9.53 -35.84
CA ALA N 101 -87.82 10.82 -36.50
C ALA N 101 -86.70 10.79 -37.54
N LYS N 102 -85.59 10.12 -37.24
CA LYS N 102 -84.46 10.11 -38.16
C LYS N 102 -84.78 9.35 -39.45
N GLY N 103 -85.69 8.38 -39.39
CA GLY N 103 -86.02 7.60 -40.57
C GLY N 103 -86.90 8.32 -41.58
N ALA N 104 -87.59 9.38 -41.15
CA ALA N 104 -88.50 10.11 -42.03
C ALA N 104 -87.80 11.17 -42.87
N VAL N 105 -86.51 11.41 -42.65
CA VAL N 105 -85.81 12.46 -43.39
C VAL N 105 -85.71 12.10 -44.86
N HIS N 106 -85.27 10.88 -45.17
CA HIS N 106 -85.08 10.43 -46.54
C HIS N 106 -86.07 9.35 -46.94
N ASP N 107 -87.20 9.26 -46.25
CA ASP N 107 -88.22 8.26 -46.59
C ASP N 107 -88.85 8.63 -47.93
N PRO N 108 -88.86 7.73 -48.92
CA PRO N 108 -89.47 8.05 -50.22
C PRO N 108 -90.97 8.31 -50.13
N LYS N 109 -91.63 7.87 -49.06
CA LYS N 109 -93.07 8.11 -48.94
C LYS N 109 -93.39 9.60 -48.86
N TYR N 110 -92.45 10.42 -48.40
CA TYR N 110 -92.63 11.85 -48.35
C TYR N 110 -92.17 12.56 -49.62
N LYS N 111 -91.54 11.83 -50.54
CA LYS N 111 -91.08 12.39 -51.82
C LYS N 111 -90.13 13.58 -51.61
N GLY N 112 -89.31 13.48 -50.57
CA GLY N 112 -88.36 14.55 -50.28
C GLY N 112 -88.98 15.81 -49.72
N GLN N 113 -90.24 15.77 -49.30
CA GLN N 113 -90.92 16.93 -48.77
C GLN N 113 -90.84 17.03 -47.24
N TRP N 114 -90.07 16.15 -46.60
CA TRP N 114 -89.92 16.20 -45.15
C TRP N 114 -89.23 17.49 -44.72
N TYR N 115 -88.13 17.85 -45.38
CA TYR N 115 -87.47 19.12 -45.07
C TYR N 115 -88.35 20.33 -45.32
N PRO N 116 -89.06 20.45 -46.47
CA PRO N 116 -89.99 21.58 -46.60
C PRO N 116 -91.08 21.61 -45.53
N PHE N 117 -91.56 20.45 -45.10
CA PHE N 117 -92.61 20.41 -44.09
C PHE N 117 -92.08 20.78 -42.71
N LEU N 118 -90.87 20.32 -42.38
CA LEU N 118 -90.34 20.55 -41.04
C LEU N 118 -90.01 22.03 -40.82
N ALA N 119 -89.64 22.75 -41.88
CA ALA N 119 -89.40 24.19 -41.73
C ALA N 119 -90.66 24.92 -41.32
N LEU N 120 -91.80 24.54 -41.91
CA LEU N 120 -93.07 25.16 -41.54
C LEU N 120 -93.44 24.85 -40.10
N LEU N 121 -93.24 23.59 -39.68
CA LEU N 121 -93.57 23.20 -38.30
C LEU N 121 -92.69 23.94 -37.30
N GLN N 122 -91.41 24.07 -37.59
CA GLN N 122 -90.48 24.70 -36.66
C GLN N 122 -90.81 26.17 -36.44
N ILE N 123 -91.17 26.89 -37.51
CA ILE N 123 -91.43 28.32 -37.39
C ILE N 123 -92.70 28.58 -36.59
N SER N 124 -93.77 27.84 -36.89
CA SER N 124 -95.07 28.13 -36.28
C SER N 124 -95.06 27.87 -34.78
N ASN N 125 -94.42 26.78 -34.35
CA ASN N 125 -94.47 26.40 -32.95
C ASN N 125 -93.56 27.23 -32.06
N LYS N 126 -92.59 27.93 -32.64
CA LYS N 126 -91.76 28.86 -31.89
C LYS N 126 -92.37 30.25 -31.82
N THR N 127 -93.51 30.48 -32.47
CA THR N 127 -94.14 31.80 -32.44
C THR N 127 -94.57 32.17 -31.03
N LYS N 128 -95.10 31.20 -30.28
CA LYS N 128 -95.59 31.49 -28.93
C LYS N 128 -94.47 32.01 -28.03
N ASP N 129 -93.29 31.40 -28.12
CA ASP N 129 -92.17 31.86 -27.29
C ASP N 129 -91.78 33.29 -27.63
N THR N 130 -91.81 33.64 -28.92
CA THR N 130 -91.49 35.02 -29.32
C THR N 130 -92.56 35.99 -28.85
N ILE N 131 -93.84 35.59 -28.90
CA ILE N 131 -94.91 36.49 -28.47
C ILE N 131 -94.83 36.76 -26.98
N LEU N 132 -94.66 35.70 -26.18
CA LEU N 132 -94.61 35.86 -24.73
C LEU N 132 -93.37 36.64 -24.31
N TRP N 133 -92.22 36.36 -24.93
CA TRP N 133 -90.97 37.06 -24.65
C TRP N 133 -90.61 37.86 -25.89
N GLN N 134 -91.03 39.13 -25.91
CA GLN N 134 -90.88 39.98 -27.09
C GLN N 134 -89.42 40.36 -27.26
N LYS N 135 -88.77 39.77 -28.26
CA LYS N 135 -87.36 40.04 -28.56
C LYS N 135 -87.23 40.38 -30.04
N TYR N 136 -86.17 41.13 -30.36
CA TYR N 136 -85.88 41.53 -31.74
C TYR N 136 -84.43 41.20 -32.05
N PRO N 137 -84.12 39.91 -32.26
CA PRO N 137 -82.73 39.52 -32.48
C PRO N 137 -82.17 39.95 -33.82
N VAL N 138 -82.95 39.76 -34.90
CA VAL N 138 -82.43 40.00 -36.24
C VAL N 138 -82.21 41.49 -36.47
N THR N 139 -83.21 42.31 -36.15
CA THR N 139 -83.11 43.74 -36.43
C THR N 139 -82.03 44.40 -35.59
N GLN N 140 -81.91 44.01 -34.32
CA GLN N 140 -80.85 44.55 -33.48
C GLN N 140 -79.47 44.16 -34.01
N GLU N 141 -79.32 42.91 -34.44
CA GLU N 141 -78.07 42.50 -35.09
C GLU N 141 -77.90 43.22 -36.42
N LEU N 142 -79.00 43.60 -37.07
CA LEU N 142 -78.97 44.39 -38.29
C LEU N 142 -78.91 45.89 -38.01
N GLU N 143 -78.91 46.30 -36.74
CA GLU N 143 -78.77 47.69 -36.35
C GLU N 143 -79.83 48.57 -37.04
N ILE N 144 -81.06 48.08 -37.08
CA ILE N 144 -82.18 48.78 -37.67
C ILE N 144 -83.31 48.85 -36.64
N SER N 145 -84.44 49.41 -37.06
CA SER N 145 -85.57 49.61 -36.16
C SER N 145 -86.07 48.27 -35.63
N ASN N 146 -86.37 48.23 -34.33
CA ASN N 146 -86.77 46.98 -33.70
C ASN N 146 -88.17 46.55 -34.10
N SER N 147 -89.03 47.47 -34.51
CA SER N 147 -90.40 47.12 -34.89
C SER N 147 -90.49 46.45 -36.26
N LEU N 148 -89.37 45.96 -36.82
CA LEU N 148 -89.39 45.23 -38.09
C LEU N 148 -89.03 43.77 -37.94
N GLU N 149 -88.84 43.27 -36.72
CA GLU N 149 -88.62 41.85 -36.52
C GLU N 149 -89.82 41.04 -36.98
N ILE N 150 -90.96 41.69 -37.14
CA ILE N 150 -92.11 41.10 -37.81
C ILE N 150 -91.74 40.68 -39.23
N TYR N 151 -90.86 41.42 -39.89
CA TYR N 151 -90.34 41.04 -41.20
C TYR N 151 -89.19 40.05 -41.11
N ALA N 152 -88.77 39.71 -39.89
CA ALA N 152 -87.67 38.77 -39.65
C ALA N 152 -88.19 37.41 -39.21
N ASN N 153 -89.28 36.95 -39.83
CA ASN N 153 -89.80 35.62 -39.54
C ASN N 153 -88.79 34.56 -39.99
N GLY N 154 -88.81 33.42 -39.30
CA GLY N 154 -87.89 32.35 -39.62
C GLY N 154 -86.54 32.41 -38.95
N HIS N 155 -86.38 33.25 -37.93
CA HIS N 155 -85.14 33.28 -37.17
C HIS N 155 -85.09 32.13 -36.17
N GLY N 156 -83.89 31.62 -35.94
CA GLY N 156 -83.70 30.49 -35.05
C GLY N 156 -84.00 29.14 -35.67
N ILE N 157 -84.34 29.09 -36.95
CA ILE N 157 -84.65 27.84 -37.61
C ILE N 157 -83.36 27.26 -38.19
N LYS N 158 -83.36 25.95 -38.38
CA LYS N 158 -82.18 25.26 -38.90
C LYS N 158 -81.85 25.75 -40.30
N ASP N 159 -80.54 25.86 -40.58
CA ASP N 159 -80.11 26.33 -41.90
C ASP N 159 -80.54 25.36 -42.99
N ARG N 160 -80.52 24.06 -42.71
CA ARG N 160 -81.06 23.10 -43.67
C ARG N 160 -82.53 23.34 -43.94
N LEU N 161 -83.30 23.63 -42.88
CA LEU N 161 -84.67 24.09 -43.08
C LEU N 161 -84.70 25.43 -43.78
N LYS N 162 -83.75 26.31 -43.45
CA LYS N 162 -83.66 27.61 -44.13
C LYS N 162 -83.28 27.44 -45.59
N ASN N 163 -82.58 26.37 -45.94
CA ASN N 163 -82.35 26.02 -47.34
C ASN N 163 -83.44 25.13 -47.91
N SER N 164 -84.36 24.64 -47.07
CA SER N 164 -85.48 23.84 -47.53
C SER N 164 -86.69 24.70 -47.87
N ARG N 165 -87.03 25.64 -47.00
CA ARG N 165 -88.08 26.63 -47.26
C ARG N 165 -87.53 28.02 -46.98
N PRO N 166 -86.60 28.50 -47.80
CA PRO N 166 -86.12 29.88 -47.62
C PRO N 166 -87.19 30.92 -47.86
N ARG N 167 -88.20 30.60 -48.67
CA ARG N 167 -89.28 31.54 -48.91
C ARG N 167 -90.05 31.85 -47.64
N SER N 168 -90.29 30.83 -46.80
CA SER N 168 -90.96 31.06 -45.53
C SER N 168 -90.10 31.90 -44.60
N VAL N 169 -88.79 31.66 -44.59
CA VAL N 169 -87.89 32.43 -43.74
C VAL N 169 -87.84 33.86 -44.25
N GLY N 170 -88.11 34.82 -43.37
CA GLY N 170 -88.19 36.21 -43.74
C GLY N 170 -86.89 36.74 -44.31
N PRO N 171 -86.97 37.77 -45.16
CA PRO N 171 -85.75 38.32 -45.77
C PRO N 171 -84.74 38.80 -44.76
N LEU N 172 -85.18 39.41 -43.65
CA LEU N 172 -84.25 39.94 -42.67
C LEU N 172 -83.38 38.83 -42.08
N VAL N 173 -83.97 37.67 -41.80
CA VAL N 173 -83.19 36.55 -41.30
C VAL N 173 -82.17 36.11 -42.34
N HIS N 174 -82.61 35.96 -43.60
CA HIS N 174 -81.67 35.70 -44.68
C HIS N 174 -80.71 36.87 -44.84
N LEU N 175 -81.20 38.10 -44.76
CA LEU N 175 -80.33 39.26 -44.80
C LEU N 175 -79.37 39.26 -43.63
N LEU N 176 -79.85 38.88 -42.44
CA LEU N 176 -78.94 38.67 -41.31
C LEU N 176 -77.98 37.52 -41.61
N HIS N 177 -78.49 36.41 -42.11
CA HIS N 177 -77.61 35.31 -42.52
C HIS N 177 -76.69 35.76 -43.65
N LEU N 178 -77.19 36.59 -44.56
CA LEU N 178 -76.30 37.23 -45.52
C LEU N 178 -75.30 38.13 -44.80
N LYS N 179 -75.76 38.88 -43.80
CA LYS N 179 -74.83 39.63 -42.96
C LYS N 179 -73.94 38.69 -42.16
N ARG N 180 -74.51 37.60 -41.63
CA ARG N 180 -73.72 36.61 -40.92
C ARG N 180 -72.69 35.96 -41.85
N LEU N 181 -73.11 35.65 -43.08
CA LEU N 181 -72.19 35.01 -44.03
C LEU N 181 -71.02 35.92 -44.39
N GLN N 182 -71.23 37.24 -44.37
CA GLN N 182 -70.15 38.18 -44.56
C GLN N 182 -69.40 38.49 -43.27
N GLU N 183 -70.00 38.22 -42.12
CA GLU N 183 -69.37 38.42 -40.82
C GLU N 183 -69.12 37.10 -40.09
N ASN N 184 -68.93 36.03 -40.86
CA ASN N 184 -68.67 34.71 -40.28
C ASN N 184 -67.17 34.48 -40.07
N SER N 188 -63.19 28.97 -49.63
CA SER N 188 -64.40 28.19 -49.32
C SER N 188 -65.52 28.52 -50.29
N PRO N 189 -65.55 27.82 -51.43
CA PRO N 189 -66.61 28.05 -52.42
C PRO N 189 -67.99 27.63 -51.96
N ALA N 190 -68.10 26.75 -50.96
CA ALA N 190 -69.41 26.36 -50.44
C ALA N 190 -70.10 27.51 -49.72
N VAL N 191 -69.35 28.54 -49.33
CA VAL N 191 -69.96 29.72 -48.72
C VAL N 191 -70.89 30.41 -49.71
N ASN N 192 -70.48 30.47 -50.98
CA ASN N 192 -71.33 31.08 -52.00
CA ASN N 192 -71.33 31.09 -51.99
C ASN N 192 -72.63 30.30 -52.18
N GLY N 193 -72.55 28.97 -52.14
CA GLY N 193 -73.75 28.16 -52.31
C GLY N 193 -74.82 28.46 -51.27
N ILE N 194 -74.40 28.66 -50.01
CA ILE N 194 -75.35 29.11 -48.99
C ILE N 194 -75.79 30.54 -49.28
N ARG N 195 -74.86 31.40 -49.71
CA ARG N 195 -75.18 32.79 -49.97
C ARG N 195 -76.15 32.93 -51.14
N LYS N 196 -75.90 32.19 -52.24
CA LYS N 196 -76.77 32.31 -53.40
C LYS N 196 -78.19 31.85 -53.07
N SER N 197 -78.32 30.81 -52.25
CA SER N 197 -79.64 30.45 -51.72
C SER N 197 -80.19 31.57 -50.85
N ILE N 198 -79.33 32.16 -50.01
CA ILE N 198 -79.76 33.26 -49.17
C ILE N 198 -80.12 34.48 -50.02
N VAL N 199 -79.22 34.85 -50.94
CA VAL N 199 -79.45 36.06 -51.74
C VAL N 199 -80.57 35.83 -52.75
N GLY N 200 -80.56 34.69 -53.43
CA GLY N 200 -81.57 34.43 -54.44
C GLY N 200 -82.98 34.44 -53.89
N HIS N 201 -83.16 33.86 -52.69
CA HIS N 201 -84.46 33.90 -52.04
C HIS N 201 -84.70 35.20 -51.31
N LEU N 202 -83.66 36.00 -51.05
CA LEU N 202 -83.86 37.39 -50.66
C LEU N 202 -84.49 38.18 -51.81
N LYS N 203 -84.01 37.96 -53.03
CA LYS N 203 -84.58 38.64 -54.19
C LYS N 203 -85.98 38.13 -54.50
N ARG N 204 -86.19 36.81 -54.32
CA ARG N 204 -87.52 36.24 -54.56
C ARG N 204 -88.55 36.81 -53.59
N GLN N 205 -88.17 36.98 -52.32
CA GLN N 205 -89.11 37.47 -51.33
C GLN N 205 -89.45 38.94 -51.57
N CYS N 206 -88.44 39.77 -51.79
CA CYS N 206 -88.66 41.19 -52.03
C CYS N 206 -88.89 41.39 -53.53
N ILE N 207 -90.17 41.53 -53.92
CA ILE N 207 -90.51 41.65 -55.34
C ILE N 207 -90.30 43.04 -55.89
N GLY N 208 -89.94 44.01 -55.05
CA GLY N 208 -89.71 45.37 -55.50
C GLY N 208 -88.61 45.48 -56.53
N GLU N 209 -88.86 46.22 -57.61
CA GLU N 209 -87.86 46.39 -58.65
C GLU N 209 -86.61 47.08 -58.11
N THR N 210 -86.79 48.12 -57.30
CA THR N 210 -85.65 48.77 -56.67
C THR N 210 -85.10 47.95 -55.51
N GLN N 211 -85.98 47.25 -54.79
CA GLN N 211 -85.53 46.48 -53.63
C GLN N 211 -84.62 45.33 -54.04
N LYS N 212 -84.91 44.69 -55.17
CA LYS N 212 -84.07 43.59 -55.64
C LYS N 212 -82.64 44.06 -55.88
N ALA N 213 -82.47 45.21 -56.52
CA ALA N 213 -81.14 45.78 -56.69
C ALA N 213 -80.60 46.35 -55.38
N MET N 214 -81.49 46.75 -54.47
CA MET N 214 -81.06 47.31 -53.19
C MET N 214 -80.72 46.23 -52.17
N ILE N 215 -81.03 44.97 -52.46
CA ILE N 215 -80.50 43.87 -51.66
C ILE N 215 -79.13 43.43 -52.19
N ASN N 216 -78.83 43.73 -53.45
CA ASN N 216 -77.60 43.21 -54.07
C ASN N 216 -76.34 43.75 -53.39
N GLN N 217 -76.35 45.02 -52.99
CA GLN N 217 -75.19 45.54 -52.26
C GLN N 217 -75.05 44.89 -50.89
N PHE N 218 -76.16 44.46 -50.29
CA PHE N 218 -76.07 43.70 -49.05
C PHE N 218 -75.36 42.37 -49.27
N GLU N 219 -75.43 41.82 -50.49
CA GLU N 219 -74.66 40.62 -50.81
C GLU N 219 -73.16 40.89 -50.73
N MET N 220 -72.73 42.05 -51.22
CA MET N 220 -71.32 42.41 -51.10
C MET N 220 -70.93 42.68 -49.65
N GLY N 221 -71.78 43.41 -48.92
CA GLY N 221 -71.55 43.59 -47.50
C GLY N 221 -71.46 45.02 -46.99
N ARG N 222 -72.06 45.97 -47.70
CA ARG N 222 -72.18 47.34 -47.19
C ARG N 222 -73.63 47.55 -46.77
N TRP N 223 -73.82 48.12 -45.57
CA TRP N 223 -75.13 48.18 -44.96
C TRP N 223 -75.53 49.62 -44.60
N GLU N 224 -75.12 50.58 -45.44
CA GLU N 224 -75.63 51.94 -45.28
C GLU N 224 -77.10 52.03 -45.64
N SER N 225 -77.52 51.30 -46.67
CA SER N 225 -78.92 51.21 -47.05
C SER N 225 -79.69 50.21 -46.21
N LEU N 226 -79.05 49.61 -45.20
CA LEU N 226 -79.76 48.71 -44.30
C LEU N 226 -80.88 49.44 -43.56
N SER N 227 -80.60 50.67 -43.11
CA SER N 227 -81.65 51.51 -42.56
C SER N 227 -82.64 51.92 -43.65
N THR N 228 -82.15 52.15 -44.87
CA THR N 228 -83.05 52.36 -46.00
C THR N 228 -83.84 51.09 -46.30
N PHE N 229 -83.19 49.93 -46.24
CA PHE N 229 -83.91 48.66 -46.30
C PHE N 229 -84.91 48.58 -45.15
N ALA N 230 -84.52 49.06 -43.98
CA ALA N 230 -85.46 49.16 -42.86
C ALA N 230 -86.60 50.12 -43.19
N ALA N 231 -86.26 51.26 -43.80
CA ALA N 231 -87.29 52.20 -44.23
C ALA N 231 -88.12 51.64 -45.38
N SER N 232 -87.49 50.83 -46.25
CA SER N 232 -88.21 50.25 -47.37
C SER N 232 -89.29 49.28 -46.90
N LEU N 233 -89.02 48.54 -45.82
CA LEU N 233 -89.97 47.53 -45.35
C LEU N 233 -91.30 48.15 -44.95
N LEU N 234 -91.33 49.46 -44.71
CA LEU N 234 -92.60 50.14 -44.48
C LEU N 234 -93.52 50.03 -45.68
N ALA N 235 -93.04 50.48 -46.84
CA ALA N 235 -93.94 50.73 -47.97
C ALA N 235 -94.09 49.49 -48.84
N ILE N 236 -92.98 48.90 -49.25
CA ILE N 236 -93.02 47.68 -50.03
CA ILE N 236 -93.00 47.67 -50.03
C ILE N 236 -92.89 46.49 -49.08
N LYS N 237 -93.82 45.55 -49.19
CA LYS N 237 -93.84 44.36 -48.34
C LYS N 237 -93.24 43.20 -49.10
N PRO N 238 -92.18 42.56 -48.60
CA PRO N 238 -91.63 41.40 -49.30
C PRO N 238 -92.61 40.23 -49.32
N ARG N 239 -92.54 39.46 -50.40
CA ARG N 239 -93.37 38.27 -50.52
C ARG N 239 -92.98 37.25 -49.45
N ILE N 240 -93.92 36.90 -48.59
CA ILE N 240 -93.71 35.93 -47.53
C ILE N 240 -94.69 34.79 -47.75
N GLU N 241 -94.18 33.65 -48.20
CA GLU N 241 -95.02 32.47 -48.37
C GLU N 241 -95.45 31.95 -47.01
N ASN N 242 -96.75 31.69 -46.87
CA ASN N 242 -97.32 31.23 -45.61
C ASN N 242 -97.99 29.88 -45.81
N HIS N 243 -98.07 29.11 -44.73
CA HIS N 243 -98.75 27.83 -44.73
C HIS N 243 -99.46 27.64 -43.40
N PHE N 244 -100.67 27.11 -43.45
CA PHE N 244 -101.49 26.92 -42.25
C PHE N 244 -101.09 25.61 -41.59
N VAL N 245 -100.33 25.70 -40.50
CA VAL N 245 -99.83 24.52 -39.79
C VAL N 245 -100.31 24.59 -38.34
N LEU N 246 -100.86 23.49 -37.86
CA LEU N 246 -101.36 23.43 -36.49
C LEU N 246 -100.20 23.36 -35.50
N THR N 247 -100.52 23.61 -34.24
CA THR N 247 -99.54 23.56 -33.16
C THR N 247 -99.66 22.25 -32.40
N TYR N 248 -98.61 21.94 -31.65
CA TYR N 248 -98.59 20.72 -30.85
C TYR N 248 -99.74 20.62 -29.86
N PRO N 249 -100.15 21.67 -29.14
CA PRO N 249 -101.38 21.57 -28.35
C PRO N 249 -102.61 21.29 -29.18
N LEU N 250 -102.58 21.59 -30.48
CA LEU N 250 -103.69 21.27 -31.37
C LEU N 250 -103.44 20.00 -32.17
N ILE N 251 -102.19 19.73 -32.53
CA ILE N 251 -101.87 18.53 -33.30
C ILE N 251 -102.22 17.28 -32.50
N ALA N 252 -101.84 17.24 -31.22
CA ALA N 252 -102.19 16.10 -30.38
C ALA N 252 -103.69 16.03 -30.13
N ASN N 253 -104.39 17.16 -30.22
CA ASN N 253 -105.82 17.22 -29.97
C ASN N 253 -106.65 17.19 -31.24
N CYS N 254 -106.02 17.07 -32.40
CA CYS N 254 -106.73 16.96 -33.68
C CYS N 254 -106.79 15.49 -34.09
N GLU N 255 -108.00 14.95 -34.18
CA GLU N 255 -108.20 13.54 -34.49
CA GLU N 255 -108.19 13.54 -34.49
C GLU N 255 -108.57 13.30 -35.95
N ASP N 256 -108.65 14.34 -36.77
CA ASP N 256 -109.02 14.20 -38.17
C ASP N 256 -107.93 14.83 -39.05
N PHE N 257 -107.41 14.05 -39.99
CA PHE N 257 -106.41 14.55 -40.93
C PHE N 257 -106.63 14.03 -42.34
N ALA N 258 -107.84 13.53 -42.66
CA ALA N 258 -108.08 12.96 -43.98
C ALA N 258 -107.99 14.03 -45.07
N GLY N 259 -108.55 15.21 -44.82
CA GLY N 259 -108.51 16.29 -45.79
C GLY N 259 -107.49 17.35 -45.43
N ALA N 260 -106.45 16.97 -44.69
CA ALA N 260 -105.45 17.92 -44.20
C ALA N 260 -104.63 18.43 -45.38
N THR N 261 -104.92 19.66 -45.82
CA THR N 261 -104.14 20.30 -46.87
C THR N 261 -103.62 21.64 -46.37
N LEU N 262 -103.06 22.45 -47.27
CA LEU N 262 -102.44 23.71 -46.88
C LEU N 262 -103.01 24.94 -47.57
N SER N 263 -103.95 24.78 -48.50
CA SER N 263 -104.43 25.93 -49.28
C SER N 263 -105.94 25.91 -49.41
N ASP N 264 -106.65 25.61 -48.33
CA ASP N 264 -108.11 25.70 -48.32
C ASP N 264 -108.56 26.01 -46.90
N GLU N 265 -109.86 25.81 -46.65
CA GLU N 265 -110.46 26.11 -45.36
C GLU N 265 -110.41 24.93 -44.39
N TRP N 266 -109.75 23.84 -44.74
CA TRP N 266 -109.70 22.68 -43.86
C TRP N 266 -109.07 23.02 -42.52
N VAL N 267 -107.97 23.78 -42.54
CA VAL N 267 -107.29 24.14 -41.30
C VAL N 267 -108.20 24.98 -40.40
N PHE N 268 -108.92 25.92 -41.00
CA PHE N 268 -109.85 26.73 -40.22
C PHE N 268 -110.96 25.87 -39.61
N LYS N 269 -111.51 24.94 -40.39
CA LYS N 269 -112.57 24.09 -39.89
C LYS N 269 -112.05 23.06 -38.89
N ALA N 270 -110.91 22.43 -39.20
CA ALA N 270 -110.40 21.39 -38.31
C ALA N 270 -109.97 21.96 -36.96
N MET N 271 -109.33 23.12 -36.96
CA MET N 271 -108.89 23.70 -35.70
C MET N 271 -110.07 24.16 -34.86
N GLU N 272 -111.13 24.64 -35.50
CA GLU N 272 -112.34 25.01 -34.76
C GLU N 272 -112.92 23.80 -34.03
N LYS N 273 -112.81 22.61 -34.61
CA LYS N 273 -113.30 21.41 -33.95
C LYS N 273 -112.56 21.17 -32.64
N ILE N 274 -111.25 21.43 -32.62
CA ILE N 274 -110.49 21.34 -31.38
C ILE N 274 -111.00 22.39 -30.39
N SER N 275 -111.26 23.60 -30.87
CA SER N 275 -111.83 24.63 -30.00
C SER N 275 -113.22 24.25 -29.53
N ASN N 276 -114.03 23.64 -30.41
CA ASN N 276 -115.36 23.20 -30.01
C ASN N 276 -115.31 22.11 -28.97
N LYS N 277 -114.24 21.29 -28.99
CA LYS N 277 -114.09 20.25 -27.98
C LYS N 277 -113.88 20.85 -26.59
N LYS N 278 -113.15 21.97 -26.51
CA LYS N 278 -112.85 22.64 -25.25
C LYS N 278 -112.15 21.71 -24.27
N THR N 279 -111.27 20.86 -24.79
CA THR N 279 -110.47 19.97 -23.95
C THR N 279 -109.09 20.51 -23.67
N LEU N 280 -108.49 21.26 -24.59
CA LEU N 280 -107.16 21.79 -24.42
C LEU N 280 -107.17 23.02 -23.52
N ARG N 281 -106.24 23.06 -22.58
CA ARG N 281 -106.08 24.17 -21.66
C ARG N 281 -104.80 24.95 -21.99
N VAL N 282 -104.74 26.18 -21.49
CA VAL N 282 -103.62 27.07 -21.78
C VAL N 282 -103.02 27.56 -20.46
N CYS N 283 -101.76 27.97 -20.53
CA CYS N 283 -101.00 28.41 -19.36
C CYS N 283 -100.62 29.87 -19.50
N GLY N 284 -100.41 30.52 -18.35
CA GLY N 284 -100.01 31.90 -18.31
C GLY N 284 -99.71 32.36 -16.90
N PRO N 285 -99.18 33.58 -16.76
CA PRO N 285 -98.91 34.11 -15.41
C PRO N 285 -100.16 34.24 -14.56
N ASP N 286 -101.29 34.57 -15.17
CA ASP N 286 -102.55 34.74 -14.46
C ASP N 286 -103.68 34.63 -15.46
N GLU N 287 -104.92 34.57 -14.93
CA GLU N 287 -106.08 34.26 -15.76
C GLU N 287 -106.45 35.37 -16.73
N LYS N 288 -105.83 36.56 -16.62
CA LYS N 288 -106.11 37.61 -17.58
C LYS N 288 -105.65 37.25 -18.99
N TRP N 289 -104.69 36.33 -19.10
CA TRP N 289 -104.10 35.96 -20.39
C TRP N 289 -104.95 34.98 -21.18
N ILE N 290 -106.14 34.62 -20.68
CA ILE N 290 -106.95 33.62 -21.36
C ILE N 290 -107.35 34.09 -22.76
N SER N 291 -107.78 35.35 -22.87
CA SER N 291 -108.08 35.90 -24.19
C SER N 291 -106.81 36.07 -25.01
N PHE N 292 -105.73 36.53 -24.37
CA PHE N 292 -104.47 36.74 -25.08
C PHE N 292 -103.91 35.44 -25.63
N MET N 293 -103.95 34.37 -24.82
CA MET N 293 -103.36 33.10 -25.24
C MET N 293 -104.21 32.40 -26.27
N ASN N 294 -105.54 32.58 -26.21
CA ASN N 294 -106.40 32.03 -27.24
C ASN N 294 -106.09 32.63 -28.61
N GLN N 295 -105.83 33.94 -28.64
CA GLN N 295 -105.46 34.60 -29.89
C GLN N 295 -104.07 34.20 -30.35
N ILE N 296 -103.22 33.77 -29.43
CA ILE N 296 -101.87 33.31 -29.80
C ILE N 296 -101.97 32.09 -30.72
N TYR N 297 -102.93 31.20 -30.45
CA TYR N 297 -103.18 30.09 -31.35
C TYR N 297 -103.54 30.58 -32.74
N ILE N 298 -104.41 31.59 -32.82
CA ILE N 298 -104.75 32.19 -34.10
C ILE N 298 -103.54 32.87 -34.70
N HIS N 299 -102.71 33.49 -33.86
CA HIS N 299 -101.49 34.12 -34.34
C HIS N 299 -100.50 33.09 -34.87
N SER N 300 -100.42 31.93 -34.22
CA SER N 300 -99.39 30.95 -34.57
C SER N 300 -99.84 30.03 -35.71
N VAL N 301 -101.07 29.53 -35.64
CA VAL N 301 -101.52 28.53 -36.61
C VAL N 301 -101.61 29.12 -38.01
N PHE N 302 -102.27 30.27 -38.13
CA PHE N 302 -102.43 30.93 -39.42
C PHE N 302 -101.31 31.91 -39.73
N GLN N 303 -100.30 32.00 -38.86
CA GLN N 303 -99.21 32.97 -39.00
C GLN N 303 -99.75 34.40 -39.08
N THR N 304 -100.79 34.65 -38.29
CA THR N 304 -101.44 35.96 -38.23
C THR N 304 -100.92 36.78 -37.03
N THR N 305 -99.67 36.55 -36.64
CA THR N 305 -99.06 37.39 -35.61
C THR N 305 -98.96 38.83 -36.10
N GLY N 306 -98.61 39.02 -37.36
CA GLY N 306 -98.54 40.31 -38.00
C GLY N 306 -99.75 40.72 -38.80
N GLU N 307 -100.88 40.03 -38.64
CA GLU N 307 -102.10 40.44 -39.31
C GLU N 307 -102.83 41.49 -38.48
N ASP N 308 -103.53 42.39 -39.18
CA ASP N 308 -104.26 43.46 -38.51
C ASP N 308 -105.32 42.89 -37.57
N LEU N 309 -105.42 43.46 -36.37
CA LEU N 309 -106.45 43.02 -35.44
C LEU N 309 -107.84 43.25 -36.01
N GLY N 310 -108.01 44.31 -36.80
CA GLY N 310 -109.30 44.55 -37.45
C GLY N 310 -109.66 43.43 -38.41
N VAL N 311 -108.69 42.98 -39.22
CA VAL N 311 -108.89 41.78 -40.03
C VAL N 311 -109.10 40.58 -39.12
N LEU N 312 -108.28 40.47 -38.08
CA LEU N 312 -108.45 39.39 -37.10
C LEU N 312 -109.82 39.48 -36.42
N GLU N 313 -110.30 40.69 -36.18
CA GLU N 313 -111.64 40.85 -35.62
C GLU N 313 -112.71 40.53 -36.65
N TRP N 314 -112.45 40.83 -37.92
CA TRP N 314 -113.44 40.55 -38.96
C TRP N 314 -113.39 39.09 -39.39
N VAL N 315 -112.20 38.57 -39.67
CA VAL N 315 -112.06 37.17 -40.09
C VAL N 315 -112.51 36.24 -38.99
N PHE N 316 -112.07 36.49 -37.76
CA PHE N 316 -112.28 35.56 -36.66
C PHE N 316 -113.37 36.01 -35.68
N GLY N 317 -114.08 37.09 -36.00
CA GLY N 317 -115.25 37.47 -35.22
C GLY N 317 -114.99 37.75 -33.75
N GLY N 318 -113.86 38.38 -33.44
CA GLY N 318 -113.53 38.68 -32.06
C GLY N 318 -112.33 39.58 -31.91
N ARG N 319 -112.36 40.45 -30.89
CA ARG N 319 -111.25 41.36 -30.66
CA ARG N 319 -111.25 41.36 -30.66
C ARG N 319 -110.00 40.60 -30.23
N PHE N 320 -108.85 41.13 -30.60
CA PHE N 320 -107.56 40.53 -30.28
C PHE N 320 -106.81 41.44 -29.30
N CYS N 321 -106.19 40.82 -28.29
CA CYS N 321 -105.48 41.57 -27.26
C CYS N 321 -104.02 41.76 -27.66
N GLN N 322 -103.56 43.01 -27.56
CA GLN N 322 -102.18 43.33 -27.88
C GLN N 322 -101.26 42.95 -26.73
N ARG N 323 -99.96 42.85 -27.05
CA ARG N 323 -98.97 42.54 -26.03
C ARG N 323 -98.85 43.66 -24.99
N LYS N 324 -99.17 44.90 -25.37
CA LYS N 324 -99.10 46.02 -24.43
C LYS N 324 -100.12 45.88 -23.30
N GLU N 325 -101.20 45.15 -23.52
CA GLU N 325 -102.22 44.99 -22.49
C GLU N 325 -101.77 44.12 -21.33
N PHE N 326 -100.63 43.44 -21.45
CA PHE N 326 -100.14 42.54 -20.42
C PHE N 326 -98.67 42.83 -20.14
N GLY N 327 -98.26 42.51 -18.91
CA GLY N 327 -96.88 42.72 -18.49
C GLY N 327 -95.97 41.62 -18.99
N ARG N 328 -94.81 41.51 -18.35
CA ARG N 328 -93.85 40.49 -18.72
C ARG N 328 -94.42 39.10 -18.47
N TYR N 329 -94.15 38.18 -19.40
CA TYR N 329 -94.56 36.80 -19.21
C TYR N 329 -93.75 36.16 -18.10
N CYS N 330 -94.43 35.49 -17.19
CA CYS N 330 -93.75 34.86 -16.06
C CYS N 330 -92.94 33.66 -16.53
N LYS N 331 -92.07 33.18 -15.65
CA LYS N 331 -91.14 32.11 -16.01
C LYS N 331 -91.90 30.83 -16.33
N LYS N 332 -91.34 30.05 -17.26
CA LYS N 332 -91.95 28.77 -17.63
C LYS N 332 -92.04 27.82 -16.45
N SER N 333 -91.21 28.01 -15.42
CA SER N 333 -91.31 27.20 -14.22
C SER N 333 -92.48 27.60 -13.33
N GLN N 334 -93.05 28.79 -13.54
CA GLN N 334 -94.17 29.27 -12.73
C GLN N 334 -95.41 29.59 -13.55
N THR N 335 -95.42 29.26 -14.84
CA THR N 335 -96.64 29.40 -15.63
C THR N 335 -97.67 28.38 -15.17
N LYS N 336 -98.92 28.81 -15.06
CA LYS N 336 -99.98 27.96 -14.53
C LYS N 336 -101.15 27.95 -15.51
N VAL N 337 -101.91 26.86 -15.48
CA VAL N 337 -103.07 26.71 -16.35
C VAL N 337 -104.06 27.82 -16.03
N ILE N 338 -104.49 28.55 -17.06
CA ILE N 338 -105.32 29.74 -16.89
C ILE N 338 -106.71 29.58 -17.48
N GLY N 339 -106.98 28.55 -18.27
CA GLY N 339 -108.30 28.34 -18.80
C GLY N 339 -108.28 27.43 -20.02
N LEU N 340 -109.46 27.21 -20.57
CA LEU N 340 -109.64 26.36 -21.73
C LEU N 340 -109.34 27.12 -23.01
N PHE N 341 -109.01 26.37 -24.06
CA PHE N 341 -108.73 26.98 -25.36
C PHE N 341 -110.02 27.14 -26.15
N THR N 342 -110.22 28.33 -26.71
CA THR N 342 -111.40 28.62 -27.50
C THR N 342 -110.99 29.35 -28.77
N PHE N 343 -111.84 29.22 -29.80
CA PHE N 343 -111.57 29.82 -31.10
C PHE N 343 -112.87 29.91 -31.89
N GLN N 344 -112.98 30.96 -32.70
CA GLN N 344 -114.09 31.14 -33.60
C GLN N 344 -113.61 31.94 -34.81
N TYR N 345 -114.30 31.76 -35.94
CA TYR N 345 -113.93 32.48 -37.15
C TYR N 345 -115.14 32.56 -38.08
N GLU N 346 -115.15 33.60 -38.91
CA GLU N 346 -116.21 33.81 -39.89
C GLU N 346 -115.71 33.91 -41.32
N TYR N 347 -114.42 34.13 -41.54
CA TYR N 347 -113.85 34.25 -42.88
C TYR N 347 -112.49 33.56 -42.91
N TRP N 348 -111.85 33.59 -44.08
CA TRP N 348 -110.51 33.02 -44.25
C TRP N 348 -109.98 33.48 -45.60
N SER N 349 -108.79 32.99 -45.95
CA SER N 349 -108.19 33.31 -47.24
C SER N 349 -107.17 32.25 -47.58
N LYS N 350 -106.83 32.17 -48.87
CA LYS N 350 -105.73 31.34 -49.30
C LYS N 350 -104.43 31.88 -48.71
N PRO N 351 -103.47 31.02 -48.41
CA PRO N 351 -102.20 31.50 -47.86
C PRO N 351 -101.51 32.48 -48.80
N LEU N 352 -100.85 33.47 -48.21
CA LEU N 352 -100.23 34.53 -48.98
C LEU N 352 -99.07 33.96 -49.78
N LYS N 353 -99.27 33.77 -51.08
CA LYS N 353 -98.26 33.21 -51.95
C LYS N 353 -97.33 34.28 -52.52
N SER N 354 -97.89 35.30 -53.16
CA SER N 354 -97.11 36.41 -53.68
C SER N 354 -97.02 37.48 -52.60
N ALA N 355 -96.45 38.63 -52.95
CA ALA N 355 -96.39 39.73 -52.00
C ALA N 355 -97.79 40.28 -51.75
N PRO N 356 -98.09 40.71 -50.53
CA PRO N 356 -99.43 41.26 -50.26
C PRO N 356 -99.71 42.52 -51.06
N ARG N 357 -98.84 43.52 -50.94
CA ARG N 357 -98.95 44.72 -51.76
C ARG N 357 -98.38 44.43 -53.14
N SER N 358 -99.25 44.45 -54.15
CA SER N 358 -98.87 44.11 -55.51
C SER N 358 -99.24 45.26 -56.44
N ILE N 359 -98.33 45.58 -57.36
CA ILE N 359 -98.56 46.60 -58.37
C ILE N 359 -98.80 46.00 -59.75
N GLU N 360 -98.95 44.68 -59.83
CA GLU N 360 -99.17 44.00 -61.09
C GLU N 360 -100.62 44.16 -61.55
N SER N 399 -81.26 60.59 -57.89
CA SER N 399 -80.56 59.83 -56.87
C SER N 399 -81.20 58.46 -56.68
N PHE N 400 -80.40 57.48 -56.23
CA PHE N 400 -80.91 56.14 -56.01
C PHE N 400 -81.96 56.12 -54.90
N TYR N 401 -81.72 56.87 -53.82
CA TYR N 401 -82.68 56.93 -52.72
C TYR N 401 -84.00 57.54 -53.18
N ASP N 402 -83.96 58.46 -54.14
CA ASP N 402 -85.19 58.99 -54.72
C ASP N 402 -85.96 57.90 -55.43
N GLN N 403 -85.26 57.05 -56.19
CA GLN N 403 -85.92 55.92 -56.85
C GLN N 403 -86.46 54.92 -55.83
N VAL N 404 -85.70 54.68 -54.75
CA VAL N 404 -86.18 53.77 -53.70
C VAL N 404 -87.43 54.34 -53.06
N ARG N 405 -87.42 55.64 -52.74
CA ARG N 405 -88.61 56.29 -52.21
C ARG N 405 -89.72 56.36 -53.25
N GLU N 406 -89.35 56.40 -54.54
CA GLU N 406 -90.36 56.41 -55.60
C GLU N 406 -91.15 55.11 -55.61
N GLU N 407 -90.47 53.96 -55.62
CA GLU N 407 -91.17 52.70 -55.53
C GLU N 407 -91.84 52.53 -54.17
N CYS N 408 -91.27 53.12 -53.13
CA CYS N 408 -91.91 53.08 -51.82
C CYS N 408 -93.26 53.77 -51.85
N GLN N 409 -93.35 54.94 -52.51
CA GLN N 409 -94.62 55.64 -52.56
C GLN N 409 -95.64 54.89 -53.40
N LYS N 410 -95.19 54.01 -54.29
CA LYS N 410 -96.11 53.23 -55.11
C LYS N 410 -96.97 52.30 -54.25
N TYR N 411 -96.37 51.62 -53.29
CA TYR N 411 -97.11 50.68 -52.45
C TYR N 411 -97.81 51.35 -51.28
N MET N 412 -97.43 52.59 -50.94
CA MET N 412 -98.19 53.34 -49.94
C MET N 412 -99.52 53.81 -50.51
N ASP N 413 -99.55 54.16 -51.79
CA ASP N 413 -100.78 54.63 -52.42
C ASP N 413 -101.78 53.51 -52.67
N LEU N 414 -101.33 52.25 -52.66
CA LEU N 414 -102.23 51.14 -52.90
C LEU N 414 -103.25 51.00 -51.77
N LYS N 415 -104.43 50.49 -52.12
CA LYS N 415 -105.53 50.38 -51.17
C LYS N 415 -105.98 48.94 -50.93
N VAL N 416 -105.81 48.04 -51.90
CA VAL N 416 -106.28 46.66 -51.80
C VAL N 416 -105.08 45.73 -51.98
N GLU N 417 -104.97 44.74 -51.09
CA GLU N 417 -103.92 43.73 -51.15
C GLU N 417 -104.55 42.41 -51.60
N GLY N 418 -103.78 41.34 -51.50
CA GLY N 418 -104.29 40.00 -51.74
C GLY N 418 -104.03 39.53 -53.15
N THR N 419 -104.01 38.21 -53.30
CA THR N 419 -103.90 37.58 -54.61
C THR N 419 -105.23 37.65 -55.36
N THR N 420 -106.27 37.04 -54.79
CA THR N 420 -107.62 37.17 -55.33
C THR N 420 -108.56 37.87 -54.36
N CYS N 421 -108.75 37.34 -53.16
CA CYS N 421 -109.71 37.89 -52.20
C CYS N 421 -109.70 37.13 -50.88
N PHE N 422 -110.51 37.58 -49.93
CA PHE N 422 -110.82 36.82 -48.73
C PHE N 422 -111.97 35.85 -49.02
N TYR N 423 -112.12 34.86 -48.14
CA TYR N 423 -113.17 33.86 -48.28
C TYR N 423 -113.91 33.68 -46.96
N ARG N 424 -115.23 33.55 -47.04
CA ARG N 424 -116.06 33.37 -45.87
C ARG N 424 -115.98 31.94 -45.35
N LYS N 425 -116.33 31.77 -44.07
CA LYS N 425 -116.35 30.44 -43.47
C LYS N 425 -117.37 29.56 -44.18
N GLY N 426 -116.99 28.30 -44.40
CA GLY N 426 -117.83 27.33 -45.06
C GLY N 426 -117.54 27.12 -46.54
N GLY N 427 -116.53 27.78 -47.09
CA GLY N 427 -116.21 27.62 -48.48
C GLY N 427 -115.22 28.68 -48.93
N HIS N 428 -115.03 28.75 -50.24
CA HIS N 428 -114.13 29.73 -50.86
C HIS N 428 -114.91 30.85 -51.54
N VAL N 429 -116.01 31.29 -50.92
CA VAL N 429 -116.82 32.37 -51.49
C VAL N 429 -116.05 33.68 -51.37
N GLU N 430 -115.97 34.41 -52.48
CA GLU N 430 -115.20 35.64 -52.53
C GLU N 430 -115.91 36.73 -51.74
N VAL N 431 -115.34 37.12 -50.59
CA VAL N 431 -115.88 38.15 -49.72
C VAL N 431 -114.76 39.13 -49.41
N GLU N 432 -114.75 40.27 -50.11
CA GLU N 432 -113.72 41.26 -49.89
CA GLU N 432 -113.73 41.27 -49.89
C GLU N 432 -113.85 41.88 -48.50
N PHE N 433 -112.72 42.16 -47.88
CA PHE N 433 -112.70 42.74 -46.54
C PHE N 433 -113.27 44.16 -46.57
N PRO N 434 -114.27 44.48 -45.75
CA PRO N 434 -114.81 45.85 -45.74
C PRO N 434 -113.99 46.81 -44.89
N GLY N 435 -113.37 46.29 -43.83
CA GLY N 435 -112.66 47.10 -42.87
C GLY N 435 -113.19 46.88 -41.45
N SER N 436 -112.51 47.53 -40.52
CA SER N 436 -112.88 47.39 -39.11
C SER N 436 -112.43 48.64 -38.35
N ALA N 437 -113.00 48.81 -37.16
CA ALA N 437 -112.69 49.97 -36.32
C ALA N 437 -111.31 49.87 -35.68
N HIS N 438 -110.66 48.71 -35.75
CA HIS N 438 -109.37 48.46 -35.13
C HIS N 438 -108.19 48.70 -36.09
N CYS N 439 -108.32 49.65 -37.02
CA CYS N 439 -107.22 49.95 -37.91
C CYS N 439 -105.99 50.40 -37.12
N ASN N 440 -104.82 49.96 -37.58
CA ASN N 440 -103.52 50.24 -36.98
C ASN N 440 -103.36 49.61 -35.59
N THR N 441 -104.29 48.75 -35.19
CA THR N 441 -104.16 47.99 -33.96
C THR N 441 -103.51 46.66 -34.31
N TYR N 442 -102.38 46.39 -33.66
CA TYR N 442 -101.61 45.17 -33.83
C TYR N 442 -101.07 44.67 -32.50
N LEU N 443 -100.68 43.40 -32.51
CA LEU N 443 -100.11 42.76 -31.32
C LEU N 443 -98.83 43.45 -30.87
N PHE N 444 -97.97 43.81 -31.81
CA PHE N 444 -96.74 44.54 -31.51
C PHE N 444 -96.78 45.97 -32.01
N GLY N 445 -97.92 46.43 -32.52
CA GLY N 445 -98.04 47.78 -33.04
C GLY N 445 -98.52 48.78 -32.01
N THR O 20 8.42 -74.36 31.95
CA THR O 20 9.26 -73.81 33.00
C THR O 20 8.57 -73.88 34.35
N GLU O 21 7.36 -73.33 34.43
CA GLU O 21 6.57 -73.34 35.65
C GLU O 21 5.61 -74.52 35.74
N SER O 22 5.62 -75.41 34.75
CA SER O 22 4.72 -76.56 34.79
C SER O 22 5.08 -77.51 35.92
N GLN O 23 6.37 -77.75 36.14
CA GLN O 23 6.82 -78.68 37.17
C GLN O 23 6.90 -78.04 38.55
N ILE O 24 6.74 -76.73 38.66
CA ILE O 24 6.85 -76.07 39.96
C ILE O 24 5.80 -76.57 40.96
N PRO O 25 4.50 -76.68 40.61
CA PRO O 25 3.53 -77.11 41.62
C PRO O 25 3.82 -78.48 42.21
N LYS O 26 4.32 -79.42 41.41
CA LYS O 26 4.58 -80.77 41.90
C LYS O 26 5.88 -80.88 42.68
N MET O 27 6.79 -79.90 42.55
CA MET O 27 8.08 -80.01 43.21
C MET O 27 7.98 -79.59 44.68
N TYR O 28 7.17 -78.58 44.98
CA TYR O 28 7.16 -78.02 46.34
C TYR O 28 6.53 -78.98 47.34
N GLU O 29 5.46 -79.67 46.94
CA GLU O 29 4.82 -80.61 47.86
C GLU O 29 5.76 -81.75 48.22
N MET O 30 6.45 -82.30 47.23
CA MET O 30 7.27 -83.49 47.44
C MET O 30 8.59 -83.18 48.14
N ILE O 31 9.07 -81.93 48.06
CA ILE O 31 10.24 -81.53 48.83
C ILE O 31 9.90 -81.44 50.31
N ARG O 32 8.72 -80.89 50.63
CA ARG O 32 8.31 -80.78 52.02
C ARG O 32 8.13 -82.15 52.67
N ASP O 33 7.72 -83.15 51.90
CA ASP O 33 7.54 -84.49 52.46
C ASP O 33 8.86 -85.04 52.99
N GLN O 34 9.95 -84.86 52.24
CA GLN O 34 11.26 -85.26 52.72
C GLN O 34 11.78 -84.29 53.78
N MET O 35 11.33 -83.03 53.73
CA MET O 35 11.72 -82.06 54.74
C MET O 35 11.23 -82.48 56.12
N ARG O 36 9.98 -82.96 56.21
CA ARG O 36 9.44 -83.38 57.49
C ARG O 36 9.83 -84.79 57.85
N THR O 37 10.08 -85.65 56.85
CA THR O 37 10.42 -87.04 57.13
C THR O 37 11.73 -87.15 57.91
N LEU O 38 12.73 -86.37 57.53
CA LEU O 38 14.01 -86.42 58.23
C LEU O 38 13.91 -85.80 59.62
N ALA O 39 13.19 -84.68 59.74
CA ALA O 39 13.12 -84.00 61.04
C ALA O 39 12.23 -84.76 62.01
N SER O 40 11.05 -85.21 61.56
CA SER O 40 10.12 -85.88 62.46
C SER O 40 10.59 -87.27 62.86
N THR O 41 11.49 -87.88 62.08
CA THR O 41 12.00 -89.19 62.45
C THR O 41 12.78 -89.14 63.76
N HIS O 42 13.58 -88.10 63.95
CA HIS O 42 14.42 -87.96 65.13
C HIS O 42 13.90 -86.88 66.08
N LYS O 43 12.58 -86.61 66.05
CA LYS O 43 11.94 -85.65 66.94
C LYS O 43 12.59 -84.27 66.84
N ILE O 44 12.83 -83.84 65.60
CA ILE O 44 13.34 -82.49 65.36
C ILE O 44 12.17 -81.59 64.99
N PRO O 45 11.75 -80.70 65.89
CA PRO O 45 10.63 -79.82 65.57
C PRO O 45 10.95 -78.90 64.40
N LEU O 46 9.95 -78.65 63.56
CA LEU O 46 10.10 -77.82 62.37
C LEU O 46 9.55 -76.41 62.58
N ASN O 47 9.23 -76.04 63.81
CA ASN O 47 8.84 -74.67 64.12
C ASN O 47 10.01 -73.80 64.57
N ILE O 48 11.23 -74.34 64.57
CA ILE O 48 12.44 -73.56 64.80
C ILE O 48 13.16 -73.37 63.46
N ASP O 49 13.56 -72.13 63.17
CA ASP O 49 14.23 -71.85 61.90
C ASP O 49 15.56 -72.60 61.80
N HIS O 50 16.34 -72.61 62.89
CA HIS O 50 17.65 -73.27 62.84
C HIS O 50 17.51 -74.76 62.58
N ASN O 51 16.52 -75.41 63.22
CA ASN O 51 16.29 -76.81 62.94
C ASN O 51 15.95 -77.03 61.46
N CYS O 52 15.10 -76.18 60.91
CA CYS O 52 14.77 -76.28 59.49
C CYS O 52 15.98 -75.98 58.61
N GLU O 53 16.74 -74.94 58.96
CA GLU O 53 17.86 -74.53 58.13
C GLU O 53 18.94 -75.60 58.09
N VAL O 54 19.29 -76.16 59.25
CA VAL O 54 20.33 -77.18 59.29
C VAL O 54 19.84 -78.47 58.66
N ILE O 55 18.60 -78.87 58.95
CA ILE O 55 18.01 -80.03 58.27
C ILE O 55 17.94 -79.77 56.78
N GLY O 56 17.46 -78.59 56.40
CA GLY O 56 17.39 -78.24 54.99
C GLY O 56 18.76 -78.14 54.34
N SER O 57 19.76 -77.64 55.09
CA SER O 57 21.12 -77.63 54.57
C SER O 57 21.61 -79.03 54.26
N ILE O 58 21.12 -80.03 55.00
CA ILE O 58 21.37 -81.42 54.66
C ILE O 58 20.56 -81.82 53.44
N ILE O 59 19.34 -81.27 53.31
CA ILE O 59 18.46 -81.64 52.21
C ILE O 59 19.05 -81.22 50.87
N MET O 60 19.61 -80.01 50.80
CA MET O 60 20.19 -79.57 49.53
C MET O 60 21.36 -80.44 49.09
N ALA O 61 22.08 -81.03 50.05
CA ALA O 61 23.26 -81.82 49.71
C ALA O 61 22.89 -83.05 48.91
N ALA O 62 21.82 -83.75 49.29
CA ALA O 62 21.44 -84.97 48.60
C ALA O 62 21.02 -84.73 47.16
N CYS O 63 20.62 -83.50 46.82
CA CYS O 63 20.05 -83.24 45.51
C CYS O 63 21.11 -83.15 44.43
N THR O 64 22.17 -82.37 44.66
CA THR O 64 23.16 -82.09 43.62
C THR O 64 24.52 -82.70 43.93
N ASN O 65 25.12 -82.39 45.08
CA ASN O 65 26.41 -82.95 45.47
C ASN O 65 26.14 -84.13 46.41
N ASN O 66 25.79 -85.27 45.80
CA ASN O 66 25.31 -86.42 46.56
C ASN O 66 26.38 -87.00 47.47
N ARG O 67 27.65 -86.78 47.17
CA ARG O 67 28.75 -87.41 47.88
C ARG O 67 29.39 -86.51 48.94
N ASP O 68 28.79 -85.37 49.24
CA ASP O 68 29.37 -84.44 50.20
C ASP O 68 28.84 -84.62 51.61
N LEU O 69 27.64 -85.17 51.77
CA LEU O 69 27.01 -85.30 53.08
C LEU O 69 27.15 -86.72 53.61
N ARG O 70 27.49 -86.84 54.89
CA ARG O 70 27.59 -88.15 55.52
CA ARG O 70 27.59 -88.15 55.52
C ARG O 70 26.22 -88.79 55.66
N PRO O 71 26.13 -90.12 55.53
CA PRO O 71 24.83 -90.78 55.73
C PRO O 71 24.26 -90.58 57.12
N VAL O 72 25.11 -90.53 58.14
CA VAL O 72 24.70 -90.23 59.51
C VAL O 72 25.70 -89.26 60.11
N ASP O 73 25.20 -88.21 60.75
CA ASP O 73 26.06 -87.22 61.39
C ASP O 73 25.23 -86.43 62.39
N LYS O 74 25.93 -85.80 63.33
CA LYS O 74 25.30 -84.96 64.35
C LYS O 74 25.33 -83.51 63.90
N TYR O 75 24.18 -82.85 63.95
CA TYR O 75 24.06 -81.46 63.56
C TYR O 75 23.34 -80.69 64.66
N TRP O 76 23.52 -79.37 64.65
CA TRP O 76 22.99 -78.51 65.69
C TRP O 76 21.51 -78.24 65.44
N PHE O 77 20.66 -78.57 66.42
CA PHE O 77 19.23 -78.31 66.34
C PHE O 77 18.75 -77.77 67.68
N LEU O 78 17.45 -77.56 67.78
CA LEU O 78 16.79 -77.10 69.00
C LEU O 78 15.86 -78.21 69.49
N MET O 79 16.29 -78.95 70.51
CA MET O 79 15.54 -80.07 71.05
C MET O 79 14.82 -79.64 72.33
N GLY O 80 13.51 -79.78 72.35
CA GLY O 80 12.71 -79.44 73.50
C GLY O 80 11.25 -79.25 73.15
N PRO O 81 10.36 -79.73 74.00
CA PRO O 81 8.92 -79.59 73.74
C PRO O 81 8.32 -78.34 74.34
N ALA O 82 7.49 -77.67 73.54
CA ALA O 82 6.71 -76.50 73.96
C ALA O 82 7.62 -75.39 74.49
N GLY O 83 8.52 -74.93 73.64
CA GLY O 83 9.40 -73.83 73.96
C GLY O 83 10.61 -74.18 74.79
N ALA O 84 10.78 -75.45 75.16
CA ALA O 84 11.91 -75.88 75.97
C ALA O 84 13.10 -76.33 75.12
N GLU O 85 13.19 -75.84 73.89
CA GLU O 85 14.28 -76.24 73.00
C GLU O 85 15.62 -75.71 73.49
N VAL O 86 16.63 -76.57 73.45
CA VAL O 86 17.98 -76.23 73.85
C VAL O 86 18.93 -76.70 72.76
N MET O 87 20.08 -76.03 72.67
CA MET O 87 21.02 -76.33 71.59
C MET O 87 21.80 -77.61 71.88
N THR O 88 21.84 -78.50 70.89
CA THR O 88 22.54 -79.76 71.01
C THR O 88 22.74 -80.35 69.62
N GLU O 89 23.68 -81.30 69.53
CA GLU O 89 23.96 -82.03 68.30
C GLU O 89 23.15 -83.33 68.30
N VAL O 90 22.36 -83.54 67.25
CA VAL O 90 21.50 -84.70 67.14
C VAL O 90 21.90 -85.48 65.90
N GLU O 91 22.22 -86.76 66.09
CA GLU O 91 22.51 -87.63 64.96
C GLU O 91 21.21 -87.99 64.24
N ILE O 92 21.26 -87.98 62.90
CA ILE O 92 20.09 -88.26 62.08
C ILE O 92 20.48 -89.21 60.96
N ASP O 93 19.46 -89.84 60.38
CA ASP O 93 19.61 -90.81 59.30
C ASP O 93 19.11 -90.15 58.01
N ILE O 94 20.04 -89.86 57.10
CA ILE O 94 19.71 -89.19 55.84
C ILE O 94 19.55 -90.18 54.70
N GLN O 95 19.97 -91.43 54.88
CA GLN O 95 19.90 -92.43 53.81
C GLN O 95 18.53 -92.57 53.16
N PRO O 96 17.40 -92.58 53.88
CA PRO O 96 16.10 -92.63 53.18
C PRO O 96 15.89 -91.48 52.22
N GLN O 97 16.43 -90.29 52.51
CA GLN O 97 16.31 -89.17 51.59
C GLN O 97 17.36 -89.22 50.48
N LEU O 98 18.42 -90.01 50.64
CA LEU O 98 19.49 -90.02 49.65
C LEU O 98 19.08 -90.77 48.39
N GLN O 99 18.43 -91.93 48.54
CA GLN O 99 18.07 -92.74 47.38
C GLN O 99 17.07 -92.02 46.49
N TRP O 100 16.10 -91.34 47.10
CA TRP O 100 15.12 -90.58 46.33
C TRP O 100 15.78 -89.46 45.53
N ALA O 101 16.69 -88.72 46.16
CA ALA O 101 17.26 -87.53 45.53
C ALA O 101 18.08 -87.91 44.29
N LYS O 102 18.88 -88.97 44.38
CA LYS O 102 19.69 -89.37 43.23
C LYS O 102 18.82 -89.88 42.10
N GLY O 103 17.69 -90.53 42.43
CA GLY O 103 16.76 -90.97 41.40
C GLY O 103 16.04 -89.84 40.70
N ALA O 104 15.88 -88.70 41.37
CA ALA O 104 15.27 -87.53 40.77
C ALA O 104 16.21 -86.76 39.86
N VAL O 105 17.51 -87.08 39.89
CA VAL O 105 18.49 -86.35 39.09
C VAL O 105 18.20 -86.49 37.61
N HIS O 106 17.90 -87.73 37.18
CA HIS O 106 17.60 -88.00 35.77
C HIS O 106 16.19 -88.53 35.59
N ASP O 107 15.29 -88.25 36.53
CA ASP O 107 13.91 -88.68 36.40
C ASP O 107 13.22 -87.85 35.32
N PRO O 108 12.64 -88.48 34.29
CA PRO O 108 12.00 -87.69 33.22
C PRO O 108 10.75 -86.94 33.65
N LYS O 109 10.26 -87.14 34.88
CA LYS O 109 9.07 -86.45 35.33
C LYS O 109 9.26 -84.94 35.40
N TYR O 110 10.50 -84.46 35.46
CA TYR O 110 10.79 -83.04 35.55
C TYR O 110 11.03 -82.38 34.20
N LYS O 111 11.00 -83.14 33.11
CA LYS O 111 11.25 -82.63 31.77
C LYS O 111 12.61 -81.95 31.68
N GLY O 112 13.60 -82.47 32.41
CA GLY O 112 14.92 -81.88 32.43
C GLY O 112 15.05 -80.62 33.26
N GLN O 113 14.03 -80.29 34.06
CA GLN O 113 14.04 -79.08 34.87
C GLN O 113 14.56 -79.31 36.28
N TRP O 114 15.05 -80.52 36.59
CA TRP O 114 15.54 -80.79 37.94
C TRP O 114 16.76 -79.94 38.27
N TYR O 115 17.77 -79.95 37.39
CA TYR O 115 18.90 -79.07 37.59
C TYR O 115 18.52 -77.59 37.60
N PRO O 116 17.70 -77.07 36.67
CA PRO O 116 17.26 -75.67 36.81
C PRO O 116 16.53 -75.39 38.12
N PHE O 117 15.72 -76.34 38.60
CA PHE O 117 15.00 -76.11 39.85
C PHE O 117 15.92 -76.19 41.06
N LEU O 118 16.91 -77.09 41.02
CA LEU O 118 17.80 -77.26 42.16
C LEU O 118 18.74 -76.07 42.32
N ALA O 119 19.16 -75.46 41.21
CA ALA O 119 20.05 -74.31 41.30
C ALA O 119 19.37 -73.13 41.98
N LEU O 120 18.08 -72.94 41.72
CA LEU O 120 17.34 -71.86 42.37
C LEU O 120 17.27 -72.06 43.87
N LEU O 121 17.03 -73.30 44.32
CA LEU O 121 16.89 -73.58 45.74
C LEU O 121 18.19 -73.36 46.49
N GLN O 122 19.32 -73.75 45.89
CA GLN O 122 20.60 -73.68 46.58
C GLN O 122 21.00 -72.24 46.87
N ILE O 123 20.78 -71.33 45.93
CA ILE O 123 21.22 -69.94 46.10
C ILE O 123 20.45 -69.27 47.23
N SER O 124 19.13 -69.43 47.25
CA SER O 124 18.30 -68.68 48.18
C SER O 124 18.55 -69.08 49.63
N ASN O 125 18.74 -70.38 49.89
CA ASN O 125 18.82 -70.85 51.27
C ASN O 125 20.14 -70.47 51.95
N LYS O 126 21.17 -70.14 51.18
CA LYS O 126 22.43 -69.69 51.76
C LYS O 126 22.44 -68.21 52.06
N THR O 127 21.38 -67.48 51.72
CA THR O 127 21.36 -66.04 51.93
C THR O 127 21.42 -65.69 53.41
N LYS O 128 20.73 -66.46 54.26
CA LYS O 128 20.69 -66.14 55.68
C LYS O 128 22.07 -66.18 56.31
N ASP O 129 22.89 -67.17 55.93
CA ASP O 129 24.25 -67.23 56.44
C ASP O 129 25.07 -66.02 55.98
N THR O 130 24.87 -65.59 54.73
CA THR O 130 25.60 -64.43 54.22
C THR O 130 25.14 -63.13 54.90
N ILE O 131 23.84 -63.01 55.18
CA ILE O 131 23.33 -61.80 55.83
C ILE O 131 23.86 -61.69 57.25
N LEU O 132 23.78 -62.79 58.02
CA LEU O 132 24.22 -62.75 59.40
C LEU O 132 25.75 -62.72 59.50
N TRP O 133 26.43 -63.48 58.65
CA TRP O 133 27.88 -63.46 58.55
C TRP O 133 28.22 -62.71 57.26
N GLN O 134 28.38 -61.39 57.37
CA GLN O 134 28.59 -60.52 56.23
C GLN O 134 29.96 -60.80 55.62
N LYS O 135 29.98 -61.53 54.51
CA LYS O 135 31.21 -61.86 53.80
C LYS O 135 31.07 -61.48 52.34
N TYR O 136 32.20 -61.19 51.71
CA TYR O 136 32.27 -60.82 50.30
C TYR O 136 33.31 -61.71 49.62
N PRO O 137 32.96 -62.97 49.36
CA PRO O 137 33.97 -63.90 48.82
C PRO O 137 34.30 -63.64 47.36
N VAL O 138 33.40 -63.06 46.59
CA VAL O 138 33.60 -62.87 45.16
C VAL O 138 34.26 -61.54 44.85
N THR O 139 33.72 -60.46 45.41
CA THR O 139 34.27 -59.13 45.14
C THR O 139 35.72 -59.02 45.65
N GLN O 140 35.99 -59.56 46.83
CA GLN O 140 37.35 -59.56 47.34
C GLN O 140 38.28 -60.40 46.47
N GLU O 141 37.82 -61.58 46.04
CA GLU O 141 38.60 -62.39 45.12
C GLU O 141 38.71 -61.74 43.75
N LEU O 142 37.78 -60.85 43.41
CA LEU O 142 37.86 -60.04 42.19
C LEU O 142 38.54 -58.69 42.43
N GLU O 143 39.04 -58.44 43.63
CA GLU O 143 39.82 -57.23 43.92
C GLU O 143 39.03 -55.97 43.57
N ILE O 144 37.73 -55.99 43.85
CA ILE O 144 36.87 -54.85 43.54
C ILE O 144 36.18 -54.37 44.81
N SER O 145 35.32 -53.37 44.67
CA SER O 145 34.59 -52.83 45.81
C SER O 145 33.71 -53.91 46.43
N ASN O 146 33.76 -54.02 47.76
CA ASN O 146 32.99 -55.05 48.46
C ASN O 146 31.50 -54.75 48.46
N SER O 147 31.10 -53.51 48.18
CA SER O 147 29.69 -53.12 48.19
C SER O 147 28.94 -53.61 46.96
N LEU O 148 29.51 -54.50 46.15
CA LEU O 148 28.88 -54.96 44.93
C LEU O 148 28.59 -56.46 44.94
N GLU O 149 28.46 -57.05 46.14
CA GLU O 149 28.10 -58.46 46.24
C GLU O 149 26.68 -58.74 45.77
N ILE O 150 25.86 -57.70 45.57
CA ILE O 150 24.54 -57.88 45.00
C ILE O 150 24.64 -58.51 43.61
N TYR O 151 25.62 -58.09 42.83
CA TYR O 151 25.89 -58.67 41.53
C TYR O 151 26.79 -59.89 41.61
N ALA O 152 27.23 -60.26 42.81
CA ALA O 152 27.98 -61.48 43.06
C ALA O 152 27.12 -62.56 43.69
N ASN O 153 25.86 -62.63 43.29
CA ASN O 153 24.95 -63.64 43.77
C ASN O 153 25.26 -64.99 43.12
N GLY O 154 24.89 -66.07 43.82
CA GLY O 154 25.15 -67.39 43.31
C GLY O 154 26.55 -67.91 43.55
N HIS O 155 27.21 -67.45 44.60
CA HIS O 155 28.53 -67.98 44.95
C HIS O 155 28.38 -69.23 45.81
N GLY O 156 29.36 -70.13 45.69
CA GLY O 156 29.36 -71.37 46.44
C GLY O 156 28.44 -72.43 45.90
N ILE O 157 27.81 -72.20 44.75
CA ILE O 157 26.89 -73.15 44.17
C ILE O 157 27.67 -74.16 43.35
N LYS O 158 27.08 -75.35 43.17
CA LYS O 158 27.72 -76.38 42.39
C LYS O 158 27.90 -75.94 40.94
N ASP O 159 29.02 -76.32 40.34
CA ASP O 159 29.29 -75.94 38.96
C ASP O 159 28.23 -76.50 38.02
N ARG O 160 27.72 -77.70 38.32
CA ARG O 160 26.61 -78.24 37.54
C ARG O 160 25.38 -77.34 37.66
N LEU O 161 25.08 -76.89 38.88
CA LEU O 161 24.03 -75.91 39.07
C LEU O 161 24.39 -74.57 38.43
N LYS O 162 25.66 -74.17 38.53
CA LYS O 162 26.11 -72.94 37.88
C LYS O 162 26.05 -73.03 36.37
N ASN O 163 26.00 -74.24 35.82
CA ASN O 163 25.67 -74.45 34.41
C ASN O 163 24.21 -74.83 34.21
N SER O 164 23.43 -74.94 35.29
CA SER O 164 22.01 -75.26 35.20
C SER O 164 21.16 -74.00 35.18
N ARG O 165 21.39 -73.09 36.12
CA ARG O 165 20.79 -71.75 36.12
C ARG O 165 21.89 -70.72 36.27
N PRO O 166 22.73 -70.56 35.25
CA PRO O 166 23.76 -69.51 35.31
C PRO O 166 23.19 -68.10 35.35
N ARG O 167 21.97 -67.91 34.84
CA ARG O 167 21.36 -66.59 34.86
C ARG O 167 21.12 -66.11 36.28
N SER O 168 20.66 -67.00 37.17
CA SER O 168 20.47 -66.64 38.56
C SER O 168 21.79 -66.35 39.25
N VAL O 169 22.84 -67.11 38.92
CA VAL O 169 24.17 -66.83 39.46
C VAL O 169 24.64 -65.50 38.93
N GLY O 170 24.99 -64.59 39.85
CA GLY O 170 25.37 -63.24 39.47
C GLY O 170 26.59 -63.22 38.58
N PRO O 171 26.71 -62.17 37.76
CA PRO O 171 27.86 -62.11 36.84
C PRO O 171 29.21 -62.16 37.55
N LEU O 172 29.33 -61.52 38.71
CA LEU O 172 30.63 -61.49 39.39
C LEU O 172 31.09 -62.89 39.76
N VAL O 173 30.16 -63.75 40.21
CA VAL O 173 30.52 -65.15 40.48
C VAL O 173 30.98 -65.82 39.20
N HIS O 174 30.24 -65.62 38.10
CA HIS O 174 30.69 -66.08 36.80
C HIS O 174 31.98 -65.36 36.41
N LEU O 175 32.04 -64.05 36.64
CA LEU O 175 33.27 -63.31 36.41
C LEU O 175 34.39 -63.85 37.29
N LEU O 176 34.06 -64.21 38.54
CA LEU O 176 35.02 -64.93 39.37
C LEU O 176 35.33 -66.30 38.78
N HIS O 177 34.29 -67.04 38.36
CA HIS O 177 34.53 -68.31 37.70
C HIS O 177 35.25 -68.13 36.38
N LEU O 178 34.98 -67.04 35.67
CA LEU O 178 35.82 -66.67 34.53
C LEU O 178 37.24 -66.40 35.00
N LYS O 179 37.39 -65.68 36.11
CA LYS O 179 38.71 -65.49 36.70
C LYS O 179 39.27 -66.81 37.24
N ARG O 180 38.41 -67.63 37.87
CA ARG O 180 38.86 -68.91 38.37
C ARG O 180 39.35 -69.81 37.23
N LEU O 181 38.63 -69.79 36.11
CA LEU O 181 38.99 -70.65 34.98
C LEU O 181 40.28 -70.18 34.31
N GLN O 182 40.49 -68.86 34.23
CA GLN O 182 41.78 -68.35 33.79
C GLN O 182 42.89 -68.64 34.78
N GLU O 183 42.54 -68.92 36.04
CA GLU O 183 43.50 -69.22 37.09
C GLU O 183 43.29 -70.62 37.65
N ASN O 184 42.77 -71.53 36.83
CA ASN O 184 42.48 -72.89 37.28
C ASN O 184 43.71 -73.80 37.14
N SER O 188 44.33 -78.50 27.02
CA SER O 188 43.06 -79.05 27.49
C SER O 188 41.89 -78.34 26.82
N PRO O 189 41.17 -79.04 25.94
CA PRO O 189 40.04 -78.43 25.24
C PRO O 189 38.78 -78.30 26.08
N ALA O 190 38.68 -79.01 27.21
CA ALA O 190 37.52 -78.90 28.08
C ALA O 190 37.49 -77.60 28.86
N VAL O 191 38.59 -76.84 28.85
CA VAL O 191 38.64 -75.56 29.53
C VAL O 191 37.67 -74.56 28.88
N ASN O 192 37.61 -74.55 27.55
CA ASN O 192 36.73 -73.62 26.84
CA ASN O 192 36.73 -73.61 26.85
C ASN O 192 35.27 -73.89 27.16
N GLY O 193 34.89 -75.17 27.25
CA GLY O 193 33.49 -75.50 27.45
C GLY O 193 32.90 -74.89 28.72
N ILE O 194 33.67 -74.89 29.80
CA ILE O 194 33.21 -74.26 31.03
C ILE O 194 33.13 -72.75 30.87
N ARG O 195 34.10 -72.16 30.15
CA ARG O 195 34.17 -70.71 30.05
C ARG O 195 33.06 -70.14 29.16
N LYS O 196 32.72 -70.85 28.08
CA LYS O 196 31.71 -70.32 27.15
C LYS O 196 30.36 -70.15 27.82
N SER O 197 29.98 -71.09 28.68
CA SER O 197 28.79 -70.90 29.50
C SER O 197 29.00 -69.76 30.49
N ILE O 198 30.19 -69.69 31.09
CA ILE O 198 30.47 -68.63 32.05
C ILE O 198 30.44 -67.26 31.36
N VAL O 199 31.12 -67.14 30.22
CA VAL O 199 31.19 -65.86 29.53
C VAL O 199 29.84 -65.51 28.91
N GLY O 200 29.19 -66.47 28.27
CA GLY O 200 27.93 -66.19 27.60
C GLY O 200 26.86 -65.67 28.54
N HIS O 201 26.83 -66.20 29.76
CA HIS O 201 25.87 -65.74 30.75
C HIS O 201 26.36 -64.50 31.50
N LEU O 202 27.63 -64.15 31.35
CA LEU O 202 28.10 -62.83 31.77
C LEU O 202 27.51 -61.74 30.88
N LYS O 203 27.57 -61.94 29.57
CA LYS O 203 27.03 -60.96 28.63
C LYS O 203 25.51 -60.87 28.73
N ARG O 204 24.85 -62.01 28.92
CA ARG O 204 23.39 -62.01 29.07
C ARG O 204 22.95 -61.23 30.30
N GLN O 205 23.68 -61.40 31.41
CA GLN O 205 23.29 -60.71 32.64
C GLN O 205 23.57 -59.21 32.56
N CYS O 206 24.74 -58.83 32.06
CA CYS O 206 25.12 -57.42 31.97
C CYS O 206 24.67 -56.89 30.61
N ILE O 207 23.60 -56.09 30.60
CA ILE O 207 23.04 -55.59 29.34
C ILE O 207 23.80 -54.39 28.80
N GLY O 208 24.84 -53.93 29.49
CA GLY O 208 25.57 -52.77 29.03
C GLY O 208 26.29 -53.03 27.72
N GLU O 209 26.03 -52.20 26.71
CA GLU O 209 26.73 -52.34 25.44
C GLU O 209 28.23 -52.18 25.61
N THR O 210 28.64 -51.18 26.39
CA THR O 210 30.06 -51.03 26.70
C THR O 210 30.54 -52.09 27.67
N GLN O 211 29.67 -52.51 28.61
CA GLN O 211 30.04 -53.57 29.54
C GLN O 211 30.30 -54.89 28.81
N LYS O 212 29.46 -55.21 27.83
CA LYS O 212 29.64 -56.46 27.08
C LYS O 212 30.99 -56.49 26.37
N ALA O 213 31.37 -55.38 25.75
CA ALA O 213 32.67 -55.33 25.06
C ALA O 213 33.82 -55.42 26.04
N MET O 214 33.62 -55.00 27.29
CA MET O 214 34.69 -55.02 28.28
C MET O 214 34.59 -56.19 29.24
N ILE O 215 33.49 -56.94 29.23
CA ILE O 215 33.49 -58.25 29.87
C ILE O 215 34.33 -59.23 29.05
N ASN O 216 34.25 -59.13 27.72
CA ASN O 216 35.11 -59.95 26.88
C ASN O 216 36.58 -59.66 27.11
N GLN O 217 36.90 -58.45 27.58
CA GLN O 217 38.26 -58.17 28.04
C GLN O 217 38.63 -59.09 29.21
N PHE O 218 37.71 -59.27 30.14
CA PHE O 218 37.93 -60.18 31.26
C PHE O 218 38.02 -61.64 30.81
N GLU O 219 37.48 -61.97 29.63
CA GLU O 219 37.57 -63.33 29.14
C GLU O 219 39.01 -63.74 28.88
N MET O 220 39.83 -62.82 28.38
CA MET O 220 41.24 -63.07 28.12
C MET O 220 42.12 -62.66 29.30
N GLY O 221 41.52 -62.22 30.40
CA GLY O 221 42.28 -61.86 31.58
C GLY O 221 42.64 -60.39 31.70
N ARG O 222 42.02 -59.52 30.91
CA ARG O 222 42.28 -58.08 31.01
C ARG O 222 41.45 -57.50 32.16
N TRP O 223 41.89 -57.80 33.37
CA TRP O 223 41.22 -57.37 34.59
C TRP O 223 41.64 -55.97 35.03
N GLU O 224 42.18 -55.15 34.11
CA GLU O 224 42.46 -53.76 34.44
C GLU O 224 41.16 -52.96 34.57
N SER O 225 40.17 -53.26 33.73
CA SER O 225 38.85 -52.67 33.85
C SER O 225 37.96 -53.41 34.83
N LEU O 226 38.53 -54.34 35.59
CA LEU O 226 37.75 -55.05 36.62
C LEU O 226 37.25 -54.08 37.67
N SER O 227 38.10 -53.14 38.10
CA SER O 227 37.64 -52.05 38.95
C SER O 227 36.64 -51.16 38.20
N THR O 228 36.90 -50.92 36.91
CA THR O 228 35.94 -50.20 36.09
C THR O 228 34.61 -50.94 36.01
N PHE O 229 34.67 -52.27 35.88
CA PHE O 229 33.45 -53.07 35.91
C PHE O 229 32.73 -52.92 37.24
N ALA O 230 33.49 -52.91 38.34
CA ALA O 230 32.91 -52.60 39.64
C ALA O 230 32.34 -51.18 39.65
N ALA O 231 33.07 -50.23 39.08
CA ALA O 231 32.54 -48.87 38.94
C ALA O 231 31.33 -48.86 38.02
N SER O 232 31.38 -49.63 36.93
CA SER O 232 30.22 -49.72 36.05
C SER O 232 29.05 -50.39 36.76
N LEU O 233 29.30 -51.50 37.47
CA LEU O 233 28.23 -52.18 38.19
C LEU O 233 27.49 -51.24 39.12
N LEU O 234 28.22 -50.32 39.76
CA LEU O 234 27.57 -49.30 40.56
C LEU O 234 26.66 -48.43 39.72
N ALA O 235 27.00 -48.23 38.45
CA ALA O 235 26.19 -47.41 37.55
C ALA O 235 25.22 -48.27 36.74
N ILE O 236 25.74 -49.16 35.91
CA ILE O 236 24.87 -50.04 35.14
CA ILE O 236 24.92 -50.06 35.12
C ILE O 236 24.46 -51.22 35.99
N LYS O 237 23.16 -51.48 36.04
CA LYS O 237 22.64 -52.59 36.81
C LYS O 237 22.41 -53.79 35.90
N PRO O 238 23.19 -54.86 36.01
CA PRO O 238 23.01 -56.00 35.12
C PRO O 238 21.70 -56.71 35.35
N ARG O 239 21.18 -57.31 34.29
CA ARG O 239 19.97 -58.12 34.38
C ARG O 239 20.21 -59.33 35.26
N ILE O 240 19.41 -59.45 36.31
CA ILE O 240 19.47 -60.59 37.23
C ILE O 240 18.09 -61.22 37.25
N GLU O 241 17.98 -62.44 36.73
CA GLU O 241 16.72 -63.15 36.77
C GLU O 241 16.37 -63.54 38.21
N ASN O 242 15.12 -63.38 38.57
CA ASN O 242 14.65 -63.66 39.92
C ASN O 242 13.51 -64.66 39.88
N HIS O 243 13.40 -65.45 40.94
CA HIS O 243 12.29 -66.39 41.09
C HIS O 243 11.93 -66.45 42.57
N PHE O 244 10.63 -66.43 42.85
CA PHE O 244 10.14 -66.40 44.23
C PHE O 244 10.16 -67.82 44.79
N VAL O 245 11.17 -68.10 45.62
CA VAL O 245 11.36 -69.41 46.23
C VAL O 245 11.44 -69.25 47.73
N LEU O 246 10.73 -70.11 48.46
CA LEU O 246 10.69 -70.06 49.91
C LEU O 246 11.92 -70.70 50.52
N THR O 247 12.04 -70.60 51.83
CA THR O 247 13.14 -71.18 52.58
C THR O 247 12.68 -72.42 53.33
N TYR O 248 13.64 -73.13 53.93
CA TYR O 248 13.33 -74.34 54.68
C TYR O 248 12.36 -74.11 55.84
N PRO O 249 12.51 -73.06 56.67
CA PRO O 249 11.51 -72.85 57.72
C PRO O 249 10.10 -72.60 57.17
N LEU O 250 9.99 -72.01 55.99
CA LEU O 250 8.67 -71.76 55.41
C LEU O 250 8.16 -72.97 54.63
N ILE O 251 9.05 -73.69 53.94
CA ILE O 251 8.63 -74.86 53.17
C ILE O 251 8.06 -75.93 54.10
N ALA O 252 8.73 -76.18 55.22
CA ALA O 252 8.22 -77.16 56.18
C ALA O 252 6.93 -76.71 56.84
N ASN O 253 6.64 -75.41 56.83
CA ASN O 253 5.44 -74.87 57.45
C ASN O 253 4.37 -74.47 56.44
N CYS O 254 4.56 -74.79 55.17
CA CYS O 254 3.59 -74.48 54.12
C CYS O 254 2.82 -75.73 53.75
N GLU O 255 1.49 -75.65 53.81
CA GLU O 255 0.62 -76.79 53.54
CA GLU O 255 0.62 -76.79 53.54
C GLU O 255 -0.15 -76.66 52.23
N ASP O 256 0.11 -75.62 51.45
CA ASP O 256 -0.61 -75.41 50.19
C ASP O 256 0.39 -75.14 49.07
N PHE O 257 0.31 -75.95 48.01
CA PHE O 257 1.15 -75.76 46.83
C PHE O 257 0.36 -76.02 45.54
N ALA O 258 -0.96 -75.82 45.58
CA ALA O 258 -1.79 -76.11 44.41
C ALA O 258 -1.47 -75.18 43.25
N GLY O 259 -1.41 -73.87 43.52
CA GLY O 259 -1.12 -72.90 42.49
C GLY O 259 0.31 -72.40 42.55
N ALA O 260 1.23 -73.28 42.93
CA ALA O 260 2.63 -72.91 43.12
C ALA O 260 3.26 -72.61 41.76
N THR O 261 3.42 -71.33 41.46
CA THR O 261 4.09 -70.88 40.25
C THR O 261 5.23 -69.93 40.64
N LEU O 262 5.81 -69.27 39.63
CA LEU O 262 6.98 -68.43 39.86
C LEU O 262 6.80 -66.98 39.42
N SER O 263 5.68 -66.62 38.81
CA SER O 263 5.51 -65.28 38.24
C SER O 263 4.14 -64.70 38.56
N ASP O 264 3.69 -64.85 39.80
CA ASP O 264 2.44 -64.21 40.23
C ASP O 264 2.53 -63.94 41.73
N GLU O 265 1.38 -63.63 42.33
CA GLU O 265 1.29 -63.31 43.75
C GLU O 265 1.08 -64.54 44.63
N TRP O 266 1.12 -65.74 44.06
CA TRP O 266 0.88 -66.94 44.86
C TRP O 266 1.91 -67.08 45.97
N VAL O 267 3.19 -66.82 45.66
CA VAL O 267 4.24 -66.95 46.67
C VAL O 267 4.03 -65.95 47.79
N PHE O 268 3.68 -64.71 47.43
CA PHE O 268 3.42 -63.69 48.45
C PHE O 268 2.26 -64.09 49.35
N LYS O 269 1.19 -64.64 48.77
CA LYS O 269 0.04 -65.03 49.56
C LYS O 269 0.28 -66.33 50.32
N ALA O 270 1.07 -67.25 49.75
CA ALA O 270 1.27 -68.56 50.38
C ALA O 270 2.03 -68.43 51.70
N MET O 271 3.16 -67.72 51.68
CA MET O 271 3.97 -67.60 52.89
C MET O 271 3.44 -66.53 53.85
N GLU O 272 2.50 -65.70 53.42
CA GLU O 272 1.79 -64.85 54.36
C GLU O 272 0.95 -65.70 55.32
N LYS O 273 0.35 -66.77 54.80
CA LYS O 273 -0.42 -67.67 55.64
C LYS O 273 0.46 -68.32 56.70
N ILE O 274 1.70 -68.64 56.34
CA ILE O 274 2.66 -69.16 57.33
C ILE O 274 2.90 -68.11 58.39
N SER O 275 3.08 -66.85 57.99
CA SER O 275 3.19 -65.76 58.95
C SER O 275 1.91 -65.60 59.75
N ASN O 276 0.75 -65.81 59.11
CA ASN O 276 -0.51 -65.75 59.83
C ASN O 276 -0.64 -66.88 60.84
N LYS O 277 -0.05 -68.04 60.55
CA LYS O 277 -0.11 -69.16 61.48
C LYS O 277 0.68 -68.87 62.75
N LYS O 278 1.81 -68.17 62.61
CA LYS O 278 2.67 -67.80 63.74
C LYS O 278 3.15 -69.04 64.51
N THR O 279 3.43 -70.12 63.78
CA THR O 279 3.96 -71.33 64.37
C THR O 279 5.48 -71.40 64.33
N LEU O 280 6.10 -70.82 63.30
CA LEU O 280 7.55 -70.89 63.15
C LEU O 280 8.25 -69.91 64.08
N ARG O 281 9.36 -70.36 64.66
CA ARG O 281 10.18 -69.55 65.55
C ARG O 281 11.55 -69.36 64.93
N VAL O 282 12.17 -68.22 65.24
CA VAL O 282 13.46 -67.86 64.67
C VAL O 282 14.50 -67.84 65.78
N CYS O 283 15.76 -68.02 65.38
CA CYS O 283 16.89 -68.07 66.30
C CYS O 283 17.83 -66.90 66.04
N GLY O 284 18.46 -66.42 67.11
CA GLY O 284 19.39 -65.33 67.04
C GLY O 284 20.17 -65.15 68.33
N PRO O 285 21.16 -64.25 68.31
CA PRO O 285 21.95 -64.01 69.54
C PRO O 285 21.11 -63.51 70.70
N ASP O 286 20.09 -62.71 70.42
CA ASP O 286 19.24 -62.13 71.46
C ASP O 286 17.95 -61.66 70.82
N GLU O 287 17.01 -61.24 71.66
CA GLU O 287 15.66 -60.94 71.19
C GLU O 287 15.58 -59.66 70.36
N LYS O 288 16.65 -58.87 70.28
CA LYS O 288 16.64 -57.70 69.42
C LYS O 288 16.56 -58.08 67.94
N TRP O 289 16.97 -59.30 67.59
CA TRP O 289 17.06 -59.73 66.21
C TRP O 289 15.72 -60.22 65.65
N ILE O 290 14.64 -60.17 66.43
CA ILE O 290 13.35 -60.68 65.95
C ILE O 290 12.88 -59.89 64.74
N SER O 291 13.02 -58.56 64.78
CA SER O 291 12.68 -57.76 63.61
C SER O 291 13.67 -57.99 62.48
N PHE O 292 14.96 -58.04 62.81
CA PHE O 292 15.98 -58.26 61.79
C PHE O 292 15.81 -59.62 61.10
N MET O 293 15.53 -60.66 61.90
CA MET O 293 15.41 -61.99 61.32
C MET O 293 14.12 -62.16 60.54
N ASN O 294 13.05 -61.48 60.96
CA ASN O 294 11.81 -61.52 60.20
C ASN O 294 12.01 -60.91 58.81
N GLN O 295 12.75 -59.80 58.74
CA GLN O 295 13.07 -59.19 57.45
C GLN O 295 14.03 -60.04 56.63
N ILE O 296 14.79 -60.92 57.27
CA ILE O 296 15.66 -61.84 56.53
C ILE O 296 14.83 -62.78 55.68
N TYR O 297 13.69 -63.24 56.22
CA TYR O 297 12.77 -64.04 55.42
C TYR O 297 12.29 -63.26 54.20
N ILE O 298 11.98 -61.98 54.38
CA ILE O 298 11.57 -61.15 53.26
C ILE O 298 12.71 -61.02 52.25
N HIS O 299 13.93 -60.80 52.75
CA HIS O 299 15.08 -60.65 51.87
C HIS O 299 15.39 -61.95 51.13
N SER O 300 15.33 -63.08 51.83
CA SER O 300 15.74 -64.35 51.23
C SER O 300 14.71 -64.87 50.25
N VAL O 301 13.43 -64.79 50.60
CA VAL O 301 12.38 -65.39 49.76
C VAL O 301 12.27 -64.65 48.44
N PHE O 302 12.19 -63.33 48.49
CA PHE O 302 11.97 -62.51 47.30
C PHE O 302 13.26 -61.99 46.68
N GLN O 303 14.41 -62.43 47.19
CA GLN O 303 15.73 -61.99 46.69
C GLN O 303 15.84 -60.47 46.72
N THR O 304 15.34 -59.86 47.80
CA THR O 304 15.32 -58.42 47.97
C THR O 304 16.41 -57.93 48.92
N THR O 305 17.51 -58.68 49.05
CA THR O 305 18.61 -58.24 49.90
C THR O 305 19.22 -56.93 49.36
N GLY O 306 19.39 -56.85 48.04
CA GLY O 306 19.88 -55.63 47.42
C GLY O 306 18.83 -54.66 46.95
N GLU O 307 17.56 -55.03 47.05
CA GLU O 307 16.48 -54.15 46.66
C GLU O 307 16.41 -52.95 47.59
N ASP O 308 15.97 -51.81 47.03
CA ASP O 308 15.85 -50.58 47.80
C ASP O 308 14.94 -50.78 49.01
N LEU O 309 15.40 -50.34 50.17
CA LEU O 309 14.58 -50.43 51.37
C LEU O 309 13.34 -49.55 51.28
N GLY O 310 13.44 -48.42 50.56
CA GLY O 310 12.27 -47.64 50.29
C GLY O 310 11.23 -48.40 49.50
N VAL O 311 11.68 -49.19 48.52
CA VAL O 311 10.79 -50.13 47.85
C VAL O 311 10.28 -51.17 48.83
N LEU O 312 11.20 -51.76 49.61
CA LEU O 312 10.84 -52.84 50.52
C LEU O 312 9.87 -52.36 51.59
N GLU O 313 10.10 -51.17 52.16
CA GLU O 313 9.18 -50.64 53.15
C GLU O 313 7.83 -50.34 52.53
N TRP O 314 7.81 -49.85 51.30
CA TRP O 314 6.55 -49.62 50.60
C TRP O 314 5.87 -50.93 50.22
N VAL O 315 6.64 -51.86 49.65
CA VAL O 315 6.07 -53.13 49.20
C VAL O 315 5.51 -53.92 50.39
N PHE O 316 6.30 -54.02 51.47
CA PHE O 316 5.96 -54.89 52.58
C PHE O 316 5.41 -54.15 53.79
N GLY O 317 5.23 -52.83 53.70
CA GLY O 317 4.58 -52.09 54.76
C GLY O 317 5.27 -52.15 56.11
N GLY O 318 6.60 -52.18 56.12
CA GLY O 318 7.33 -52.24 57.37
C GLY O 318 8.78 -51.87 57.16
N ARG O 319 9.36 -51.22 58.16
CA ARG O 319 10.77 -50.82 58.10
CA ARG O 319 10.77 -50.83 58.09
C ARG O 319 11.66 -52.06 58.17
N PHE O 320 12.79 -51.99 57.47
CA PHE O 320 13.77 -53.06 57.41
C PHE O 320 15.01 -52.66 58.19
N CYS O 321 15.36 -53.44 59.21
CA CYS O 321 16.50 -53.15 60.05
C CYS O 321 17.80 -53.52 59.34
N GLN O 322 18.80 -52.66 59.45
CA GLN O 322 20.07 -52.88 58.80
C GLN O 322 21.00 -53.70 59.67
N ARG O 323 22.07 -54.21 59.05
CA ARG O 323 23.03 -55.03 59.78
C ARG O 323 23.83 -54.20 60.78
N LYS O 324 24.04 -52.91 60.50
CA LYS O 324 24.81 -52.06 61.40
C LYS O 324 24.11 -51.87 62.74
N GLU O 325 22.79 -52.03 62.78
CA GLU O 325 22.04 -51.87 64.02
C GLU O 325 22.34 -52.96 65.04
N PHE O 326 23.01 -54.04 64.63
CA PHE O 326 23.30 -55.16 65.51
C PHE O 326 24.78 -55.51 65.44
N GLY O 327 25.26 -56.16 66.49
CA GLY O 327 26.64 -56.60 66.55
C GLY O 327 26.87 -57.86 65.75
N ARG O 328 27.99 -58.52 66.05
CA ARG O 328 28.32 -59.75 65.36
C ARG O 328 27.30 -60.84 65.67
N TYR O 329 26.94 -61.60 64.64
CA TYR O 329 25.98 -62.68 64.82
C TYR O 329 26.59 -63.80 65.64
N CYS O 330 25.81 -64.35 66.56
CA CYS O 330 26.29 -65.45 67.38
C CYS O 330 26.40 -66.73 66.54
N LYS O 331 27.24 -67.64 67.01
CA LYS O 331 27.52 -68.87 66.26
C LYS O 331 26.26 -69.71 66.13
N LYS O 332 26.19 -70.49 65.04
CA LYS O 332 25.08 -71.41 64.86
C LYS O 332 24.99 -72.42 66.00
N SER O 333 26.12 -72.69 66.67
CA SER O 333 26.08 -73.57 67.83
C SER O 333 25.42 -72.95 69.04
N GLN O 334 25.14 -71.64 69.02
CA GLN O 334 24.56 -70.95 70.17
C GLN O 334 23.37 -70.08 69.80
N THR O 335 22.76 -70.30 68.63
CA THR O 335 21.57 -69.54 68.27
C THR O 335 20.37 -70.06 69.07
N LYS O 336 19.66 -69.14 69.70
CA LYS O 336 18.54 -69.48 70.57
C LYS O 336 17.26 -68.87 70.03
N VAL O 337 16.14 -69.54 70.29
CA VAL O 337 14.84 -69.06 69.82
C VAL O 337 14.57 -67.70 70.44
N ILE O 338 14.28 -66.70 69.59
CA ILE O 338 14.11 -65.32 70.02
C ILE O 338 12.71 -64.80 69.79
N GLY O 339 11.85 -65.56 69.12
CA GLY O 339 10.49 -65.13 68.91
C GLY O 339 9.85 -65.87 67.75
N LEU O 340 8.63 -65.43 67.42
CA LEU O 340 7.83 -66.02 66.36
C LEU O 340 8.08 -65.30 65.04
N PHE O 341 8.01 -66.05 63.95
CA PHE O 341 8.17 -65.46 62.63
C PHE O 341 6.90 -64.70 62.25
N THR O 342 7.08 -63.48 61.74
CA THR O 342 5.96 -62.66 61.29
C THR O 342 6.31 -62.03 59.95
N PHE O 343 5.28 -61.70 59.18
CA PHE O 343 5.46 -61.09 57.88
C PHE O 343 4.17 -60.37 57.49
N GLN O 344 4.34 -59.30 56.72
CA GLN O 344 3.23 -58.57 56.15
C GLN O 344 3.68 -57.90 54.87
N TYR O 345 2.76 -57.72 53.94
CA TYR O 345 3.07 -57.05 52.69
C TYR O 345 1.81 -56.40 52.12
N GLU O 346 2.00 -55.26 51.47
CA GLU O 346 0.91 -54.54 50.82
C GLU O 346 1.02 -54.54 49.30
N TYR O 347 2.20 -54.84 48.75
CA TYR O 347 2.39 -54.85 47.31
C TYR O 347 3.33 -55.99 46.94
N TRP O 348 3.54 -56.16 45.64
CA TRP O 348 4.45 -57.18 45.11
C TRP O 348 4.78 -56.78 43.68
N SER O 349 5.48 -57.67 42.96
CA SER O 349 5.80 -57.41 41.57
C SER O 349 6.16 -58.72 40.90
N LYS O 350 6.01 -58.74 39.57
CA LYS O 350 6.50 -59.87 38.81
C LYS O 350 8.01 -59.95 38.95
N PRO O 351 8.60 -61.15 38.91
CA PRO O 351 10.05 -61.27 39.10
C PRO O 351 10.81 -60.46 38.05
N LEU O 352 11.92 -59.89 38.50
CA LEU O 352 12.71 -59.00 37.65
C LEU O 352 13.37 -59.82 36.56
N LYS O 353 12.76 -59.84 35.38
CA LYS O 353 13.28 -60.66 34.28
C LYS O 353 14.46 -59.98 33.61
N SER O 354 14.29 -58.76 33.14
CA SER O 354 15.36 -57.98 32.55
C SER O 354 15.98 -57.09 33.62
N ALA O 355 16.89 -56.20 33.21
CA ALA O 355 17.56 -55.33 34.16
C ALA O 355 16.56 -54.34 34.76
N PRO O 356 16.70 -53.99 36.04
CA PRO O 356 15.80 -52.99 36.63
C PRO O 356 15.92 -51.63 35.97
N ARG O 357 17.10 -51.29 35.47
CA ARG O 357 17.33 -50.04 34.76
C ARG O 357 17.53 -50.36 33.28
N SER O 358 16.62 -49.88 32.44
CA SER O 358 16.64 -50.16 31.01
C SER O 358 16.72 -48.86 30.22
N ILE O 359 17.63 -48.82 29.25
CA ILE O 359 17.80 -47.68 28.37
C ILE O 359 17.17 -47.91 27.01
N GLU O 360 16.39 -48.98 26.85
CA GLU O 360 15.72 -49.28 25.59
C GLU O 360 14.54 -48.34 25.35
N ILE O 367 14.93 -43.50 12.13
CA ILE O 367 14.27 -42.20 12.11
C ILE O 367 13.92 -41.82 10.67
N SER O 368 14.00 -42.79 9.77
CA SER O 368 13.74 -42.55 8.35
C SER O 368 13.05 -43.78 7.77
N CYS O 369 13.01 -43.85 6.44
CA CYS O 369 12.25 -44.87 5.72
C CYS O 369 13.20 -45.75 4.91
N ARG O 370 12.92 -47.05 4.90
CA ARG O 370 13.63 -47.99 4.05
C ARG O 370 12.83 -48.23 2.78
N PRO O 371 13.34 -47.84 1.61
CA PRO O 371 12.59 -48.05 0.35
C PRO O 371 12.86 -49.41 -0.28
N SER O 372 12.58 -50.48 0.47
CA SER O 372 12.69 -51.82 -0.10
C SER O 372 11.56 -52.10 -1.06
N PHE O 373 10.44 -51.40 -0.94
CA PHE O 373 9.28 -51.62 -1.77
C PHE O 373 8.96 -50.35 -2.58
N LYS O 374 8.26 -50.53 -3.69
CA LYS O 374 8.01 -49.48 -4.65
C LYS O 374 6.82 -48.60 -4.25
N GLY O 375 6.49 -48.57 -2.96
CA GLY O 375 5.36 -47.81 -2.46
C GLY O 375 5.38 -46.33 -2.77
N LYS O 376 4.24 -45.82 -3.25
CA LYS O 376 4.06 -44.38 -3.46
C LYS O 376 3.49 -43.79 -2.18
N ARG O 377 4.38 -43.51 -1.24
CA ARG O 377 3.96 -43.21 0.11
C ARG O 377 4.10 -41.73 0.42
N PRO O 378 3.28 -41.21 1.32
CA PRO O 378 3.55 -39.87 1.87
C PRO O 378 4.86 -39.89 2.65
N SER O 379 5.85 -39.17 2.13
CA SER O 379 7.20 -39.21 2.68
C SER O 379 7.28 -38.32 3.91
N TYR O 380 7.51 -38.94 5.07
CA TYR O 380 7.70 -38.23 6.32
C TYR O 380 9.10 -38.49 6.85
N ASN O 381 9.81 -37.43 7.21
CA ASN O 381 11.14 -37.51 7.81
C ASN O 381 11.07 -36.91 9.20
N ASN O 382 11.55 -37.65 10.20
CA ASN O 382 11.45 -37.25 11.59
C ASN O 382 12.62 -36.41 12.06
N PHE O 383 13.48 -35.96 11.15
CA PHE O 383 14.64 -35.14 11.48
C PHE O 383 14.55 -33.84 10.70
N THR O 384 14.86 -32.73 11.36
CA THR O 384 14.81 -31.43 10.70
C THR O 384 16.12 -31.07 10.00
N SER O 385 17.19 -31.83 10.22
CA SER O 385 18.48 -31.56 9.61
C SER O 385 19.38 -32.79 9.63
N SER O 399 37.67 -42.03 24.54
CA SER O 399 38.20 -43.22 25.18
C SER O 399 37.10 -44.24 25.42
N PHE O 400 37.49 -45.52 25.51
CA PHE O 400 36.51 -46.58 25.77
C PHE O 400 35.90 -46.42 27.17
N TYR O 401 36.73 -46.05 28.15
CA TYR O 401 36.19 -45.79 29.49
C TYR O 401 35.18 -44.66 29.47
N ASP O 402 35.38 -43.67 28.61
CA ASP O 402 34.37 -42.63 28.43
C ASP O 402 33.06 -43.22 27.91
N GLN O 403 33.15 -44.14 26.95
CA GLN O 403 31.96 -44.82 26.48
C GLN O 403 31.31 -45.63 27.59
N VAL O 404 32.13 -46.30 28.41
CA VAL O 404 31.60 -46.98 29.59
C VAL O 404 30.94 -45.98 30.52
N ARG O 405 31.61 -44.85 30.76
CA ARG O 405 31.02 -43.79 31.58
C ARG O 405 29.84 -43.14 30.87
N GLU O 406 29.88 -43.05 29.54
CA GLU O 406 28.72 -42.56 28.80
C GLU O 406 27.52 -43.47 29.02
N GLU O 407 27.73 -44.79 28.96
CA GLU O 407 26.67 -45.73 29.32
C GLU O 407 26.39 -45.70 30.81
N CYS O 408 27.40 -45.43 31.63
CA CYS O 408 27.19 -45.31 33.07
C CYS O 408 26.27 -44.14 33.39
N GLN O 409 26.39 -43.04 32.65
CA GLN O 409 25.56 -41.87 32.92
C GLN O 409 24.09 -42.14 32.62
N LYS O 410 23.81 -42.96 31.60
CA LYS O 410 22.43 -43.24 31.22
C LYS O 410 21.67 -43.91 32.37
N TYR O 411 22.31 -44.85 33.05
CA TYR O 411 21.65 -45.54 34.16
C TYR O 411 21.59 -44.67 35.40
N MET O 412 22.52 -43.72 35.54
CA MET O 412 22.34 -42.63 36.51
C MET O 412 21.13 -41.78 36.16
N ASP O 413 20.93 -41.51 34.86
CA ASP O 413 19.77 -40.73 34.44
C ASP O 413 18.47 -41.46 34.73
N LEU O 414 18.49 -42.79 34.65
CA LEU O 414 17.30 -43.59 34.94
C LEU O 414 16.95 -43.54 36.42
N LYS O 415 15.76 -43.01 36.73
CA LYS O 415 15.30 -42.94 38.12
C LYS O 415 14.36 -44.08 38.47
N VAL O 416 13.45 -44.43 37.57
CA VAL O 416 12.51 -45.52 37.81
C VAL O 416 13.25 -46.85 37.73
N GLU O 417 12.94 -47.76 38.65
CA GLU O 417 13.57 -49.06 38.74
C GLU O 417 12.52 -50.16 38.59
N GLY O 418 12.86 -51.18 37.81
CA GLY O 418 11.99 -52.31 37.55
C GLY O 418 11.79 -52.52 36.06
N THR O 419 11.03 -53.57 35.74
CA THR O 419 10.74 -53.91 34.35
C THR O 419 9.47 -53.24 33.86
N THR O 420 8.33 -53.55 34.46
CA THR O 420 7.06 -52.90 34.11
C THR O 420 6.51 -52.09 35.28
N CYS O 421 6.29 -52.72 36.43
CA CYS O 421 5.65 -52.07 37.57
C CYS O 421 5.59 -53.00 38.78
N PHE O 422 5.15 -52.49 39.91
CA PHE O 422 4.82 -53.29 41.08
C PHE O 422 3.31 -53.52 41.14
N TYR O 423 2.92 -54.60 41.82
CA TYR O 423 1.52 -54.97 41.93
C TYR O 423 1.09 -55.03 43.38
N ARG O 424 -0.18 -54.73 43.64
CA ARG O 424 -0.70 -54.69 45.00
C ARG O 424 -1.12 -56.07 45.47
N LYS O 425 -1.19 -56.23 46.79
CA LYS O 425 -1.62 -57.49 47.37
C LYS O 425 -3.06 -57.80 46.99
N GLY O 426 -3.33 -59.08 46.71
CA GLY O 426 -4.64 -59.52 46.31
C GLY O 426 -4.86 -59.61 44.81
N GLY O 427 -3.83 -59.39 44.02
CA GLY O 427 -3.97 -59.46 42.58
C GLY O 427 -2.72 -58.92 41.89
N HIS O 428 -2.85 -58.71 40.58
CA HIS O 428 -1.77 -58.16 39.77
C HIS O 428 -2.12 -56.75 39.30
N VAL O 429 -2.73 -55.95 40.18
CA VAL O 429 -3.07 -54.58 39.84
C VAL O 429 -1.80 -53.74 39.88
N GLU O 430 -1.50 -53.08 38.76
CA GLU O 430 -0.25 -52.35 38.62
C GLU O 430 -0.22 -51.14 39.55
N VAL O 431 0.73 -51.12 40.48
CA VAL O 431 0.93 -50.00 41.40
C VAL O 431 2.40 -49.62 41.33
N GLU O 432 2.70 -48.51 40.67
CA GLU O 432 4.09 -48.06 40.55
CA GLU O 432 4.08 -48.05 40.54
C GLU O 432 4.62 -47.60 41.90
N PHE O 433 5.89 -47.91 42.15
CA PHE O 433 6.53 -47.51 43.40
C PHE O 433 6.65 -45.98 43.44
N PRO O 434 6.05 -45.31 44.42
CA PRO O 434 6.04 -43.84 44.40
C PRO O 434 7.23 -43.22 45.12
N GLY O 435 7.88 -43.98 46.00
CA GLY O 435 8.97 -43.44 46.79
C GLY O 435 8.73 -43.64 48.27
N SER O 436 9.79 -43.48 49.07
CA SER O 436 9.68 -43.66 50.52
C SER O 436 10.84 -42.94 51.19
N ALA O 437 10.81 -42.93 52.52
CA ALA O 437 11.89 -42.31 53.28
C ALA O 437 13.18 -43.09 53.17
N HIS O 438 13.09 -44.40 52.90
CA HIS O 438 14.27 -45.26 52.83
C HIS O 438 14.71 -45.53 51.39
N CYS O 439 14.40 -44.62 50.46
CA CYS O 439 14.87 -44.78 49.09
C CYS O 439 16.38 -44.65 49.01
N ASN O 440 16.97 -45.38 48.06
CA ASN O 440 18.42 -45.46 47.86
C ASN O 440 19.14 -46.00 49.09
N THR O 441 18.46 -46.80 49.91
CA THR O 441 19.04 -47.43 51.07
C THR O 441 18.83 -48.94 50.98
N TYR O 442 19.81 -49.70 51.47
CA TYR O 442 19.79 -51.15 51.36
C TYR O 442 20.13 -51.76 52.72
N LEU O 443 20.06 -53.09 52.78
CA LEU O 443 20.29 -53.81 54.03
C LEU O 443 21.72 -53.60 54.53
N PHE O 444 22.69 -53.73 53.63
CA PHE O 444 24.09 -53.58 53.98
C PHE O 444 24.64 -52.18 53.69
N GLY O 445 23.79 -51.26 53.27
CA GLY O 445 24.22 -49.90 52.99
C GLY O 445 24.63 -49.13 54.23
N THR P 20 16.50 -60.85 -20.23
CA THR P 20 16.74 -60.89 -18.80
C THR P 20 15.78 -61.84 -18.10
N GLU P 21 14.50 -61.73 -18.42
CA GLU P 21 13.48 -62.58 -17.83
C GLU P 21 13.18 -63.82 -18.67
N SER P 22 13.86 -63.99 -19.82
CA SER P 22 13.59 -65.14 -20.67
C SER P 22 14.01 -66.45 -20.00
N GLN P 23 15.15 -66.45 -19.31
CA GLN P 23 15.68 -67.65 -18.68
C GLN P 23 15.14 -67.88 -17.28
N ILE P 24 14.30 -66.97 -16.76
CA ILE P 24 13.76 -67.15 -15.41
C ILE P 24 12.89 -68.39 -15.29
N PRO P 25 11.94 -68.67 -16.20
CA PRO P 25 11.07 -69.85 -15.99
C PRO P 25 11.83 -71.16 -15.90
N LYS P 26 12.89 -71.34 -16.69
CA LYS P 26 13.63 -72.59 -16.68
C LYS P 26 14.55 -72.72 -15.47
N MET P 27 14.90 -71.62 -14.82
CA MET P 27 15.84 -71.68 -13.70
C MET P 27 15.19 -72.26 -12.46
N TYR P 28 13.94 -71.89 -12.18
CA TYR P 28 13.30 -72.27 -10.93
C TYR P 28 13.06 -73.77 -10.84
N GLU P 29 12.69 -74.41 -11.96
CA GLU P 29 12.32 -75.82 -11.93
C GLU P 29 13.49 -76.70 -11.51
N MET P 30 14.68 -76.45 -12.07
CA MET P 30 15.84 -77.27 -11.74
C MET P 30 16.40 -76.96 -10.37
N ILE P 31 16.21 -75.73 -9.88
CA ILE P 31 16.60 -75.42 -8.50
C ILE P 31 15.82 -76.29 -7.53
N ARG P 32 14.51 -76.40 -7.73
CA ARG P 32 13.68 -77.26 -6.89
C ARG P 32 14.02 -78.73 -7.10
N ASP P 33 14.35 -79.14 -8.32
CA ASP P 33 14.65 -80.53 -8.60
C ASP P 33 15.85 -81.01 -7.78
N GLN P 34 16.92 -80.21 -7.77
CA GLN P 34 18.05 -80.53 -6.90
C GLN P 34 17.72 -80.25 -5.44
N MET P 35 16.84 -79.28 -5.18
CA MET P 35 16.49 -78.93 -3.82
C MET P 35 15.82 -80.09 -3.10
N ARG P 36 14.92 -80.79 -3.79
CA ARG P 36 14.29 -81.97 -3.22
C ARG P 36 15.18 -83.20 -3.31
N THR P 37 16.11 -83.23 -4.28
CA THR P 37 16.95 -84.41 -4.47
C THR P 37 17.83 -84.66 -3.26
N LEU P 38 18.42 -83.60 -2.69
CA LEU P 38 19.29 -83.77 -1.53
C LEU P 38 18.48 -84.10 -0.28
N ALA P 39 17.32 -83.46 -0.12
CA ALA P 39 16.51 -83.69 1.08
C ALA P 39 15.85 -85.06 1.05
N SER P 40 15.27 -85.45 -0.09
CA SER P 40 14.56 -86.73 -0.17
C SER P 40 15.51 -87.92 -0.17
N THR P 41 16.78 -87.70 -0.54
CA THR P 41 17.75 -88.79 -0.50
C THR P 41 17.96 -89.29 0.93
N HIS P 42 18.04 -88.36 1.89
CA HIS P 42 18.26 -88.69 3.29
C HIS P 42 17.00 -88.55 4.13
N LYS P 43 15.83 -88.61 3.49
CA LYS P 43 14.54 -88.54 4.18
C LYS P 43 14.42 -87.26 5.01
N ILE P 44 14.81 -86.13 4.42
CA ILE P 44 14.67 -84.82 5.05
C ILE P 44 13.35 -84.22 4.57
N PRO P 45 12.34 -84.12 5.42
CA PRO P 45 11.05 -83.56 4.99
C PRO P 45 11.19 -82.12 4.54
N LEU P 46 10.45 -81.76 3.49
CA LEU P 46 10.50 -80.43 2.91
C LEU P 46 9.33 -79.55 3.34
N ASN P 47 8.55 -79.99 4.32
CA ASN P 47 7.48 -79.19 4.86
C ASN P 47 7.89 -78.43 6.13
N ILE P 48 9.17 -78.44 6.49
CA ILE P 48 9.70 -77.62 7.57
C ILE P 48 10.59 -76.54 6.97
N ASP P 49 10.44 -75.31 7.45
CA ASP P 49 11.28 -74.21 6.96
C ASP P 49 12.75 -74.46 7.27
N HIS P 50 13.05 -74.93 8.48
CA HIS P 50 14.44 -75.06 8.90
C HIS P 50 15.17 -76.11 8.05
N ASN P 51 14.51 -77.24 7.77
CA ASN P 51 15.10 -78.23 6.88
C ASN P 51 15.37 -77.63 5.51
N CYS P 52 14.38 -76.95 4.94
CA CYS P 52 14.54 -76.36 3.62
C CYS P 52 15.60 -75.27 3.61
N GLU P 53 15.59 -74.41 4.62
CA GLU P 53 16.52 -73.29 4.65
C GLU P 53 17.96 -73.76 4.76
N VAL P 54 18.22 -74.77 5.59
CA VAL P 54 19.56 -75.32 5.69
C VAL P 54 19.91 -76.07 4.41
N ILE P 55 19.00 -76.92 3.93
CA ILE P 55 19.24 -77.64 2.68
C ILE P 55 19.40 -76.66 1.52
N GLY P 56 18.48 -75.70 1.43
CA GLY P 56 18.56 -74.73 0.34
C GLY P 56 19.84 -73.92 0.37
N SER P 57 20.29 -73.54 1.56
CA SER P 57 21.58 -72.86 1.67
C SER P 57 22.71 -73.76 1.18
N ILE P 58 22.63 -75.06 1.45
CA ILE P 58 23.62 -76.00 0.93
C ILE P 58 23.46 -76.16 -0.57
N ILE P 59 22.21 -76.19 -1.05
CA ILE P 59 21.96 -76.46 -2.47
C ILE P 59 22.57 -75.36 -3.35
N MET P 60 22.29 -74.09 -3.01
CA MET P 60 22.78 -73.00 -3.83
C MET P 60 24.21 -72.58 -3.47
N ALA P 61 24.79 -73.16 -2.43
CA ALA P 61 26.19 -72.87 -2.11
C ALA P 61 27.11 -73.35 -3.22
N ALA P 62 26.84 -74.54 -3.78
CA ALA P 62 27.65 -75.06 -4.87
C ALA P 62 27.57 -74.20 -6.12
N CYS P 63 26.57 -73.31 -6.21
CA CYS P 63 26.43 -72.48 -7.40
C CYS P 63 27.45 -71.36 -7.43
N THR P 64 27.73 -70.73 -6.29
CA THR P 64 28.56 -69.54 -6.24
C THR P 64 29.89 -69.77 -5.52
N ASN P 65 29.85 -70.20 -4.26
CA ASN P 65 31.07 -70.51 -3.52
C ASN P 65 31.24 -72.03 -3.47
N ASN P 66 31.85 -72.56 -4.53
CA ASN P 66 31.90 -74.00 -4.74
C ASN P 66 32.76 -74.69 -3.69
N ARG P 67 33.86 -74.06 -3.28
CA ARG P 67 34.87 -74.70 -2.46
C ARG P 67 34.62 -74.57 -0.96
N ASP P 68 33.49 -73.99 -0.56
CA ASP P 68 33.22 -73.80 0.86
C ASP P 68 32.57 -75.02 1.50
N LEU P 69 31.43 -75.47 0.98
CA LEU P 69 30.67 -76.55 1.58
C LEU P 69 31.38 -77.89 1.37
N ARG P 70 31.36 -78.73 2.42
CA ARG P 70 31.97 -80.04 2.35
CA ARG P 70 31.96 -80.05 2.37
C ARG P 70 31.14 -80.98 1.48
N PRO P 71 31.79 -81.94 0.81
CA PRO P 71 31.03 -82.92 0.03
C PRO P 71 30.06 -83.73 0.87
N VAL P 72 30.45 -84.06 2.10
CA VAL P 72 29.58 -84.73 3.07
C VAL P 72 29.71 -84.01 4.41
N ASP P 73 28.59 -83.68 5.03
CA ASP P 73 28.60 -82.99 6.30
C ASP P 73 27.25 -83.16 6.98
N LYS P 74 27.23 -82.88 8.28
CA LYS P 74 26.03 -83.00 9.09
C LYS P 74 25.49 -81.62 9.43
N TYR P 75 24.20 -81.42 9.22
CA TYR P 75 23.55 -80.14 9.47
C TYR P 75 22.27 -80.37 10.26
N TRP P 76 21.73 -79.28 10.81
CA TRP P 76 20.53 -79.35 11.63
C TRP P 76 19.31 -79.47 10.73
N PHE P 77 18.54 -80.55 10.93
CA PHE P 77 17.30 -80.77 10.21
C PHE P 77 16.25 -81.32 11.17
N LEU P 78 15.00 -81.31 10.71
CA LEU P 78 13.87 -81.82 11.48
C LEU P 78 13.56 -83.23 10.99
N MET P 79 13.95 -84.23 11.77
CA MET P 79 13.70 -85.64 11.43
C MET P 79 12.50 -86.14 12.21
N GLY P 80 11.47 -86.59 11.49
CA GLY P 80 10.28 -87.12 12.08
C GLY P 80 9.12 -87.13 11.12
N PRO P 81 8.34 -88.22 11.12
CA PRO P 81 7.19 -88.31 10.21
C PRO P 81 5.91 -87.77 10.83
N ALA P 82 5.17 -86.97 10.07
CA ALA P 82 3.85 -86.47 10.46
C ALA P 82 3.90 -85.72 11.79
N GLY P 83 4.71 -84.66 11.82
CA GLY P 83 4.78 -83.78 12.97
C GLY P 83 5.69 -84.23 14.08
N ALA P 84 6.36 -85.38 13.95
CA ALA P 84 7.26 -85.88 14.98
C ALA P 84 8.70 -85.44 14.77
N GLU P 85 8.91 -84.31 14.10
CA GLU P 85 10.25 -83.85 13.79
C GLU P 85 10.97 -83.32 15.01
N VAL P 86 12.29 -83.42 15.00
CA VAL P 86 13.14 -82.98 16.10
C VAL P 86 14.54 -82.69 15.55
N MET P 87 15.20 -81.70 16.16
CA MET P 87 16.58 -81.39 15.78
C MET P 87 17.51 -82.56 15.96
N THR P 88 18.32 -82.81 14.92
CA THR P 88 19.45 -83.72 14.97
C THR P 88 20.32 -83.40 13.76
N GLU P 89 21.58 -83.81 13.83
CA GLU P 89 22.52 -83.59 12.75
C GLU P 89 22.48 -84.78 11.80
N VAL P 90 22.14 -84.52 10.55
CA VAL P 90 21.98 -85.57 9.53
C VAL P 90 23.05 -85.38 8.48
N GLU P 91 23.89 -86.39 8.29
CA GLU P 91 24.87 -86.36 7.22
C GLU P 91 24.17 -86.46 5.87
N ILE P 92 24.61 -85.65 4.92
CA ILE P 92 24.01 -85.60 3.59
C ILE P 92 25.12 -85.65 2.55
N ASP P 93 24.84 -86.30 1.43
CA ASP P 93 25.78 -86.43 0.32
C ASP P 93 25.47 -85.32 -0.69
N ILE P 94 26.24 -84.23 -0.63
CA ILE P 94 26.01 -83.10 -1.52
C ILE P 94 26.64 -83.32 -2.89
N GLN P 95 27.52 -84.31 -3.02
CA GLN P 95 28.23 -84.55 -4.28
C GLN P 95 27.31 -84.69 -5.49
N PRO P 96 26.18 -85.38 -5.44
CA PRO P 96 25.28 -85.37 -6.61
C PRO P 96 24.81 -83.98 -7.00
N GLN P 97 24.63 -83.07 -6.04
CA GLN P 97 24.21 -81.71 -6.34
C GLN P 97 25.38 -80.80 -6.69
N LEU P 98 26.62 -81.22 -6.44
CA LEU P 98 27.77 -80.35 -6.71
C LEU P 98 28.05 -80.24 -8.20
N GLN P 99 27.95 -81.35 -8.92
CA GLN P 99 28.35 -81.37 -10.34
C GLN P 99 27.46 -80.48 -11.19
N TRP P 100 26.14 -80.49 -10.93
CA TRP P 100 25.21 -79.71 -11.75
C TRP P 100 25.46 -78.22 -11.60
N ALA P 101 25.76 -77.76 -10.38
CA ALA P 101 25.91 -76.33 -10.15
C ALA P 101 27.11 -75.75 -10.89
N LYS P 102 28.24 -76.46 -10.89
CA LYS P 102 29.44 -75.93 -11.54
C LYS P 102 29.31 -75.91 -13.05
N GLY P 103 28.59 -76.88 -13.62
CA GLY P 103 28.37 -76.88 -15.07
C GLY P 103 27.45 -75.77 -15.55
N ALA P 104 26.63 -75.23 -14.66
CA ALA P 104 25.76 -74.11 -15.00
C ALA P 104 26.48 -72.76 -14.98
N VAL P 105 27.72 -72.72 -14.48
CA VAL P 105 28.44 -71.46 -14.34
C VAL P 105 28.67 -70.82 -15.70
N HIS P 106 29.13 -71.61 -16.67
CA HIS P 106 29.43 -71.12 -18.01
C HIS P 106 28.61 -71.83 -19.08
N ASP P 107 27.47 -72.40 -18.72
CA ASP P 107 26.61 -73.04 -19.69
C ASP P 107 25.98 -71.99 -20.59
N PRO P 108 26.13 -72.10 -21.92
CA PRO P 108 25.56 -71.07 -22.81
C PRO P 108 24.04 -70.98 -22.75
N LYS P 109 23.36 -71.98 -22.19
CA LYS P 109 21.90 -71.94 -22.11
C LYS P 109 21.40 -70.78 -21.27
N TYR P 110 22.23 -70.23 -20.39
CA TYR P 110 21.84 -69.10 -19.55
C TYR P 110 22.13 -67.74 -20.19
N LYS P 111 22.81 -67.71 -21.33
CA LYS P 111 23.18 -66.47 -22.01
C LYS P 111 23.98 -65.55 -21.11
N GLY P 112 24.81 -66.13 -20.24
CA GLY P 112 25.59 -65.34 -19.31
C GLY P 112 24.82 -64.77 -18.14
N GLN P 113 23.57 -65.19 -17.94
CA GLN P 113 22.74 -64.68 -16.87
C GLN P 113 22.81 -65.52 -15.60
N TRP P 114 23.70 -66.50 -15.54
CA TRP P 114 23.81 -67.33 -14.34
C TRP P 114 24.35 -66.52 -13.17
N TYR P 115 25.42 -65.75 -13.39
CA TYR P 115 25.90 -64.86 -12.35
C TYR P 115 24.87 -63.84 -11.92
N PRO P 116 24.19 -63.11 -12.82
CA PRO P 116 23.14 -62.19 -12.34
C PRO P 116 22.02 -62.88 -11.58
N PHE P 117 21.63 -64.10 -11.98
CA PHE P 117 20.55 -64.80 -11.28
C PHE P 117 21.00 -65.26 -9.91
N LEU P 118 22.26 -65.67 -9.77
CA LEU P 118 22.73 -66.23 -8.51
C LEU P 118 22.92 -65.15 -7.45
N ALA P 119 23.19 -63.91 -7.86
CA ALA P 119 23.37 -62.83 -6.89
C ALA P 119 22.07 -62.55 -6.14
N LEU P 120 20.93 -62.64 -6.83
CA LEU P 120 19.65 -62.38 -6.19
C LEU P 120 19.29 -63.44 -5.16
N LEU P 121 19.65 -64.70 -5.42
CA LEU P 121 19.24 -65.80 -4.54
C LEU P 121 19.86 -65.67 -3.15
N GLN P 122 21.14 -65.30 -3.08
CA GLN P 122 21.82 -65.24 -1.79
C GLN P 122 21.24 -64.14 -0.89
N ILE P 123 20.90 -62.99 -1.47
CA ILE P 123 20.45 -61.85 -0.67
C ILE P 123 19.11 -62.17 -0.02
N SER P 124 18.17 -62.71 -0.79
CA SER P 124 16.82 -62.93 -0.27
C SER P 124 16.80 -64.02 0.81
N ASN P 125 17.57 -65.08 0.62
CA ASN P 125 17.53 -66.21 1.55
C ASN P 125 18.24 -65.93 2.86
N LYS P 126 19.29 -65.11 2.86
CA LYS P 126 19.97 -64.73 4.09
C LYS P 126 19.17 -63.74 4.92
N THR P 127 18.07 -63.22 4.39
CA THR P 127 17.28 -62.22 5.10
C THR P 127 16.71 -62.78 6.40
N LYS P 128 16.27 -64.04 6.39
CA LYS P 128 15.70 -64.63 7.60
C LYS P 128 16.69 -64.62 8.75
N ASP P 129 17.96 -64.94 8.47
CA ASP P 129 18.98 -64.87 9.50
C ASP P 129 19.16 -63.44 10.02
N THR P 130 19.10 -62.46 9.11
CA THR P 130 19.23 -61.07 9.52
C THR P 130 18.02 -60.60 10.34
N ILE P 131 16.82 -61.04 9.96
CA ILE P 131 15.62 -60.63 10.68
C ILE P 131 15.63 -61.18 12.10
N LEU P 132 15.91 -62.48 12.24
CA LEU P 132 15.89 -63.10 13.56
C LEU P 132 17.10 -62.68 14.38
N TRP P 133 18.26 -62.55 13.74
CA TRP P 133 19.49 -62.09 14.40
C TRP P 133 19.79 -60.71 13.84
N GLN P 134 19.26 -59.68 14.50
CA GLN P 134 19.37 -58.30 14.03
C GLN P 134 20.80 -57.82 14.18
N LYS P 135 21.53 -57.75 13.08
CA LYS P 135 22.91 -57.30 13.07
C LYS P 135 23.08 -56.19 12.04
N TYR P 136 24.05 -55.31 12.30
CA TYR P 136 24.38 -54.19 11.42
C TYR P 136 25.87 -54.21 11.15
N PRO P 137 26.34 -55.13 10.30
CA PRO P 137 27.79 -55.21 10.07
C PRO P 137 28.33 -54.06 9.23
N VAL P 138 27.60 -53.68 8.17
CA VAL P 138 28.10 -52.66 7.25
C VAL P 138 28.16 -51.29 7.92
N THR P 139 27.06 -50.91 8.59
CA THR P 139 27.01 -49.57 9.19
C THR P 139 28.02 -49.42 10.31
N GLN P 140 28.19 -50.45 11.14
CA GLN P 140 29.19 -50.39 12.19
C GLN P 140 30.60 -50.29 11.61
N GLU P 141 30.87 -51.07 10.55
CA GLU P 141 32.15 -50.94 9.87
C GLU P 141 32.26 -49.60 9.15
N LEU P 142 31.13 -48.99 8.80
CA LEU P 142 31.10 -47.64 8.25
C LEU P 142 31.00 -46.57 9.32
N GLU P 143 30.89 -46.95 10.59
CA GLU P 143 30.85 -46.01 11.71
C GLU P 143 29.72 -45.00 11.56
N ILE P 144 28.55 -45.48 11.11
CA ILE P 144 27.38 -44.61 10.94
C ILE P 144 26.25 -45.12 11.82
N SER P 145 25.11 -44.44 11.75
CA SER P 145 23.95 -44.81 12.56
C SER P 145 23.53 -46.25 12.26
N ASN P 146 23.22 -47.00 13.33
CA ASN P 146 22.86 -48.40 13.19
C ASN P 146 21.51 -48.61 12.54
N SER P 147 20.69 -47.56 12.42
CA SER P 147 19.39 -47.67 11.74
C SER P 147 19.52 -47.58 10.23
N LEU P 148 20.71 -47.80 9.68
CA LEU P 148 20.97 -47.61 8.27
C LEU P 148 21.40 -48.89 7.55
N GLU P 149 21.01 -50.05 8.07
CA GLU P 149 21.12 -51.26 7.26
C GLU P 149 20.13 -51.24 6.09
N ILE P 150 19.36 -50.16 5.97
CA ILE P 150 18.35 -50.04 4.92
C ILE P 150 19.01 -50.04 3.55
N TYR P 151 20.17 -49.39 3.44
CA TYR P 151 20.93 -49.35 2.20
C TYR P 151 22.18 -50.22 2.27
N ALA P 152 22.31 -51.02 3.34
CA ALA P 152 23.38 -52.00 3.47
C ALA P 152 22.91 -53.39 3.04
N ASN P 153 22.00 -53.47 2.09
CA ASN P 153 21.54 -54.75 1.58
C ASN P 153 22.61 -55.39 0.70
N GLY P 154 22.57 -56.72 0.62
CA GLY P 154 23.57 -57.43 -0.14
C GLY P 154 24.91 -57.57 0.53
N HIS P 155 24.95 -57.61 1.86
CA HIS P 155 26.19 -57.86 2.58
C HIS P 155 26.44 -59.35 2.71
N GLY P 156 27.72 -59.72 2.68
CA GLY P 156 28.10 -61.11 2.77
C GLY P 156 27.99 -61.88 1.47
N ILE P 157 27.58 -61.23 0.39
CA ILE P 157 27.44 -61.90 -0.89
C ILE P 157 28.81 -62.01 -1.56
N LYS P 158 28.95 -62.98 -2.45
CA LYS P 158 30.22 -63.17 -3.15
C LYS P 158 30.57 -61.95 -3.99
N ASP P 159 31.86 -61.63 -4.04
CA ASP P 159 32.31 -60.48 -4.83
C ASP P 159 31.98 -60.66 -6.30
N ARG P 160 32.08 -61.89 -6.81
CA ARG P 160 31.65 -62.17 -8.18
C ARG P 160 30.17 -61.87 -8.35
N LEU P 161 29.35 -62.28 -7.38
CA LEU P 161 27.95 -61.89 -7.39
C LEU P 161 27.80 -60.38 -7.22
N LYS P 162 28.63 -59.78 -6.37
CA LYS P 162 28.59 -58.34 -6.17
C LYS P 162 29.04 -57.60 -7.42
N ASN P 163 29.79 -58.25 -8.30
CA ASN P 163 30.06 -57.74 -9.64
C ASN P 163 29.08 -58.28 -10.67
N SER P 164 28.16 -59.16 -10.28
CA SER P 164 27.16 -59.71 -11.19
C SER P 164 25.87 -58.90 -11.16
N ARG P 165 25.33 -58.65 -9.97
CA ARG P 165 24.19 -57.76 -9.78
C ARG P 165 24.53 -56.76 -8.68
N PRO P 166 25.46 -55.84 -8.96
CA PRO P 166 25.79 -54.80 -7.97
C PRO P 166 24.63 -53.87 -7.66
N ARG P 167 23.68 -53.73 -8.59
CA ARG P 167 22.54 -52.85 -8.36
C ARG P 167 21.70 -53.34 -7.19
N SER P 168 21.47 -54.66 -7.10
CA SER P 168 20.70 -55.21 -6.00
C SER P 168 21.45 -55.08 -4.67
N VAL P 169 22.77 -55.22 -4.69
CA VAL P 169 23.57 -55.03 -3.49
C VAL P 169 23.49 -53.56 -3.09
N GLY P 170 23.13 -53.30 -1.83
CA GLY P 170 22.94 -51.95 -1.35
C GLY P 170 24.20 -51.12 -1.48
N PRO P 171 24.03 -49.81 -1.68
CA PRO P 171 25.20 -48.93 -1.85
C PRO P 171 26.15 -48.98 -0.67
N LEU P 172 25.62 -49.06 0.56
CA LEU P 172 26.50 -49.06 1.72
C LEU P 172 27.42 -50.26 1.74
N VAL P 173 26.95 -51.42 1.30
CA VAL P 173 27.83 -52.58 1.16
C VAL P 173 28.91 -52.28 0.13
N HIS P 174 28.51 -51.73 -1.02
CA HIS P 174 29.49 -51.26 -1.99
C HIS P 174 30.32 -50.13 -1.40
N LEU P 175 29.66 -49.20 -0.69
CA LEU P 175 30.41 -48.17 0.02
C LEU P 175 31.33 -48.79 1.06
N LEU P 176 30.86 -49.82 1.75
CA LEU P 176 31.75 -50.60 2.60
C LEU P 176 32.84 -51.27 1.77
N HIS P 177 32.46 -51.87 0.63
CA HIS P 177 33.45 -52.44 -0.26
C HIS P 177 34.35 -51.36 -0.85
N LEU P 178 33.80 -50.17 -1.10
CA LEU P 178 34.64 -49.03 -1.41
C LEU P 178 35.56 -48.71 -0.22
N LYS P 179 34.99 -48.74 0.99
CA LYS P 179 35.82 -48.60 2.19
C LYS P 179 36.74 -49.80 2.34
N ARG P 180 36.24 -51.00 2.07
CA ARG P 180 37.08 -52.20 2.13
C ARG P 180 38.22 -52.12 1.12
N LEU P 181 37.92 -51.66 -0.10
CA LEU P 181 38.95 -51.56 -1.13
C LEU P 181 40.01 -50.54 -0.74
N GLN P 182 39.60 -49.42 -0.14
CA GLN P 182 40.57 -48.47 0.39
C GLN P 182 41.32 -49.01 1.58
N GLU P 183 40.78 -50.02 2.26
CA GLU P 183 41.37 -50.59 3.46
C GLU P 183 41.66 -52.09 3.31
N ASN P 184 41.85 -52.54 2.08
CA ASN P 184 42.13 -53.96 1.82
C ASN P 184 43.59 -54.30 2.06
N SER P 188 49.17 -51.93 -7.76
CA SER P 188 48.19 -52.95 -8.13
C SER P 188 47.07 -52.34 -8.96
N PRO P 189 47.15 -52.49 -10.29
CA PRO P 189 46.12 -51.93 -11.17
C PRO P 189 44.81 -52.70 -11.16
N ALA P 190 44.80 -53.97 -10.73
CA ALA P 190 43.56 -54.73 -10.67
C ALA P 190 42.62 -54.24 -9.58
N VAL P 191 43.14 -53.46 -8.62
CA VAL P 191 42.29 -52.90 -7.57
C VAL P 191 41.29 -51.91 -8.15
N ASN P 192 41.70 -51.14 -9.16
CA ASN P 192 40.80 -50.15 -9.75
CA ASN P 192 40.80 -50.15 -9.75
C ASN P 192 39.59 -50.82 -10.39
N GLY P 193 39.80 -51.95 -11.07
CA GLY P 193 38.71 -52.62 -11.75
C GLY P 193 37.59 -53.02 -10.80
N ILE P 194 37.94 -53.46 -9.59
CA ILE P 194 36.92 -53.77 -8.60
C ILE P 194 36.24 -52.49 -8.11
N ARG P 195 37.03 -51.43 -7.90
CA ARG P 195 36.47 -50.19 -7.36
C ARG P 195 35.54 -49.51 -8.35
N LYS P 196 35.90 -49.51 -9.64
CA LYS P 196 35.06 -48.83 -10.62
C LYS P 196 33.68 -49.46 -10.71
N SER P 197 33.61 -50.79 -10.62
CA SER P 197 32.32 -51.45 -10.49
C SER P 197 31.66 -51.07 -9.17
N ILE P 198 32.45 -51.00 -8.09
CA ILE P 198 31.92 -50.61 -6.79
C ILE P 198 31.44 -49.16 -6.83
N VAL P 199 32.29 -48.25 -7.32
CA VAL P 199 31.95 -46.83 -7.34
C VAL P 199 30.87 -46.55 -8.38
N GLY P 200 31.00 -47.13 -9.57
CA GLY P 200 30.05 -46.84 -10.64
C GLY P 200 28.63 -47.23 -10.28
N HIS P 201 28.47 -48.39 -9.62
CA HIS P 201 27.15 -48.82 -9.18
C HIS P 201 26.72 -48.15 -7.88
N LEU P 202 27.64 -47.52 -7.16
CA LEU P 202 27.25 -46.60 -6.10
C LEU P 202 26.52 -45.39 -6.68
N LYS P 203 27.03 -44.86 -7.79
CA LYS P 203 26.40 -43.70 -8.41
C LYS P 203 25.08 -44.06 -9.08
N ARG P 204 25.00 -45.26 -9.67
CA ARG P 204 23.75 -45.70 -10.29
C ARG P 204 22.66 -45.86 -9.24
N GLN P 205 23.00 -46.40 -8.07
CA GLN P 205 22.01 -46.58 -7.02
C GLN P 205 21.58 -45.26 -6.41
N CYS P 206 22.54 -44.40 -6.09
CA CYS P 206 22.24 -43.13 -5.45
C CYS P 206 22.00 -42.07 -6.52
N ILE P 207 20.74 -41.67 -6.71
CA ILE P 207 20.38 -40.71 -7.75
C ILE P 207 20.54 -39.27 -7.31
N GLY P 208 20.87 -39.03 -6.04
CA GLY P 208 21.01 -37.67 -5.55
C GLY P 208 22.13 -36.93 -6.25
N GLU P 209 21.84 -35.73 -6.76
CA GLU P 209 22.87 -34.93 -7.41
C GLU P 209 23.97 -34.57 -6.43
N THR P 210 23.60 -34.19 -5.20
CA THR P 210 24.60 -33.93 -4.18
C THR P 210 25.21 -35.22 -3.65
N GLN P 211 24.41 -36.29 -3.59
CA GLN P 211 24.94 -37.58 -3.13
C GLN P 211 25.99 -38.12 -4.09
N LYS P 212 25.76 -37.97 -5.39
CA LYS P 212 26.74 -38.46 -6.37
C LYS P 212 28.07 -37.74 -6.23
N ALA P 213 28.04 -36.43 -6.01
CA ALA P 213 29.28 -35.67 -5.85
C ALA P 213 30.04 -36.11 -4.60
N MET P 214 29.32 -36.31 -3.50
CA MET P 214 30.01 -36.67 -2.25
C MET P 214 30.35 -38.15 -2.21
N ILE P 215 29.71 -38.97 -3.05
CA ILE P 215 30.13 -40.36 -3.21
C ILE P 215 31.47 -40.43 -3.91
N ASN P 216 31.67 -39.59 -4.94
CA ASN P 216 32.97 -39.51 -5.60
C ASN P 216 34.05 -39.08 -4.61
N GLN P 217 33.69 -38.23 -3.65
CA GLN P 217 34.64 -37.84 -2.62
C GLN P 217 34.91 -38.99 -1.65
N PHE P 218 33.95 -39.92 -1.52
CA PHE P 218 34.19 -41.11 -0.72
C PHE P 218 35.18 -42.04 -1.41
N GLU P 219 35.31 -41.93 -2.73
CA GLU P 219 36.17 -42.84 -3.47
C GLU P 219 37.64 -42.65 -3.11
N MET P 220 38.06 -41.39 -2.89
CA MET P 220 39.47 -41.14 -2.60
C MET P 220 39.88 -41.71 -1.25
N GLY P 221 38.96 -41.78 -0.29
CA GLY P 221 39.26 -42.43 0.97
C GLY P 221 38.80 -41.72 2.21
N ARG P 222 38.14 -40.58 2.08
CA ARG P 222 37.67 -39.84 3.23
C ARG P 222 36.25 -40.29 3.60
N TRP P 223 35.92 -40.18 4.88
CA TRP P 223 34.59 -40.53 5.38
C TRP P 223 34.12 -39.50 6.41
N GLU P 224 34.45 -38.23 6.19
CA GLU P 224 34.04 -37.19 7.14
C GLU P 224 32.55 -36.91 7.05
N SER P 225 32.01 -36.84 5.82
CA SER P 225 30.57 -36.71 5.63
C SER P 225 29.88 -38.04 5.44
N LEU P 226 30.55 -39.14 5.80
CA LEU P 226 29.88 -40.43 5.84
C LEU P 226 28.73 -40.41 6.83
N SER P 227 28.88 -39.67 7.94
CA SER P 227 27.74 -39.41 8.82
C SER P 227 26.74 -38.49 8.15
N THR P 228 27.20 -37.51 7.38
CA THR P 228 26.30 -36.73 6.54
C THR P 228 25.66 -37.61 5.46
N PHE P 229 26.46 -38.49 4.85
CA PHE P 229 25.89 -39.51 3.96
C PHE P 229 24.91 -40.38 4.73
N ALA P 230 25.26 -40.74 5.97
CA ALA P 230 24.32 -41.42 6.84
C ALA P 230 23.07 -40.56 7.06
N ALA P 231 23.28 -39.26 7.27
CA ALA P 231 22.15 -38.34 7.41
C ALA P 231 21.44 -38.13 6.08
N SER P 232 22.20 -38.06 4.98
CA SER P 232 21.59 -37.88 3.67
C SER P 232 20.73 -39.09 3.29
N LEU P 233 21.23 -40.30 3.56
CA LEU P 233 20.47 -41.50 3.25
C LEU P 233 19.13 -41.50 3.97
N LEU P 234 19.06 -40.85 5.14
CA LEU P 234 17.77 -40.67 5.80
C LEU P 234 16.82 -39.82 4.97
N ALA P 235 17.35 -38.86 4.23
CA ALA P 235 16.52 -37.94 3.45
C ALA P 235 16.30 -38.42 2.02
N ILE P 236 17.39 -38.62 1.28
CA ILE P 236 17.30 -39.06 -0.11
CA ILE P 236 17.33 -39.06 -0.11
C ILE P 236 17.40 -40.58 -0.15
N LYS P 237 16.49 -41.20 -0.90
CA LYS P 237 16.47 -42.65 -1.04
C LYS P 237 17.17 -43.05 -2.32
N PRO P 238 18.32 -43.73 -2.25
CA PRO P 238 18.95 -44.23 -3.47
C PRO P 238 18.11 -45.31 -4.14
N ARG P 239 18.25 -45.39 -5.46
CA ARG P 239 17.58 -46.43 -6.24
C ARG P 239 18.07 -47.80 -5.82
N ILE P 240 17.13 -48.69 -5.54
CA ILE P 240 17.43 -50.07 -5.16
C ILE P 240 16.58 -50.97 -6.05
N GLU P 241 17.22 -51.65 -6.99
CA GLU P 241 16.50 -52.59 -7.85
C GLU P 241 16.02 -53.79 -7.04
N ASN P 242 14.79 -54.22 -7.29
CA ASN P 242 14.18 -55.32 -6.56
C ASN P 242 13.73 -56.39 -7.53
N HIS P 243 13.72 -57.64 -7.05
CA HIS P 243 13.23 -58.76 -7.82
C HIS P 243 12.55 -59.73 -6.88
N PHE P 244 11.45 -60.33 -7.33
CA PHE P 244 10.65 -61.24 -6.51
C PHE P 244 11.20 -62.64 -6.64
N VAL P 245 11.92 -63.10 -5.62
CA VAL P 245 12.53 -64.43 -5.60
C VAL P 245 12.08 -65.15 -4.35
N LEU P 246 11.62 -66.39 -4.50
CA LEU P 246 11.16 -67.18 -3.37
C LEU P 246 12.34 -67.67 -2.53
N THR P 247 12.04 -68.07 -1.30
CA THR P 247 13.04 -68.60 -0.40
C THR P 247 13.20 -70.11 -0.61
N TYR P 248 14.08 -70.73 0.17
CA TYR P 248 14.27 -72.17 0.08
C TYR P 248 13.01 -72.96 0.37
N PRO P 249 12.28 -72.72 1.46
CA PRO P 249 11.07 -73.54 1.73
C PRO P 249 10.01 -73.43 0.65
N LEU P 250 9.85 -72.26 0.04
CA LEU P 250 8.82 -72.07 -0.97
C LEU P 250 9.23 -72.69 -2.30
N ILE P 251 10.52 -72.69 -2.63
CA ILE P 251 10.98 -73.30 -3.87
C ILE P 251 10.68 -74.79 -3.87
N ALA P 252 10.98 -75.46 -2.75
CA ALA P 252 10.67 -76.89 -2.63
C ALA P 252 9.17 -77.15 -2.58
N ASN P 253 8.38 -76.16 -2.16
CA ASN P 253 6.94 -76.32 -2.03
C ASN P 253 6.16 -75.69 -3.18
N CYS P 254 6.85 -75.21 -4.21
CA CYS P 254 6.20 -74.65 -5.38
C CYS P 254 6.25 -75.65 -6.53
N GLU P 255 5.09 -75.98 -7.08
CA GLU P 255 4.98 -76.96 -8.15
CA GLU P 255 5.00 -76.96 -8.15
C GLU P 255 4.66 -76.35 -9.51
N ASP P 256 4.57 -75.03 -9.60
CA ASP P 256 4.24 -74.36 -10.85
C ASP P 256 5.30 -73.32 -11.16
N PHE P 257 5.90 -73.41 -12.35
CA PHE P 257 6.90 -72.43 -12.79
C PHE P 257 6.74 -72.08 -14.27
N ALA P 258 5.54 -72.25 -14.84
CA ALA P 258 5.37 -72.00 -16.27
C ALA P 258 5.52 -70.52 -16.62
N GLY P 259 4.84 -69.66 -15.87
CA GLY P 259 4.90 -68.23 -16.13
C GLY P 259 5.80 -67.49 -15.16
N ALA P 260 6.89 -68.14 -14.74
CA ALA P 260 7.78 -67.58 -13.74
C ALA P 260 8.57 -66.42 -14.35
N THR P 261 8.16 -65.20 -14.05
CA THR P 261 8.86 -63.99 -14.46
C THR P 261 9.18 -63.16 -13.22
N LEU P 262 9.63 -61.93 -13.45
CA LEU P 262 10.07 -61.06 -12.36
C LEU P 262 9.32 -59.75 -12.28
N SER P 263 8.40 -59.46 -13.20
CA SER P 263 7.73 -58.16 -13.23
C SER P 263 6.24 -58.32 -13.49
N ASP P 264 5.60 -59.26 -12.81
CA ASP P 264 4.15 -59.39 -12.89
C ASP P 264 3.63 -59.98 -11.58
N GLU P 265 2.38 -60.42 -11.60
CA GLU P 265 1.71 -60.96 -10.42
C GLU P 265 1.95 -62.46 -10.23
N TRP P 266 2.77 -63.07 -11.08
CA TRP P 266 2.96 -64.52 -11.00
C TRP P 266 3.54 -64.91 -9.64
N VAL P 267 4.52 -64.16 -9.14
CA VAL P 267 5.13 -64.49 -7.85
C VAL P 267 4.10 -64.35 -6.73
N PHE P 268 3.31 -63.27 -6.76
CA PHE P 268 2.28 -63.09 -5.73
C PHE P 268 1.24 -64.20 -5.79
N LYS P 269 0.82 -64.58 -7.00
CA LYS P 269 -0.20 -65.62 -7.14
C LYS P 269 0.36 -67.00 -6.81
N ALA P 270 1.55 -67.33 -7.34
CA ALA P 270 2.11 -68.66 -7.13
C ALA P 270 2.47 -68.89 -5.67
N MET P 271 3.05 -67.88 -5.01
CA MET P 271 3.44 -68.07 -3.61
C MET P 271 2.23 -68.10 -2.70
N GLU P 272 1.14 -67.45 -3.10
CA GLU P 272 -0.12 -67.61 -2.38
C GLU P 272 -0.60 -69.05 -2.46
N LYS P 273 -0.43 -69.68 -3.64
CA LYS P 273 -0.83 -71.08 -3.80
C LYS P 273 -0.06 -71.98 -2.84
N ILE P 274 1.22 -71.68 -2.62
CA ILE P 274 1.99 -72.39 -1.60
C ILE P 274 1.38 -72.17 -0.22
N SER P 275 0.99 -70.93 0.07
CA SER P 275 0.33 -70.64 1.33
C SER P 275 -1.04 -71.33 1.40
N ASN P 276 -1.75 -71.40 0.27
CA ASN P 276 -3.03 -72.07 0.26
C ASN P 276 -2.91 -73.56 0.53
N LYS P 277 -1.79 -74.17 0.14
CA LYS P 277 -1.58 -75.59 0.38
C LYS P 277 -1.45 -75.88 1.87
N LYS P 278 -0.81 -74.97 2.62
CA LYS P 278 -0.61 -75.12 4.06
C LYS P 278 0.11 -76.41 4.40
N THR P 279 1.08 -76.78 3.56
CA THR P 279 1.92 -77.95 3.84
C THR P 279 3.20 -77.57 4.55
N LEU P 280 3.82 -76.45 4.19
CA LEU P 280 5.07 -76.02 4.79
C LEU P 280 4.85 -75.54 6.23
N ARG P 281 5.78 -75.91 7.10
CA ARG P 281 5.76 -75.50 8.50
C ARG P 281 6.96 -74.61 8.80
N VAL P 282 6.82 -73.80 9.85
CA VAL P 282 7.84 -72.84 10.22
C VAL P 282 8.33 -73.16 11.63
N CYS P 283 9.55 -72.72 11.93
CA CYS P 283 10.19 -72.97 13.22
C CYS P 283 10.38 -71.67 13.98
N GLY P 284 10.46 -71.78 15.30
CA GLY P 284 10.66 -70.65 16.16
C GLY P 284 10.89 -71.05 17.60
N PRO P 285 11.32 -70.09 18.44
CA PRO P 285 11.53 -70.42 19.86
C PRO P 285 10.28 -70.86 20.57
N ASP P 286 9.13 -70.31 20.20
CA ASP P 286 7.86 -70.63 20.83
C ASP P 286 6.74 -70.25 19.87
N GLU P 287 5.53 -70.73 20.18
CA GLU P 287 4.41 -70.61 19.26
C GLU P 287 3.94 -69.18 19.05
N LYS P 288 4.41 -68.22 19.86
CA LYS P 288 4.07 -66.83 19.61
C LYS P 288 4.64 -66.32 18.28
N TRP P 289 5.71 -66.93 17.80
CA TRP P 289 6.40 -66.47 16.60
C TRP P 289 5.72 -66.92 15.30
N ILE P 290 4.55 -67.57 15.39
CA ILE P 290 3.90 -68.06 14.18
C ILE P 290 3.54 -66.91 13.25
N SER P 291 3.01 -65.82 13.81
CA SER P 291 2.73 -64.63 12.99
C SER P 291 4.01 -63.98 12.52
N PHE P 292 5.01 -63.89 13.40
CA PHE P 292 6.26 -63.23 13.04
C PHE P 292 6.98 -63.97 11.90
N MET P 293 7.05 -65.30 11.99
CA MET P 293 7.78 -66.06 10.98
C MET P 293 7.01 -66.14 9.67
N ASN P 294 5.68 -66.10 9.73
CA ASN P 294 4.88 -66.05 8.50
C ASN P 294 5.16 -64.76 7.74
N GLN P 295 5.33 -63.65 8.46
CA GLN P 295 5.61 -62.37 7.81
C GLN P 295 7.02 -62.33 7.25
N ILE P 296 7.94 -63.12 7.80
CA ILE P 296 9.32 -63.15 7.31
C ILE P 296 9.35 -63.65 5.87
N TYR P 297 8.49 -64.62 5.55
CA TYR P 297 8.36 -65.08 4.17
C TYR P 297 7.97 -63.92 3.26
N ILE P 298 6.96 -63.16 3.66
CA ILE P 298 6.54 -61.98 2.89
C ILE P 298 7.66 -60.95 2.87
N HIS P 299 8.42 -60.84 3.95
CA HIS P 299 9.54 -59.90 3.99
C HIS P 299 10.65 -60.31 3.03
N SER P 300 10.89 -61.62 2.92
CA SER P 300 12.04 -62.12 2.16
C SER P 300 11.73 -62.39 0.70
N VAL P 301 10.50 -62.75 0.36
CA VAL P 301 10.18 -63.12 -1.02
C VAL P 301 10.32 -61.92 -1.94
N PHE P 302 9.73 -60.80 -1.56
CA PHE P 302 9.71 -59.61 -2.40
C PHE P 302 10.86 -58.65 -2.11
N GLN P 303 11.79 -59.04 -1.23
CA GLN P 303 12.89 -58.18 -0.80
C GLN P 303 12.35 -56.86 -0.24
N THR P 304 11.28 -56.97 0.53
CA THR P 304 10.54 -55.83 1.08
C THR P 304 10.45 -55.94 2.59
N THR P 305 11.58 -56.23 3.23
CA THR P 305 11.62 -56.55 4.65
C THR P 305 11.35 -55.34 5.54
N GLY P 306 12.17 -54.30 5.44
CA GLY P 306 12.08 -53.18 6.36
C GLY P 306 11.18 -52.06 5.91
N GLU P 307 10.04 -52.39 5.31
CA GLU P 307 9.11 -51.35 4.89
C GLU P 307 8.04 -51.11 5.95
N ASP P 308 7.20 -50.11 5.71
CA ASP P 308 6.15 -49.76 6.67
C ASP P 308 5.18 -50.91 6.86
N LEU P 309 4.72 -51.07 8.10
CA LEU P 309 3.67 -52.04 8.39
C LEU P 309 2.38 -51.66 7.66
N GLY P 310 2.10 -50.36 7.57
CA GLY P 310 0.93 -49.92 6.84
C GLY P 310 0.97 -50.29 5.37
N VAL P 311 2.18 -50.24 4.78
CA VAL P 311 2.35 -50.74 3.43
C VAL P 311 2.01 -52.23 3.37
N LEU P 312 2.55 -53.01 4.31
CA LEU P 312 2.26 -54.42 4.37
C LEU P 312 0.81 -54.69 4.76
N GLU P 313 0.25 -53.84 5.64
CA GLU P 313 -1.14 -54.01 6.05
C GLU P 313 -2.08 -53.77 4.87
N TRP P 314 -1.83 -52.74 4.07
CA TRP P 314 -2.70 -52.46 2.93
C TRP P 314 -2.50 -53.47 1.81
N VAL P 315 -1.24 -53.76 1.48
CA VAL P 315 -0.94 -54.63 0.34
C VAL P 315 -1.34 -56.07 0.67
N PHE P 316 -0.98 -56.56 1.86
CA PHE P 316 -1.15 -57.96 2.20
C PHE P 316 -2.33 -58.21 3.14
N GLY P 317 -3.09 -57.17 3.48
CA GLY P 317 -4.30 -57.33 4.27
C GLY P 317 -4.08 -57.91 5.65
N GLY P 318 -2.96 -57.56 6.28
CA GLY P 318 -2.67 -58.07 7.60
C GLY P 318 -1.56 -57.33 8.33
N ARG P 319 -1.69 -57.19 9.64
CA ARG P 319 -0.67 -56.53 10.43
CA ARG P 319 -0.67 -56.53 10.43
C ARG P 319 0.60 -57.38 10.50
N PHE P 320 1.74 -56.70 10.53
CA PHE P 320 3.04 -57.36 10.57
C PHE P 320 3.69 -57.11 11.94
N CYS P 321 4.06 -58.19 12.61
CA CYS P 321 4.67 -58.08 13.94
C CYS P 321 6.12 -57.63 13.82
N GLN P 322 6.50 -56.68 14.67
CA GLN P 322 7.86 -56.16 14.66
C GLN P 322 8.78 -57.06 15.49
N ARG P 323 10.09 -56.84 15.32
CA ARG P 323 11.08 -57.60 16.08
C ARG P 323 11.01 -57.29 17.57
N LYS P 324 10.61 -56.07 17.93
CA LYS P 324 10.54 -55.69 19.34
C LYS P 324 9.47 -56.47 20.09
N GLU P 325 8.44 -56.94 19.39
CA GLU P 325 7.37 -57.70 20.04
C GLU P 325 7.84 -59.05 20.56
N PHE P 326 9.02 -59.51 20.16
CA PHE P 326 9.53 -60.81 20.56
C PHE P 326 10.93 -60.65 21.14
N GLY P 327 11.31 -61.61 21.97
CA GLY P 327 12.63 -61.63 22.56
C GLY P 327 13.68 -62.13 21.58
N ARG P 328 14.83 -62.51 22.12
CA ARG P 328 15.91 -63.03 21.30
C ARG P 328 15.48 -64.33 20.62
N TYR P 329 15.87 -64.47 19.35
CA TYR P 329 15.59 -65.71 18.63
C TYR P 329 16.45 -66.84 19.17
N CYS P 330 15.83 -67.98 19.44
CA CYS P 330 16.57 -69.11 19.97
C CYS P 330 17.47 -69.70 18.89
N LYS P 331 18.42 -70.53 19.33
CA LYS P 331 19.41 -71.07 18.43
C LYS P 331 18.77 -71.98 17.38
N LYS P 332 19.39 -72.03 16.20
CA LYS P 332 18.88 -72.91 15.14
C LYS P 332 18.88 -74.36 15.56
N SER P 333 19.74 -74.73 16.52
CA SER P 333 19.76 -76.08 17.05
C SER P 333 18.60 -76.35 18.00
N GLN P 334 17.88 -75.31 18.42
CA GLN P 334 16.74 -75.49 19.34
C GLN P 334 15.46 -74.83 18.80
N THR P 335 15.42 -74.46 17.54
CA THR P 335 14.18 -73.96 16.96
C THR P 335 13.19 -75.10 16.79
N LYS P 336 11.95 -74.87 17.19
CA LYS P 336 10.91 -75.89 17.14
C LYS P 336 9.81 -75.46 16.18
N VAL P 337 9.21 -76.44 15.51
CA VAL P 337 8.13 -76.17 14.56
C VAL P 337 6.98 -75.51 15.31
N ILE P 338 6.62 -74.30 14.88
CA ILE P 338 5.66 -73.47 15.60
C ILE P 338 4.33 -73.35 14.87
N GLY P 339 4.20 -73.93 13.69
CA GLY P 339 2.94 -73.93 12.98
C GLY P 339 3.17 -73.96 11.48
N LEU P 340 2.06 -73.84 10.75
CA LEU P 340 2.07 -73.89 9.30
C LEU P 340 2.44 -72.52 8.73
N PHE P 341 2.74 -72.50 7.43
CA PHE P 341 3.04 -71.28 6.72
C PHE P 341 1.78 -70.74 6.06
N THR P 342 1.50 -69.46 6.27
CA THR P 342 0.32 -68.81 5.70
C THR P 342 0.71 -67.47 5.11
N PHE P 343 -0.09 -67.03 4.14
CA PHE P 343 0.14 -65.76 3.46
C PHE P 343 -1.14 -65.35 2.74
N GLN P 344 -1.34 -64.04 2.67
CA GLN P 344 -2.44 -63.47 1.91
C GLN P 344 -2.04 -62.07 1.45
N TYR P 345 -2.56 -61.66 0.29
CA TYR P 345 -2.29 -60.34 -0.24
C TYR P 345 -3.49 -59.84 -1.02
N GLU P 346 -3.58 -58.50 -1.13
CA GLU P 346 -4.64 -57.86 -1.88
C GLU P 346 -4.14 -56.97 -3.02
N TYR P 347 -2.87 -56.57 -3.00
CA TYR P 347 -2.31 -55.70 -4.02
C TYR P 347 -0.89 -56.13 -4.34
N TRP P 348 -0.34 -55.57 -5.41
CA TRP P 348 1.02 -55.86 -5.85
C TRP P 348 1.43 -54.76 -6.81
N SER P 349 2.68 -54.81 -7.24
CA SER P 349 3.17 -53.84 -8.22
C SER P 349 4.43 -54.37 -8.88
N LYS P 350 4.80 -53.74 -9.99
CA LYS P 350 6.07 -54.05 -10.62
C LYS P 350 7.22 -53.64 -9.70
N PRO P 351 8.35 -54.33 -9.77
CA PRO P 351 9.45 -54.05 -8.84
C PRO P 351 9.99 -52.65 -9.00
N LEU P 352 10.59 -52.15 -7.92
CA LEU P 352 11.13 -50.79 -7.88
C LEU P 352 12.37 -50.72 -8.75
N LYS P 353 12.18 -50.32 -10.01
CA LYS P 353 13.32 -50.22 -10.94
C LYS P 353 14.16 -48.99 -10.63
N SER P 354 13.57 -47.80 -10.70
CA SER P 354 14.25 -46.56 -10.36
C SER P 354 14.00 -46.23 -8.89
N ALA P 355 14.49 -45.08 -8.45
CA ALA P 355 14.31 -44.68 -7.07
C ALA P 355 12.85 -44.33 -6.80
N PRO P 356 12.34 -44.66 -5.60
CA PRO P 356 10.94 -44.35 -5.30
C PRO P 356 10.67 -42.85 -5.20
N ARG P 357 11.46 -42.14 -4.38
CA ARG P 357 11.35 -40.69 -4.29
C ARG P 357 11.99 -40.08 -5.54
N SER P 358 11.16 -39.66 -6.48
CA SER P 358 11.62 -39.12 -7.76
C SER P 358 11.35 -37.62 -7.80
N ILE P 359 12.40 -36.85 -8.06
CA ILE P 359 12.31 -35.40 -8.20
C ILE P 359 12.31 -34.99 -9.67
N GLU P 360 12.09 -35.93 -10.58
CA GLU P 360 12.07 -35.63 -12.01
C GLU P 360 10.70 -35.09 -12.42
N ILE P 367 9.05 -18.51 -18.07
CA ILE P 367 7.87 -17.69 -17.77
C ILE P 367 8.15 -16.23 -18.08
N SER P 368 9.39 -15.95 -18.48
CA SER P 368 9.82 -14.60 -18.81
C SER P 368 10.07 -14.47 -20.31
N CYS P 369 9.77 -13.28 -20.84
CA CYS P 369 9.98 -13.01 -22.25
C CYS P 369 11.41 -12.56 -22.49
N ARG P 370 12.05 -13.18 -23.49
CA ARG P 370 13.41 -12.82 -23.91
C ARG P 370 13.38 -12.68 -25.43
N PRO P 371 12.88 -11.54 -25.93
CA PRO P 371 12.83 -11.35 -27.39
C PRO P 371 14.23 -11.28 -27.98
N SER P 372 14.52 -12.21 -28.89
CA SER P 372 15.83 -12.30 -29.50
C SER P 372 15.97 -11.48 -30.77
N PHE P 373 14.93 -10.79 -31.21
CA PHE P 373 15.04 -9.94 -32.40
C PHE P 373 14.61 -8.52 -32.08
N LYS P 374 15.03 -7.59 -32.94
CA LYS P 374 14.57 -6.20 -32.84
C LYS P 374 13.06 -6.08 -32.99
N GLY P 375 12.42 -7.08 -33.58
CA GLY P 375 11.01 -6.97 -33.90
C GLY P 375 10.12 -6.89 -32.67
N LYS P 376 8.93 -6.35 -32.88
CA LYS P 376 7.98 -6.12 -31.80
C LYS P 376 6.85 -7.15 -31.84
N ARG P 377 6.56 -7.74 -30.68
CA ARG P 377 5.38 -8.58 -30.51
C ARG P 377 4.87 -8.37 -29.09
N PRO P 378 3.59 -8.62 -28.83
CA PRO P 378 3.05 -8.36 -27.48
C PRO P 378 3.80 -9.15 -26.41
N SER P 379 4.04 -8.48 -25.29
CA SER P 379 4.77 -9.08 -24.18
C SER P 379 3.79 -9.56 -23.12
N TYR P 380 3.88 -10.85 -22.78
CA TYR P 380 3.00 -11.48 -21.81
C TYR P 380 3.82 -11.99 -20.65
N ASN P 381 3.47 -11.58 -19.44
CA ASN P 381 4.18 -11.98 -18.24
C ASN P 381 3.43 -13.12 -17.57
N ASN P 382 4.05 -14.30 -17.54
CA ASN P 382 3.46 -15.46 -16.90
C ASN P 382 3.61 -15.43 -15.38
N PHE P 383 4.34 -14.46 -14.84
CA PHE P 383 4.51 -14.29 -13.41
C PHE P 383 4.01 -12.92 -13.01
N THR P 384 3.13 -12.86 -12.01
CA THR P 384 2.61 -11.57 -11.56
C THR P 384 3.70 -10.74 -10.91
N SER P 385 4.56 -11.36 -10.12
CA SER P 385 5.64 -10.64 -9.44
C SER P 385 6.92 -11.48 -9.40
N SER P 399 27.05 -23.49 1.13
CA SER P 399 27.98 -24.56 1.46
C SER P 399 27.54 -25.88 0.84
N PHE P 400 28.47 -26.82 0.73
CA PHE P 400 28.13 -28.12 0.16
C PHE P 400 27.13 -28.88 1.03
N TYR P 401 27.33 -28.85 2.35
CA TYR P 401 26.38 -29.50 3.24
C TYR P 401 25.00 -28.83 3.14
N ASP P 402 24.97 -27.51 3.04
CA ASP P 402 23.70 -26.83 2.77
C ASP P 402 23.12 -27.28 1.43
N GLN P 403 23.98 -27.40 0.41
CA GLN P 403 23.53 -27.94 -0.87
C GLN P 403 23.06 -29.39 -0.72
N VAL P 404 23.79 -30.18 0.06
CA VAL P 404 23.33 -31.53 0.37
C VAL P 404 22.02 -31.48 1.13
N ARG P 405 21.94 -30.60 2.13
CA ARG P 405 20.68 -30.41 2.84
C ARG P 405 19.62 -29.79 1.94
N GLU P 406 20.05 -28.99 0.94
CA GLU P 406 19.10 -28.48 -0.04
C GLU P 406 18.47 -29.62 -0.82
N GLU P 407 19.29 -30.54 -1.33
CA GLU P 407 18.74 -31.75 -1.95
C GLU P 407 18.02 -32.61 -0.93
N CYS P 408 18.54 -32.68 0.30
CA CYS P 408 17.81 -33.38 1.37
C CYS P 408 16.45 -32.73 1.61
N GLN P 409 16.39 -31.40 1.54
CA GLN P 409 15.12 -30.70 1.72
C GLN P 409 14.14 -31.00 0.60
N LYS P 410 14.64 -31.29 -0.61
CA LYS P 410 13.76 -31.64 -1.71
C LYS P 410 13.00 -32.94 -1.42
N TYR P 411 13.63 -33.87 -0.73
CA TYR P 411 13.02 -35.17 -0.43
C TYR P 411 12.18 -35.17 0.84
N MET P 412 12.23 -34.11 1.64
CA MET P 412 11.27 -33.98 2.73
C MET P 412 9.92 -33.52 2.22
N ASP P 413 9.93 -32.61 1.24
CA ASP P 413 8.70 -32.06 0.70
C ASP P 413 7.99 -33.03 -0.23
N LEU P 414 8.66 -34.09 -0.68
CA LEU P 414 8.04 -35.06 -1.55
C LEU P 414 6.90 -35.77 -0.83
N LYS P 415 5.77 -35.92 -1.52
CA LYS P 415 4.60 -36.58 -0.97
C LYS P 415 4.26 -37.88 -1.68
N VAL P 416 4.76 -38.08 -2.90
CA VAL P 416 4.50 -39.28 -3.68
C VAL P 416 5.83 -39.97 -3.97
N GLU P 417 5.99 -41.17 -3.44
CA GLU P 417 7.14 -42.02 -3.72
C GLU P 417 6.80 -42.95 -4.89
N GLY P 418 7.61 -43.98 -5.10
CA GLY P 418 7.31 -44.97 -6.12
C GLY P 418 7.54 -44.47 -7.53
N THR P 419 7.42 -45.35 -8.51
CA THR P 419 7.65 -44.96 -9.91
C THR P 419 6.37 -44.74 -10.69
N THR P 420 5.54 -45.76 -10.87
CA THR P 420 4.35 -45.62 -11.72
C THR P 420 3.04 -45.80 -10.97
N CYS P 421 2.80 -46.97 -10.37
CA CYS P 421 1.48 -47.30 -9.82
C CYS P 421 1.54 -48.70 -9.22
N PHE P 422 0.44 -49.12 -8.61
CA PHE P 422 0.29 -50.47 -8.13
C PHE P 422 -0.72 -51.25 -8.96
N TYR P 423 -0.92 -52.51 -8.59
CA TYR P 423 -1.87 -53.40 -9.23
C TYR P 423 -2.56 -54.27 -8.18
N ARG P 424 -3.87 -54.43 -8.32
CA ARG P 424 -4.62 -55.26 -7.39
C ARG P 424 -4.42 -56.74 -7.69
N LYS P 425 -4.73 -57.58 -6.71
CA LYS P 425 -4.63 -59.02 -6.89
C LYS P 425 -5.57 -59.49 -8.00
N GLY P 426 -5.05 -60.33 -8.88
CA GLY P 426 -5.82 -60.84 -9.99
C GLY P 426 -5.70 -60.08 -11.29
N GLY P 427 -4.80 -59.10 -11.37
CA GLY P 427 -4.67 -58.31 -12.58
C GLY P 427 -3.65 -57.20 -12.38
N HIS P 428 -3.63 -56.28 -13.34
CA HIS P 428 -2.72 -55.15 -13.29
C HIS P 428 -3.46 -53.81 -13.35
N VAL P 429 -4.54 -53.70 -12.58
CA VAL P 429 -5.32 -52.46 -12.52
C VAL P 429 -4.66 -51.51 -11.53
N GLU P 430 -4.45 -50.26 -11.96
CA GLU P 430 -3.76 -49.28 -11.15
C GLU P 430 -4.57 -48.93 -9.91
N VAL P 431 -3.98 -49.15 -8.73
CA VAL P 431 -4.63 -48.86 -7.45
C VAL P 431 -3.61 -48.11 -6.59
N GLU P 432 -3.82 -46.81 -6.41
CA GLU P 432 -2.91 -46.02 -5.60
CA GLU P 432 -2.93 -46.00 -5.60
C GLU P 432 -3.20 -46.21 -4.11
N PHE P 433 -2.15 -46.14 -3.32
CA PHE P 433 -2.25 -46.33 -1.87
C PHE P 433 -3.00 -45.17 -1.24
N PRO P 434 -4.11 -45.41 -0.54
CA PRO P 434 -4.88 -44.31 0.04
C PRO P 434 -4.34 -43.84 1.39
N GLY P 435 -3.73 -44.74 2.14
CA GLY P 435 -3.23 -44.44 3.47
C GLY P 435 -3.52 -45.58 4.43
N SER P 436 -2.73 -45.64 5.50
CA SER P 436 -2.88 -46.69 6.50
C SER P 436 -2.47 -46.14 7.86
N ALA P 437 -3.01 -46.78 8.91
CA ALA P 437 -2.73 -46.33 10.27
C ALA P 437 -1.35 -46.75 10.76
N HIS P 438 -0.74 -47.76 10.14
CA HIS P 438 0.57 -48.26 10.56
C HIS P 438 1.70 -47.63 9.76
N CYS P 439 1.44 -46.53 9.06
CA CYS P 439 2.51 -45.84 8.33
C CYS P 439 3.52 -45.25 9.31
N ASN P 440 4.75 -45.08 8.85
CA ASN P 440 5.91 -44.59 9.59
C ASN P 440 6.36 -45.56 10.66
N THR P 441 5.83 -46.78 10.68
CA THR P 441 6.26 -47.82 11.62
C THR P 441 6.90 -48.95 10.82
N TYR P 442 8.05 -49.43 11.28
CA TYR P 442 8.86 -50.35 10.50
C TYR P 442 9.18 -51.59 11.34
N LEU P 443 9.63 -52.64 10.64
CA LEU P 443 9.97 -53.90 11.30
C LEU P 443 11.11 -53.71 12.30
N PHE P 444 12.15 -52.99 11.90
CA PHE P 444 13.27 -52.69 12.77
C PHE P 444 13.26 -51.25 13.26
N GLY P 445 12.20 -50.50 12.98
CA GLY P 445 12.10 -49.11 13.41
C GLY P 445 11.41 -48.96 14.74
#